data_5CBM
#
_entry.id   5CBM
#
_cell.length_a   174.092
_cell.length_b   177.728
_cell.length_c   230.981
_cell.angle_alpha   90.000
_cell.angle_beta   90.000
_cell.angle_gamma   90.000
#
_symmetry.space_group_name_H-M   'P 21 21 21'
#
loop_
_entity.id
_entity.type
_entity.pdbx_description
1 polymer 'M17 family aminopeptidase'
2 non-polymer 'CARBONATE ION'
3 non-polymer 'ZINC ION'
4 non-polymer '(2S)-2-{[(R)-[(R)-amino(phenyl)methyl](hydroxy)phosphoryl]methyl}-4-methylpentanoic acid'
5 non-polymer 'PENTAETHYLENE GLYCOL'
6 non-polymer GLYCEROL
7 non-polymer 'SULFATE ION'
8 water water
#
_entity_poly.entity_id   1
_entity_poly.type   'polypeptide(L)'
_entity_poly.pdbx_seq_one_letter_code
;ASEVPQVVSLDPTSIPIEYNTPIHDIKVQVYDIKGGCNVEEGLTIFLVNNPGKENGPVKISSKVNDKQVSEFLKDENMEK
FNVKLGTSKHFYMFNDNKNSVAVGYVGCGSVADLSEADMKRVVLSLVTMLHDNKLSKLTVVFEINVDKNLFRFFLETLFY
EYMTDERFKSTDKNVNMEYIKHLGVYINNADTYKEEVEKARVYYFGTYYASQLIAAPSNYCNPVSLSNAAVELAQKLNLE
YKILGVKELEELKMGAYLSVGKGSMYPNKFIHLTYKSKGDVKKKIALVGKGITFDSGGYNLKAAPGSMIDLMKFDMSGCA
AVLGCAYCVGTLKPENVEIHFLSAVCENMVSKNSYRPGDIITASNGKTIEVGNTDAEGRLTLADALVYAEKLGVDYIVDI
ATLTGAMLYSLGTSYAGVFGNNEELINKILQSSKTSNEPVWWLPIINEYRATLNSKYADINQISSSVKASSIVASLFLKE
FVQNTAWAHIDIAGVSWNFKARKPKGFGVRLLTEFVLND
;
_entity_poly.pdbx_strand_id   A,B,C,D,E,F,G,H,I,J,K,L
#
loop_
_chem_comp.id
_chem_comp.type
_chem_comp.name
_chem_comp.formula
1PE non-polymer 'PENTAETHYLENE GLYCOL' 'C10 H22 O6'
4ZN non-polymer '(2S)-2-{[(R)-[(R)-amino(phenyl)methyl](hydroxy)phosphoryl]methyl}-4-methylpentanoic acid' 'C14 H22 N O4 P'
CO3 non-polymer 'CARBONATE ION' 'C O3 -2'
GOL non-polymer GLYCEROL 'C3 H8 O3'
SO4 non-polymer 'SULFATE ION' 'O4 S -2'
ZN non-polymer 'ZINC ION' 'Zn 2'
#
# COMPACT_ATOMS: atom_id res chain seq x y z
N ALA A 1 -48.13 10.25 -53.69
CA ALA A 1 -47.76 11.66 -53.79
C ALA A 1 -49.00 12.54 -53.75
N SER A 2 -48.83 13.77 -53.30
CA SER A 2 -49.91 14.74 -53.17
C SER A 2 -49.51 16.06 -53.82
N GLU A 3 -50.47 16.95 -54.00
CA GLU A 3 -50.17 18.28 -54.49
C GLU A 3 -49.76 19.19 -53.31
N VAL A 4 -48.73 19.97 -53.54
CA VAL A 4 -48.25 20.97 -52.61
C VAL A 4 -49.09 22.22 -52.76
N PRO A 5 -49.74 22.64 -51.68
CA PRO A 5 -50.53 23.88 -51.78
C PRO A 5 -49.64 25.12 -51.97
N GLN A 6 -50.17 26.13 -52.65
CA GLN A 6 -49.40 27.36 -52.87
C GLN A 6 -50.19 28.60 -52.49
N VAL A 7 -49.49 29.60 -51.96
CA VAL A 7 -50.10 30.91 -51.76
C VAL A 7 -49.99 31.75 -53.03
N VAL A 8 -48.82 31.72 -53.65
CA VAL A 8 -48.66 32.29 -54.98
C VAL A 8 -48.03 31.25 -55.90
N SER A 9 -48.15 31.47 -57.21
CA SER A 9 -47.72 30.51 -58.23
C SER A 9 -46.21 30.40 -58.29
N LEU A 10 -45.55 31.38 -57.69
CA LEU A 10 -44.09 31.38 -57.53
C LEU A 10 -43.62 30.54 -56.35
N ASP A 11 -44.54 30.01 -55.54
CA ASP A 11 -44.18 29.10 -54.45
C ASP A 11 -43.71 27.76 -55.03
N PRO A 12 -42.56 27.24 -54.57
CA PRO A 12 -42.05 25.96 -55.07
C PRO A 12 -42.92 24.79 -54.67
N THR A 13 -43.02 23.78 -55.54
CA THR A 13 -43.86 22.63 -55.29
C THR A 13 -43.08 21.32 -55.15
N SER A 14 -41.76 21.41 -55.11
CA SER A 14 -40.96 20.23 -54.84
C SER A 14 -39.60 20.59 -54.26
N ILE A 15 -39.02 19.66 -53.52
CA ILE A 15 -37.66 19.82 -53.06
C ILE A 15 -36.75 19.41 -54.19
N PRO A 16 -35.86 20.30 -54.64
CA PRO A 16 -34.88 19.85 -55.63
C PRO A 16 -33.91 18.87 -54.99
N ILE A 17 -33.84 17.65 -55.50
CA ILE A 17 -32.93 16.64 -54.98
C ILE A 17 -31.94 16.30 -56.06
N GLU A 18 -30.66 16.25 -55.70
CA GLU A 18 -29.60 15.82 -56.62
C GLU A 18 -29.21 14.39 -56.26
N TYR A 19 -29.49 13.44 -57.16
CA TYR A 19 -29.13 12.05 -56.91
C TYR A 19 -27.76 11.70 -57.46
N ASN A 20 -27.55 11.94 -58.74
CA ASN A 20 -26.28 11.65 -59.38
CA ASN A 20 -26.27 11.65 -59.38
C ASN A 20 -25.30 12.80 -59.17
N THR A 21 -24.49 12.70 -58.13
CA THR A 21 -23.56 13.78 -57.79
C THR A 21 -22.21 13.55 -58.49
N PRO A 22 -21.39 14.61 -58.61
CA PRO A 22 -20.04 14.48 -59.17
C PRO A 22 -19.20 13.45 -58.41
N ILE A 23 -19.48 13.25 -57.13
CA ILE A 23 -18.78 12.24 -56.35
C ILE A 23 -19.03 10.85 -56.93
N HIS A 24 -20.24 10.60 -57.40
CA HIS A 24 -20.55 9.29 -58.00
C HIS A 24 -19.82 9.04 -59.32
N ASP A 25 -19.27 10.08 -59.94
CA ASP A 25 -18.48 9.86 -61.16
C ASP A 25 -17.00 9.68 -60.86
N ILE A 26 -16.62 9.67 -59.58
CA ILE A 26 -15.21 9.47 -59.29
C ILE A 26 -14.86 7.98 -59.29
N LYS A 27 -13.88 7.61 -60.12
CA LYS A 27 -13.36 6.27 -60.10
C LYS A 27 -12.30 6.12 -59.01
N VAL A 28 -12.47 5.12 -58.16
CA VAL A 28 -11.57 4.93 -57.04
C VAL A 28 -10.71 3.69 -57.24
N GLN A 29 -9.39 3.87 -57.23
CA GLN A 29 -8.45 2.75 -57.31
C GLN A 29 -7.65 2.70 -56.02
N VAL A 30 -7.54 1.52 -55.44
CA VAL A 30 -6.85 1.31 -54.18
C VAL A 30 -5.64 0.41 -54.42
N TYR A 31 -4.45 0.94 -54.15
CA TYR A 31 -3.22 0.19 -54.41
C TYR A 31 -2.52 -0.19 -53.11
N ASP A 32 -1.74 -1.26 -53.12
CA ASP A 32 -0.92 -1.57 -51.96
C ASP A 32 0.37 -0.77 -51.99
N ILE A 33 0.65 -0.11 -50.88
CA ILE A 33 1.80 0.78 -50.77
C ILE A 33 3.14 0.05 -50.96
N LYS A 34 3.13 -1.26 -50.73
CA LYS A 34 4.34 -2.07 -50.82
C LYS A 34 4.81 -2.18 -52.25
N GLY A 35 3.91 -1.84 -53.19
CA GLY A 35 4.24 -1.86 -54.60
C GLY A 35 4.90 -0.58 -55.10
N GLY A 36 5.02 0.41 -54.21
CA GLY A 36 5.58 1.70 -54.58
C GLY A 36 4.52 2.63 -55.15
N CYS A 37 4.76 3.94 -55.11
CA CYS A 37 3.78 4.90 -55.63
C CYS A 37 4.16 5.44 -57.00
N ASN A 38 3.20 5.39 -57.93
CA ASN A 38 3.40 6.06 -59.21
C ASN A 38 2.91 7.49 -59.08
N VAL A 39 3.71 8.42 -59.61
CA VAL A 39 3.43 9.83 -59.42
C VAL A 39 3.32 10.53 -60.76
N GLU A 40 2.09 10.65 -61.25
CA GLU A 40 1.85 11.33 -62.50
C GLU A 40 0.86 12.49 -62.36
N GLU A 41 -0.15 12.53 -63.21
CA GLU A 41 -0.99 13.72 -63.31
C GLU A 41 -1.81 13.92 -62.03
N GLY A 42 -2.35 15.12 -61.87
CA GLY A 42 -3.13 15.46 -60.69
C GLY A 42 -2.30 15.91 -59.52
N LEU A 43 -2.80 15.61 -58.32
CA LEU A 43 -2.13 15.97 -57.08
C LEU A 43 -1.90 14.72 -56.25
N THR A 44 -0.68 14.51 -55.78
CA THR A 44 -0.38 13.37 -54.93
C THR A 44 -0.08 13.82 -53.50
N ILE A 45 -0.96 13.47 -52.56
CA ILE A 45 -0.76 13.91 -51.20
C ILE A 45 -0.33 12.75 -50.29
N PHE A 46 0.71 13.01 -49.51
CA PHE A 46 1.11 12.07 -48.49
C PHE A 46 0.50 12.48 -47.13
N LEU A 47 -0.12 11.54 -46.42
CA LEU A 47 -0.59 11.82 -45.06
C LEU A 47 0.47 11.37 -44.08
N VAL A 48 1.20 12.31 -43.48
CA VAL A 48 2.34 11.94 -42.64
C VAL A 48 2.22 12.44 -41.21
N ASN A 49 2.78 11.67 -40.29
CA ASN A 49 2.80 12.06 -38.89
C ASN A 49 4.19 11.90 -38.28
N ASN A 50 4.29 12.07 -36.97
CA ASN A 50 5.54 11.86 -36.27
C ASN A 50 5.24 11.58 -34.79
N PRO A 51 5.00 10.31 -34.47
CA PRO A 51 4.56 9.93 -33.12
C PRO A 51 5.57 10.39 -32.05
N GLY A 52 5.05 10.91 -30.95
CA GLY A 52 5.90 11.42 -29.88
C GLY A 52 6.43 12.82 -30.10
N LYS A 53 6.92 13.10 -31.31
CA LYS A 53 7.53 14.39 -31.64
C LYS A 53 6.50 15.41 -32.13
N GLU A 54 5.93 16.18 -31.20
CA GLU A 54 4.94 17.20 -31.56
C GLU A 54 5.58 18.23 -32.49
N ASN A 55 4.91 18.48 -33.61
CA ASN A 55 5.43 19.33 -34.68
C ASN A 55 6.80 18.90 -35.17
N GLY A 56 7.04 17.60 -35.20
CA GLY A 56 8.31 17.06 -35.68
C GLY A 56 8.41 17.13 -37.19
N PRO A 57 9.59 16.81 -37.74
CA PRO A 57 9.83 16.90 -39.17
C PRO A 57 9.06 15.87 -40.00
N VAL A 58 8.77 16.21 -41.25
CA VAL A 58 8.14 15.31 -42.19
C VAL A 58 9.15 14.30 -42.73
N LYS A 59 8.76 13.02 -42.79
CA LYS A 59 9.58 11.99 -43.41
C LYS A 59 8.70 11.07 -44.25
N ILE A 60 8.94 11.07 -45.57
CA ILE A 60 8.18 10.18 -46.46
C ILE A 60 8.79 8.79 -46.40
N SER A 61 7.99 7.79 -46.10
CA SER A 61 8.55 6.46 -45.92
C SER A 61 8.36 5.58 -47.15
N SER A 62 7.30 5.81 -47.92
CA SER A 62 6.90 4.94 -49.02
C SER A 62 7.88 4.94 -50.18
N LYS A 63 7.96 3.82 -50.88
CA LYS A 63 8.75 3.79 -52.09
C LYS A 63 7.99 4.58 -53.14
N VAL A 64 8.68 5.52 -53.77
CA VAL A 64 8.13 6.23 -54.92
C VAL A 64 8.83 5.76 -56.19
N ASN A 65 8.07 5.19 -57.11
CA ASN A 65 8.66 4.65 -58.33
C ASN A 65 9.08 5.73 -59.32
N ASP A 66 9.94 6.64 -58.88
CA ASP A 66 10.40 7.73 -59.73
C ASP A 66 11.64 8.36 -59.11
N LYS A 67 12.72 8.45 -59.88
CA LYS A 67 13.98 8.91 -59.34
C LYS A 67 13.95 10.39 -58.97
N GLN A 68 13.38 11.21 -59.85
CA GLN A 68 13.28 12.63 -59.56
C GLN A 68 12.43 12.88 -58.32
N VAL A 69 11.28 12.21 -58.24
CA VAL A 69 10.37 12.52 -57.15
C VAL A 69 10.96 12.01 -55.83
N SER A 70 11.58 10.84 -55.88
CA SER A 70 12.28 10.26 -54.72
C SER A 70 13.32 11.23 -54.18
N GLU A 71 14.05 11.88 -55.08
CA GLU A 71 15.07 12.84 -54.69
C GLU A 71 14.47 14.09 -54.04
N PHE A 72 13.39 14.59 -54.62
CA PHE A 72 12.69 15.72 -54.04
C PHE A 72 12.22 15.39 -52.62
N LEU A 73 11.76 14.15 -52.41
CA LEU A 73 11.14 13.80 -51.13
C LEU A 73 12.09 13.14 -50.16
N LYS A 74 13.40 13.30 -50.35
CA LYS A 74 14.37 12.70 -49.45
C LYS A 74 14.38 13.47 -48.15
N ASP A 75 14.75 12.81 -47.06
CA ASP A 75 14.61 13.36 -45.72
C ASP A 75 15.26 14.73 -45.59
N GLU A 76 16.43 14.89 -46.20
CA GLU A 76 17.19 16.13 -46.12
C GLU A 76 16.35 17.33 -46.56
N ASN A 77 15.51 17.15 -47.58
CA ASN A 77 14.63 18.21 -48.07
C ASN A 77 13.33 18.32 -47.31
N MET A 78 12.86 17.21 -46.75
CA MET A 78 11.55 17.21 -46.11
C MET A 78 11.62 17.67 -44.66
N GLU A 79 12.81 17.66 -44.06
CA GLU A 79 12.94 17.93 -42.62
C GLU A 79 12.69 19.40 -42.28
N LYS A 80 12.60 20.26 -43.30
CA LYS A 80 12.32 21.68 -43.09
C LYS A 80 10.84 21.90 -42.75
N PHE A 81 9.98 20.99 -43.18
CA PHE A 81 8.56 21.05 -42.88
C PHE A 81 8.19 20.18 -41.68
N ASN A 82 6.99 20.34 -41.15
CA ASN A 82 6.60 19.60 -39.96
C ASN A 82 5.18 19.04 -40.01
N VAL A 83 4.89 18.08 -39.16
CA VAL A 83 3.64 17.32 -39.26
C VAL A 83 2.47 17.91 -38.50
N LYS A 84 2.59 19.15 -38.03
CA LYS A 84 1.53 19.79 -37.28
C LYS A 84 0.16 19.53 -37.91
N LEU A 85 -0.77 18.99 -37.12
CA LEU A 85 -2.07 18.55 -37.61
C LEU A 85 -2.79 19.62 -38.44
N GLY A 86 -3.15 19.28 -39.68
CA GLY A 86 -3.80 20.22 -40.57
C GLY A 86 -2.89 21.08 -41.44
N THR A 87 -1.59 21.07 -41.19
CA THR A 87 -0.65 21.80 -42.04
C THR A 87 -0.56 21.10 -43.38
N SER A 88 -0.22 21.85 -44.42
CA SER A 88 -0.02 21.24 -45.73
C SER A 88 0.91 22.09 -46.60
N LYS A 89 1.52 21.42 -47.57
CA LYS A 89 2.46 22.06 -48.47
C LYS A 89 2.29 21.47 -49.86
N HIS A 90 2.52 22.31 -50.87
CA HIS A 90 2.49 21.89 -52.25
C HIS A 90 3.90 21.80 -52.82
N PHE A 91 4.18 20.76 -53.58
CA PHE A 91 5.46 20.65 -54.27
C PHE A 91 5.25 20.57 -55.78
N TYR A 92 6.23 21.05 -56.54
CA TYR A 92 6.17 21.03 -57.99
C TYR A 92 7.52 20.61 -58.55
N MET A 93 7.51 19.65 -59.47
CA MET A 93 8.74 19.08 -59.99
C MET A 93 8.49 18.32 -61.26
N PHE A 94 9.56 17.91 -61.93
CA PHE A 94 9.42 17.12 -63.14
C PHE A 94 9.83 15.68 -62.83
N ASN A 95 9.12 14.70 -63.39
CA ASN A 95 9.44 13.33 -63.07
C ASN A 95 10.37 12.75 -64.13
N ASP A 96 10.55 11.42 -64.12
CA ASP A 96 11.47 10.73 -65.02
C ASP A 96 11.12 10.79 -66.50
N ASN A 97 9.87 11.06 -66.83
CA ASN A 97 9.48 11.19 -68.22
C ASN A 97 9.42 12.65 -68.62
N LYS A 98 10.02 13.48 -67.79
CA LYS A 98 10.08 14.93 -68.04
C LYS A 98 8.67 15.51 -68.07
N ASN A 99 7.77 14.94 -67.28
CA ASN A 99 6.43 15.49 -67.09
C ASN A 99 6.31 16.19 -65.74
N SER A 100 5.73 17.39 -65.72
CA SER A 100 5.54 18.07 -64.44
C SER A 100 4.46 17.39 -63.58
N VAL A 101 4.75 17.26 -62.29
CA VAL A 101 3.82 16.69 -61.34
C VAL A 101 3.73 17.56 -60.09
N ALA A 102 2.53 17.60 -59.50
CA ALA A 102 2.34 18.27 -58.23
C ALA A 102 2.21 17.24 -57.13
N VAL A 103 2.92 17.49 -56.02
CA VAL A 103 2.97 16.55 -54.91
C VAL A 103 2.81 17.38 -53.65
N GLY A 104 2.42 16.75 -52.54
CA GLY A 104 2.27 17.46 -51.30
C GLY A 104 2.07 16.54 -50.12
N TYR A 105 1.81 17.13 -48.96
CA TYR A 105 1.48 16.35 -47.77
C TYR A 105 0.50 17.11 -46.90
N VAL A 106 -0.16 16.37 -46.02
CA VAL A 106 -0.96 16.97 -44.98
C VAL A 106 -0.48 16.37 -43.67
N GLY A 107 -0.18 17.23 -42.71
CA GLY A 107 0.27 16.79 -41.40
C GLY A 107 -0.83 16.13 -40.58
N CYS A 108 -0.51 14.96 -40.03
CA CYS A 108 -1.45 14.22 -39.21
C CYS A 108 -1.01 14.17 -37.74
N GLY A 109 -0.27 15.20 -37.32
CA GLY A 109 0.08 15.39 -35.93
C GLY A 109 1.13 14.46 -35.37
N SER A 110 1.12 14.29 -34.05
CA SER A 110 2.09 13.45 -33.38
C SER A 110 1.45 12.31 -32.57
N VAL A 111 0.18 12.02 -32.86
CA VAL A 111 -0.49 10.90 -32.22
C VAL A 111 -0.79 9.79 -33.24
N ALA A 112 -0.53 8.55 -32.86
CA ALA A 112 -0.61 7.44 -33.82
C ALA A 112 -2.03 6.99 -34.16
N ASP A 113 -2.99 7.28 -33.28
CA ASP A 113 -4.39 6.97 -33.61
C ASP A 113 -5.23 8.25 -33.67
N LEU A 114 -5.56 8.67 -34.88
CA LEU A 114 -6.37 9.86 -35.09
C LEU A 114 -7.82 9.68 -34.62
N SER A 115 -8.30 10.62 -33.82
CA SER A 115 -9.70 10.61 -33.45
C SER A 115 -10.54 11.07 -34.64
N GLU A 116 -11.83 10.75 -34.59
CA GLU A 116 -12.80 11.17 -35.58
C GLU A 116 -12.66 12.67 -35.90
N ALA A 117 -12.39 13.48 -34.88
CA ALA A 117 -12.29 14.92 -35.09
C ALA A 117 -10.95 15.30 -35.78
N ASP A 118 -9.86 14.67 -35.37
CA ASP A 118 -8.58 14.93 -36.02
C ASP A 118 -8.63 14.56 -37.50
N MET A 119 -9.22 13.42 -37.81
CA MET A 119 -9.31 12.98 -39.20
C MET A 119 -10.09 13.99 -40.02
N LYS A 120 -11.16 14.52 -39.43
CA LYS A 120 -11.96 15.52 -40.13
C LYS A 120 -11.13 16.75 -40.39
N ARG A 121 -10.24 17.08 -39.47
CA ARG A 121 -9.39 18.24 -39.63
C ARG A 121 -8.43 18.03 -40.79
N VAL A 122 -7.95 16.80 -40.91
CA VAL A 122 -7.05 16.42 -41.99
C VAL A 122 -7.79 16.52 -43.32
N VAL A 123 -9.04 16.04 -43.33
CA VAL A 123 -9.84 16.02 -44.54
C VAL A 123 -10.17 17.44 -45.02
N LEU A 124 -10.44 18.35 -44.09
CA LEU A 124 -10.70 19.75 -44.44
C LEU A 124 -9.44 20.39 -45.02
N SER A 125 -8.27 20.08 -44.49
CA SER A 125 -7.01 20.57 -45.07
C SER A 125 -6.83 20.03 -46.48
N LEU A 126 -7.15 18.76 -46.66
CA LEU A 126 -7.10 18.12 -47.96
C LEU A 126 -8.06 18.79 -48.96
N VAL A 127 -9.28 19.11 -48.53
CA VAL A 127 -10.27 19.62 -49.46
C VAL A 127 -9.87 21.00 -49.94
N THR A 128 -9.19 21.79 -49.10
CA THR A 128 -8.75 23.11 -49.54
C THR A 128 -7.70 23.03 -50.67
N MET A 129 -6.94 21.93 -50.73
CA MET A 129 -5.98 21.80 -51.85
C MET A 129 -6.72 21.41 -53.13
N LEU A 130 -7.90 20.82 -52.97
CA LEU A 130 -8.72 20.42 -54.11
C LEU A 130 -9.48 21.61 -54.69
N HIS A 131 -9.77 22.58 -53.83
CA HIS A 131 -10.54 23.76 -54.21
C HIS A 131 -9.61 24.79 -54.83
N ASP A 132 -10.15 25.53 -55.78
CA ASP A 132 -9.39 26.52 -56.54
C ASP A 132 -8.19 25.92 -57.25
N ASN A 133 -8.30 24.63 -57.59
CA ASN A 133 -7.29 23.96 -58.39
C ASN A 133 -7.95 22.93 -59.32
N LYS A 134 -7.93 23.22 -60.61
CA LYS A 134 -8.54 22.31 -61.58
C LYS A 134 -7.69 21.05 -61.71
N LEU A 135 -8.10 20.01 -61.00
CA LEU A 135 -7.40 18.74 -60.96
C LEU A 135 -8.24 17.58 -61.53
N SER A 136 -7.64 16.76 -62.38
CA SER A 136 -8.36 15.60 -62.91
C SER A 136 -8.25 14.40 -61.99
N LYS A 137 -7.19 14.38 -61.19
CA LYS A 137 -6.93 13.29 -60.27
C LYS A 137 -6.42 13.78 -58.91
N LEU A 138 -6.77 13.05 -57.86
CA LEU A 138 -6.13 13.20 -56.57
C LEU A 138 -5.60 11.82 -56.19
N THR A 139 -4.41 11.78 -55.64
CA THR A 139 -3.84 10.54 -55.14
C THR A 139 -3.49 10.71 -53.67
N VAL A 140 -3.93 9.78 -52.83
CA VAL A 140 -3.68 9.90 -51.40
C VAL A 140 -2.83 8.72 -50.92
N VAL A 141 -1.71 9.03 -50.28
CA VAL A 141 -0.82 8.00 -49.78
C VAL A 141 -0.86 7.98 -48.25
N PHE A 142 -1.44 6.91 -47.70
CA PHE A 142 -1.57 6.77 -46.25
C PHE A 142 -0.27 6.32 -45.59
N GLU A 143 0.38 7.25 -44.89
CA GLU A 143 1.53 6.89 -44.06
C GLU A 143 1.19 7.05 -42.60
N ILE A 144 -0.06 6.76 -42.27
CA ILE A 144 -0.57 6.73 -40.90
C ILE A 144 -1.35 5.44 -40.74
N ASN A 145 -1.56 5.02 -39.50
CA ASN A 145 -2.29 3.79 -39.23
C ASN A 145 -3.77 4.06 -39.02
N VAL A 146 -4.61 3.43 -39.85
CA VAL A 146 -6.06 3.59 -39.74
C VAL A 146 -6.74 2.22 -39.80
N ASP A 147 -7.76 2.01 -38.98
CA ASP A 147 -8.53 0.78 -39.09
C ASP A 147 -9.49 0.93 -40.26
N LYS A 148 -10.24 -0.14 -40.55
CA LYS A 148 -11.11 -0.14 -41.71
C LYS A 148 -12.22 0.91 -41.60
N ASN A 149 -12.80 1.05 -40.42
CA ASN A 149 -13.84 2.05 -40.18
C ASN A 149 -13.35 3.47 -40.34
N LEU A 150 -12.13 3.74 -39.87
CA LEU A 150 -11.58 5.09 -39.96
C LEU A 150 -11.13 5.40 -41.39
N PHE A 151 -10.76 4.36 -42.14
CA PHE A 151 -10.49 4.51 -43.57
C PHE A 151 -11.78 4.90 -44.29
N ARG A 152 -12.86 4.19 -43.99
CA ARG A 152 -14.15 4.47 -44.59
C ARG A 152 -14.63 5.86 -44.22
N PHE A 153 -14.39 6.26 -42.98
CA PHE A 153 -14.75 7.58 -42.46
C PHE A 153 -13.97 8.70 -43.17
N PHE A 154 -12.70 8.44 -43.46
CA PHE A 154 -11.91 9.38 -44.21
C PHE A 154 -12.55 9.65 -45.58
N LEU A 155 -12.97 8.58 -46.27
CA LEU A 155 -13.55 8.64 -47.62
C LEU A 155 -14.92 9.33 -47.68
N GLU A 156 -15.79 8.90 -46.78
CA GLU A 156 -17.11 9.48 -46.60
C GLU A 156 -17.04 10.99 -46.40
N THR A 157 -16.08 11.39 -45.58
CA THR A 157 -15.95 12.77 -45.16
C THR A 157 -15.30 13.59 -46.26
N LEU A 158 -14.31 13.00 -46.92
CA LEU A 158 -13.74 13.57 -48.12
C LEU A 158 -14.85 13.84 -49.13
N PHE A 159 -15.64 12.81 -49.43
CA PHE A 159 -16.73 12.94 -50.39
C PHE A 159 -17.73 14.01 -49.95
N TYR A 160 -18.16 13.95 -48.69
CA TYR A 160 -19.10 14.93 -48.15
C TYR A 160 -18.60 16.38 -48.19
N GLU A 161 -17.39 16.63 -47.71
CA GLU A 161 -16.89 18.01 -47.64
C GLU A 161 -16.57 18.58 -49.00
N TYR A 162 -16.17 17.70 -49.91
CA TYR A 162 -15.81 18.09 -51.27
C TYR A 162 -17.06 18.55 -52.04
N MET A 163 -18.15 17.83 -51.85
CA MET A 163 -19.39 18.11 -52.57
C MET A 163 -19.96 19.46 -52.15
N THR A 164 -20.32 20.31 -53.11
CA THR A 164 -20.85 21.65 -52.83
C THR A 164 -22.31 21.73 -53.28
N ASP A 165 -23.21 22.16 -52.40
CA ASP A 165 -24.65 22.15 -52.71
C ASP A 165 -25.06 23.46 -53.38
N GLU A 166 -25.36 23.40 -54.68
CA GLU A 166 -25.64 24.63 -55.42
C GLU A 166 -27.06 24.67 -55.93
N ARG A 167 -27.95 23.90 -55.34
CA ARG A 167 -29.34 23.81 -55.82
C ARG A 167 -30.08 25.16 -55.81
N PHE A 168 -29.78 26.03 -54.86
CA PHE A 168 -30.52 27.27 -54.76
C PHE A 168 -29.70 28.44 -55.28
N LYS A 169 -28.56 28.11 -55.88
CA LYS A 169 -27.75 29.10 -56.59
C LYS A 169 -28.41 29.39 -57.94
N SER A 170 -28.36 30.64 -58.36
CA SER A 170 -28.97 31.05 -59.60
C SER A 170 -27.97 31.83 -60.44
N THR A 171 -27.76 33.08 -60.06
CA THR A 171 -26.80 33.96 -60.73
C THR A 171 -25.40 33.89 -60.12
N ASP A 172 -25.23 33.13 -59.04
CA ASP A 172 -23.98 33.12 -58.30
C ASP A 172 -23.39 31.70 -58.17
N LYS A 173 -23.62 30.87 -59.18
CA LYS A 173 -22.95 29.59 -59.29
C LYS A 173 -21.44 29.82 -59.48
N ASN A 174 -20.64 28.94 -58.88
CA ASN A 174 -19.19 29.04 -58.92
C ASN A 174 -18.65 28.65 -60.30
N VAL A 175 -18.06 29.62 -61.01
CA VAL A 175 -17.48 29.43 -62.36
C VAL A 175 -16.42 28.37 -62.45
N ASN A 176 -15.76 28.13 -61.36
CA ASN A 176 -14.42 27.57 -61.34
C ASN A 176 -14.34 26.21 -60.67
N MET A 177 -15.53 25.70 -60.30
CA MET A 177 -15.72 24.44 -59.59
C MET A 177 -15.75 23.24 -60.53
N GLU A 178 -14.59 22.60 -60.72
CA GLU A 178 -14.54 21.27 -61.36
C GLU A 178 -14.29 20.19 -60.32
N TYR A 179 -14.55 18.95 -60.70
CA TYR A 179 -14.33 17.84 -59.78
C TYR A 179 -13.37 16.86 -60.42
N ILE A 180 -12.42 16.35 -59.63
CA ILE A 180 -11.59 15.25 -60.09
C ILE A 180 -12.47 14.13 -60.61
N LYS A 181 -11.92 13.34 -61.54
CA LYS A 181 -12.62 12.20 -62.10
C LYS A 181 -12.03 10.92 -61.53
N HIS A 182 -10.89 11.06 -60.87
CA HIS A 182 -10.16 9.91 -60.36
C HIS A 182 -9.59 10.16 -58.97
N LEU A 183 -9.67 9.12 -58.15
CA LEU A 183 -9.11 9.10 -56.81
C LEU A 183 -8.30 7.84 -56.62
N GLY A 184 -7.01 7.98 -56.34
CA GLY A 184 -6.19 6.83 -56.04
C GLY A 184 -5.81 6.79 -54.57
N VAL A 185 -5.83 5.60 -53.98
CA VAL A 185 -5.41 5.41 -52.58
C VAL A 185 -4.30 4.35 -52.47
N TYR A 186 -3.16 4.78 -51.93
CA TYR A 186 -2.09 3.89 -51.53
C TYR A 186 -2.20 3.61 -50.05
N ILE A 187 -2.25 2.33 -49.70
CA ILE A 187 -2.32 1.96 -48.30
C ILE A 187 -1.76 0.56 -48.13
N ASN A 188 -1.19 0.28 -46.97
CA ASN A 188 -0.78 -1.08 -46.65
C ASN A 188 -1.99 -2.01 -46.56
N ASN A 189 -1.81 -3.23 -47.06
CA ASN A 189 -2.84 -4.27 -47.02
C ASN A 189 -4.10 -3.80 -47.73
N ALA A 190 -3.89 -3.26 -48.93
CA ALA A 190 -4.94 -2.66 -49.73
C ALA A 190 -6.17 -3.55 -49.84
N ASP A 191 -5.95 -4.85 -50.05
CA ASP A 191 -7.05 -5.78 -50.29
C ASP A 191 -8.07 -5.78 -49.16
N THR A 192 -7.62 -5.58 -47.93
CA THR A 192 -8.54 -5.61 -46.80
C THR A 192 -9.30 -4.30 -46.65
N TYR A 193 -8.90 -3.27 -47.37
CA TYR A 193 -9.57 -1.96 -47.28
C TYR A 193 -10.49 -1.69 -48.46
N LYS A 194 -10.28 -2.39 -49.57
CA LYS A 194 -11.02 -2.17 -50.80
C LYS A 194 -12.53 -2.31 -50.62
N GLU A 195 -12.96 -3.17 -49.70
CA GLU A 195 -14.38 -3.40 -49.51
C GLU A 195 -15.10 -2.20 -48.88
N GLU A 196 -14.33 -1.30 -48.28
CA GLU A 196 -14.87 -0.10 -47.66
C GLU A 196 -15.25 0.99 -48.66
N VAL A 197 -14.70 0.91 -49.87
CA VAL A 197 -14.85 1.99 -50.84
C VAL A 197 -16.32 2.17 -51.24
N GLU A 198 -16.96 1.13 -51.73
CA GLU A 198 -18.32 1.32 -52.19
C GLU A 198 -19.25 1.56 -51.02
N LYS A 199 -18.84 1.08 -49.84
CA LYS A 199 -19.63 1.31 -48.64
C LYS A 199 -19.55 2.79 -48.30
N ALA A 200 -18.35 3.35 -48.35
CA ALA A 200 -18.16 4.79 -48.10
C ALA A 200 -19.01 5.62 -49.06
N ARG A 201 -19.08 5.19 -50.32
CA ARG A 201 -19.85 5.93 -51.31
C ARG A 201 -21.34 5.91 -50.99
N VAL A 202 -21.82 4.76 -50.51
CA VAL A 202 -23.22 4.64 -50.13
C VAL A 202 -23.53 5.49 -48.89
N TYR A 203 -22.66 5.40 -47.87
CA TYR A 203 -22.81 6.21 -46.67
C TYR A 203 -22.71 7.69 -46.99
N TYR A 204 -21.75 8.09 -47.84
CA TYR A 204 -21.68 9.48 -48.29
C TYR A 204 -23.01 9.96 -48.82
N PHE A 205 -23.63 9.23 -49.74
CA PHE A 205 -24.83 9.79 -50.32
C PHE A 205 -26.01 9.80 -49.35
N GLY A 206 -26.09 8.78 -48.51
CA GLY A 206 -27.12 8.75 -47.48
C GLY A 206 -26.97 10.04 -46.71
N THR A 207 -25.74 10.34 -46.33
CA THR A 207 -25.49 11.50 -45.50
C THR A 207 -25.76 12.79 -46.26
N TYR A 208 -25.32 12.84 -47.52
CA TYR A 208 -25.52 14.04 -48.32
C TYR A 208 -26.99 14.25 -48.65
N TYR A 209 -27.73 13.17 -48.82
CA TYR A 209 -29.15 13.24 -49.12
C TYR A 209 -29.95 13.85 -47.95
N ALA A 210 -29.65 13.40 -46.74
CA ALA A 210 -30.28 13.94 -45.54
C ALA A 210 -29.95 15.42 -45.49
N SER A 211 -28.67 15.71 -45.69
CA SER A 211 -28.21 17.08 -45.76
C SER A 211 -28.97 17.98 -46.77
N GLN A 212 -29.28 17.44 -47.95
CA GLN A 212 -30.05 18.17 -48.95
C GLN A 212 -31.45 18.51 -48.44
N LEU A 213 -32.07 17.58 -47.70
CA LEU A 213 -33.39 17.80 -47.12
C LEU A 213 -33.36 18.85 -46.00
N ILE A 214 -32.44 18.65 -45.06
CA ILE A 214 -32.25 19.59 -43.96
C ILE A 214 -31.99 21.02 -44.47
N ALA A 215 -30.98 21.17 -45.34
CA ALA A 215 -30.63 22.51 -45.84
C ALA A 215 -31.73 23.15 -46.68
N ALA A 216 -32.59 22.36 -47.32
CA ALA A 216 -33.66 22.95 -48.10
C ALA A 216 -34.62 23.70 -47.16
N PRO A 217 -34.92 24.98 -47.47
CA PRO A 217 -35.73 25.90 -46.65
C PRO A 217 -37.19 25.47 -46.55
N SER A 218 -37.89 26.01 -45.57
CA SER A 218 -39.20 25.50 -45.23
C SER A 218 -40.26 25.74 -46.30
N ASN A 219 -40.04 26.74 -47.16
CA ASN A 219 -40.94 26.97 -48.28
C ASN A 219 -40.73 25.91 -49.40
N TYR A 220 -39.53 25.36 -49.51
CA TYR A 220 -39.29 24.24 -50.42
C TYR A 220 -39.67 22.91 -49.75
N CYS A 221 -39.15 22.71 -48.53
CA CYS A 221 -39.35 21.48 -47.79
C CYS A 221 -40.39 21.69 -46.69
N ASN A 222 -41.60 21.25 -47.01
CA ASN A 222 -42.79 21.35 -46.18
C ASN A 222 -43.28 19.93 -45.97
N PRO A 223 -44.35 19.73 -45.19
CA PRO A 223 -44.74 18.32 -45.02
C PRO A 223 -45.24 17.60 -46.29
N VAL A 224 -45.85 18.31 -47.22
CA VAL A 224 -46.30 17.64 -48.43
C VAL A 224 -45.09 17.32 -49.30
N SER A 225 -44.24 18.30 -49.55
CA SER A 225 -43.12 18.07 -50.44
C SER A 225 -42.09 17.12 -49.83
N LEU A 226 -42.02 17.02 -48.51
CA LEU A 226 -41.02 16.12 -47.91
C LEU A 226 -41.53 14.68 -47.97
N SER A 227 -42.83 14.50 -47.76
CA SER A 227 -43.40 13.16 -47.89
C SER A 227 -43.40 12.72 -49.38
N ASN A 228 -43.58 13.65 -50.31
CA ASN A 228 -43.39 13.32 -51.73
C ASN A 228 -41.96 12.81 -52.02
N ALA A 229 -40.96 13.48 -51.46
CA ALA A 229 -39.58 13.08 -51.68
C ALA A 229 -39.35 11.67 -51.15
N ALA A 230 -39.97 11.37 -50.01
CA ALA A 230 -39.90 10.03 -49.42
C ALA A 230 -40.51 8.98 -50.36
N VAL A 231 -41.62 9.32 -50.99
CA VAL A 231 -42.26 8.38 -51.92
C VAL A 231 -41.33 8.09 -53.08
N GLU A 232 -40.79 9.18 -53.65
CA GLU A 232 -39.88 9.12 -54.76
C GLU A 232 -38.67 8.24 -54.41
N LEU A 233 -38.13 8.42 -53.22
CA LEU A 233 -36.98 7.65 -52.81
C LEU A 233 -37.35 6.17 -52.63
N ALA A 234 -38.53 5.91 -52.10
CA ALA A 234 -38.96 4.54 -51.86
C ALA A 234 -39.15 3.82 -53.20
N GLN A 235 -39.64 4.57 -54.19
CA GLN A 235 -39.89 4.01 -55.50
C GLN A 235 -38.57 3.63 -56.17
N LYS A 236 -37.55 4.46 -56.02
CA LYS A 236 -36.27 4.18 -56.64
C LYS A 236 -35.53 3.05 -55.94
N LEU A 237 -35.85 2.81 -54.67
CA LEU A 237 -35.19 1.75 -53.93
C LEU A 237 -36.00 0.44 -53.81
N ASN A 238 -37.25 0.47 -54.29
CA ASN A 238 -38.17 -0.64 -54.06
C ASN A 238 -38.47 -0.92 -52.58
N LEU A 239 -38.76 0.14 -51.84
CA LEU A 239 -39.24 -0.02 -50.48
C LEU A 239 -40.76 0.02 -50.53
N GLU A 240 -41.41 -0.69 -49.62
CA GLU A 240 -42.84 -0.49 -49.48
C GLU A 240 -43.00 0.90 -48.90
N TYR A 241 -44.08 1.56 -49.24
CA TYR A 241 -44.31 2.85 -48.62
C TYR A 241 -45.78 3.08 -48.37
N LYS A 242 -46.04 3.92 -47.39
CA LYS A 242 -47.36 4.35 -47.10
C LYS A 242 -47.26 5.74 -46.47
N ILE A 243 -47.92 6.71 -47.09
CA ILE A 243 -48.10 8.05 -46.52
C ILE A 243 -49.49 8.24 -45.92
N LEU A 244 -49.58 8.49 -44.61
CA LEU A 244 -50.88 8.69 -43.98
C LEU A 244 -51.32 10.17 -43.91
N GLY A 245 -52.52 10.44 -44.40
CA GLY A 245 -53.04 11.80 -44.46
C GLY A 245 -54.00 12.04 -43.32
N VAL A 246 -54.50 13.26 -43.23
CA VAL A 246 -55.23 13.71 -42.05
C VAL A 246 -56.40 12.79 -41.74
N LYS A 247 -57.15 12.40 -42.77
CA LYS A 247 -58.31 11.53 -42.60
C LYS A 247 -57.97 10.23 -41.87
N GLU A 248 -56.94 9.54 -42.34
CA GLU A 248 -56.48 8.30 -41.69
C GLU A 248 -55.93 8.59 -40.29
N LEU A 249 -55.20 9.69 -40.15
CA LEU A 249 -54.66 10.11 -38.85
C LEU A 249 -55.78 10.40 -37.86
N GLU A 250 -56.90 10.95 -38.33
CA GLU A 250 -58.02 11.17 -37.45
C GLU A 250 -58.56 9.85 -36.96
N GLU A 251 -58.61 8.88 -37.87
CA GLU A 251 -59.16 7.56 -37.58
C GLU A 251 -58.31 6.84 -36.55
N LEU A 252 -57.00 6.99 -36.69
CA LEU A 252 -56.04 6.45 -35.75
C LEU A 252 -55.98 7.26 -34.45
N LYS A 253 -56.73 8.36 -34.41
CA LYS A 253 -56.85 9.19 -33.21
C LYS A 253 -55.54 9.79 -32.72
N MET A 254 -54.70 10.26 -33.65
CA MET A 254 -53.43 10.87 -33.30
C MET A 254 -53.59 12.36 -32.96
N GLY A 255 -54.22 12.64 -31.82
CA GLY A 255 -54.53 13.99 -31.43
C GLY A 255 -53.30 14.82 -31.12
N ALA A 256 -52.28 14.19 -30.55
CA ALA A 256 -51.14 14.98 -30.13
C ALA A 256 -50.39 15.49 -31.36
N TYR A 257 -50.28 14.61 -32.36
CA TYR A 257 -49.58 14.94 -33.59
C TYR A 257 -50.43 15.87 -34.49
N LEU A 258 -51.73 15.66 -34.48
CA LEU A 258 -52.63 16.49 -35.28
C LEU A 258 -52.68 17.93 -34.74
N SER A 259 -52.58 18.09 -33.42
CA SER A 259 -52.72 19.42 -32.79
C SER A 259 -51.56 20.34 -33.14
N VAL A 260 -50.35 19.80 -33.10
CA VAL A 260 -49.19 20.53 -33.51
C VAL A 260 -49.35 21.10 -34.92
N GLY A 261 -49.92 20.28 -35.81
CA GLY A 261 -50.00 20.63 -37.22
C GLY A 261 -51.19 21.49 -37.58
N LYS A 262 -52.07 21.74 -36.62
CA LYS A 262 -53.35 22.40 -36.89
C LYS A 262 -53.21 23.72 -37.62
N GLY A 263 -52.22 24.51 -37.24
CA GLY A 263 -52.12 25.86 -37.74
C GLY A 263 -51.37 25.98 -39.05
N SER A 264 -51.05 24.85 -39.67
CA SER A 264 -50.29 24.89 -40.93
C SER A 264 -51.21 24.91 -42.16
N MET A 265 -50.72 25.53 -43.23
CA MET A 265 -51.41 25.49 -44.53
C MET A 265 -51.13 24.14 -45.19
N TYR A 266 -50.10 23.45 -44.71
CA TYR A 266 -49.77 22.12 -45.20
C TYR A 266 -50.37 21.04 -44.32
N PRO A 267 -51.14 20.13 -44.92
CA PRO A 267 -51.73 19.04 -44.13
C PRO A 267 -50.65 18.12 -43.60
N ASN A 268 -50.82 17.61 -42.38
CA ASN A 268 -49.93 16.60 -41.87
C ASN A 268 -49.78 15.40 -42.83
N LYS A 269 -48.55 14.94 -42.96
CA LYS A 269 -48.25 13.68 -43.64
C LYS A 269 -47.42 12.78 -42.73
N PHE A 270 -47.88 11.55 -42.51
CA PHE A 270 -47.10 10.58 -41.77
C PHE A 270 -46.41 9.61 -42.74
N ILE A 271 -45.08 9.60 -42.74
CA ILE A 271 -44.30 8.76 -43.64
C ILE A 271 -44.03 7.40 -43.01
N HIS A 272 -44.38 6.33 -43.72
CA HIS A 272 -44.05 4.98 -43.27
C HIS A 272 -43.40 4.20 -44.40
N LEU A 273 -42.07 4.09 -44.36
CA LEU A 273 -41.33 3.25 -45.30
C LEU A 273 -41.05 1.88 -44.69
N THR A 274 -41.04 0.86 -45.53
CA THR A 274 -40.63 -0.46 -45.06
C THR A 274 -39.64 -1.17 -45.97
N TYR A 275 -38.55 -1.60 -45.36
CA TYR A 275 -37.66 -2.56 -45.97
C TYR A 275 -37.85 -3.95 -45.39
N LYS A 276 -38.17 -4.92 -46.26
CA LYS A 276 -38.24 -6.32 -45.84
C LYS A 276 -37.08 -7.07 -46.44
N SER A 277 -36.41 -7.89 -45.61
CA SER A 277 -35.32 -8.75 -46.09
C SER A 277 -35.89 -9.94 -46.80
N LYS A 278 -35.11 -10.52 -47.69
CA LYS A 278 -35.46 -11.85 -48.21
C LYS A 278 -34.91 -12.86 -47.19
N GLY A 279 -35.55 -14.03 -47.13
CA GLY A 279 -35.17 -15.02 -46.15
C GLY A 279 -35.73 -14.66 -44.79
N ASP A 280 -35.93 -15.69 -43.95
CA ASP A 280 -36.65 -15.55 -42.69
C ASP A 280 -36.16 -14.37 -41.85
N VAL A 281 -37.08 -13.48 -41.51
CA VAL A 281 -36.77 -12.29 -40.74
C VAL A 281 -36.49 -12.67 -39.29
N LYS A 282 -35.40 -12.16 -38.74
CA LYS A 282 -34.97 -12.54 -37.40
C LYS A 282 -34.95 -11.35 -36.44
N LYS A 283 -35.26 -10.16 -36.96
CA LYS A 283 -35.24 -8.93 -36.18
C LYS A 283 -36.09 -7.85 -36.84
N LYS A 284 -36.95 -7.22 -36.05
CA LYS A 284 -37.79 -6.14 -36.53
C LYS A 284 -37.39 -4.83 -35.84
N ILE A 285 -37.30 -3.77 -36.63
CA ILE A 285 -36.84 -2.50 -36.11
C ILE A 285 -37.66 -1.32 -36.67
N ALA A 286 -38.09 -0.41 -35.79
CA ALA A 286 -38.70 0.85 -36.26
C ALA A 286 -37.79 2.04 -35.94
N LEU A 287 -37.48 2.83 -36.96
CA LEU A 287 -36.69 4.04 -36.81
C LEU A 287 -37.59 5.28 -36.95
N VAL A 288 -37.62 6.09 -35.90
CA VAL A 288 -38.55 7.20 -35.83
C VAL A 288 -37.80 8.52 -35.85
N GLY A 289 -38.14 9.42 -36.76
CA GLY A 289 -37.41 10.67 -36.85
C GLY A 289 -38.33 11.85 -36.69
N LYS A 290 -37.93 12.83 -35.87
CA LYS A 290 -38.73 14.04 -35.71
C LYS A 290 -38.78 14.81 -37.02
N GLY A 291 -39.98 15.18 -37.45
CA GLY A 291 -40.15 15.82 -38.74
C GLY A 291 -40.93 17.13 -38.76
N ILE A 292 -40.46 18.12 -38.03
CA ILE A 292 -41.05 19.46 -38.07
C ILE A 292 -40.37 20.28 -39.18
N THR A 293 -41.10 20.65 -40.22
CA THR A 293 -40.43 21.25 -41.38
C THR A 293 -40.11 22.72 -41.15
N PHE A 294 -40.88 23.35 -40.26
CA PHE A 294 -40.49 24.62 -39.67
C PHE A 294 -41.01 24.71 -38.24
N ASP A 295 -40.14 25.08 -37.33
CA ASP A 295 -40.55 25.25 -35.95
C ASP A 295 -40.58 26.74 -35.62
N SER A 296 -41.71 27.37 -35.85
CA SER A 296 -41.86 28.77 -35.51
C SER A 296 -41.96 28.96 -33.99
N GLY A 297 -42.32 27.89 -33.27
CA GLY A 297 -42.61 27.96 -31.85
C GLY A 297 -44.10 27.88 -31.54
N GLY A 298 -44.94 28.31 -32.47
CA GLY A 298 -46.37 28.37 -32.24
C GLY A 298 -46.72 29.63 -31.47
N TYR A 299 -47.82 29.61 -30.72
CA TYR A 299 -48.13 30.81 -29.94
C TYR A 299 -47.05 31.10 -28.92
N ASN A 300 -46.30 30.09 -28.48
CA ASN A 300 -45.03 30.34 -27.76
C ASN A 300 -43.89 30.67 -28.76
N LEU A 301 -44.09 31.70 -29.56
CA LEU A 301 -43.18 32.06 -30.64
C LEU A 301 -41.71 32.21 -30.21
N LYS A 302 -40.80 31.80 -31.07
CA LYS A 302 -39.38 31.99 -30.80
C LYS A 302 -39.02 33.45 -31.02
N ALA A 303 -39.10 34.26 -29.96
CA ALA A 303 -38.85 35.69 -30.07
C ALA A 303 -37.80 36.12 -29.06
N ALA A 304 -37.27 35.16 -28.32
CA ALA A 304 -36.24 35.45 -27.35
C ALA A 304 -34.88 35.54 -28.06
N PRO A 305 -33.94 36.32 -27.50
CA PRO A 305 -32.60 36.42 -28.11
C PRO A 305 -31.88 35.07 -28.12
N GLY A 306 -31.26 34.74 -29.25
CA GLY A 306 -30.57 33.47 -29.36
C GLY A 306 -31.50 32.27 -29.51
N SER A 307 -32.72 32.51 -29.95
CA SER A 307 -33.66 31.40 -30.17
C SER A 307 -33.52 30.77 -31.57
N MET A 308 -32.63 31.34 -32.39
CA MET A 308 -32.31 30.84 -33.73
C MET A 308 -33.52 30.45 -34.61
N ILE A 309 -34.55 31.30 -34.66
CA ILE A 309 -35.72 30.95 -35.46
C ILE A 309 -35.37 30.81 -36.95
N ASP A 310 -34.32 31.50 -37.40
CA ASP A 310 -33.90 31.45 -38.80
C ASP A 310 -33.31 30.10 -39.25
N LEU A 311 -32.99 29.25 -38.29
CA LEU A 311 -32.39 27.98 -38.63
C LEU A 311 -33.39 26.80 -38.41
N MET A 312 -34.62 27.12 -38.04
CA MET A 312 -35.61 26.11 -37.69
C MET A 312 -36.17 25.28 -38.87
N LYS A 313 -35.66 25.51 -40.07
CA LYS A 313 -35.83 24.53 -41.16
C LYS A 313 -35.12 23.20 -40.82
N PHE A 314 -34.19 23.22 -39.86
CA PHE A 314 -33.37 22.05 -39.51
C PHE A 314 -34.13 21.10 -38.56
N ASP A 315 -35.34 21.49 -38.17
CA ASP A 315 -36.13 20.68 -37.22
C ASP A 315 -36.73 19.40 -37.83
N MET A 316 -36.41 19.08 -39.08
CA MET A 316 -36.79 17.77 -39.60
C MET A 316 -35.52 16.95 -39.83
N SER A 317 -34.45 17.33 -39.15
CA SER A 317 -33.18 16.62 -39.26
C SER A 317 -33.29 15.14 -38.91
N GLY A 318 -34.06 14.84 -37.87
CA GLY A 318 -34.29 13.46 -37.48
C GLY A 318 -34.94 12.66 -38.59
N CYS A 319 -35.98 13.23 -39.20
CA CYS A 319 -36.66 12.60 -40.33
C CYS A 319 -35.68 12.34 -41.49
N ALA A 320 -34.76 13.28 -41.68
CA ALA A 320 -33.84 13.21 -42.79
C ALA A 320 -32.82 12.11 -42.58
N ALA A 321 -32.37 11.96 -41.33
CA ALA A 321 -31.43 10.90 -40.99
C ALA A 321 -32.10 9.55 -41.20
N VAL A 322 -33.35 9.43 -40.80
CA VAL A 322 -34.09 8.21 -41.01
C VAL A 322 -34.28 7.94 -42.53
N LEU A 323 -34.66 8.97 -43.29
CA LEU A 323 -34.76 8.78 -44.75
C LEU A 323 -33.38 8.47 -45.39
N GLY A 324 -32.31 9.08 -44.89
CA GLY A 324 -30.97 8.77 -45.37
C GLY A 324 -30.59 7.34 -45.04
N CYS A 325 -30.99 6.88 -43.86
CA CYS A 325 -30.76 5.50 -43.47
C CYS A 325 -31.48 4.54 -44.42
N ALA A 326 -32.70 4.91 -44.82
CA ALA A 326 -33.44 4.16 -45.81
C ALA A 326 -32.69 4.02 -47.13
N TYR A 327 -32.02 5.09 -47.57
CA TYR A 327 -31.24 5.00 -48.79
C TYR A 327 -30.12 3.97 -48.65
N CYS A 328 -29.41 3.98 -47.53
CA CYS A 328 -28.27 3.08 -47.34
C CYS A 328 -28.72 1.63 -47.20
N VAL A 329 -29.78 1.42 -46.44
CA VAL A 329 -30.30 0.08 -46.22
C VAL A 329 -30.88 -0.51 -47.50
N GLY A 330 -31.68 0.28 -48.22
CA GLY A 330 -32.28 -0.17 -49.46
C GLY A 330 -31.25 -0.43 -50.57
N THR A 331 -30.05 0.12 -50.41
CA THR A 331 -28.99 -0.02 -51.40
C THR A 331 -28.07 -1.18 -51.06
N LEU A 332 -27.75 -1.31 -49.78
CA LEU A 332 -26.82 -2.35 -49.32
C LEU A 332 -27.53 -3.68 -49.04
N LYS A 333 -28.84 -3.62 -48.83
CA LYS A 333 -29.70 -4.78 -48.57
C LYS A 333 -29.21 -5.74 -47.50
N PRO A 334 -29.43 -5.42 -46.23
CA PRO A 334 -29.14 -6.35 -45.14
C PRO A 334 -30.09 -7.54 -45.14
N GLU A 335 -29.66 -8.65 -44.56
CA GLU A 335 -30.47 -9.85 -44.56
C GLU A 335 -31.09 -10.11 -43.20
N ASN A 336 -32.17 -10.88 -43.18
CA ASN A 336 -32.81 -11.36 -41.94
C ASN A 336 -33.35 -10.25 -41.04
N VAL A 337 -33.78 -9.16 -41.67
CA VAL A 337 -34.15 -7.99 -40.90
C VAL A 337 -35.32 -7.25 -41.55
N GLU A 338 -36.14 -6.58 -40.75
CA GLU A 338 -37.24 -5.79 -41.28
C GLU A 338 -37.22 -4.39 -40.67
N ILE A 339 -37.07 -3.37 -41.50
CA ILE A 339 -36.95 -2.04 -40.95
C ILE A 339 -38.12 -1.15 -41.34
N HIS A 340 -38.67 -0.46 -40.35
CA HIS A 340 -39.68 0.53 -40.61
C HIS A 340 -39.08 1.91 -40.40
N PHE A 341 -39.26 2.78 -41.37
CA PHE A 341 -38.76 4.15 -41.30
C PHE A 341 -39.98 5.07 -41.16
N LEU A 342 -40.11 5.74 -40.02
CA LEU A 342 -41.31 6.48 -39.70
C LEU A 342 -41.01 7.95 -39.42
N SER A 343 -41.90 8.82 -39.87
CA SER A 343 -41.83 10.19 -39.43
C SER A 343 -43.18 10.86 -39.49
N ALA A 344 -43.61 11.39 -38.34
CA ALA A 344 -44.84 12.14 -38.26
C ALA A 344 -44.57 13.57 -38.70
N VAL A 345 -44.67 13.83 -40.00
CA VAL A 345 -44.24 15.13 -40.54
C VAL A 345 -45.35 16.18 -40.42
N CYS A 346 -44.95 17.39 -40.00
CA CYS A 346 -45.87 18.53 -39.94
C CYS A 346 -45.09 19.81 -39.72
N GLU A 347 -45.79 20.91 -39.51
CA GLU A 347 -45.18 22.24 -39.45
C GLU A 347 -45.80 23.07 -38.31
N ASN A 348 -44.97 23.63 -37.43
CA ASN A 348 -45.45 24.34 -36.22
C ASN A 348 -45.58 25.84 -36.43
N MET A 349 -46.80 26.32 -36.65
CA MET A 349 -47.04 27.68 -37.08
C MET A 349 -48.03 28.46 -36.20
N VAL A 350 -48.12 29.77 -36.46
CA VAL A 350 -49.03 30.66 -35.75
C VAL A 350 -50.17 31.08 -36.66
N SER A 351 -51.39 30.90 -36.18
CA SER A 351 -52.58 30.98 -37.03
C SER A 351 -53.82 31.11 -36.17
N LYS A 352 -54.95 31.43 -36.78
CA LYS A 352 -56.20 31.36 -36.06
C LYS A 352 -56.53 29.92 -35.72
N ASN A 353 -55.86 28.98 -36.39
CA ASN A 353 -56.18 27.56 -36.27
C ASN A 353 -55.22 26.77 -35.37
N SER A 354 -54.16 27.42 -34.87
CA SER A 354 -53.12 26.76 -34.09
C SER A 354 -53.64 26.20 -32.78
N TYR A 355 -52.99 25.16 -32.28
CA TYR A 355 -53.31 24.70 -30.94
C TYR A 355 -52.74 25.74 -29.97
N ARG A 356 -53.32 25.86 -28.78
CA ARG A 356 -52.96 26.93 -27.85
C ARG A 356 -52.22 26.41 -26.64
N PRO A 357 -51.39 27.27 -26.03
CA PRO A 357 -50.88 26.96 -24.68
C PRO A 357 -52.04 26.68 -23.72
N GLY A 358 -52.02 25.56 -23.02
CA GLY A 358 -53.07 25.24 -22.05
C GLY A 358 -54.07 24.24 -22.61
N ASP A 359 -54.05 24.07 -23.92
CA ASP A 359 -54.92 23.11 -24.56
C ASP A 359 -54.68 21.71 -23.99
N ILE A 360 -55.76 20.95 -23.86
CA ILE A 360 -55.61 19.56 -23.45
C ILE A 360 -55.99 18.70 -24.64
N ILE A 361 -55.11 17.76 -24.98
CA ILE A 361 -55.27 16.98 -26.21
C ILE A 361 -55.06 15.51 -25.90
N THR A 362 -55.57 14.63 -26.76
CA THR A 362 -55.52 13.21 -26.48
C THR A 362 -54.64 12.45 -27.47
N ALA A 363 -53.59 11.83 -26.95
CA ALA A 363 -52.73 11.01 -27.77
C ALA A 363 -53.48 9.75 -28.19
N SER A 364 -52.95 9.05 -29.20
CA SER A 364 -53.62 7.90 -29.80
C SER A 364 -53.65 6.70 -28.89
N ASN A 365 -52.96 6.75 -27.75
CA ASN A 365 -53.12 5.69 -26.77
C ASN A 365 -54.14 6.03 -25.68
N GLY A 366 -54.91 7.08 -25.91
CA GLY A 366 -55.92 7.49 -24.95
C GLY A 366 -55.43 8.43 -23.85
N LYS A 367 -54.12 8.51 -23.66
CA LYS A 367 -53.55 9.44 -22.69
C LYS A 367 -53.82 10.92 -22.99
N THR A 368 -54.33 11.67 -22.01
CA THR A 368 -54.52 13.12 -22.21
C THR A 368 -53.28 13.93 -21.78
N ILE A 369 -53.01 14.99 -22.53
CA ILE A 369 -51.80 15.79 -22.36
C ILE A 369 -52.16 17.26 -22.26
N GLU A 370 -51.74 17.90 -21.17
CA GLU A 370 -51.86 19.34 -21.08
C GLU A 370 -50.65 20.02 -21.72
N VAL A 371 -50.91 20.88 -22.69
CA VAL A 371 -49.87 21.63 -23.36
C VAL A 371 -49.43 22.85 -22.54
N GLY A 372 -48.24 22.77 -21.95
CA GLY A 372 -47.72 23.92 -21.25
C GLY A 372 -46.97 24.90 -22.15
N ASN A 373 -46.57 24.46 -23.35
CA ASN A 373 -45.76 25.27 -24.24
C ASN A 373 -45.80 24.78 -25.71
N THR A 374 -46.30 25.61 -26.62
CA THR A 374 -46.53 25.16 -27.98
C THR A 374 -45.22 24.90 -28.74
N ASP A 375 -44.11 25.44 -28.23
CA ASP A 375 -42.77 25.28 -28.80
C ASP A 375 -42.10 23.99 -28.30
N ALA A 376 -42.83 23.18 -27.56
CA ALA A 376 -42.33 21.86 -27.16
C ALA A 376 -43.08 20.82 -27.99
N GLU A 377 -43.02 21.00 -29.31
CA GLU A 377 -43.98 20.40 -30.21
C GLU A 377 -43.50 19.01 -30.64
N GLY A 378 -42.18 18.82 -30.65
CA GLY A 378 -41.57 17.61 -31.13
C GLY A 378 -41.99 16.39 -30.34
N ARG A 379 -42.06 16.52 -29.01
CA ARG A 379 -42.40 15.38 -28.16
C ARG A 379 -43.85 15.00 -28.31
N LEU A 380 -44.69 15.94 -28.78
CA LEU A 380 -46.08 15.61 -29.06
C LEU A 380 -46.16 14.76 -30.34
N THR A 381 -45.50 15.18 -31.40
CA THR A 381 -45.57 14.42 -32.65
C THR A 381 -44.87 13.06 -32.47
N LEU A 382 -43.80 13.05 -31.69
CA LEU A 382 -43.09 11.80 -31.40
C LEU A 382 -43.94 10.85 -30.58
N ALA A 383 -44.82 11.38 -29.73
CA ALA A 383 -45.65 10.51 -28.91
C ALA A 383 -46.55 9.66 -29.79
N ASP A 384 -47.20 10.28 -30.77
CA ASP A 384 -48.11 9.51 -31.61
C ASP A 384 -47.34 8.58 -32.53
N ALA A 385 -46.16 9.01 -32.97
CA ALA A 385 -45.31 8.15 -33.79
C ALA A 385 -44.76 6.98 -32.99
N LEU A 386 -44.45 7.19 -31.71
CA LEU A 386 -43.96 6.09 -30.89
C LEU A 386 -45.06 5.04 -30.64
N VAL A 387 -46.31 5.48 -30.49
CA VAL A 387 -47.43 4.57 -30.26
C VAL A 387 -47.68 3.71 -31.51
N TYR A 388 -47.69 4.37 -32.66
CA TYR A 388 -47.76 3.73 -33.95
C TYR A 388 -46.68 2.67 -34.15
N ALA A 389 -45.44 3.06 -33.89
CA ALA A 389 -44.31 2.13 -34.02
C ALA A 389 -44.47 0.86 -33.17
N GLU A 390 -44.84 1.02 -31.91
CA GLU A 390 -44.98 -0.14 -31.02
C GLU A 390 -46.09 -1.07 -31.52
N LYS A 391 -47.13 -0.51 -32.13
CA LYS A 391 -48.23 -1.31 -32.70
C LYS A 391 -47.79 -2.17 -33.89
N LEU A 392 -46.61 -1.88 -34.45
CA LEU A 392 -46.07 -2.66 -35.55
C LEU A 392 -45.50 -3.98 -35.06
N GLY A 393 -45.25 -4.07 -33.75
CA GLY A 393 -44.68 -5.27 -33.18
C GLY A 393 -43.21 -5.49 -33.49
N VAL A 394 -42.38 -4.51 -33.13
CA VAL A 394 -40.94 -4.58 -33.40
C VAL A 394 -40.14 -4.94 -32.14
N ASP A 395 -38.88 -5.32 -32.33
CA ASP A 395 -37.98 -5.62 -31.21
C ASP A 395 -37.28 -4.36 -30.68
N TYR A 396 -37.07 -3.39 -31.56
CA TYR A 396 -36.44 -2.14 -31.19
C TYR A 396 -37.13 -0.93 -31.83
N ILE A 397 -37.38 0.08 -31.01
CA ILE A 397 -37.74 1.40 -31.52
C ILE A 397 -36.60 2.37 -31.18
N VAL A 398 -36.09 3.05 -32.21
CA VAL A 398 -35.10 4.07 -32.03
C VAL A 398 -35.59 5.36 -32.68
N ASP A 399 -35.65 6.42 -31.90
CA ASP A 399 -36.03 7.67 -32.48
C ASP A 399 -34.84 8.62 -32.48
N ILE A 400 -34.82 9.53 -33.44
CA ILE A 400 -33.74 10.48 -33.54
C ILE A 400 -34.38 11.85 -33.78
N ALA A 401 -33.97 12.86 -33.00
CA ALA A 401 -34.71 14.12 -32.99
C ALA A 401 -33.88 15.33 -32.52
N THR A 402 -34.08 16.46 -33.19
CA THR A 402 -33.56 17.74 -32.72
C THR A 402 -34.51 18.28 -31.63
N LEU A 403 -34.53 17.61 -30.50
CA LEU A 403 -35.62 17.75 -29.54
C LEU A 403 -35.46 18.90 -28.57
N THR A 404 -34.26 19.13 -28.05
CA THR A 404 -34.07 20.14 -27.01
C THR A 404 -32.80 20.96 -27.20
N GLY A 405 -32.94 22.29 -27.16
CA GLY A 405 -31.82 23.22 -27.25
C GLY A 405 -30.88 23.16 -26.05
N ALA A 406 -31.35 22.51 -24.99
CA ALA A 406 -30.55 22.28 -23.81
C ALA A 406 -29.35 21.37 -24.11
N MET A 407 -29.44 20.59 -25.19
CA MET A 407 -28.33 19.75 -25.59
C MET A 407 -27.04 20.55 -25.78
N LEU A 408 -27.18 21.81 -26.22
CA LEU A 408 -26.03 22.65 -26.46
C LEU A 408 -25.35 23.03 -25.16
N TYR A 409 -26.12 23.03 -24.07
CA TYR A 409 -25.59 23.37 -22.77
C TYR A 409 -25.02 22.16 -22.07
N SER A 410 -25.34 20.97 -22.56
CA SER A 410 -24.87 19.76 -21.88
C SER A 410 -23.75 19.07 -22.67
N LEU A 411 -24.02 18.65 -23.89
CA LEU A 411 -23.00 17.95 -24.66
C LEU A 411 -22.41 18.81 -25.78
N GLY A 412 -23.10 19.89 -26.13
CA GLY A 412 -22.58 20.81 -27.13
C GLY A 412 -22.81 20.37 -28.57
N THR A 413 -21.87 20.72 -29.45
CA THR A 413 -22.07 20.57 -30.88
C THR A 413 -21.43 19.33 -31.52
N SER A 414 -20.70 18.52 -30.75
CA SER A 414 -20.05 17.33 -31.35
C SER A 414 -20.65 15.98 -30.94
N TYR A 415 -21.20 15.90 -29.74
CA TYR A 415 -21.77 14.65 -29.26
C TYR A 415 -23.28 14.72 -29.14
N ALA A 416 -23.95 13.72 -29.69
CA ALA A 416 -25.38 13.56 -29.44
C ALA A 416 -25.59 12.86 -28.12
N GLY A 417 -26.77 13.06 -27.53
CA GLY A 417 -27.14 12.34 -26.33
C GLY A 417 -28.07 11.18 -26.64
N VAL A 418 -27.84 10.05 -25.99
CA VAL A 418 -28.76 8.94 -26.14
C VAL A 418 -29.36 8.59 -24.77
N PHE A 419 -30.68 8.41 -24.75
CA PHE A 419 -31.44 8.01 -23.56
C PHE A 419 -32.23 6.78 -23.96
N GLY A 420 -32.71 6.01 -23.00
CA GLY A 420 -33.53 4.86 -23.33
C GLY A 420 -33.99 4.09 -22.11
N ASN A 421 -34.80 3.07 -22.35
CA ASN A 421 -35.37 2.25 -21.29
C ASN A 421 -34.75 0.85 -21.22
N ASN A 422 -33.68 0.62 -21.97
CA ASN A 422 -33.11 -0.71 -22.15
C ASN A 422 -31.62 -0.69 -22.45
N GLU A 423 -30.83 -1.24 -21.55
CA GLU A 423 -29.38 -1.14 -21.61
C GLU A 423 -28.76 -1.91 -22.79
N GLU A 424 -29.31 -3.07 -23.11
CA GLU A 424 -28.88 -3.80 -24.29
C GLU A 424 -28.96 -2.92 -25.54
N LEU A 425 -30.06 -2.20 -25.69
CA LEU A 425 -30.27 -1.39 -26.87
C LEU A 425 -29.36 -0.18 -26.84
N ILE A 426 -29.26 0.46 -25.67
CA ILE A 426 -28.37 1.60 -25.50
C ILE A 426 -26.93 1.25 -25.83
N ASN A 427 -26.49 0.07 -25.41
CA ASN A 427 -25.13 -0.37 -25.74
C ASN A 427 -24.92 -0.58 -27.24
N LYS A 428 -25.94 -1.11 -27.92
CA LYS A 428 -25.85 -1.35 -29.35
C LYS A 428 -25.75 -0.02 -30.10
N ILE A 429 -26.40 1.03 -29.56
CA ILE A 429 -26.32 2.36 -30.15
C ILE A 429 -24.93 2.94 -29.98
N LEU A 430 -24.31 2.67 -28.82
CA LEU A 430 -22.97 3.17 -28.54
C LEU A 430 -21.96 2.44 -29.40
N GLN A 431 -22.19 1.15 -29.58
CA GLN A 431 -21.37 0.37 -30.49
C GLN A 431 -21.45 0.93 -31.92
N SER A 432 -22.66 1.26 -32.37
CA SER A 432 -22.87 1.80 -33.70
C SER A 432 -22.19 3.16 -33.84
N SER A 433 -22.15 3.89 -32.73
CA SER A 433 -21.44 5.17 -32.68
C SER A 433 -19.94 4.98 -32.92
N LYS A 434 -19.36 3.94 -32.34
CA LYS A 434 -17.94 3.65 -32.52
C LYS A 434 -17.59 3.33 -33.95
N THR A 435 -18.39 2.48 -34.59
CA THR A 435 -18.03 2.00 -35.90
C THR A 435 -18.44 3.00 -37.01
N SER A 436 -19.36 3.92 -36.72
CA SER A 436 -19.78 4.93 -37.70
C SER A 436 -18.95 6.20 -37.58
N ASN A 437 -18.18 6.30 -36.49
CA ASN A 437 -17.55 7.53 -36.01
C ASN A 437 -18.43 8.75 -35.98
N GLU A 438 -19.67 8.56 -35.53
CA GLU A 438 -20.57 9.63 -35.16
C GLU A 438 -20.83 9.55 -33.65
N PRO A 439 -20.20 10.45 -32.89
CA PRO A 439 -20.13 10.54 -31.43
C PRO A 439 -21.49 10.63 -30.72
N VAL A 440 -21.70 9.74 -29.77
CA VAL A 440 -22.88 9.74 -28.95
C VAL A 440 -22.49 9.49 -27.49
N TRP A 441 -23.26 10.03 -26.55
CA TRP A 441 -23.02 9.83 -25.13
C TRP A 441 -24.31 9.43 -24.41
N TRP A 442 -24.22 8.40 -23.58
CA TRP A 442 -25.35 7.93 -22.80
C TRP A 442 -25.67 8.92 -21.67
N LEU A 443 -26.92 9.39 -21.64
CA LEU A 443 -27.41 10.30 -20.61
C LEU A 443 -28.59 9.64 -19.86
N PRO A 444 -28.78 9.97 -18.58
CA PRO A 444 -29.77 9.26 -17.76
C PRO A 444 -31.20 9.75 -17.96
N ILE A 445 -32.16 8.84 -17.79
CA ILE A 445 -33.54 9.24 -17.61
C ILE A 445 -33.77 9.21 -16.10
N ILE A 446 -33.83 10.39 -15.49
CA ILE A 446 -33.90 10.50 -14.04
C ILE A 446 -35.34 10.43 -13.56
N ASN A 447 -35.70 9.34 -12.89
CA ASN A 447 -37.11 9.13 -12.59
C ASN A 447 -37.64 10.11 -11.55
N GLU A 448 -36.76 10.62 -10.69
CA GLU A 448 -37.19 11.61 -9.71
C GLU A 448 -37.91 12.83 -10.32
N TYR A 449 -37.65 13.15 -11.59
CA TYR A 449 -38.30 14.31 -12.21
C TYR A 449 -39.69 14.00 -12.77
N ARG A 450 -40.03 12.71 -12.86
CA ARG A 450 -41.35 12.30 -13.36
C ARG A 450 -42.51 13.08 -12.72
N ALA A 451 -42.43 13.30 -11.41
CA ALA A 451 -43.47 14.00 -10.67
C ALA A 451 -43.76 15.42 -11.18
N THR A 452 -42.74 16.12 -11.71
CA THR A 452 -42.96 17.48 -12.23
C THR A 452 -43.80 17.50 -13.52
N LEU A 453 -44.14 16.32 -14.04
CA LEU A 453 -44.99 16.19 -15.22
C LEU A 453 -46.44 15.87 -14.85
N ASN A 454 -46.73 15.85 -13.55
CA ASN A 454 -48.10 15.65 -13.09
C ASN A 454 -48.99 16.86 -13.40
N SER A 455 -50.06 16.63 -14.14
CA SER A 455 -51.03 17.69 -14.42
C SER A 455 -52.21 17.60 -13.48
N LYS A 456 -52.67 18.75 -13.02
CA LYS A 456 -53.84 18.86 -12.18
C LYS A 456 -55.10 18.37 -12.91
N TYR A 457 -55.13 18.53 -14.23
CA TYR A 457 -56.34 18.21 -15.02
C TYR A 457 -56.17 17.07 -16.04
N ALA A 458 -55.10 17.08 -16.82
CA ALA A 458 -54.84 16.01 -17.78
C ALA A 458 -54.09 14.86 -17.12
N ASP A 459 -53.90 13.77 -17.86
CA ASP A 459 -53.13 12.63 -17.35
C ASP A 459 -51.66 13.00 -17.14
N ILE A 460 -51.18 13.91 -17.98
CA ILE A 460 -49.77 14.27 -17.94
C ILE A 460 -49.53 15.68 -18.48
N ASN A 461 -48.53 16.33 -17.91
CA ASN A 461 -47.98 17.55 -18.48
C ASN A 461 -47.05 17.28 -19.66
N GLN A 462 -47.04 18.21 -20.60
CA GLN A 462 -46.13 18.17 -21.73
C GLN A 462 -44.73 18.61 -21.28
N ILE A 463 -44.68 19.67 -20.46
CA ILE A 463 -43.42 20.21 -19.95
C ILE A 463 -43.35 20.21 -18.43
N SER A 464 -42.15 20.37 -17.89
CA SER A 464 -41.98 20.36 -16.45
C SER A 464 -42.29 21.73 -15.85
N SER A 465 -42.82 21.73 -14.64
CA SER A 465 -43.12 22.97 -13.94
C SER A 465 -41.81 23.63 -13.49
N SER A 466 -41.03 22.91 -12.68
CA SER A 466 -39.77 23.45 -12.16
C SER A 466 -38.58 23.12 -13.07
N VAL A 467 -37.89 22.04 -12.77
CA VAL A 467 -36.80 21.41 -13.57
C VAL A 467 -36.37 21.97 -14.96
N LYS A 468 -35.10 22.37 -15.06
CA LYS A 468 -34.55 22.94 -16.27
C LYS A 468 -33.88 21.90 -17.19
N ALA A 469 -33.66 20.69 -16.67
CA ALA A 469 -33.03 19.63 -17.47
C ALA A 469 -33.98 19.06 -18.54
N SER A 470 -34.25 19.85 -19.56
CA SER A 470 -35.35 19.57 -20.45
C SER A 470 -35.12 18.35 -21.33
N SER A 471 -33.88 18.07 -21.70
CA SER A 471 -33.59 16.88 -22.49
C SER A 471 -33.96 15.62 -21.72
N ILE A 472 -33.77 15.66 -20.41
CA ILE A 472 -34.13 14.53 -19.57
C ILE A 472 -35.65 14.49 -19.38
N VAL A 473 -36.24 15.65 -19.14
CA VAL A 473 -37.67 15.72 -18.89
C VAL A 473 -38.42 15.28 -20.14
N ALA A 474 -37.98 15.78 -21.30
CA ALA A 474 -38.55 15.36 -22.59
C ALA A 474 -38.49 13.84 -22.76
N SER A 475 -37.38 13.24 -22.33
CA SER A 475 -37.21 11.80 -22.45
C SER A 475 -38.18 11.04 -21.52
N LEU A 476 -38.32 11.49 -20.27
CA LEU A 476 -39.35 10.97 -19.36
C LEU A 476 -40.70 11.04 -20.03
N PHE A 477 -40.96 12.13 -20.75
CA PHE A 477 -42.26 12.27 -21.39
C PHE A 477 -42.47 11.21 -22.50
N LEU A 478 -41.47 11.04 -23.37
CA LEU A 478 -41.59 10.08 -24.46
C LEU A 478 -41.73 8.67 -23.93
N LYS A 479 -40.99 8.36 -22.88
CA LYS A 479 -41.03 7.06 -22.25
C LYS A 479 -42.48 6.65 -21.88
N GLU A 480 -43.33 7.64 -21.62
CA GLU A 480 -44.72 7.34 -21.28
C GLU A 480 -45.52 6.80 -22.45
N PHE A 481 -44.91 6.73 -23.63
CA PHE A 481 -45.67 6.33 -24.81
C PHE A 481 -45.09 5.06 -25.43
N VAL A 482 -44.21 4.42 -24.68
CA VAL A 482 -43.64 3.14 -25.07
C VAL A 482 -43.82 2.15 -23.93
N GLN A 483 -44.79 1.25 -24.05
CA GLN A 483 -45.17 0.47 -22.88
C GLN A 483 -44.36 -0.82 -22.68
N ASN A 484 -44.03 -1.53 -23.74
CA ASN A 484 -43.33 -2.80 -23.52
C ASN A 484 -42.30 -3.20 -24.57
N THR A 485 -41.65 -2.22 -25.19
CA THR A 485 -40.64 -2.49 -26.19
C THR A 485 -39.33 -1.79 -25.82
N ALA A 486 -38.21 -2.39 -26.19
CA ALA A 486 -36.91 -1.75 -26.02
C ALA A 486 -36.87 -0.51 -26.90
N TRP A 487 -36.53 0.61 -26.31
CA TRP A 487 -36.63 1.90 -26.98
C TRP A 487 -35.43 2.77 -26.59
N ALA A 488 -34.91 3.48 -27.58
CA ALA A 488 -33.84 4.45 -27.35
C ALA A 488 -34.13 5.73 -28.13
N HIS A 489 -33.53 6.81 -27.69
CA HIS A 489 -33.89 8.15 -28.13
C HIS A 489 -32.60 8.96 -28.31
N ILE A 490 -32.39 9.47 -29.52
CA ILE A 490 -31.17 10.19 -29.81
C ILE A 490 -31.48 11.65 -30.04
N ASP A 491 -30.95 12.53 -29.20
CA ASP A 491 -31.24 13.95 -29.28
C ASP A 491 -30.10 14.66 -29.98
N ILE A 492 -30.36 15.05 -31.23
CA ILE A 492 -29.36 15.66 -32.09
C ILE A 492 -29.59 17.17 -32.29
N ALA A 493 -30.30 17.81 -31.36
CA ALA A 493 -30.51 19.26 -31.46
C ALA A 493 -29.21 20.04 -31.47
N GLY A 494 -28.18 19.51 -30.83
CA GLY A 494 -26.93 20.23 -30.75
C GLY A 494 -25.97 19.93 -31.87
N VAL A 495 -26.02 18.72 -32.41
CA VAL A 495 -25.03 18.31 -33.42
C VAL A 495 -25.51 18.34 -34.87
N SER A 496 -26.76 18.70 -35.13
CA SER A 496 -27.30 18.52 -36.48
C SER A 496 -26.79 19.55 -37.47
N TRP A 497 -26.69 20.79 -36.99
CA TRP A 497 -26.23 21.91 -37.81
C TRP A 497 -24.77 22.23 -37.50
N ASN A 498 -23.96 22.39 -38.54
CA ASN A 498 -22.58 22.81 -38.36
C ASN A 498 -22.54 24.33 -38.41
N PHE A 499 -22.39 24.97 -37.25
CA PHE A 499 -22.52 26.42 -37.19
C PHE A 499 -21.38 27.14 -37.89
N LYS A 500 -20.18 26.60 -37.83
CA LYS A 500 -19.02 27.27 -38.46
C LYS A 500 -19.13 27.20 -39.98
N ALA A 501 -19.43 26.01 -40.49
CA ALA A 501 -19.52 25.82 -41.92
C ALA A 501 -20.88 26.25 -42.48
N ARG A 502 -21.81 26.57 -41.59
CA ARG A 502 -23.14 27.04 -41.99
C ARG A 502 -23.86 26.07 -42.92
N LYS A 503 -23.84 24.78 -42.57
CA LYS A 503 -24.50 23.75 -43.36
C LYS A 503 -24.96 22.58 -42.46
N PRO A 504 -25.73 21.64 -43.03
CA PRO A 504 -26.05 20.48 -42.17
C PRO A 504 -24.88 19.53 -42.05
N LYS A 505 -24.98 18.59 -41.11
CA LYS A 505 -24.00 17.51 -41.02
C LYS A 505 -24.56 16.23 -41.61
N GLY A 506 -25.89 16.15 -41.70
CA GLY A 506 -26.55 14.89 -42.04
C GLY A 506 -26.30 13.86 -40.96
N PHE A 507 -26.25 14.33 -39.71
CA PHE A 507 -25.87 13.50 -38.56
C PHE A 507 -26.87 12.40 -38.32
N GLY A 508 -26.37 11.18 -38.10
CA GLY A 508 -27.24 10.09 -37.72
C GLY A 508 -27.46 9.03 -38.79
N VAL A 509 -27.27 9.41 -40.05
CA VAL A 509 -27.40 8.46 -41.16
C VAL A 509 -26.51 7.25 -40.92
N ARG A 510 -25.21 7.48 -40.79
CA ARG A 510 -24.26 6.40 -40.67
C ARG A 510 -24.44 5.67 -39.34
N LEU A 511 -24.75 6.42 -38.29
CA LEU A 511 -25.01 5.83 -36.99
C LEU A 511 -26.17 4.84 -37.06
N LEU A 512 -27.29 5.26 -37.64
CA LEU A 512 -28.48 4.42 -37.68
C LEU A 512 -28.25 3.25 -38.62
N THR A 513 -27.52 3.49 -39.71
CA THR A 513 -27.24 2.42 -40.66
C THR A 513 -26.33 1.35 -40.05
N GLU A 514 -25.27 1.75 -39.36
CA GLU A 514 -24.42 0.76 -38.68
C GLU A 514 -25.23 -0.06 -37.67
N PHE A 515 -26.21 0.56 -37.05
CA PHE A 515 -27.07 -0.09 -36.06
C PHE A 515 -27.84 -1.23 -36.71
N VAL A 516 -28.44 -0.97 -37.86
CA VAL A 516 -29.23 -1.96 -38.56
C VAL A 516 -28.37 -3.14 -39.05
N LEU A 517 -27.15 -2.82 -39.46
CA LEU A 517 -26.30 -3.79 -40.15
C LEU A 517 -25.53 -4.67 -39.20
N ASN A 518 -25.02 -4.11 -38.11
CA ASN A 518 -24.22 -4.88 -37.17
C ASN A 518 -25.06 -5.67 -36.15
N ASP A 519 -26.14 -6.31 -36.61
CA ASP A 519 -26.85 -7.30 -35.81
C ASP A 519 -27.82 -8.10 -36.67
N SER B 2 -74.22 28.31 -32.93
CA SER B 2 -74.47 27.06 -32.19
C SER B 2 -73.50 25.93 -32.54
N GLU B 3 -73.19 25.73 -33.81
CA GLU B 3 -72.25 24.68 -34.21
C GLU B 3 -70.80 25.12 -34.01
N VAL B 4 -70.00 24.27 -33.36
CA VAL B 4 -68.63 24.60 -33.01
C VAL B 4 -67.66 24.24 -34.14
N PRO B 5 -67.01 25.25 -34.74
CA PRO B 5 -66.05 24.90 -35.80
C PRO B 5 -64.89 24.06 -35.28
N GLN B 6 -64.39 23.17 -36.13
CA GLN B 6 -63.25 22.32 -35.82
C GLN B 6 -62.19 22.47 -36.91
N VAL B 7 -60.91 22.27 -36.58
CA VAL B 7 -59.90 22.18 -37.62
C VAL B 7 -59.74 20.74 -38.07
N VAL B 8 -59.68 19.83 -37.11
CA VAL B 8 -59.67 18.40 -37.35
C VAL B 8 -60.83 17.81 -36.56
N SER B 9 -61.27 16.61 -36.93
CA SER B 9 -62.45 16.02 -36.33
C SER B 9 -62.23 15.66 -34.85
N LEU B 10 -60.97 15.63 -34.44
CA LEU B 10 -60.64 15.35 -33.06
C LEU B 10 -60.80 16.58 -32.16
N ASP B 11 -61.00 17.75 -32.75
CA ASP B 11 -61.29 18.95 -31.98
C ASP B 11 -62.63 18.77 -31.24
N PRO B 12 -62.64 19.07 -29.94
CA PRO B 12 -63.88 18.96 -29.14
C PRO B 12 -64.93 19.99 -29.56
N THR B 13 -66.19 19.63 -29.39
CA THR B 13 -67.30 20.50 -29.76
C THR B 13 -68.17 20.92 -28.57
N SER B 14 -67.74 20.61 -27.37
CA SER B 14 -68.46 21.12 -26.21
C SER B 14 -67.63 21.05 -24.95
N ILE B 15 -68.01 21.85 -23.96
CA ILE B 15 -67.37 21.82 -22.66
C ILE B 15 -68.00 20.69 -21.87
N PRO B 16 -67.19 19.73 -21.40
CA PRO B 16 -67.77 18.77 -20.46
C PRO B 16 -68.14 19.46 -19.16
N ILE B 17 -69.38 19.30 -18.75
CA ILE B 17 -69.82 19.93 -17.53
C ILE B 17 -70.48 18.89 -16.63
N GLU B 18 -69.97 18.80 -15.41
CA GLU B 18 -70.58 17.95 -14.40
C GLU B 18 -71.57 18.75 -13.54
N TYR B 19 -72.83 18.39 -13.65
CA TYR B 19 -73.89 19.07 -12.91
C TYR B 19 -74.14 18.40 -11.56
N ASN B 20 -74.42 17.10 -11.56
CA ASN B 20 -74.58 16.40 -10.30
C ASN B 20 -73.26 15.83 -9.79
N THR B 21 -72.70 16.48 -8.78
CA THR B 21 -71.40 16.11 -8.25
C THR B 21 -71.54 15.16 -7.05
N PRO B 22 -70.45 14.49 -6.66
CA PRO B 22 -70.51 13.65 -5.46
C PRO B 22 -70.80 14.46 -4.19
N ILE B 23 -70.52 15.76 -4.20
CA ILE B 23 -70.88 16.64 -3.10
C ILE B 23 -72.41 16.64 -2.93
N HIS B 24 -73.12 16.78 -4.05
CA HIS B 24 -74.58 16.72 -4.04
C HIS B 24 -75.15 15.44 -3.43
N ASP B 25 -74.37 14.36 -3.46
CA ASP B 25 -74.84 13.08 -2.94
C ASP B 25 -74.64 12.95 -1.43
N ILE B 26 -74.02 13.95 -0.81
CA ILE B 26 -73.80 13.89 0.62
C ILE B 26 -75.05 14.30 1.38
N LYS B 27 -75.53 13.42 2.26
CA LYS B 27 -76.66 13.78 3.11
C LYS B 27 -76.12 14.54 4.32
N VAL B 28 -76.61 15.75 4.51
CA VAL B 28 -76.14 16.62 5.59
C VAL B 28 -77.19 16.70 6.71
N GLN B 29 -76.71 16.69 7.94
CA GLN B 29 -77.58 16.80 9.11
C GLN B 29 -76.95 17.75 10.11
N VAL B 30 -77.76 18.63 10.66
CA VAL B 30 -77.28 19.52 11.71
C VAL B 30 -77.99 19.24 13.04
N TYR B 31 -77.22 18.84 14.03
CA TYR B 31 -77.73 18.54 15.35
C TYR B 31 -77.28 19.60 16.33
N ASP B 32 -78.12 19.87 17.33
CA ASP B 32 -77.71 20.81 18.38
C ASP B 32 -76.75 20.13 19.34
N ILE B 33 -75.71 20.85 19.73
CA ILE B 33 -74.67 20.27 20.53
C ILE B 33 -75.14 20.06 21.99
N LYS B 34 -76.05 20.91 22.45
CA LYS B 34 -76.72 20.71 23.74
C LYS B 34 -77.65 19.52 23.54
N GLY B 35 -77.15 18.33 23.82
CA GLY B 35 -77.84 17.11 23.48
C GLY B 35 -76.79 16.03 23.31
N GLY B 36 -75.54 16.47 23.31
CA GLY B 36 -74.40 15.57 23.21
C GLY B 36 -74.17 15.06 21.80
N CYS B 37 -72.99 14.49 21.56
CA CYS B 37 -72.65 13.97 20.24
C CYS B 37 -72.54 12.46 20.26
N ASN B 38 -73.29 11.79 19.38
CA ASN B 38 -73.10 10.36 19.15
C ASN B 38 -71.83 10.13 18.31
N VAL B 39 -71.01 9.19 18.73
CA VAL B 39 -69.79 8.84 18.01
C VAL B 39 -69.91 7.38 17.59
N GLU B 40 -70.58 7.15 16.46
CA GLU B 40 -70.97 5.81 16.08
C GLU B 40 -70.24 5.25 14.87
N GLU B 41 -69.95 6.07 13.86
CA GLU B 41 -69.34 5.54 12.64
C GLU B 41 -68.69 6.57 11.71
N GLY B 42 -67.63 6.12 11.02
CA GLY B 42 -66.84 7.00 10.19
C GLY B 42 -65.82 7.78 10.97
N LEU B 43 -65.73 9.08 10.68
CA LEU B 43 -64.74 9.94 11.32
C LEU B 43 -65.41 11.11 12.03
N THR B 44 -65.07 11.30 13.31
CA THR B 44 -65.61 12.44 14.05
C THR B 44 -64.48 13.40 14.39
N ILE B 45 -64.66 14.65 13.97
CA ILE B 45 -63.65 15.68 14.13
C ILE B 45 -64.17 16.80 15.00
N PHE B 46 -63.37 17.17 16.00
CA PHE B 46 -63.64 18.31 16.85
C PHE B 46 -62.85 19.53 16.40
N LEU B 47 -63.54 20.63 16.15
CA LEU B 47 -62.88 21.89 15.86
C LEU B 47 -62.65 22.65 17.18
N VAL B 48 -61.39 22.78 17.58
CA VAL B 48 -61.08 23.26 18.91
C VAL B 48 -60.13 24.46 18.91
N ASN B 49 -60.46 25.44 19.74
CA ASN B 49 -59.58 26.58 19.98
C ASN B 49 -59.13 26.58 21.43
N ASN B 50 -58.41 27.64 21.80
CA ASN B 50 -58.03 27.88 23.18
C ASN B 50 -57.67 29.34 23.31
N PRO B 51 -58.69 30.18 23.53
CA PRO B 51 -58.54 31.64 23.62
C PRO B 51 -57.44 32.04 24.60
N GLY B 52 -56.48 32.83 24.10
CA GLY B 52 -55.39 33.33 24.92
C GLY B 52 -54.12 32.54 24.81
N LYS B 53 -54.14 31.31 25.34
CA LYS B 53 -52.97 30.44 25.34
C LYS B 53 -52.47 30.23 23.90
N GLU B 54 -51.27 30.75 23.62
CA GLU B 54 -50.67 30.76 22.29
C GLU B 54 -50.89 29.45 21.51
N ASN B 55 -50.18 28.41 21.93
CA ASN B 55 -50.44 27.08 21.40
C ASN B 55 -50.98 26.17 22.51
N GLY B 56 -52.02 26.67 23.19
CA GLY B 56 -52.59 26.02 24.35
C GLY B 56 -53.07 24.60 24.14
N PRO B 57 -53.34 23.89 25.24
CA PRO B 57 -53.74 22.48 25.17
C PRO B 57 -55.12 22.28 24.53
N VAL B 58 -55.40 21.04 24.13
CA VAL B 58 -56.69 20.68 23.58
C VAL B 58 -57.63 20.25 24.69
N LYS B 59 -58.78 20.90 24.80
CA LYS B 59 -59.77 20.53 25.81
C LYS B 59 -61.18 20.40 25.23
N ILE B 60 -61.60 19.17 24.95
CA ILE B 60 -62.93 18.90 24.38
C ILE B 60 -64.06 19.15 25.38
N SER B 61 -64.81 20.21 25.14
CA SER B 61 -65.80 20.70 26.11
C SER B 61 -67.16 19.99 26.04
N SER B 62 -67.56 19.59 24.83
CA SER B 62 -68.92 19.12 24.59
C SER B 62 -69.19 17.74 25.17
N LYS B 63 -70.47 17.44 25.38
CA LYS B 63 -70.90 16.16 25.92
C LYS B 63 -70.88 15.10 24.82
N VAL B 64 -70.21 13.98 25.12
CA VAL B 64 -70.08 12.90 24.17
C VAL B 64 -70.88 11.69 24.68
N ASN B 65 -71.98 11.39 24.02
CA ASN B 65 -72.92 10.37 24.51
C ASN B 65 -72.36 8.94 24.47
N ASP B 66 -71.07 8.80 24.72
CA ASP B 66 -70.42 7.50 24.81
C ASP B 66 -69.42 7.48 25.95
N LYS B 67 -69.51 6.45 26.79
CA LYS B 67 -68.66 6.34 27.96
C LYS B 67 -67.20 6.18 27.57
N GLN B 68 -66.92 5.20 26.70
CA GLN B 68 -65.57 4.94 26.24
C GLN B 68 -64.91 6.15 25.58
N VAL B 69 -65.63 6.80 24.68
CA VAL B 69 -65.09 7.96 23.98
C VAL B 69 -64.86 9.12 24.94
N SER B 70 -65.76 9.27 25.90
CA SER B 70 -65.60 10.30 26.94
C SER B 70 -64.31 10.08 27.72
N GLU B 71 -64.04 8.82 28.06
CA GLU B 71 -62.82 8.47 28.78
C GLU B 71 -61.58 8.86 27.96
N PHE B 72 -61.59 8.51 26.68
CA PHE B 72 -60.47 8.83 25.80
C PHE B 72 -60.24 10.34 25.71
N LEU B 73 -61.34 11.10 25.66
CA LEU B 73 -61.23 12.55 25.48
C LEU B 73 -61.14 13.29 26.81
N LYS B 74 -60.78 12.57 27.87
CA LYS B 74 -60.47 13.21 29.16
C LYS B 74 -59.37 14.24 28.95
N ASP B 75 -59.41 15.32 29.71
CA ASP B 75 -58.45 16.41 29.61
C ASP B 75 -57.00 15.91 29.71
N GLU B 76 -56.77 15.00 30.64
CA GLU B 76 -55.44 14.44 30.87
C GLU B 76 -54.88 13.84 29.59
N ASN B 77 -55.71 13.11 28.86
CA ASN B 77 -55.30 12.46 27.62
C ASN B 77 -55.00 13.46 26.51
N MET B 78 -55.74 14.57 26.49
CA MET B 78 -55.61 15.54 25.42
C MET B 78 -54.54 16.59 25.75
N GLU B 79 -53.89 16.42 26.90
CA GLU B 79 -52.93 17.39 27.40
C GLU B 79 -51.75 17.64 26.46
N LYS B 80 -51.21 16.58 25.87
CA LYS B 80 -50.02 16.66 25.02
C LYS B 80 -50.30 17.37 23.68
N PHE B 81 -51.57 17.39 23.27
CA PHE B 81 -51.99 18.01 22.01
C PHE B 81 -52.25 19.51 22.17
N ASN B 82 -51.95 20.27 21.13
CA ASN B 82 -52.13 21.72 21.17
C ASN B 82 -53.04 22.18 20.05
N VAL B 83 -53.49 23.43 20.14
CA VAL B 83 -54.53 23.94 19.25
C VAL B 83 -54.02 24.77 18.09
N LYS B 84 -52.74 24.65 17.77
CA LYS B 84 -52.16 25.39 16.65
C LYS B 84 -53.06 25.35 15.41
N LEU B 85 -53.29 26.51 14.82
CA LEU B 85 -54.13 26.62 13.63
C LEU B 85 -53.59 25.76 12.48
N GLY B 86 -54.41 24.82 12.02
CA GLY B 86 -54.02 23.92 10.94
C GLY B 86 -53.61 22.53 11.41
N THR B 87 -53.18 22.42 12.67
CA THR B 87 -52.78 21.13 13.18
C THR B 87 -53.98 20.17 13.28
N SER B 88 -53.72 18.87 13.13
CA SER B 88 -54.74 17.85 13.28
C SER B 88 -54.16 16.58 13.88
N LYS B 89 -55.02 15.78 14.51
CA LYS B 89 -54.64 14.49 15.08
C LYS B 89 -55.75 13.46 14.91
N HIS B 90 -55.37 12.23 14.57
CA HIS B 90 -56.30 11.10 14.46
C HIS B 90 -56.32 10.23 15.72
N PHE B 91 -57.51 9.83 16.15
CA PHE B 91 -57.66 8.92 17.29
C PHE B 91 -58.43 7.69 16.89
N TYR B 92 -58.13 6.58 17.56
CA TYR B 92 -58.78 5.30 17.27
C TYR B 92 -59.14 4.58 18.57
N MET B 93 -60.37 4.07 18.66
CA MET B 93 -60.83 3.40 19.88
C MET B 93 -62.07 2.53 19.64
N PHE B 94 -62.53 1.89 20.70
CA PHE B 94 -63.77 1.12 20.65
C PHE B 94 -64.82 1.78 21.51
N ASN B 95 -66.05 1.84 21.02
CA ASN B 95 -67.09 2.51 21.79
C ASN B 95 -67.81 1.53 22.74
N ASP B 96 -68.80 2.04 23.46
CA ASP B 96 -69.59 1.24 24.40
C ASP B 96 -70.25 0.07 23.68
N ASN B 97 -70.70 0.35 22.46
CA ASN B 97 -71.28 -0.64 21.57
C ASN B 97 -70.24 -1.64 21.06
N LYS B 98 -68.98 -1.41 21.44
CA LYS B 98 -67.82 -2.27 21.14
C LYS B 98 -67.43 -2.27 19.63
N ASN B 99 -67.90 -1.29 18.88
CA ASN B 99 -67.42 -1.09 17.51
C ASN B 99 -66.28 -0.07 17.47
N SER B 100 -65.35 -0.25 16.53
CA SER B 100 -64.25 0.70 16.39
C SER B 100 -64.73 2.00 15.73
N VAL B 101 -64.34 3.14 16.30
CA VAL B 101 -64.69 4.45 15.77
C VAL B 101 -63.43 5.31 15.56
N ALA B 102 -63.45 6.18 14.56
CA ALA B 102 -62.34 7.10 14.34
C ALA B 102 -62.70 8.50 14.82
N VAL B 103 -61.84 9.06 15.67
CA VAL B 103 -62.08 10.39 16.22
C VAL B 103 -60.81 11.23 16.02
N GLY B 104 -60.96 12.56 16.10
CA GLY B 104 -59.82 13.45 16.00
C GLY B 104 -60.18 14.92 16.15
N TYR B 105 -59.22 15.80 15.88
CA TYR B 105 -59.46 17.24 15.99
C TYR B 105 -58.65 18.06 14.99
N VAL B 106 -59.10 19.27 14.73
CA VAL B 106 -58.35 20.24 13.96
C VAL B 106 -58.13 21.50 14.79
N GLY B 107 -56.87 21.93 14.92
CA GLY B 107 -56.54 23.12 15.67
C GLY B 107 -57.07 24.39 15.03
N CYS B 108 -57.81 25.18 15.81
CA CYS B 108 -58.42 26.40 15.30
C CYS B 108 -57.78 27.64 15.89
N GLY B 109 -56.64 27.46 16.56
CA GLY B 109 -55.85 28.57 17.07
C GLY B 109 -56.29 29.17 18.40
N SER B 110 -55.83 30.41 18.63
CA SER B 110 -56.08 31.10 19.89
C SER B 110 -56.93 32.35 19.70
N VAL B 111 -56.99 32.85 18.47
CA VAL B 111 -57.83 33.99 18.13
C VAL B 111 -59.30 33.61 18.30
N ALA B 112 -60.08 34.52 18.89
CA ALA B 112 -61.49 34.27 19.20
C ALA B 112 -62.40 34.20 17.97
N ASP B 113 -62.12 35.04 16.98
CA ASP B 113 -62.90 35.04 15.74
C ASP B 113 -62.01 34.64 14.57
N LEU B 114 -62.32 33.51 13.94
CA LEU B 114 -61.53 33.02 12.82
C LEU B 114 -61.85 33.81 11.56
N SER B 115 -60.81 34.26 10.86
CA SER B 115 -61.02 35.02 9.63
C SER B 115 -61.14 34.12 8.39
N GLU B 116 -61.63 34.72 7.32
CA GLU B 116 -61.74 34.13 5.99
C GLU B 116 -60.57 33.19 5.65
N ALA B 117 -59.34 33.67 5.82
CA ALA B 117 -58.17 32.89 5.46
C ALA B 117 -57.83 31.88 6.55
N ASP B 118 -58.18 32.20 7.80
CA ASP B 118 -57.99 31.25 8.91
C ASP B 118 -58.87 30.03 8.72
N MET B 119 -60.14 30.26 8.40
CA MET B 119 -61.11 29.18 8.21
C MET B 119 -60.76 28.29 7.01
N LYS B 120 -60.12 28.87 6.00
CA LYS B 120 -59.72 28.08 4.85
C LYS B 120 -58.63 27.08 5.24
N ARG B 121 -57.76 27.47 6.16
CA ARG B 121 -56.71 26.58 6.61
C ARG B 121 -57.27 25.44 7.45
N VAL B 122 -58.36 25.70 8.16
CA VAL B 122 -59.02 24.65 8.92
C VAL B 122 -59.62 23.66 7.94
N VAL B 123 -60.33 24.18 6.95
CA VAL B 123 -61.01 23.36 5.97
C VAL B 123 -60.01 22.46 5.23
N LEU B 124 -58.88 23.04 4.83
CA LEU B 124 -57.84 22.28 4.16
C LEU B 124 -57.30 21.16 5.05
N SER B 125 -57.11 21.42 6.33
CA SER B 125 -56.73 20.35 7.27
C SER B 125 -57.76 19.24 7.30
N LEU B 126 -59.03 19.61 7.36
CA LEU B 126 -60.11 18.64 7.25
C LEU B 126 -60.02 17.83 5.95
N VAL B 127 -59.83 18.51 4.83
CA VAL B 127 -59.87 17.83 3.53
C VAL B 127 -58.75 16.81 3.41
N THR B 128 -57.63 17.09 4.06
CA THR B 128 -56.51 16.16 4.05
C THR B 128 -56.87 14.86 4.77
N MET B 129 -57.70 14.97 5.79
CA MET B 129 -58.12 13.78 6.51
C MET B 129 -59.16 12.97 5.71
N LEU B 130 -59.92 13.65 4.87
CA LEU B 130 -60.86 12.98 3.98
C LEU B 130 -60.12 12.27 2.84
N HIS B 131 -59.10 12.92 2.30
CA HIS B 131 -58.30 12.32 1.25
C HIS B 131 -57.54 11.12 1.84
N ASP B 132 -57.39 10.06 1.06
CA ASP B 132 -56.62 8.88 1.46
C ASP B 132 -57.18 8.19 2.70
N ASN B 133 -58.51 8.14 2.78
CA ASN B 133 -59.21 7.39 3.80
C ASN B 133 -60.63 7.08 3.32
N LYS B 134 -60.94 5.80 3.16
CA LYS B 134 -62.25 5.40 2.69
C LYS B 134 -63.27 5.45 3.83
N LEU B 135 -64.08 6.52 3.82
CA LEU B 135 -65.00 6.85 4.88
C LEU B 135 -66.42 7.03 4.33
N SER B 136 -67.40 6.49 5.03
CA SER B 136 -68.79 6.67 4.61
C SER B 136 -69.36 7.95 5.21
N LYS B 137 -68.78 8.40 6.30
CA LYS B 137 -69.37 9.50 7.05
C LYS B 137 -68.34 10.39 7.74
N LEU B 138 -68.53 11.70 7.59
CA LEU B 138 -67.75 12.64 8.40
C LEU B 138 -68.67 13.32 9.39
N THR B 139 -68.26 13.41 10.64
CA THR B 139 -68.98 14.23 11.60
C THR B 139 -68.07 15.36 12.11
N VAL B 140 -68.60 16.58 12.09
CA VAL B 140 -67.84 17.74 12.55
C VAL B 140 -68.53 18.43 13.72
N VAL B 141 -67.82 18.50 14.84
CA VAL B 141 -68.33 19.12 16.06
C VAL B 141 -67.71 20.50 16.22
N PHE B 142 -68.58 21.53 16.23
CA PHE B 142 -68.13 22.91 16.34
C PHE B 142 -67.97 23.39 17.77
N GLU B 143 -66.81 23.15 18.35
CA GLU B 143 -66.47 23.69 19.65
C GLU B 143 -65.78 25.06 19.52
N ILE B 144 -66.20 25.84 18.54
CA ILE B 144 -65.71 27.20 18.36
C ILE B 144 -66.89 28.06 17.99
N ASN B 145 -66.68 29.37 18.00
CA ASN B 145 -67.78 30.27 17.75
C ASN B 145 -67.70 30.82 16.33
N VAL B 146 -68.79 30.65 15.59
CA VAL B 146 -68.85 31.11 14.22
C VAL B 146 -70.22 31.72 13.99
N ASP B 147 -70.28 32.80 13.23
CA ASP B 147 -71.57 33.39 12.90
C ASP B 147 -72.11 32.71 11.66
N LYS B 148 -73.40 32.90 11.38
CA LYS B 148 -74.07 32.21 10.29
C LYS B 148 -73.33 32.32 8.94
N ASN B 149 -72.74 33.47 8.66
CA ASN B 149 -72.01 33.61 7.41
C ASN B 149 -70.73 32.77 7.43
N LEU B 150 -70.07 32.71 8.57
CA LEU B 150 -68.82 31.98 8.63
C LEU B 150 -69.06 30.47 8.64
N PHE B 151 -70.24 30.07 9.11
CA PHE B 151 -70.61 28.67 9.06
C PHE B 151 -70.85 28.21 7.62
N ARG B 152 -71.61 29.02 6.88
CA ARG B 152 -71.88 28.79 5.47
C ARG B 152 -70.57 28.75 4.67
N PHE B 153 -69.70 29.73 4.89
CA PHE B 153 -68.37 29.77 4.28
C PHE B 153 -67.59 28.49 4.57
N PHE B 154 -67.72 27.99 5.78
CA PHE B 154 -67.10 26.73 6.14
C PHE B 154 -67.56 25.62 5.22
N LEU B 155 -68.87 25.54 4.96
CA LEU B 155 -69.42 24.44 4.17
C LEU B 155 -69.07 24.57 2.69
N GLU B 156 -69.28 25.76 2.11
CA GLU B 156 -68.89 26.05 0.73
C GLU B 156 -67.44 25.66 0.47
N THR B 157 -66.57 25.99 1.42
CA THR B 157 -65.15 25.79 1.24
C THR B 157 -64.83 24.32 1.36
N LEU B 158 -65.47 23.66 2.32
CA LEU B 158 -65.32 22.22 2.45
C LEU B 158 -65.75 21.54 1.16
N PHE B 159 -66.93 21.91 0.65
CA PHE B 159 -67.46 21.29 -0.56
C PHE B 159 -66.55 21.53 -1.77
N TYR B 160 -66.16 22.78 -1.98
CA TYR B 160 -65.29 23.15 -3.09
C TYR B 160 -63.93 22.47 -3.06
N GLU B 161 -63.28 22.43 -1.91
CA GLU B 161 -61.94 21.87 -1.82
C GLU B 161 -61.97 20.35 -1.86
N TYR B 162 -63.09 19.77 -1.46
CA TYR B 162 -63.26 18.33 -1.41
C TYR B 162 -63.47 17.79 -2.81
N MET B 163 -64.17 18.57 -3.63
CA MET B 163 -64.48 18.18 -4.99
C MET B 163 -63.25 18.17 -5.90
N THR B 164 -62.99 17.05 -6.58
CA THR B 164 -61.87 16.97 -7.52
C THR B 164 -62.34 16.91 -8.98
N ASP B 165 -61.74 17.75 -9.83
CA ASP B 165 -62.15 17.85 -11.22
C ASP B 165 -61.41 16.83 -12.08
N GLU B 166 -62.14 15.86 -12.65
CA GLU B 166 -61.51 14.77 -13.40
C GLU B 166 -62.04 14.63 -14.81
N ARG B 167 -62.75 15.65 -15.28
CA ARG B 167 -63.28 15.69 -16.63
C ARG B 167 -62.25 15.40 -17.72
N PHE B 168 -60.99 15.70 -17.48
CA PHE B 168 -60.00 15.59 -18.54
C PHE B 168 -58.96 14.52 -18.25
N LYS B 169 -59.14 13.82 -17.14
CA LYS B 169 -58.39 12.60 -16.91
C LYS B 169 -58.96 11.47 -17.77
N SER B 170 -58.13 10.49 -18.07
CA SER B 170 -58.61 9.29 -18.74
C SER B 170 -57.73 8.09 -18.41
N THR B 171 -56.51 8.40 -17.97
CA THR B 171 -55.42 7.44 -17.76
C THR B 171 -55.24 6.55 -18.98
N LYS B 173 -57.11 8.95 -13.73
CA LYS B 173 -58.13 8.97 -12.67
C LYS B 173 -57.66 8.27 -11.39
N ASN B 174 -57.93 8.89 -10.24
CA ASN B 174 -57.65 8.31 -8.94
C ASN B 174 -58.50 7.06 -8.72
N VAL B 175 -57.84 5.91 -8.60
CA VAL B 175 -58.54 4.64 -8.36
C VAL B 175 -59.09 4.55 -6.93
N ASN B 176 -58.54 5.37 -6.03
CA ASN B 176 -58.91 5.37 -4.62
C ASN B 176 -59.69 6.60 -4.15
N MET B 177 -60.57 7.12 -5.01
CA MET B 177 -61.33 8.31 -4.63
C MET B 177 -62.79 8.00 -4.29
N GLU B 178 -63.04 7.73 -3.01
CA GLU B 178 -64.39 7.48 -2.51
C GLU B 178 -64.87 8.65 -1.64
N TYR B 179 -65.95 9.28 -2.06
CA TYR B 179 -66.54 10.39 -1.31
C TYR B 179 -67.43 9.89 -0.16
N ILE B 180 -67.46 10.62 0.93
CA ILE B 180 -68.38 10.29 2.02
C ILE B 180 -69.81 10.45 1.55
N LYS B 181 -70.75 9.76 2.20
CA LYS B 181 -72.15 9.84 1.82
C LYS B 181 -73.00 10.52 2.90
N HIS B 182 -72.37 10.84 4.03
CA HIS B 182 -73.07 11.53 5.13
C HIS B 182 -72.20 12.58 5.79
N LEU B 183 -72.76 13.77 5.97
CA LEU B 183 -72.09 14.81 6.75
C LEU B 183 -72.97 15.20 7.92
N GLY B 184 -72.47 15.02 9.14
CA GLY B 184 -73.21 15.42 10.32
C GLY B 184 -72.50 16.55 11.02
N VAL B 185 -73.23 17.59 11.41
CA VAL B 185 -72.62 18.76 12.06
C VAL B 185 -73.28 19.07 13.41
N TYR B 186 -72.45 19.30 14.43
CA TYR B 186 -72.91 19.59 15.80
C TYR B 186 -72.59 21.02 16.22
N ILE B 187 -73.63 21.83 16.47
CA ILE B 187 -73.43 23.25 16.73
C ILE B 187 -74.50 23.87 17.66
N ASN B 188 -74.12 24.94 18.36
CA ASN B 188 -75.02 25.75 19.19
C ASN B 188 -76.14 26.40 18.38
N ASN B 189 -77.37 26.29 18.87
CA ASN B 189 -78.52 26.89 18.19
C ASN B 189 -78.57 26.43 16.73
N ALA B 190 -78.58 25.11 16.57
CA ALA B 190 -78.52 24.45 15.27
C ALA B 190 -79.62 24.92 14.34
N ASP B 191 -80.79 25.19 14.92
CA ASP B 191 -81.96 25.62 14.17
C ASP B 191 -81.71 26.87 13.30
N THR B 192 -80.87 27.77 13.78
CA THR B 192 -80.60 29.00 13.04
C THR B 192 -79.43 28.83 12.07
N TYR B 193 -78.85 27.63 12.07
CA TYR B 193 -77.77 27.29 11.15
C TYR B 193 -78.26 26.38 10.05
N LYS B 194 -79.38 25.71 10.29
CA LYS B 194 -79.91 24.73 9.36
C LYS B 194 -80.18 25.34 7.99
N GLU B 195 -80.64 26.59 7.97
CA GLU B 195 -80.94 27.29 6.71
C GLU B 195 -79.69 27.50 5.83
N GLU B 196 -78.53 27.63 6.47
CA GLU B 196 -77.29 27.90 5.75
C GLU B 196 -76.83 26.69 4.92
N VAL B 197 -77.30 25.49 5.28
CA VAL B 197 -76.82 24.28 4.63
C VAL B 197 -77.14 24.22 3.14
N GLU B 198 -78.41 24.41 2.76
CA GLU B 198 -78.73 24.30 1.35
C GLU B 198 -78.26 25.53 0.59
N LYS B 199 -78.10 26.64 1.29
CA LYS B 199 -77.53 27.83 0.69
C LYS B 199 -76.05 27.57 0.40
N ALA B 200 -75.38 26.90 1.33
CA ALA B 200 -74.01 26.49 1.12
C ALA B 200 -73.89 25.63 -0.13
N ARG B 201 -74.81 24.68 -0.27
CA ARG B 201 -74.77 23.74 -1.37
C ARG B 201 -74.94 24.47 -2.71
N VAL B 202 -75.85 25.43 -2.74
CA VAL B 202 -76.04 26.22 -3.94
C VAL B 202 -74.81 27.08 -4.26
N TYR B 203 -74.27 27.77 -3.25
CA TYR B 203 -73.08 28.59 -3.43
C TYR B 203 -71.92 27.73 -3.86
N TYR B 204 -71.84 26.52 -3.33
CA TYR B 204 -70.78 25.61 -3.75
C TYR B 204 -70.86 25.33 -5.24
N PHE B 205 -72.03 24.95 -5.73
CA PHE B 205 -72.08 24.55 -7.14
C PHE B 205 -71.92 25.74 -8.09
N GLY B 206 -72.33 26.93 -7.66
CA GLY B 206 -72.17 28.12 -8.49
C GLY B 206 -70.70 28.44 -8.67
N THR B 207 -69.96 28.36 -7.57
CA THR B 207 -68.52 28.55 -7.56
C THR B 207 -67.82 27.45 -8.35
N TYR B 208 -68.28 26.21 -8.19
CA TYR B 208 -67.65 25.07 -8.86
C TYR B 208 -68.03 25.04 -10.33
N TYR B 209 -69.24 25.49 -10.63
CA TYR B 209 -69.63 25.62 -12.01
C TYR B 209 -68.68 26.58 -12.70
N ALA B 210 -68.53 27.76 -12.11
CA ALA B 210 -67.65 28.78 -12.66
C ALA B 210 -66.26 28.22 -12.86
N SER B 211 -65.83 27.44 -11.89
CA SER B 211 -64.51 26.85 -11.90
C SER B 211 -64.28 25.83 -13.04
N GLN B 212 -65.30 25.02 -13.32
CA GLN B 212 -65.24 24.09 -14.45
C GLN B 212 -65.05 24.81 -15.78
N LEU B 213 -65.73 25.93 -15.97
CA LEU B 213 -65.58 26.68 -17.19
C LEU B 213 -64.16 27.25 -17.31
N ILE B 214 -63.67 27.84 -16.22
CA ILE B 214 -62.36 28.49 -16.21
C ILE B 214 -61.24 27.48 -16.51
N ALA B 215 -61.23 26.39 -15.76
CA ALA B 215 -60.27 25.29 -15.92
C ALA B 215 -60.33 24.62 -17.29
N ALA B 216 -61.51 24.50 -17.87
CA ALA B 216 -61.64 23.97 -19.24
C ALA B 216 -60.73 24.73 -20.23
N PRO B 217 -59.82 24.00 -20.89
CA PRO B 217 -58.86 24.53 -21.85
C PRO B 217 -59.54 25.22 -23.03
N SER B 218 -58.78 26.06 -23.71
CA SER B 218 -59.34 26.95 -24.72
C SER B 218 -59.73 26.24 -26.01
N ASN B 219 -59.28 25.00 -26.20
CA ASN B 219 -59.81 24.22 -27.31
C ASN B 219 -61.19 23.60 -26.95
N TYR B 220 -61.44 23.41 -25.67
CA TYR B 220 -62.77 22.99 -25.23
C TYR B 220 -63.71 24.17 -25.03
N CYS B 221 -63.19 25.23 -24.40
CA CYS B 221 -64.01 26.38 -24.06
C CYS B 221 -63.69 27.53 -25.01
N ASN B 222 -64.48 27.63 -26.07
CA ASN B 222 -64.33 28.63 -27.11
C ASN B 222 -65.59 29.48 -27.11
N PRO B 223 -65.59 30.62 -27.83
CA PRO B 223 -66.79 31.46 -27.77
C PRO B 223 -68.09 30.74 -28.14
N VAL B 224 -68.02 29.73 -29.02
CA VAL B 224 -69.24 29.04 -29.41
C VAL B 224 -69.70 28.06 -28.33
N SER B 225 -68.76 27.27 -27.80
CA SER B 225 -69.10 26.27 -26.79
C SER B 225 -69.47 26.88 -25.43
N LEU B 226 -68.86 28.02 -25.10
CA LEU B 226 -69.16 28.67 -23.83
C LEU B 226 -70.57 29.24 -23.87
N SER B 227 -70.93 29.89 -24.97
CA SER B 227 -72.27 30.41 -25.11
C SER B 227 -73.31 29.28 -25.30
N ASN B 228 -72.89 28.14 -25.85
CA ASN B 228 -73.75 26.95 -25.88
C ASN B 228 -74.01 26.45 -24.46
N ALA B 229 -72.99 26.55 -23.61
CA ALA B 229 -73.12 26.11 -22.23
C ALA B 229 -74.10 27.00 -21.46
N ALA B 230 -74.09 28.30 -21.77
CA ALA B 230 -74.87 29.25 -21.00
C ALA B 230 -76.32 29.08 -21.37
N VAL B 231 -76.56 28.84 -22.65
CA VAL B 231 -77.91 28.54 -23.14
C VAL B 231 -78.47 27.31 -22.40
N GLU B 232 -77.62 26.31 -22.23
CA GLU B 232 -78.00 25.07 -21.56
C GLU B 232 -78.25 25.31 -20.07
N LEU B 233 -77.44 26.16 -19.46
CA LEU B 233 -77.67 26.60 -18.09
C LEU B 233 -78.99 27.37 -18.00
N ALA B 234 -79.21 28.24 -18.98
CA ALA B 234 -80.40 29.07 -19.01
C ALA B 234 -81.64 28.20 -19.06
N GLN B 235 -81.57 27.15 -19.88
CA GLN B 235 -82.68 26.25 -20.07
C GLN B 235 -82.98 25.44 -18.82
N LYS B 236 -81.94 25.05 -18.08
CA LYS B 236 -82.14 24.26 -16.87
C LYS B 236 -82.70 25.08 -15.72
N LEU B 237 -82.80 26.40 -15.91
CA LEU B 237 -83.17 27.29 -14.82
C LEU B 237 -84.35 28.15 -15.20
N ASN B 238 -84.79 27.95 -16.45
CA ASN B 238 -85.85 28.77 -17.03
C ASN B 238 -85.58 30.26 -16.95
N LEU B 239 -84.37 30.67 -17.35
CA LEU B 239 -84.06 32.06 -17.57
C LEU B 239 -84.35 32.40 -19.03
N GLU B 240 -84.84 33.60 -19.30
CA GLU B 240 -84.87 34.07 -20.68
C GLU B 240 -83.41 34.23 -21.11
N TYR B 241 -83.15 33.96 -22.38
CA TYR B 241 -81.78 34.04 -22.88
C TYR B 241 -81.77 34.47 -24.31
N LYS B 242 -80.67 35.06 -24.71
CA LYS B 242 -80.48 35.47 -26.08
C LYS B 242 -78.97 35.45 -26.36
N ILE B 243 -78.56 34.81 -27.45
CA ILE B 243 -77.16 34.86 -27.86
C ILE B 243 -77.07 35.70 -29.11
N LEU B 244 -76.34 36.81 -29.05
CA LEU B 244 -76.22 37.67 -30.21
C LEU B 244 -75.07 37.17 -31.08
N GLY B 245 -75.33 37.06 -32.38
CA GLY B 245 -74.33 36.55 -33.32
C GLY B 245 -73.72 37.71 -34.09
N VAL B 246 -72.74 37.40 -34.94
CA VAL B 246 -71.97 38.45 -35.61
C VAL B 246 -72.87 39.43 -36.37
N LYS B 247 -73.92 38.91 -37.00
CA LYS B 247 -74.82 39.74 -37.79
C LYS B 247 -75.63 40.71 -36.90
N GLU B 248 -76.10 40.23 -35.75
CA GLU B 248 -76.74 41.12 -34.78
C GLU B 248 -75.74 42.14 -34.21
N LEU B 249 -74.52 41.69 -33.95
CA LEU B 249 -73.50 42.55 -33.37
C LEU B 249 -73.10 43.63 -34.35
N GLU B 250 -73.02 43.28 -35.63
CA GLU B 250 -72.76 44.27 -36.66
C GLU B 250 -73.89 45.30 -36.72
N GLU B 251 -75.13 44.82 -36.66
CA GLU B 251 -76.32 45.71 -36.58
C GLU B 251 -76.24 46.66 -35.39
N LEU B 252 -75.72 46.16 -34.27
CA LEU B 252 -75.62 46.99 -33.06
C LEU B 252 -74.37 47.87 -33.07
N LYS B 253 -73.56 47.72 -34.12
CA LYS B 253 -72.35 48.49 -34.33
C LYS B 253 -71.32 48.30 -33.22
N MET B 254 -71.20 47.06 -32.74
CA MET B 254 -70.25 46.79 -31.68
C MET B 254 -68.83 46.60 -32.24
N GLY B 255 -68.28 47.68 -32.77
CA GLY B 255 -67.01 47.66 -33.46
C GLY B 255 -65.83 47.32 -32.59
N ALA B 256 -65.85 47.76 -31.32
CA ALA B 256 -64.70 47.49 -30.45
C ALA B 256 -64.64 46.00 -30.15
N TYR B 257 -65.80 45.44 -29.84
CA TYR B 257 -65.91 44.04 -29.46
C TYR B 257 -65.66 43.14 -30.67
N LEU B 258 -66.27 43.48 -31.80
CA LEU B 258 -66.05 42.70 -33.00
C LEU B 258 -64.58 42.66 -33.43
N SER B 259 -63.82 43.74 -33.15
CA SER B 259 -62.42 43.87 -33.62
C SER B 259 -61.45 42.99 -32.87
N VAL B 260 -61.76 42.75 -31.60
CA VAL B 260 -60.94 41.86 -30.81
C VAL B 260 -61.13 40.44 -31.35
N GLY B 261 -62.34 40.10 -31.78
CA GLY B 261 -62.64 38.75 -32.23
C GLY B 261 -62.27 38.41 -33.67
N LYS B 262 -61.79 39.39 -34.44
CA LYS B 262 -61.53 39.24 -35.87
C LYS B 262 -60.53 38.15 -36.22
N GLY B 263 -59.46 38.05 -35.44
CA GLY B 263 -58.42 37.08 -35.77
C GLY B 263 -58.74 35.65 -35.38
N SER B 264 -59.92 35.41 -34.84
CA SER B 264 -60.20 34.09 -34.31
C SER B 264 -61.02 33.22 -35.28
N MET B 265 -60.89 31.90 -35.14
CA MET B 265 -61.65 30.98 -35.98
C MET B 265 -63.08 30.80 -35.47
N TYR B 266 -63.31 31.16 -34.21
CA TYR B 266 -64.63 31.09 -33.61
C TYR B 266 -65.33 32.43 -33.68
N PRO B 267 -66.55 32.45 -34.22
CA PRO B 267 -67.35 33.68 -34.33
C PRO B 267 -67.67 34.26 -32.94
N ASN B 268 -67.64 35.58 -32.79
CA ASN B 268 -68.06 36.21 -31.53
C ASN B 268 -69.50 35.82 -31.14
N LYS B 269 -69.71 35.58 -29.85
CA LYS B 269 -71.04 35.27 -29.33
C LYS B 269 -71.32 36.08 -28.07
N PHE B 270 -72.37 36.90 -28.10
CA PHE B 270 -72.73 37.75 -26.96
C PHE B 270 -73.82 37.10 -26.11
N ILE B 271 -73.49 36.78 -24.86
CA ILE B 271 -74.41 36.11 -23.95
C ILE B 271 -75.30 37.09 -23.18
N HIS B 272 -76.61 36.89 -23.29
CA HIS B 272 -77.58 37.70 -22.55
C HIS B 272 -78.61 36.78 -21.89
N LEU B 273 -78.44 36.55 -20.61
CA LEU B 273 -79.41 35.80 -19.81
C LEU B 273 -80.21 36.79 -18.98
N THR B 274 -81.48 36.49 -18.68
CA THR B 274 -82.28 37.39 -17.83
C THR B 274 -83.06 36.63 -16.76
N TYR B 275 -82.98 37.14 -15.52
CA TYR B 275 -83.83 36.66 -14.44
C TYR B 275 -84.83 37.74 -14.03
N LYS B 276 -86.07 37.35 -13.83
CA LYS B 276 -87.05 38.32 -13.36
C LYS B 276 -87.89 37.72 -12.24
N SER B 277 -87.89 38.41 -11.10
CA SER B 277 -88.74 38.06 -9.96
C SER B 277 -90.21 38.05 -10.36
N LYS B 278 -91.02 37.25 -9.67
CA LYS B 278 -92.44 37.14 -10.01
C LYS B 278 -93.24 38.43 -9.76
N GLY B 279 -92.93 39.13 -8.67
CA GLY B 279 -93.71 40.30 -8.28
C GLY B 279 -93.27 41.64 -8.83
N ASP B 280 -93.48 42.70 -8.06
CA ASP B 280 -93.06 44.05 -8.44
C ASP B 280 -91.52 44.15 -8.37
N VAL B 281 -90.94 44.74 -9.40
CA VAL B 281 -89.48 44.83 -9.53
C VAL B 281 -88.93 46.16 -8.99
N LYS B 282 -88.14 46.11 -7.93
CA LYS B 282 -87.66 47.34 -7.30
C LYS B 282 -86.25 47.73 -7.74
N LYS B 283 -85.54 46.79 -8.34
CA LYS B 283 -84.14 46.99 -8.67
C LYS B 283 -83.82 46.27 -9.97
N LYS B 284 -83.27 46.99 -10.93
CA LYS B 284 -82.78 46.37 -12.17
C LYS B 284 -81.26 46.37 -12.19
N ILE B 285 -80.66 45.17 -12.25
CA ILE B 285 -79.21 45.03 -12.21
C ILE B 285 -78.61 44.40 -13.46
N ALA B 286 -77.55 44.98 -14.00
CA ALA B 286 -76.78 44.35 -15.08
C ALA B 286 -75.40 43.87 -14.60
N LEU B 287 -75.20 42.56 -14.64
CA LEU B 287 -73.92 41.92 -14.32
C LEU B 287 -73.16 41.64 -15.60
N VAL B 288 -71.93 42.15 -15.71
CA VAL B 288 -71.14 42.03 -16.94
C VAL B 288 -69.79 41.34 -16.69
N GLY B 289 -69.49 40.34 -17.50
CA GLY B 289 -68.29 39.57 -17.30
C GLY B 289 -67.37 39.58 -18.50
N LYS B 290 -66.10 39.86 -18.25
CA LYS B 290 -65.11 39.79 -19.32
C LYS B 290 -64.99 38.34 -19.79
N GLY B 291 -65.16 38.13 -21.10
CA GLY B 291 -65.23 36.79 -21.64
C GLY B 291 -64.27 36.47 -22.77
N ILE B 292 -62.97 36.64 -22.53
CA ILE B 292 -61.95 36.25 -23.51
C ILE B 292 -61.53 34.81 -23.27
N THR B 293 -61.88 33.91 -24.18
CA THR B 293 -61.72 32.49 -23.92
C THR B 293 -60.27 32.07 -24.07
N PHE B 294 -59.51 32.82 -24.86
CA PHE B 294 -58.05 32.75 -24.78
C PHE B 294 -57.39 34.08 -25.12
N ASP B 295 -56.43 34.50 -24.29
CA ASP B 295 -55.78 35.80 -24.53
C ASP B 295 -54.33 35.59 -24.96
N SER B 296 -54.11 35.48 -26.26
CA SER B 296 -52.77 35.31 -26.79
C SER B 296 -52.01 36.62 -26.68
N GLY B 297 -52.75 37.72 -26.67
CA GLY B 297 -52.18 39.05 -26.83
C GLY B 297 -52.46 39.71 -28.17
N GLY B 298 -52.82 38.93 -29.19
CA GLY B 298 -52.86 39.44 -30.54
C GLY B 298 -51.44 39.83 -30.97
N TYR B 299 -51.32 40.79 -31.87
CA TYR B 299 -50.03 41.12 -32.41
C TYR B 299 -49.07 41.68 -31.36
N ASN B 300 -49.65 42.21 -30.28
CA ASN B 300 -48.85 42.45 -29.08
C ASN B 300 -48.75 41.14 -28.29
N LEU B 301 -48.11 40.15 -28.92
CA LEU B 301 -48.08 38.79 -28.42
C LEU B 301 -47.50 38.72 -27.01
N LYS B 302 -47.99 37.77 -26.22
CA LYS B 302 -47.44 37.57 -24.88
C LYS B 302 -46.18 36.72 -24.99
N ALA B 303 -45.05 37.38 -25.18
CA ALA B 303 -43.81 36.66 -25.42
C ALA B 303 -42.77 37.04 -24.37
N ALA B 304 -43.06 38.09 -23.60
CA ALA B 304 -42.18 38.54 -22.54
C ALA B 304 -42.22 37.59 -21.35
N PRO B 305 -41.10 37.49 -20.61
CA PRO B 305 -41.03 36.75 -19.34
C PRO B 305 -42.15 37.15 -18.38
N GLY B 306 -42.76 36.16 -17.72
CA GLY B 306 -43.80 36.42 -16.75
C GLY B 306 -45.18 36.71 -17.33
N SER B 307 -45.34 36.52 -18.63
CA SER B 307 -46.59 36.90 -19.28
C SER B 307 -47.68 35.83 -19.13
N MET B 308 -47.34 34.68 -18.57
CA MET B 308 -48.35 33.64 -18.26
C MET B 308 -49.28 33.20 -19.42
N ILE B 309 -48.77 33.19 -20.64
CA ILE B 309 -49.63 32.83 -21.77
C ILE B 309 -50.33 31.46 -21.58
N ASP B 310 -49.68 30.55 -20.84
CA ASP B 310 -50.22 29.21 -20.61
C ASP B 310 -51.43 29.22 -19.67
N LEU B 311 -51.65 30.29 -18.94
CA LEU B 311 -52.83 30.33 -18.06
C LEU B 311 -53.98 31.17 -18.61
N MET B 312 -53.77 31.75 -19.79
CA MET B 312 -54.71 32.71 -20.33
C MET B 312 -56.07 32.12 -20.74
N LYS B 313 -56.23 30.81 -20.55
CA LYS B 313 -57.56 30.24 -20.59
C LYS B 313 -58.47 30.84 -19.50
N PHE B 314 -57.88 31.46 -18.47
CA PHE B 314 -58.62 31.99 -17.32
C PHE B 314 -59.31 33.33 -17.64
N ASP B 315 -59.09 33.85 -18.84
CA ASP B 315 -59.44 35.23 -19.14
C ASP B 315 -60.94 35.40 -19.41
N MET B 316 -61.69 34.34 -19.19
CA MET B 316 -63.15 34.42 -19.17
C MET B 316 -63.68 34.13 -17.77
N SER B 317 -62.81 34.28 -16.76
CA SER B 317 -63.21 34.12 -15.34
C SER B 317 -64.36 35.07 -14.92
N GLY B 318 -64.37 36.26 -15.52
CA GLY B 318 -65.42 37.22 -15.28
C GLY B 318 -66.75 36.68 -15.78
N CYS B 319 -66.74 36.15 -16.99
CA CYS B 319 -67.91 35.51 -17.56
C CYS B 319 -68.32 34.30 -16.74
N ALA B 320 -67.32 33.55 -16.26
CA ALA B 320 -67.57 32.35 -15.47
C ALA B 320 -68.25 32.71 -14.14
N ALA B 321 -67.75 33.77 -13.52
CA ALA B 321 -68.38 34.32 -12.31
C ALA B 321 -69.84 34.72 -12.57
N VAL B 322 -70.08 35.48 -13.64
CA VAL B 322 -71.45 35.90 -13.92
C VAL B 322 -72.40 34.72 -14.21
N LEU B 323 -71.91 33.67 -14.86
CA LEU B 323 -72.77 32.53 -15.14
C LEU B 323 -73.00 31.74 -13.84
N GLY B 324 -71.97 31.63 -13.01
CA GLY B 324 -72.10 30.97 -11.72
C GLY B 324 -73.11 31.67 -10.83
N CYS B 325 -73.12 33.00 -10.93
CA CYS B 325 -74.10 33.80 -10.22
C CYS B 325 -75.52 33.53 -10.74
N ALA B 326 -75.65 33.38 -12.06
CA ALA B 326 -76.95 33.11 -12.67
C ALA B 326 -77.49 31.76 -12.21
N TYR B 327 -76.59 30.86 -11.87
CA TYR B 327 -77.02 29.60 -11.31
C TYR B 327 -77.63 29.84 -9.93
N CYS B 328 -76.89 30.51 -9.05
CA CYS B 328 -77.38 30.72 -7.67
C CYS B 328 -78.68 31.52 -7.65
N VAL B 329 -78.71 32.64 -8.38
CA VAL B 329 -79.87 33.50 -8.46
C VAL B 329 -81.03 32.79 -9.14
N GLY B 330 -80.73 31.96 -10.14
CA GLY B 330 -81.76 31.15 -10.77
C GLY B 330 -82.32 30.07 -9.85
N THR B 331 -81.50 29.62 -8.91
CA THR B 331 -81.88 28.57 -7.99
C THR B 331 -82.59 29.12 -6.75
N LEU B 332 -82.09 30.22 -6.21
CA LEU B 332 -82.62 30.78 -4.97
C LEU B 332 -83.83 31.68 -5.21
N LYS B 333 -83.97 32.15 -6.44
CA LYS B 333 -85.13 32.95 -6.86
C LYS B 333 -85.44 34.10 -5.89
N PRO B 334 -84.57 35.12 -5.85
CA PRO B 334 -84.84 36.29 -5.01
C PRO B 334 -86.05 37.06 -5.53
N GLU B 335 -86.59 37.97 -4.72
CA GLU B 335 -87.77 38.74 -5.15
C GLU B 335 -87.42 40.20 -5.43
N ASN B 336 -88.34 40.90 -6.09
CA ASN B 336 -88.22 42.34 -6.35
C ASN B 336 -87.08 42.75 -7.27
N VAL B 337 -86.49 41.80 -8.00
CA VAL B 337 -85.33 42.12 -8.81
C VAL B 337 -85.37 41.58 -10.25
N GLU B 338 -84.90 42.41 -11.18
CA GLU B 338 -84.64 41.98 -12.55
C GLU B 338 -83.13 42.01 -12.82
N ILE B 339 -82.58 40.89 -13.28
CA ILE B 339 -81.13 40.77 -13.45
C ILE B 339 -80.72 40.30 -14.85
N HIS B 340 -79.85 41.09 -15.48
CA HIS B 340 -79.26 40.72 -16.76
C HIS B 340 -77.83 40.25 -16.60
N PHE B 341 -77.58 39.03 -17.08
CA PHE B 341 -76.25 38.44 -17.03
C PHE B 341 -75.64 38.53 -18.42
N LEU B 342 -74.59 39.35 -18.56
CA LEU B 342 -74.03 39.71 -19.85
C LEU B 342 -72.56 39.32 -19.98
N SER B 343 -72.18 38.87 -21.17
CA SER B 343 -70.76 38.72 -21.50
C SER B 343 -70.50 38.75 -23.01
N ALA B 344 -69.61 39.65 -23.42
CA ALA B 344 -69.20 39.71 -24.82
C ALA B 344 -68.06 38.71 -25.01
N VAL B 345 -68.39 37.49 -25.40
CA VAL B 345 -67.41 36.42 -25.51
C VAL B 345 -66.71 36.46 -26.86
N CYS B 346 -65.39 36.25 -26.83
CA CYS B 346 -64.58 36.13 -28.03
C CYS B 346 -63.21 35.60 -27.64
N GLU B 347 -62.34 35.44 -28.63
CA GLU B 347 -60.99 34.91 -28.43
C GLU B 347 -59.97 35.86 -29.11
N ASN B 348 -58.80 36.07 -28.49
CA ASN B 348 -57.81 37.09 -28.97
C ASN B 348 -56.59 36.45 -29.59
N MET B 349 -56.60 36.30 -30.91
CA MET B 349 -55.63 35.45 -31.61
C MET B 349 -54.78 36.18 -32.66
N VAL B 350 -53.75 35.51 -33.15
CA VAL B 350 -52.90 36.08 -34.17
C VAL B 350 -53.22 35.43 -35.52
N SER B 351 -53.36 36.27 -36.54
CA SER B 351 -53.94 35.84 -37.80
C SER B 351 -53.86 36.96 -38.83
N LYS B 352 -53.98 36.62 -40.10
CA LYS B 352 -54.02 37.67 -41.13
C LYS B 352 -55.25 38.53 -40.91
N ASN B 353 -56.23 37.97 -40.21
CA ASN B 353 -57.46 38.69 -39.97
C ASN B 353 -57.47 39.53 -38.70
N SER B 354 -56.41 39.46 -37.89
CA SER B 354 -56.45 40.11 -36.59
C SER B 354 -56.48 41.62 -36.70
N TYR B 355 -56.83 42.26 -35.59
CA TYR B 355 -56.81 43.70 -35.54
C TYR B 355 -55.37 44.06 -35.18
N ARG B 356 -54.93 45.26 -35.56
CA ARG B 356 -53.51 45.63 -35.41
C ARG B 356 -53.31 46.77 -34.41
N PRO B 357 -52.13 46.81 -33.77
CA PRO B 357 -51.73 48.03 -33.05
C PRO B 357 -51.90 49.24 -33.94
N GLY B 358 -52.48 50.33 -33.42
CA GLY B 358 -52.70 51.55 -34.20
C GLY B 358 -54.06 51.64 -34.89
N ASP B 359 -54.77 50.51 -34.99
CA ASP B 359 -56.07 50.52 -35.65
C ASP B 359 -57.02 51.46 -34.94
N ILE B 360 -57.77 52.25 -35.68
CA ILE B 360 -58.78 53.07 -35.04
C ILE B 360 -60.17 52.43 -35.26
N ILE B 361 -60.81 52.05 -34.16
CA ILE B 361 -62.10 51.36 -34.22
C ILE B 361 -63.22 52.19 -33.57
N THR B 362 -64.46 51.81 -33.82
CA THR B 362 -65.59 52.62 -33.37
C THR B 362 -66.51 51.84 -32.48
N ALA B 363 -66.71 52.33 -31.26
CA ALA B 363 -67.59 51.65 -30.31
C ALA B 363 -69.08 51.82 -30.69
N SER B 364 -69.96 51.06 -30.05
CA SER B 364 -71.41 51.15 -30.34
C SER B 364 -72.08 52.46 -29.83
N ASN B 365 -71.35 53.27 -29.06
CA ASN B 365 -71.81 54.61 -28.68
C ASN B 365 -71.20 55.65 -29.60
N GLY B 366 -70.59 55.20 -30.71
CA GLY B 366 -70.04 56.10 -31.71
C GLY B 366 -68.67 56.67 -31.38
N LYS B 367 -68.10 56.24 -30.25
CA LYS B 367 -66.75 56.69 -29.85
C LYS B 367 -65.62 55.98 -30.64
N THR B 368 -64.72 56.76 -31.21
CA THR B 368 -63.57 56.15 -31.87
C THR B 368 -62.41 55.96 -30.89
N ILE B 369 -61.73 54.83 -31.02
CA ILE B 369 -60.69 54.42 -30.09
C ILE B 369 -59.42 54.11 -30.84
N GLU B 370 -58.30 54.66 -30.38
CA GLU B 370 -57.03 54.26 -30.97
C GLU B 370 -56.45 53.08 -30.21
N VAL B 371 -56.38 51.93 -30.88
CA VAL B 371 -55.72 50.79 -30.30
C VAL B 371 -54.23 51.04 -30.22
N GLY B 372 -53.68 50.94 -29.01
CA GLY B 372 -52.25 51.07 -28.81
C GLY B 372 -51.60 49.74 -28.43
N ASN B 373 -52.42 48.81 -27.98
CA ASN B 373 -51.92 47.50 -27.60
C ASN B 373 -53.02 46.46 -27.74
N THR B 374 -52.83 45.51 -28.65
CA THR B 374 -53.86 44.52 -28.89
C THR B 374 -54.10 43.65 -27.65
N ASP B 375 -53.18 43.68 -26.69
CA ASP B 375 -53.27 42.83 -25.52
C ASP B 375 -54.04 43.52 -24.39
N ALA B 376 -54.50 44.73 -24.65
CA ALA B 376 -55.43 45.39 -23.75
C ALA B 376 -56.83 45.17 -24.32
N GLU B 377 -57.16 43.92 -24.59
CA GLU B 377 -58.38 43.60 -25.35
C GLU B 377 -59.64 43.68 -24.50
N GLY B 378 -59.53 43.34 -23.22
CA GLY B 378 -60.67 43.25 -22.33
C GLY B 378 -61.50 44.52 -22.20
N ARG B 379 -60.83 45.66 -22.08
CA ARG B 379 -61.55 46.93 -21.92
C ARG B 379 -62.29 47.30 -23.20
N LEU B 380 -61.83 46.77 -24.33
CA LEU B 380 -62.51 46.99 -25.59
C LEU B 380 -63.84 46.24 -25.59
N THR B 381 -63.81 44.96 -25.23
CA THR B 381 -65.03 44.18 -25.26
C THR B 381 -65.99 44.68 -24.16
N LEU B 382 -65.43 45.03 -22.99
CA LEU B 382 -66.23 45.61 -21.92
C LEU B 382 -66.88 46.92 -22.32
N ALA B 383 -66.19 47.71 -23.13
CA ALA B 383 -66.75 48.97 -23.60
C ALA B 383 -68.10 48.76 -24.29
N ASP B 384 -68.13 47.91 -25.31
CA ASP B 384 -69.35 47.64 -26.04
C ASP B 384 -70.39 46.94 -25.16
N ALA B 385 -69.93 46.11 -24.22
CA ALA B 385 -70.82 45.45 -23.28
C ALA B 385 -71.49 46.45 -22.35
N LEU B 386 -70.74 47.44 -21.91
CA LEU B 386 -71.27 48.45 -21.00
C LEU B 386 -72.24 49.40 -21.72
N VAL B 387 -71.96 49.69 -22.99
CA VAL B 387 -72.90 50.47 -23.79
C VAL B 387 -74.24 49.73 -23.86
N TYR B 388 -74.14 48.43 -24.15
CA TYR B 388 -75.27 47.55 -24.24
C TYR B 388 -76.03 47.50 -22.90
N ALA B 389 -75.30 47.35 -21.81
CA ALA B 389 -75.90 47.25 -20.48
C ALA B 389 -76.72 48.48 -20.18
N GLU B 390 -76.14 49.65 -20.42
CA GLU B 390 -76.81 50.90 -20.11
C GLU B 390 -78.05 51.10 -21.00
N LYS B 391 -78.05 50.52 -22.19
CA LYS B 391 -79.23 50.66 -23.05
C LYS B 391 -80.42 49.88 -22.50
N LEU B 392 -80.16 48.90 -21.63
CA LEU B 392 -81.20 48.16 -20.94
C LEU B 392 -81.95 49.01 -19.90
N GLY B 393 -81.38 50.16 -19.53
CA GLY B 393 -82.00 51.02 -18.53
C GLY B 393 -82.09 50.38 -17.16
N VAL B 394 -80.94 50.06 -16.57
CA VAL B 394 -80.91 49.44 -15.27
C VAL B 394 -80.53 50.46 -14.20
N ASP B 395 -80.49 50.02 -12.94
CA ASP B 395 -80.10 50.89 -11.84
C ASP B 395 -78.62 50.76 -11.52
N TYR B 396 -78.11 49.53 -11.63
CA TYR B 396 -76.72 49.23 -11.31
C TYR B 396 -76.07 48.41 -12.42
N ILE B 397 -74.84 48.79 -12.76
CA ILE B 397 -74.05 48.01 -13.67
C ILE B 397 -72.79 47.57 -12.96
N VAL B 398 -72.62 46.27 -12.76
CA VAL B 398 -71.38 45.75 -12.22
C VAL B 398 -70.66 44.84 -13.22
N ASP B 399 -69.44 45.22 -13.60
CA ASP B 399 -68.61 44.34 -14.41
C ASP B 399 -67.54 43.68 -13.56
N ILE B 400 -67.10 42.51 -13.98
CA ILE B 400 -66.09 41.76 -13.26
C ILE B 400 -65.16 41.14 -14.30
N ALA B 401 -63.87 41.39 -14.15
CA ALA B 401 -62.89 41.13 -15.21
C ALA B 401 -61.48 40.77 -14.71
N THR B 402 -60.85 39.79 -15.35
CA THR B 402 -59.42 39.55 -15.22
C THR B 402 -58.69 40.60 -16.08
N LEU B 403 -58.75 41.86 -15.64
CA LEU B 403 -58.51 42.95 -16.57
C LEU B 403 -57.06 43.40 -16.65
N THR B 404 -56.37 43.50 -15.50
CA THR B 404 -55.01 43.99 -15.51
C THR B 404 -54.11 43.14 -14.61
N GLY B 405 -52.99 42.67 -15.15
CA GLY B 405 -51.94 42.03 -14.37
C GLY B 405 -51.36 42.87 -13.23
N ALA B 406 -51.47 44.19 -13.34
CA ALA B 406 -50.94 45.09 -12.32
C ALA B 406 -51.61 44.86 -10.96
N MET B 407 -52.79 44.23 -10.98
CA MET B 407 -53.45 43.84 -9.75
C MET B 407 -52.49 43.03 -8.88
N LEU B 408 -51.66 42.19 -9.50
CA LEU B 408 -50.72 41.35 -8.73
C LEU B 408 -49.68 42.15 -7.94
N TYR B 409 -49.50 43.43 -8.30
CA TYR B 409 -48.54 44.32 -7.62
C TYR B 409 -49.22 45.31 -6.68
N SER B 410 -50.54 45.41 -6.74
CA SER B 410 -51.24 46.35 -5.89
C SER B 410 -51.84 45.62 -4.67
N LEU B 411 -52.85 44.79 -4.92
CA LEU B 411 -53.45 43.98 -3.85
C LEU B 411 -52.87 42.56 -3.78
N GLY B 412 -52.34 42.04 -4.87
CA GLY B 412 -51.81 40.68 -4.86
C GLY B 412 -52.85 39.62 -5.18
N THR B 413 -52.70 38.44 -4.59
CA THR B 413 -53.54 37.31 -4.95
C THR B 413 -54.73 37.06 -4.01
N SER B 414 -54.85 37.82 -2.92
CA SER B 414 -55.95 37.59 -1.98
C SER B 414 -57.14 38.52 -2.16
N TYR B 415 -56.91 39.80 -2.39
CA TYR B 415 -58.04 40.73 -2.48
C TYR B 415 -58.23 41.18 -3.90
N ALA B 416 -59.48 41.24 -4.34
CA ALA B 416 -59.78 41.85 -5.62
C ALA B 416 -59.88 43.35 -5.41
N GLY B 417 -59.77 44.13 -6.48
CA GLY B 417 -59.94 45.56 -6.38
C GLY B 417 -61.31 45.97 -6.91
N VAL B 418 -61.92 46.99 -6.31
CA VAL B 418 -63.15 47.50 -6.87
C VAL B 418 -63.03 48.98 -7.13
N PHE B 419 -63.44 49.39 -8.33
CA PHE B 419 -63.45 50.77 -8.76
C PHE B 419 -64.88 51.15 -9.06
N GLY B 420 -65.24 52.43 -9.03
CA GLY B 420 -66.58 52.80 -9.46
C GLY B 420 -66.82 54.28 -9.69
N ASN B 421 -68.02 54.63 -10.12
CA ASN B 421 -68.39 56.04 -10.27
C ASN B 421 -69.45 56.46 -9.27
N ASN B 422 -69.62 55.66 -8.21
CA ASN B 422 -70.75 55.83 -7.29
C ASN B 422 -70.51 55.19 -5.91
N GLU B 423 -70.44 56.05 -4.88
CA GLU B 423 -70.07 55.62 -3.55
C GLU B 423 -71.07 54.63 -2.94
N GLU B 424 -72.36 54.86 -3.13
CA GLU B 424 -73.38 53.93 -2.62
C GLU B 424 -73.13 52.53 -3.15
N LEU B 425 -72.98 52.42 -4.47
CA LEU B 425 -72.76 51.13 -5.13
C LEU B 425 -71.47 50.47 -4.65
N ILE B 426 -70.37 51.23 -4.56
CA ILE B 426 -69.12 50.68 -4.04
C ILE B 426 -69.34 50.05 -2.67
N ASN B 427 -70.06 50.76 -1.82
CA ASN B 427 -70.36 50.22 -0.50
C ASN B 427 -71.23 48.95 -0.51
N LYS B 428 -72.21 48.86 -1.41
CA LYS B 428 -72.97 47.61 -1.52
C LYS B 428 -72.01 46.46 -1.88
N ILE B 429 -71.09 46.69 -2.83
CA ILE B 429 -70.09 45.67 -3.14
C ILE B 429 -69.26 45.29 -1.91
N LEU B 430 -68.75 46.29 -1.20
CA LEU B 430 -67.94 46.05 0.00
C LEU B 430 -68.72 45.25 1.05
N GLN B 431 -69.98 45.59 1.22
CA GLN B 431 -70.79 44.86 2.17
C GLN B 431 -71.05 43.44 1.65
N SER B 432 -71.26 43.30 0.34
CA SER B 432 -71.41 41.96 -0.25
C SER B 432 -70.14 41.16 -0.05
N SER B 433 -68.99 41.86 -0.14
CA SER B 433 -67.70 41.24 0.14
C SER B 433 -67.64 40.69 1.57
N LYS B 434 -68.12 41.46 2.53
CA LYS B 434 -68.12 41.01 3.92
C LYS B 434 -68.90 39.70 4.13
N THR B 435 -70.15 39.70 3.68
CA THR B 435 -71.05 38.57 3.90
C THR B 435 -70.79 37.35 3.00
N SER B 436 -70.12 37.54 1.87
CA SER B 436 -69.74 36.41 1.03
C SER B 436 -68.32 35.92 1.32
N ASN B 437 -67.64 36.63 2.22
CA ASN B 437 -66.26 36.32 2.55
C ASN B 437 -65.38 36.20 1.32
N GLU B 438 -65.68 37.01 0.31
CA GLU B 438 -64.79 37.17 -0.83
C GLU B 438 -64.19 38.57 -0.75
N PRO B 439 -62.92 38.66 -0.33
CA PRO B 439 -62.31 39.96 -0.01
C PRO B 439 -62.09 40.91 -1.21
N VAL B 440 -62.63 42.11 -1.08
CA VAL B 440 -62.47 43.14 -2.08
C VAL B 440 -61.95 44.42 -1.40
N TRP B 441 -61.17 45.23 -2.12
CA TRP B 441 -60.67 46.49 -1.58
C TRP B 441 -60.92 47.62 -2.55
N TRP B 442 -61.42 48.73 -2.02
CA TRP B 442 -61.79 49.85 -2.85
C TRP B 442 -60.55 50.62 -3.32
N LEU B 443 -60.43 50.76 -4.63
CA LEU B 443 -59.34 51.50 -5.22
C LEU B 443 -59.89 52.73 -5.97
N PRO B 444 -59.07 53.79 -6.12
CA PRO B 444 -59.63 55.03 -6.65
C PRO B 444 -59.53 55.17 -8.16
N ILE B 445 -60.49 55.83 -8.78
CA ILE B 445 -60.35 56.21 -10.17
C ILE B 445 -59.76 57.62 -10.17
N ILE B 446 -58.46 57.71 -10.40
CA ILE B 446 -57.75 58.97 -10.29
C ILE B 446 -57.85 59.75 -11.59
N ASN B 447 -58.63 60.82 -11.58
CA ASN B 447 -58.96 61.52 -12.82
C ASN B 447 -57.79 62.27 -13.45
N GLU B 448 -56.75 62.55 -12.68
CA GLU B 448 -55.61 63.27 -13.22
C GLU B 448 -55.00 62.49 -14.40
N TYR B 449 -55.17 61.18 -14.38
CA TYR B 449 -54.59 60.34 -15.43
C TYR B 449 -55.42 60.33 -16.71
N ARG B 450 -56.57 61.01 -16.72
CA ARG B 450 -57.48 60.92 -17.85
C ARG B 450 -56.87 61.50 -19.14
N ALA B 451 -56.08 62.55 -19.00
CA ALA B 451 -55.50 63.22 -20.16
C ALA B 451 -54.47 62.35 -20.87
N THR B 452 -53.92 61.35 -20.18
CA THR B 452 -52.98 60.46 -20.85
C THR B 452 -53.72 59.49 -21.79
N LEU B 453 -55.06 59.50 -21.75
CA LEU B 453 -55.84 58.71 -22.70
C LEU B 453 -56.27 59.55 -23.88
N ASN B 454 -55.86 60.82 -23.90
CA ASN B 454 -56.18 61.64 -25.06
C ASN B 454 -55.39 61.19 -26.29
N SER B 455 -56.11 61.04 -27.40
CA SER B 455 -55.53 60.57 -28.64
C SER B 455 -55.44 61.75 -29.59
N LYS B 456 -54.42 61.77 -30.40
CA LYS B 456 -54.27 62.80 -31.43
C LYS B 456 -55.30 62.63 -32.54
N TYR B 457 -55.65 61.40 -32.87
CA TYR B 457 -56.50 61.17 -34.03
C TYR B 457 -57.91 60.63 -33.69
N ALA B 458 -58.00 59.71 -32.74
CA ALA B 458 -59.29 59.16 -32.34
C ALA B 458 -59.92 59.99 -31.23
N ASP B 459 -61.13 59.63 -30.84
CA ASP B 459 -61.77 60.26 -29.68
C ASP B 459 -60.96 59.97 -28.41
N ILE B 460 -60.44 58.75 -28.27
CA ILE B 460 -59.75 58.37 -27.05
C ILE B 460 -58.71 57.28 -27.32
N ASN B 461 -57.67 57.23 -26.49
CA ASN B 461 -56.68 56.17 -26.52
C ASN B 461 -57.15 54.98 -25.69
N GLN B 462 -56.86 53.78 -26.19
CA GLN B 462 -57.15 52.55 -25.48
C GLN B 462 -56.29 52.43 -24.22
N ILE B 463 -55.01 52.76 -24.35
CA ILE B 463 -54.07 52.66 -23.24
C ILE B 463 -53.38 54.00 -22.97
N SER B 464 -52.69 54.09 -21.83
CA SER B 464 -51.99 55.33 -21.47
C SER B 464 -50.61 55.41 -22.09
N SER B 465 -50.18 56.65 -22.36
CA SER B 465 -48.86 56.96 -22.84
C SER B 465 -47.82 56.76 -21.74
N SER B 466 -48.10 57.38 -20.59
CA SER B 466 -47.08 57.59 -19.56
C SER B 466 -47.36 56.91 -18.21
N VAL B 467 -48.63 56.69 -17.87
CA VAL B 467 -49.01 56.18 -16.55
C VAL B 467 -48.91 54.65 -16.46
N LYS B 468 -48.16 54.14 -15.48
CA LYS B 468 -48.02 52.68 -15.37
C LYS B 468 -49.04 52.06 -14.40
N ALA B 469 -49.90 52.89 -13.80
CA ALA B 469 -50.96 52.39 -12.95
C ALA B 469 -52.13 51.91 -13.80
N SER B 470 -51.99 50.72 -14.37
CA SER B 470 -52.89 50.31 -15.45
C SER B 470 -54.30 49.87 -14.97
N SER B 471 -54.43 49.41 -13.73
CA SER B 471 -55.74 49.07 -13.18
C SER B 471 -56.63 50.30 -13.13
N ILE B 472 -56.02 51.43 -12.79
CA ILE B 472 -56.70 52.70 -12.74
C ILE B 472 -57.01 53.20 -14.16
N VAL B 473 -55.98 53.27 -15.01
CA VAL B 473 -56.15 53.71 -16.39
C VAL B 473 -57.25 52.95 -17.10
N ALA B 474 -57.25 51.62 -16.94
CA ALA B 474 -58.30 50.77 -17.49
C ALA B 474 -59.68 51.22 -17.01
N SER B 475 -59.82 51.43 -15.70
CA SER B 475 -61.08 51.88 -15.13
C SER B 475 -61.53 53.23 -15.70
N LEU B 476 -60.58 54.14 -15.87
CA LEU B 476 -60.83 55.43 -16.50
C LEU B 476 -61.37 55.26 -17.91
N PHE B 477 -60.83 54.29 -18.63
CA PHE B 477 -61.30 54.01 -19.98
C PHE B 477 -62.74 53.48 -19.97
N LEU B 478 -63.02 52.50 -19.11
CA LEU B 478 -64.36 51.92 -19.00
C LEU B 478 -65.39 52.99 -18.63
N LYS B 479 -65.04 53.82 -17.65
CA LYS B 479 -65.91 54.91 -17.17
C LYS B 479 -66.43 55.83 -18.29
N GLU B 480 -65.68 55.92 -19.39
CA GLU B 480 -66.08 56.69 -20.56
C GLU B 480 -67.29 56.09 -21.28
N PHE B 481 -67.62 54.84 -20.98
CA PHE B 481 -68.67 54.13 -21.72
C PHE B 481 -69.90 53.90 -20.85
N VAL B 482 -69.94 54.60 -19.71
CA VAL B 482 -71.14 54.67 -18.87
C VAL B 482 -71.51 56.12 -18.64
N GLN B 483 -72.69 56.51 -19.11
CA GLN B 483 -73.06 57.92 -19.19
C GLN B 483 -73.79 58.46 -17.97
N ASN B 484 -74.65 57.65 -17.36
CA ASN B 484 -75.51 58.16 -16.31
C ASN B 484 -76.07 57.08 -15.42
N THR B 485 -75.26 56.08 -15.13
CA THR B 485 -75.72 54.95 -14.35
C THR B 485 -74.65 54.62 -13.34
N ALA B 486 -75.09 54.31 -12.12
CA ALA B 486 -74.18 53.83 -11.10
C ALA B 486 -73.42 52.63 -11.65
N TRP B 487 -72.09 52.67 -11.60
CA TRP B 487 -71.30 51.56 -12.16
C TRP B 487 -70.13 51.25 -11.25
N ALA B 488 -69.85 49.96 -11.12
CA ALA B 488 -68.67 49.50 -10.44
C ALA B 488 -68.00 48.40 -11.24
N HIS B 489 -66.69 48.29 -11.06
CA HIS B 489 -65.86 47.41 -11.85
C HIS B 489 -64.97 46.64 -10.88
N ILE B 490 -64.96 45.32 -10.98
CA ILE B 490 -64.17 44.52 -10.07
C ILE B 490 -63.05 43.80 -10.81
N ASP B 491 -61.79 44.11 -10.48
CA ASP B 491 -60.69 43.50 -11.20
C ASP B 491 -60.20 42.27 -10.47
N ILE B 492 -60.42 41.11 -11.07
CA ILE B 492 -60.07 39.86 -10.43
C ILE B 492 -58.84 39.20 -11.05
N ALA B 493 -58.06 39.97 -11.81
CA ALA B 493 -56.88 39.41 -12.47
C ALA B 493 -55.93 38.74 -11.47
N GLY B 494 -55.73 39.37 -10.31
CA GLY B 494 -54.85 38.83 -9.29
C GLY B 494 -55.40 37.65 -8.50
N VAL B 495 -56.72 37.58 -8.32
CA VAL B 495 -57.26 36.56 -7.42
C VAL B 495 -57.88 35.37 -8.11
N SER B 496 -58.10 35.46 -9.42
CA SER B 496 -58.93 34.48 -10.09
C SER B 496 -58.30 33.09 -10.10
N TRP B 497 -57.01 33.02 -10.38
CA TRP B 497 -56.30 31.75 -10.35
C TRP B 497 -55.60 31.49 -9.03
N ASN B 498 -55.75 30.28 -8.52
CA ASN B 498 -55.02 29.85 -7.34
C ASN B 498 -53.69 29.24 -7.77
N PHE B 499 -52.61 30.00 -7.72
CA PHE B 499 -51.31 29.53 -8.20
C PHE B 499 -50.72 28.40 -7.36
N LYS B 500 -50.99 28.38 -6.06
CA LYS B 500 -50.50 27.30 -5.21
C LYS B 500 -51.23 25.99 -5.52
N ALA B 501 -52.56 26.03 -5.53
CA ALA B 501 -53.35 24.83 -5.78
C ALA B 501 -53.44 24.48 -7.28
N ARG B 502 -52.97 25.37 -8.15
CA ARG B 502 -53.06 25.18 -9.61
C ARG B 502 -54.50 24.98 -10.09
N LYS B 503 -55.43 25.76 -9.57
CA LYS B 503 -56.83 25.64 -9.97
C LYS B 503 -57.56 26.96 -9.82
N PRO B 504 -58.69 27.14 -10.52
CA PRO B 504 -59.45 28.38 -10.32
C PRO B 504 -59.97 28.51 -8.90
N LYS B 505 -60.41 29.70 -8.51
CA LYS B 505 -61.07 29.87 -7.22
C LYS B 505 -62.56 30.01 -7.43
N GLY B 506 -62.96 30.26 -8.68
CA GLY B 506 -64.34 30.60 -8.97
C GLY B 506 -64.72 31.88 -8.27
N PHE B 507 -63.72 32.73 -8.02
CA PHE B 507 -63.90 33.99 -7.30
C PHE B 507 -64.98 34.85 -7.91
N GLY B 508 -65.89 35.33 -7.08
CA GLY B 508 -66.85 36.32 -7.52
C GLY B 508 -68.30 35.85 -7.57
N VAL B 509 -68.49 34.55 -7.72
CA VAL B 509 -69.83 33.97 -7.75
C VAL B 509 -70.61 34.36 -6.48
N ARG B 510 -70.02 34.08 -5.33
CA ARG B 510 -70.70 34.33 -4.07
C ARG B 510 -70.86 35.82 -3.82
N LEU B 511 -69.85 36.60 -4.19
CA LEU B 511 -69.90 38.03 -3.99
C LEU B 511 -71.06 38.62 -4.78
N LEU B 512 -71.17 38.25 -6.05
CA LEU B 512 -72.19 38.83 -6.91
C LEU B 512 -73.59 38.37 -6.50
N THR B 513 -73.70 37.14 -6.00
CA THR B 513 -74.99 36.66 -5.54
C THR B 513 -75.44 37.38 -4.26
N GLU B 514 -74.54 37.48 -3.28
CA GLU B 514 -74.81 38.25 -2.08
C GLU B 514 -75.18 39.70 -2.42
N PHE B 515 -74.54 40.25 -3.43
CA PHE B 515 -74.89 41.59 -3.88
C PHE B 515 -76.35 41.66 -4.30
N VAL B 516 -76.75 40.65 -5.07
CA VAL B 516 -78.05 40.61 -5.72
C VAL B 516 -79.17 40.34 -4.71
N LEU B 517 -78.90 39.45 -3.76
CA LEU B 517 -79.91 39.00 -2.80
C LEU B 517 -80.22 40.08 -1.77
N ASN B 518 -79.24 40.93 -1.50
CA ASN B 518 -79.45 42.00 -0.53
C ASN B 518 -79.63 43.35 -1.23
N SER C 2 -59.70 46.14 -56.78
CA SER C 2 -60.38 47.37 -56.34
C SER C 2 -61.31 47.19 -55.16
N GLU C 3 -61.98 46.05 -55.03
CA GLU C 3 -62.84 45.85 -53.86
C GLU C 3 -62.00 45.50 -52.63
N VAL C 4 -62.23 46.21 -51.54
CA VAL C 4 -61.48 45.97 -50.31
C VAL C 4 -62.12 44.85 -49.50
N PRO C 5 -61.37 43.79 -49.23
CA PRO C 5 -61.97 42.68 -48.47
C PRO C 5 -62.16 43.06 -46.98
N GLN C 6 -63.19 42.53 -46.33
CA GLN C 6 -63.45 42.80 -44.92
C GLN C 6 -63.61 41.51 -44.14
N VAL C 7 -63.39 41.58 -42.82
CA VAL C 7 -63.62 40.44 -41.95
C VAL C 7 -65.03 40.55 -41.40
N VAL C 8 -65.41 41.77 -41.06
CA VAL C 8 -66.76 42.08 -40.61
C VAL C 8 -67.23 43.33 -41.33
N SER C 9 -68.54 43.52 -41.40
CA SER C 9 -69.08 44.65 -42.16
C SER C 9 -68.66 46.03 -41.59
N LEU C 10 -68.20 46.09 -40.34
CA LEU C 10 -67.74 47.36 -39.78
C LEU C 10 -66.31 47.74 -40.22
N ASP C 11 -65.60 46.84 -40.92
CA ASP C 11 -64.28 47.15 -41.48
C ASP C 11 -64.38 48.20 -42.58
N PRO C 12 -63.55 49.25 -42.52
CA PRO C 12 -63.56 50.31 -43.53
C PRO C 12 -63.16 49.82 -44.92
N THR C 13 -63.74 50.40 -45.96
CA THR C 13 -63.43 50.00 -47.32
C THR C 13 -62.73 51.11 -48.10
N SER C 14 -62.43 52.22 -47.43
CA SER C 14 -61.62 53.25 -48.06
C SER C 14 -60.92 54.12 -47.03
N ILE C 15 -59.87 54.80 -47.46
CA ILE C 15 -59.20 55.80 -46.65
C ILE C 15 -59.97 57.11 -46.73
N PRO C 16 -60.39 57.67 -45.59
CA PRO C 16 -61.04 58.97 -45.70
C PRO C 16 -59.99 60.04 -46.06
N ILE C 17 -60.24 60.81 -47.11
CA ILE C 17 -59.28 61.80 -47.59
C ILE C 17 -59.94 63.18 -47.75
N GLU C 18 -59.29 64.20 -47.20
CA GLU C 18 -59.76 65.55 -47.36
C GLU C 18 -58.93 66.26 -48.43
N TYR C 19 -59.60 66.75 -49.49
CA TYR C 19 -58.91 67.49 -50.56
C TYR C 19 -59.13 68.98 -50.38
N ASN C 20 -60.38 69.39 -50.23
CA ASN C 20 -60.68 70.79 -50.02
C ASN C 20 -60.61 71.11 -48.54
N THR C 21 -59.43 71.53 -48.10
CA THR C 21 -59.16 71.79 -46.70
C THR C 21 -59.44 73.26 -46.37
N PRO C 22 -59.64 73.56 -45.08
CA PRO C 22 -59.85 74.96 -44.70
C PRO C 22 -58.69 75.86 -45.12
N ILE C 23 -57.49 75.31 -45.25
CA ILE C 23 -56.36 76.12 -45.69
C ILE C 23 -56.63 76.65 -47.11
N HIS C 24 -57.34 75.86 -47.91
CA HIS C 24 -57.59 76.25 -49.30
C HIS C 24 -58.53 77.44 -49.42
N ASP C 25 -59.42 77.62 -48.46
CA ASP C 25 -60.32 78.77 -48.46
C ASP C 25 -59.67 80.06 -47.94
N ILE C 26 -58.37 80.05 -47.70
CA ILE C 26 -57.77 81.27 -47.15
C ILE C 26 -57.30 82.19 -48.26
N LYS C 27 -57.93 83.36 -48.34
CA LYS C 27 -57.49 84.40 -49.27
C LYS C 27 -56.17 85.01 -48.79
N VAL C 28 -55.15 84.92 -49.64
CA VAL C 28 -53.83 85.41 -49.30
C VAL C 28 -53.43 86.60 -50.17
N GLN C 29 -53.06 87.71 -49.53
CA GLN C 29 -52.61 88.92 -50.23
C GLN C 29 -51.21 89.27 -49.77
N VAL C 30 -50.34 89.61 -50.71
CA VAL C 30 -49.01 90.09 -50.37
C VAL C 30 -48.88 91.57 -50.68
N TYR C 31 -48.46 92.34 -49.68
CA TYR C 31 -48.27 93.76 -49.86
C TYR C 31 -46.81 94.14 -49.62
N ASP C 32 -46.37 95.20 -50.27
CA ASP C 32 -45.01 95.70 -50.08
C ASP C 32 -44.91 96.54 -48.82
N ILE C 33 -43.92 96.23 -47.99
CA ILE C 33 -43.80 96.88 -46.68
C ILE C 33 -43.55 98.39 -46.76
N LYS C 34 -43.02 98.87 -47.87
CA LYS C 34 -42.67 100.28 -47.96
C LYS C 34 -43.94 101.14 -48.09
N GLY C 35 -45.07 100.51 -48.41
CA GLY C 35 -46.33 101.22 -48.47
C GLY C 35 -46.93 101.47 -47.08
N GLY C 36 -46.34 100.86 -46.05
CA GLY C 36 -46.85 100.96 -44.70
C GLY C 36 -48.00 100.01 -44.37
N CYS C 37 -47.98 99.44 -43.16
CA CYS C 37 -49.00 98.47 -42.74
C CYS C 37 -50.33 99.10 -42.38
N ASN C 38 -51.42 98.55 -42.90
CA ASN C 38 -52.73 98.92 -42.37
C ASN C 38 -53.07 97.90 -41.29
N VAL C 39 -53.67 98.39 -40.21
CA VAL C 39 -54.10 97.54 -39.11
C VAL C 39 -55.56 97.82 -38.82
N GLU C 40 -56.43 97.00 -39.39
CA GLU C 40 -57.87 97.22 -39.28
C GLU C 40 -58.57 96.12 -38.48
N GLU C 41 -58.12 94.88 -38.63
CA GLU C 41 -58.87 93.76 -38.05
C GLU C 41 -57.98 92.61 -37.56
N GLY C 42 -58.64 91.54 -37.11
CA GLY C 42 -58.07 90.57 -36.19
C GLY C 42 -56.63 90.12 -36.29
N LEU C 43 -55.76 90.64 -35.43
CA LEU C 43 -54.40 90.09 -35.24
C LEU C 43 -53.37 90.34 -36.35
N THR C 44 -52.46 91.25 -36.02
CA THR C 44 -51.34 91.60 -36.85
C THR C 44 -50.05 91.31 -36.11
N ILE C 45 -49.27 90.37 -36.64
CA ILE C 45 -48.04 89.92 -35.98
C ILE C 45 -46.76 90.38 -36.68
N PHE C 46 -45.89 91.03 -35.91
CA PHE C 46 -44.61 91.44 -36.44
C PHE C 46 -43.56 90.36 -36.18
N LEU C 47 -42.87 89.93 -37.24
CA LEU C 47 -41.72 89.05 -37.09
C LEU C 47 -40.48 89.92 -36.91
N VAL C 48 -39.94 89.93 -35.70
CA VAL C 48 -38.88 90.87 -35.38
C VAL C 48 -37.66 90.20 -34.75
N ASN C 49 -36.48 90.71 -35.12
CA ASN C 49 -35.24 90.24 -34.52
C ASN C 49 -34.45 91.43 -34.00
N ASN C 50 -33.20 91.16 -33.61
CA ASN C 50 -32.29 92.19 -33.11
C ASN C 50 -30.89 91.62 -33.16
N PRO C 51 -30.18 91.87 -34.27
CA PRO C 51 -28.87 91.25 -34.52
C PRO C 51 -27.80 91.73 -33.55
N GLY C 52 -26.98 90.80 -33.08
CA GLY C 52 -25.93 91.10 -32.12
C GLY C 52 -26.44 91.00 -30.70
N LYS C 53 -27.23 91.99 -30.28
CA LYS C 53 -27.80 92.01 -28.94
C LYS C 53 -28.71 90.80 -28.69
N GLU C 54 -28.16 89.78 -28.02
CA GLU C 54 -28.92 88.58 -27.68
C GLU C 54 -29.98 88.87 -26.63
N ASN C 55 -31.19 88.37 -26.85
CA ASN C 55 -32.37 88.73 -26.06
C ASN C 55 -32.56 90.24 -26.03
N GLY C 56 -32.27 90.88 -27.16
CA GLY C 56 -32.34 92.33 -27.25
C GLY C 56 -33.77 92.81 -27.29
N PRO C 57 -33.97 94.13 -27.19
CA PRO C 57 -35.32 94.70 -27.16
C PRO C 57 -36.06 94.58 -28.48
N VAL C 58 -37.39 94.57 -28.40
CA VAL C 58 -38.23 94.67 -29.58
C VAL C 58 -38.24 96.11 -30.06
N LYS C 59 -38.05 96.30 -31.36
CA LYS C 59 -38.26 97.58 -32.01
C LYS C 59 -39.01 97.33 -33.32
N ILE C 60 -40.14 98.00 -33.51
CA ILE C 60 -40.90 97.84 -34.75
C ILE C 60 -40.43 98.87 -35.77
N SER C 61 -39.75 98.39 -36.80
CA SER C 61 -39.16 99.28 -37.79
C SER C 61 -40.16 99.72 -38.86
N SER C 62 -41.22 98.95 -39.06
CA SER C 62 -42.18 99.23 -40.12
C SER C 62 -42.88 100.56 -39.95
N LYS C 63 -43.30 101.14 -41.06
CA LYS C 63 -44.20 102.26 -41.00
C LYS C 63 -45.62 101.73 -40.84
N VAL C 64 -46.29 102.12 -39.76
CA VAL C 64 -47.67 101.68 -39.56
C VAL C 64 -48.58 102.86 -39.82
N ASN C 65 -49.53 102.67 -40.72
CA ASN C 65 -50.41 103.75 -41.11
C ASN C 65 -51.60 103.87 -40.19
N ASP C 66 -51.33 104.28 -38.96
CA ASP C 66 -52.35 104.46 -37.94
C ASP C 66 -51.76 105.12 -36.69
N LYS C 67 -52.33 106.25 -36.28
CA LYS C 67 -51.77 107.02 -35.17
C LYS C 67 -51.74 106.21 -33.88
N GLN C 68 -52.90 105.69 -33.52
CA GLN C 68 -53.05 104.98 -32.25
C GLN C 68 -52.13 103.78 -32.16
N VAL C 69 -52.09 102.98 -33.22
CA VAL C 69 -51.25 101.79 -33.22
C VAL C 69 -49.77 102.16 -33.24
N SER C 70 -49.39 103.17 -34.02
CA SER C 70 -48.00 103.65 -34.02
C SER C 70 -47.57 104.09 -32.62
N GLU C 71 -48.46 104.81 -31.95
CA GLU C 71 -48.18 105.30 -30.61
C GLU C 71 -47.96 104.12 -29.68
N PHE C 72 -48.71 103.03 -29.90
CA PHE C 72 -48.57 101.87 -29.05
C PHE C 72 -47.22 101.19 -29.28
N LEU C 73 -46.77 101.17 -30.53
CA LEU C 73 -45.56 100.42 -30.90
C LEU C 73 -44.25 101.22 -30.79
N LYS C 74 -44.30 102.40 -30.18
CA LYS C 74 -43.08 103.18 -29.96
C LYS C 74 -42.10 102.40 -29.10
N ASP C 75 -40.81 102.57 -29.39
CA ASP C 75 -39.73 101.87 -28.70
C ASP C 75 -39.87 101.87 -27.19
N GLU C 76 -40.26 103.01 -26.63
CA GLU C 76 -40.42 103.16 -25.19
C GLU C 76 -41.40 102.12 -24.63
N ASN C 77 -42.52 101.95 -25.33
CA ASN C 77 -43.51 100.95 -24.95
C ASN C 77 -42.99 99.53 -25.11
N MET C 78 -42.11 99.33 -26.10
CA MET C 78 -41.73 97.99 -26.53
C MET C 78 -40.46 97.44 -25.91
N GLU C 79 -39.73 98.27 -25.18
CA GLU C 79 -38.40 97.87 -24.70
C GLU C 79 -38.44 96.80 -23.59
N LYS C 80 -39.61 96.64 -22.96
CA LYS C 80 -39.72 95.64 -21.90
C LYS C 80 -39.87 94.24 -22.50
N PHE C 81 -39.98 94.19 -23.81
CA PHE C 81 -40.11 92.93 -24.53
C PHE C 81 -38.82 92.57 -25.29
N ASN C 82 -38.39 91.32 -25.22
CA ASN C 82 -37.22 90.93 -25.99
C ASN C 82 -37.56 89.98 -27.16
N VAL C 83 -36.56 89.67 -27.98
CA VAL C 83 -36.75 88.96 -29.24
C VAL C 83 -36.34 87.50 -29.17
N LYS C 84 -36.10 87.01 -27.97
CA LYS C 84 -35.74 85.61 -27.78
C LYS C 84 -36.59 84.72 -28.70
N LEU C 85 -35.92 83.95 -29.56
CA LEU C 85 -36.59 83.11 -30.55
C LEU C 85 -37.75 82.33 -29.95
N GLY C 86 -38.91 82.41 -30.60
CA GLY C 86 -40.08 81.64 -30.19
C GLY C 86 -40.97 82.37 -29.19
N THR C 87 -40.52 83.56 -28.76
CA THR C 87 -41.27 84.39 -27.82
C THR C 87 -42.35 85.14 -28.56
N SER C 88 -43.52 85.27 -27.95
CA SER C 88 -44.54 86.14 -28.50
C SER C 88 -45.26 86.94 -27.42
N LYS C 89 -45.92 88.02 -27.83
CA LYS C 89 -46.82 88.79 -26.98
C LYS C 89 -48.04 89.20 -27.79
N HIS C 90 -49.17 89.37 -27.11
CA HIS C 90 -50.39 89.93 -27.67
C HIS C 90 -50.62 91.35 -27.14
N PHE C 91 -50.98 92.29 -28.01
CA PHE C 91 -51.34 93.65 -27.62
C PHE C 91 -52.78 93.94 -28.02
N TYR C 92 -53.47 94.79 -27.27
CA TYR C 92 -54.87 95.13 -27.58
C TYR C 92 -55.07 96.64 -27.54
N MET C 93 -55.68 97.21 -28.57
CA MET C 93 -55.86 98.66 -28.66
C MET C 93 -56.96 99.05 -29.66
N PHE C 94 -57.34 100.32 -29.64
CA PHE C 94 -58.26 100.87 -30.64
C PHE C 94 -57.50 101.65 -31.67
N ASN C 95 -57.85 101.48 -32.93
CA ASN C 95 -57.15 102.18 -34.00
C ASN C 95 -57.84 103.50 -34.28
N ASP C 96 -57.51 104.10 -35.42
CA ASP C 96 -58.00 105.43 -35.76
C ASP C 96 -59.50 105.43 -36.03
N ASN C 97 -60.00 104.32 -36.54
CA ASN C 97 -61.43 104.19 -36.80
C ASN C 97 -62.22 103.91 -35.51
N LYS C 98 -61.55 104.06 -34.36
CA LYS C 98 -62.12 103.76 -33.04
C LYS C 98 -62.63 102.31 -32.96
N ASN C 99 -61.94 101.42 -33.66
CA ASN C 99 -62.20 99.98 -33.64
C ASN C 99 -61.14 99.25 -32.81
N SER C 100 -61.58 98.27 -32.03
CA SER C 100 -60.64 97.44 -31.28
C SER C 100 -59.88 96.53 -32.27
N VAL C 101 -58.62 96.28 -31.94
CA VAL C 101 -57.70 95.60 -32.83
C VAL C 101 -56.68 94.78 -32.02
N ALA C 102 -56.19 93.68 -32.57
CA ALA C 102 -55.16 92.89 -31.89
C ALA C 102 -53.81 92.93 -32.64
N VAL C 103 -52.73 93.08 -31.89
CA VAL C 103 -51.41 93.28 -32.45
C VAL C 103 -50.43 92.49 -31.60
N GLY C 104 -49.32 92.03 -32.17
CA GLY C 104 -48.33 91.31 -31.41
C GLY C 104 -47.04 91.11 -32.16
N TYR C 105 -46.14 90.29 -31.63
CA TYR C 105 -44.90 89.99 -32.33
C TYR C 105 -44.46 88.58 -32.00
N VAL C 106 -43.60 88.03 -32.83
CA VAL C 106 -42.93 86.77 -32.51
C VAL C 106 -41.43 86.97 -32.69
N GLY C 107 -40.69 86.67 -31.63
CA GLY C 107 -39.25 86.85 -31.63
C GLY C 107 -38.56 85.89 -32.56
N CYS C 108 -37.67 86.42 -33.40
CA CYS C 108 -36.94 85.61 -34.35
C CYS C 108 -35.45 85.61 -34.02
N GLY C 109 -35.13 85.86 -32.76
CA GLY C 109 -33.78 85.69 -32.25
C GLY C 109 -32.83 86.81 -32.59
N SER C 110 -31.54 86.49 -32.63
CA SER C 110 -30.49 87.49 -32.86
C SER C 110 -29.67 87.21 -34.10
N VAL C 111 -29.62 85.94 -34.52
CA VAL C 111 -28.97 85.57 -35.77
C VAL C 111 -29.77 86.07 -36.96
N ALA C 112 -29.12 86.80 -37.87
CA ALA C 112 -29.82 87.40 -39.00
C ALA C 112 -30.29 86.34 -40.01
N ASP C 113 -29.66 85.18 -40.00
CA ASP C 113 -30.07 84.10 -40.88
C ASP C 113 -30.69 82.95 -40.10
N LEU C 114 -32.02 82.82 -40.20
CA LEU C 114 -32.75 81.76 -39.52
C LEU C 114 -32.58 80.41 -40.21
N SER C 115 -32.24 79.38 -39.44
CA SER C 115 -32.24 78.03 -39.98
C SER C 115 -33.67 77.58 -40.25
N GLU C 116 -33.84 76.39 -40.81
CA GLU C 116 -35.19 75.89 -41.06
C GLU C 116 -35.79 75.39 -39.73
N ALA C 117 -34.92 75.04 -38.78
CA ALA C 117 -35.38 74.62 -37.47
C ALA C 117 -35.81 75.85 -36.69
N ASP C 118 -35.11 76.95 -36.91
CA ASP C 118 -35.48 78.22 -36.29
C ASP C 118 -36.80 78.75 -36.81
N MET C 119 -36.94 78.79 -38.13
CA MET C 119 -38.17 79.23 -38.77
C MET C 119 -39.36 78.38 -38.34
N LYS C 120 -39.13 77.09 -38.15
CA LYS C 120 -40.17 76.19 -37.69
C LYS C 120 -40.62 76.60 -36.26
N ARG C 121 -39.67 76.86 -35.38
CA ARG C 121 -39.98 77.35 -34.04
C ARG C 121 -40.80 78.64 -34.10
N VAL C 122 -40.53 79.47 -35.11
CA VAL C 122 -41.27 80.71 -35.28
C VAL C 122 -42.73 80.45 -35.69
N VAL C 123 -42.93 79.57 -36.66
CA VAL C 123 -44.27 79.26 -37.15
C VAL C 123 -45.10 78.61 -36.02
N LEU C 124 -44.47 77.72 -35.28
CA LEU C 124 -45.11 77.08 -34.15
C LEU C 124 -45.61 78.14 -33.16
N SER C 125 -44.79 79.16 -32.90
CA SER C 125 -45.21 80.21 -31.97
C SER C 125 -46.42 80.95 -32.50
N LEU C 126 -46.33 81.40 -33.74
CA LEU C 126 -47.43 81.99 -34.47
C LEU C 126 -48.72 81.15 -34.39
N VAL C 127 -48.59 79.85 -34.61
CA VAL C 127 -49.75 78.97 -34.63
C VAL C 127 -50.46 78.93 -33.26
N THR C 128 -49.70 78.98 -32.17
CA THR C 128 -50.32 79.00 -30.84
C THR C 128 -51.16 80.26 -30.66
N MET C 129 -50.78 81.33 -31.35
CA MET C 129 -51.58 82.54 -31.28
C MET C 129 -52.87 82.42 -32.10
N LEU C 130 -52.95 81.42 -32.98
CA LEU C 130 -54.13 81.22 -33.81
C LEU C 130 -55.10 80.25 -33.16
N HIS C 131 -54.55 79.30 -32.42
CA HIS C 131 -55.36 78.34 -31.70
C HIS C 131 -56.03 79.02 -30.51
N ASP C 132 -57.21 78.54 -30.15
CA ASP C 132 -57.95 79.08 -28.98
C ASP C 132 -58.23 80.58 -29.10
N ASN C 133 -58.31 81.06 -30.33
CA ASN C 133 -58.68 82.44 -30.59
C ASN C 133 -59.45 82.51 -31.90
N LYS C 134 -60.73 82.86 -31.83
CA LYS C 134 -61.54 82.94 -33.03
C LYS C 134 -61.27 84.24 -33.79
N LEU C 135 -60.40 84.13 -34.81
CA LEU C 135 -60.00 85.25 -35.67
C LEU C 135 -60.45 84.96 -37.09
N SER C 136 -60.73 85.99 -37.87
CA SER C 136 -61.12 85.78 -39.26
C SER C 136 -60.01 86.18 -40.24
N LYS C 137 -59.04 86.95 -39.76
CA LYS C 137 -57.94 87.41 -40.61
C LYS C 137 -56.61 87.35 -39.85
N LEU C 138 -55.53 86.99 -40.52
CA LEU C 138 -54.20 87.13 -39.92
C LEU C 138 -53.35 87.96 -40.86
N THR C 139 -52.54 88.85 -40.31
CA THR C 139 -51.55 89.56 -41.11
C THR C 139 -50.20 89.42 -40.46
N VAL C 140 -49.20 89.15 -41.28
CA VAL C 140 -47.85 88.91 -40.81
C VAL C 140 -46.94 89.95 -41.44
N VAL C 141 -46.23 90.72 -40.61
CA VAL C 141 -45.31 91.72 -41.12
C VAL C 141 -43.87 91.27 -40.95
N PHE C 142 -43.20 91.03 -42.07
CA PHE C 142 -41.81 90.55 -42.08
C PHE C 142 -40.82 91.69 -41.83
N GLU C 143 -40.11 91.61 -40.71
CA GLU C 143 -39.10 92.59 -40.37
C GLU C 143 -37.79 91.87 -40.13
N ILE C 144 -37.74 90.66 -40.68
CA ILE C 144 -36.52 89.89 -40.78
C ILE C 144 -36.23 89.77 -42.26
N ASN C 145 -35.06 89.28 -42.63
CA ASN C 145 -34.78 89.03 -44.04
C ASN C 145 -34.94 87.55 -44.31
N VAL C 146 -35.63 87.23 -45.39
CA VAL C 146 -35.77 85.85 -45.82
C VAL C 146 -35.62 85.79 -47.34
N ASP C 147 -34.93 84.77 -47.85
CA ASP C 147 -34.92 84.56 -49.31
C ASP C 147 -36.25 83.95 -49.76
N LYS C 148 -36.43 83.77 -51.06
CA LYS C 148 -37.70 83.30 -51.60
C LYS C 148 -38.03 81.87 -51.13
N ASN C 149 -37.02 81.04 -50.92
CA ASN C 149 -37.24 79.67 -50.50
C ASN C 149 -37.65 79.58 -49.04
N LEU C 150 -37.14 80.51 -48.24
CA LEU C 150 -37.47 80.47 -46.83
C LEU C 150 -38.88 81.03 -46.63
N PHE C 151 -39.23 82.03 -47.43
CA PHE C 151 -40.57 82.60 -47.38
C PHE C 151 -41.59 81.52 -47.72
N ARG C 152 -41.32 80.76 -48.77
CA ARG C 152 -42.22 79.68 -49.16
C ARG C 152 -42.33 78.66 -48.02
N PHE C 153 -41.19 78.38 -47.41
CA PHE C 153 -41.12 77.41 -46.35
C PHE C 153 -41.94 77.90 -45.15
N PHE C 154 -41.89 79.20 -44.89
CA PHE C 154 -42.70 79.78 -43.84
C PHE C 154 -44.19 79.48 -44.08
N LEU C 155 -44.65 79.71 -45.30
CA LEU C 155 -46.06 79.50 -45.61
C LEU C 155 -46.43 78.02 -45.54
N GLU C 156 -45.68 77.17 -46.25
CA GLU C 156 -45.88 75.71 -46.21
C GLU C 156 -46.08 75.23 -44.79
N THR C 157 -45.23 75.75 -43.90
CA THR C 157 -45.21 75.29 -42.52
C THR C 157 -46.35 75.89 -41.70
N LEU C 158 -46.61 77.17 -41.92
CA LEU C 158 -47.78 77.80 -41.34
C LEU C 158 -49.02 76.98 -41.73
N PHE C 159 -49.21 76.73 -43.02
CA PHE C 159 -50.35 75.96 -43.51
C PHE C 159 -50.42 74.57 -42.87
N TYR C 160 -49.33 73.82 -42.96
CA TYR C 160 -49.29 72.47 -42.44
C TYR C 160 -49.57 72.38 -40.94
N GLU C 161 -48.91 73.22 -40.14
CA GLU C 161 -49.07 73.19 -38.68
C GLU C 161 -50.43 73.69 -38.21
N TYR C 162 -51.07 74.53 -39.01
CA TYR C 162 -52.37 75.10 -38.71
C TYR C 162 -53.49 74.09 -38.94
N MET C 163 -53.34 73.32 -40.00
CA MET C 163 -54.33 72.33 -40.37
C MET C 163 -54.40 71.28 -39.27
N THR C 164 -55.62 70.92 -38.89
CA THR C 164 -55.80 69.93 -37.85
C THR C 164 -56.59 68.77 -38.41
N ASP C 165 -56.02 67.57 -38.30
CA ASP C 165 -56.60 66.38 -38.91
C ASP C 165 -57.66 65.75 -38.00
N GLU C 166 -58.93 65.88 -38.39
CA GLU C 166 -60.04 65.37 -37.59
C GLU C 166 -60.87 64.29 -38.27
N ARG C 167 -60.29 63.60 -39.26
CA ARG C 167 -61.01 62.55 -39.98
C ARG C 167 -61.49 61.40 -39.11
N PHE C 168 -60.80 61.17 -37.99
CA PHE C 168 -61.13 60.01 -37.17
C PHE C 168 -61.72 60.40 -35.83
N LYS C 169 -61.91 61.71 -35.61
CA LYS C 169 -62.67 62.21 -34.47
C LYS C 169 -64.16 61.98 -34.75
N SER C 170 -64.94 61.79 -33.69
CA SER C 170 -66.35 61.50 -33.82
C SER C 170 -67.16 62.20 -32.75
N THR C 171 -67.15 61.65 -31.54
CA THR C 171 -67.77 62.30 -30.39
C THR C 171 -66.84 63.35 -29.75
N ASP C 172 -65.73 63.66 -30.43
CA ASP C 172 -64.71 64.50 -29.81
C ASP C 172 -64.00 65.45 -30.81
N LYS C 173 -64.73 65.91 -31.82
CA LYS C 173 -64.24 67.02 -32.64
C LYS C 173 -64.05 68.25 -31.74
N ASN C 174 -63.11 69.11 -32.10
CA ASN C 174 -62.92 70.36 -31.35
C ASN C 174 -64.01 71.39 -31.69
N VAL C 175 -64.90 71.62 -30.72
CA VAL C 175 -66.03 72.53 -30.87
C VAL C 175 -65.64 73.97 -31.17
N ASN C 176 -64.41 74.35 -30.84
CA ASN C 176 -63.95 75.72 -30.97
C ASN C 176 -62.97 75.99 -32.14
N MET C 177 -62.69 74.96 -32.94
CA MET C 177 -61.82 75.12 -34.11
C MET C 177 -62.43 76.06 -35.16
N GLU C 178 -61.80 77.22 -35.35
CA GLU C 178 -62.18 78.13 -36.42
C GLU C 178 -60.95 78.54 -37.20
N TYR C 179 -61.03 78.51 -38.52
CA TYR C 179 -59.89 78.93 -39.34
C TYR C 179 -60.09 80.34 -39.85
N ILE C 180 -59.01 81.13 -39.85
CA ILE C 180 -58.99 82.41 -40.54
C ILE C 180 -59.41 82.25 -42.00
N LYS C 181 -59.96 83.31 -42.58
CA LYS C 181 -60.38 83.31 -43.97
C LYS C 181 -59.43 84.16 -44.80
N HIS C 182 -58.61 84.97 -44.13
CA HIS C 182 -57.74 85.91 -44.81
C HIS C 182 -56.35 85.92 -44.23
N LEU C 183 -55.35 85.92 -45.10
CA LEU C 183 -53.96 86.05 -44.69
C LEU C 183 -53.32 87.21 -45.44
N GLY C 184 -52.84 88.20 -44.71
CA GLY C 184 -52.13 89.31 -45.30
C GLY C 184 -50.66 89.20 -44.98
N VAL C 185 -49.80 89.40 -45.97
CA VAL C 185 -48.37 89.44 -45.71
C VAL C 185 -47.73 90.73 -46.21
N TYR C 186 -47.03 91.39 -45.31
CA TYR C 186 -46.25 92.55 -45.68
C TYR C 186 -44.80 92.15 -45.68
N ILE C 187 -44.08 92.51 -46.74
CA ILE C 187 -42.69 92.11 -46.88
C ILE C 187 -41.98 93.05 -47.85
N ASN C 188 -40.67 93.20 -47.67
CA ASN C 188 -39.88 94.04 -48.57
C ASN C 188 -39.70 93.36 -49.93
N ASN C 189 -39.79 94.15 -51.00
CA ASN C 189 -39.67 93.69 -52.39
C ASN C 189 -40.70 92.61 -52.72
N ALA C 190 -41.96 92.93 -52.46
CA ALA C 190 -43.03 91.93 -52.34
C ALA C 190 -43.41 91.16 -53.60
N ASP C 191 -43.45 91.82 -54.77
CA ASP C 191 -44.01 91.17 -55.94
C ASP C 191 -43.05 90.11 -56.47
N THR C 192 -41.83 90.10 -55.94
CA THR C 192 -40.91 89.00 -56.13
C THR C 192 -41.40 87.75 -55.39
N TYR C 193 -41.94 87.96 -54.19
CA TYR C 193 -42.40 86.88 -53.35
C TYR C 193 -43.76 86.34 -53.76
N LYS C 194 -44.50 87.09 -54.55
CA LYS C 194 -45.91 86.77 -54.78
C LYS C 194 -46.13 85.38 -55.35
N GLU C 195 -45.24 84.95 -56.25
CA GLU C 195 -45.42 83.67 -56.92
C GLU C 195 -45.09 82.47 -56.01
N GLU C 196 -44.48 82.75 -54.87
CA GLU C 196 -44.22 81.70 -53.88
C GLU C 196 -45.51 81.26 -53.19
N VAL C 197 -46.52 82.13 -53.18
CA VAL C 197 -47.70 81.88 -52.37
C VAL C 197 -48.42 80.62 -52.82
N GLU C 198 -48.77 80.54 -54.09
CA GLU C 198 -49.54 79.39 -54.54
C GLU C 198 -48.68 78.13 -54.67
N LYS C 199 -47.39 78.30 -54.94
CA LYS C 199 -46.49 77.16 -54.88
C LYS C 199 -46.49 76.59 -53.48
N ALA C 200 -46.42 77.47 -52.48
CA ALA C 200 -46.53 77.06 -51.08
C ALA C 200 -47.81 76.29 -50.84
N ARG C 201 -48.91 76.73 -51.43
CA ARG C 201 -50.19 76.09 -51.21
C ARG C 201 -50.17 74.67 -51.80
N VAL C 202 -49.54 74.53 -52.95
CA VAL C 202 -49.36 73.22 -53.57
C VAL C 202 -48.47 72.31 -52.72
N TYR C 203 -47.30 72.83 -52.31
CA TYR C 203 -46.40 72.06 -51.46
C TYR C 203 -47.07 71.68 -50.14
N TYR C 204 -47.89 72.58 -49.61
CA TYR C 204 -48.63 72.31 -48.39
C TYR C 204 -49.49 71.05 -48.56
N PHE C 205 -50.29 71.01 -49.61
CA PHE C 205 -51.22 69.89 -49.73
C PHE C 205 -50.53 68.57 -50.02
N GLY C 206 -49.50 68.58 -50.86
CA GLY C 206 -48.74 67.36 -51.10
C GLY C 206 -48.32 66.76 -49.77
N THR C 207 -47.77 67.59 -48.91
CA THR C 207 -47.32 67.16 -47.61
C THR C 207 -48.49 66.68 -46.75
N TYR C 208 -49.58 67.44 -46.75
CA TYR C 208 -50.74 67.08 -45.95
C TYR C 208 -51.41 65.79 -46.48
N TYR C 209 -51.46 65.63 -47.79
CA TYR C 209 -51.99 64.42 -48.40
C TYR C 209 -51.18 63.21 -47.97
N ALA C 210 -49.86 63.32 -48.06
CA ALA C 210 -48.95 62.27 -47.63
C ALA C 210 -49.21 61.94 -46.17
N SER C 211 -49.35 63.01 -45.40
CA SER C 211 -49.52 62.93 -43.96
C SER C 211 -50.82 62.20 -43.62
N GLN C 212 -51.83 62.46 -44.45
CA GLN C 212 -53.16 61.89 -44.29
C GLN C 212 -53.17 60.39 -44.52
N LEU C 213 -52.39 59.92 -45.50
CA LEU C 213 -52.24 58.48 -45.72
C LEU C 213 -51.42 57.82 -44.62
N ILE C 214 -50.41 58.53 -44.14
CA ILE C 214 -49.53 57.93 -43.15
C ILE C 214 -50.29 57.77 -41.82
N ALA C 215 -50.91 58.84 -41.35
CA ALA C 215 -51.67 58.81 -40.09
C ALA C 215 -52.83 57.82 -40.12
N ALA C 216 -53.46 57.63 -41.28
CA ALA C 216 -54.55 56.66 -41.42
C ALA C 216 -54.09 55.28 -40.96
N PRO C 217 -54.81 54.68 -40.02
CA PRO C 217 -54.43 53.39 -39.45
C PRO C 217 -54.53 52.22 -40.44
N SER C 218 -53.87 51.13 -40.12
CA SER C 218 -53.79 50.00 -41.03
C SER C 218 -55.12 49.31 -41.35
N ASN C 219 -56.16 49.48 -40.52
CA ASN C 219 -57.45 48.94 -40.93
C ASN C 219 -58.08 49.81 -42.01
N TYR C 220 -57.73 51.09 -42.07
CA TYR C 220 -58.22 51.99 -43.12
C TYR C 220 -57.31 51.98 -44.35
N CYS C 221 -56.02 52.00 -44.09
CA CYS C 221 -55.01 52.10 -45.11
C CYS C 221 -54.35 50.76 -45.28
N ASN C 222 -54.83 50.03 -46.28
CA ASN C 222 -54.32 48.71 -46.59
C ASN C 222 -53.93 48.71 -48.06
N PRO C 223 -53.34 47.61 -48.57
CA PRO C 223 -52.86 47.74 -49.95
C PRO C 223 -53.94 48.04 -50.97
N VAL C 224 -55.14 47.49 -50.78
CA VAL C 224 -56.23 47.76 -51.73
C VAL C 224 -56.66 49.23 -51.63
N SER C 225 -56.89 49.72 -50.43
CA SER C 225 -57.42 51.09 -50.28
C SER C 225 -56.40 52.14 -50.63
N LEU C 226 -55.12 51.84 -50.39
CA LEU C 226 -54.08 52.79 -50.70
C LEU C 226 -53.90 52.88 -52.22
N SER C 227 -53.85 51.73 -52.87
CA SER C 227 -53.79 51.73 -54.33
C SER C 227 -55.09 52.29 -54.95
N ASN C 228 -56.24 52.10 -54.27
CA ASN C 228 -57.46 52.74 -54.74
C ASN C 228 -57.33 54.26 -54.67
N ALA C 229 -56.72 54.75 -53.60
CA ALA C 229 -56.56 56.18 -53.40
C ALA C 229 -55.65 56.79 -54.47
N ALA C 230 -54.59 56.08 -54.83
CA ALA C 230 -53.66 56.57 -55.85
C ALA C 230 -54.34 56.72 -57.21
N VAL C 231 -55.20 55.74 -57.54
CA VAL C 231 -55.99 55.80 -58.77
C VAL C 231 -56.83 57.06 -58.76
N GLU C 232 -57.53 57.23 -57.65
CA GLU C 232 -58.40 58.37 -57.48
C GLU C 232 -57.62 59.68 -57.64
N LEU C 233 -56.39 59.72 -57.12
CA LEU C 233 -55.54 60.89 -57.27
C LEU C 233 -55.08 61.06 -58.73
N ALA C 234 -54.78 59.94 -59.38
CA ALA C 234 -54.33 59.98 -60.77
C ALA C 234 -55.44 60.51 -61.68
N GLN C 235 -56.67 60.07 -61.43
CA GLN C 235 -57.82 60.54 -62.21
C GLN C 235 -58.04 62.03 -62.04
N LYS C 236 -57.83 62.53 -60.83
CA LYS C 236 -58.07 63.93 -60.54
C LYS C 236 -57.00 64.80 -61.19
N LEU C 237 -55.84 64.22 -61.44
CA LEU C 237 -54.72 64.99 -61.96
C LEU C 237 -54.47 64.73 -63.42
N ASN C 238 -55.23 63.80 -64.00
CA ASN C 238 -54.96 63.30 -65.35
C ASN C 238 -53.55 62.73 -65.53
N LEU C 239 -53.12 61.91 -64.57
CA LEU C 239 -51.93 61.09 -64.76
C LEU C 239 -52.36 59.74 -65.31
N GLU C 240 -51.56 59.17 -66.20
CA GLU C 240 -51.69 57.77 -66.57
C GLU C 240 -51.43 56.88 -65.35
N TYR C 241 -52.17 55.79 -65.23
CA TYR C 241 -51.95 54.87 -64.11
C TYR C 241 -52.23 53.42 -64.46
N LYS C 242 -51.50 52.52 -63.81
CA LYS C 242 -51.94 51.14 -63.75
C LYS C 242 -51.64 50.57 -62.37
N ILE C 243 -52.54 49.70 -61.91
CA ILE C 243 -52.29 48.97 -60.68
C ILE C 243 -52.11 47.52 -61.06
N LEU C 244 -50.91 47.00 -60.82
CA LEU C 244 -50.61 45.61 -61.11
C LEU C 244 -51.06 44.75 -59.94
N GLY C 245 -51.89 43.76 -60.23
CA GLY C 245 -52.35 42.82 -59.22
C GLY C 245 -51.52 41.55 -59.21
N VAL C 246 -51.85 40.66 -58.28
CA VAL C 246 -51.09 39.44 -58.03
C VAL C 246 -50.77 38.63 -59.29
N LYS C 247 -51.76 38.37 -60.15
CA LYS C 247 -51.49 37.52 -61.31
C LYS C 247 -50.47 38.14 -62.29
N GLU C 248 -50.45 39.45 -62.44
CA GLU C 248 -49.42 40.09 -63.27
C GLU C 248 -48.07 40.16 -62.57
N LEU C 249 -48.08 40.33 -61.26
CA LEU C 249 -46.85 40.29 -60.49
C LEU C 249 -46.20 38.91 -60.58
N GLU C 250 -47.02 37.88 -60.53
CA GLU C 250 -46.54 36.51 -60.69
C GLU C 250 -45.91 36.33 -62.07
N GLU C 251 -46.56 36.88 -63.11
CA GLU C 251 -46.02 36.80 -64.47
C GLU C 251 -44.70 37.57 -64.55
N LEU C 252 -44.59 38.65 -63.78
CA LEU C 252 -43.36 39.41 -63.79
C LEU C 252 -42.29 38.78 -62.88
N LYS C 253 -42.67 37.69 -62.20
CA LYS C 253 -41.76 36.90 -61.37
C LYS C 253 -41.22 37.69 -60.19
N MET C 254 -42.09 38.52 -59.62
CA MET C 254 -41.72 39.31 -58.46
C MET C 254 -41.91 38.49 -57.20
N GLY C 255 -41.08 37.45 -57.06
CA GLY C 255 -41.11 36.54 -55.93
C GLY C 255 -40.68 37.12 -54.58
N ALA C 256 -39.78 38.10 -54.59
CA ALA C 256 -39.38 38.76 -53.34
C ALA C 256 -40.51 39.63 -52.79
N TYR C 257 -41.02 40.54 -53.62
CA TYR C 257 -42.20 41.35 -53.31
C TYR C 257 -43.39 40.45 -52.89
N LEU C 258 -43.64 39.40 -53.67
CA LEU C 258 -44.85 38.62 -53.42
C LEU C 258 -44.74 37.86 -52.11
N SER C 259 -43.53 37.41 -51.79
CA SER C 259 -43.32 36.64 -50.54
C SER C 259 -43.69 37.45 -49.28
N VAL C 260 -43.34 38.74 -49.28
CA VAL C 260 -43.61 39.60 -48.13
C VAL C 260 -45.12 39.67 -47.86
N GLY C 261 -45.92 39.74 -48.93
CA GLY C 261 -47.35 39.88 -48.76
C GLY C 261 -48.16 38.58 -48.67
N LYS C 262 -47.50 37.43 -48.79
CA LYS C 262 -48.18 36.12 -48.75
C LYS C 262 -49.11 35.97 -47.55
N GLY C 263 -48.70 36.53 -46.42
CA GLY C 263 -49.41 36.32 -45.18
C GLY C 263 -50.57 37.27 -44.95
N SER C 264 -50.81 38.18 -45.89
CA SER C 264 -51.86 39.18 -45.70
C SER C 264 -53.23 38.76 -46.28
N MET C 265 -54.32 39.27 -45.71
CA MET C 265 -55.67 39.09 -46.25
C MET C 265 -55.93 40.06 -47.40
N TYR C 266 -55.02 41.01 -47.60
CA TYR C 266 -55.13 41.95 -48.72
C TYR C 266 -54.14 41.56 -49.79
N PRO C 267 -54.61 41.46 -51.03
CA PRO C 267 -53.72 41.15 -52.16
C PRO C 267 -52.68 42.26 -52.37
N ASN C 268 -51.46 41.88 -52.74
CA ASN C 268 -50.46 42.87 -53.14
C ASN C 268 -50.99 43.77 -54.27
N LYS C 269 -50.62 45.05 -54.24
CA LYS C 269 -51.01 45.97 -55.30
C LYS C 269 -49.81 46.83 -55.59
N PHE C 270 -49.40 46.84 -56.85
CA PHE C 270 -48.27 47.62 -57.29
C PHE C 270 -48.76 48.88 -58.01
N ILE C 271 -48.47 50.04 -57.42
CA ILE C 271 -48.89 51.32 -57.98
C ILE C 271 -47.90 51.80 -59.02
N HIS C 272 -48.41 52.15 -60.20
CA HIS C 272 -47.57 52.74 -61.24
C HIS C 272 -48.29 53.92 -61.89
N LEU C 273 -47.94 55.12 -61.44
CA LEU C 273 -48.43 56.37 -62.00
C LEU C 273 -47.38 57.00 -62.95
N THR C 274 -47.81 57.88 -63.83
CA THR C 274 -46.89 58.47 -64.79
C THR C 274 -47.26 59.90 -65.14
N TYR C 275 -46.34 60.83 -64.93
CA TYR C 275 -46.50 62.17 -65.47
C TYR C 275 -45.56 62.35 -66.66
N LYS C 276 -46.07 62.91 -67.74
CA LYS C 276 -45.22 63.19 -68.88
C LYS C 276 -45.43 64.60 -69.38
N SER C 277 -44.35 65.37 -69.42
CA SER C 277 -44.38 66.69 -70.02
C SER C 277 -44.84 66.63 -71.47
N LYS C 278 -45.32 67.75 -71.98
CA LYS C 278 -45.47 67.92 -73.40
C LYS C 278 -44.11 68.38 -73.96
N GLY C 279 -43.84 68.01 -75.21
CA GLY C 279 -42.60 68.40 -75.85
C GLY C 279 -41.47 67.41 -75.65
N ASP C 280 -40.25 67.94 -75.65
CA ASP C 280 -39.06 67.11 -75.54
C ASP C 280 -38.83 66.65 -74.11
N VAL C 281 -38.81 65.33 -73.91
CA VAL C 281 -38.47 64.72 -72.64
C VAL C 281 -36.94 64.71 -72.46
N LYS C 282 -36.43 65.60 -71.62
CA LYS C 282 -34.98 65.69 -71.42
C LYS C 282 -34.52 64.69 -70.34
N LYS C 283 -35.36 64.50 -69.32
CA LYS C 283 -35.06 63.57 -68.23
C LYS C 283 -36.21 62.61 -68.00
N LYS C 284 -35.89 61.33 -67.86
CA LYS C 284 -36.84 60.36 -67.34
C LYS C 284 -36.43 59.96 -65.92
N ILE C 285 -37.40 59.93 -65.01
CA ILE C 285 -37.10 59.66 -63.61
C ILE C 285 -38.11 58.68 -63.01
N ALA C 286 -37.60 57.70 -62.28
CA ALA C 286 -38.42 56.81 -61.49
C ALA C 286 -38.28 57.12 -60.00
N LEU C 287 -39.41 57.41 -59.34
CA LEU C 287 -39.46 57.58 -57.89
C LEU C 287 -40.12 56.36 -57.24
N VAL C 288 -39.43 55.77 -56.27
CA VAL C 288 -39.89 54.50 -55.71
C VAL C 288 -40.08 54.61 -54.21
N GLY C 289 -41.29 54.35 -53.75
CA GLY C 289 -41.61 54.48 -52.35
C GLY C 289 -41.93 53.17 -51.68
N LYS C 290 -41.44 53.03 -50.46
CA LYS C 290 -41.76 51.84 -49.68
C LYS C 290 -43.21 51.95 -49.18
N GLY C 291 -43.99 50.92 -49.48
CA GLY C 291 -45.40 50.88 -49.09
C GLY C 291 -45.84 49.68 -48.28
N ILE C 292 -45.23 49.48 -47.13
CA ILE C 292 -45.72 48.49 -46.19
C ILE C 292 -46.80 49.14 -45.34
N THR C 293 -48.05 48.76 -45.56
CA THR C 293 -49.19 49.45 -44.93
C THR C 293 -49.29 49.10 -43.44
N PHE C 294 -48.74 47.94 -43.09
CA PHE C 294 -48.43 47.64 -41.69
C PHE C 294 -47.28 46.64 -41.60
N ASP C 295 -46.34 46.94 -40.73
CA ASP C 295 -45.18 46.09 -40.53
C ASP C 295 -45.18 45.50 -39.15
N SER C 296 -45.61 44.25 -39.06
CA SER C 296 -45.71 43.58 -37.78
C SER C 296 -44.38 42.91 -37.49
N GLY C 297 -43.57 42.79 -38.54
CA GLY C 297 -42.33 42.05 -38.45
C GLY C 297 -42.41 40.66 -39.05
N GLY C 298 -43.64 40.13 -39.17
CA GLY C 298 -43.80 38.76 -39.63
C GLY C 298 -43.44 37.78 -38.54
N TYR C 299 -42.88 36.63 -38.90
CA TYR C 299 -42.56 35.63 -37.90
C TYR C 299 -41.42 36.10 -36.98
N ASN C 300 -40.61 37.03 -37.46
CA ASN C 300 -39.72 37.78 -36.57
C ASN C 300 -40.50 38.95 -35.95
N LEU C 301 -41.57 38.60 -35.25
CA LEU C 301 -42.50 39.59 -34.70
C LEU C 301 -41.86 40.73 -33.92
N LYS C 302 -42.36 41.94 -34.09
CA LYS C 302 -41.87 43.09 -33.34
C LYS C 302 -42.35 43.03 -31.90
N ALA C 303 -41.60 42.32 -31.07
CA ALA C 303 -42.07 42.00 -29.74
C ALA C 303 -41.07 42.51 -28.70
N ALA C 304 -39.94 43.00 -29.17
CA ALA C 304 -38.91 43.51 -28.29
C ALA C 304 -39.29 44.91 -27.78
N PRO C 305 -38.83 45.27 -26.57
CA PRO C 305 -39.03 46.63 -26.06
C PRO C 305 -38.40 47.66 -26.98
N GLY C 306 -39.10 48.76 -27.25
CA GLY C 306 -38.63 49.78 -28.17
C GLY C 306 -38.86 49.45 -29.64
N SER C 307 -39.68 48.45 -29.92
CA SER C 307 -39.87 48.01 -31.30
C SER C 307 -40.88 48.88 -32.04
N MET C 308 -41.71 49.61 -31.29
CA MET C 308 -42.62 50.64 -31.81
C MET C 308 -43.71 50.08 -32.74
N ILE C 309 -44.15 48.85 -32.45
CA ILE C 309 -45.15 48.19 -33.29
C ILE C 309 -46.44 49.01 -33.45
N ASP C 310 -46.76 49.87 -32.49
CA ASP C 310 -47.96 50.71 -32.59
C ASP C 310 -47.82 51.86 -33.61
N LEU C 311 -46.59 52.19 -34.02
CA LEU C 311 -46.38 53.21 -35.03
C LEU C 311 -46.28 52.68 -36.46
N MET C 312 -46.26 51.35 -36.63
CA MET C 312 -45.88 50.75 -37.92
C MET C 312 -46.92 50.90 -39.03
N LYS C 313 -47.96 51.68 -38.77
CA LYS C 313 -48.80 52.18 -39.84
C LYS C 313 -48.02 53.17 -40.72
N PHE C 314 -46.87 53.63 -40.25
CA PHE C 314 -46.10 54.67 -40.89
C PHE C 314 -45.16 54.09 -41.97
N ASP C 315 -45.10 52.75 -42.05
CA ASP C 315 -44.12 52.06 -42.89
C ASP C 315 -44.43 52.15 -44.39
N MET C 316 -45.47 52.91 -44.67
CA MET C 316 -45.93 53.26 -46.00
C MET C 316 -45.56 54.74 -46.30
N SER C 317 -44.74 55.35 -45.43
CA SER C 317 -44.40 56.79 -45.53
C SER C 317 -43.69 57.16 -46.83
N GLY C 318 -42.88 56.25 -47.33
CA GLY C 318 -42.15 56.53 -48.55
C GLY C 318 -43.10 56.59 -49.73
N CYS C 319 -43.95 55.56 -49.83
CA CYS C 319 -45.02 55.56 -50.80
C CYS C 319 -45.89 56.81 -50.71
N ALA C 320 -46.21 57.23 -49.49
CA ALA C 320 -47.02 58.44 -49.33
C ALA C 320 -46.23 59.65 -49.84
N ALA C 321 -44.92 59.67 -49.60
CA ALA C 321 -44.10 60.78 -50.09
C ALA C 321 -44.16 60.84 -51.60
N VAL C 322 -44.20 59.68 -52.25
CA VAL C 322 -44.21 59.62 -53.71
C VAL C 322 -45.57 60.02 -54.31
N LEU C 323 -46.66 59.61 -53.66
CA LEU C 323 -47.98 60.06 -54.08
C LEU C 323 -48.12 61.58 -53.88
N GLY C 324 -47.58 62.10 -52.78
CA GLY C 324 -47.61 63.53 -52.55
C GLY C 324 -46.81 64.31 -53.59
N CYS C 325 -45.68 63.73 -54.00
CA CYS C 325 -44.90 64.30 -55.08
C CYS C 325 -45.75 64.33 -56.35
N ALA C 326 -46.40 63.21 -56.66
CA ALA C 326 -47.26 63.12 -57.82
C ALA C 326 -48.34 64.22 -57.82
N TYR C 327 -48.96 64.47 -56.67
CA TYR C 327 -49.90 65.59 -56.58
C TYR C 327 -49.22 66.90 -57.00
N CYS C 328 -48.04 67.20 -56.45
CA CYS C 328 -47.39 68.47 -56.72
C CYS C 328 -46.94 68.60 -58.19
N VAL C 329 -46.23 67.58 -58.67
CA VAL C 329 -45.83 67.51 -60.08
C VAL C 329 -47.05 67.59 -61.00
N GLY C 330 -48.08 66.78 -60.74
CA GLY C 330 -49.28 66.76 -61.56
C GLY C 330 -50.03 68.08 -61.52
N THR C 331 -49.76 68.89 -60.50
CA THR C 331 -50.43 70.17 -60.34
C THR C 331 -49.61 71.29 -60.98
N LEU C 332 -48.30 71.25 -60.79
CA LEU C 332 -47.42 72.31 -61.28
C LEU C 332 -46.95 72.11 -62.72
N LYS C 333 -47.07 70.89 -63.22
CA LYS C 333 -46.82 70.55 -64.62
C LYS C 333 -45.47 71.02 -65.17
N PRO C 334 -44.37 70.52 -64.58
CA PRO C 334 -43.02 70.85 -65.08
C PRO C 334 -42.81 70.40 -66.53
N GLU C 335 -41.85 71.02 -67.21
CA GLU C 335 -41.58 70.71 -68.61
C GLU C 335 -40.41 69.75 -68.77
N ASN C 336 -40.38 69.07 -69.91
CA ASN C 336 -39.23 68.27 -70.31
C ASN C 336 -38.83 67.12 -69.39
N VAL C 337 -39.80 66.60 -68.63
CA VAL C 337 -39.53 65.45 -67.80
C VAL C 337 -40.61 64.38 -67.96
N GLU C 338 -40.23 63.15 -67.68
CA GLU C 338 -41.18 62.06 -67.56
C GLU C 338 -40.96 61.37 -66.21
N ILE C 339 -41.98 61.38 -65.36
CA ILE C 339 -41.84 60.81 -64.03
C ILE C 339 -42.72 59.58 -63.87
N HIS C 340 -42.12 58.47 -63.46
CA HIS C 340 -42.87 57.33 -62.96
C HIS C 340 -42.88 57.28 -61.43
N PHE C 341 -44.08 57.22 -60.86
CA PHE C 341 -44.25 57.13 -59.41
C PHE C 341 -44.63 55.70 -59.03
N LEU C 342 -43.74 55.00 -58.33
CA LEU C 342 -43.90 53.56 -58.10
C LEU C 342 -43.97 53.17 -56.64
N SER C 343 -44.82 52.23 -56.30
CA SER C 343 -44.78 51.66 -54.97
C SER C 343 -45.24 50.21 -54.98
N ALA C 344 -44.39 49.29 -54.53
CA ALA C 344 -44.79 47.90 -54.39
C ALA C 344 -45.51 47.72 -53.04
N VAL C 345 -46.83 47.83 -53.04
CA VAL C 345 -47.61 47.91 -51.80
C VAL C 345 -48.06 46.55 -51.27
N CYS C 346 -47.84 46.31 -49.98
CA CYS C 346 -48.34 45.12 -49.30
C CYS C 346 -48.26 45.27 -47.76
N GLU C 347 -48.72 44.24 -47.06
CA GLU C 347 -48.76 44.23 -45.60
C GLU C 347 -47.92 43.04 -45.12
N ASN C 348 -47.08 43.24 -44.09
CA ASN C 348 -46.22 42.18 -43.54
C ASN C 348 -46.84 41.58 -42.27
N MET C 349 -47.49 40.41 -42.41
CA MET C 349 -48.34 39.88 -41.33
C MET C 349 -47.94 38.48 -40.81
N VAL C 350 -48.66 38.00 -39.79
CA VAL C 350 -48.41 36.65 -39.25
C VAL C 350 -49.59 35.73 -39.52
N SER C 351 -49.30 34.65 -40.22
CA SER C 351 -50.33 33.82 -40.76
C SER C 351 -49.74 32.46 -41.02
N LYS C 352 -50.59 31.46 -41.25
CA LYS C 352 -50.15 30.18 -41.78
C LYS C 352 -49.61 30.35 -43.20
N ASN C 353 -49.93 31.48 -43.83
CA ASN C 353 -49.54 31.69 -45.21
C ASN C 353 -48.27 32.57 -45.36
N SER C 354 -47.70 32.99 -44.23
CA SER C 354 -46.55 33.91 -44.23
C SER C 354 -45.25 33.26 -44.74
N TYR C 355 -44.32 34.10 -45.17
CA TYR C 355 -42.97 33.61 -45.47
C TYR C 355 -42.26 33.46 -44.15
N ARG C 356 -41.33 32.51 -44.08
CA ARG C 356 -40.59 32.21 -42.85
C ARG C 356 -39.14 32.65 -42.95
N PRO C 357 -38.53 32.93 -41.78
CA PRO C 357 -37.08 33.06 -41.70
C PRO C 357 -36.48 31.79 -42.28
N GLY C 358 -35.50 31.92 -43.16
CA GLY C 358 -34.85 30.77 -43.74
C GLY C 358 -35.27 30.51 -45.18
N ASP C 359 -36.41 31.06 -45.57
CA ASP C 359 -36.94 30.80 -46.92
C ASP C 359 -36.00 31.33 -47.99
N ILE C 360 -35.92 30.62 -49.11
CA ILE C 360 -35.16 31.16 -50.23
C ILE C 360 -36.14 31.51 -51.33
N ILE C 361 -36.10 32.78 -51.72
CA ILE C 361 -37.06 33.30 -52.68
C ILE C 361 -36.30 33.84 -53.87
N THR C 362 -37.01 34.02 -54.98
CA THR C 362 -36.35 34.48 -56.20
C THR C 362 -36.87 35.86 -56.63
N ALA C 363 -35.96 36.80 -56.84
CA ALA C 363 -36.36 38.14 -57.31
C ALA C 363 -36.59 38.13 -58.82
N SER C 364 -37.19 39.19 -59.34
CA SER C 364 -37.56 39.26 -60.74
C SER C 364 -36.37 39.38 -61.70
N ASN C 365 -35.16 39.49 -61.17
CA ASN C 365 -33.96 39.55 -62.01
C ASN C 365 -33.18 38.25 -61.86
N GLY C 366 -33.86 37.21 -61.40
CA GLY C 366 -33.27 35.90 -61.25
C GLY C 366 -32.44 35.62 -59.99
N LYS C 367 -32.12 36.64 -59.20
CA LYS C 367 -31.32 36.41 -57.99
C LYS C 367 -32.10 35.70 -56.86
N THR C 368 -31.50 34.65 -56.29
CA THR C 368 -32.11 33.97 -55.16
C THR C 368 -31.67 34.65 -53.86
N ILE C 369 -32.63 34.89 -52.99
CA ILE C 369 -32.38 35.59 -51.74
C ILE C 369 -32.68 34.69 -50.55
N GLU C 370 -31.76 34.64 -49.60
CA GLU C 370 -32.02 33.91 -48.37
C GLU C 370 -32.53 34.83 -47.26
N VAL C 371 -33.79 34.66 -46.90
CA VAL C 371 -34.43 35.50 -45.90
C VAL C 371 -33.90 35.15 -44.51
N GLY C 372 -33.20 36.09 -43.88
CA GLY C 372 -32.67 35.85 -42.54
C GLY C 372 -33.56 36.43 -41.44
N ASN C 373 -34.45 37.35 -41.81
CA ASN C 373 -35.29 38.01 -40.85
C ASN C 373 -36.45 38.65 -41.61
N THR C 374 -37.64 38.11 -41.37
CA THR C 374 -38.85 38.52 -42.08
C THR C 374 -39.23 39.95 -41.81
N ASP C 375 -38.57 40.57 -40.82
CA ASP C 375 -38.85 41.95 -40.46
C ASP C 375 -37.91 42.90 -41.20
N ALA C 376 -37.07 42.36 -42.09
CA ALA C 376 -36.35 43.22 -43.04
C ALA C 376 -37.05 43.06 -44.39
N GLU C 377 -38.35 43.34 -44.36
CA GLU C 377 -39.24 43.09 -45.48
C GLU C 377 -39.17 44.17 -46.57
N GLY C 378 -38.84 45.39 -46.19
CA GLY C 378 -38.83 46.52 -47.09
C GLY C 378 -37.84 46.39 -48.23
N ARG C 379 -36.60 46.05 -47.90
CA ARG C 379 -35.58 45.82 -48.92
C ARG C 379 -35.96 44.69 -49.94
N LEU C 380 -36.83 43.75 -49.56
CA LEU C 380 -37.31 42.74 -50.51
C LEU C 380 -38.30 43.32 -51.52
N THR C 381 -39.25 44.08 -51.03
CA THR C 381 -40.23 44.71 -51.90
C THR C 381 -39.54 45.78 -52.77
N LEU C 382 -38.51 46.44 -52.23
CA LEU C 382 -37.81 47.43 -53.03
C LEU C 382 -36.93 46.77 -54.09
N ALA C 383 -36.48 45.54 -53.84
CA ALA C 383 -35.64 44.82 -54.79
C ALA C 383 -36.39 44.64 -56.11
N ASP C 384 -37.61 44.14 -56.02
CA ASP C 384 -38.43 43.97 -57.22
C ASP C 384 -38.85 45.33 -57.79
N ALA C 385 -39.14 46.29 -56.93
CA ALA C 385 -39.56 47.59 -57.45
C ALA C 385 -38.43 48.27 -58.21
N LEU C 386 -37.20 48.08 -57.72
CA LEU C 386 -36.04 48.66 -58.38
C LEU C 386 -35.79 47.99 -59.72
N VAL C 387 -36.03 46.66 -59.79
CA VAL C 387 -35.83 45.92 -61.03
C VAL C 387 -36.83 46.38 -62.08
N TYR C 388 -38.08 46.51 -61.66
CA TYR C 388 -39.13 47.07 -62.50
C TYR C 388 -38.77 48.49 -62.94
N ALA C 389 -38.28 49.32 -62.02
CA ALA C 389 -37.93 50.70 -62.34
C ALA C 389 -36.87 50.78 -63.43
N GLU C 390 -35.86 49.93 -63.34
CA GLU C 390 -34.76 49.98 -64.29
C GLU C 390 -35.24 49.48 -65.66
N LYS C 391 -36.24 48.61 -65.66
CA LYS C 391 -36.80 48.14 -66.92
C LYS C 391 -37.51 49.24 -67.70
N LEU C 392 -37.88 50.33 -67.04
CA LEU C 392 -38.55 51.46 -67.70
C LEU C 392 -37.56 52.27 -68.54
N GLY C 393 -36.28 52.04 -68.31
CA GLY C 393 -35.22 52.72 -69.04
C GLY C 393 -35.16 54.19 -68.68
N VAL C 394 -34.88 54.48 -67.41
CA VAL C 394 -34.88 55.86 -66.93
C VAL C 394 -33.48 56.35 -66.69
N ASP C 395 -33.34 57.64 -66.44
CA ASP C 395 -32.05 58.27 -66.17
C ASP C 395 -31.70 58.23 -64.68
N TYR C 396 -32.71 58.36 -63.84
CA TYR C 396 -32.52 58.42 -62.40
C TYR C 396 -33.58 57.60 -61.67
N ILE C 397 -33.11 56.71 -60.80
CA ILE C 397 -34.00 56.08 -59.86
C ILE C 397 -33.74 56.63 -58.48
N VAL C 398 -34.74 57.30 -57.90
CA VAL C 398 -34.62 57.68 -56.50
C VAL C 398 -35.63 56.86 -55.70
N ASP C 399 -35.18 56.20 -54.65
CA ASP C 399 -36.15 55.55 -53.77
C ASP C 399 -36.15 56.20 -52.37
N ILE C 400 -37.30 56.12 -51.70
CA ILE C 400 -37.48 56.74 -50.39
C ILE C 400 -38.20 55.77 -49.47
N ALA C 401 -37.63 55.49 -48.30
CA ALA C 401 -38.16 54.42 -47.45
C ALA C 401 -37.93 54.60 -45.95
N THR C 402 -38.92 54.13 -45.16
CA THR C 402 -38.76 53.95 -43.74
C THR C 402 -38.03 52.64 -43.49
N LEU C 403 -36.76 52.58 -43.88
CA LEU C 403 -36.13 51.28 -44.06
C LEU C 403 -35.41 50.73 -42.82
N THR C 404 -34.68 51.57 -42.08
CA THR C 404 -33.95 51.05 -40.92
C THR C 404 -34.05 51.91 -39.67
N GLY C 405 -34.47 51.28 -38.57
CA GLY C 405 -34.48 51.94 -37.27
C GLY C 405 -33.09 52.41 -36.86
N ALA C 406 -32.06 51.83 -37.49
CA ALA C 406 -30.67 52.24 -37.27
C ALA C 406 -30.46 53.74 -37.48
N MET C 407 -31.33 54.38 -38.27
CA MET C 407 -31.23 55.81 -38.52
C MET C 407 -31.43 56.64 -37.25
N LEU C 408 -32.21 56.11 -36.30
CA LEU C 408 -32.40 56.80 -35.02
C LEU C 408 -31.07 56.94 -34.26
N TYR C 409 -30.12 56.05 -34.53
CA TYR C 409 -28.83 56.07 -33.88
C TYR C 409 -27.73 56.70 -34.70
N SER C 410 -27.99 57.00 -35.97
CA SER C 410 -26.97 57.71 -36.75
C SER C 410 -27.27 59.20 -36.88
N LEU C 411 -28.42 59.55 -37.47
CA LEU C 411 -28.77 60.95 -37.65
C LEU C 411 -29.94 61.39 -36.77
N GLY C 412 -30.64 60.44 -36.16
CA GLY C 412 -31.77 60.78 -35.31
C GLY C 412 -33.04 61.20 -36.04
N THR C 413 -33.77 62.15 -35.44
CA THR C 413 -35.10 62.51 -35.93
C THR C 413 -35.16 63.75 -36.83
N SER C 414 -34.04 64.44 -37.07
CA SER C 414 -34.10 65.67 -37.88
C SER C 414 -33.66 65.50 -39.33
N TYR C 415 -32.59 64.72 -39.56
CA TYR C 415 -32.03 64.54 -40.90
C TYR C 415 -32.29 63.16 -41.45
N ALA C 416 -32.73 63.08 -42.71
CA ALA C 416 -32.76 61.80 -43.41
C ALA C 416 -31.36 61.46 -43.90
N GLY C 417 -31.13 60.18 -44.16
CA GLY C 417 -29.88 59.76 -44.77
C GLY C 417 -30.07 59.53 -46.26
N VAL C 418 -29.05 59.82 -47.05
CA VAL C 418 -29.10 59.46 -48.45
C VAL C 418 -27.85 58.65 -48.82
N PHE C 419 -28.11 57.59 -49.60
CA PHE C 419 -27.07 56.68 -50.09
C PHE C 419 -27.21 56.58 -51.61
N GLY C 420 -26.18 56.14 -52.31
CA GLY C 420 -26.35 55.94 -53.74
C GLY C 420 -25.11 55.45 -54.47
N ASN C 421 -25.28 55.18 -55.75
CA ASN C 421 -24.21 54.64 -56.57
C ASN C 421 -23.66 55.70 -57.51
N ASN C 422 -24.20 56.91 -57.43
CA ASN C 422 -23.80 57.96 -58.38
C ASN C 422 -23.71 59.32 -57.71
N GLU C 423 -22.52 59.91 -57.76
CA GLU C 423 -22.25 61.15 -57.03
C GLU C 423 -23.09 62.34 -57.50
N GLU C 424 -23.25 62.49 -58.81
CA GLU C 424 -24.07 63.57 -59.33
C GLU C 424 -25.51 63.49 -58.84
N LEU C 425 -26.11 62.30 -58.91
CA LEU C 425 -27.48 62.16 -58.44
C LEU C 425 -27.56 62.48 -56.93
N ILE C 426 -26.61 61.96 -56.15
CA ILE C 426 -26.56 62.27 -54.73
C ILE C 426 -26.52 63.78 -54.50
N ASN C 427 -25.72 64.48 -55.28
CA ASN C 427 -25.59 65.91 -55.08
C ASN C 427 -26.83 66.68 -55.48
N LYS C 428 -27.52 66.21 -56.52
CA LYS C 428 -28.79 66.82 -56.87
C LYS C 428 -29.79 66.69 -55.71
N ILE C 429 -29.78 65.54 -55.05
CA ILE C 429 -30.65 65.30 -53.91
C ILE C 429 -30.32 66.27 -52.77
N LEU C 430 -29.03 66.41 -52.47
CA LEU C 430 -28.58 67.35 -51.45
C LEU C 430 -29.00 68.78 -51.77
N GLN C 431 -28.90 69.13 -53.04
CA GLN C 431 -29.32 70.44 -53.51
C GLN C 431 -30.82 70.63 -53.28
N SER C 432 -31.62 69.63 -53.64
CA SER C 432 -33.06 69.69 -53.41
C SER C 432 -33.36 69.81 -51.94
N SER C 433 -32.54 69.14 -51.13
CA SER C 433 -32.65 69.24 -49.68
C SER C 433 -32.50 70.69 -49.21
N LYS C 434 -31.56 71.41 -49.82
CA LYS C 434 -31.33 72.80 -49.46
C LYS C 434 -32.54 73.66 -49.81
N THR C 435 -33.01 73.56 -51.05
CA THR C 435 -34.11 74.42 -51.47
C THR C 435 -35.49 73.90 -51.00
N SER C 436 -35.64 72.61 -50.70
CA SER C 436 -36.90 72.17 -50.07
C SER C 436 -36.90 72.39 -48.56
N ASN C 437 -35.73 72.64 -47.99
CA ASN C 437 -35.56 72.74 -46.54
C ASN C 437 -36.04 71.50 -45.79
N GLU C 438 -35.86 70.35 -46.41
CA GLU C 438 -35.99 69.07 -45.73
C GLU C 438 -34.58 68.48 -45.64
N PRO C 439 -33.99 68.51 -44.44
CA PRO C 439 -32.55 68.21 -44.30
C PRO C 439 -32.19 66.75 -44.54
N VAL C 440 -31.13 66.60 -45.31
CA VAL C 440 -30.61 65.30 -45.69
C VAL C 440 -29.10 65.31 -45.51
N TRP C 441 -28.52 64.20 -45.02
CA TRP C 441 -27.06 64.05 -44.92
C TRP C 441 -26.61 62.83 -45.71
N TRP C 442 -25.52 62.98 -46.44
CA TRP C 442 -25.00 61.90 -47.28
C TRP C 442 -24.25 60.88 -46.43
N LEU C 443 -24.57 59.61 -46.62
CA LEU C 443 -23.97 58.51 -45.87
C LEU C 443 -23.37 57.49 -46.83
N PRO C 444 -22.31 56.79 -46.41
CA PRO C 444 -21.56 55.96 -47.36
C PRO C 444 -22.15 54.55 -47.58
N ILE C 445 -21.98 54.03 -48.78
CA ILE C 445 -22.22 52.60 -48.98
C ILE C 445 -20.85 51.92 -48.85
N ILE C 446 -20.62 51.23 -47.74
CA ILE C 446 -19.27 50.73 -47.45
C ILE C 446 -19.10 49.32 -47.98
N ASN C 447 -18.36 49.21 -49.06
CA ASN C 447 -18.32 47.99 -49.85
C ASN C 447 -17.69 46.82 -49.12
N GLU C 448 -16.83 47.12 -48.15
CA GLU C 448 -16.21 46.07 -47.38
C GLU C 448 -17.24 45.16 -46.66
N TYR C 449 -18.45 45.67 -46.39
CA TYR C 449 -19.49 44.85 -45.72
C TYR C 449 -20.20 43.91 -46.69
N ARG C 450 -20.04 44.12 -47.99
CA ARG C 450 -20.72 43.33 -49.01
C ARG C 450 -20.58 41.82 -48.77
N ALA C 451 -19.40 41.40 -48.32
CA ALA C 451 -19.12 39.99 -48.11
C ALA C 451 -19.99 39.37 -47.02
N THR C 452 -20.44 40.16 -46.05
CA THR C 452 -21.30 39.61 -44.99
C THR C 452 -22.70 39.26 -45.50
N LEU C 453 -22.98 39.57 -46.76
CA LEU C 453 -24.27 39.23 -47.36
C LEU C 453 -24.15 38.04 -48.28
N ASN C 454 -22.97 37.42 -48.30
CA ASN C 454 -22.81 36.20 -49.07
C ASN C 454 -23.55 35.09 -48.38
N SER C 455 -24.37 34.36 -49.13
CA SER C 455 -25.13 33.24 -48.57
C SER C 455 -24.47 31.94 -48.96
N LYS C 456 -24.57 30.94 -48.10
CA LYS C 456 -24.07 29.61 -48.39
C LYS C 456 -24.91 28.87 -49.46
N TYR C 457 -26.20 29.19 -49.54
CA TYR C 457 -27.09 28.44 -50.42
C TYR C 457 -27.70 29.28 -51.55
N ALA C 458 -28.11 30.51 -51.25
CA ALA C 458 -28.74 31.37 -52.25
C ALA C 458 -27.69 32.28 -52.88
N ASP C 459 -28.09 33.06 -53.88
CA ASP C 459 -27.13 34.00 -54.48
C ASP C 459 -26.70 35.03 -53.44
N ILE C 460 -27.61 35.41 -52.56
CA ILE C 460 -27.32 36.50 -51.62
C ILE C 460 -28.16 36.42 -50.34
N ASN C 461 -27.63 37.02 -49.28
CA ASN C 461 -28.36 37.14 -48.03
C ASN C 461 -29.14 38.43 -47.99
N GLN C 462 -30.36 38.35 -47.48
CA GLN C 462 -31.16 39.52 -47.13
C GLN C 462 -30.51 40.40 -46.05
N ILE C 463 -30.00 39.78 -44.98
CA ILE C 463 -29.36 40.51 -43.89
C ILE C 463 -27.93 40.08 -43.63
N SER C 464 -27.22 40.91 -42.86
CA SER C 464 -25.84 40.64 -42.50
C SER C 464 -25.73 39.74 -41.29
N SER C 465 -24.63 38.98 -41.27
CA SER C 465 -24.32 38.10 -40.16
C SER C 465 -23.63 38.90 -39.05
N SER C 466 -22.73 39.76 -39.50
CA SER C 466 -21.71 40.38 -38.67
C SER C 466 -22.04 41.83 -38.30
N VAL C 467 -22.67 42.55 -39.24
CA VAL C 467 -22.63 44.02 -39.23
C VAL C 467 -23.88 44.70 -38.69
N LYS C 468 -23.72 45.46 -37.61
CA LYS C 468 -24.85 46.14 -36.99
C LYS C 468 -25.25 47.44 -37.70
N ALA C 469 -24.45 47.87 -38.68
CA ALA C 469 -24.75 49.09 -39.43
C ALA C 469 -25.83 48.82 -40.50
N SER C 470 -27.06 48.67 -40.04
CA SER C 470 -28.12 48.15 -40.89
C SER C 470 -28.41 49.02 -42.10
N SER C 471 -28.35 50.34 -41.92
CA SER C 471 -28.72 51.26 -43.00
C SER C 471 -27.81 51.10 -44.18
N ILE C 472 -26.56 50.74 -43.88
CA ILE C 472 -25.54 50.59 -44.89
C ILE C 472 -25.68 49.21 -45.54
N VAL C 473 -25.75 48.16 -44.74
CA VAL C 473 -26.03 46.82 -45.24
C VAL C 473 -27.28 46.81 -46.10
N ALA C 474 -28.32 47.52 -45.65
CA ALA C 474 -29.57 47.61 -46.41
C ALA C 474 -29.33 48.21 -47.79
N SER C 475 -28.57 49.30 -47.81
CA SER C 475 -28.26 49.96 -49.07
C SER C 475 -27.40 49.07 -49.97
N LEU C 476 -26.46 48.34 -49.38
CA LEU C 476 -25.66 47.37 -50.15
C LEU C 476 -26.55 46.33 -50.83
N PHE C 477 -27.55 45.85 -50.10
CA PHE C 477 -28.48 44.89 -50.65
C PHE C 477 -29.24 45.50 -51.84
N LEU C 478 -29.72 46.73 -51.68
CA LEU C 478 -30.52 47.35 -52.71
C LEU C 478 -29.69 47.57 -53.97
N LYS C 479 -28.42 47.89 -53.79
CA LYS C 479 -27.54 48.16 -54.91
C LYS C 479 -27.49 46.98 -55.87
N GLU C 480 -27.65 45.78 -55.31
CA GLU C 480 -27.61 44.54 -56.06
C GLU C 480 -28.69 44.43 -57.11
N PHE C 481 -29.63 45.35 -57.09
CA PHE C 481 -30.79 45.23 -57.95
C PHE C 481 -30.90 46.39 -58.93
N VAL C 482 -29.87 47.24 -58.95
CA VAL C 482 -29.75 48.27 -59.96
C VAL C 482 -28.42 48.08 -60.67
N GLN C 483 -28.46 47.63 -61.91
CA GLN C 483 -27.24 47.22 -62.62
C GLN C 483 -26.49 48.38 -63.26
N ASN C 484 -27.20 49.26 -63.99
CA ASN C 484 -26.51 50.29 -64.78
C ASN C 484 -27.18 51.67 -64.81
N THR C 485 -27.87 52.03 -63.74
CA THR C 485 -28.59 53.30 -63.69
C THR C 485 -28.19 54.09 -62.45
N ALA C 486 -28.13 55.41 -62.59
CA ALA C 486 -27.92 56.28 -61.46
C ALA C 486 -29.05 56.11 -60.45
N TRP C 487 -28.70 55.84 -59.20
CA TRP C 487 -29.69 55.45 -58.22
C TRP C 487 -29.36 56.05 -56.86
N ALA C 488 -30.36 56.61 -56.20
CA ALA C 488 -30.17 57.04 -54.84
C ALA C 488 -31.27 56.50 -53.93
N HIS C 489 -30.97 56.45 -52.64
CA HIS C 489 -31.80 55.81 -51.65
C HIS C 489 -31.89 56.70 -50.43
N ILE C 490 -33.09 57.19 -50.13
CA ILE C 490 -33.25 58.09 -48.99
C ILE C 490 -33.91 57.33 -47.83
N ASP C 491 -33.19 57.18 -46.73
CA ASP C 491 -33.73 56.45 -45.57
C ASP C 491 -34.38 57.42 -44.59
N ILE C 492 -35.71 57.35 -44.50
CA ILE C 492 -36.48 58.30 -43.71
C ILE C 492 -37.13 57.70 -42.46
N ALA C 493 -36.67 56.52 -42.04
CA ALA C 493 -37.22 55.85 -40.86
C ALA C 493 -37.10 56.71 -39.61
N GLY C 494 -36.05 57.51 -39.54
CA GLY C 494 -35.83 58.32 -38.37
C GLY C 494 -36.66 59.58 -38.32
N VAL C 495 -36.93 60.17 -39.48
CA VAL C 495 -37.54 61.50 -39.55
C VAL C 495 -38.99 61.49 -39.93
N SER C 496 -39.52 60.35 -40.30
CA SER C 496 -40.84 60.38 -40.91
C SER C 496 -41.87 60.83 -39.87
N TRP C 497 -41.76 60.28 -38.67
CA TRP C 497 -42.75 60.50 -37.62
C TRP C 497 -42.26 61.53 -36.59
N ASN C 498 -43.06 62.56 -36.38
CA ASN C 498 -42.81 63.54 -35.33
C ASN C 498 -43.25 62.98 -33.97
N PHE C 499 -42.32 62.45 -33.20
CA PHE C 499 -42.68 61.83 -31.93
C PHE C 499 -43.21 62.86 -30.92
N LYS C 500 -42.64 64.06 -30.91
CA LYS C 500 -43.09 65.11 -29.98
C LYS C 500 -44.52 65.58 -30.28
N ALA C 501 -44.86 65.73 -31.56
CA ALA C 501 -46.18 66.23 -31.93
C ALA C 501 -47.18 65.10 -32.19
N ARG C 502 -46.70 63.86 -32.14
CA ARG C 502 -47.51 62.63 -32.33
C ARG C 502 -48.26 62.61 -33.67
N LYS C 503 -47.54 62.89 -34.75
CA LYS C 503 -48.13 62.94 -36.06
C LYS C 503 -47.07 62.84 -37.16
N PRO C 504 -47.49 62.58 -38.41
CA PRO C 504 -46.53 62.55 -39.52
C PRO C 504 -45.94 63.92 -39.84
N LYS C 505 -44.75 63.90 -40.42
CA LYS C 505 -44.15 65.11 -40.98
C LYS C 505 -44.51 65.24 -42.45
N GLY C 506 -44.87 64.13 -43.09
CA GLY C 506 -45.06 64.10 -44.54
C GLY C 506 -43.72 64.32 -45.24
N PHE C 507 -42.64 63.87 -44.59
CA PHE C 507 -41.29 64.15 -45.04
C PHE C 507 -41.02 63.66 -46.46
N GLY C 508 -40.39 64.50 -47.29
CA GLY C 508 -39.92 64.07 -48.58
C GLY C 508 -40.70 64.56 -49.81
N VAL C 509 -41.97 64.90 -49.62
CA VAL C 509 -42.79 65.41 -50.72
C VAL C 509 -42.14 66.64 -51.33
N ARG C 510 -41.80 67.59 -50.49
CA ARG C 510 -41.17 68.81 -50.99
C ARG C 510 -39.77 68.53 -51.57
N LEU C 511 -39.02 67.64 -50.92
CA LEU C 511 -37.70 67.23 -51.39
C LEU C 511 -37.78 66.68 -52.81
N LEU C 512 -38.60 65.65 -53.00
CA LEU C 512 -38.74 65.01 -54.30
C LEU C 512 -39.28 65.97 -55.35
N THR C 513 -40.16 66.87 -54.96
CA THR C 513 -40.72 67.80 -55.93
C THR C 513 -39.65 68.77 -56.41
N GLU C 514 -38.87 69.32 -55.48
CA GLU C 514 -37.74 70.18 -55.86
C GLU C 514 -36.77 69.44 -56.78
N PHE C 515 -36.51 68.18 -56.45
CA PHE C 515 -35.63 67.35 -57.28
C PHE C 515 -36.15 67.29 -58.72
N VAL C 516 -37.44 67.00 -58.86
CA VAL C 516 -38.07 66.85 -60.18
C VAL C 516 -38.13 68.17 -60.93
N LEU C 517 -38.42 69.26 -60.21
CA LEU C 517 -38.59 70.59 -60.79
C LEU C 517 -37.33 71.27 -61.32
N ASN C 518 -36.21 71.14 -60.61
CA ASN C 518 -35.00 71.84 -61.01
C ASN C 518 -33.95 70.89 -61.57
N ALA D 1 8.84 59.19 -13.40
CA ALA D 1 7.78 58.20 -13.29
C ALA D 1 7.03 58.29 -11.95
N SER D 2 6.01 57.45 -11.78
CA SER D 2 5.32 57.31 -10.49
C SER D 2 5.27 55.82 -10.13
N GLU D 3 5.21 55.53 -8.83
CA GLU D 3 5.06 54.15 -8.38
C GLU D 3 3.67 53.64 -8.76
N VAL D 4 3.63 52.46 -9.35
CA VAL D 4 2.35 51.84 -9.65
C VAL D 4 1.87 51.13 -8.38
N PRO D 5 0.68 51.52 -7.86
CA PRO D 5 0.08 50.83 -6.70
C PRO D 5 -0.26 49.39 -7.03
N GLN D 6 -0.09 48.49 -6.06
CA GLN D 6 -0.44 47.08 -6.21
C GLN D 6 -1.42 46.64 -5.15
N VAL D 7 -2.19 45.60 -5.45
CA VAL D 7 -3.03 44.97 -4.43
C VAL D 7 -2.27 43.80 -3.85
N VAL D 8 -1.85 42.89 -4.72
CA VAL D 8 -0.92 41.82 -4.35
C VAL D 8 0.41 42.05 -5.05
N SER D 9 1.48 41.42 -4.57
CA SER D 9 2.79 41.67 -5.15
C SER D 9 2.96 40.98 -6.49
N LEU D 10 1.97 40.19 -6.90
CA LEU D 10 2.01 39.59 -8.23
C LEU D 10 1.42 40.54 -9.28
N ASP D 11 0.89 41.68 -8.84
CA ASP D 11 0.36 42.71 -9.74
C ASP D 11 1.49 43.36 -10.52
N PRO D 12 1.37 43.42 -11.86
CA PRO D 12 2.41 44.02 -12.70
C PRO D 12 2.56 45.52 -12.44
N THR D 13 3.77 46.04 -12.63
CA THR D 13 4.01 47.45 -12.34
C THR D 13 4.49 48.21 -13.58
N SER D 14 4.48 47.54 -14.72
CA SER D 14 4.70 48.28 -15.95
C SER D 14 4.11 47.56 -17.16
N ILE D 15 3.93 48.32 -18.22
CA ILE D 15 3.50 47.76 -19.47
C ILE D 15 4.71 47.28 -20.24
N PRO D 16 4.78 45.99 -20.57
CA PRO D 16 5.88 45.52 -21.43
C PRO D 16 5.73 46.06 -22.86
N ILE D 17 6.78 46.69 -23.38
CA ILE D 17 6.80 47.28 -24.71
C ILE D 17 7.97 46.72 -25.52
N GLU D 18 7.69 46.15 -26.70
CA GLU D 18 8.78 45.81 -27.61
C GLU D 18 8.98 46.98 -28.57
N TYR D 19 10.16 47.56 -28.55
CA TYR D 19 10.53 48.62 -29.49
C TYR D 19 11.21 48.06 -30.73
N ASN D 20 12.13 47.12 -30.53
CA ASN D 20 12.91 46.54 -31.61
C ASN D 20 12.25 45.28 -32.14
N THR D 21 11.40 45.40 -33.15
CA THR D 21 10.70 44.25 -33.68
C THR D 21 11.48 43.62 -34.83
N PRO D 22 11.20 42.34 -35.15
CA PRO D 22 11.82 41.70 -36.31
C PRO D 22 11.58 42.49 -37.60
N ILE D 23 10.47 43.21 -37.65
CA ILE D 23 10.14 44.04 -38.79
C ILE D 23 11.28 45.01 -39.10
N HIS D 24 11.93 45.51 -38.05
CA HIS D 24 12.98 46.50 -38.26
C HIS D 24 14.26 45.90 -38.87
N ASP D 25 14.39 44.59 -38.79
CA ASP D 25 15.54 43.88 -39.37
C ASP D 25 15.33 43.43 -40.82
N ILE D 26 14.18 43.73 -41.40
CA ILE D 26 13.94 43.38 -42.80
C ILE D 26 14.56 44.42 -43.71
N LYS D 27 15.43 43.98 -44.61
CA LYS D 27 16.04 44.86 -45.59
C LYS D 27 15.13 44.90 -46.82
N VAL D 28 14.74 46.10 -47.24
CA VAL D 28 13.72 46.26 -48.27
C VAL D 28 14.27 46.88 -49.55
N GLN D 29 14.16 46.16 -50.66
CA GLN D 29 14.64 46.64 -51.95
C GLN D 29 13.47 46.81 -52.90
N VAL D 30 13.46 47.88 -53.69
CA VAL D 30 12.41 48.04 -54.68
C VAL D 30 13.01 48.10 -56.10
N TYR D 31 12.55 47.18 -56.95
CA TYR D 31 13.07 47.04 -58.31
C TYR D 31 12.03 47.39 -59.35
N ASP D 32 12.47 47.85 -60.51
CA ASP D 32 11.51 48.13 -61.58
C ASP D 32 11.07 46.84 -62.28
N ILE D 33 9.76 46.72 -62.47
CA ILE D 33 9.19 45.50 -63.04
C ILE D 33 9.48 45.38 -64.51
N LYS D 34 9.82 46.50 -65.16
CA LYS D 34 10.03 46.49 -66.60
C LYS D 34 11.23 45.61 -66.96
N GLY D 35 12.10 45.35 -65.99
CA GLY D 35 13.34 44.61 -66.23
C GLY D 35 13.30 43.10 -66.03
N GLY D 36 12.15 42.57 -65.66
CA GLY D 36 12.06 41.15 -65.37
C GLY D 36 12.39 40.89 -63.93
N CYS D 37 12.19 39.65 -63.49
CA CYS D 37 12.28 39.33 -62.08
C CYS D 37 13.35 38.30 -61.74
N ASN D 38 14.05 38.57 -60.66
CA ASN D 38 15.04 37.65 -60.14
C ASN D 38 14.42 36.73 -59.10
N VAL D 39 14.16 35.48 -59.49
CA VAL D 39 13.44 34.54 -58.64
C VAL D 39 14.28 33.37 -58.12
N GLU D 40 15.58 33.60 -57.93
CA GLU D 40 16.48 32.53 -57.53
C GLU D 40 16.60 32.34 -55.99
N GLU D 41 15.89 33.16 -55.22
CA GLU D 41 15.97 33.04 -53.76
C GLU D 41 14.62 33.17 -53.08
N GLY D 42 14.32 32.23 -52.19
CA GLY D 42 13.21 32.34 -51.26
C GLY D 42 11.82 32.28 -51.87
N LEU D 43 10.87 32.93 -51.20
CA LEU D 43 9.47 32.89 -51.61
C LEU D 43 9.16 34.06 -52.53
N THR D 44 8.71 33.77 -53.75
CA THR D 44 8.30 34.81 -54.68
C THR D 44 6.79 34.72 -54.88
N ILE D 45 6.12 35.86 -54.78
CA ILE D 45 4.67 35.90 -54.88
C ILE D 45 4.20 36.95 -55.85
N PHE D 46 3.43 36.53 -56.84
CA PHE D 46 2.88 37.47 -57.81
C PHE D 46 1.48 37.96 -57.42
N LEU D 47 1.25 39.27 -57.46
CA LEU D 47 -0.11 39.78 -57.24
C LEU D 47 -0.77 39.98 -58.59
N VAL D 48 -1.78 39.20 -58.88
CA VAL D 48 -2.35 39.21 -60.22
C VAL D 48 -3.86 39.40 -60.18
N ASN D 49 -4.38 40.10 -61.18
CA ASN D 49 -5.81 40.21 -61.37
C ASN D 49 -6.20 39.70 -62.75
N ASN D 50 -7.49 39.70 -63.05
CA ASN D 50 -7.97 39.43 -64.40
C ASN D 50 -9.17 40.33 -64.65
N PRO D 51 -8.93 41.51 -65.25
CA PRO D 51 -10.02 42.47 -65.50
C PRO D 51 -11.06 41.94 -66.49
N GLY D 52 -12.30 42.35 -66.27
CA GLY D 52 -13.40 41.85 -67.06
C GLY D 52 -13.85 40.48 -66.57
N LYS D 53 -13.01 39.47 -66.81
CA LYS D 53 -13.35 38.08 -66.50
C LYS D 53 -13.41 37.77 -64.98
N GLU D 54 -14.62 37.84 -64.40
CA GLU D 54 -14.84 37.56 -63.00
C GLU D 54 -14.32 36.18 -62.60
N ASN D 55 -13.48 36.15 -61.55
CA ASN D 55 -12.84 34.92 -61.08
C ASN D 55 -12.10 34.20 -62.20
N GLY D 56 -11.50 34.99 -63.10
CA GLY D 56 -10.80 34.46 -64.25
C GLY D 56 -9.53 33.72 -63.89
N PRO D 57 -8.95 33.04 -64.87
CA PRO D 57 -7.68 32.35 -64.62
C PRO D 57 -6.52 33.30 -64.30
N VAL D 58 -5.53 32.77 -63.61
CA VAL D 58 -4.28 33.45 -63.33
C VAL D 58 -3.43 33.46 -64.60
N LYS D 59 -2.73 34.55 -64.84
CA LYS D 59 -1.82 34.64 -65.96
C LYS D 59 -0.66 35.53 -65.56
N ILE D 60 0.56 35.01 -65.63
CA ILE D 60 1.75 35.76 -65.23
C ILE D 60 2.45 36.35 -66.45
N SER D 61 2.62 37.67 -66.44
CA SER D 61 3.22 38.36 -67.58
C SER D 61 4.75 38.41 -67.50
N SER D 62 5.26 38.76 -66.33
CA SER D 62 6.70 38.97 -66.10
C SER D 62 7.60 37.86 -66.57
N LYS D 63 8.73 38.25 -67.16
CA LYS D 63 9.80 37.33 -67.49
C LYS D 63 10.62 37.06 -66.22
N VAL D 64 10.94 35.79 -65.95
CA VAL D 64 11.78 35.49 -64.80
C VAL D 64 13.10 34.87 -65.29
N ASN D 65 14.12 34.96 -64.44
CA ASN D 65 15.49 34.57 -64.79
C ASN D 65 15.84 33.15 -64.40
N ASP D 66 14.83 32.29 -64.27
CA ASP D 66 15.06 30.89 -63.90
C ASP D 66 14.18 30.00 -64.75
N LYS D 67 14.77 28.96 -65.35
CA LYS D 67 14.03 28.13 -66.29
C LYS D 67 13.02 27.23 -65.59
N GLN D 68 13.36 26.72 -64.40
CA GLN D 68 12.40 25.89 -63.67
C GLN D 68 11.13 26.68 -63.30
N VAL D 69 11.31 27.89 -62.76
CA VAL D 69 10.17 28.71 -62.38
C VAL D 69 9.40 29.19 -63.62
N SER D 70 10.11 29.41 -64.73
CA SER D 70 9.47 29.81 -65.97
C SER D 70 8.46 28.80 -66.45
N GLU D 71 8.86 27.53 -66.42
CA GLU D 71 7.95 26.46 -66.82
C GLU D 71 6.76 26.37 -65.87
N PHE D 72 7.01 26.57 -64.58
CA PHE D 72 5.94 26.52 -63.59
C PHE D 72 4.91 27.60 -63.87
N LEU D 73 5.40 28.78 -64.31
CA LEU D 73 4.58 29.96 -64.52
C LEU D 73 3.90 30.06 -65.88
N LYS D 74 4.11 29.08 -66.75
CA LYS D 74 3.50 29.12 -68.08
C LYS D 74 1.96 29.05 -67.96
N ASP D 75 1.27 29.56 -68.97
CA ASP D 75 -0.18 29.72 -68.89
C ASP D 75 -0.95 28.43 -68.69
N GLU D 76 -0.49 27.35 -69.32
CA GLU D 76 -1.21 26.08 -69.26
C GLU D 76 -1.29 25.63 -67.81
N ASN D 77 -0.27 25.96 -67.04
CA ASN D 77 -0.24 25.55 -65.65
C ASN D 77 -0.97 26.55 -64.76
N MET D 78 -0.79 27.84 -65.03
CA MET D 78 -1.34 28.87 -64.16
C MET D 78 -2.86 29.02 -64.31
N GLU D 79 -3.42 28.52 -65.41
CA GLU D 79 -4.85 28.71 -65.62
C GLU D 79 -5.67 27.69 -64.83
N LYS D 80 -4.97 26.78 -64.15
CA LYS D 80 -5.61 25.88 -63.19
C LYS D 80 -6.13 26.66 -61.98
N PHE D 81 -5.52 27.81 -61.74
CA PHE D 81 -5.85 28.63 -60.60
C PHE D 81 -6.62 29.88 -61.04
N ASN D 82 -7.32 30.51 -60.11
CA ASN D 82 -8.07 31.71 -60.45
C ASN D 82 -7.79 32.90 -59.54
N VAL D 83 -8.31 34.06 -59.94
CA VAL D 83 -7.95 35.33 -59.28
C VAL D 83 -8.94 35.87 -58.24
N LYS D 84 -9.92 35.08 -57.81
CA LYS D 84 -10.90 35.54 -56.81
C LYS D 84 -10.17 36.18 -55.63
N LEU D 85 -10.59 37.39 -55.26
CA LEU D 85 -9.86 38.20 -54.29
C LEU D 85 -9.45 37.42 -53.03
N GLY D 86 -8.14 37.43 -52.74
CA GLY D 86 -7.59 36.81 -51.55
C GLY D 86 -7.21 35.35 -51.72
N THR D 87 -7.66 34.73 -52.80
CA THR D 87 -7.29 33.34 -53.05
C THR D 87 -5.80 33.20 -53.39
N SER D 88 -5.14 32.21 -52.81
CA SER D 88 -3.73 31.99 -53.11
C SER D 88 -3.37 30.50 -53.23
N LYS D 89 -2.23 30.27 -53.87
CA LYS D 89 -1.55 28.99 -54.00
C LYS D 89 -0.07 29.33 -53.96
N HIS D 90 0.75 28.48 -53.36
CA HIS D 90 2.20 28.60 -53.54
C HIS D 90 2.86 27.22 -53.49
N PHE D 91 3.90 27.03 -54.32
CA PHE D 91 4.56 25.72 -54.48
C PHE D 91 6.06 25.76 -54.23
N TYR D 92 6.58 24.73 -53.58
CA TYR D 92 8.02 24.59 -53.42
C TYR D 92 8.61 23.86 -54.60
N MET D 93 9.78 24.30 -55.05
CA MET D 93 10.46 23.67 -56.17
C MET D 93 11.96 23.92 -56.10
N PHE D 94 12.70 23.38 -57.05
CA PHE D 94 14.13 23.65 -57.11
C PHE D 94 14.44 24.51 -58.30
N ASN D 95 15.23 25.57 -58.08
CA ASN D 95 15.61 26.44 -59.18
C ASN D 95 16.64 25.76 -60.08
N ASP D 96 17.15 26.49 -61.07
CA ASP D 96 18.11 25.93 -62.01
C ASP D 96 19.37 25.41 -61.31
N ASN D 97 19.68 26.02 -60.17
CA ASN D 97 20.88 25.67 -59.41
C ASN D 97 20.62 24.68 -58.30
N LYS D 98 19.45 24.03 -58.35
CA LYS D 98 19.04 23.00 -57.39
C LYS D 98 18.89 23.52 -55.96
N ASN D 99 18.67 24.82 -55.82
CA ASN D 99 18.29 25.42 -54.53
C ASN D 99 16.77 25.45 -54.36
N SER D 100 16.31 25.43 -53.12
CA SER D 100 14.89 25.43 -52.83
C SER D 100 14.30 26.84 -52.79
N VAL D 101 13.33 27.08 -53.66
CA VAL D 101 12.58 28.33 -53.70
C VAL D 101 11.08 28.01 -53.63
N ALA D 102 10.25 29.02 -53.44
CA ALA D 102 8.81 28.79 -53.54
C ALA D 102 8.14 29.90 -54.29
N VAL D 103 7.16 29.54 -55.10
CA VAL D 103 6.50 30.49 -55.98
C VAL D 103 4.97 30.36 -55.89
N GLY D 104 4.31 31.50 -55.76
CA GLY D 104 2.87 31.52 -55.80
C GLY D 104 2.31 32.85 -56.24
N TYR D 105 1.04 33.04 -55.93
CA TYR D 105 0.28 34.21 -56.33
C TYR D 105 -0.81 34.47 -55.30
N VAL D 106 -1.35 35.67 -55.31
CA VAL D 106 -2.54 36.03 -54.55
C VAL D 106 -3.48 36.70 -55.53
N GLY D 107 -4.72 36.24 -55.59
CA GLY D 107 -5.69 36.88 -56.47
C GLY D 107 -6.04 38.28 -56.01
N CYS D 108 -6.12 39.21 -56.94
CA CYS D 108 -6.52 40.57 -56.60
C CYS D 108 -7.80 40.97 -57.29
N GLY D 109 -8.64 39.98 -57.58
CA GLY D 109 -9.96 40.20 -58.14
C GLY D 109 -9.98 40.60 -59.61
N SER D 110 -11.12 41.11 -60.06
CA SER D 110 -11.30 41.49 -61.46
C SER D 110 -11.51 42.99 -61.63
N VAL D 111 -11.36 43.75 -60.56
CA VAL D 111 -11.45 45.20 -60.65
C VAL D 111 -10.07 45.85 -60.54
N ALA D 112 -9.72 46.65 -61.54
CA ALA D 112 -8.37 47.21 -61.64
C ALA D 112 -7.97 48.09 -60.45
N ASP D 113 -8.94 48.77 -59.85
CA ASP D 113 -8.60 49.69 -58.77
C ASP D 113 -8.88 49.09 -57.39
N LEU D 114 -7.84 48.57 -56.75
CA LEU D 114 -7.97 48.05 -55.39
C LEU D 114 -8.35 49.13 -54.39
N SER D 115 -9.34 48.84 -53.55
CA SER D 115 -9.61 49.67 -52.39
C SER D 115 -8.66 49.27 -51.27
N GLU D 116 -8.62 50.07 -50.22
CA GLU D 116 -7.79 49.75 -49.08
C GLU D 116 -8.30 48.46 -48.39
N ALA D 117 -9.61 48.24 -48.41
CA ALA D 117 -10.18 47.03 -47.85
C ALA D 117 -9.76 45.80 -48.66
N ASP D 118 -9.80 45.93 -49.99
CA ASP D 118 -9.33 44.87 -50.88
C ASP D 118 -7.85 44.58 -50.64
N MET D 119 -7.05 45.64 -50.54
CA MET D 119 -5.61 45.47 -50.33
C MET D 119 -5.31 44.70 -49.03
N LYS D 120 -6.05 45.04 -47.97
CA LYS D 120 -5.91 44.36 -46.70
C LYS D 120 -6.17 42.85 -46.80
N ARG D 121 -7.15 42.47 -47.62
CA ARG D 121 -7.42 41.06 -47.91
C ARG D 121 -6.24 40.39 -48.61
N VAL D 122 -5.63 41.10 -49.56
CA VAL D 122 -4.48 40.56 -50.26
C VAL D 122 -3.32 40.34 -49.29
N VAL D 123 -3.05 41.35 -48.46
CA VAL D 123 -1.99 41.27 -47.48
C VAL D 123 -2.20 40.12 -46.48
N LEU D 124 -3.45 39.96 -46.05
CA LEU D 124 -3.80 38.89 -45.12
C LEU D 124 -3.54 37.55 -45.75
N SER D 125 -3.87 37.42 -47.03
CA SER D 125 -3.61 36.17 -47.72
C SER D 125 -2.09 35.93 -47.75
N LEU D 126 -1.33 37.00 -47.95
CA LEU D 126 0.12 36.93 -47.99
C LEU D 126 0.69 36.59 -46.62
N VAL D 127 0.10 37.18 -45.57
CA VAL D 127 0.59 37.00 -44.21
C VAL D 127 0.44 35.55 -43.79
N THR D 128 -0.64 34.94 -44.26
CA THR D 128 -0.92 33.52 -44.01
C THR D 128 0.15 32.60 -44.60
N MET D 129 0.65 32.97 -45.76
CA MET D 129 1.76 32.24 -46.36
C MET D 129 3.04 32.44 -45.55
N LEU D 130 3.32 33.69 -45.19
CA LEU D 130 4.48 34.02 -44.38
C LEU D 130 4.47 33.34 -43.01
N HIS D 131 3.29 33.19 -42.41
CA HIS D 131 3.22 32.65 -41.06
C HIS D 131 3.52 31.16 -41.02
N ASP D 132 3.68 30.57 -42.19
CA ASP D 132 4.13 29.20 -42.30
C ASP D 132 5.36 29.08 -43.20
N ASN D 133 6.23 30.10 -43.17
CA ASN D 133 7.38 30.19 -44.07
C ASN D 133 8.70 30.24 -43.32
N LYS D 134 9.73 29.57 -43.84
CA LYS D 134 11.05 29.63 -43.23
C LYS D 134 12.13 30.05 -44.21
N LEU D 135 11.74 30.58 -45.36
CA LEU D 135 12.74 31.09 -46.29
C LEU D 135 13.08 32.51 -45.84
N SER D 136 14.30 32.96 -46.13
CA SER D 136 14.81 34.22 -45.60
C SER D 136 14.38 35.44 -46.41
N LYS D 137 13.96 35.22 -47.65
CA LYS D 137 13.56 36.33 -48.52
C LYS D 137 12.13 36.17 -49.02
N LEU D 138 11.40 37.28 -49.07
CA LEU D 138 10.13 37.31 -49.77
C LEU D 138 10.21 38.33 -50.89
N THR D 139 9.83 37.93 -52.10
CA THR D 139 9.68 38.85 -53.23
C THR D 139 8.21 38.99 -53.57
N VAL D 140 7.73 40.23 -53.64
CA VAL D 140 6.37 40.51 -54.08
C VAL D 140 6.39 41.19 -55.44
N VAL D 141 5.66 40.64 -56.41
CA VAL D 141 5.66 41.23 -57.73
C VAL D 141 4.30 41.84 -58.08
N PHE D 142 4.27 43.16 -58.26
CA PHE D 142 3.03 43.85 -58.54
C PHE D 142 2.67 43.85 -60.01
N GLU D 143 1.86 42.87 -60.42
CA GLU D 143 1.32 42.87 -61.77
C GLU D 143 -0.08 43.48 -61.73
N ILE D 144 -0.25 44.45 -60.84
CA ILE D 144 -1.47 45.24 -60.75
C ILE D 144 -1.08 46.71 -60.61
N ASN D 145 -2.07 47.60 -60.65
CA ASN D 145 -1.81 49.03 -60.50
C ASN D 145 -2.11 49.55 -59.13
N VAL D 146 -1.09 50.12 -58.50
CA VAL D 146 -1.29 50.85 -57.26
C VAL D 146 -0.61 52.19 -57.37
N ASP D 147 -1.09 53.16 -56.58
CA ASP D 147 -0.44 54.46 -56.48
C ASP D 147 0.51 54.45 -55.30
N LYS D 148 1.19 55.58 -55.09
CA LYS D 148 2.19 55.70 -54.02
C LYS D 148 1.63 55.44 -52.62
N ASN D 149 0.52 56.08 -52.31
CA ASN D 149 -0.06 55.96 -50.96
C ASN D 149 -0.55 54.54 -50.68
N LEU D 150 -1.14 53.91 -51.68
CA LEU D 150 -1.65 52.56 -51.50
C LEU D 150 -0.49 51.58 -51.35
N PHE D 151 0.58 51.83 -52.10
CA PHE D 151 1.77 51.01 -52.00
C PHE D 151 2.32 51.10 -50.59
N ARG D 152 2.41 52.32 -50.08
CA ARG D 152 2.87 52.52 -48.71
C ARG D 152 1.93 51.81 -47.76
N PHE D 153 0.63 51.93 -48.01
CA PHE D 153 -0.37 51.19 -47.24
C PHE D 153 -0.13 49.68 -47.25
N PHE D 154 0.16 49.12 -48.43
CA PHE D 154 0.44 47.69 -48.54
C PHE D 154 1.62 47.30 -47.64
N LEU D 155 2.68 48.12 -47.62
CA LEU D 155 3.85 47.81 -46.80
C LEU D 155 3.49 47.87 -45.31
N GLU D 156 2.84 48.96 -44.91
CA GLU D 156 2.44 49.16 -43.51
C GLU D 156 1.57 48.04 -43.01
N THR D 157 0.61 47.64 -43.84
CA THR D 157 -0.35 46.61 -43.47
C THR D 157 0.36 45.27 -43.38
N LEU D 158 1.24 45.02 -44.36
CA LEU D 158 2.04 43.81 -44.35
C LEU D 158 2.86 43.72 -43.07
N PHE D 159 3.51 44.81 -42.69
CA PHE D 159 4.34 44.83 -41.49
C PHE D 159 3.49 44.62 -40.24
N TYR D 160 2.41 45.39 -40.12
CA TYR D 160 1.59 45.31 -38.92
C TYR D 160 0.95 43.93 -38.79
N GLU D 161 0.44 43.37 -39.88
CA GLU D 161 -0.22 42.05 -39.79
C GLU D 161 0.76 40.89 -39.65
N TYR D 162 2.00 41.11 -40.07
CA TYR D 162 3.04 40.08 -40.02
C TYR D 162 3.55 39.91 -38.61
N MET D 163 3.73 41.03 -37.93
CA MET D 163 4.21 41.08 -36.55
C MET D 163 3.16 40.50 -35.57
N THR D 164 3.57 39.59 -34.70
CA THR D 164 2.62 39.06 -33.72
C THR D 164 3.05 39.38 -32.30
N ASP D 165 2.12 39.91 -31.51
CA ASP D 165 2.37 40.36 -30.13
C ASP D 165 2.43 39.16 -29.20
N GLU D 166 3.62 38.89 -28.68
CA GLU D 166 3.86 37.72 -27.85
C GLU D 166 4.20 38.09 -26.40
N ARG D 167 4.01 39.35 -26.03
CA ARG D 167 4.44 39.82 -24.71
C ARG D 167 3.78 39.09 -23.54
N PHE D 168 2.63 38.47 -23.77
CA PHE D 168 1.90 37.87 -22.65
C PHE D 168 1.82 36.35 -22.76
N LYS D 169 2.59 35.79 -23.68
CA LYS D 169 2.77 34.34 -23.77
C LYS D 169 3.96 33.92 -22.93
N SER D 170 3.93 32.68 -22.44
CA SER D 170 5.08 32.11 -21.75
C SER D 170 5.80 31.06 -22.61
N ASN D 176 7.72 26.24 -37.03
CA ASN D 176 6.54 26.94 -37.51
C ASN D 176 6.85 27.95 -38.66
N MET D 177 7.46 29.08 -38.30
CA MET D 177 7.97 30.06 -39.27
C MET D 177 9.22 30.77 -38.72
N GLU D 178 9.79 31.62 -39.56
CA GLU D 178 10.85 32.51 -39.12
C GLU D 178 10.68 33.83 -39.86
N TYR D 179 10.91 34.95 -39.19
CA TYR D 179 10.75 36.23 -39.85
C TYR D 179 11.81 36.41 -40.94
N ILE D 180 11.38 36.87 -42.11
CA ILE D 180 12.30 37.13 -43.20
C ILE D 180 13.30 38.22 -42.83
N LYS D 181 14.38 38.29 -43.59
CA LYS D 181 15.44 39.27 -43.37
C LYS D 181 15.50 40.22 -44.55
N HIS D 182 14.84 39.82 -45.64
CA HIS D 182 14.82 40.62 -46.86
C HIS D 182 13.45 40.68 -47.48
N LEU D 183 13.09 41.87 -47.95
CA LEU D 183 11.87 42.06 -48.72
C LEU D 183 12.21 42.70 -50.06
N GLY D 184 11.82 42.02 -51.14
CA GLY D 184 12.00 42.54 -52.48
C GLY D 184 10.67 42.83 -53.15
N VAL D 185 10.55 44.03 -53.72
CA VAL D 185 9.36 44.43 -54.47
C VAL D 185 9.68 44.76 -55.91
N TYR D 186 8.91 44.21 -56.84
CA TYR D 186 8.94 44.63 -58.23
C TYR D 186 7.64 45.35 -58.62
N ILE D 187 7.77 46.56 -59.15
CA ILE D 187 6.63 47.42 -59.39
C ILE D 187 7.02 48.45 -60.44
N ASN D 188 6.05 48.99 -61.18
CA ASN D 188 6.36 49.99 -62.16
C ASN D 188 6.74 51.32 -61.50
N ASN D 189 7.70 52.03 -62.09
CA ASN D 189 8.28 53.24 -61.51
C ASN D 189 8.92 53.03 -60.14
N ALA D 190 9.76 52.00 -60.00
CA ALA D 190 10.41 51.69 -58.72
C ALA D 190 10.99 52.92 -58.01
N ASP D 191 11.73 53.74 -58.74
CA ASP D 191 12.42 54.89 -58.13
C ASP D 191 11.48 55.87 -57.41
N THR D 192 10.27 56.06 -57.91
CA THR D 192 9.33 56.97 -57.26
C THR D 192 8.68 56.39 -55.99
N TYR D 193 8.74 55.08 -55.84
CA TYR D 193 8.09 54.40 -54.72
C TYR D 193 9.06 54.16 -53.57
N LYS D 194 10.35 54.22 -53.87
CA LYS D 194 11.38 53.93 -52.88
C LYS D 194 11.30 54.78 -51.62
N GLU D 195 10.82 56.00 -51.73
CA GLU D 195 10.83 56.91 -50.59
C GLU D 195 9.66 56.63 -49.64
N GLU D 196 8.77 55.71 -50.04
CA GLU D 196 7.65 55.31 -49.21
C GLU D 196 8.06 54.21 -48.25
N VAL D 197 9.21 53.59 -48.48
CA VAL D 197 9.59 52.43 -47.68
C VAL D 197 9.88 52.78 -46.22
N GLU D 198 10.72 53.79 -45.98
CA GLU D 198 11.05 54.09 -44.58
C GLU D 198 9.94 54.88 -43.91
N LYS D 199 9.06 55.49 -44.70
CA LYS D 199 7.89 56.13 -44.10
C LYS D 199 6.95 55.04 -43.61
N ALA D 200 6.76 54.01 -44.41
CA ALA D 200 5.93 52.88 -44.02
C ALA D 200 6.49 52.22 -42.76
N ARG D 201 7.82 52.22 -42.63
CA ARG D 201 8.40 51.55 -41.49
C ARG D 201 8.07 52.32 -40.22
N VAL D 202 8.08 53.64 -40.31
CA VAL D 202 7.77 54.49 -39.17
C VAL D 202 6.28 54.41 -38.83
N TYR D 203 5.43 54.50 -39.86
CA TYR D 203 3.99 54.42 -39.70
C TYR D 203 3.60 53.08 -39.10
N TYR D 204 4.29 52.03 -39.54
CA TYR D 204 4.06 50.73 -38.95
C TYR D 204 4.35 50.75 -37.44
N PHE D 205 5.48 51.27 -37.01
CA PHE D 205 5.75 51.07 -35.60
C PHE D 205 4.87 51.96 -34.72
N GLY D 206 4.54 53.16 -35.18
CA GLY D 206 3.61 54.02 -34.48
C GLY D 206 2.28 53.31 -34.24
N THR D 207 1.82 52.61 -35.27
CA THR D 207 0.59 51.83 -35.24
C THR D 207 0.75 50.66 -34.30
N TYR D 208 1.88 49.98 -34.41
CA TYR D 208 2.13 48.79 -33.64
C TYR D 208 2.26 49.17 -32.16
N TYR D 209 2.92 50.29 -31.92
CA TYR D 209 3.07 50.79 -30.57
C TYR D 209 1.69 51.14 -29.95
N ALA D 210 0.83 51.81 -30.70
CA ALA D 210 -0.53 52.09 -30.22
C ALA D 210 -1.22 50.76 -29.88
N SER D 211 -1.02 49.80 -30.76
CA SER D 211 -1.66 48.51 -30.63
C SER D 211 -1.22 47.78 -29.36
N GLN D 212 0.07 47.88 -29.03
CA GLN D 212 0.60 47.21 -27.86
C GLN D 212 0.00 47.79 -26.57
N LEU D 213 -0.22 49.10 -26.55
CA LEU D 213 -0.84 49.76 -25.39
C LEU D 213 -2.31 49.36 -25.27
N ILE D 214 -3.03 49.34 -26.40
CA ILE D 214 -4.42 48.98 -26.37
C ILE D 214 -4.58 47.54 -25.93
N ALA D 215 -3.78 46.64 -26.51
CA ALA D 215 -3.89 45.21 -26.26
C ALA D 215 -3.52 44.85 -24.85
N ALA D 216 -2.63 45.64 -24.24
CA ALA D 216 -2.22 45.45 -22.87
C ALA D 216 -3.43 45.54 -21.95
N PRO D 217 -3.71 44.47 -21.19
CA PRO D 217 -4.88 44.43 -20.31
C PRO D 217 -4.80 45.50 -19.21
N SER D 218 -5.95 45.79 -18.58
CA SER D 218 -6.05 46.89 -17.61
C SER D 218 -5.28 46.67 -16.30
N ASN D 219 -5.00 45.42 -15.93
CA ASN D 219 -4.06 45.23 -14.84
C ASN D 219 -2.60 45.61 -15.24
N TYR D 220 -2.21 45.41 -16.50
CA TYR D 220 -0.88 45.88 -16.91
C TYR D 220 -0.92 47.37 -17.22
N CYS D 221 -1.92 47.78 -17.99
CA CYS D 221 -2.04 49.16 -18.46
C CYS D 221 -3.08 49.93 -17.64
N ASN D 222 -2.61 50.75 -16.72
CA ASN D 222 -3.43 51.55 -15.82
C ASN D 222 -2.96 53.01 -15.93
N PRO D 223 -3.63 53.94 -15.25
CA PRO D 223 -3.22 55.35 -15.43
C PRO D 223 -1.76 55.66 -15.09
N VAL D 224 -1.20 54.98 -14.10
CA VAL D 224 0.19 55.22 -13.69
C VAL D 224 1.20 54.56 -14.66
N SER D 225 0.95 53.31 -15.05
CA SER D 225 1.85 52.63 -15.97
C SER D 225 1.78 53.22 -17.38
N LEU D 226 0.61 53.72 -17.76
CA LEU D 226 0.47 54.27 -19.10
C LEU D 226 1.17 55.62 -19.19
N SER D 227 1.10 56.40 -18.11
CA SER D 227 1.70 57.72 -18.11
C SER D 227 3.22 57.56 -18.03
N ASN D 228 3.67 56.57 -17.27
CA ASN D 228 5.08 56.19 -17.27
C ASN D 228 5.61 55.85 -18.65
N ALA D 229 4.83 55.05 -19.37
CA ALA D 229 5.20 54.64 -20.73
C ALA D 229 5.30 55.86 -21.65
N ALA D 230 4.44 56.85 -21.44
CA ALA D 230 4.47 58.08 -22.23
C ALA D 230 5.75 58.84 -21.94
N VAL D 231 6.14 58.87 -20.67
CA VAL D 231 7.36 59.57 -20.24
C VAL D 231 8.58 58.95 -20.88
N GLU D 232 8.64 57.62 -20.84
CA GLU D 232 9.72 56.85 -21.42
C GLU D 232 9.80 57.07 -22.92
N LEU D 233 8.65 57.09 -23.58
CA LEU D 233 8.59 57.36 -25.01
C LEU D 233 9.15 58.75 -25.32
N ALA D 234 8.72 59.75 -24.54
CA ALA D 234 9.15 61.12 -24.73
C ALA D 234 10.66 61.25 -24.56
N GLN D 235 11.22 60.48 -23.65
CA GLN D 235 12.65 60.52 -23.38
C GLN D 235 13.42 59.92 -24.52
N LYS D 236 12.90 58.84 -25.11
CA LYS D 236 13.56 58.20 -26.26
C LYS D 236 13.50 59.06 -27.51
N LEU D 237 12.55 59.98 -27.55
CA LEU D 237 12.32 60.77 -28.75
C LEU D 237 12.78 62.20 -28.60
N ASN D 238 13.27 62.56 -27.42
CA ASN D 238 13.62 63.94 -27.07
C ASN D 238 12.43 64.90 -27.14
N LEU D 239 11.29 64.47 -26.61
CA LEU D 239 10.13 65.33 -26.50
C LEU D 239 10.01 65.91 -25.10
N GLU D 240 9.55 67.16 -25.01
CA GLU D 240 9.17 67.76 -23.74
C GLU D 240 8.00 66.97 -23.18
N TYR D 241 8.05 66.65 -21.89
CA TYR D 241 6.94 65.97 -21.25
C TYR D 241 6.64 66.58 -19.89
N LYS D 242 5.41 66.36 -19.46
CA LYS D 242 4.92 66.73 -18.17
C LYS D 242 3.79 65.77 -17.79
N ILE D 243 3.81 65.27 -16.57
CA ILE D 243 2.67 64.49 -16.11
C ILE D 243 2.04 65.22 -14.95
N LEU D 244 0.76 65.54 -15.10
CA LEU D 244 0.02 66.22 -14.04
C LEU D 244 -0.63 65.21 -13.12
N GLY D 245 -0.31 65.30 -11.84
CA GLY D 245 -0.93 64.44 -10.85
C GLY D 245 -2.11 65.13 -10.17
N VAL D 246 -2.66 64.48 -9.15
CA VAL D 246 -3.95 64.88 -8.60
C VAL D 246 -3.92 66.26 -7.97
N LYS D 247 -2.85 66.61 -7.27
CA LYS D 247 -2.81 67.91 -6.61
C LYS D 247 -2.81 69.03 -7.65
N GLU D 248 -2.07 68.83 -8.74
CA GLU D 248 -2.04 69.83 -9.81
C GLU D 248 -3.39 69.91 -10.52
N LEU D 249 -4.06 68.76 -10.66
CA LEU D 249 -5.34 68.73 -11.34
C LEU D 249 -6.40 69.43 -10.51
N GLU D 250 -6.34 69.24 -9.20
CA GLU D 250 -7.24 69.94 -8.29
C GLU D 250 -7.04 71.46 -8.37
N GLU D 251 -5.78 71.90 -8.43
CA GLU D 251 -5.48 73.32 -8.52
C GLU D 251 -6.03 73.90 -9.81
N LEU D 252 -5.98 73.10 -10.88
CA LEU D 252 -6.52 73.51 -12.18
C LEU D 252 -8.04 73.26 -12.30
N LYS D 253 -8.63 72.68 -11.26
CA LYS D 253 -10.10 72.59 -11.11
C LYS D 253 -10.75 71.62 -12.08
N MET D 254 -10.02 70.60 -12.50
CA MET D 254 -10.54 69.65 -13.48
C MET D 254 -11.55 68.70 -12.81
N GLY D 255 -12.67 69.25 -12.35
CA GLY D 255 -13.61 68.52 -11.52
C GLY D 255 -14.33 67.42 -12.28
N ALA D 256 -14.50 67.61 -13.57
CA ALA D 256 -15.20 66.59 -14.36
C ALA D 256 -14.29 65.37 -14.50
N TYR D 257 -13.06 65.62 -14.93
CA TYR D 257 -12.04 64.59 -15.10
C TYR D 257 -11.80 63.83 -13.79
N LEU D 258 -11.65 64.54 -12.69
CA LEU D 258 -11.35 63.88 -11.43
C LEU D 258 -12.51 63.03 -10.93
N SER D 259 -13.74 63.44 -11.25
CA SER D 259 -14.92 62.69 -10.80
C SER D 259 -14.91 61.28 -11.38
N VAL D 260 -14.56 61.17 -12.66
CA VAL D 260 -14.47 59.87 -13.31
C VAL D 260 -13.46 58.95 -12.58
N GLY D 261 -12.30 59.49 -12.21
CA GLY D 261 -11.28 58.67 -11.56
C GLY D 261 -11.46 58.37 -10.08
N LYS D 262 -12.44 58.99 -9.43
CA LYS D 262 -12.55 58.91 -7.96
C LYS D 262 -12.61 57.48 -7.40
N GLY D 263 -13.30 56.59 -8.12
CA GLY D 263 -13.46 55.23 -7.66
C GLY D 263 -12.30 54.29 -7.93
N SER D 264 -11.28 54.76 -8.63
CA SER D 264 -10.15 53.90 -8.97
C SER D 264 -9.07 53.87 -7.87
N MET D 265 -8.28 52.81 -7.85
CA MET D 265 -7.15 52.69 -6.93
C MET D 265 -5.93 53.35 -7.54
N TYR D 266 -6.02 53.66 -8.83
CA TYR D 266 -4.96 54.36 -9.53
C TYR D 266 -5.28 55.85 -9.65
N PRO D 267 -4.34 56.70 -9.24
CA PRO D 267 -4.42 58.15 -9.31
C PRO D 267 -4.52 58.66 -10.75
N ASN D 268 -5.41 59.61 -11.02
CA ASN D 268 -5.49 60.22 -12.34
C ASN D 268 -4.14 60.76 -12.79
N LYS D 269 -3.83 60.60 -14.07
CA LYS D 269 -2.61 61.12 -14.65
C LYS D 269 -2.90 61.81 -15.97
N PHE D 270 -2.60 63.09 -16.04
CA PHE D 270 -2.80 63.84 -17.27
C PHE D 270 -1.46 63.91 -18.02
N ILE D 271 -1.45 63.41 -19.25
CA ILE D 271 -0.24 63.33 -20.08
C ILE D 271 -0.16 64.49 -21.04
N HIS D 272 0.98 65.18 -21.03
CA HIS D 272 1.22 66.28 -21.94
C HIS D 272 2.63 66.23 -22.50
N LEU D 273 2.73 65.83 -23.77
CA LEU D 273 3.99 65.79 -24.50
C LEU D 273 3.99 66.89 -25.55
N THR D 274 5.17 67.35 -25.92
CA THR D 274 5.30 68.45 -26.86
C THR D 274 6.38 68.17 -27.87
N TYR D 275 6.04 68.36 -29.14
CA TYR D 275 7.04 68.44 -30.18
C TYR D 275 7.12 69.88 -30.65
N LYS D 276 8.29 70.49 -30.57
CA LYS D 276 8.47 71.82 -31.13
C LYS D 276 9.51 71.75 -32.23
N SER D 277 9.20 72.31 -33.41
CA SER D 277 10.11 72.27 -34.55
C SER D 277 11.33 73.16 -34.32
N LYS D 278 12.42 72.85 -35.02
CA LYS D 278 13.69 73.57 -34.88
C LYS D 278 13.60 75.05 -35.24
N GLY D 279 12.93 75.37 -36.34
CA GLY D 279 12.85 76.74 -36.80
C GLY D 279 11.62 77.50 -36.33
N ASP D 280 11.17 78.47 -37.12
CA ASP D 280 10.00 79.26 -36.80
C ASP D 280 8.73 78.38 -36.76
N VAL D 281 7.86 78.63 -35.79
CA VAL D 281 6.64 77.86 -35.61
C VAL D 281 5.46 78.56 -36.28
N LYS D 282 4.83 77.88 -37.23
CA LYS D 282 3.78 78.51 -38.02
C LYS D 282 2.38 77.89 -37.80
N LYS D 283 2.33 76.75 -37.11
CA LYS D 283 1.07 76.14 -36.72
C LYS D 283 1.22 75.45 -35.36
N LYS D 284 0.28 75.69 -34.47
CA LYS D 284 0.22 74.98 -33.21
C LYS D 284 -1.01 74.08 -33.20
N ILE D 285 -0.78 72.79 -32.94
CA ILE D 285 -1.85 71.81 -32.91
C ILE D 285 -1.90 71.09 -31.56
N ALA D 286 -3.11 70.84 -31.05
CA ALA D 286 -3.28 69.93 -29.92
C ALA D 286 -3.97 68.65 -30.38
N LEU D 287 -3.36 67.50 -30.11
CA LEU D 287 -4.00 66.20 -30.34
C LEU D 287 -4.43 65.63 -28.98
N VAL D 288 -5.72 65.32 -28.86
CA VAL D 288 -6.30 64.89 -27.58
C VAL D 288 -6.90 63.49 -27.65
N GLY D 289 -6.46 62.61 -26.75
CA GLY D 289 -6.88 61.24 -26.81
C GLY D 289 -7.64 60.78 -25.58
N LYS D 290 -8.76 60.09 -25.79
CA LYS D 290 -9.52 59.52 -24.69
C LYS D 290 -8.68 58.43 -24.05
N GLY D 291 -8.54 58.49 -22.73
CA GLY D 291 -7.66 57.58 -22.03
C GLY D 291 -8.29 56.90 -20.85
N ILE D 292 -9.31 56.09 -21.10
CA ILE D 292 -9.91 55.31 -20.03
C ILE D 292 -9.25 53.93 -20.07
N THR D 293 -8.45 53.60 -19.06
CA THR D 293 -7.66 52.38 -19.16
C THR D 293 -8.55 51.18 -18.93
N PHE D 294 -9.69 51.41 -18.27
CA PHE D 294 -10.76 50.42 -18.25
C PHE D 294 -12.09 51.08 -17.92
N ASP D 295 -13.10 50.71 -18.68
CA ASP D 295 -14.42 51.28 -18.50
C ASP D 295 -15.39 50.19 -18.04
N SER D 296 -15.50 50.02 -16.73
CA SER D 296 -16.46 49.09 -16.16
C SER D 296 -17.86 49.60 -16.37
N GLY D 297 -17.98 50.91 -16.57
CA GLY D 297 -19.27 51.57 -16.63
C GLY D 297 -19.56 52.38 -15.39
N GLY D 298 -18.84 52.10 -14.31
CA GLY D 298 -19.13 52.70 -13.03
C GLY D 298 -20.45 52.13 -12.52
N TYR D 299 -21.16 52.90 -11.70
CA TYR D 299 -22.40 52.40 -11.12
C TYR D 299 -23.45 52.08 -12.19
N ASN D 300 -23.41 52.76 -13.33
CA ASN D 300 -24.15 52.31 -14.50
C ASN D 300 -23.37 51.17 -15.19
N LEU D 301 -23.22 50.08 -14.47
CA LEU D 301 -22.33 48.98 -14.84
C LEU D 301 -22.69 48.33 -16.17
N LYS D 302 -21.66 48.01 -16.94
CA LYS D 302 -21.86 47.29 -18.19
C LYS D 302 -22.34 45.85 -17.95
N ALA D 303 -23.64 45.69 -17.76
CA ALA D 303 -24.20 44.39 -17.41
C ALA D 303 -25.20 43.87 -18.45
N ALA D 304 -25.70 44.77 -19.28
CA ALA D 304 -26.57 44.40 -20.39
C ALA D 304 -25.83 43.46 -21.35
N PRO D 305 -26.57 42.53 -21.99
CA PRO D 305 -25.96 41.68 -23.02
C PRO D 305 -25.45 42.53 -24.19
N GLY D 306 -24.32 42.12 -24.76
CA GLY D 306 -23.72 42.89 -25.84
C GLY D 306 -22.88 44.09 -25.43
N SER D 307 -22.80 44.38 -24.12
CA SER D 307 -22.16 45.62 -23.68
C SER D 307 -20.62 45.50 -23.67
N MET D 308 -20.11 44.29 -23.88
CA MET D 308 -18.70 44.08 -24.24
C MET D 308 -17.71 44.49 -23.15
N ILE D 309 -18.01 44.17 -21.90
CA ILE D 309 -17.17 44.63 -20.80
C ILE D 309 -15.75 44.04 -20.85
N ASP D 310 -15.60 42.86 -21.44
CA ASP D 310 -14.29 42.21 -21.49
C ASP D 310 -13.32 42.89 -22.46
N LEU D 311 -13.84 43.78 -23.29
CA LEU D 311 -13.01 44.43 -24.30
C LEU D 311 -12.66 45.84 -23.86
N MET D 312 -13.15 46.24 -22.70
CA MET D 312 -13.08 47.64 -22.28
C MET D 312 -11.68 48.11 -21.86
N LYS D 313 -10.67 47.29 -22.08
CA LYS D 313 -9.31 47.78 -22.05
C LYS D 313 -9.01 48.62 -23.32
N PHE D 314 -9.81 48.48 -24.38
CA PHE D 314 -9.64 49.24 -25.63
C PHE D 314 -9.98 50.73 -25.46
N ASP D 315 -10.49 51.09 -24.29
CA ASP D 315 -11.07 52.43 -24.11
C ASP D 315 -10.04 53.56 -23.97
N MET D 316 -8.76 53.22 -24.06
CA MET D 316 -7.74 54.26 -24.16
C MET D 316 -7.11 54.27 -25.57
N SER D 317 -7.83 53.70 -26.53
CA SER D 317 -7.37 53.64 -27.92
C SER D 317 -7.05 55.03 -28.45
N GLY D 318 -7.85 56.00 -28.02
CA GLY D 318 -7.66 57.38 -28.40
C GLY D 318 -6.30 57.86 -27.92
N CYS D 319 -5.99 57.56 -26.65
CA CYS D 319 -4.69 57.90 -26.07
C CYS D 319 -3.56 57.23 -26.85
N ALA D 320 -3.68 55.91 -27.02
CA ALA D 320 -2.70 55.13 -27.79
C ALA D 320 -2.39 55.76 -29.14
N ALA D 321 -3.44 56.16 -29.85
CA ALA D 321 -3.27 56.74 -31.19
C ALA D 321 -2.52 58.07 -31.14
N VAL D 322 -2.78 58.85 -30.09
CA VAL D 322 -2.07 60.10 -29.94
C VAL D 322 -0.59 59.82 -29.61
N LEU D 323 -0.32 58.81 -28.78
CA LEU D 323 1.06 58.47 -28.45
C LEU D 323 1.77 57.84 -29.66
N GLY D 324 1.04 57.04 -30.42
CA GLY D 324 1.61 56.48 -31.62
C GLY D 324 2.00 57.58 -32.57
N CYS D 325 1.19 58.62 -32.64
CA CYS D 325 1.46 59.77 -33.47
C CYS D 325 2.70 60.55 -32.99
N ALA D 326 2.86 60.65 -31.67
CA ALA D 326 4.07 61.27 -31.13
C ALA D 326 5.31 60.49 -31.60
N TYR D 327 5.21 59.17 -31.71
CA TYR D 327 6.34 58.41 -32.18
C TYR D 327 6.66 58.78 -33.64
N CYS D 328 5.64 58.79 -34.50
CA CYS D 328 5.84 59.13 -35.92
C CYS D 328 6.35 60.55 -36.11
N VAL D 329 5.72 61.49 -35.40
CA VAL D 329 6.10 62.89 -35.49
C VAL D 329 7.52 63.16 -34.94
N GLY D 330 7.86 62.51 -33.84
CA GLY D 330 9.14 62.74 -33.19
C GLY D 330 10.27 62.07 -33.94
N THR D 331 9.91 61.14 -34.82
CA THR D 331 10.88 60.42 -35.62
C THR D 331 11.06 61.10 -36.96
N LEU D 332 9.96 61.58 -37.53
CA LEU D 332 9.96 62.17 -38.86
C LEU D 332 10.32 63.63 -38.84
N LYS D 333 10.13 64.24 -37.67
CA LYS D 333 10.51 65.64 -37.40
C LYS D 333 10.06 66.65 -38.47
N PRO D 334 8.74 66.89 -38.58
CA PRO D 334 8.24 67.92 -39.48
C PRO D 334 8.69 69.30 -39.05
N GLU D 335 8.74 70.25 -39.97
CA GLU D 335 9.19 71.62 -39.67
C GLU D 335 8.03 72.58 -39.46
N ASN D 336 8.32 73.70 -38.82
CA ASN D 336 7.37 74.80 -38.68
C ASN D 336 6.11 74.53 -37.86
N VAL D 337 6.15 73.48 -37.06
CA VAL D 337 4.94 73.06 -36.37
C VAL D 337 5.23 72.78 -34.90
N GLU D 338 4.32 73.20 -34.03
CA GLU D 338 4.38 72.84 -32.62
C GLU D 338 3.15 72.00 -32.26
N ILE D 339 3.38 70.79 -31.78
CA ILE D 339 2.31 69.85 -31.52
C ILE D 339 2.29 69.40 -30.08
N HIS D 340 1.11 69.51 -29.45
CA HIS D 340 0.88 69.00 -28.10
C HIS D 340 0.05 67.72 -28.11
N PHE D 341 0.55 66.70 -27.42
CA PHE D 341 -0.11 65.40 -27.31
C PHE D 341 -0.71 65.24 -25.92
N LEU D 342 -2.04 65.27 -25.83
CA LEU D 342 -2.71 65.31 -24.54
C LEU D 342 -3.62 64.11 -24.30
N SER D 343 -3.58 63.57 -23.08
CA SER D 343 -4.59 62.62 -22.66
C SER D 343 -4.82 62.70 -21.15
N ALA D 344 -6.07 62.92 -20.77
CA ALA D 344 -6.46 62.83 -19.37
C ALA D 344 -6.74 61.38 -19.03
N VAL D 345 -5.73 60.69 -18.51
CA VAL D 345 -5.84 59.26 -18.27
C VAL D 345 -6.45 58.93 -16.90
N CYS D 346 -7.42 58.02 -16.87
CA CYS D 346 -7.95 57.50 -15.60
C CYS D 346 -8.72 56.18 -15.78
N GLU D 347 -9.25 55.67 -14.68
CA GLU D 347 -9.94 54.39 -14.67
C GLU D 347 -11.37 54.59 -14.14
N ASN D 348 -12.38 53.99 -14.80
CA ASN D 348 -13.82 54.15 -14.45
C ASN D 348 -14.36 52.95 -13.70
N MET D 349 -14.47 53.08 -12.37
CA MET D 349 -14.64 51.90 -11.52
C MET D 349 -15.79 52.01 -10.52
N VAL D 350 -16.10 50.87 -9.92
CA VAL D 350 -17.18 50.76 -8.93
C VAL D 350 -16.59 50.59 -7.52
N SER D 351 -16.93 51.55 -6.67
CA SER D 351 -16.27 51.72 -5.39
C SER D 351 -17.15 52.59 -4.51
N LYS D 352 -16.94 52.52 -3.21
CA LYS D 352 -17.55 53.46 -2.29
C LYS D 352 -17.19 54.90 -2.68
N ASN D 353 -16.06 55.06 -3.37
CA ASN D 353 -15.54 56.38 -3.73
C ASN D 353 -15.97 56.90 -5.09
N SER D 354 -16.69 56.10 -5.87
CA SER D 354 -17.03 56.45 -7.25
C SER D 354 -18.01 57.60 -7.35
N TYR D 355 -18.06 58.23 -8.52
CA TYR D 355 -19.04 59.26 -8.72
C TYR D 355 -20.37 58.55 -8.96
N ARG D 356 -21.48 59.24 -8.69
CA ARG D 356 -22.80 58.62 -8.77
C ARG D 356 -23.62 59.21 -9.90
N PRO D 357 -24.51 58.39 -10.48
CA PRO D 357 -25.54 58.92 -11.35
C PRO D 357 -26.25 60.06 -10.62
N GLY D 358 -26.47 61.17 -11.30
CA GLY D 358 -27.12 62.29 -10.66
C GLY D 358 -26.16 63.31 -10.09
N ASP D 359 -24.91 62.94 -9.81
CA ASP D 359 -23.98 63.93 -9.22
C ASP D 359 -23.84 65.14 -10.14
N ILE D 360 -23.71 66.32 -9.53
CA ILE D 360 -23.39 67.53 -10.29
C ILE D 360 -21.95 67.92 -10.01
N ILE D 361 -21.18 68.02 -11.08
CA ILE D 361 -19.75 68.28 -10.98
C ILE D 361 -19.39 69.54 -11.78
N THR D 362 -18.21 70.09 -11.53
CA THR D 362 -17.86 71.36 -12.13
C THR D 362 -16.59 71.24 -12.97
N ALA D 363 -16.69 71.57 -14.25
CA ALA D 363 -15.52 71.54 -15.11
C ALA D 363 -14.60 72.70 -14.80
N SER D 364 -13.38 72.63 -15.32
CA SER D 364 -12.37 73.67 -15.09
C SER D 364 -12.68 75.00 -15.78
N ASN D 365 -13.68 75.03 -16.66
CA ASN D 365 -14.08 76.28 -17.32
C ASN D 365 -15.24 76.86 -16.58
N GLY D 366 -15.58 76.25 -15.44
CA GLY D 366 -16.61 76.78 -14.57
C GLY D 366 -18.00 76.19 -14.78
N LYS D 367 -18.20 75.42 -15.86
CA LYS D 367 -19.52 74.86 -16.13
C LYS D 367 -19.86 73.72 -15.19
N THR D 368 -21.08 73.71 -14.67
CA THR D 368 -21.54 72.55 -13.90
C THR D 368 -22.28 71.55 -14.81
N ILE D 369 -22.11 70.26 -14.49
CA ILE D 369 -22.58 69.18 -15.30
C ILE D 369 -23.39 68.16 -14.49
N GLU D 370 -24.62 67.88 -14.92
CA GLU D 370 -25.40 66.84 -14.27
C GLU D 370 -25.07 65.50 -14.93
N VAL D 371 -24.60 64.57 -14.12
CA VAL D 371 -24.21 63.25 -14.59
C VAL D 371 -25.46 62.40 -14.72
N GLY D 372 -25.80 62.03 -15.96
CA GLY D 372 -26.96 61.19 -16.21
C GLY D 372 -26.60 59.72 -16.20
N ASN D 373 -25.35 59.43 -16.58
CA ASN D 373 -24.94 58.05 -16.74
C ASN D 373 -23.43 57.93 -16.58
N THR D 374 -23.01 57.21 -15.54
CA THR D 374 -21.58 57.17 -15.23
C THR D 374 -20.77 56.45 -16.31
N ASP D 375 -21.48 55.78 -17.23
CA ASP D 375 -20.85 55.08 -18.35
C ASP D 375 -20.63 56.02 -19.55
N ALA D 376 -21.13 57.24 -19.44
CA ALA D 376 -20.79 58.27 -20.43
C ALA D 376 -19.58 59.06 -19.91
N GLU D 377 -18.55 58.34 -19.47
CA GLU D 377 -17.41 58.91 -18.75
C GLU D 377 -16.42 59.67 -19.65
N GLY D 378 -16.35 59.26 -20.92
CA GLY D 378 -15.35 59.78 -21.81
C GLY D 378 -15.51 61.26 -22.08
N ARG D 379 -16.74 61.71 -22.32
CA ARG D 379 -16.92 63.11 -22.63
C ARG D 379 -16.57 64.00 -21.43
N LEU D 380 -16.68 63.44 -20.22
CA LEU D 380 -16.35 64.18 -19.00
C LEU D 380 -14.86 64.48 -18.92
N THR D 381 -14.04 63.46 -19.15
CA THR D 381 -12.59 63.61 -19.14
C THR D 381 -12.10 64.44 -20.33
N LEU D 382 -12.78 64.31 -21.46
CA LEU D 382 -12.45 65.10 -22.63
C LEU D 382 -12.78 66.58 -22.43
N ALA D 383 -13.86 66.85 -21.71
CA ALA D 383 -14.31 68.22 -21.48
C ALA D 383 -13.21 69.05 -20.82
N ASP D 384 -12.60 68.49 -19.77
CA ASP D 384 -11.52 69.20 -19.07
C ASP D 384 -10.27 69.27 -19.93
N ALA D 385 -9.96 68.18 -20.62
CA ALA D 385 -8.80 68.14 -21.51
C ALA D 385 -8.89 69.19 -22.63
N LEU D 386 -10.09 69.39 -23.17
CA LEU D 386 -10.35 70.40 -24.18
C LEU D 386 -10.16 71.82 -23.63
N VAL D 387 -10.63 72.06 -22.40
CA VAL D 387 -10.40 73.34 -21.75
C VAL D 387 -8.90 73.56 -21.53
N TYR D 388 -8.18 72.49 -21.16
CA TYR D 388 -6.73 72.57 -21.07
C TYR D 388 -6.08 72.90 -22.43
N ALA D 389 -6.50 72.22 -23.49
CA ALA D 389 -5.91 72.41 -24.82
C ALA D 389 -6.12 73.82 -25.33
N GLU D 390 -7.32 74.37 -25.18
CA GLU D 390 -7.62 75.68 -25.72
C GLU D 390 -6.79 76.76 -25.01
N LYS D 391 -6.46 76.51 -23.75
CA LYS D 391 -5.64 77.44 -22.99
C LYS D 391 -4.19 77.48 -23.49
N LEU D 392 -3.82 76.52 -24.33
CA LEU D 392 -2.46 76.53 -24.91
C LEU D 392 -2.36 77.45 -26.12
N GLY D 393 -3.47 78.03 -26.54
CA GLY D 393 -3.49 78.89 -27.72
C GLY D 393 -3.07 78.21 -29.01
N VAL D 394 -3.77 77.14 -29.38
CA VAL D 394 -3.38 76.40 -30.57
C VAL D 394 -4.23 76.83 -31.74
N ASP D 395 -3.83 76.46 -32.95
CA ASP D 395 -4.62 76.79 -34.12
C ASP D 395 -5.70 75.72 -34.33
N TYR D 396 -5.37 74.50 -33.94
CA TYR D 396 -6.23 73.34 -34.17
C TYR D 396 -6.27 72.46 -32.94
N ILE D 397 -7.47 72.08 -32.54
CA ILE D 397 -7.64 71.01 -31.58
C ILE D 397 -8.31 69.81 -32.24
N VAL D 398 -7.65 68.65 -32.26
CA VAL D 398 -8.29 67.43 -32.73
C VAL D 398 -8.30 66.39 -31.63
N ASP D 399 -9.50 65.90 -31.29
CA ASP D 399 -9.59 64.84 -30.29
C ASP D 399 -9.98 63.55 -31.00
N ILE D 400 -9.62 62.42 -30.40
CA ILE D 400 -9.89 61.11 -30.96
C ILE D 400 -10.19 60.14 -29.83
N ALA D 401 -11.28 59.37 -29.95
CA ALA D 401 -11.86 58.68 -28.80
C ALA D 401 -12.83 57.53 -29.14
N THR D 402 -12.76 56.45 -28.37
CA THR D 402 -13.77 55.40 -28.41
C THR D 402 -15.02 55.87 -27.65
N LEU D 403 -15.72 56.85 -28.20
CA LEU D 403 -16.71 57.58 -27.42
C LEU D 403 -18.10 56.94 -27.37
N THR D 404 -18.62 56.46 -28.50
CA THR D 404 -20.01 55.96 -28.50
C THR D 404 -20.24 54.65 -29.22
N GLY D 405 -20.89 53.71 -28.54
CA GLY D 405 -21.24 52.42 -29.11
C GLY D 405 -22.10 52.57 -30.36
N ALA D 406 -22.88 53.65 -30.41
CA ALA D 406 -23.77 53.94 -31.53
C ALA D 406 -23.08 53.95 -32.91
N MET D 407 -21.77 54.19 -32.93
CA MET D 407 -21.01 54.21 -34.17
C MET D 407 -21.14 52.86 -34.85
N LEU D 408 -21.22 51.81 -34.04
CA LEU D 408 -21.45 50.47 -34.56
C LEU D 408 -22.73 50.39 -35.38
N TYR D 409 -23.70 51.24 -35.06
CA TYR D 409 -24.98 51.23 -35.75
C TYR D 409 -25.04 52.25 -36.89
N SER D 410 -24.10 53.19 -36.90
CA SER D 410 -24.13 54.17 -37.96
C SER D 410 -23.12 53.84 -39.06
N LEU D 411 -21.84 53.84 -38.76
CA LEU D 411 -20.84 53.62 -39.80
C LEU D 411 -20.27 52.22 -39.75
N GLY D 412 -20.40 51.56 -38.59
CA GLY D 412 -19.98 50.18 -38.43
C GLY D 412 -18.52 50.03 -38.00
N THR D 413 -17.90 48.94 -38.42
CA THR D 413 -16.56 48.61 -37.94
C THR D 413 -15.46 49.05 -38.88
N SER D 414 -15.78 49.80 -39.93
CA SER D 414 -14.78 50.13 -40.95
C SER D 414 -14.42 51.60 -41.00
N TYR D 415 -15.43 52.46 -40.93
CA TYR D 415 -15.22 53.90 -41.01
C TYR D 415 -15.44 54.56 -39.65
N ALA D 416 -14.54 55.46 -39.26
CA ALA D 416 -14.79 56.26 -38.07
C ALA D 416 -15.63 57.44 -38.46
N GLY D 417 -16.29 58.07 -37.49
CA GLY D 417 -16.94 59.36 -37.71
C GLY D 417 -16.07 60.56 -37.32
N VAL D 418 -16.19 61.65 -38.08
CA VAL D 418 -15.56 62.91 -37.67
C VAL D 418 -16.65 63.98 -37.55
N PHE D 419 -16.56 64.79 -36.49
CA PHE D 419 -17.50 65.89 -36.22
C PHE D 419 -16.68 67.14 -35.99
N GLY D 420 -17.26 68.31 -36.15
CA GLY D 420 -16.45 69.49 -35.93
C GLY D 420 -17.21 70.78 -35.97
N ASN D 421 -16.54 71.83 -35.51
CA ASN D 421 -17.10 73.18 -35.51
C ASN D 421 -16.50 74.08 -36.61
N ASN D 422 -15.78 73.46 -37.55
CA ASN D 422 -15.01 74.22 -38.54
C ASN D 422 -14.78 73.41 -39.81
N GLU D 423 -15.38 73.87 -40.89
CA GLU D 423 -15.44 73.12 -42.15
C GLU D 423 -14.04 72.83 -42.72
N GLU D 424 -13.15 73.80 -42.60
CA GLU D 424 -11.78 73.64 -43.07
C GLU D 424 -11.03 72.56 -42.30
N LEU D 425 -11.09 72.58 -40.97
CA LEU D 425 -10.41 71.55 -40.21
C LEU D 425 -10.94 70.15 -40.58
N ILE D 426 -12.24 70.06 -40.82
CA ILE D 426 -12.84 68.77 -41.19
C ILE D 426 -12.35 68.30 -42.56
N ASN D 427 -12.24 69.23 -43.53
CA ASN D 427 -11.70 68.86 -44.84
C ASN D 427 -10.25 68.39 -44.74
N LYS D 428 -9.46 69.04 -43.90
CA LYS D 428 -8.09 68.56 -43.68
C LYS D 428 -8.10 67.14 -43.11
N ILE D 429 -8.96 66.88 -42.13
CA ILE D 429 -9.08 65.52 -41.61
C ILE D 429 -9.47 64.54 -42.73
N LEU D 430 -10.41 64.92 -43.58
CA LEU D 430 -10.86 63.99 -44.62
C LEU D 430 -9.74 63.77 -45.64
N GLN D 431 -8.95 64.79 -45.91
CA GLN D 431 -7.83 64.61 -46.84
C GLN D 431 -6.79 63.70 -46.21
N SER D 432 -6.52 63.88 -44.92
CA SER D 432 -5.61 63.00 -44.19
C SER D 432 -6.12 61.56 -44.21
N SER D 433 -7.43 61.40 -44.11
CA SER D 433 -8.04 60.09 -44.22
C SER D 433 -7.68 59.42 -45.55
N LYS D 434 -7.78 60.17 -46.65
CA LYS D 434 -7.51 59.63 -47.99
C LYS D 434 -6.06 59.16 -48.16
N THR D 435 -5.11 59.98 -47.70
CA THR D 435 -3.71 59.66 -47.94
C THR D 435 -3.20 58.66 -46.91
N SER D 436 -3.82 58.62 -45.74
CA SER D 436 -3.44 57.60 -44.76
C SER D 436 -4.15 56.25 -45.00
N ASN D 437 -5.21 56.26 -45.83
CA ASN D 437 -6.07 55.09 -46.05
C ASN D 437 -6.75 54.52 -44.77
N GLU D 438 -6.86 55.36 -43.74
CA GLU D 438 -7.71 55.06 -42.59
C GLU D 438 -9.04 55.78 -42.83
N PRO D 439 -10.09 55.05 -43.23
CA PRO D 439 -11.30 55.74 -43.68
C PRO D 439 -12.11 56.41 -42.57
N VAL D 440 -12.49 57.66 -42.85
CA VAL D 440 -13.29 58.48 -41.95
C VAL D 440 -14.45 59.08 -42.75
N TRP D 441 -15.57 59.35 -42.10
CA TRP D 441 -16.71 59.95 -42.77
C TRP D 441 -17.27 61.09 -41.93
N TRP D 442 -17.52 62.22 -42.58
CA TRP D 442 -18.05 63.40 -41.91
C TRP D 442 -19.52 63.21 -41.48
N LEU D 443 -19.79 63.42 -40.19
CA LEU D 443 -21.16 63.40 -39.65
C LEU D 443 -21.52 64.76 -39.05
N PRO D 444 -22.82 65.10 -39.01
CA PRO D 444 -23.16 66.47 -38.62
C PRO D 444 -23.26 66.65 -37.10
N ILE D 445 -23.17 67.90 -36.69
CA ILE D 445 -23.49 68.30 -35.33
C ILE D 445 -24.78 69.08 -35.45
N ILE D 446 -25.88 68.45 -35.08
CA ILE D 446 -27.20 69.00 -35.35
C ILE D 446 -27.67 69.80 -34.16
N ASN D 447 -27.70 71.11 -34.32
CA ASN D 447 -28.00 72.04 -33.24
C ASN D 447 -29.38 71.82 -32.62
N GLU D 448 -30.32 71.29 -33.39
CA GLU D 448 -31.68 71.07 -32.90
C GLU D 448 -31.69 70.15 -31.68
N TYR D 449 -30.63 69.36 -31.51
CA TYR D 449 -30.60 68.40 -30.41
C TYR D 449 -30.07 69.06 -29.16
N ARG D 450 -29.42 70.20 -29.31
CA ARG D 450 -28.74 70.84 -28.17
C ARG D 450 -29.67 71.02 -26.98
N ALA D 451 -30.91 71.40 -27.23
CA ALA D 451 -31.90 71.62 -26.17
C ALA D 451 -32.05 70.41 -25.26
N THR D 452 -31.83 69.22 -25.81
CA THR D 452 -31.94 68.01 -25.01
C THR D 452 -30.86 67.96 -23.92
N LEU D 453 -29.82 68.79 -24.05
CA LEU D 453 -28.74 68.81 -23.05
C LEU D 453 -29.02 69.81 -21.91
N ASN D 454 -30.08 70.60 -22.03
CA ASN D 454 -30.49 71.55 -20.99
C ASN D 454 -30.86 70.86 -19.67
N SER D 455 -30.07 71.07 -18.63
CA SER D 455 -30.33 70.47 -17.33
C SER D 455 -31.24 71.37 -16.50
N LYS D 456 -32.06 70.78 -15.65
CA LYS D 456 -32.91 71.55 -14.74
C LYS D 456 -32.12 72.27 -13.64
N TYR D 457 -30.99 71.70 -13.23
CA TYR D 457 -30.23 72.24 -12.09
C TYR D 457 -28.83 72.69 -12.45
N ALA D 458 -28.10 71.90 -13.24
CA ALA D 458 -26.75 72.24 -13.62
C ALA D 458 -26.76 73.12 -14.87
N ASP D 459 -25.60 73.62 -15.30
CA ASP D 459 -25.53 74.41 -16.53
C ASP D 459 -25.87 73.55 -17.74
N ILE D 460 -25.53 72.26 -17.67
CA ILE D 460 -25.74 71.35 -18.79
C ILE D 460 -25.81 69.88 -18.35
N ASN D 461 -26.61 69.09 -19.08
CA ASN D 461 -26.63 67.63 -18.95
C ASN D 461 -25.45 66.93 -19.62
N GLN D 462 -25.06 65.81 -19.04
CA GLN D 462 -24.05 64.96 -19.62
C GLN D 462 -24.60 64.18 -20.81
N ILE D 463 -25.84 63.71 -20.68
CA ILE D 463 -26.50 62.97 -21.74
C ILE D 463 -27.92 63.47 -22.01
N SER D 464 -28.44 63.06 -23.16
CA SER D 464 -29.85 63.17 -23.47
C SER D 464 -30.63 62.03 -22.80
N SER D 465 -31.83 62.33 -22.36
CA SER D 465 -32.75 61.29 -21.90
C SER D 465 -33.39 60.61 -23.12
N SER D 466 -33.83 61.44 -24.05
CA SER D 466 -34.61 61.01 -25.20
C SER D 466 -33.73 60.65 -26.39
N VAL D 467 -33.29 61.67 -27.11
CA VAL D 467 -32.53 61.55 -28.37
C VAL D 467 -31.56 60.36 -28.40
N LYS D 468 -31.79 59.46 -29.35
CA LYS D 468 -30.99 58.24 -29.43
C LYS D 468 -29.73 58.41 -30.29
N ALA D 469 -29.61 59.53 -30.98
CA ALA D 469 -28.41 59.77 -31.79
C ALA D 469 -27.22 60.14 -30.89
N SER D 470 -26.70 59.16 -30.15
CA SER D 470 -25.69 59.39 -29.12
C SER D 470 -24.40 60.08 -29.62
N SER D 471 -23.93 59.70 -30.81
CA SER D 471 -22.68 60.27 -31.31
C SER D 471 -22.81 61.76 -31.59
N ILE D 472 -23.96 62.17 -32.09
CA ILE D 472 -24.20 63.58 -32.33
C ILE D 472 -24.34 64.31 -30.98
N VAL D 473 -25.04 63.70 -30.02
CA VAL D 473 -25.26 64.34 -28.74
C VAL D 473 -23.94 64.52 -27.97
N ALA D 474 -23.07 63.51 -28.02
CA ALA D 474 -21.78 63.61 -27.37
C ALA D 474 -20.97 64.76 -27.99
N SER D 475 -21.08 64.91 -29.30
CA SER D 475 -20.33 65.94 -30.02
C SER D 475 -20.81 67.30 -29.58
N LEU D 476 -22.14 67.46 -29.53
CA LEU D 476 -22.75 68.68 -29.00
C LEU D 476 -22.22 69.06 -27.62
N PHE D 477 -21.97 68.04 -26.79
CA PHE D 477 -21.53 68.24 -25.41
C PHE D 477 -20.08 68.74 -25.38
N LEU D 478 -19.20 68.02 -26.06
CA LEU D 478 -17.78 68.40 -26.18
C LEU D 478 -17.62 69.80 -26.75
N LYS D 479 -18.48 70.12 -27.72
CA LYS D 479 -18.47 71.38 -28.40
C LYS D 479 -18.57 72.52 -27.39
N GLU D 480 -19.28 72.27 -26.30
CA GLU D 480 -19.49 73.30 -25.27
C GLU D 480 -18.23 73.64 -24.50
N PHE D 481 -17.14 72.94 -24.77
CA PHE D 481 -15.91 73.21 -24.03
C PHE D 481 -14.79 73.73 -24.94
N VAL D 482 -15.18 74.23 -26.12
CA VAL D 482 -14.27 74.86 -27.07
C VAL D 482 -14.84 76.21 -27.48
N GLN D 483 -14.29 77.30 -26.99
CA GLN D 483 -14.91 78.60 -27.22
C GLN D 483 -14.65 79.20 -28.60
N ASN D 484 -13.39 79.37 -28.97
CA ASN D 484 -13.10 79.95 -30.27
C ASN D 484 -11.83 79.38 -30.86
N THR D 485 -11.82 78.07 -31.04
CA THR D 485 -10.73 77.39 -31.73
C THR D 485 -11.31 76.37 -32.69
N ALA D 486 -10.74 76.28 -33.89
CA ALA D 486 -11.07 75.20 -34.82
C ALA D 486 -10.87 73.88 -34.09
N TRP D 487 -11.89 73.04 -34.13
CA TRP D 487 -11.92 71.83 -33.33
C TRP D 487 -12.63 70.70 -34.07
N ALA D 488 -12.01 69.52 -34.10
CA ALA D 488 -12.65 68.34 -34.67
C ALA D 488 -12.56 67.19 -33.68
N HIS D 489 -13.46 66.25 -33.84
CA HIS D 489 -13.63 65.15 -32.91
C HIS D 489 -13.80 63.89 -33.74
N ILE D 490 -12.93 62.89 -33.53
CA ILE D 490 -12.98 61.66 -34.31
C ILE D 490 -13.39 60.49 -33.44
N ASP D 491 -14.57 59.92 -33.71
CA ASP D 491 -15.13 58.88 -32.85
C ASP D 491 -14.82 57.52 -33.44
N ILE D 492 -13.92 56.79 -32.78
CA ILE D 492 -13.42 55.53 -33.30
C ILE D 492 -13.90 54.32 -32.51
N ALA D 493 -15.06 54.43 -31.87
CA ALA D 493 -15.54 53.35 -31.01
C ALA D 493 -15.88 52.11 -31.83
N GLY D 494 -16.22 52.31 -33.08
CA GLY D 494 -16.56 51.20 -33.95
C GLY D 494 -15.36 50.55 -34.61
N VAL D 495 -14.36 51.36 -34.95
CA VAL D 495 -13.29 50.89 -35.83
C VAL D 495 -12.04 50.48 -35.09
N SER D 496 -12.01 50.76 -33.79
CA SER D 496 -10.77 50.62 -33.04
C SER D 496 -10.38 49.16 -32.85
N TRP D 497 -11.34 48.34 -32.45
CA TRP D 497 -11.06 46.94 -32.19
C TRP D 497 -11.43 46.06 -33.36
N ASN D 498 -10.51 45.19 -33.77
CA ASN D 498 -10.76 44.23 -34.85
C ASN D 498 -11.36 42.96 -34.30
N PHE D 499 -12.69 42.85 -34.36
CA PHE D 499 -13.38 41.76 -33.70
C PHE D 499 -13.06 40.42 -34.35
N LYS D 500 -12.92 40.40 -35.67
CA LYS D 500 -12.68 39.14 -36.34
C LYS D 500 -11.29 38.60 -35.99
N ALA D 501 -10.30 39.48 -35.97
CA ALA D 501 -8.92 39.08 -35.69
C ALA D 501 -8.57 39.12 -34.19
N ARG D 502 -9.51 39.58 -33.37
CA ARG D 502 -9.34 39.61 -31.91
C ARG D 502 -8.12 40.41 -31.48
N LYS D 503 -7.98 41.63 -31.99
CA LYS D 503 -6.78 42.41 -31.76
C LYS D 503 -7.10 43.87 -32.11
N PRO D 504 -6.27 44.82 -31.66
CA PRO D 504 -6.46 46.22 -32.06
C PRO D 504 -6.08 46.48 -33.51
N LYS D 505 -6.51 47.61 -34.05
CA LYS D 505 -6.03 48.07 -35.37
C LYS D 505 -4.98 49.15 -35.25
N GLY D 506 -4.87 49.76 -34.07
CA GLY D 506 -4.07 50.96 -33.88
C GLY D 506 -4.61 52.10 -34.71
N PHE D 507 -5.93 52.21 -34.80
CA PHE D 507 -6.58 53.16 -35.70
C PHE D 507 -6.27 54.58 -35.32
N GLY D 508 -5.82 55.37 -36.29
CA GLY D 508 -5.64 56.79 -36.05
C GLY D 508 -4.22 57.31 -36.11
N VAL D 509 -3.24 56.48 -35.76
CA VAL D 509 -1.84 56.92 -35.80
C VAL D 509 -1.48 57.55 -37.15
N ARG D 510 -1.77 56.85 -38.23
CA ARG D 510 -1.45 57.38 -39.55
C ARG D 510 -2.33 58.56 -39.94
N LEU D 511 -3.60 58.49 -39.57
CA LEU D 511 -4.52 59.57 -39.81
C LEU D 511 -3.95 60.87 -39.26
N LEU D 512 -3.62 60.85 -37.97
CA LEU D 512 -3.14 62.03 -37.27
C LEU D 512 -1.76 62.49 -37.78
N THR D 513 -0.87 61.53 -38.04
CA THR D 513 0.47 61.83 -38.55
C THR D 513 0.40 62.50 -39.93
N GLU D 514 -0.44 61.95 -40.80
CA GLU D 514 -0.64 62.57 -42.11
C GLU D 514 -1.23 63.95 -41.95
N PHE D 515 -2.14 64.10 -40.98
CA PHE D 515 -2.72 65.41 -40.70
C PHE D 515 -1.65 66.45 -40.34
N VAL D 516 -0.71 66.09 -39.47
CA VAL D 516 0.28 67.08 -39.03
C VAL D 516 1.37 67.29 -40.09
N LEU D 517 1.64 66.27 -40.91
CA LEU D 517 2.69 66.33 -41.91
C LEU D 517 2.34 67.15 -43.15
N ASN D 518 1.08 67.08 -43.57
CA ASN D 518 0.69 67.68 -44.85
C ASN D 518 -0.21 68.91 -44.69
N ASP D 519 -0.01 69.66 -43.61
CA ASP D 519 -0.73 70.92 -43.38
C ASP D 519 0.16 72.12 -43.74
N SER E 2 -19.07 65.24 12.21
CA SER E 2 -19.76 66.15 11.31
C SER E 2 -18.81 66.89 10.34
N GLU E 3 -17.57 66.43 10.20
CA GLU E 3 -16.74 66.88 9.08
C GLU E 3 -17.03 65.97 7.88
N VAL E 4 -17.23 66.56 6.71
CA VAL E 4 -17.65 65.77 5.56
C VAL E 4 -16.43 65.26 4.80
N PRO E 5 -16.25 63.94 4.79
CA PRO E 5 -15.09 63.33 4.10
C PRO E 5 -15.08 63.62 2.60
N GLN E 6 -13.90 63.69 1.98
CA GLN E 6 -13.81 63.94 0.55
C GLN E 6 -12.86 62.95 -0.12
N VAL E 7 -13.12 62.61 -1.39
CA VAL E 7 -12.12 61.86 -2.14
C VAL E 7 -11.10 62.82 -2.77
N VAL E 8 -11.59 63.83 -3.49
CA VAL E 8 -10.74 64.92 -3.97
C VAL E 8 -11.13 66.23 -3.27
N SER E 9 -10.26 67.23 -3.36
CA SER E 9 -10.48 68.52 -2.70
C SER E 9 -11.62 69.31 -3.36
N LEU E 10 -12.05 68.85 -4.53
CA LEU E 10 -13.15 69.47 -5.22
C LEU E 10 -14.50 68.99 -4.71
N ASP E 11 -14.51 67.91 -3.95
CA ASP E 11 -15.78 67.35 -3.46
C ASP E 11 -16.44 68.32 -2.50
N PRO E 12 -17.75 68.51 -2.68
CA PRO E 12 -18.50 69.46 -1.84
C PRO E 12 -18.58 68.99 -0.39
N THR E 13 -18.55 69.94 0.54
CA THR E 13 -18.57 69.59 1.95
C THR E 13 -19.85 70.04 2.64
N SER E 14 -20.79 70.58 1.87
CA SER E 14 -22.10 70.95 2.42
C SER E 14 -23.17 71.12 1.33
N ILE E 15 -24.42 70.88 1.72
CA ILE E 15 -25.56 71.15 0.87
C ILE E 15 -25.83 72.65 0.81
N PRO E 16 -25.75 73.26 -0.37
CA PRO E 16 -26.16 74.67 -0.36
C PRO E 16 -27.66 74.79 -0.07
N ILE E 17 -28.06 75.76 0.76
CA ILE E 17 -29.45 76.01 1.09
C ILE E 17 -29.80 77.50 0.99
N GLU E 18 -30.88 77.84 0.31
CA GLU E 18 -31.39 79.21 0.39
C GLU E 18 -32.59 79.26 1.34
N TYR E 19 -32.48 80.12 2.35
CA TYR E 19 -33.55 80.35 3.31
C TYR E 19 -34.35 81.59 2.95
N ASN E 20 -33.67 82.63 2.50
CA ASN E 20 -34.35 83.85 2.07
C ASN E 20 -34.59 83.83 0.56
N THR E 21 -35.81 83.46 0.17
CA THR E 21 -36.23 83.34 -1.21
C THR E 21 -37.00 84.58 -1.64
N PRO E 22 -36.98 84.89 -2.94
CA PRO E 22 -37.68 86.09 -3.41
C PRO E 22 -39.17 86.02 -3.12
N ILE E 23 -39.69 84.82 -2.88
CA ILE E 23 -41.10 84.67 -2.55
C ILE E 23 -41.38 85.36 -1.22
N HIS E 24 -40.40 85.32 -0.30
CA HIS E 24 -40.61 85.93 1.01
C HIS E 24 -40.68 87.46 0.97
N ASP E 25 -40.30 88.06 -0.15
CA ASP E 25 -40.41 89.50 -0.30
C ASP E 25 -41.69 89.94 -1.05
N ILE E 26 -42.55 89.00 -1.42
CA ILE E 26 -43.80 89.38 -2.08
C ILE E 26 -44.80 89.87 -1.03
N LYS E 27 -45.38 91.03 -1.29
CA LYS E 27 -46.39 91.60 -0.42
C LYS E 27 -47.81 91.17 -0.92
N VAL E 28 -48.53 90.43 -0.09
CA VAL E 28 -49.82 89.89 -0.49
C VAL E 28 -51.01 90.62 0.12
N GLN E 29 -51.89 91.12 -0.74
CA GLN E 29 -53.16 91.68 -0.29
C GLN E 29 -54.31 90.81 -0.77
N VAL E 30 -55.27 90.56 0.10
CA VAL E 30 -56.52 89.96 -0.32
C VAL E 30 -57.61 91.03 -0.23
N TYR E 31 -58.33 91.25 -1.34
CA TYR E 31 -59.42 92.24 -1.42
C TYR E 31 -60.75 91.56 -1.64
N ASP E 32 -61.83 92.11 -1.11
CA ASP E 32 -63.15 91.61 -1.48
C ASP E 32 -63.51 92.06 -2.90
N ILE E 33 -64.20 91.18 -3.60
CA ILE E 33 -64.53 91.38 -5.00
C ILE E 33 -65.71 92.35 -5.19
N LYS E 34 -66.56 92.43 -4.17
CA LYS E 34 -67.61 93.43 -4.15
C LYS E 34 -66.98 94.82 -4.05
N GLY E 35 -67.38 95.74 -4.92
CA GLY E 35 -66.74 97.04 -4.97
C GLY E 35 -65.99 97.17 -6.28
N GLY E 36 -65.67 96.02 -6.86
CA GLY E 36 -65.04 95.97 -8.16
C GLY E 36 -63.53 95.92 -8.06
N CYS E 37 -62.88 95.49 -9.14
CA CYS E 37 -61.45 95.30 -9.17
C CYS E 37 -60.78 96.52 -9.75
N ASN E 38 -59.69 96.95 -9.12
CA ASN E 38 -58.86 97.99 -9.76
C ASN E 38 -57.78 97.35 -10.62
N VAL E 39 -57.62 97.88 -11.84
CA VAL E 39 -56.55 97.47 -12.73
C VAL E 39 -55.65 98.67 -13.03
N GLU E 40 -54.55 98.79 -12.28
CA GLU E 40 -53.68 99.97 -12.41
C GLU E 40 -52.30 99.63 -12.94
N GLU E 41 -51.79 98.45 -12.57
CA GLU E 41 -50.45 98.06 -13.01
C GLU E 41 -50.34 96.56 -13.25
N GLY E 42 -49.19 96.16 -13.78
CA GLY E 42 -48.87 94.75 -13.93
C GLY E 42 -49.87 93.87 -14.67
N LEU E 43 -50.01 92.64 -14.19
CA LEU E 43 -50.79 91.62 -14.87
C LEU E 43 -52.00 91.23 -14.03
N THR E 44 -53.17 91.22 -14.65
CA THR E 44 -54.37 90.83 -13.94
C THR E 44 -54.98 89.61 -14.62
N ILE E 45 -55.09 88.53 -13.87
CA ILE E 45 -55.58 87.27 -14.40
C ILE E 45 -56.90 86.89 -13.73
N PHE E 46 -57.92 86.67 -14.55
CA PHE E 46 -59.20 86.15 -14.07
C PHE E 46 -59.21 84.62 -14.13
N LEU E 47 -59.54 83.98 -13.02
CA LEU E 47 -59.75 82.53 -13.00
C LEU E 47 -61.21 82.24 -13.33
N VAL E 48 -61.44 81.54 -14.42
CA VAL E 48 -62.77 81.49 -15.02
C VAL E 48 -63.19 80.09 -15.41
N ASN E 49 -64.43 79.72 -15.11
CA ASN E 49 -64.95 78.46 -15.61
C ASN E 49 -66.24 78.70 -16.38
N ASN E 50 -66.79 77.63 -16.93
CA ASN E 50 -68.07 77.69 -17.64
C ASN E 50 -68.75 76.35 -17.46
N PRO E 51 -69.56 76.24 -16.40
CA PRO E 51 -70.22 74.98 -16.05
C PRO E 51 -71.32 74.62 -17.03
N LYS E 53 -70.89 75.21 -22.50
CA LYS E 53 -70.34 74.71 -21.24
C LYS E 53 -68.97 74.03 -21.42
N GLU E 54 -68.94 72.78 -21.90
CA GLU E 54 -67.66 72.07 -22.05
C GLU E 54 -66.80 72.73 -23.16
N ASN E 55 -65.61 73.21 -22.80
CA ASN E 55 -64.83 74.12 -23.63
C ASN E 55 -65.64 75.37 -24.00
N GLY E 56 -66.49 75.80 -23.06
CA GLY E 56 -67.34 76.95 -23.28
C GLY E 56 -66.56 78.25 -23.37
N PRO E 57 -67.25 79.33 -23.79
CA PRO E 57 -66.62 80.66 -23.90
C PRO E 57 -66.27 81.27 -22.55
N VAL E 58 -65.27 82.14 -22.54
CA VAL E 58 -64.92 82.92 -21.34
C VAL E 58 -65.92 84.04 -21.14
N LYS E 59 -66.42 84.18 -19.93
CA LYS E 59 -67.31 85.27 -19.58
C LYS E 59 -66.84 85.86 -18.25
N ILE E 60 -66.51 87.15 -18.23
CA ILE E 60 -66.08 87.78 -17.00
C ILE E 60 -67.28 88.38 -16.28
N SER E 61 -67.46 87.99 -15.02
CA SER E 61 -68.58 88.49 -14.22
C SER E 61 -68.25 89.79 -13.46
N SER E 62 -67.03 89.88 -12.93
CA SER E 62 -66.62 90.95 -12.03
C SER E 62 -66.62 92.34 -12.66
N LYS E 63 -66.99 93.34 -11.86
CA LYS E 63 -66.91 94.74 -12.29
C LYS E 63 -65.45 95.20 -12.21
N VAL E 64 -64.97 95.85 -13.27
CA VAL E 64 -63.61 96.40 -13.26
C VAL E 64 -63.71 97.91 -13.32
N ASN E 65 -63.03 98.56 -12.39
CA ASN E 65 -63.12 100.01 -12.25
C ASN E 65 -62.16 100.74 -13.20
N ASP E 66 -62.17 100.32 -14.46
CA ASP E 66 -61.38 100.95 -15.51
C ASP E 66 -62.18 100.80 -16.80
N LYS E 67 -62.37 101.89 -17.54
CA LYS E 67 -63.24 101.84 -18.68
C LYS E 67 -62.60 101.19 -19.92
N GLN E 68 -61.29 101.36 -20.08
CA GLN E 68 -60.59 100.71 -21.20
C GLN E 68 -60.53 99.19 -21.00
N VAL E 69 -60.21 98.75 -19.79
CA VAL E 69 -60.09 97.34 -19.51
C VAL E 69 -61.47 96.66 -19.51
N SER E 70 -62.49 97.35 -19.00
CA SER E 70 -63.87 96.87 -19.09
C SER E 70 -64.30 96.63 -20.53
N GLU E 71 -63.90 97.52 -21.44
CA GLU E 71 -64.20 97.31 -22.84
C GLU E 71 -63.53 96.03 -23.36
N PHE E 72 -62.26 95.84 -23.02
CA PHE E 72 -61.56 94.61 -23.38
C PHE E 72 -62.25 93.36 -22.81
N LEU E 73 -62.89 93.49 -21.65
CA LEU E 73 -63.48 92.33 -20.97
C LEU E 73 -64.96 92.13 -21.24
N LYS E 74 -65.52 92.84 -22.21
CA LYS E 74 -66.94 92.67 -22.50
C LYS E 74 -67.17 91.33 -23.22
N ASP E 75 -68.40 90.82 -23.14
CA ASP E 75 -68.68 89.44 -23.56
C ASP E 75 -68.39 89.18 -25.03
N GLU E 76 -68.64 90.17 -25.90
CA GLU E 76 -68.38 90.00 -27.33
C GLU E 76 -66.93 89.63 -27.58
N ASN E 77 -66.03 90.14 -26.76
CA ASN E 77 -64.61 89.92 -26.97
C ASN E 77 -64.10 88.66 -26.27
N MET E 78 -64.57 88.42 -25.06
CA MET E 78 -64.06 87.29 -24.31
C MET E 78 -64.55 85.93 -24.84
N GLU E 79 -65.65 85.93 -25.57
CA GLU E 79 -66.22 84.70 -26.09
C GLU E 79 -65.38 84.10 -27.21
N LYS E 80 -64.36 84.83 -27.67
CA LYS E 80 -63.39 84.30 -28.62
C LYS E 80 -62.45 83.30 -27.96
N PHE E 81 -62.49 83.27 -26.64
CA PHE E 81 -61.58 82.42 -25.87
C PHE E 81 -62.40 81.38 -25.13
N ASN E 82 -61.77 80.29 -24.74
CA ASN E 82 -62.50 79.26 -24.02
C ASN E 82 -61.84 78.82 -22.71
N VAL E 83 -62.62 78.11 -21.91
CA VAL E 83 -62.26 77.80 -20.53
C VAL E 83 -61.63 76.42 -20.36
N LYS E 84 -61.29 75.76 -21.46
CA LYS E 84 -60.62 74.47 -21.36
C LYS E 84 -59.50 74.54 -20.33
N LEU E 85 -59.53 73.64 -19.36
CA LEU E 85 -58.65 73.67 -18.19
C LEU E 85 -57.17 73.90 -18.52
N GLY E 86 -56.62 75.00 -18.00
CA GLY E 86 -55.23 75.34 -18.21
C GLY E 86 -54.98 76.22 -19.42
N THR E 87 -56.00 76.47 -20.23
CA THR E 87 -55.83 77.32 -21.42
C THR E 87 -55.81 78.78 -21.00
N SER E 88 -54.86 79.56 -21.51
CA SER E 88 -54.76 80.96 -21.09
C SER E 88 -54.47 81.89 -22.24
N LYS E 89 -54.90 83.14 -22.10
CA LYS E 89 -54.55 84.23 -23.00
C LYS E 89 -54.35 85.47 -22.12
N HIS E 90 -53.41 86.33 -22.51
CA HIS E 90 -53.27 87.64 -21.87
C HIS E 90 -52.75 88.67 -22.87
N PHE E 91 -53.22 89.90 -22.72
CA PHE E 91 -52.97 90.99 -23.65
C PHE E 91 -52.43 92.21 -22.92
N TYR E 92 -51.43 92.87 -23.50
CA TYR E 92 -51.02 94.19 -23.05
C TYR E 92 -51.88 95.28 -23.68
N MET E 93 -52.21 96.30 -22.89
CA MET E 93 -53.05 97.39 -23.32
C MET E 93 -52.87 98.61 -22.42
N PHE E 94 -53.39 99.74 -22.86
CA PHE E 94 -53.38 100.95 -22.06
C PHE E 94 -54.65 101.05 -21.24
N ASN E 95 -54.55 101.32 -19.93
CA ASN E 95 -55.74 101.62 -19.13
C ASN E 95 -56.14 103.11 -19.20
N ASP E 96 -57.13 103.47 -18.39
CA ASP E 96 -57.63 104.85 -18.28
C ASP E 96 -56.53 105.89 -18.12
N ASN E 97 -55.48 105.51 -17.41
CA ASN E 97 -54.39 106.43 -17.11
C ASN E 97 -53.31 106.42 -18.18
N LYS E 98 -53.56 105.69 -19.27
CA LYS E 98 -52.54 105.42 -20.29
C LYS E 98 -51.28 104.82 -19.69
N ASN E 99 -51.44 104.05 -18.62
CA ASN E 99 -50.35 103.20 -18.15
C ASN E 99 -50.53 101.80 -18.73
N SER E 100 -49.42 101.17 -19.11
CA SER E 100 -49.45 99.84 -19.69
C SER E 100 -49.77 98.79 -18.64
N VAL E 101 -50.77 97.95 -18.92
CA VAL E 101 -51.12 96.85 -18.05
C VAL E 101 -51.40 95.62 -18.90
N ALA E 102 -51.35 94.45 -18.27
CA ALA E 102 -51.70 93.23 -18.99
C ALA E 102 -52.87 92.51 -18.31
N VAL E 103 -53.80 92.03 -19.11
CA VAL E 103 -55.02 91.42 -18.62
C VAL E 103 -55.32 90.12 -19.34
N GLY E 104 -55.75 89.10 -18.61
CA GLY E 104 -56.10 87.85 -19.25
C GLY E 104 -56.78 86.88 -18.32
N TYR E 105 -56.82 85.62 -18.73
CA TYR E 105 -57.52 84.64 -17.92
C TYR E 105 -56.80 83.30 -17.89
N VAL E 106 -57.20 82.44 -16.95
CA VAL E 106 -56.85 81.03 -17.00
C VAL E 106 -58.14 80.21 -16.93
N GLY E 107 -58.36 79.37 -17.93
CA GLY E 107 -59.55 78.55 -17.97
C GLY E 107 -59.52 77.52 -16.86
N CYS E 108 -60.67 77.34 -16.22
CA CYS E 108 -60.76 76.41 -15.11
C CYS E 108 -61.77 75.31 -15.45
N GLY E 109 -62.03 75.15 -16.73
CA GLY E 109 -62.88 74.07 -17.22
C GLY E 109 -64.36 74.30 -16.96
N SER E 110 -65.06 73.21 -16.65
CA SER E 110 -66.52 73.24 -16.62
C SER E 110 -67.08 72.47 -15.42
N VAL E 111 -66.21 72.06 -14.51
CA VAL E 111 -66.65 71.51 -13.23
C VAL E 111 -66.48 72.58 -12.15
N ALA E 112 -67.53 72.76 -11.35
CA ALA E 112 -67.57 73.81 -10.32
C ALA E 112 -66.47 73.70 -9.25
N ASP E 113 -66.32 72.51 -8.67
CA ASP E 113 -65.32 72.31 -7.63
C ASP E 113 -64.05 71.65 -8.20
N LEU E 114 -62.96 72.42 -8.24
CA LEU E 114 -61.71 71.92 -8.78
C LEU E 114 -61.05 70.96 -7.81
N SER E 115 -60.45 69.90 -8.37
CA SER E 115 -59.62 69.02 -7.56
C SER E 115 -58.23 69.64 -7.36
N GLU E 116 -57.41 68.99 -6.55
CA GLU E 116 -56.06 69.48 -6.30
C GLU E 116 -55.24 69.37 -7.60
N ALA E 117 -55.57 68.38 -8.42
CA ALA E 117 -54.86 68.17 -9.68
C ALA E 117 -55.22 69.26 -10.70
N ASP E 118 -56.50 69.64 -10.74
CA ASP E 118 -56.96 70.70 -11.62
C ASP E 118 -56.32 72.03 -11.26
N MET E 119 -56.33 72.34 -9.98
CA MET E 119 -55.81 73.62 -9.50
C MET E 119 -54.31 73.70 -9.77
N LYS E 120 -53.63 72.58 -9.60
CA LYS E 120 -52.25 72.48 -10.00
C LYS E 120 -52.10 72.90 -11.46
N ARG E 121 -52.95 72.36 -12.34
CA ARG E 121 -52.89 72.72 -13.76
C ARG E 121 -53.17 74.21 -13.99
N VAL E 122 -54.11 74.77 -13.24
CA VAL E 122 -54.41 76.18 -13.39
C VAL E 122 -53.20 77.04 -13.02
N VAL E 123 -52.57 76.70 -11.89
CA VAL E 123 -51.44 77.45 -11.38
C VAL E 123 -50.26 77.37 -12.34
N LEU E 124 -50.05 76.19 -12.88
CA LEU E 124 -48.95 75.94 -13.82
C LEU E 124 -49.05 76.84 -15.03
N SER E 125 -50.28 77.11 -15.44
CA SER E 125 -50.54 78.00 -16.54
C SER E 125 -50.22 79.44 -16.12
N LEU E 126 -50.58 79.77 -14.88
CA LEU E 126 -50.38 81.11 -14.35
C LEU E 126 -48.89 81.41 -14.24
N VAL E 127 -48.14 80.42 -13.78
CA VAL E 127 -46.70 80.51 -13.62
C VAL E 127 -45.97 80.72 -14.94
N THR E 128 -46.42 80.03 -15.98
CA THR E 128 -45.89 80.21 -17.32
C THR E 128 -45.92 81.67 -17.73
N MET E 129 -46.99 82.37 -17.36
CA MET E 129 -47.12 83.77 -17.69
C MET E 129 -46.18 84.64 -16.87
N LEU E 130 -46.00 84.27 -15.60
CA LEU E 130 -45.11 85.00 -14.74
C LEU E 130 -43.65 84.87 -15.16
N HIS E 131 -43.25 83.70 -15.64
CA HIS E 131 -41.88 83.48 -16.07
C HIS E 131 -41.58 84.18 -17.40
N ASP E 132 -42.63 84.52 -18.13
CA ASP E 132 -42.48 85.08 -19.49
C ASP E 132 -42.66 86.60 -19.53
N ASN E 133 -43.00 87.21 -18.41
CA ASN E 133 -43.27 88.63 -18.40
C ASN E 133 -42.53 89.32 -17.25
N LYS E 134 -41.83 90.42 -17.54
CA LYS E 134 -41.20 91.23 -16.48
C LYS E 134 -42.27 92.04 -15.72
N LEU E 135 -42.70 91.52 -14.58
CA LEU E 135 -43.81 92.12 -13.85
C LEU E 135 -43.44 92.59 -12.45
N SER E 136 -44.06 93.68 -12.04
CA SER E 136 -43.86 94.22 -10.71
C SER E 136 -44.94 93.66 -9.78
N LYS E 137 -46.08 93.32 -10.37
CA LYS E 137 -47.26 92.91 -9.63
C LYS E 137 -48.16 91.95 -10.42
N LEU E 138 -48.67 90.93 -9.75
CA LEU E 138 -49.70 90.07 -10.32
C LEU E 138 -50.98 90.23 -9.49
N THR E 139 -52.11 90.25 -10.17
CA THR E 139 -53.42 90.27 -9.52
C THR E 139 -54.21 89.08 -9.99
N VAL E 140 -54.82 88.36 -9.05
CA VAL E 140 -55.65 87.23 -9.42
C VAL E 140 -57.09 87.48 -8.97
N VAL E 141 -58.02 87.33 -9.92
CA VAL E 141 -59.42 87.51 -9.61
C VAL E 141 -60.10 86.14 -9.64
N PHE E 142 -60.68 85.74 -8.52
CA PHE E 142 -61.33 84.43 -8.40
C PHE E 142 -62.79 84.47 -8.81
N GLU E 143 -63.09 83.96 -10.01
CA GLU E 143 -64.49 83.85 -10.43
C GLU E 143 -64.93 82.39 -10.42
N ILE E 144 -64.32 81.64 -9.51
CA ILE E 144 -64.65 80.25 -9.25
C ILE E 144 -64.77 80.10 -7.75
N ASN E 145 -65.39 79.03 -7.28
CA ASN E 145 -65.54 78.76 -5.85
C ASN E 145 -64.45 77.87 -5.32
N VAL E 146 -64.06 78.15 -4.08
CA VAL E 146 -62.83 77.61 -3.51
C VAL E 146 -62.91 77.76 -2.00
N ASP E 147 -62.70 76.69 -1.26
CA ASP E 147 -62.73 76.82 0.19
C ASP E 147 -61.40 77.37 0.71
N LYS E 148 -61.29 77.53 2.02
CA LYS E 148 -60.09 78.09 2.61
C LYS E 148 -58.88 77.21 2.35
N ASN E 149 -59.08 75.89 2.38
CA ASN E 149 -57.96 74.97 2.20
C ASN E 149 -57.47 74.96 0.76
N LEU E 150 -58.39 75.03 -0.21
CA LEU E 150 -58.00 75.05 -1.61
C LEU E 150 -57.36 76.39 -1.94
N PHE E 151 -57.88 77.47 -1.34
CA PHE E 151 -57.27 78.78 -1.51
C PHE E 151 -55.83 78.80 -0.99
N ARG E 152 -55.63 78.27 0.21
CA ARG E 152 -54.28 78.15 0.72
C ARG E 152 -53.40 77.32 -0.23
N PHE E 153 -53.98 76.27 -0.78
CA PHE E 153 -53.28 75.36 -1.68
C PHE E 153 -52.83 76.08 -2.95
N PHE E 154 -53.73 76.91 -3.49
CA PHE E 154 -53.42 77.74 -4.64
C PHE E 154 -52.16 78.62 -4.37
N LEU E 155 -52.08 79.24 -3.19
CA LEU E 155 -50.94 80.10 -2.84
C LEU E 155 -49.62 79.34 -2.65
N GLU E 156 -49.65 78.28 -1.84
CA GLU E 156 -48.50 77.38 -1.68
C GLU E 156 -47.94 76.92 -3.02
N THR E 157 -48.84 76.41 -3.85
CA THR E 157 -48.46 75.88 -5.16
C THR E 157 -47.90 76.98 -6.06
N LEU E 158 -48.55 78.13 -6.06
CA LEU E 158 -48.07 79.24 -6.87
C LEU E 158 -46.65 79.65 -6.44
N PHE E 159 -46.45 79.84 -5.13
CA PHE E 159 -45.14 80.15 -4.58
C PHE E 159 -44.10 79.11 -4.95
N TYR E 160 -44.41 77.85 -4.76
CA TYR E 160 -43.47 76.76 -5.02
C TYR E 160 -43.10 76.58 -6.49
N GLU E 161 -44.09 76.67 -7.39
CA GLU E 161 -43.85 76.54 -8.82
C GLU E 161 -43.20 77.79 -9.43
N TYR E 162 -43.45 78.94 -8.80
CA TYR E 162 -42.87 80.20 -9.27
C TYR E 162 -41.37 80.22 -8.94
N MET E 163 -41.04 79.70 -7.75
CA MET E 163 -39.65 79.67 -7.28
C MET E 163 -38.75 78.78 -8.16
N THR E 164 -37.60 79.30 -8.58
CA THR E 164 -36.69 78.50 -9.41
C THR E 164 -35.39 78.20 -8.66
N ASP E 165 -35.05 76.92 -8.55
CA ASP E 165 -33.85 76.49 -7.82
C ASP E 165 -32.58 76.62 -8.68
N GLU E 166 -31.70 77.55 -8.29
CA GLU E 166 -30.53 77.93 -9.09
C GLU E 166 -29.19 77.64 -8.39
N ARG E 167 -29.23 76.90 -7.30
CA ARG E 167 -28.05 76.69 -6.48
C ARG E 167 -26.91 76.05 -7.24
N PHE E 168 -27.21 75.34 -8.31
CA PHE E 168 -26.20 74.55 -9.00
C PHE E 168 -25.88 75.12 -10.37
N LYS E 169 -26.49 76.25 -10.67
CA LYS E 169 -26.21 76.97 -11.90
C LYS E 169 -24.99 77.85 -11.70
N SER E 170 -24.22 78.04 -12.76
CA SER E 170 -23.12 78.98 -12.72
C SER E 170 -23.46 80.25 -13.51
N GLU E 178 -36.04 88.45 -12.38
CA GLU E 178 -36.66 89.42 -11.48
C GLU E 178 -38.15 89.08 -11.23
N TYR E 179 -38.44 88.81 -9.96
CA TYR E 179 -39.76 88.39 -9.48
C TYR E 179 -40.70 89.56 -9.17
N ILE E 180 -42.00 89.27 -9.13
CA ILE E 180 -43.00 90.25 -8.72
C ILE E 180 -42.78 90.69 -7.28
N LYS E 181 -43.20 91.90 -6.95
CA LYS E 181 -43.08 92.40 -5.59
C LYS E 181 -44.43 92.43 -4.89
N HIS E 182 -45.50 92.36 -5.68
CA HIS E 182 -46.84 92.39 -5.14
C HIS E 182 -47.74 91.32 -5.72
N LEU E 183 -48.53 90.71 -4.85
CA LEU E 183 -49.58 89.80 -5.26
C LEU E 183 -50.89 90.30 -4.71
N GLY E 184 -51.80 90.63 -5.60
CA GLY E 184 -53.16 90.98 -5.23
C GLY E 184 -54.11 89.82 -5.49
N VAL E 185 -55.07 89.62 -4.60
CA VAL E 185 -56.07 88.58 -4.75
C VAL E 185 -57.44 89.17 -4.57
N TYR E 186 -58.30 89.03 -5.58
CA TYR E 186 -59.70 89.38 -5.44
C TYR E 186 -60.52 88.13 -5.30
N ILE E 187 -61.22 88.00 -4.18
CA ILE E 187 -62.07 86.83 -3.93
C ILE E 187 -63.27 87.25 -3.08
N ASN E 188 -64.44 86.70 -3.41
CA ASN E 188 -65.63 86.97 -2.61
C ASN E 188 -65.44 86.53 -1.16
N ASN E 189 -65.88 87.38 -0.22
CA ASN E 189 -65.69 87.12 1.20
C ASN E 189 -64.24 87.00 1.62
N ALA E 190 -63.45 87.97 1.17
CA ALA E 190 -62.01 87.95 1.29
C ALA E 190 -61.52 87.91 2.72
N ASP E 191 -62.29 88.47 3.66
CA ASP E 191 -61.86 88.47 5.06
C ASP E 191 -61.65 87.06 5.61
N THR E 192 -62.46 86.10 5.17
CA THR E 192 -62.30 84.74 5.68
C THR E 192 -61.00 84.07 5.19
N TYR E 193 -60.43 84.58 4.10
CA TYR E 193 -59.29 83.92 3.47
C TYR E 193 -57.94 84.50 3.85
N LYS E 194 -57.95 85.68 4.47
CA LYS E 194 -56.72 86.41 4.76
C LYS E 194 -55.76 85.62 5.66
N GLU E 195 -56.30 84.90 6.64
CA GLU E 195 -55.46 84.16 7.55
C GLU E 195 -54.68 83.02 6.88
N GLU E 196 -55.04 82.66 5.65
CA GLU E 196 -54.38 81.53 4.98
C GLU E 196 -53.09 81.97 4.32
N VAL E 197 -52.98 83.27 4.06
CA VAL E 197 -51.82 83.80 3.35
C VAL E 197 -50.50 83.47 4.03
N GLU E 198 -50.34 83.85 5.30
CA GLU E 198 -49.05 83.60 5.92
C GLU E 198 -48.86 82.12 6.22
N LYS E 199 -49.95 81.42 6.50
CA LYS E 199 -49.87 79.97 6.62
C LYS E 199 -49.32 79.34 5.33
N ALA E 200 -49.79 79.84 4.20
CA ALA E 200 -49.29 79.40 2.89
C ALA E 200 -47.78 79.66 2.74
N ARG E 201 -47.34 80.84 3.16
CA ARG E 201 -45.93 81.16 3.06
C ARG E 201 -45.06 80.20 3.87
N VAL E 202 -45.54 79.80 5.04
CA VAL E 202 -44.79 78.85 5.84
C VAL E 202 -44.79 77.47 5.18
N TYR E 203 -45.96 77.05 4.70
CA TYR E 203 -46.06 75.76 4.05
C TYR E 203 -45.25 75.74 2.77
N TYR E 204 -45.27 76.85 2.03
CA TYR E 204 -44.44 76.95 0.84
C TYR E 204 -42.98 76.65 1.17
N PHE E 205 -42.43 77.27 2.21
CA PHE E 205 -40.99 77.11 2.39
C PHE E 205 -40.63 75.73 2.92
N GLY E 206 -41.51 75.15 3.72
CA GLY E 206 -41.32 73.78 4.20
C GLY E 206 -41.21 72.82 3.03
N THR E 207 -42.06 73.05 2.04
CA THR E 207 -42.07 72.26 0.83
C THR E 207 -40.83 72.54 -0.02
N TYR E 208 -40.50 73.82 -0.16
CA TYR E 208 -39.33 74.19 -0.97
C TYR E 208 -38.02 73.73 -0.30
N TYR E 209 -37.95 73.83 1.02
CA TYR E 209 -36.80 73.35 1.75
C TYR E 209 -36.57 71.85 1.52
N ALA E 210 -37.64 71.06 1.69
CA ALA E 210 -37.59 69.61 1.43
C ALA E 210 -37.13 69.36 0.01
N SER E 211 -37.70 70.11 -0.91
CA SER E 211 -37.34 70.03 -2.32
C SER E 211 -35.84 70.24 -2.54
N GLN E 212 -35.30 71.26 -1.87
CA GLN E 212 -33.89 71.59 -1.97
C GLN E 212 -33.00 70.41 -1.56
N LEU E 213 -33.33 69.72 -0.47
CA LEU E 213 -32.56 68.54 -0.07
C LEU E 213 -32.70 67.37 -1.09
N ILE E 214 -33.91 67.15 -1.58
CA ILE E 214 -34.14 66.05 -2.49
C ILE E 214 -33.39 66.29 -3.80
N ALA E 215 -33.51 67.50 -4.34
CA ALA E 215 -32.92 67.82 -5.64
C ALA E 215 -31.40 67.86 -5.58
N ALA E 216 -30.85 68.19 -4.42
CA ALA E 216 -29.40 68.25 -4.28
C ALA E 216 -28.81 66.85 -4.50
N PRO E 217 -27.85 66.76 -5.43
CA PRO E 217 -27.27 65.47 -5.86
C PRO E 217 -26.55 64.78 -4.71
N SER E 218 -26.23 63.51 -4.89
CA SER E 218 -25.76 62.72 -3.76
C SER E 218 -24.31 63.01 -3.40
N ASN E 219 -23.55 63.61 -4.32
CA ASN E 219 -22.22 64.06 -3.92
C ASN E 219 -22.33 65.28 -2.97
N TYR E 220 -23.45 66.01 -3.03
CA TYR E 220 -23.66 67.16 -2.17
C TYR E 220 -24.39 66.75 -0.92
N CYS E 221 -25.46 66.01 -1.12
CA CYS E 221 -26.29 65.55 -0.04
C CYS E 221 -25.93 64.12 0.33
N ASN E 222 -25.10 63.97 1.35
CA ASN E 222 -24.69 62.66 1.83
C ASN E 222 -25.08 62.56 3.33
N PRO E 223 -24.91 61.39 3.95
CA PRO E 223 -25.37 61.30 5.35
C PRO E 223 -24.82 62.38 6.28
N VAL E 224 -23.61 62.87 6.05
CA VAL E 224 -23.01 63.82 6.97
C VAL E 224 -23.51 65.24 6.71
N SER E 225 -23.58 65.61 5.43
CA SER E 225 -23.98 66.97 5.14
C SER E 225 -25.48 67.12 5.32
N LEU E 226 -26.23 66.03 5.16
CA LEU E 226 -27.67 66.06 5.38
C LEU E 226 -27.97 66.22 6.87
N SER E 227 -27.22 65.52 7.73
CA SER E 227 -27.42 65.64 9.17
C SER E 227 -26.90 66.98 9.68
N ASN E 228 -25.81 67.47 9.10
CA ASN E 228 -25.36 68.83 9.40
C ASN E 228 -26.46 69.83 9.08
N ALA E 229 -27.12 69.62 7.95
CA ALA E 229 -28.21 70.48 7.53
C ALA E 229 -29.35 70.49 8.57
N ALA E 230 -29.68 69.32 9.11
CA ALA E 230 -30.75 69.21 10.09
C ALA E 230 -30.36 69.92 11.39
N VAL E 231 -29.08 69.86 11.73
CA VAL E 231 -28.62 70.56 12.91
C VAL E 231 -28.73 72.07 12.72
N GLU E 232 -28.33 72.55 11.56
CA GLU E 232 -28.41 73.98 11.26
C GLU E 232 -29.87 74.45 11.39
N LEU E 233 -30.78 73.68 10.79
CA LEU E 233 -32.20 73.97 10.86
C LEU E 233 -32.70 74.01 12.31
N ALA E 234 -32.30 73.02 13.09
CA ALA E 234 -32.72 72.90 14.48
C ALA E 234 -32.35 74.16 15.25
N GLN E 235 -31.13 74.63 15.03
CA GLN E 235 -30.60 75.80 15.73
C GLN E 235 -31.37 77.06 15.39
N LYS E 236 -31.71 77.19 14.11
CA LYS E 236 -32.47 78.33 13.64
C LYS E 236 -33.90 78.36 14.21
N LEU E 237 -34.41 77.18 14.57
CA LEU E 237 -35.78 77.07 15.06
C LEU E 237 -35.86 76.82 16.57
N ASN E 238 -34.71 76.68 17.22
CA ASN E 238 -34.67 76.39 18.66
C ASN E 238 -35.37 75.08 18.99
N LEU E 239 -35.04 74.07 18.19
CA LEU E 239 -35.44 72.71 18.46
C LEU E 239 -34.26 72.01 19.11
N GLU E 240 -34.53 71.11 20.05
CA GLU E 240 -33.48 70.25 20.55
C GLU E 240 -33.02 69.36 19.39
N TYR E 241 -31.75 69.00 19.39
CA TYR E 241 -31.26 68.10 18.36
C TYR E 241 -30.18 67.19 18.91
N LYS E 242 -30.06 66.02 18.27
CA LYS E 242 -29.10 65.01 18.63
C LYS E 242 -28.79 64.18 17.38
N ILE E 243 -27.51 64.17 16.99
CA ILE E 243 -27.05 63.27 15.94
C ILE E 243 -26.30 62.08 16.52
N LEU E 244 -26.84 60.88 16.30
CA LEU E 244 -26.16 59.67 16.69
C LEU E 244 -25.20 59.22 15.59
N GLY E 245 -23.95 58.97 15.97
CA GLY E 245 -22.94 58.47 15.05
C GLY E 245 -22.75 56.99 15.23
N VAL E 246 -21.81 56.42 14.48
CA VAL E 246 -21.64 54.97 14.42
C VAL E 246 -21.36 54.33 15.79
N LYS E 247 -20.64 55.02 16.67
CA LYS E 247 -20.36 54.46 18.00
C LYS E 247 -21.63 54.36 18.84
N GLU E 248 -22.43 55.42 18.86
CA GLU E 248 -23.73 55.39 19.54
C GLU E 248 -24.62 54.29 18.96
N LEU E 249 -24.70 54.26 17.63
CA LEU E 249 -25.57 53.31 16.96
C LEU E 249 -25.14 51.89 17.28
N GLU E 250 -23.83 51.68 17.49
CA GLU E 250 -23.36 50.34 17.80
C GLU E 250 -23.79 49.92 19.20
N GLU E 251 -23.62 50.80 20.19
CA GLU E 251 -24.14 50.56 21.53
C GLU E 251 -25.64 50.27 21.51
N LEU E 252 -26.38 50.97 20.66
CA LEU E 252 -27.81 50.73 20.53
C LEU E 252 -28.15 49.48 19.69
N LYS E 253 -27.13 48.84 19.13
CA LYS E 253 -27.26 47.58 18.39
C LYS E 253 -28.18 47.64 17.16
N MET E 254 -28.16 48.77 16.45
CA MET E 254 -28.93 48.92 15.23
C MET E 254 -28.25 48.26 14.02
N GLY E 255 -28.28 46.94 14.00
CA GLY E 255 -27.63 46.14 12.98
C GLY E 255 -28.25 46.20 11.59
N ALA E 256 -29.56 46.33 11.50
CA ALA E 256 -30.21 46.43 10.21
C ALA E 256 -29.79 47.74 9.55
N TYR E 257 -29.95 48.82 10.30
CA TYR E 257 -29.57 50.14 9.86
C TYR E 257 -28.10 50.18 9.48
N LEU E 258 -27.21 49.84 10.42
CA LEU E 258 -25.77 49.88 10.16
C LEU E 258 -25.31 49.01 8.99
N SER E 259 -25.97 47.87 8.74
CA SER E 259 -25.55 46.99 7.64
C SER E 259 -25.77 47.60 6.28
N VAL E 260 -26.86 48.36 6.13
CA VAL E 260 -27.10 49.05 4.87
C VAL E 260 -25.94 50.00 4.51
N GLY E 261 -25.39 50.69 5.52
CA GLY E 261 -24.40 51.73 5.30
C GLY E 261 -22.95 51.32 5.30
N LYS E 262 -22.69 50.03 5.50
CA LYS E 262 -21.33 49.49 5.56
C LYS E 262 -20.51 49.76 4.29
N GLY E 263 -21.17 49.73 3.13
CA GLY E 263 -20.50 49.96 1.88
C GLY E 263 -20.20 51.41 1.52
N SER E 264 -20.61 52.36 2.36
CA SER E 264 -20.44 53.78 2.07
C SER E 264 -19.13 54.39 2.63
N MET E 265 -18.65 55.46 2.01
CA MET E 265 -17.53 56.21 2.56
C MET E 265 -18.03 57.22 3.62
N TYR E 266 -19.33 57.44 3.65
CA TYR E 266 -19.92 58.31 4.66
C TYR E 266 -20.43 57.45 5.82
N PRO E 267 -20.03 57.79 7.04
CA PRO E 267 -20.58 57.14 8.24
C PRO E 267 -22.09 57.34 8.32
N ASN E 268 -22.80 56.34 8.86
CA ASN E 268 -24.21 56.50 9.19
C ASN E 268 -24.42 57.61 10.21
N LYS E 269 -25.42 58.43 9.97
CA LYS E 269 -25.76 59.52 10.87
C LYS E 269 -27.26 59.48 11.17
N PHE E 270 -27.60 59.31 12.45
CA PHE E 270 -29.00 59.22 12.86
C PHE E 270 -29.53 60.56 13.36
N ILE E 271 -30.55 61.09 12.68
CA ILE E 271 -31.10 62.41 13.04
C ILE E 271 -32.30 62.34 13.98
N HIS E 272 -32.26 63.14 15.05
CA HIS E 272 -33.33 63.19 16.04
C HIS E 272 -33.57 64.62 16.51
N LEU E 273 -34.56 65.28 15.92
CA LEU E 273 -34.98 66.62 16.31
C LEU E 273 -36.21 66.53 17.19
N THR E 274 -36.30 67.39 18.20
CA THR E 274 -37.50 67.39 19.03
C THR E 274 -38.12 68.78 19.15
N TYR E 275 -39.43 68.84 18.95
CA TYR E 275 -40.20 70.02 19.29
C TYR E 275 -41.03 69.72 20.54
N LYS E 276 -40.92 70.57 21.55
CA LYS E 276 -41.82 70.45 22.69
C LYS E 276 -42.58 71.76 22.85
N SER E 277 -43.88 71.68 23.10
CA SER E 277 -44.70 72.88 23.32
C SER E 277 -44.46 73.47 24.70
N LYS E 278 -44.69 74.78 24.83
CA LYS E 278 -44.48 75.48 26.10
C LYS E 278 -45.28 74.86 27.25
N GLY E 279 -46.56 74.57 26.99
CA GLY E 279 -47.44 74.08 28.03
C GLY E 279 -47.32 72.60 28.36
N ASP E 280 -48.39 72.03 28.88
CA ASP E 280 -48.43 70.61 29.17
C ASP E 280 -48.53 69.83 27.86
N VAL E 281 -47.81 68.73 27.77
CA VAL E 281 -47.86 67.88 26.60
C VAL E 281 -49.02 66.91 26.70
N LYS E 282 -49.92 66.96 25.73
CA LYS E 282 -51.06 66.07 25.75
C LYS E 282 -50.95 64.97 24.71
N LYS E 283 -50.02 65.14 23.76
CA LYS E 283 -49.81 64.15 22.71
C LYS E 283 -48.35 64.08 22.27
N LYS E 284 -47.80 62.87 22.29
CA LYS E 284 -46.45 62.65 21.80
C LYS E 284 -46.46 61.94 20.43
N ILE E 285 -45.72 62.49 19.48
CA ILE E 285 -45.66 61.97 18.11
C ILE E 285 -44.23 61.73 17.63
N ALA E 286 -44.01 60.63 16.91
CA ALA E 286 -42.76 60.43 16.19
C ALA E 286 -43.00 60.35 14.66
N LEU E 287 -42.28 61.20 13.93
CA LEU E 287 -42.28 61.20 12.48
C LEU E 287 -40.93 60.64 12.01
N VAL E 288 -41.01 59.53 11.28
CA VAL E 288 -39.84 58.79 10.83
C VAL E 288 -39.72 58.86 9.31
N GLY E 289 -38.60 59.37 8.82
CA GLY E 289 -38.43 59.50 7.37
C GLY E 289 -37.31 58.64 6.82
N LYS E 290 -37.56 57.98 5.68
CA LYS E 290 -36.51 57.19 5.03
C LYS E 290 -35.42 58.12 4.52
N GLY E 291 -34.16 57.81 4.84
CA GLY E 291 -33.06 58.73 4.56
C GLY E 291 -31.89 58.07 3.85
N ILE E 292 -32.16 57.48 2.69
CA ILE E 292 -31.10 56.93 1.88
C ILE E 292 -30.65 57.98 0.88
N THR E 293 -29.46 58.54 1.07
CA THR E 293 -29.04 59.68 0.24
C THR E 293 -28.73 59.28 -1.20
N PHE E 294 -28.38 58.03 -1.39
CA PHE E 294 -28.27 57.47 -2.74
C PHE E 294 -28.46 55.98 -2.65
N ASP E 295 -29.37 55.47 -3.47
CA ASP E 295 -29.68 54.04 -3.48
C ASP E 295 -29.17 53.43 -4.79
N SER E 296 -27.95 52.90 -4.77
CA SER E 296 -27.39 52.23 -5.94
C SER E 296 -27.99 50.85 -6.09
N GLY E 297 -28.56 50.35 -5.00
CA GLY E 297 -29.15 49.02 -4.95
C GLY E 297 -28.24 48.02 -4.27
N GLY E 298 -27.01 48.44 -3.99
CA GLY E 298 -26.00 47.55 -3.47
C GLY E 298 -25.63 46.46 -4.46
N TYR E 299 -25.27 45.28 -3.97
CA TYR E 299 -24.89 44.17 -4.85
C TYR E 299 -26.03 43.69 -5.75
N ASN E 300 -27.26 43.90 -5.31
CA ASN E 300 -28.40 43.81 -6.23
C ASN E 300 -28.50 45.11 -6.98
N LEU E 301 -27.50 45.39 -7.80
CA LEU E 301 -27.36 46.69 -8.45
C LEU E 301 -28.58 47.04 -9.31
N LYS E 302 -28.90 48.33 -9.37
CA LYS E 302 -29.99 48.80 -10.21
C LYS E 302 -29.51 48.87 -11.66
N ALA E 303 -29.52 47.72 -12.31
CA ALA E 303 -28.94 47.57 -13.63
C ALA E 303 -30.01 47.30 -14.71
N ALA E 304 -31.20 46.90 -14.29
CA ALA E 304 -32.30 46.60 -15.20
C ALA E 304 -32.85 47.87 -15.84
N PRO E 305 -33.30 47.75 -17.10
CA PRO E 305 -34.09 48.78 -17.79
C PRO E 305 -35.26 49.29 -16.94
N GLY E 306 -35.37 50.60 -16.79
CA GLY E 306 -36.43 51.19 -15.98
C GLY E 306 -36.18 51.30 -14.49
N SER E 307 -34.95 51.04 -14.05
CA SER E 307 -34.70 50.99 -12.62
C SER E 307 -34.33 52.36 -12.09
N MET E 308 -34.17 53.32 -13.00
CA MET E 308 -34.07 54.74 -12.64
C MET E 308 -32.95 55.05 -11.64
N ILE E 309 -31.78 54.49 -11.88
CA ILE E 309 -30.68 54.68 -10.94
C ILE E 309 -30.27 56.16 -10.87
N ASP E 310 -30.48 56.89 -11.96
CA ASP E 310 -30.04 58.28 -12.02
C ASP E 310 -30.90 59.22 -11.16
N LEU E 311 -32.02 58.74 -10.64
CA LEU E 311 -32.87 59.56 -9.78
C LEU E 311 -32.86 59.07 -8.33
N MET E 312 -31.93 58.16 -8.02
CA MET E 312 -31.92 57.57 -6.69
C MET E 312 -31.35 58.49 -5.62
N LYS E 313 -31.00 59.72 -6.00
CA LYS E 313 -30.80 60.77 -5.00
C LYS E 313 -32.11 61.13 -4.28
N PHE E 314 -33.26 60.71 -4.82
CA PHE E 314 -34.58 61.05 -4.27
C PHE E 314 -34.99 60.14 -3.10
N ASP E 315 -34.16 59.14 -2.77
CA ASP E 315 -34.54 58.09 -1.82
C ASP E 315 -34.42 58.57 -0.36
N MET E 316 -34.30 59.87 -0.21
CA MET E 316 -34.12 60.53 1.07
C MET E 316 -35.31 61.45 1.24
N SER E 317 -36.23 61.36 0.28
CA SER E 317 -37.41 62.22 0.23
C SER E 317 -38.23 62.21 1.51
N GLY E 318 -38.19 61.08 2.20
CA GLY E 318 -39.02 60.87 3.38
C GLY E 318 -38.42 61.67 4.49
N CYS E 319 -37.10 61.54 4.63
CA CYS E 319 -36.35 62.36 5.58
C CYS E 319 -36.60 63.85 5.28
N ALA E 320 -36.47 64.22 4.01
CA ALA E 320 -36.73 65.60 3.58
C ALA E 320 -38.11 66.08 4.02
N ALA E 321 -39.09 65.21 3.86
CA ALA E 321 -40.47 65.49 4.22
C ALA E 321 -40.60 65.78 5.73
N VAL E 322 -39.93 64.95 6.54
CA VAL E 322 -39.93 65.13 7.98
C VAL E 322 -39.23 66.44 8.41
N LEU E 323 -38.11 66.78 7.77
CA LEU E 323 -37.41 68.01 8.10
C LEU E 323 -38.20 69.26 7.64
N GLY E 324 -38.86 69.17 6.49
CA GLY E 324 -39.70 70.28 6.05
C GLY E 324 -40.82 70.52 7.06
N CYS E 325 -41.34 69.42 7.61
CA CYS E 325 -42.34 69.51 8.66
C CYS E 325 -41.78 70.19 9.90
N ALA E 326 -40.59 69.76 10.33
CA ALA E 326 -39.90 70.39 11.45
C ALA E 326 -39.83 71.91 11.25
N TYR E 327 -39.58 72.34 10.01
CA TYR E 327 -39.59 73.78 9.76
C TYR E 327 -40.98 74.40 10.01
N CYS E 328 -42.04 73.77 9.50
CA CYS E 328 -43.38 74.34 9.65
C CYS E 328 -43.79 74.37 11.12
N VAL E 329 -43.61 73.23 11.79
CA VAL E 329 -44.00 73.05 13.17
C VAL E 329 -43.25 74.04 14.07
N GLY E 330 -41.94 74.13 13.89
CA GLY E 330 -41.12 75.03 14.68
C GLY E 330 -41.41 76.49 14.40
N THR E 331 -42.10 76.78 13.29
CA THR E 331 -42.46 78.16 12.97
C THR E 331 -43.87 78.49 13.43
N LEU E 332 -44.78 77.53 13.32
CA LEU E 332 -46.16 77.79 13.68
C LEU E 332 -46.45 77.50 15.16
N LYS E 333 -45.50 76.85 15.82
CA LYS E 333 -45.53 76.55 17.26
C LYS E 333 -46.86 76.03 17.81
N PRO E 334 -47.25 74.81 17.42
CA PRO E 334 -48.48 74.23 17.96
C PRO E 334 -48.34 73.95 19.44
N GLU E 335 -49.45 73.91 20.17
CA GLU E 335 -49.42 73.65 21.60
C GLU E 335 -49.82 72.23 21.99
N ASN E 336 -49.42 71.87 23.20
CA ASN E 336 -49.77 70.59 23.82
C ASN E 336 -49.31 69.37 23.04
N VAL E 337 -48.23 69.52 22.26
CA VAL E 337 -47.63 68.39 21.57
C VAL E 337 -46.11 68.33 21.74
N GLU E 338 -45.59 67.11 21.66
CA GLU E 338 -44.17 66.84 21.61
C GLU E 338 -43.91 66.03 20.34
N ILE E 339 -43.11 66.59 19.43
CA ILE E 339 -42.83 65.93 18.16
C ILE E 339 -41.36 65.53 18.02
N HIS E 340 -41.11 64.26 17.79
CA HIS E 340 -39.75 63.81 17.49
C HIS E 340 -39.58 63.60 15.98
N PHE E 341 -38.57 64.24 15.42
CA PHE E 341 -38.32 64.12 13.99
C PHE E 341 -37.14 63.20 13.77
N LEU E 342 -37.35 62.05 13.14
CA LEU E 342 -36.30 61.07 13.07
C LEU E 342 -35.99 60.66 11.66
N SER E 343 -34.72 60.36 11.42
CA SER E 343 -34.31 59.71 10.18
C SER E 343 -32.98 58.99 10.33
N ALA E 344 -32.96 57.73 9.92
CA ALA E 344 -31.74 56.93 9.95
C ALA E 344 -31.04 57.07 8.62
N VAL E 345 -30.16 58.08 8.52
CA VAL E 345 -29.60 58.44 7.23
C VAL E 345 -28.35 57.64 6.91
N CYS E 346 -28.32 57.10 5.70
CA CYS E 346 -27.13 56.43 5.20
C CYS E 346 -27.13 56.40 3.67
N GLU E 347 -26.13 55.78 3.09
CA GLU E 347 -25.99 55.64 1.65
C GLU E 347 -25.85 54.15 1.28
N ASN E 348 -26.56 53.66 0.26
CA ASN E 348 -26.53 52.22 -0.09
C ASN E 348 -25.61 51.91 -1.29
N MET E 349 -24.37 51.49 -1.01
CA MET E 349 -23.34 51.45 -2.05
C MET E 349 -22.74 50.06 -2.32
N VAL E 350 -21.96 49.97 -3.40
CA VAL E 350 -21.20 48.75 -3.75
C VAL E 350 -19.73 48.92 -3.39
N SER E 351 -19.18 47.97 -2.64
CA SER E 351 -17.85 48.11 -2.09
C SER E 351 -17.38 46.75 -1.61
N LYS E 352 -16.12 46.64 -1.21
CA LYS E 352 -15.68 45.37 -0.63
C LYS E 352 -16.32 45.22 0.75
N ASN E 353 -16.80 46.34 1.31
CA ASN E 353 -17.38 46.36 2.64
C ASN E 353 -18.89 46.23 2.71
N SER E 354 -19.56 46.29 1.57
CA SER E 354 -21.01 46.28 1.55
C SER E 354 -21.60 45.00 2.12
N TYR E 355 -22.86 45.07 2.53
CA TYR E 355 -23.57 43.89 2.98
C TYR E 355 -23.98 43.11 1.72
N ARG E 356 -24.10 41.80 1.87
CA ARG E 356 -24.34 40.90 0.75
C ARG E 356 -25.77 40.38 0.73
N PRO E 357 -26.24 39.99 -0.45
CA PRO E 357 -27.45 39.16 -0.57
C PRO E 357 -27.24 37.87 0.21
N GLY E 358 -28.21 37.48 1.02
CA GLY E 358 -28.07 36.28 1.83
C GLY E 358 -27.67 36.55 3.28
N ASP E 359 -27.05 37.71 3.55
CA ASP E 359 -26.56 38.01 4.88
C ASP E 359 -27.66 37.92 5.94
N ILE E 360 -27.28 37.53 7.14
CA ILE E 360 -28.23 37.50 8.23
C ILE E 360 -27.78 38.53 9.26
N ILE E 361 -28.64 39.49 9.51
CA ILE E 361 -28.30 40.60 10.38
C ILE E 361 -29.30 40.70 11.54
N THR E 362 -28.91 41.43 12.58
CA THR E 362 -29.74 41.49 13.78
C THR E 362 -30.22 42.91 14.05
N ALA E 363 -31.53 43.11 14.00
CA ALA E 363 -32.13 44.40 14.33
C ALA E 363 -32.00 44.69 15.83
N SER E 364 -32.22 45.94 16.22
CA SER E 364 -31.94 46.40 17.58
C SER E 364 -32.97 45.91 18.59
N ASN E 365 -33.99 45.23 18.10
CA ASN E 365 -34.93 44.60 19.00
C ASN E 365 -34.61 43.10 19.13
N GLY E 366 -33.51 42.68 18.53
CA GLY E 366 -33.08 41.29 18.63
C GLY E 366 -33.54 40.34 17.55
N LYS E 367 -34.40 40.79 16.64
CA LYS E 367 -34.87 39.95 15.51
C LYS E 367 -33.76 39.72 14.48
N THR E 368 -33.55 38.46 14.10
CA THR E 368 -32.62 38.22 13.02
C THR E 368 -33.37 38.30 11.68
N ILE E 369 -32.72 38.93 10.72
CA ILE E 369 -33.28 39.12 9.39
C ILE E 369 -32.41 38.49 8.32
N GLU E 370 -33.03 37.74 7.40
CA GLU E 370 -32.31 37.27 6.23
C GLU E 370 -32.46 38.25 5.07
N VAL E 371 -31.35 38.85 4.64
CA VAL E 371 -31.37 39.74 3.48
C VAL E 371 -31.54 38.97 2.18
N GLY E 372 -32.66 39.17 1.49
CA GLY E 372 -32.89 38.49 0.23
C GLY E 372 -32.52 39.37 -0.96
N ASN E 373 -32.37 40.66 -0.71
CA ASN E 373 -32.09 41.63 -1.76
C ASN E 373 -31.61 42.94 -1.18
N THR E 374 -30.35 43.29 -1.44
CA THR E 374 -29.75 44.46 -0.82
C THR E 374 -30.34 45.76 -1.31
N ASP E 375 -31.23 45.68 -2.30
CA ASP E 375 -31.89 46.88 -2.80
C ASP E 375 -33.26 47.11 -2.13
N ALA E 376 -33.65 46.21 -1.21
CA ALA E 376 -34.78 46.50 -0.30
C ALA E 376 -34.23 47.05 1.03
N GLU E 377 -33.42 48.10 0.92
CA GLU E 377 -32.63 48.62 2.04
C GLU E 377 -33.44 49.49 2.99
N GLY E 378 -34.48 50.14 2.47
CA GLY E 378 -35.23 51.13 3.24
C GLY E 378 -35.94 50.51 4.43
N ARG E 379 -36.48 49.31 4.23
CA ARG E 379 -37.21 48.66 5.32
C ARG E 379 -36.26 48.24 6.45
N LEU E 380 -35.00 47.99 6.14
CA LEU E 380 -34.02 47.62 7.17
C LEU E 380 -33.60 48.83 8.01
N THR E 381 -33.47 50.00 7.39
CA THR E 381 -33.06 51.16 8.16
C THR E 381 -34.26 51.62 9.02
N LEU E 382 -35.46 51.53 8.44
CA LEU E 382 -36.69 51.91 9.11
C LEU E 382 -37.06 50.92 10.21
N ALA E 383 -36.59 49.68 10.11
CA ALA E 383 -36.84 48.71 11.17
C ALA E 383 -36.22 49.21 12.46
N ASP E 384 -34.99 49.71 12.37
CA ASP E 384 -34.30 50.17 13.56
C ASP E 384 -34.80 51.54 13.99
N ALA E 385 -35.17 52.37 13.01
CA ALA E 385 -35.75 53.68 13.34
C ALA E 385 -37.08 53.54 14.08
N LEU E 386 -37.88 52.54 13.68
CA LEU E 386 -39.16 52.28 14.33
C LEU E 386 -38.97 51.79 15.78
N VAL E 387 -38.08 50.83 15.96
CA VAL E 387 -37.77 50.34 17.29
C VAL E 387 -37.33 51.47 18.19
N TYR E 388 -36.47 52.34 17.65
CA TYR E 388 -36.01 53.54 18.35
C TYR E 388 -37.21 54.42 18.70
N ALA E 389 -38.06 54.69 17.72
CA ALA E 389 -39.15 55.61 17.99
C ALA E 389 -40.12 55.08 19.08
N GLU E 390 -40.39 53.78 19.07
CA GLU E 390 -41.33 53.22 20.03
C GLU E 390 -40.79 53.34 21.45
N LYS E 391 -39.47 53.20 21.60
CA LYS E 391 -38.82 53.38 22.88
C LYS E 391 -38.93 54.81 23.43
N LEU E 392 -39.37 55.76 22.61
CA LEU E 392 -39.56 57.12 23.10
C LEU E 392 -40.86 57.26 23.89
N GLY E 393 -41.69 56.23 23.87
CA GLY E 393 -42.99 56.30 24.53
C GLY E 393 -43.95 57.29 23.91
N VAL E 394 -44.19 57.18 22.62
CA VAL E 394 -45.05 58.13 21.95
C VAL E 394 -46.46 57.57 21.75
N ASP E 395 -47.38 58.43 21.36
CA ASP E 395 -48.75 58.02 21.05
C ASP E 395 -48.89 57.56 19.60
N TYR E 396 -48.19 58.23 18.68
CA TYR E 396 -48.27 57.93 17.25
C TYR E 396 -46.89 57.79 16.65
N ILE E 397 -46.74 56.80 15.78
CA ILE E 397 -45.57 56.69 14.94
C ILE E 397 -46.04 56.72 13.50
N VAL E 398 -45.51 57.65 12.72
CA VAL E 398 -45.86 57.75 11.32
C VAL E 398 -44.58 57.78 10.50
N ASP E 399 -44.37 56.78 9.63
CA ASP E 399 -43.20 56.84 8.78
C ASP E 399 -43.59 57.23 7.36
N ILE E 400 -42.66 57.85 6.66
CA ILE E 400 -42.90 58.26 5.30
C ILE E 400 -41.63 57.89 4.54
N ALA E 401 -41.81 57.31 3.36
CA ALA E 401 -40.73 56.58 2.68
C ALA E 401 -40.99 56.35 1.20
N THR E 402 -39.94 56.53 0.39
CA THR E 402 -39.92 56.08 -1.00
C THR E 402 -39.58 54.59 -1.05
N LEU E 403 -40.48 53.78 -0.52
CA LEU E 403 -40.13 52.42 -0.16
C LEU E 403 -40.26 51.39 -1.31
N THR E 404 -41.32 51.46 -2.10
CA THR E 404 -41.52 50.43 -3.15
C THR E 404 -41.89 50.97 -4.53
N GLY E 405 -41.08 50.63 -5.52
CA GLY E 405 -41.37 50.96 -6.90
C GLY E 405 -42.71 50.39 -7.35
N ALA E 406 -43.20 49.36 -6.65
CA ALA E 406 -44.52 48.79 -6.94
C ALA E 406 -45.64 49.83 -6.84
N MET E 407 -45.46 50.85 -6.00
CA MET E 407 -46.44 51.94 -5.90
C MET E 407 -46.81 52.53 -7.26
N LEU E 408 -45.83 52.60 -8.16
CA LEU E 408 -46.11 53.13 -9.50
C LEU E 408 -47.19 52.30 -10.23
N TYR E 409 -47.32 51.04 -9.86
CA TYR E 409 -48.26 50.16 -10.52
C TYR E 409 -49.62 50.08 -9.82
N SER E 410 -49.68 50.48 -8.55
CA SER E 410 -50.95 50.51 -7.84
C SER E 410 -51.59 51.90 -7.98
N LEU E 411 -51.06 52.91 -7.30
CA LEU E 411 -51.69 54.23 -7.37
C LEU E 411 -51.09 55.14 -8.45
N GLY E 412 -49.84 54.89 -8.83
CA GLY E 412 -49.21 55.70 -9.86
C GLY E 412 -48.51 56.90 -9.25
N THR E 413 -48.43 58.00 -9.99
CA THR E 413 -47.65 59.16 -9.57
C THR E 413 -48.42 60.27 -8.81
N SER E 414 -49.71 60.08 -8.56
CA SER E 414 -50.52 61.14 -7.95
C SER E 414 -50.88 60.92 -6.48
N TYR E 415 -51.20 59.67 -6.12
CA TYR E 415 -51.64 59.35 -4.75
C TYR E 415 -50.59 58.51 -4.05
N ALA E 416 -50.24 58.91 -2.83
CA ALA E 416 -49.41 58.06 -2.01
C ALA E 416 -50.30 57.01 -1.39
N GLY E 417 -49.69 55.91 -0.94
CA GLY E 417 -50.41 54.89 -0.23
C GLY E 417 -50.13 54.96 1.27
N VAL E 418 -51.15 54.74 2.09
CA VAL E 418 -50.95 54.66 3.52
C VAL E 418 -51.39 53.29 4.03
N PHE E 419 -50.52 52.69 4.82
CA PHE E 419 -50.74 51.42 5.49
C PHE E 419 -50.69 51.70 6.98
N GLY E 420 -51.31 50.86 7.81
CA GLY E 420 -51.28 51.08 9.24
C GLY E 420 -51.81 49.93 10.07
N ASN E 421 -51.57 49.99 11.37
CA ASN E 421 -52.05 48.98 12.30
C ASN E 421 -53.19 49.51 13.17
N ASN E 422 -53.66 50.71 12.86
CA ASN E 422 -54.64 51.40 13.69
C ASN E 422 -55.55 52.34 12.93
N GLU E 423 -56.84 52.02 12.92
CA GLU E 423 -57.78 52.67 12.04
C GLU E 423 -57.94 54.15 12.37
N GLU E 424 -57.90 54.48 13.65
CA GLU E 424 -58.03 55.89 14.03
C GLU E 424 -56.89 56.71 13.42
N LEU E 425 -55.65 56.26 13.62
CA LEU E 425 -54.48 56.93 13.07
C LEU E 425 -54.59 57.06 11.55
N ILE E 426 -55.02 55.99 10.89
CA ILE E 426 -55.14 56.00 9.45
C ILE E 426 -56.13 57.08 8.99
N ASN E 427 -57.23 57.23 9.71
CA ASN E 427 -58.23 58.22 9.33
C ASN E 427 -57.76 59.64 9.61
N LYS E 428 -56.90 59.78 10.62
CA LYS E 428 -56.31 61.09 10.90
C LYS E 428 -55.45 61.54 9.73
N ILE E 429 -54.67 60.60 9.20
CA ILE E 429 -53.86 60.87 8.02
C ILE E 429 -54.73 61.14 6.80
N LEU E 430 -55.83 60.41 6.67
CA LEU E 430 -56.71 60.63 5.54
C LEU E 430 -57.32 62.03 5.63
N GLN E 431 -57.75 62.42 6.83
CA GLN E 431 -58.24 63.79 7.03
C GLN E 431 -57.16 64.84 6.71
N SER E 432 -55.95 64.61 7.19
CA SER E 432 -54.82 65.50 6.90
C SER E 432 -54.56 65.59 5.41
N SER E 433 -54.78 64.47 4.72
CA SER E 433 -54.66 64.47 3.26
C SER E 433 -55.72 65.38 2.62
N LYS E 434 -56.93 65.40 3.20
CA LYS E 434 -57.99 66.24 2.67
C LYS E 434 -57.69 67.73 2.84
N THR E 435 -57.16 68.12 3.98
CA THR E 435 -56.98 69.53 4.29
C THR E 435 -55.69 70.09 3.72
N SER E 436 -54.67 69.24 3.58
CA SER E 436 -53.42 69.66 2.99
C SER E 436 -53.45 69.56 1.47
N ASN E 437 -54.51 68.92 0.96
CA ASN E 437 -54.63 68.64 -0.49
C ASN E 437 -53.40 67.89 -1.04
N GLU E 438 -52.78 67.04 -0.23
CA GLU E 438 -51.79 66.08 -0.71
C GLU E 438 -52.43 64.69 -0.71
N PRO E 439 -52.87 64.22 -1.88
CA PRO E 439 -53.73 63.02 -1.92
C PRO E 439 -53.03 61.75 -1.46
N VAL E 440 -53.71 61.03 -0.55
CA VAL E 440 -53.25 59.74 -0.03
C VAL E 440 -54.41 58.73 -0.11
N TRP E 441 -54.09 57.46 -0.28
CA TRP E 441 -55.14 56.45 -0.33
C TRP E 441 -54.77 55.30 0.60
N TRP E 442 -55.79 54.78 1.28
CA TRP E 442 -55.63 53.68 2.23
C TRP E 442 -55.54 52.32 1.52
N LEU E 443 -54.47 51.58 1.83
CA LEU E 443 -54.20 50.28 1.23
C LEU E 443 -54.02 49.27 2.36
N PRO E 444 -54.40 48.02 2.13
CA PRO E 444 -54.47 47.05 3.23
C PRO E 444 -53.12 46.38 3.59
N ILE E 445 -52.94 46.08 4.87
CA ILE E 445 -51.87 45.17 5.26
C ILE E 445 -52.53 43.79 5.37
N ILE E 446 -52.31 42.96 4.37
CA ILE E 446 -53.02 41.69 4.24
C ILE E 446 -52.25 40.54 4.87
N ASN E 447 -52.76 40.04 6.00
CA ASN E 447 -52.00 39.15 6.88
C ASN E 447 -51.77 37.77 6.30
N GLU E 448 -52.59 37.39 5.33
CA GLU E 448 -52.39 36.15 4.62
C GLU E 448 -51.02 36.08 3.95
N TYR E 449 -50.40 37.23 3.68
CA TYR E 449 -49.11 37.23 2.99
C TYR E 449 -47.97 37.08 3.98
N ARG E 450 -48.26 37.28 5.26
CA ARG E 450 -47.23 37.25 6.30
C ARG E 450 -46.33 36.02 6.25
N ALA E 451 -46.88 34.87 5.86
CA ALA E 451 -46.12 33.63 5.94
C ALA E 451 -44.98 33.56 4.91
N THR E 452 -45.11 34.30 3.81
CA THR E 452 -44.08 34.31 2.79
C THR E 452 -42.80 34.95 3.33
N LEU E 453 -42.90 35.69 4.42
CA LEU E 453 -41.73 36.25 5.09
C LEU E 453 -41.07 35.32 6.13
N ASN E 454 -41.59 34.11 6.29
CA ASN E 454 -40.93 33.12 7.16
C ASN E 454 -39.60 32.69 6.58
N SER E 455 -38.52 32.99 7.28
CA SER E 455 -37.21 32.55 6.84
C SER E 455 -36.95 31.13 7.34
N LYS E 456 -36.23 30.37 6.53
CA LYS E 456 -35.77 29.06 6.91
C LYS E 456 -34.76 29.15 8.06
N TYR E 457 -33.95 30.20 8.05
CA TYR E 457 -32.84 30.26 9.00
C TYR E 457 -32.95 31.37 10.03
N ALA E 458 -33.34 32.56 9.59
CA ALA E 458 -33.47 33.71 10.48
C ALA E 458 -34.89 33.80 11.05
N ASP E 459 -35.13 34.76 11.94
CA ASP E 459 -36.48 34.97 12.47
C ASP E 459 -37.45 35.41 11.39
N ILE E 460 -36.95 36.15 10.42
CA ILE E 460 -37.83 36.71 9.42
C ILE E 460 -37.04 37.04 8.14
N ASN E 461 -37.70 36.87 6.99
CA ASN E 461 -37.19 37.35 5.72
C ASN E 461 -37.40 38.84 5.55
N GLN E 462 -36.45 39.45 4.86
CA GLN E 462 -36.54 40.85 4.46
C GLN E 462 -37.58 41.03 3.33
N ILE E 463 -37.69 40.02 2.46
CA ILE E 463 -38.54 40.12 1.28
C ILE E 463 -39.28 38.83 1.02
N SER E 464 -40.33 38.89 0.21
CA SER E 464 -40.97 37.66 -0.24
C SER E 464 -40.26 37.15 -1.50
N SER E 465 -40.21 35.82 -1.68
CA SER E 465 -39.75 35.27 -2.94
C SER E 465 -40.91 35.23 -3.95
N SER E 466 -42.07 34.76 -3.48
CA SER E 466 -43.26 34.63 -4.32
C SER E 466 -44.01 35.94 -4.55
N VAL E 467 -44.77 36.38 -3.54
CA VAL E 467 -45.71 37.50 -3.67
C VAL E 467 -45.17 38.81 -4.27
N LYS E 468 -45.81 39.24 -5.36
CA LYS E 468 -45.44 40.44 -6.09
C LYS E 468 -46.07 41.72 -5.49
N ALA E 469 -46.95 41.57 -4.51
CA ALA E 469 -47.56 42.73 -3.86
C ALA E 469 -46.57 43.37 -2.87
N SER E 470 -45.59 44.04 -3.44
CA SER E 470 -44.42 44.50 -2.72
C SER E 470 -44.71 45.53 -1.64
N SER E 471 -45.60 46.47 -1.96
CA SER E 471 -45.93 47.52 -1.01
C SER E 471 -46.55 46.91 0.24
N ILE E 472 -47.44 45.95 0.06
CA ILE E 472 -48.06 45.27 1.17
C ILE E 472 -47.08 44.41 1.95
N VAL E 473 -46.20 43.68 1.27
CA VAL E 473 -45.23 42.84 1.97
C VAL E 473 -44.28 43.70 2.80
N ALA E 474 -43.84 44.84 2.24
CA ALA E 474 -42.92 45.72 2.94
C ALA E 474 -43.57 46.29 4.22
N SER E 475 -44.87 46.60 4.13
CA SER E 475 -45.63 47.05 5.28
C SER E 475 -45.70 45.98 6.35
N LEU E 476 -45.97 44.74 5.91
CA LEU E 476 -45.99 43.58 6.78
C LEU E 476 -44.65 43.39 7.47
N PHE E 477 -43.57 43.75 6.78
CA PHE E 477 -42.24 43.63 7.37
C PHE E 477 -42.09 44.62 8.50
N LEU E 478 -42.33 45.89 8.20
CA LEU E 478 -42.22 46.98 9.17
C LEU E 478 -43.13 46.78 10.38
N LYS E 479 -44.28 46.16 10.16
CA LYS E 479 -45.27 45.95 11.21
C LYS E 479 -44.69 45.10 12.34
N GLU E 480 -43.75 44.22 12.01
CA GLU E 480 -43.06 43.42 13.01
C GLU E 480 -42.16 44.22 13.97
N PHE E 481 -41.87 45.49 13.67
CA PHE E 481 -40.92 46.26 14.48
C PHE E 481 -41.61 47.35 15.30
N VAL E 482 -42.95 47.30 15.33
CA VAL E 482 -43.78 48.12 16.19
C VAL E 482 -44.73 47.20 16.99
N GLN E 483 -44.56 47.16 18.32
CA GLN E 483 -45.28 46.17 19.12
C GLN E 483 -46.57 46.67 19.75
N ASN E 484 -46.58 47.92 20.19
CA ASN E 484 -47.68 48.39 21.01
C ASN E 484 -48.05 49.84 20.77
N THR E 485 -47.82 50.33 19.56
CA THR E 485 -48.10 51.72 19.29
C THR E 485 -48.88 51.88 17.99
N ALA E 486 -49.83 52.80 17.98
CA ALA E 486 -50.51 53.19 16.76
C ALA E 486 -49.46 53.67 15.73
N TRP E 487 -49.39 52.96 14.61
CA TRP E 487 -48.38 53.27 13.61
C TRP E 487 -48.95 53.24 12.20
N ALA E 488 -48.62 54.25 11.42
CA ALA E 488 -48.98 54.28 10.01
C ALA E 488 -47.73 54.56 9.18
N HIS E 489 -47.78 54.13 7.92
CA HIS E 489 -46.64 54.14 7.00
C HIS E 489 -47.13 54.71 5.68
N ILE E 490 -46.50 55.79 5.24
CA ILE E 490 -46.89 56.42 3.98
C ILE E 490 -45.82 56.16 2.94
N ASP E 491 -46.19 55.42 1.89
CA ASP E 491 -45.26 55.05 0.81
C ASP E 491 -45.34 56.06 -0.32
N ILE E 492 -44.30 56.86 -0.49
CA ILE E 492 -44.33 57.98 -1.45
C ILE E 492 -43.39 57.75 -2.65
N ALA E 493 -43.02 56.48 -2.86
CA ALA E 493 -42.15 56.12 -3.98
C ALA E 493 -42.71 56.64 -5.30
N GLY E 494 -44.02 56.53 -5.48
CA GLY E 494 -44.67 56.98 -6.69
C GLY E 494 -44.81 58.49 -6.87
N VAL E 495 -45.06 59.20 -5.77
CA VAL E 495 -45.47 60.60 -5.87
C VAL E 495 -44.37 61.59 -5.59
N SER E 496 -43.24 61.13 -5.08
CA SER E 496 -42.22 62.06 -4.61
C SER E 496 -41.58 62.88 -5.72
N TRP E 497 -41.27 62.22 -6.84
CA TRP E 497 -40.56 62.88 -7.91
C TRP E 497 -41.50 63.22 -9.04
N ASN E 498 -41.47 64.49 -9.47
CA ASN E 498 -42.30 64.95 -10.56
C ASN E 498 -41.57 64.74 -11.91
N PHE E 499 -41.85 63.59 -12.54
CA PHE E 499 -41.12 63.18 -13.74
C PHE E 499 -41.31 64.14 -14.89
N LYS E 500 -42.55 64.58 -15.10
CA LYS E 500 -42.82 65.49 -16.20
C LYS E 500 -41.96 66.74 -16.05
N ALA E 501 -41.97 67.30 -14.83
CA ALA E 501 -41.33 68.57 -14.57
C ALA E 501 -39.85 68.45 -14.16
N ARG E 502 -39.36 67.23 -14.00
CA ARG E 502 -37.95 66.98 -13.72
C ARG E 502 -37.48 67.62 -12.40
N LYS E 503 -38.29 67.49 -11.36
CA LYS E 503 -37.96 68.10 -10.07
C LYS E 503 -38.76 67.41 -8.98
N PRO E 504 -38.35 67.60 -7.72
CA PRO E 504 -39.15 67.02 -6.64
C PRO E 504 -40.52 67.70 -6.50
N LYS E 505 -41.49 67.00 -5.92
CA LYS E 505 -42.73 67.62 -5.45
C LYS E 505 -42.60 68.17 -4.02
N GLY E 506 -41.71 67.59 -3.22
CA GLY E 506 -41.62 67.98 -1.81
C GLY E 506 -42.86 67.42 -1.10
N PHE E 507 -43.35 66.30 -1.64
CA PHE E 507 -44.54 65.64 -1.12
C PHE E 507 -44.41 65.27 0.36
N GLY E 508 -45.48 65.51 1.12
CA GLY E 508 -45.51 65.03 2.47
C GLY E 508 -45.43 66.09 3.54
N VAL E 509 -44.73 67.19 3.27
CA VAL E 509 -44.55 68.23 4.28
C VAL E 509 -45.86 68.79 4.81
N ARG E 510 -46.68 69.30 3.91
CA ARG E 510 -47.96 69.89 4.30
C ARG E 510 -48.87 68.81 4.90
N LEU E 511 -48.80 67.60 4.33
CA LEU E 511 -49.57 66.48 4.87
C LEU E 511 -49.24 66.22 6.35
N LEU E 512 -47.95 66.06 6.65
CA LEU E 512 -47.50 65.79 8.00
C LEU E 512 -47.80 66.98 8.93
N THR E 513 -47.60 68.19 8.41
CA THR E 513 -47.80 69.37 9.23
C THR E 513 -49.26 69.50 9.66
N GLU E 514 -50.18 69.31 8.71
CA GLU E 514 -51.60 69.35 9.00
C GLU E 514 -51.97 68.29 10.03
N PHE E 515 -51.27 67.17 9.97
CA PHE E 515 -51.47 66.09 10.91
C PHE E 515 -51.11 66.50 12.33
N VAL E 516 -49.99 67.20 12.46
CA VAL E 516 -49.51 67.66 13.76
C VAL E 516 -50.39 68.79 14.31
N LEU E 517 -50.80 69.69 13.44
CA LEU E 517 -51.53 70.89 13.84
C LEU E 517 -52.98 70.64 14.25
N ASN E 518 -53.59 69.61 13.69
CA ASN E 518 -55.01 69.36 13.96
C ASN E 518 -55.27 67.91 14.33
N SER F 2 -5.88 34.90 11.43
CA SER F 2 -7.05 34.26 12.02
C SER F 2 -7.97 35.24 12.78
N GLU F 3 -7.63 36.52 12.85
CA GLU F 3 -8.60 37.52 13.32
C GLU F 3 -9.45 38.01 12.15
N VAL F 4 -10.77 37.95 12.26
CA VAL F 4 -11.58 38.30 11.09
C VAL F 4 -11.93 39.79 11.10
N PRO F 5 -11.63 40.48 10.00
CA PRO F 5 -11.86 41.93 9.96
C PRO F 5 -13.33 42.28 10.07
N GLN F 6 -13.60 43.48 10.56
CA GLN F 6 -14.96 43.96 10.71
C GLN F 6 -15.13 45.35 10.12
N VAL F 7 -16.26 45.58 9.48
CA VAL F 7 -16.61 46.94 9.09
C VAL F 7 -17.21 47.65 10.30
N VAL F 8 -18.09 46.97 11.02
CA VAL F 8 -18.70 47.51 12.24
C VAL F 8 -18.66 46.46 13.35
N SER F 9 -18.73 46.90 14.60
CA SER F 9 -18.63 46.01 15.75
C SER F 9 -19.69 44.88 15.78
N LEU F 10 -20.82 45.08 15.10
CA LEU F 10 -21.86 44.08 15.07
C LEU F 10 -21.59 42.95 14.06
N ASP F 11 -20.62 43.16 13.18
CA ASP F 11 -20.20 42.09 12.27
C ASP F 11 -19.72 40.87 13.05
N PRO F 12 -20.19 39.68 12.67
CA PRO F 12 -19.82 38.46 13.39
C PRO F 12 -18.40 38.02 13.09
N THR F 13 -17.73 37.39 14.06
CA THR F 13 -16.34 37.00 13.89
C THR F 13 -16.12 35.48 13.90
N SER F 14 -17.18 34.70 13.76
CA SER F 14 -17.04 33.25 13.65
C SER F 14 -18.30 32.59 13.11
N ILE F 15 -18.16 31.38 12.56
CA ILE F 15 -19.33 30.59 12.19
C ILE F 15 -19.86 29.78 13.38
N PRO F 16 -21.09 30.06 13.84
CA PRO F 16 -21.58 29.17 14.90
C PRO F 16 -21.71 27.75 14.39
N ILE F 17 -21.20 26.79 15.16
CA ILE F 17 -21.25 25.40 14.78
C ILE F 17 -21.81 24.56 15.91
N GLU F 18 -22.75 23.69 15.55
CA GLU F 18 -23.26 22.76 16.53
C GLU F 18 -22.59 21.42 16.34
N TYR F 19 -21.81 20.98 17.32
CA TYR F 19 -21.20 19.66 17.26
C TYR F 19 -22.07 18.60 17.93
N ASN F 20 -22.60 18.90 19.11
CA ASN F 20 -23.46 17.99 19.85
C ASN F 20 -24.92 18.21 19.52
N THR F 21 -25.50 17.31 18.73
CA THR F 21 -26.86 17.52 18.27
C THR F 21 -27.79 16.49 18.91
N PRO F 22 -29.09 16.80 18.94
CA PRO F 22 -30.14 15.89 19.42
C PRO F 22 -30.01 14.49 18.84
N ILE F 23 -29.64 14.39 17.56
CA ILE F 23 -29.49 13.11 16.90
C ILE F 23 -28.49 12.20 17.62
N HIS F 24 -27.45 12.80 18.17
CA HIS F 24 -26.43 12.05 18.90
C HIS F 24 -26.92 11.43 20.22
N ASP F 25 -28.10 11.83 20.68
CA ASP F 25 -28.64 11.34 21.94
C ASP F 25 -29.61 10.21 21.75
N ILE F 26 -29.86 9.87 20.49
CA ILE F 26 -30.83 8.80 20.21
C ILE F 26 -30.17 7.44 20.31
N LYS F 27 -30.68 6.64 21.24
CA LYS F 27 -30.30 5.25 21.37
C LYS F 27 -30.97 4.47 20.24
N VAL F 28 -30.18 3.69 19.50
CA VAL F 28 -30.74 2.94 18.38
C VAL F 28 -30.59 1.44 18.58
N GLN F 29 -31.68 0.70 18.37
CA GLN F 29 -31.62 -0.76 18.44
C GLN F 29 -32.38 -1.42 17.29
N VAL F 30 -31.78 -2.50 16.77
CA VAL F 30 -32.32 -3.21 15.63
C VAL F 30 -32.74 -4.64 16.00
N TYR F 31 -33.99 -4.98 15.72
CA TYR F 31 -34.53 -6.29 16.07
C TYR F 31 -34.96 -7.07 14.85
N ASP F 32 -34.83 -8.38 14.92
CA ASP F 32 -35.30 -9.24 13.85
C ASP F 32 -36.81 -9.22 13.87
N ILE F 33 -37.41 -9.15 12.67
CA ILE F 33 -38.83 -8.92 12.53
C ILE F 33 -39.62 -10.20 12.77
N LYS F 34 -38.91 -11.33 12.79
CA LYS F 34 -39.55 -12.64 12.92
C LYS F 34 -39.99 -12.92 14.34
N GLY F 35 -39.40 -12.21 15.29
CA GLY F 35 -39.75 -12.39 16.68
C GLY F 35 -40.99 -11.60 17.08
N GLY F 36 -41.71 -11.08 16.09
CA GLY F 36 -42.86 -10.23 16.36
C GLY F 36 -42.44 -8.86 16.87
N CYS F 37 -43.37 -7.92 16.88
CA CYS F 37 -43.06 -6.54 17.24
C CYS F 37 -43.69 -6.13 18.57
N ASN F 38 -42.91 -5.38 19.35
CA ASN F 38 -43.38 -4.85 20.63
C ASN F 38 -43.77 -3.39 20.52
N VAL F 39 -45.00 -3.09 20.93
CA VAL F 39 -45.54 -1.73 20.87
C VAL F 39 -45.81 -1.21 22.29
N GLU F 40 -44.77 -1.07 23.09
CA GLU F 40 -44.95 -0.66 24.47
C GLU F 40 -45.21 0.85 24.59
N GLU F 41 -44.47 1.65 23.83
CA GLU F 41 -44.55 3.11 23.94
C GLU F 41 -44.41 3.84 22.59
N GLY F 42 -44.60 5.15 22.62
CA GLY F 42 -44.34 6.01 21.48
C GLY F 42 -44.97 5.63 20.15
N LEU F 43 -44.34 6.10 19.08
CA LEU F 43 -44.86 5.98 17.72
C LEU F 43 -44.26 4.80 16.97
N THR F 44 -45.12 3.97 16.40
CA THR F 44 -44.67 2.84 15.58
C THR F 44 -45.20 2.96 14.15
N ILE F 45 -44.29 2.86 13.20
CA ILE F 45 -44.64 3.04 11.80
C ILE F 45 -44.17 1.85 10.95
N PHE F 46 -45.10 1.34 10.14
CA PHE F 46 -44.80 0.23 9.23
C PHE F 46 -44.47 0.70 7.80
N LEU F 47 -43.30 0.29 7.31
CA LEU F 47 -42.94 0.58 5.93
C LEU F 47 -43.51 -0.50 5.05
N VAL F 48 -44.57 -0.16 4.32
CA VAL F 48 -45.34 -1.18 3.59
C VAL F 48 -45.49 -0.81 2.12
N ASN F 49 -45.55 -1.84 1.28
CA ASN F 49 -45.80 -1.63 -0.15
C ASN F 49 -46.87 -2.60 -0.66
N ASN F 50 -47.10 -2.60 -1.97
CA ASN F 50 -48.04 -3.52 -2.60
C ASN F 50 -47.62 -3.82 -4.04
N PRO F 51 -46.86 -4.90 -4.25
CA PRO F 51 -46.58 -5.32 -5.63
C PRO F 51 -47.88 -5.72 -6.34
N GLY F 52 -48.19 -5.07 -7.45
CA GLY F 52 -49.50 -5.20 -8.07
C GLY F 52 -50.50 -4.26 -7.42
N LYS F 53 -50.36 -2.96 -7.70
CA LYS F 53 -51.11 -1.94 -7.00
C LYS F 53 -51.11 -0.61 -7.74
N GLU F 54 -52.24 0.10 -7.73
CA GLU F 54 -52.37 1.32 -8.54
C GLU F 54 -52.91 2.61 -7.88
N ASN F 55 -52.50 2.97 -6.65
CA ASN F 55 -51.71 2.16 -5.74
C ASN F 55 -52.66 1.49 -4.72
N GLY F 56 -52.41 0.22 -4.45
CA GLY F 56 -53.36 -0.64 -3.78
C GLY F 56 -53.40 -0.46 -2.28
N PRO F 57 -54.18 -1.32 -1.60
CA PRO F 57 -54.44 -1.17 -0.18
C PRO F 57 -53.28 -1.60 0.71
N VAL F 58 -53.32 -1.14 1.95
CA VAL F 58 -52.30 -1.44 2.94
C VAL F 58 -52.62 -2.73 3.67
N LYS F 59 -51.66 -3.66 3.68
CA LYS F 59 -51.83 -4.91 4.42
C LYS F 59 -50.57 -5.20 5.23
N ILE F 60 -50.70 -5.19 6.55
CA ILE F 60 -49.54 -5.41 7.42
C ILE F 60 -49.39 -6.88 7.78
N SER F 61 -48.20 -7.41 7.54
CA SER F 61 -47.95 -8.84 7.69
C SER F 61 -47.20 -9.20 8.97
N SER F 62 -46.73 -8.19 9.70
CA SER F 62 -45.99 -8.47 10.93
C SER F 62 -46.94 -8.75 12.09
N LYS F 63 -46.58 -9.73 12.93
CA LYS F 63 -47.37 -9.99 14.14
C LYS F 63 -47.02 -8.96 15.20
N VAL F 64 -48.02 -8.55 15.97
CA VAL F 64 -47.84 -7.54 17.00
C VAL F 64 -48.33 -8.04 18.35
N ASN F 65 -47.43 -8.02 19.33
CA ASN F 65 -47.69 -8.59 20.65
C ASN F 65 -48.56 -7.71 21.55
N ASP F 66 -49.69 -7.27 21.00
CA ASP F 66 -50.62 -6.39 21.70
C ASP F 66 -51.99 -6.51 21.03
N LYS F 67 -52.93 -7.12 21.74
CA LYS F 67 -54.27 -7.35 21.23
C LYS F 67 -54.90 -6.08 20.63
N GLN F 68 -54.80 -4.96 21.35
CA GLN F 68 -55.42 -3.70 20.92
C GLN F 68 -54.88 -3.21 19.56
N VAL F 69 -53.57 -3.00 19.47
CA VAL F 69 -52.95 -2.61 18.22
C VAL F 69 -53.21 -3.66 17.12
N SER F 70 -53.21 -4.94 17.50
CA SER F 70 -53.42 -6.03 16.54
C SER F 70 -54.76 -5.95 15.81
N GLU F 71 -55.82 -5.53 16.50
CA GLU F 71 -57.13 -5.40 15.85
C GLU F 71 -57.21 -4.12 15.01
N PHE F 72 -56.36 -3.15 15.32
CA PHE F 72 -56.23 -1.96 14.51
C PHE F 72 -55.64 -2.34 13.16
N LEU F 73 -54.66 -3.24 13.21
CA LEU F 73 -53.83 -3.58 12.06
C LEU F 73 -54.43 -4.68 11.19
N LYS F 74 -55.66 -5.06 11.49
CA LYS F 74 -56.34 -6.12 10.76
C LYS F 74 -56.69 -5.69 9.34
N ASP F 75 -56.71 -6.65 8.42
CA ASP F 75 -56.87 -6.38 6.99
C ASP F 75 -58.10 -5.53 6.62
N GLU F 76 -59.19 -5.72 7.36
CA GLU F 76 -60.40 -4.96 7.11
C GLU F 76 -60.21 -3.45 7.35
N ASN F 77 -59.51 -3.10 8.41
CA ASN F 77 -59.31 -1.69 8.78
C ASN F 77 -58.26 -1.02 7.88
N MET F 78 -57.16 -1.74 7.61
CA MET F 78 -56.02 -1.17 6.88
C MET F 78 -56.29 -1.00 5.39
N GLU F 79 -57.29 -1.70 4.88
CA GLU F 79 -57.64 -1.63 3.46
C GLU F 79 -58.28 -0.28 3.10
N LYS F 80 -58.58 0.50 4.11
CA LYS F 80 -59.18 1.81 3.88
C LYS F 80 -58.11 2.82 3.47
N PHE F 81 -56.84 2.42 3.65
CA PHE F 81 -55.68 3.24 3.29
C PHE F 81 -54.90 2.62 2.12
N ASN F 82 -54.24 3.45 1.31
CA ASN F 82 -53.51 2.94 0.17
C ASN F 82 -52.00 3.18 0.29
N VAL F 83 -51.24 2.62 -0.64
CA VAL F 83 -49.82 2.45 -0.45
C VAL F 83 -48.99 3.37 -1.34
N LYS F 84 -49.68 4.25 -2.06
CA LYS F 84 -49.05 5.33 -2.83
C LYS F 84 -47.83 5.92 -2.10
N LEU F 85 -46.72 6.07 -2.82
CA LEU F 85 -45.44 6.37 -2.21
C LEU F 85 -45.49 7.70 -1.44
N GLY F 86 -45.12 7.66 -0.18
CA GLY F 86 -45.08 8.86 0.65
C GLY F 86 -46.37 9.13 1.39
N THR F 87 -47.43 8.43 1.01
CA THR F 87 -48.70 8.54 1.72
C THR F 87 -48.54 7.95 3.12
N SER F 88 -49.21 8.55 4.09
CA SER F 88 -49.09 8.08 5.46
C SER F 88 -50.29 8.47 6.32
N LYS F 89 -50.59 7.60 7.26
CA LYS F 89 -51.58 7.88 8.27
C LYS F 89 -51.01 7.38 9.59
N HIS F 90 -51.35 8.05 10.68
CA HIS F 90 -51.04 7.49 11.99
C HIS F 90 -52.14 7.89 12.97
N PHE F 91 -52.48 6.94 13.84
CA PHE F 91 -53.52 7.13 14.83
C PHE F 91 -52.97 6.96 16.25
N TYR F 92 -53.49 7.76 17.17
CA TYR F 92 -53.26 7.53 18.60
C TYR F 92 -54.33 6.61 19.17
N MET F 93 -53.92 5.69 20.03
CA MET F 93 -54.84 4.74 20.62
C MET F 93 -54.29 4.19 21.94
N PHE F 94 -55.13 3.50 22.71
CA PHE F 94 -54.68 2.89 23.95
C PHE F 94 -54.30 1.43 23.74
N ASN F 95 -53.18 1.04 24.32
CA ASN F 95 -52.68 -0.32 24.17
C ASN F 95 -53.23 -1.26 25.25
N ASP F 96 -52.67 -2.47 25.30
CA ASP F 96 -53.16 -3.51 26.21
C ASP F 96 -53.01 -3.14 27.68
N ASN F 97 -52.21 -2.13 27.99
CA ASN F 97 -52.01 -1.73 29.37
C ASN F 97 -52.48 -0.30 29.62
N LYS F 98 -53.41 0.15 28.78
CA LYS F 98 -54.08 1.45 28.91
C LYS F 98 -53.11 2.64 28.85
N ASN F 99 -52.06 2.51 28.05
CA ASN F 99 -51.14 3.60 27.79
C ASN F 99 -51.33 4.14 26.37
N SER F 100 -50.98 5.40 26.15
CA SER F 100 -51.11 6.00 24.82
C SER F 100 -49.99 5.55 23.89
N VAL F 101 -50.38 5.00 22.73
CA VAL F 101 -49.45 4.64 21.67
C VAL F 101 -49.94 5.21 20.35
N ALA F 102 -48.99 5.55 19.47
CA ALA F 102 -49.35 5.97 18.12
C ALA F 102 -48.92 4.89 17.14
N VAL F 103 -49.80 4.58 16.19
CA VAL F 103 -49.52 3.57 15.19
C VAL F 103 -49.93 4.10 13.82
N GLY F 104 -49.11 3.81 12.82
CA GLY F 104 -49.38 4.23 11.46
C GLY F 104 -48.48 3.56 10.45
N TYR F 105 -48.55 4.03 9.22
CA TYR F 105 -47.77 3.44 8.16
C TYR F 105 -47.23 4.54 7.22
N VAL F 106 -46.18 4.22 6.48
CA VAL F 106 -45.78 5.04 5.34
C VAL F 106 -45.84 4.20 4.05
N GLY F 107 -46.52 4.71 3.05
CA GLY F 107 -46.61 4.01 1.76
C GLY F 107 -45.33 4.04 0.95
N CYS F 108 -44.94 2.87 0.45
CA CYS F 108 -43.75 2.71 -0.37
C CYS F 108 -44.05 2.27 -1.81
N GLY F 109 -45.23 2.62 -2.31
CA GLY F 109 -45.58 2.33 -3.70
C GLY F 109 -45.63 0.86 -4.08
N SER F 110 -45.44 0.58 -5.37
CA SER F 110 -45.59 -0.79 -5.89
C SER F 110 -44.30 -1.42 -6.38
N VAL F 111 -43.26 -0.62 -6.62
CA VAL F 111 -41.97 -1.18 -7.02
C VAL F 111 -41.35 -1.88 -5.81
N ALA F 112 -40.82 -3.07 -6.03
CA ALA F 112 -40.21 -3.83 -4.94
C ALA F 112 -38.81 -3.31 -4.62
N ASP F 113 -38.09 -2.85 -5.64
CA ASP F 113 -36.78 -2.24 -5.42
C ASP F 113 -36.94 -0.73 -5.26
N LEU F 114 -36.64 -0.22 -4.07
CA LEU F 114 -36.77 1.21 -3.80
C LEU F 114 -35.52 1.96 -4.22
N SER F 115 -35.70 3.01 -5.01
CA SER F 115 -34.61 3.91 -5.37
C SER F 115 -34.26 4.88 -4.25
N GLU F 116 -33.12 5.51 -4.38
CA GLU F 116 -32.69 6.54 -3.46
C GLU F 116 -33.72 7.69 -3.37
N ALA F 117 -34.29 8.09 -4.51
CA ALA F 117 -35.23 9.20 -4.52
C ALA F 117 -36.52 8.83 -3.84
N ASP F 118 -36.92 7.58 -4.01
CA ASP F 118 -38.13 7.05 -3.40
C ASP F 118 -37.99 6.95 -1.89
N MET F 119 -36.89 6.33 -1.47
CA MET F 119 -36.57 6.21 -0.06
C MET F 119 -36.54 7.59 0.59
N LYS F 120 -36.11 8.57 -0.19
CA LYS F 120 -36.09 9.94 0.27
C LYS F 120 -37.51 10.41 0.57
N ARG F 121 -38.45 10.09 -0.33
CA ARG F 121 -39.84 10.47 -0.14
C ARG F 121 -40.46 9.77 1.07
N VAL F 122 -40.08 8.52 1.29
CA VAL F 122 -40.60 7.77 2.43
C VAL F 122 -40.16 8.45 3.72
N VAL F 123 -38.87 8.79 3.78
CA VAL F 123 -38.28 9.39 4.96
C VAL F 123 -38.88 10.76 5.30
N LEU F 124 -39.16 11.56 4.27
CA LEU F 124 -39.63 12.92 4.46
C LEU F 124 -41.01 12.89 5.12
N SER F 125 -41.80 11.91 4.69
CA SER F 125 -43.14 11.69 5.20
C SER F 125 -43.09 11.21 6.66
N LEU F 126 -42.15 10.32 6.95
CA LEU F 126 -41.88 9.89 8.31
C LEU F 126 -41.48 11.08 9.20
N VAL F 127 -40.58 11.93 8.71
CA VAL F 127 -40.09 13.10 9.44
C VAL F 127 -41.20 14.14 9.64
N THR F 128 -42.17 14.19 8.74
CA THR F 128 -43.30 15.10 8.91
C THR F 128 -44.08 14.72 10.17
N MET F 129 -44.14 13.42 10.47
CA MET F 129 -44.82 12.95 11.66
C MET F 129 -44.04 13.27 12.95
N LEU F 130 -42.73 13.08 12.93
CA LEU F 130 -41.86 13.36 14.08
C LEU F 130 -41.87 14.80 14.54
N HIS F 131 -42.15 15.66 13.59
CA HIS F 131 -42.02 17.10 13.70
C HIS F 131 -43.33 17.70 14.22
N ASP F 132 -44.42 16.90 14.18
CA ASP F 132 -45.72 17.33 14.68
C ASP F 132 -46.17 16.46 15.85
N ASN F 133 -45.23 15.75 16.47
CA ASN F 133 -45.59 14.84 17.55
C ASN F 133 -44.51 14.80 18.64
N LYS F 134 -44.90 15.09 19.89
CA LYS F 134 -44.03 14.97 21.07
C LYS F 134 -43.88 13.50 21.46
N LEU F 135 -42.73 12.92 21.14
CA LEU F 135 -42.56 11.47 21.24
C LEU F 135 -41.29 11.12 21.98
N SER F 136 -41.29 9.97 22.67
CA SER F 136 -40.06 9.50 23.32
C SER F 136 -39.40 8.44 22.45
N LYS F 137 -40.21 7.62 21.81
CA LYS F 137 -39.69 6.53 21.01
C LYS F 137 -40.37 6.48 19.64
N LEU F 138 -39.55 6.35 18.60
CA LEU F 138 -40.03 5.97 17.28
C LEU F 138 -39.58 4.55 17.01
N THR F 139 -40.51 3.73 16.53
CA THR F 139 -40.21 2.39 16.07
C THR F 139 -40.56 2.24 14.59
N VAL F 140 -39.57 1.85 13.80
CA VAL F 140 -39.79 1.63 12.38
C VAL F 140 -39.78 0.14 12.06
N VAL F 141 -40.85 -0.33 11.42
CA VAL F 141 -40.94 -1.73 11.01
C VAL F 141 -40.78 -1.90 9.49
N PHE F 142 -39.68 -2.53 9.09
CA PHE F 142 -39.36 -2.70 7.67
C PHE F 142 -40.12 -3.86 7.05
N GLU F 143 -41.30 -3.60 6.48
CA GLU F 143 -42.03 -4.65 5.79
C GLU F 143 -41.76 -4.61 4.30
N ILE F 144 -40.50 -4.29 3.98
CA ILE F 144 -40.02 -4.16 2.61
C ILE F 144 -38.57 -4.64 2.57
N ASN F 145 -38.06 -4.96 1.40
CA ASN F 145 -36.68 -5.44 1.29
C ASN F 145 -35.72 -4.33 0.92
N VAL F 146 -34.72 -4.11 1.75
CA VAL F 146 -33.70 -3.12 1.45
C VAL F 146 -32.34 -3.72 1.77
N ASP F 147 -31.34 -3.40 0.98
CA ASP F 147 -30.00 -3.89 1.27
C ASP F 147 -29.26 -3.00 2.27
N LYS F 148 -28.04 -3.41 2.61
CA LYS F 148 -27.29 -2.79 3.69
C LYS F 148 -27.08 -1.30 3.46
N ASN F 149 -26.72 -0.92 2.23
CA ASN F 149 -26.46 0.48 1.92
C ASN F 149 -27.73 1.30 1.98
N LEU F 150 -28.82 0.75 1.47
CA LEU F 150 -30.06 1.50 1.43
C LEU F 150 -30.60 1.67 2.84
N PHE F 151 -30.43 0.65 3.67
CA PHE F 151 -30.76 0.77 5.09
C PHE F 151 -29.94 1.88 5.74
N ARG F 152 -28.65 1.90 5.48
CA ARG F 152 -27.80 2.96 6.01
C ARG F 152 -28.27 4.31 5.47
N PHE F 153 -28.67 4.33 4.20
CA PHE F 153 -29.17 5.55 3.58
C PHE F 153 -30.46 5.99 4.26
N PHE F 154 -31.28 5.03 4.67
CA PHE F 154 -32.50 5.33 5.38
C PHE F 154 -32.16 6.07 6.69
N LEU F 155 -31.15 5.58 7.40
CA LEU F 155 -30.78 6.17 8.67
C LEU F 155 -30.17 7.57 8.56
N GLU F 156 -29.23 7.74 7.63
CA GLU F 156 -28.59 9.06 7.44
C GLU F 156 -29.61 10.12 7.05
N THR F 157 -30.49 9.76 6.14
CA THR F 157 -31.47 10.71 5.63
C THR F 157 -32.45 11.09 6.74
N LEU F 158 -33.01 10.09 7.42
CA LEU F 158 -33.85 10.33 8.60
C LEU F 158 -33.18 11.33 9.58
N PHE F 159 -31.94 11.05 10.00
CA PHE F 159 -31.25 11.91 10.97
C PHE F 159 -31.12 13.33 10.43
N TYR F 160 -30.59 13.43 9.22
CA TYR F 160 -30.39 14.69 8.54
C TYR F 160 -31.66 15.52 8.42
N GLU F 161 -32.73 14.89 7.93
CA GLU F 161 -33.95 15.62 7.69
C GLU F 161 -34.66 15.92 9.00
N TYR F 162 -34.45 15.08 10.02
CA TYR F 162 -35.04 15.28 11.34
C TYR F 162 -34.45 16.54 11.98
N MET F 163 -33.13 16.62 11.96
CA MET F 163 -32.41 17.74 12.55
C MET F 163 -32.80 19.07 11.90
N THR F 164 -33.05 20.10 12.71
CA THR F 164 -33.35 21.40 12.14
C THR F 164 -32.33 22.42 12.65
N ASP F 165 -31.79 23.20 11.73
CA ASP F 165 -30.77 24.20 12.03
C ASP F 165 -31.39 25.48 12.60
N GLU F 166 -31.12 25.78 13.86
CA GLU F 166 -31.72 26.97 14.46
C GLU F 166 -30.70 28.00 14.95
N ARG F 167 -29.47 27.88 14.46
CA ARG F 167 -28.35 28.73 14.86
C ARG F 167 -28.60 30.23 14.69
N PHE F 168 -29.46 30.60 13.75
CA PHE F 168 -29.63 32.01 13.45
C PHE F 168 -31.01 32.50 13.88
N LYS F 169 -31.75 31.60 14.52
CA LYS F 169 -33.03 31.95 15.15
C LYS F 169 -32.74 32.60 16.50
N SER F 170 -33.65 33.48 16.95
CA SER F 170 -33.56 34.06 18.28
C SER F 170 -34.94 34.42 18.81
N GLU F 178 -37.90 18.61 21.81
CA GLU F 178 -38.93 17.59 21.71
C GLU F 178 -38.47 16.39 20.87
N TYR F 179 -37.15 16.23 20.74
CA TYR F 179 -36.57 15.16 19.95
C TYR F 179 -36.68 13.81 20.62
N ILE F 180 -37.05 12.77 19.86
CA ILE F 180 -37.14 11.40 20.40
C ILE F 180 -35.80 10.99 21.00
N LYS F 181 -35.84 10.07 21.95
CA LYS F 181 -34.62 9.69 22.64
C LYS F 181 -34.25 8.24 22.34
N HIS F 182 -35.17 7.54 21.68
CA HIS F 182 -34.96 6.14 21.33
C HIS F 182 -35.49 5.84 19.93
N LEU F 183 -34.74 5.06 19.17
CA LEU F 183 -35.19 4.58 17.87
C LEU F 183 -35.11 3.05 17.82
N GLY F 184 -36.24 2.42 17.47
CA GLY F 184 -36.26 0.99 17.29
C GLY F 184 -36.51 0.61 15.84
N VAL F 185 -35.74 -0.35 15.34
CA VAL F 185 -35.95 -0.80 13.96
C VAL F 185 -36.20 -2.31 13.92
N TYR F 186 -37.26 -2.72 13.23
CA TYR F 186 -37.55 -4.13 13.01
C TYR F 186 -37.30 -4.53 11.56
N ILE F 187 -36.37 -5.45 11.34
CA ILE F 187 -36.01 -5.82 10.00
C ILE F 187 -35.59 -7.29 9.92
N ASN F 188 -35.99 -7.96 8.85
CA ASN F 188 -35.49 -9.31 8.55
C ASN F 188 -33.97 -9.33 8.50
N ASN F 189 -33.38 -10.40 9.03
CA ASN F 189 -31.92 -10.54 9.08
C ASN F 189 -31.26 -9.39 9.83
N ALA F 190 -31.88 -8.98 10.95
CA ALA F 190 -31.44 -7.78 11.65
C ALA F 190 -29.96 -7.76 12.01
N ASP F 191 -29.36 -8.93 12.23
CA ASP F 191 -27.94 -9.01 12.55
C ASP F 191 -27.07 -8.41 11.44
N THR F 192 -27.57 -8.46 10.22
CA THR F 192 -26.87 -7.95 9.04
C THR F 192 -26.70 -6.42 9.04
N TYR F 193 -27.66 -5.71 9.62
CA TYR F 193 -27.73 -4.26 9.50
C TYR F 193 -27.11 -3.48 10.66
N LYS F 194 -26.85 -4.16 11.77
CA LYS F 194 -26.42 -3.50 12.99
C LYS F 194 -25.15 -2.65 12.82
N GLU F 195 -24.16 -3.17 12.09
CA GLU F 195 -22.95 -2.43 11.79
C GLU F 195 -23.24 -1.10 11.09
N GLU F 196 -24.37 -1.05 10.38
CA GLU F 196 -24.69 0.12 9.58
C GLU F 196 -25.19 1.31 10.38
N VAL F 197 -25.56 1.09 11.64
CA VAL F 197 -26.15 2.14 12.47
C VAL F 197 -25.17 3.26 12.84
N GLU F 198 -23.99 2.90 13.34
CA GLU F 198 -23.05 3.91 13.78
C GLU F 198 -22.39 4.65 12.62
N LYS F 199 -22.16 3.93 11.52
CA LYS F 199 -21.63 4.54 10.32
C LYS F 199 -22.59 5.64 9.82
N ALA F 200 -23.88 5.35 9.86
CA ALA F 200 -24.89 6.31 9.42
C ALA F 200 -24.90 7.56 10.29
N ARG F 201 -24.75 7.38 11.60
CA ARG F 201 -24.72 8.52 12.49
C ARG F 201 -23.49 9.36 12.14
N VAL F 202 -22.39 8.71 11.80
CA VAL F 202 -21.20 9.44 11.38
C VAL F 202 -21.40 10.12 10.01
N TYR F 203 -21.99 9.39 9.06
CA TYR F 203 -22.25 9.94 7.74
C TYR F 203 -23.23 11.09 7.87
N TYR F 204 -24.18 10.94 8.80
CA TYR F 204 -25.14 12.00 9.04
C TYR F 204 -24.44 13.28 9.45
N PHE F 205 -23.56 13.21 10.43
CA PHE F 205 -23.02 14.45 10.93
C PHE F 205 -22.02 15.08 9.98
N GLY F 206 -21.32 14.27 9.19
CA GLY F 206 -20.46 14.82 8.14
C GLY F 206 -21.29 15.67 7.18
N THR F 207 -22.45 15.16 6.80
CA THR F 207 -23.36 15.86 5.91
C THR F 207 -23.94 17.12 6.58
N TYR F 208 -24.26 17.02 7.87
CA TYR F 208 -24.89 18.13 8.57
C TYR F 208 -23.88 19.24 8.88
N TYR F 209 -22.65 18.84 9.16
CA TYR F 209 -21.59 19.79 9.35
C TYR F 209 -21.34 20.56 8.04
N ALA F 210 -21.33 19.84 6.92
CA ALA F 210 -21.16 20.50 5.63
C ALA F 210 -22.31 21.50 5.41
N SER F 211 -23.51 21.04 5.72
CA SER F 211 -24.70 21.83 5.55
C SER F 211 -24.71 23.05 6.49
N GLN F 212 -24.07 22.94 7.64
CA GLN F 212 -23.98 24.10 8.51
C GLN F 212 -23.05 25.17 7.92
N LEU F 213 -21.98 24.74 7.26
CA LEU F 213 -21.04 25.69 6.67
C LEU F 213 -21.67 26.39 5.47
N ILE F 214 -22.44 25.63 4.70
CA ILE F 214 -23.08 26.15 3.50
C ILE F 214 -24.20 27.14 3.84
N ALA F 215 -25.10 26.72 4.72
CA ALA F 215 -26.23 27.54 5.14
C ALA F 215 -25.78 28.83 5.80
N ALA F 216 -24.63 28.78 6.49
CA ALA F 216 -24.04 29.96 7.06
C ALA F 216 -23.82 31.03 5.99
N PRO F 217 -24.44 32.19 6.16
CA PRO F 217 -24.34 33.36 5.27
C PRO F 217 -22.91 33.94 5.19
N SER F 218 -22.64 34.62 4.09
CA SER F 218 -21.28 35.09 3.79
C SER F 218 -20.76 36.13 4.77
N ASN F 219 -21.64 36.74 5.57
CA ASN F 219 -21.17 37.65 6.60
C ASN F 219 -20.73 36.92 7.87
N TYR F 220 -21.14 35.65 8.02
CA TYR F 220 -20.68 34.80 9.11
C TYR F 220 -19.55 33.92 8.60
N CYS F 221 -19.74 33.40 7.39
CA CYS F 221 -18.79 32.47 6.79
C CYS F 221 -18.00 33.18 5.67
N ASN F 222 -16.81 33.62 6.03
CA ASN F 222 -15.92 34.33 5.12
C ASN F 222 -14.61 33.55 5.10
N PRO F 223 -13.69 33.89 4.18
CA PRO F 223 -12.45 33.10 4.10
C PRO F 223 -11.71 32.89 5.44
N VAL F 224 -11.67 33.93 6.26
CA VAL F 224 -11.02 33.83 7.56
C VAL F 224 -11.80 32.90 8.51
N SER F 225 -13.08 33.21 8.75
CA SER F 225 -13.87 32.42 9.68
C SER F 225 -14.05 30.96 9.21
N LEU F 226 -14.00 30.73 7.89
CA LEU F 226 -14.13 29.36 7.38
C LEU F 226 -12.83 28.57 7.57
N SER F 227 -11.69 29.20 7.34
CA SER F 227 -10.44 28.52 7.62
C SER F 227 -10.22 28.35 9.15
N ASN F 228 -10.68 29.30 9.97
CA ASN F 228 -10.66 29.10 11.43
C ASN F 228 -11.44 27.87 11.88
N ALA F 229 -12.65 27.71 11.35
CA ALA F 229 -13.47 26.54 11.64
C ALA F 229 -12.81 25.25 11.16
N ALA F 230 -12.09 25.32 10.04
CA ALA F 230 -11.40 24.13 9.55
C ALA F 230 -10.31 23.71 10.53
N VAL F 231 -9.61 24.70 11.10
CA VAL F 231 -8.53 24.42 12.04
C VAL F 231 -9.12 23.75 13.26
N GLU F 232 -10.16 24.34 13.79
CA GLU F 232 -10.84 23.80 14.95
C GLU F 232 -11.27 22.34 14.74
N LEU F 233 -11.74 22.02 13.53
CA LEU F 233 -12.20 20.68 13.22
C LEU F 233 -11.02 19.71 13.21
N ALA F 234 -9.95 20.15 12.58
CA ALA F 234 -8.73 19.36 12.51
C ALA F 234 -8.18 19.08 13.90
N GLN F 235 -8.28 20.07 14.78
CA GLN F 235 -7.78 19.94 16.13
C GLN F 235 -8.57 18.95 16.95
N LYS F 236 -9.87 18.89 16.70
CA LYS F 236 -10.73 17.96 17.42
C LYS F 236 -10.56 16.54 16.90
N LEU F 237 -9.99 16.41 15.70
CA LEU F 237 -9.92 15.10 15.04
C LEU F 237 -8.51 14.57 14.97
N ASN F 238 -7.57 15.32 15.53
CA ASN F 238 -6.13 15.01 15.46
C ASN F 238 -5.58 14.92 14.03
N LEU F 239 -6.11 15.76 13.16
CA LEU F 239 -5.60 15.87 11.81
C LEU F 239 -4.49 16.90 11.75
N GLU F 240 -3.49 16.66 10.91
CA GLU F 240 -2.51 17.70 10.60
C GLU F 240 -3.24 18.85 9.87
N TYR F 241 -2.78 20.08 10.06
CA TYR F 241 -3.41 21.20 9.41
C TYR F 241 -2.44 22.35 9.13
N LYS F 242 -2.66 23.02 8.02
CA LYS F 242 -1.87 24.16 7.62
C LYS F 242 -2.81 25.17 6.96
N ILE F 243 -2.72 26.42 7.36
CA ILE F 243 -3.45 27.46 6.65
C ILE F 243 -2.47 28.40 5.94
N LEU F 244 -2.56 28.47 4.61
CA LEU F 244 -1.68 29.35 3.86
C LEU F 244 -2.31 30.73 3.70
N GLY F 245 -1.56 31.74 4.09
CA GLY F 245 -1.99 33.11 3.95
C GLY F 245 -1.43 33.76 2.71
N VAL F 246 -1.78 35.02 2.53
CA VAL F 246 -1.46 35.74 1.32
C VAL F 246 0.04 35.75 1.03
N LYS F 247 0.85 36.02 2.06
CA LYS F 247 2.30 36.14 1.85
C LYS F 247 2.90 34.82 1.29
N GLU F 248 2.50 33.68 1.82
CA GLU F 248 2.96 32.39 1.30
C GLU F 248 2.39 32.11 -0.10
N LEU F 249 1.13 32.47 -0.32
CA LEU F 249 0.50 32.31 -1.64
C LEU F 249 1.19 33.12 -2.71
N GLU F 250 1.70 34.30 -2.32
CA GLU F 250 2.49 35.12 -3.22
C GLU F 250 3.79 34.44 -3.59
N GLU F 251 4.50 33.95 -2.57
CA GLU F 251 5.76 33.24 -2.79
C GLU F 251 5.55 31.99 -3.63
N LEU F 252 4.38 31.35 -3.49
CA LEU F 252 4.06 30.19 -4.32
C LEU F 252 3.51 30.62 -5.69
N LYS F 253 3.27 31.92 -5.86
CA LYS F 253 2.88 32.52 -7.14
C LYS F 253 1.51 32.06 -7.60
N MET F 254 0.60 31.84 -6.65
CA MET F 254 -0.77 31.48 -7.00
C MET F 254 -1.57 32.70 -7.47
N GLY F 255 -1.27 33.16 -8.68
CA GLY F 255 -1.87 34.37 -9.21
C GLY F 255 -3.32 34.25 -9.70
N ALA F 256 -3.71 33.08 -10.16
CA ALA F 256 -5.09 32.93 -10.56
C ALA F 256 -5.96 33.04 -9.29
N TYR F 257 -5.58 32.28 -8.27
CA TYR F 257 -6.25 32.29 -6.97
C TYR F 257 -6.26 33.68 -6.32
N LEU F 258 -5.09 34.31 -6.21
CA LEU F 258 -4.98 35.62 -5.57
C LEU F 258 -5.73 36.73 -6.31
N SER F 259 -5.87 36.57 -7.63
CA SER F 259 -6.64 37.52 -8.46
C SER F 259 -8.12 37.55 -8.08
N VAL F 260 -8.72 36.38 -7.94
CA VAL F 260 -10.12 36.28 -7.58
C VAL F 260 -10.35 37.03 -6.26
N GLY F 261 -9.38 36.93 -5.34
CA GLY F 261 -9.53 37.46 -4.00
C GLY F 261 -9.24 38.96 -3.84
N LYS F 262 -8.56 39.55 -4.83
CA LYS F 262 -8.14 40.95 -4.75
C LYS F 262 -9.22 41.94 -4.30
N GLY F 263 -10.46 41.69 -4.69
CA GLY F 263 -11.53 42.62 -4.40
C GLY F 263 -12.18 42.46 -3.03
N SER F 264 -11.71 41.48 -2.25
CA SER F 264 -12.31 41.17 -0.94
C SER F 264 -11.65 41.88 0.23
N MET F 265 -12.45 42.25 1.22
CA MET F 265 -11.92 42.76 2.49
C MET F 265 -11.31 41.64 3.34
N TYR F 266 -11.68 40.39 3.06
CA TYR F 266 -11.12 39.21 3.70
C TYR F 266 -9.92 38.64 2.96
N PRO F 267 -8.80 38.42 3.67
CA PRO F 267 -7.62 37.89 3.00
C PRO F 267 -7.80 36.43 2.54
N ASN F 268 -7.24 36.08 1.39
CA ASN F 268 -7.26 34.70 0.94
C ASN F 268 -6.69 33.77 2.01
N LYS F 269 -7.34 32.62 2.19
CA LYS F 269 -6.83 31.58 3.06
C LYS F 269 -6.89 30.25 2.33
N PHE F 270 -5.78 29.57 2.26
CA PHE F 270 -5.72 28.27 1.63
C PHE F 270 -5.66 27.18 2.69
N ILE F 271 -6.71 26.37 2.79
CA ILE F 271 -6.82 25.29 3.77
C ILE F 271 -6.16 23.99 3.32
N HIS F 272 -5.32 23.41 4.18
CA HIS F 272 -4.69 22.11 3.92
C HIS F 272 -4.67 21.23 5.18
N LEU F 273 -5.54 20.23 5.20
CA LEU F 273 -5.58 19.25 6.29
C LEU F 273 -5.08 17.91 5.75
N THR F 274 -4.49 17.10 6.62
CA THR F 274 -4.01 15.79 6.19
C THR F 274 -4.37 14.69 7.17
N TYR F 275 -4.85 13.58 6.61
CA TYR F 275 -5.05 12.37 7.38
C TYR F 275 -4.07 11.31 6.91
N LYS F 276 -3.28 10.78 7.85
CA LYS F 276 -2.37 9.68 7.53
C LYS F 276 -2.88 8.42 8.21
N SER F 277 -2.78 7.29 7.52
CA SER F 277 -3.25 6.02 8.07
C SER F 277 -2.24 5.36 8.97
N LYS F 278 -2.73 4.62 9.95
CA LYS F 278 -1.92 3.63 10.63
C LYS F 278 -1.62 2.58 9.58
N GLY F 279 -0.43 2.01 9.60
CA GLY F 279 -0.07 1.02 8.61
C GLY F 279 0.52 1.66 7.37
N ASP F 280 0.71 0.86 6.32
CA ASP F 280 1.46 1.34 5.16
C ASP F 280 0.54 1.99 4.14
N VAL F 281 0.96 3.14 3.63
CA VAL F 281 0.16 3.87 2.64
C VAL F 281 0.14 3.07 1.35
N LYS F 282 -1.06 2.70 0.92
CA LYS F 282 -1.20 2.01 -0.35
C LYS F 282 -1.78 2.96 -1.37
N LYS F 283 -2.26 4.11 -0.91
CA LYS F 283 -2.81 5.13 -1.82
C LYS F 283 -2.81 6.52 -1.19
N LYS F 284 -2.30 7.49 -1.94
CA LYS F 284 -2.38 8.89 -1.53
C LYS F 284 -3.45 9.60 -2.33
N ILE F 285 -4.37 10.28 -1.65
CA ILE F 285 -5.44 10.98 -2.35
C ILE F 285 -5.49 12.48 -2.01
N ALA F 286 -5.71 13.31 -3.02
CA ALA F 286 -5.98 14.73 -2.78
C ALA F 286 -7.44 15.02 -3.10
N LEU F 287 -8.14 15.60 -2.14
CA LEU F 287 -9.51 16.03 -2.33
C LEU F 287 -9.55 17.55 -2.38
N VAL F 288 -10.01 18.10 -3.49
CA VAL F 288 -9.96 19.55 -3.67
C VAL F 288 -11.38 20.13 -3.73
N GLY F 289 -11.69 21.12 -2.91
CA GLY F 289 -13.02 21.72 -2.93
C GLY F 289 -13.05 23.21 -3.26
N LYS F 290 -13.92 23.61 -4.17
CA LYS F 290 -14.06 25.03 -4.48
C LYS F 290 -14.60 25.78 -3.23
N GLY F 291 -13.93 26.86 -2.85
CA GLY F 291 -14.32 27.59 -1.65
C GLY F 291 -14.50 29.07 -1.87
N ILE F 292 -15.53 29.44 -2.62
CA ILE F 292 -15.89 30.85 -2.75
C ILE F 292 -16.99 31.14 -1.75
N THR F 293 -16.69 31.94 -0.72
CA THR F 293 -17.64 32.15 0.37
C THR F 293 -18.81 33.02 -0.08
N PHE F 294 -18.57 33.88 -1.06
CA PHE F 294 -19.65 34.59 -1.75
C PHE F 294 -19.28 34.95 -3.18
N ASP F 295 -20.14 34.59 -4.11
CA ASP F 295 -19.84 34.80 -5.52
C ASP F 295 -20.78 35.84 -6.09
N SER F 296 -20.33 37.09 -6.06
CA SER F 296 -21.13 38.19 -6.59
C SER F 296 -21.04 38.22 -8.12
N GLY F 297 -20.00 37.57 -8.65
CA GLY F 297 -19.71 37.62 -10.07
C GLY F 297 -18.53 38.55 -10.35
N GLY F 298 -18.22 39.43 -9.40
CA GLY F 298 -17.23 40.46 -9.63
C GLY F 298 -17.80 41.44 -10.64
N TYR F 299 -16.94 42.06 -11.44
CA TYR F 299 -17.40 43.08 -12.37
C TYR F 299 -18.37 42.53 -13.41
N ASN F 300 -18.28 41.23 -13.68
CA ASN F 300 -19.36 40.53 -14.38
C ASN F 300 -20.47 40.21 -13.38
N LEU F 301 -21.08 41.25 -12.83
CA LEU F 301 -22.05 41.11 -11.75
C LEU F 301 -23.19 40.15 -12.09
N LYS F 302 -23.65 39.37 -11.11
CA LYS F 302 -24.84 38.55 -11.27
C LYS F 302 -26.07 39.45 -11.16
N ALA F 303 -26.42 40.09 -12.27
CA ALA F 303 -27.49 41.07 -12.33
C ALA F 303 -28.60 40.56 -13.21
N ALA F 304 -28.25 39.67 -14.12
CA ALA F 304 -29.20 39.04 -15.04
C ALA F 304 -30.31 38.29 -14.30
N PRO F 305 -31.50 38.17 -14.94
CA PRO F 305 -32.58 37.38 -14.33
C PRO F 305 -32.17 35.93 -14.20
N GLY F 306 -32.33 35.36 -13.01
CA GLY F 306 -32.06 33.95 -12.80
C GLY F 306 -30.67 33.60 -12.33
N SER F 307 -29.87 34.61 -11.97
CA SER F 307 -28.48 34.36 -11.63
C SER F 307 -28.31 33.99 -10.16
N MET F 308 -29.39 34.12 -9.40
CA MET F 308 -29.47 33.63 -8.04
C MET F 308 -28.42 34.19 -7.10
N ILE F 309 -28.10 35.47 -7.24
CA ILE F 309 -27.08 36.08 -6.41
C ILE F 309 -27.35 35.86 -4.91
N ASP F 310 -28.62 35.73 -4.53
CA ASP F 310 -28.99 35.62 -3.12
C ASP F 310 -28.64 34.25 -2.53
N LEU F 311 -28.34 33.28 -3.39
CA LEU F 311 -27.95 31.96 -2.90
C LEU F 311 -26.45 31.70 -3.02
N MET F 312 -25.66 32.72 -3.37
CA MET F 312 -24.25 32.48 -3.72
C MET F 312 -23.36 32.35 -2.50
N LYS F 313 -23.98 32.28 -1.33
CA LYS F 313 -23.29 31.78 -0.16
C LYS F 313 -23.02 30.27 -0.33
N PHE F 314 -23.73 29.60 -1.25
CA PHE F 314 -23.59 28.15 -1.43
C PHE F 314 -22.31 27.83 -2.19
N ASP F 315 -21.70 28.85 -2.77
CA ASP F 315 -20.62 28.59 -3.71
C ASP F 315 -19.33 28.07 -3.04
N MET F 316 -19.40 27.75 -1.74
CA MET F 316 -18.32 27.03 -1.05
C MET F 316 -18.75 25.60 -0.62
N SER F 317 -19.73 25.05 -1.31
CA SER F 317 -20.23 23.69 -1.05
C SER F 317 -19.16 22.62 -1.22
N GLY F 318 -18.22 22.86 -2.14
CA GLY F 318 -17.24 21.87 -2.48
C GLY F 318 -16.29 21.75 -1.31
N CYS F 319 -15.84 22.91 -0.85
CA CYS F 319 -15.05 23.00 0.35
C CYS F 319 -15.78 22.33 1.52
N ALA F 320 -17.05 22.67 1.70
CA ALA F 320 -17.84 22.11 2.79
C ALA F 320 -17.87 20.59 2.73
N ALA F 321 -18.12 20.07 1.54
CA ALA F 321 -18.12 18.63 1.32
C ALA F 321 -16.77 18.02 1.66
N VAL F 322 -15.68 18.69 1.30
CA VAL F 322 -14.36 18.16 1.61
C VAL F 322 -14.09 18.18 3.14
N LEU F 323 -14.61 19.17 3.86
CA LEU F 323 -14.40 19.20 5.30
C LEU F 323 -15.30 18.20 6.02
N GLY F 324 -16.50 18.01 5.53
CA GLY F 324 -17.40 17.03 6.12
C GLY F 324 -16.88 15.62 5.85
N CYS F 325 -16.18 15.44 4.73
CA CYS F 325 -15.55 14.16 4.44
C CYS F 325 -14.41 13.94 5.43
N ALA F 326 -13.75 15.04 5.81
CA ALA F 326 -12.64 14.93 6.75
C ALA F 326 -13.14 14.51 8.13
N TYR F 327 -14.31 15.02 8.53
CA TYR F 327 -14.94 14.56 9.76
C TYR F 327 -15.12 13.05 9.72
N CYS F 328 -15.70 12.53 8.65
CA CYS F 328 -15.94 11.11 8.57
C CYS F 328 -14.65 10.31 8.57
N VAL F 329 -13.67 10.76 7.81
CA VAL F 329 -12.41 10.02 7.73
C VAL F 329 -11.67 10.14 9.07
N GLY F 330 -11.72 11.30 9.69
CA GLY F 330 -11.13 11.46 11.01
C GLY F 330 -11.77 10.55 12.04
N THR F 331 -13.03 10.19 11.81
CA THR F 331 -13.82 9.47 12.78
C THR F 331 -13.77 7.96 12.55
N LEU F 332 -14.03 7.53 11.32
CA LEU F 332 -14.03 6.11 10.98
C LEU F 332 -12.62 5.53 10.91
N LYS F 333 -11.65 6.39 10.60
CA LYS F 333 -10.23 6.04 10.62
C LYS F 333 -9.82 4.87 9.71
N PRO F 334 -10.11 4.98 8.40
CA PRO F 334 -9.75 3.89 7.49
C PRO F 334 -8.23 3.70 7.42
N GLU F 335 -7.79 2.53 6.93
CA GLU F 335 -6.35 2.25 6.93
C GLU F 335 -5.76 2.25 5.54
N ASN F 336 -4.43 2.26 5.52
CA ASN F 336 -3.63 2.23 4.29
C ASN F 336 -3.95 3.32 3.30
N VAL F 337 -4.29 4.51 3.80
CA VAL F 337 -4.55 5.64 2.93
C VAL F 337 -4.08 6.96 3.53
N GLU F 338 -3.42 7.77 2.72
CA GLU F 338 -3.08 9.14 3.08
C GLU F 338 -4.00 10.06 2.26
N ILE F 339 -4.63 11.01 2.94
CA ILE F 339 -5.60 11.89 2.29
C ILE F 339 -5.32 13.34 2.62
N HIS F 340 -5.25 14.17 1.58
CA HIS F 340 -5.13 15.61 1.76
C HIS F 340 -6.44 16.34 1.46
N PHE F 341 -6.84 17.23 2.36
CA PHE F 341 -8.08 17.98 2.18
C PHE F 341 -7.76 19.43 1.86
N LEU F 342 -8.00 19.84 0.61
CA LEU F 342 -7.60 21.16 0.12
C LEU F 342 -8.79 22.01 -0.29
N SER F 343 -8.66 23.31 -0.07
CA SER F 343 -9.61 24.27 -0.60
C SER F 343 -8.96 25.65 -0.64
N ALA F 344 -9.03 26.28 -1.80
CA ALA F 344 -8.47 27.60 -1.96
C ALA F 344 -9.60 28.59 -1.67
N VAL F 345 -9.63 29.11 -0.45
CA VAL F 345 -10.78 29.90 -0.06
C VAL F 345 -10.58 31.39 -0.34
N CYS F 346 -11.59 32.02 -0.93
CA CYS F 346 -11.61 33.46 -1.09
C CYS F 346 -13.04 33.91 -1.34
N GLU F 347 -13.19 35.19 -1.62
CA GLU F 347 -14.49 35.80 -1.87
C GLU F 347 -14.38 36.72 -3.10
N ASN F 348 -15.32 36.57 -4.02
CA ASN F 348 -15.36 37.28 -5.32
C ASN F 348 -16.21 38.54 -5.27
N MET F 349 -15.58 39.71 -5.15
CA MET F 349 -16.32 40.92 -4.87
C MET F 349 -16.07 42.05 -5.85
N VAL F 350 -16.88 43.11 -5.74
CA VAL F 350 -16.74 44.31 -6.56
C VAL F 350 -16.13 45.39 -5.71
N SER F 351 -15.00 45.90 -6.17
CA SER F 351 -14.24 46.89 -5.42
C SER F 351 -13.31 47.66 -6.37
N LYS F 352 -12.67 48.71 -5.85
CA LYS F 352 -11.64 49.39 -6.61
C LYS F 352 -10.46 48.43 -6.86
N ASN F 353 -10.32 47.44 -5.97
CA ASN F 353 -9.20 46.51 -6.01
C ASN F 353 -9.43 45.20 -6.75
N SER F 354 -10.65 44.99 -7.25
CA SER F 354 -11.03 43.76 -7.95
C SER F 354 -10.24 43.50 -9.24
N TYR F 355 -10.18 42.24 -9.65
CA TYR F 355 -9.61 41.91 -10.97
C TYR F 355 -10.67 42.23 -12.01
N ARG F 356 -10.23 42.54 -13.22
CA ARG F 356 -11.11 43.07 -14.26
C ARG F 356 -11.27 42.06 -15.38
N PRO F 357 -12.44 42.11 -16.04
CA PRO F 357 -12.59 41.43 -17.32
C PRO F 357 -11.47 41.88 -18.26
N GLY F 358 -10.77 40.93 -18.87
CA GLY F 358 -9.70 41.26 -19.77
C GLY F 358 -8.31 41.06 -19.16
N ASP F 359 -8.21 41.06 -17.84
CA ASP F 359 -6.90 40.93 -17.18
C ASP F 359 -6.18 39.63 -17.57
N ILE F 360 -4.86 39.70 -17.64
CA ILE F 360 -4.08 38.50 -17.88
C ILE F 360 -3.27 38.21 -16.62
N ILE F 361 -3.46 36.99 -16.11
CA ILE F 361 -2.93 36.62 -14.83
C ILE F 361 -2.10 35.34 -14.99
N THR F 362 -1.24 35.06 -14.02
CA THR F 362 -0.32 33.94 -14.16
C THR F 362 -0.55 32.88 -13.09
N ALA F 363 -0.86 31.66 -13.50
CA ALA F 363 -1.06 30.57 -12.55
C ALA F 363 0.27 30.14 -11.96
N SER F 364 0.23 29.42 -10.84
CA SER F 364 1.45 29.06 -10.14
C SER F 364 2.32 28.12 -10.96
N ASN F 365 1.81 27.60 -12.07
CA ASN F 365 2.62 26.72 -12.90
C ASN F 365 3.20 27.47 -14.12
N GLY F 366 3.01 28.79 -14.15
CA GLY F 366 3.60 29.62 -15.19
C GLY F 366 2.70 29.95 -16.36
N LYS F 367 1.50 29.38 -16.37
CA LYS F 367 0.55 29.59 -17.46
C LYS F 367 -0.14 30.93 -17.32
N THR F 368 -0.11 31.72 -18.39
CA THR F 368 -0.84 32.97 -18.38
C THR F 368 -2.27 32.73 -18.89
N ILE F 369 -3.22 33.40 -18.25
CA ILE F 369 -4.63 33.20 -18.51
C ILE F 369 -5.29 34.56 -18.75
N GLU F 370 -6.01 34.68 -19.85
CA GLU F 370 -6.82 35.86 -20.08
C GLU F 370 -8.19 35.69 -19.41
N VAL F 371 -8.54 36.63 -18.55
CA VAL F 371 -9.84 36.63 -17.91
C VAL F 371 -10.88 37.20 -18.86
N GLY F 372 -11.80 36.37 -19.32
CA GLY F 372 -12.86 36.84 -20.19
C GLY F 372 -14.17 37.12 -19.48
N ASN F 373 -14.30 36.59 -18.26
CA ASN F 373 -15.49 36.81 -17.45
C ASN F 373 -15.14 36.59 -15.97
N THR F 374 -15.28 37.63 -15.15
CA THR F 374 -14.87 37.53 -13.75
C THR F 374 -15.79 36.64 -12.91
N ASP F 375 -16.94 36.27 -13.44
CA ASP F 375 -17.88 35.38 -12.75
C ASP F 375 -17.55 33.90 -13.05
N ALA F 376 -16.54 33.64 -13.87
CA ALA F 376 -15.99 32.29 -13.95
C ALA F 376 -14.77 32.19 -13.03
N GLU F 377 -14.98 32.54 -11.77
CA GLU F 377 -13.88 32.65 -10.80
C GLU F 377 -13.40 31.29 -10.28
N GLY F 378 -14.30 30.32 -10.23
CA GLY F 378 -14.05 29.05 -9.56
C GLY F 378 -12.91 28.27 -10.17
N ARG F 379 -12.92 28.17 -11.50
CA ARG F 379 -11.89 27.42 -12.20
C ARG F 379 -10.52 28.05 -12.03
N LEU F 380 -10.49 29.36 -11.78
CA LEU F 380 -9.23 30.06 -11.56
C LEU F 380 -8.63 29.68 -10.22
N THR F 381 -9.47 29.60 -9.18
CA THR F 381 -8.96 29.24 -7.87
C THR F 381 -8.58 27.76 -7.86
N LEU F 382 -9.38 26.95 -8.55
CA LEU F 382 -9.13 25.51 -8.63
C LEU F 382 -7.83 25.20 -9.39
N ALA F 383 -7.49 26.02 -10.38
CA ALA F 383 -6.27 25.80 -11.16
C ALA F 383 -5.01 25.89 -10.28
N ASP F 384 -4.99 26.84 -9.35
CA ASP F 384 -3.86 26.90 -8.43
C ASP F 384 -3.95 25.80 -7.37
N ALA F 385 -5.16 25.45 -6.94
CA ALA F 385 -5.30 24.32 -6.03
C ALA F 385 -4.81 23.02 -6.69
N LEU F 386 -5.01 22.87 -7.99
CA LEU F 386 -4.73 21.58 -8.64
C LEU F 386 -3.24 21.40 -8.87
N VAL F 387 -2.58 22.50 -9.26
CA VAL F 387 -1.14 22.56 -9.34
C VAL F 387 -0.53 22.20 -7.99
N TYR F 388 -1.07 22.80 -6.94
CA TYR F 388 -0.59 22.57 -5.59
C TYR F 388 -0.77 21.09 -5.23
N ALA F 389 -1.92 20.55 -5.58
CA ALA F 389 -2.22 19.17 -5.23
C ALA F 389 -1.31 18.19 -5.96
N GLU F 390 -1.01 18.47 -7.23
CA GLU F 390 -0.22 17.50 -7.98
C GLU F 390 1.18 17.46 -7.40
N LYS F 391 1.63 18.60 -6.87
CA LYS F 391 2.95 18.71 -6.25
C LYS F 391 3.13 17.79 -5.03
N LEU F 392 2.04 17.43 -4.36
CA LEU F 392 2.09 16.52 -3.21
C LEU F 392 2.40 15.08 -3.64
N GLY F 393 2.40 14.85 -4.94
CA GLY F 393 2.63 13.53 -5.49
C GLY F 393 1.68 12.49 -4.94
N VAL F 394 0.42 12.56 -5.34
CA VAL F 394 -0.59 11.60 -4.88
C VAL F 394 -1.01 10.72 -6.05
N ASP F 395 -1.81 9.68 -5.79
CA ASP F 395 -2.27 8.82 -6.87
C ASP F 395 -3.55 9.33 -7.53
N TYR F 396 -4.40 9.98 -6.75
CA TYR F 396 -5.67 10.48 -7.26
C TYR F 396 -5.93 11.89 -6.78
N ILE F 397 -6.34 12.75 -7.71
CA ILE F 397 -6.90 14.05 -7.35
C ILE F 397 -8.38 14.10 -7.72
N VAL F 398 -9.25 14.30 -6.74
CA VAL F 398 -10.67 14.51 -7.00
C VAL F 398 -11.01 15.90 -6.53
N ASP F 399 -11.50 16.75 -7.43
CA ASP F 399 -12.03 18.03 -6.98
C ASP F 399 -13.55 17.98 -7.05
N ILE F 400 -14.19 18.78 -6.21
CA ILE F 400 -15.63 18.84 -6.18
C ILE F 400 -16.04 20.31 -6.08
N ALA F 401 -16.97 20.72 -6.94
CA ALA F 401 -17.23 22.16 -7.09
C ALA F 401 -18.60 22.50 -7.69
N THR F 402 -19.16 23.61 -7.21
CA THR F 402 -20.34 24.23 -7.80
C THR F 402 -19.87 25.13 -8.94
N LEU F 403 -19.38 24.52 -10.02
CA LEU F 403 -18.63 25.27 -11.01
C LEU F 403 -19.49 25.96 -12.06
N THR F 404 -20.50 25.26 -12.60
CA THR F 404 -21.25 25.81 -13.73
C THR F 404 -22.77 25.64 -13.61
N GLY F 405 -23.50 26.74 -13.72
CA GLY F 405 -24.94 26.68 -13.74
C GLY F 405 -25.47 25.78 -14.85
N ALA F 406 -24.64 25.51 -15.85
CA ALA F 406 -25.06 24.70 -16.98
C ALA F 406 -25.53 23.30 -16.55
N MET F 407 -25.00 22.81 -15.44
CA MET F 407 -25.44 21.53 -14.89
C MET F 407 -26.97 21.47 -14.73
N LEU F 408 -27.59 22.59 -14.41
CA LEU F 408 -29.03 22.64 -14.21
C LEU F 408 -29.75 22.24 -15.49
N TYR F 409 -29.07 22.46 -16.63
CA TYR F 409 -29.64 22.12 -17.91
C TYR F 409 -29.16 20.77 -18.40
N SER F 410 -28.11 20.21 -17.81
CA SER F 410 -27.66 18.85 -18.19
C SER F 410 -28.41 17.79 -17.39
N LEU F 411 -27.93 17.55 -16.19
CA LEU F 411 -28.46 16.53 -15.31
C LEU F 411 -29.52 17.06 -14.36
N GLY F 412 -29.50 18.37 -14.12
CA GLY F 412 -30.49 18.99 -13.27
C GLY F 412 -30.16 18.97 -11.78
N THR F 413 -31.17 18.78 -10.95
CA THR F 413 -31.01 18.95 -9.52
C THR F 413 -30.70 17.68 -8.77
N SER F 414 -30.73 16.52 -9.44
CA SER F 414 -30.56 15.28 -8.69
C SER F 414 -29.24 14.55 -8.89
N TYR F 415 -28.75 14.49 -10.13
CA TYR F 415 -27.46 13.83 -10.38
C TYR F 415 -26.35 14.87 -10.52
N ALA F 416 -25.20 14.62 -9.90
CA ALA F 416 -24.03 15.44 -10.19
C ALA F 416 -23.37 14.90 -11.43
N GLY F 417 -22.45 15.67 -12.01
CA GLY F 417 -21.67 15.18 -13.12
C GLY F 417 -20.22 14.98 -12.73
N VAL F 418 -19.62 13.90 -13.22
CA VAL F 418 -18.19 13.72 -13.02
C VAL F 418 -17.51 13.66 -14.38
N PHE F 419 -16.38 14.37 -14.49
CA PHE F 419 -15.52 14.38 -15.66
C PHE F 419 -14.15 13.99 -15.19
N GLY F 420 -13.34 13.40 -16.07
CA GLY F 420 -12.01 12.98 -15.68
C GLY F 420 -11.09 12.68 -16.84
N ASN F 421 -9.84 12.39 -16.51
CA ASN F 421 -8.80 12.07 -17.48
C ASN F 421 -8.36 10.60 -17.38
N ASN F 422 -9.08 9.82 -16.57
CA ASN F 422 -8.70 8.45 -16.22
C ASN F 422 -9.90 7.53 -15.96
N GLU F 423 -10.07 6.50 -16.79
CA GLU F 423 -11.29 5.70 -16.76
C GLU F 423 -11.44 4.92 -15.44
N GLU F 424 -10.33 4.38 -14.93
CA GLU F 424 -10.38 3.63 -13.68
C GLU F 424 -10.82 4.51 -12.52
N LEU F 425 -10.31 5.74 -12.44
CA LEU F 425 -10.70 6.65 -11.37
C LEU F 425 -12.19 7.05 -11.50
N ILE F 426 -12.60 7.44 -12.70
CA ILE F 426 -14.01 7.70 -12.99
C ILE F 426 -14.89 6.55 -12.49
N ASN F 427 -14.50 5.33 -12.81
CA ASN F 427 -15.26 4.17 -12.40
C ASN F 427 -15.33 4.00 -10.89
N LYS F 428 -14.24 4.27 -10.18
CA LYS F 428 -14.26 4.24 -8.72
C LYS F 428 -15.29 5.24 -8.15
N ILE F 429 -15.29 6.47 -8.65
CA ILE F 429 -16.30 7.46 -8.25
C ILE F 429 -17.73 6.97 -8.53
N LEU F 430 -17.95 6.35 -9.68
CA LEU F 430 -19.28 5.84 -10.03
C LEU F 430 -19.74 4.74 -9.09
N GLN F 431 -18.81 3.89 -8.69
CA GLN F 431 -19.11 2.81 -7.76
C GLN F 431 -19.37 3.37 -6.36
N SER F 432 -18.65 4.42 -5.98
CA SER F 432 -18.90 5.14 -4.74
C SER F 432 -20.26 5.81 -4.75
N SER F 433 -20.69 6.19 -5.93
CA SER F 433 -21.99 6.83 -6.06
C SER F 433 -23.02 5.79 -5.75
N LYS F 434 -22.77 4.57 -6.21
CA LYS F 434 -23.70 3.46 -6.03
C LYS F 434 -23.86 3.11 -4.55
N THR F 435 -22.77 3.05 -3.79
CA THR F 435 -22.85 2.64 -2.39
C THR F 435 -23.18 3.80 -1.43
N SER F 436 -22.81 5.03 -1.78
CA SER F 436 -23.19 6.16 -0.95
C SER F 436 -24.64 6.59 -1.18
N ASN F 437 -25.22 6.08 -2.28
CA ASN F 437 -26.53 6.53 -2.77
C ASN F 437 -26.66 8.05 -2.99
N GLU F 438 -25.53 8.73 -3.23
CA GLU F 438 -25.52 10.09 -3.78
C GLU F 438 -25.25 9.99 -5.29
N PRO F 439 -26.29 10.19 -6.12
CA PRO F 439 -26.18 9.85 -7.56
C PRO F 439 -25.29 10.78 -8.40
N VAL F 440 -24.39 10.16 -9.17
CA VAL F 440 -23.44 10.85 -10.02
C VAL F 440 -23.55 10.26 -11.44
N TRP F 441 -23.27 11.07 -12.47
CA TRP F 441 -23.26 10.59 -13.86
C TRP F 441 -22.05 11.07 -14.63
N TRP F 442 -21.41 10.14 -15.31
CA TRP F 442 -20.21 10.43 -16.09
C TRP F 442 -20.50 11.28 -17.34
N LEU F 443 -19.79 12.40 -17.48
CA LEU F 443 -19.93 13.27 -18.65
C LEU F 443 -18.59 13.39 -19.39
N PRO F 444 -18.61 13.69 -20.68
CA PRO F 444 -17.33 13.60 -21.40
C PRO F 444 -16.52 14.89 -21.43
N ILE F 445 -15.20 14.76 -21.42
CA ILE F 445 -14.34 15.91 -21.75
C ILE F 445 -14.04 15.86 -23.25
N ILE F 446 -14.77 16.67 -24.02
CA ILE F 446 -14.70 16.59 -25.46
C ILE F 446 -13.55 17.46 -26.01
N ASN F 447 -12.49 16.78 -26.45
CA ASN F 447 -11.24 17.42 -26.84
C ASN F 447 -11.39 18.43 -27.97
N GLU F 448 -12.36 18.20 -28.85
CA GLU F 448 -12.59 19.10 -29.98
C GLU F 448 -12.88 20.54 -29.54
N TYR F 449 -13.26 20.74 -28.28
CA TYR F 449 -13.59 22.09 -27.82
C TYR F 449 -12.39 22.81 -27.24
N ARG F 450 -11.25 22.13 -27.17
CA ARG F 450 -10.06 22.70 -26.54
C ARG F 450 -9.61 23.95 -27.30
N ALA F 451 -9.73 23.92 -28.62
CA ALA F 451 -9.27 25.05 -29.43
C ALA F 451 -9.95 26.36 -29.10
N THR F 452 -11.16 26.30 -28.55
CA THR F 452 -11.89 27.52 -28.27
C THR F 452 -11.38 28.20 -27.00
N LEU F 453 -10.36 27.62 -26.37
CA LEU F 453 -9.70 28.24 -25.23
C LEU F 453 -8.36 28.85 -25.64
N ASN F 454 -8.00 28.74 -26.92
CA ASN F 454 -6.78 29.38 -27.43
C ASN F 454 -6.89 30.90 -27.39
N SER F 455 -6.07 31.52 -26.54
CA SER F 455 -6.10 32.97 -26.39
C SER F 455 -5.19 33.64 -27.43
N LYS F 456 -5.60 34.82 -27.91
CA LYS F 456 -4.77 35.56 -28.84
C LYS F 456 -3.50 36.07 -28.15
N TYR F 457 -3.63 36.51 -26.89
CA TYR F 457 -2.48 37.10 -26.19
C TYR F 457 -1.87 36.25 -25.07
N ALA F 458 -2.68 35.45 -24.40
CA ALA F 458 -2.18 34.64 -23.29
C ALA F 458 -1.99 33.20 -23.71
N ASP F 459 -1.50 32.36 -22.81
CA ASP F 459 -1.36 30.93 -23.10
C ASP F 459 -2.72 30.28 -23.27
N ILE F 460 -3.68 30.71 -22.46
CA ILE F 460 -5.00 30.11 -22.50
C ILE F 460 -6.13 31.09 -22.08
N ASN F 461 -7.29 30.90 -22.69
CA ASN F 461 -8.51 31.58 -22.25
C ASN F 461 -9.15 30.88 -21.04
N GLN F 462 -9.68 31.68 -20.13
CA GLN F 462 -10.45 31.18 -19.00
C GLN F 462 -11.77 30.60 -19.51
N ILE F 463 -12.41 31.30 -20.44
CA ILE F 463 -13.69 30.86 -20.98
C ILE F 463 -13.69 30.73 -22.48
N SER F 464 -14.65 29.96 -22.96
CA SER F 464 -14.91 29.83 -24.38
C SER F 464 -15.70 31.01 -24.92
N SER F 465 -15.25 31.57 -26.03
CA SER F 465 -16.06 32.50 -26.81
C SER F 465 -17.38 31.85 -27.24
N SER F 466 -17.24 30.81 -28.07
CA SER F 466 -18.37 30.19 -28.76
C SER F 466 -19.13 29.11 -27.96
N VAL F 467 -18.50 27.96 -27.73
CA VAL F 467 -19.17 26.79 -27.14
C VAL F 467 -19.95 27.06 -25.84
N LYS F 468 -21.24 26.74 -25.86
CA LYS F 468 -22.12 27.03 -24.72
C LYS F 468 -22.10 25.86 -23.73
N ALA F 469 -21.39 24.79 -24.09
CA ALA F 469 -21.26 23.63 -23.22
C ALA F 469 -20.26 23.89 -22.08
N SER F 470 -20.59 24.85 -21.23
CA SER F 470 -19.76 25.34 -20.14
C SER F 470 -19.14 24.28 -19.23
N SER F 471 -19.89 23.25 -18.88
CA SER F 471 -19.37 22.31 -17.92
C SER F 471 -18.19 21.60 -18.54
N ILE F 472 -18.33 21.25 -19.82
CA ILE F 472 -17.27 20.56 -20.52
C ILE F 472 -16.09 21.48 -20.72
N VAL F 473 -16.33 22.73 -21.09
CA VAL F 473 -15.24 23.67 -21.31
C VAL F 473 -14.45 23.98 -20.03
N ALA F 474 -15.16 24.20 -18.93
CA ALA F 474 -14.52 24.41 -17.64
C ALA F 474 -13.62 23.22 -17.30
N SER F 475 -14.11 22.01 -17.58
CA SER F 475 -13.34 20.79 -17.39
C SER F 475 -12.08 20.75 -18.26
N LEU F 476 -12.17 21.28 -19.48
CA LEU F 476 -11.04 21.28 -20.38
C LEU F 476 -9.99 22.21 -19.84
N PHE F 477 -10.49 23.30 -19.25
CA PHE F 477 -9.63 24.27 -18.64
C PHE F 477 -8.87 23.66 -17.46
N LEU F 478 -9.60 23.01 -16.55
CA LEU F 478 -8.98 22.40 -15.38
C LEU F 478 -7.93 21.35 -15.78
N LYS F 479 -8.22 20.58 -16.83
CA LYS F 479 -7.32 19.52 -17.27
C LYS F 479 -5.94 20.04 -17.62
N GLU F 480 -5.86 21.31 -18.03
CA GLU F 480 -4.58 21.93 -18.35
C GLU F 480 -3.65 22.05 -17.14
N PHE F 481 -4.19 21.91 -15.95
CA PHE F 481 -3.41 22.17 -14.75
C PHE F 481 -3.13 20.90 -13.99
N VAL F 482 -3.32 19.77 -14.69
CA VAL F 482 -2.92 18.45 -14.22
C VAL F 482 -2.14 17.75 -15.32
N GLN F 483 -0.88 17.44 -15.07
CA GLN F 483 -0.03 16.92 -16.12
C GLN F 483 0.05 15.39 -16.13
N ASN F 484 0.22 14.79 -14.95
CA ASN F 484 0.59 13.38 -14.89
C ASN F 484 -0.06 12.60 -13.75
N THR F 485 -1.21 13.08 -13.28
CA THR F 485 -1.90 12.40 -12.21
C THR F 485 -3.34 12.07 -12.62
N ALA F 486 -3.81 10.89 -12.23
CA ALA F 486 -5.22 10.54 -12.34
C ALA F 486 -6.09 11.58 -11.63
N TRP F 487 -7.06 12.13 -12.35
CA TRP F 487 -7.85 13.25 -11.87
C TRP F 487 -9.33 13.18 -12.28
N ALA F 488 -10.21 13.51 -11.32
CA ALA F 488 -11.64 13.59 -11.61
C ALA F 488 -12.21 14.89 -11.05
N HIS F 489 -13.35 15.30 -11.60
CA HIS F 489 -13.95 16.59 -11.31
C HIS F 489 -15.45 16.37 -11.13
N ILE F 490 -15.95 16.69 -9.94
CA ILE F 490 -17.36 16.48 -9.67
C ILE F 490 -18.05 17.83 -9.60
N ASP F 491 -18.91 18.11 -10.59
CA ASP F 491 -19.64 19.37 -10.63
C ASP F 491 -20.98 19.24 -9.92
N ILE F 492 -21.13 19.98 -8.84
CA ILE F 492 -22.32 19.86 -8.00
C ILE F 492 -23.14 21.15 -8.02
N ALA F 493 -22.96 21.97 -9.05
CA ALA F 493 -23.67 23.25 -9.14
C ALA F 493 -25.19 23.06 -9.10
N GLY F 494 -25.67 21.97 -9.67
CA GLY F 494 -27.10 21.72 -9.68
C GLY F 494 -27.69 20.95 -8.52
N VAL F 495 -26.88 20.17 -7.82
CA VAL F 495 -27.43 19.28 -6.79
C VAL F 495 -27.17 19.76 -5.37
N SER F 496 -26.42 20.85 -5.23
CA SER F 496 -25.92 21.23 -3.92
C SER F 496 -26.99 21.84 -3.04
N TRP F 497 -27.83 22.68 -3.64
CA TRP F 497 -28.86 23.37 -2.91
C TRP F 497 -30.20 22.75 -3.14
N ASN F 498 -30.87 22.37 -2.05
CA ASN F 498 -32.23 21.84 -2.14
C ASN F 498 -33.23 22.99 -2.32
N PHE F 499 -33.63 23.22 -3.56
CA PHE F 499 -34.42 24.42 -3.85
C PHE F 499 -35.82 24.33 -3.23
N LYS F 500 -36.46 23.18 -3.30
CA LYS F 500 -37.80 23.04 -2.76
C LYS F 500 -37.83 23.22 -1.24
N ALA F 501 -36.76 22.83 -0.55
CA ALA F 501 -36.74 22.81 0.92
C ALA F 501 -35.99 23.99 1.55
N ARG F 502 -35.36 24.81 0.71
CA ARG F 502 -34.65 26.01 1.11
C ARG F 502 -33.49 25.76 2.08
N LYS F 503 -32.70 24.72 1.80
CA LYS F 503 -31.56 24.36 2.63
C LYS F 503 -30.51 23.60 1.79
N PRO F 504 -29.32 23.37 2.36
CA PRO F 504 -28.34 22.58 1.58
C PRO F 504 -28.66 21.10 1.60
N LYS F 505 -28.12 20.34 0.63
CA LYS F 505 -28.18 18.89 0.71
C LYS F 505 -26.92 18.31 1.39
N GLY F 506 -25.95 19.18 1.69
CA GLY F 506 -24.60 18.75 2.09
C GLY F 506 -24.03 17.69 1.15
N PHE F 507 -24.27 17.87 -0.16
CA PHE F 507 -23.97 16.84 -1.15
C PHE F 507 -22.49 16.54 -1.29
N GLY F 508 -22.16 15.25 -1.35
CA GLY F 508 -20.79 14.86 -1.66
C GLY F 508 -20.00 14.31 -0.49
N VAL F 509 -20.43 14.61 0.74
CA VAL F 509 -19.70 14.09 1.89
C VAL F 509 -19.67 12.57 1.88
N ARG F 510 -20.83 11.94 1.69
CA ARG F 510 -20.87 10.48 1.76
C ARG F 510 -20.20 9.84 0.54
N LEU F 511 -20.42 10.40 -0.64
CA LEU F 511 -19.72 10.01 -1.86
C LEU F 511 -18.20 9.98 -1.68
N LEU F 512 -17.62 11.09 -1.22
CA LEU F 512 -16.17 11.16 -1.06
C LEU F 512 -15.66 10.21 0.00
N THR F 513 -16.47 9.97 1.03
CA THR F 513 -16.04 9.09 2.11
C THR F 513 -16.11 7.62 1.67
N GLU F 514 -17.21 7.26 1.01
CA GLU F 514 -17.30 5.95 0.39
C GLU F 514 -16.16 5.74 -0.61
N PHE F 515 -15.71 6.83 -1.24
CA PHE F 515 -14.63 6.73 -2.20
C PHE F 515 -13.31 6.35 -1.53
N VAL F 516 -12.98 6.99 -0.41
CA VAL F 516 -11.72 6.70 0.29
C VAL F 516 -11.81 5.36 1.03
N LEU F 517 -12.97 5.01 1.54
CA LEU F 517 -13.11 3.80 2.35
C LEU F 517 -13.06 2.54 1.49
N ASN F 518 -13.91 2.51 0.46
CA ASN F 518 -14.02 1.34 -0.37
C ASN F 518 -12.91 1.24 -1.43
N ASP F 519 -11.80 1.95 -1.22
CA ASP F 519 -10.66 1.88 -2.13
C ASP F 519 -9.44 1.31 -1.44
N ALA G 1 20.28 -71.84 -11.24
CA ALA G 1 20.84 -70.56 -10.76
C ALA G 1 19.77 -69.46 -10.79
N SER G 2 19.83 -68.55 -9.82
CA SER G 2 18.83 -67.48 -9.70
C SER G 2 19.26 -66.20 -10.42
N GLU G 3 18.28 -65.35 -10.69
CA GLU G 3 18.54 -64.01 -11.22
C GLU G 3 18.94 -63.06 -10.08
N VAL G 4 20.02 -62.33 -10.29
CA VAL G 4 20.49 -61.34 -9.34
C VAL G 4 19.70 -60.04 -9.47
N PRO G 5 19.07 -59.60 -8.37
CA PRO G 5 18.29 -58.36 -8.41
C PRO G 5 19.20 -57.14 -8.62
N GLN G 6 18.69 -56.10 -9.27
CA GLN G 6 19.46 -54.87 -9.48
C GLN G 6 18.67 -53.63 -9.10
N VAL G 7 19.35 -52.58 -8.68
CA VAL G 7 18.67 -51.31 -8.47
C VAL G 7 18.75 -50.49 -9.75
N VAL G 8 19.95 -50.42 -10.32
CA VAL G 8 20.13 -49.84 -11.63
C VAL G 8 20.78 -50.88 -12.53
N SER G 9 20.70 -50.68 -13.84
CA SER G 9 21.15 -51.68 -14.79
C SER G 9 22.67 -51.77 -14.80
N LEU G 10 23.31 -50.71 -14.33
CA LEU G 10 24.74 -50.72 -14.17
C LEU G 10 25.21 -51.69 -13.08
N ASP G 11 24.28 -52.13 -12.20
CA ASP G 11 24.66 -53.06 -11.12
C ASP G 11 25.11 -54.41 -11.69
N PRO G 12 26.25 -54.91 -11.21
CA PRO G 12 26.78 -56.20 -11.66
C PRO G 12 25.92 -57.40 -11.25
N THR G 13 25.83 -58.41 -12.12
CA THR G 13 24.96 -59.56 -11.91
C THR G 13 25.73 -60.87 -11.71
N SER G 14 27.05 -60.77 -11.64
CA SER G 14 27.84 -61.96 -11.34
C SER G 14 29.20 -61.60 -10.78
N ILE G 15 29.78 -62.51 -10.03
CA ILE G 15 31.16 -62.34 -9.63
C ILE G 15 32.05 -62.74 -10.81
N PRO G 16 32.89 -61.82 -11.29
CA PRO G 16 33.85 -62.29 -12.29
C PRO G 16 34.85 -63.25 -11.64
N ILE G 17 35.04 -64.43 -12.23
CA ILE G 17 35.97 -65.41 -11.70
C ILE G 17 36.96 -65.81 -12.78
N GLU G 18 38.22 -65.99 -12.40
CA GLU G 18 39.24 -66.43 -13.34
C GLU G 18 39.63 -67.86 -13.01
N TYR G 19 39.32 -68.79 -13.90
CA TYR G 19 39.66 -70.18 -13.64
C TYR G 19 41.00 -70.52 -14.21
N ASN G 20 41.25 -70.08 -15.44
CA ASN G 20 42.50 -70.38 -16.13
C ASN G 20 43.52 -69.27 -15.96
N THR G 21 44.38 -69.41 -14.94
CA THR G 21 45.32 -68.35 -14.57
C THR G 21 46.71 -68.54 -15.23
N PRO G 22 47.53 -67.47 -15.27
CA PRO G 22 48.89 -67.60 -15.82
C PRO G 22 49.67 -68.71 -15.14
N ILE G 23 49.46 -68.87 -13.84
CA ILE G 23 50.08 -69.93 -13.07
C ILE G 23 49.85 -71.30 -13.70
N HIS G 24 48.62 -71.54 -14.18
CA HIS G 24 48.26 -72.84 -14.74
C HIS G 24 48.97 -73.13 -16.07
N ASP G 25 49.52 -72.09 -16.70
CA ASP G 25 50.29 -72.30 -17.92
C ASP G 25 51.77 -72.57 -17.64
N ILE G 26 52.25 -72.30 -16.42
CA ILE G 26 53.66 -72.55 -16.11
C ILE G 26 53.99 -74.04 -16.10
N LYS G 27 54.98 -74.42 -16.89
CA LYS G 27 55.49 -75.78 -16.87
C LYS G 27 56.56 -75.94 -15.81
N VAL G 28 56.36 -76.88 -14.88
CA VAL G 28 57.29 -77.10 -13.76
C VAL G 28 58.14 -78.34 -13.99
N GLN G 29 59.44 -78.20 -13.88
CA GLN G 29 60.33 -79.36 -13.99
C GLN G 29 61.11 -79.50 -12.69
N VAL G 30 61.07 -80.67 -12.07
CA VAL G 30 61.87 -80.86 -10.86
C VAL G 30 63.09 -81.73 -11.17
N TYR G 31 64.27 -81.20 -10.83
CA TYR G 31 65.54 -81.89 -11.09
C TYR G 31 66.32 -82.21 -9.81
N ASP G 32 67.09 -83.30 -9.83
CA ASP G 32 67.93 -83.63 -8.69
C ASP G 32 69.27 -82.87 -8.72
N ILE G 33 69.60 -82.21 -7.61
CA ILE G 33 70.85 -81.46 -7.50
C ILE G 33 72.10 -82.28 -7.79
N LYS G 34 72.08 -83.56 -7.43
CA LYS G 34 73.22 -84.45 -7.65
C LYS G 34 73.77 -84.39 -9.10
N GLY G 35 72.90 -84.19 -10.08
CA GLY G 35 73.31 -84.08 -11.48
C GLY G 35 73.79 -82.70 -11.90
N GLY G 36 73.82 -81.75 -10.97
CA GLY G 36 74.31 -80.40 -11.21
C GLY G 36 73.30 -79.48 -11.85
N CYS G 37 73.54 -78.18 -11.76
CA CYS G 37 72.60 -77.19 -12.30
C CYS G 37 72.96 -76.70 -13.69
N ASN G 38 72.02 -76.81 -14.63
CA ASN G 38 72.17 -76.15 -15.93
C ASN G 38 71.64 -74.73 -15.85
N VAL G 39 72.49 -73.78 -16.23
CA VAL G 39 72.22 -72.35 -16.03
C VAL G 39 72.10 -71.61 -17.36
N GLU G 40 70.88 -71.40 -17.82
CA GLU G 40 70.70 -70.75 -19.11
C GLU G 40 69.62 -69.67 -19.08
N GLU G 41 68.66 -69.76 -19.99
CA GLU G 41 67.73 -68.65 -20.18
C GLU G 41 66.99 -68.29 -18.87
N GLY G 42 66.66 -67.01 -18.71
CA GLY G 42 65.84 -66.57 -17.61
C GLY G 42 66.60 -66.11 -16.38
N LEU G 43 66.05 -66.43 -15.21
CA LEU G 43 66.70 -66.08 -13.96
C LEU G 43 66.88 -67.33 -13.10
N THR G 44 68.11 -67.55 -12.61
CA THR G 44 68.39 -68.70 -11.74
C THR G 44 68.71 -68.26 -10.30
N ILE G 45 67.88 -68.68 -9.34
CA ILE G 45 68.00 -68.21 -7.97
C ILE G 45 68.40 -69.34 -7.00
N PHE G 46 69.51 -69.14 -6.30
CA PHE G 46 69.91 -70.08 -5.26
C PHE G 46 69.34 -69.71 -3.88
N LEU G 47 68.64 -70.63 -3.24
CA LEU G 47 68.20 -70.40 -1.86
C LEU G 47 69.29 -70.84 -0.89
N VAL G 48 69.88 -69.86 -0.20
CA VAL G 48 71.05 -70.12 0.64
C VAL G 48 70.91 -69.60 2.09
N ASN G 49 71.44 -70.40 3.02
CA ASN G 49 71.52 -70.04 4.42
C ASN G 49 72.95 -70.23 4.96
N ASN G 50 73.14 -69.94 6.23
CA ASN G 50 74.41 -70.21 6.88
C ASN G 50 74.16 -70.44 8.36
N PRO G 51 73.80 -71.69 8.73
CA PRO G 51 73.37 -72.02 10.10
C PRO G 51 74.40 -71.60 11.16
N GLY G 52 73.92 -71.06 12.27
CA GLY G 52 74.78 -70.61 13.35
C GLY G 52 75.28 -69.19 13.21
N LYS G 53 75.93 -68.89 12.08
CA LYS G 53 76.55 -67.58 11.87
C LYS G 53 75.56 -66.51 11.38
N GLU G 54 75.06 -65.70 12.29
CA GLU G 54 74.09 -64.66 11.95
C GLU G 54 74.67 -63.71 10.90
N ASN G 55 73.96 -63.61 9.77
CA ASN G 55 74.40 -62.82 8.61
C ASN G 55 75.72 -63.32 8.03
N GLY G 56 75.95 -64.63 8.10
CA GLY G 56 77.18 -65.22 7.60
C GLY G 56 77.32 -65.07 6.09
N PRO G 57 78.49 -65.41 5.57
CA PRO G 57 78.72 -65.31 4.12
C PRO G 57 77.92 -66.31 3.30
N VAL G 58 77.68 -65.93 2.04
CA VAL G 58 77.08 -66.80 1.04
C VAL G 58 78.11 -67.81 0.50
N LYS G 59 77.76 -69.09 0.51
CA LYS G 59 78.57 -70.13 -0.15
C LYS G 59 77.66 -71.05 -0.96
N ILE G 60 77.98 -71.23 -2.24
CA ILE G 60 77.14 -72.05 -3.11
C ILE G 60 77.64 -73.49 -3.11
N SER G 61 76.81 -74.40 -2.63
CA SER G 61 77.29 -75.77 -2.45
C SER G 61 77.16 -76.59 -3.73
N SER G 62 76.11 -76.33 -4.51
CA SER G 62 75.77 -77.17 -5.68
C SER G 62 76.77 -77.12 -6.83
N LYS G 63 76.84 -78.22 -7.58
CA LYS G 63 77.61 -78.22 -8.81
C LYS G 63 76.82 -77.46 -9.87
N VAL G 64 77.49 -76.52 -10.52
CA VAL G 64 76.96 -75.87 -11.71
C VAL G 64 77.70 -76.34 -12.96
N ASN G 65 76.97 -76.98 -13.87
CA ASN G 65 77.54 -77.55 -15.08
C ASN G 65 77.96 -76.49 -16.11
N ASP G 66 78.76 -75.53 -15.67
CA ASP G 66 79.22 -74.45 -16.52
C ASP G 66 80.44 -73.83 -15.83
N LYS G 67 81.52 -73.68 -16.57
CA LYS G 67 82.79 -73.30 -15.99
C LYS G 67 82.81 -71.82 -15.65
N GLN G 68 82.15 -71.03 -16.49
CA GLN G 68 82.03 -69.60 -16.27
C GLN G 68 81.26 -69.32 -15.01
N VAL G 69 80.04 -69.84 -14.94
CA VAL G 69 79.17 -69.53 -13.83
C VAL G 69 79.80 -70.03 -12.55
N SER G 70 80.43 -71.20 -12.61
CA SER G 70 81.11 -71.77 -11.44
C SER G 70 82.17 -70.81 -10.92
N GLU G 71 82.95 -70.25 -11.83
CA GLU G 71 83.95 -69.28 -11.43
C GLU G 71 83.31 -68.08 -10.74
N PHE G 72 82.28 -67.53 -11.35
CA PHE G 72 81.58 -66.38 -10.79
C PHE G 72 81.07 -66.67 -9.39
N LEU G 73 80.55 -67.88 -9.19
CA LEU G 73 79.92 -68.26 -7.94
C LEU G 73 80.90 -68.92 -6.98
N LYS G 74 82.19 -68.75 -7.22
CA LYS G 74 83.18 -69.39 -6.35
C LYS G 74 83.19 -68.66 -5.01
N ASP G 75 83.72 -69.32 -3.98
CA ASP G 75 83.62 -68.82 -2.60
C ASP G 75 84.21 -67.42 -2.37
N GLU G 76 85.35 -67.11 -2.98
CA GLU G 76 85.96 -65.81 -2.75
C GLU G 76 85.13 -64.66 -3.34
N ASN G 77 84.27 -64.96 -4.32
CA ASN G 77 83.41 -63.92 -4.87
C ASN G 77 82.14 -63.78 -4.04
N MET G 78 81.64 -64.90 -3.54
CA MET G 78 80.34 -64.92 -2.89
C MET G 78 80.41 -64.46 -1.45
N GLU G 79 81.61 -64.53 -0.87
CA GLU G 79 81.77 -64.32 0.56
C GLU G 79 81.46 -62.88 0.99
N LYS G 80 81.40 -61.96 0.03
CA LYS G 80 81.16 -60.57 0.35
C LYS G 80 79.66 -60.25 0.41
N PHE G 81 78.83 -61.27 0.22
CA PHE G 81 77.39 -61.13 0.36
C PHE G 81 76.93 -61.97 1.54
N ASN G 82 75.92 -61.53 2.27
CA ASN G 82 75.48 -62.31 3.41
C ASN G 82 74.13 -63.00 3.18
N VAL G 83 73.68 -63.77 4.15
CA VAL G 83 72.49 -64.62 3.95
C VAL G 83 71.26 -64.13 4.70
N LYS G 84 71.29 -62.87 5.15
CA LYS G 84 70.22 -62.32 5.96
C LYS G 84 68.85 -62.61 5.33
N LEU G 85 67.94 -63.14 6.12
CA LEU G 85 66.60 -63.54 5.65
C LEU G 85 65.97 -62.47 4.76
N GLY G 86 65.62 -62.86 3.53
CA GLY G 86 65.03 -61.94 2.57
C GLY G 86 65.99 -61.02 1.82
N THR G 87 67.26 -61.06 2.15
CA THR G 87 68.26 -60.34 1.34
C THR G 87 68.33 -61.05 0.01
N SER G 88 68.66 -60.31 -1.03
CA SER G 88 68.87 -60.91 -2.35
C SER G 88 69.80 -60.04 -3.18
N LYS G 89 70.36 -60.64 -4.22
CA LYS G 89 71.29 -59.98 -5.12
C LYS G 89 71.13 -60.58 -6.52
N HIS G 90 71.28 -59.76 -7.56
CA HIS G 90 71.25 -60.22 -8.96
C HIS G 90 72.67 -60.29 -9.53
N PHE G 91 72.97 -61.35 -10.27
CA PHE G 91 74.25 -61.44 -10.96
C PHE G 91 74.04 -61.51 -12.46
N TYR G 92 75.01 -61.02 -13.23
CA TYR G 92 74.93 -61.08 -14.68
C TYR G 92 76.28 -61.52 -15.24
N MET G 93 76.26 -62.45 -16.19
CA MET G 93 77.51 -63.00 -16.75
C MET G 93 77.29 -63.78 -18.04
N PHE G 94 78.39 -64.18 -18.68
CA PHE G 94 78.31 -65.03 -19.87
C PHE G 94 78.71 -66.46 -19.54
N ASN G 95 77.96 -67.43 -20.04
CA ASN G 95 78.23 -68.83 -19.78
C ASN G 95 79.18 -69.43 -20.82
N ASP G 96 79.31 -70.76 -20.83
CA ASP G 96 80.26 -71.43 -21.71
C ASP G 96 79.93 -71.29 -23.19
N ASN G 97 78.65 -71.10 -23.50
CA ASN G 97 78.25 -70.93 -24.88
C ASN G 97 78.16 -69.45 -25.25
N LYS G 98 78.87 -68.63 -24.48
CA LYS G 98 78.91 -67.18 -24.70
C LYS G 98 77.51 -66.56 -24.77
N ASN G 99 76.58 -67.10 -23.97
CA ASN G 99 75.29 -66.46 -23.79
C ASN G 99 75.23 -65.78 -22.44
N SER G 100 74.57 -64.62 -22.36
CA SER G 100 74.41 -63.96 -21.08
C SER G 100 73.37 -64.66 -20.21
N VAL G 101 73.70 -64.88 -18.94
CA VAL G 101 72.75 -65.44 -17.99
C VAL G 101 72.58 -64.53 -16.77
N ALA G 102 71.39 -64.56 -16.19
CA ALA G 102 71.10 -63.84 -14.97
C ALA G 102 71.04 -64.86 -13.85
N VAL G 103 71.81 -64.62 -12.80
CA VAL G 103 71.84 -65.55 -11.67
C VAL G 103 71.57 -64.74 -10.43
N GLY G 104 71.26 -65.38 -9.32
CA GLY G 104 71.11 -64.66 -8.08
C GLY G 104 70.92 -65.59 -6.90
N TYR G 105 70.65 -65.00 -5.74
CA TYR G 105 70.34 -65.76 -4.55
C TYR G 105 69.38 -65.01 -3.65
N VAL G 106 68.70 -65.74 -2.78
CA VAL G 106 67.86 -65.17 -1.75
C VAL G 106 68.33 -65.71 -0.40
N GLY G 107 68.63 -64.80 0.53
CA GLY G 107 69.08 -65.19 1.85
C GLY G 107 68.00 -65.84 2.70
N CYS G 108 68.32 -67.02 3.23
CA CYS G 108 67.39 -67.75 4.06
C CYS G 108 67.83 -67.78 5.53
N GLY G 109 68.68 -66.84 5.91
CA GLY G 109 69.03 -66.66 7.31
C GLY G 109 70.00 -67.69 7.85
N SER G 110 69.97 -67.90 9.16
CA SER G 110 70.93 -68.79 9.81
C SER G 110 70.28 -69.77 10.77
N VAL G 111 68.97 -69.93 10.66
CA VAL G 111 68.24 -70.95 11.43
C VAL G 111 67.83 -72.12 10.54
N ALA G 112 68.24 -73.32 10.94
CA ALA G 112 68.18 -74.53 10.10
C ALA G 112 66.80 -74.88 9.52
N ASP G 113 65.77 -74.86 10.35
CA ASP G 113 64.41 -75.10 9.86
C ASP G 113 63.70 -73.77 9.67
N LEU G 114 63.39 -73.42 8.42
CA LEU G 114 62.59 -72.23 8.15
C LEU G 114 61.15 -72.47 8.63
N SER G 115 60.56 -71.46 9.27
CA SER G 115 59.16 -71.54 9.71
C SER G 115 58.27 -71.04 8.58
N GLU G 116 56.95 -71.17 8.73
CA GLU G 116 56.09 -70.83 7.61
C GLU G 116 56.15 -69.31 7.36
N ALA G 117 56.46 -68.55 8.40
CA ALA G 117 56.57 -67.10 8.25
C ALA G 117 57.87 -66.73 7.54
N ASP G 118 58.94 -67.45 7.88
CA ASP G 118 60.24 -67.20 7.28
C ASP G 118 60.22 -67.48 5.79
N MET G 119 59.68 -68.65 5.44
CA MET G 119 59.52 -69.07 4.06
C MET G 119 58.73 -68.03 3.27
N LYS G 120 57.73 -67.44 3.92
CA LYS G 120 56.96 -66.40 3.27
C LYS G 120 57.82 -65.18 2.96
N ARG G 121 58.68 -64.79 3.90
CA ARG G 121 59.59 -63.68 3.63
C ARG G 121 60.51 -64.01 2.43
N VAL G 122 60.94 -65.26 2.35
CA VAL G 122 61.83 -65.69 1.30
C VAL G 122 61.11 -65.59 -0.04
N VAL G 123 59.88 -66.09 -0.05
CA VAL G 123 59.06 -66.06 -1.25
C VAL G 123 58.73 -64.63 -1.69
N LEU G 124 58.49 -63.72 -0.76
CA LEU G 124 58.25 -62.33 -1.11
C LEU G 124 59.50 -61.67 -1.70
N SER G 125 60.69 -62.09 -1.28
CA SER G 125 61.92 -61.62 -1.92
C SER G 125 61.98 -62.08 -3.37
N LEU G 126 61.73 -63.37 -3.54
CA LEU G 126 61.74 -64.03 -4.83
C LEU G 126 60.77 -63.35 -5.80
N VAL G 127 59.56 -63.07 -5.32
CA VAL G 127 58.54 -62.47 -6.17
C VAL G 127 58.95 -61.07 -6.65
N THR G 128 59.62 -60.28 -5.79
CA THR G 128 60.02 -58.95 -6.25
C THR G 128 61.14 -59.04 -7.30
N MET G 129 61.77 -60.22 -7.42
CA MET G 129 62.72 -60.42 -8.50
C MET G 129 61.98 -60.80 -9.77
N LEU G 130 60.78 -61.36 -9.63
CA LEU G 130 59.96 -61.69 -10.80
C LEU G 130 59.26 -60.46 -11.38
N HIS G 131 58.75 -59.60 -10.53
CA HIS G 131 58.07 -58.37 -10.97
C HIS G 131 59.07 -57.38 -11.55
N ASP G 132 58.62 -56.65 -12.58
CA ASP G 132 59.43 -55.64 -13.27
C ASP G 132 60.67 -56.27 -13.94
N ASN G 133 60.56 -57.55 -14.25
CA ASN G 133 61.54 -58.22 -15.10
C ASN G 133 60.83 -59.18 -16.04
N LYS G 134 60.91 -58.90 -17.33
CA LYS G 134 60.25 -59.75 -18.31
C LYS G 134 61.10 -61.00 -18.50
N LEU G 135 60.75 -62.03 -17.74
CA LEU G 135 61.49 -63.29 -17.71
C LEU G 135 60.66 -64.43 -18.29
N SER G 136 61.28 -65.31 -19.06
CA SER G 136 60.52 -66.43 -19.62
C SER G 136 60.57 -67.63 -18.69
N LYS G 137 61.60 -67.71 -17.86
CA LYS G 137 61.80 -68.85 -16.98
C LYS G 137 62.39 -68.43 -15.64
N LEU G 138 61.95 -69.11 -14.58
CA LEU G 138 62.59 -69.01 -13.29
C LEU G 138 63.15 -70.38 -12.93
N THR G 139 64.38 -70.42 -12.43
CA THR G 139 64.93 -71.65 -11.90
C THR G 139 65.30 -71.41 -10.44
N VAL G 140 64.88 -72.31 -9.56
CA VAL G 140 65.15 -72.17 -8.13
C VAL G 140 65.99 -73.36 -7.64
N VAL G 141 67.12 -73.09 -7.02
CA VAL G 141 67.98 -74.13 -6.46
C VAL G 141 67.93 -74.14 -4.93
N PHE G 142 67.47 -75.24 -4.37
CA PHE G 142 67.36 -75.39 -2.92
C PHE G 142 68.67 -75.86 -2.28
N GLU G 143 69.36 -74.95 -1.61
CA GLU G 143 70.51 -75.34 -0.82
C GLU G 143 70.14 -75.17 0.65
N ILE G 144 68.87 -75.40 0.94
CA ILE G 144 68.35 -75.42 2.30
C ILE G 144 67.53 -76.70 2.46
N ASN G 145 67.32 -77.11 3.70
CA ASN G 145 66.56 -78.32 3.94
C ASN G 145 65.09 -78.04 4.18
N VAL G 146 64.22 -78.69 3.42
CA VAL G 146 62.79 -78.50 3.57
C VAL G 146 62.09 -79.85 3.51
N ASP G 147 61.17 -80.13 4.42
CA ASP G 147 60.40 -81.37 4.30
C ASP G 147 59.36 -81.20 3.19
N LYS G 148 58.75 -82.30 2.77
CA LYS G 148 57.82 -82.30 1.65
C LYS G 148 56.70 -81.26 1.78
N ASN G 149 56.13 -81.14 2.98
CA ASN G 149 55.09 -80.13 3.20
C ASN G 149 55.60 -78.70 3.07
N LEU G 150 56.84 -78.47 3.49
CA LEU G 150 57.39 -77.15 3.37
C LEU G 150 57.77 -76.88 1.91
N PHE G 151 58.17 -77.91 1.17
CA PHE G 151 58.43 -77.74 -0.25
C PHE G 151 57.16 -77.31 -0.96
N ARG G 152 56.05 -77.98 -0.67
CA ARG G 152 54.75 -77.61 -1.23
C ARG G 152 54.32 -76.19 -0.84
N PHE G 153 54.52 -75.82 0.42
CA PHE G 153 54.19 -74.46 0.89
C PHE G 153 54.98 -73.38 0.14
N PHE G 154 56.24 -73.65 -0.17
CA PHE G 154 57.03 -72.75 -1.01
C PHE G 154 56.31 -72.52 -2.34
N LEU G 155 55.86 -73.61 -2.98
CA LEU G 155 55.26 -73.49 -4.31
C LEU G 155 53.92 -72.75 -4.31
N GLU G 156 53.02 -73.13 -3.39
CA GLU G 156 51.69 -72.51 -3.30
C GLU G 156 51.79 -71.02 -3.04
N THR G 157 52.67 -70.67 -2.12
CA THR G 157 52.90 -69.29 -1.74
C THR G 157 53.53 -68.52 -2.90
N LEU G 158 54.53 -69.11 -3.55
CA LEU G 158 55.07 -68.53 -4.78
C LEU G 158 53.96 -68.32 -5.80
N PHE G 159 53.17 -69.37 -6.07
CA PHE G 159 52.08 -69.24 -7.04
C PHE G 159 51.05 -68.18 -6.62
N TYR G 160 50.67 -68.17 -5.35
CA TYR G 160 49.69 -67.23 -4.85
C TYR G 160 50.15 -65.79 -4.94
N GLU G 161 51.39 -65.53 -4.54
CA GLU G 161 51.88 -64.16 -4.43
C GLU G 161 52.30 -63.63 -5.77
N TYR G 162 52.68 -64.52 -6.67
CA TYR G 162 53.04 -64.12 -8.03
C TYR G 162 51.80 -63.63 -8.78
N MET G 163 50.66 -64.27 -8.53
CA MET G 163 49.44 -63.93 -9.23
C MET G 163 48.98 -62.51 -8.86
N THR G 164 48.41 -61.80 -9.82
CA THR G 164 47.87 -60.47 -9.55
C THR G 164 46.41 -60.42 -10.00
N ASP G 165 45.51 -60.08 -9.07
CA ASP G 165 44.08 -60.03 -9.37
C ASP G 165 43.75 -58.71 -10.07
N GLU G 166 43.42 -58.77 -11.36
CA GLU G 166 43.15 -57.56 -12.14
C GLU G 166 41.72 -57.51 -12.67
N ARG G 167 40.85 -58.31 -12.06
CA ARG G 167 39.44 -58.36 -12.46
C ARG G 167 38.77 -56.99 -12.47
N PHE G 168 39.14 -56.11 -11.54
CA PHE G 168 38.43 -54.85 -11.44
C PHE G 168 39.23 -53.67 -11.99
N LYS G 169 40.39 -53.96 -12.56
CA LYS G 169 41.18 -52.96 -13.27
C LYS G 169 40.56 -52.68 -14.62
N SER G 170 40.48 -51.41 -15.00
CA SER G 170 39.90 -51.09 -16.29
C SER G 170 40.86 -50.27 -17.10
N THR G 171 41.05 -49.02 -16.67
CA THR G 171 41.96 -48.09 -17.31
C THR G 171 43.36 -48.16 -16.70
N ASP G 172 43.55 -48.98 -15.67
CA ASP G 172 44.81 -49.00 -14.92
C ASP G 172 45.44 -50.39 -14.82
N LYS G 173 45.19 -51.22 -15.84
CA LYS G 173 45.91 -52.48 -15.95
C LYS G 173 47.41 -52.18 -16.13
N ASN G 174 48.23 -52.89 -15.35
CA ASN G 174 49.68 -52.78 -15.43
C ASN G 174 50.19 -53.23 -16.81
N VAL G 175 50.76 -52.27 -17.53
CA VAL G 175 51.29 -52.47 -18.88
C VAL G 175 52.34 -53.59 -18.98
N ASN G 176 53.15 -53.74 -17.94
CA ASN G 176 54.34 -54.59 -17.98
C ASN G 176 54.15 -56.03 -17.52
N MET G 177 53.04 -56.32 -16.84
CA MET G 177 52.90 -57.63 -16.20
C MET G 177 52.87 -58.79 -17.18
N GLU G 178 53.97 -59.56 -17.13
CA GLU G 178 54.20 -60.74 -17.94
C GLU G 178 54.60 -61.87 -17.01
N TYR G 179 54.14 -63.08 -17.28
CA TYR G 179 54.43 -64.19 -16.39
C TYR G 179 55.43 -65.13 -17.01
N ILE G 180 56.25 -65.78 -16.18
CA ILE G 180 57.13 -66.82 -16.69
C ILE G 180 56.29 -67.94 -17.26
N LYS G 181 56.90 -68.71 -18.15
CA LYS G 181 56.23 -69.84 -18.75
C LYS G 181 56.81 -71.13 -18.21
N HIS G 182 58.02 -71.05 -17.67
CA HIS G 182 58.69 -72.25 -17.17
C HIS G 182 59.24 -72.07 -15.77
N LEU G 183 59.05 -73.08 -14.93
CA LEU G 183 59.63 -73.09 -13.58
C LEU G 183 60.45 -74.36 -13.35
N GLY G 184 61.74 -74.19 -13.12
CA GLY G 184 62.62 -75.31 -12.82
C GLY G 184 63.04 -75.30 -11.36
N VAL G 185 63.05 -76.48 -10.74
CA VAL G 185 63.43 -76.63 -9.33
C VAL G 185 64.51 -77.68 -9.18
N TYR G 186 65.65 -77.28 -8.62
CA TYR G 186 66.72 -78.20 -8.26
C TYR G 186 66.71 -78.47 -6.78
N ILE G 187 66.61 -79.73 -6.41
CA ILE G 187 66.57 -80.10 -5.00
C ILE G 187 67.12 -81.52 -4.80
N ASN G 188 67.66 -81.79 -3.62
CA ASN G 188 68.09 -83.14 -3.29
C ASN G 188 66.91 -84.10 -3.20
N ASN G 189 67.11 -85.30 -3.75
CA ASN G 189 66.08 -86.34 -3.77
C ASN G 189 64.81 -85.88 -4.46
N ALA G 190 65.00 -85.27 -5.62
CA ALA G 190 63.90 -84.72 -6.40
C ALA G 190 62.69 -85.65 -6.55
N ASP G 191 62.91 -86.93 -6.83
CA ASP G 191 61.82 -87.87 -7.07
C ASP G 191 60.75 -87.87 -5.99
N THR G 192 61.18 -87.75 -4.74
CA THR G 192 60.25 -87.76 -3.62
C THR G 192 59.45 -86.45 -3.56
N TYR G 193 60.02 -85.35 -4.05
CA TYR G 193 59.34 -84.06 -4.00
C TYR G 193 58.36 -83.79 -5.14
N LYS G 194 58.46 -84.58 -6.21
CA LYS G 194 57.68 -84.35 -7.42
C LYS G 194 56.16 -84.49 -7.26
N GLU G 195 55.71 -85.33 -6.34
CA GLU G 195 54.27 -85.54 -6.19
C GLU G 195 53.61 -84.31 -5.59
N GLU G 196 54.42 -83.45 -4.95
CA GLU G 196 53.93 -82.24 -4.33
C GLU G 196 53.55 -81.13 -5.33
N VAL G 197 54.18 -81.14 -6.50
CA VAL G 197 53.99 -80.09 -7.50
C VAL G 197 52.53 -79.93 -7.94
N GLU G 198 51.87 -80.98 -8.42
CA GLU G 198 50.49 -80.78 -8.85
C GLU G 198 49.59 -80.51 -7.66
N LYS G 199 49.90 -81.10 -6.52
CA LYS G 199 49.17 -80.82 -5.29
C LYS G 199 49.27 -79.33 -4.95
N ALA G 200 50.47 -78.78 -5.05
CA ALA G 200 50.69 -77.35 -4.81
C ALA G 200 49.86 -76.47 -5.73
N ARG G 201 49.80 -76.83 -7.01
CA ARG G 201 49.01 -76.10 -8.00
C ARG G 201 47.51 -76.20 -7.70
N VAL G 202 47.05 -77.36 -7.24
CA VAL G 202 45.65 -77.50 -6.84
C VAL G 202 45.35 -76.63 -5.59
N TYR G 203 46.24 -76.68 -4.58
CA TYR G 203 46.04 -75.93 -3.33
C TYR G 203 46.10 -74.42 -3.59
N TYR G 204 47.06 -73.99 -4.41
CA TYR G 204 47.17 -72.60 -4.84
C TYR G 204 45.84 -72.09 -5.40
N PHE G 205 45.23 -72.83 -6.31
CA PHE G 205 44.06 -72.25 -6.93
C PHE G 205 42.85 -72.28 -6.00
N GLY G 206 42.77 -73.28 -5.14
CA GLY G 206 41.72 -73.32 -4.14
C GLY G 206 41.84 -72.11 -3.24
N THR G 207 43.07 -71.76 -2.93
CA THR G 207 43.34 -70.59 -2.12
C THR G 207 43.01 -69.33 -2.91
N TYR G 208 43.39 -69.32 -4.19
CA TYR G 208 43.23 -68.15 -5.03
C TYR G 208 41.76 -67.92 -5.38
N TYR G 209 41.06 -69.02 -5.65
CA TYR G 209 39.63 -68.98 -5.87
C TYR G 209 38.90 -68.33 -4.68
N ALA G 210 39.30 -68.66 -3.46
CA ALA G 210 38.63 -68.11 -2.28
C ALA G 210 38.97 -66.63 -2.14
N SER G 211 40.23 -66.29 -2.36
CA SER G 211 40.65 -64.89 -2.42
C SER G 211 39.87 -64.03 -3.43
N GLN G 212 39.57 -64.59 -4.60
CA GLN G 212 38.76 -63.90 -5.59
C GLN G 212 37.35 -63.58 -5.10
N LEU G 213 36.71 -64.57 -4.45
CA LEU G 213 35.38 -64.36 -3.88
C LEU G 213 35.39 -63.29 -2.78
N ILE G 214 36.34 -63.43 -1.84
CA ILE G 214 36.51 -62.46 -0.75
C ILE G 214 36.80 -61.05 -1.25
N ALA G 215 37.82 -60.89 -2.09
CA ALA G 215 38.19 -59.58 -2.64
C ALA G 215 37.06 -58.94 -3.46
N ALA G 216 36.20 -59.76 -4.05
CA ALA G 216 35.08 -59.20 -4.78
C ALA G 216 34.21 -58.38 -3.83
N PRO G 217 34.01 -57.11 -4.17
CA PRO G 217 33.18 -56.12 -3.48
C PRO G 217 31.76 -56.61 -3.29
N SER G 218 31.06 -56.04 -2.33
CA SER G 218 29.76 -56.57 -1.96
C SER G 218 28.67 -56.36 -3.00
N ASN G 219 28.82 -55.34 -3.86
CA ASN G 219 27.87 -55.18 -4.96
C ASN G 219 28.09 -56.26 -6.04
N TYR G 220 29.31 -56.77 -6.15
CA TYR G 220 29.58 -57.86 -7.07
C TYR G 220 29.19 -59.20 -6.45
N CYS G 221 29.61 -59.38 -5.20
CA CYS G 221 29.47 -60.64 -4.49
C CYS G 221 28.41 -60.55 -3.40
N ASN G 222 27.20 -60.95 -3.76
CA ASN G 222 26.03 -60.86 -2.90
C ASN G 222 25.46 -62.27 -2.68
N PRO G 223 24.37 -62.43 -1.91
CA PRO G 223 23.93 -63.81 -1.69
C PRO G 223 23.56 -64.58 -2.95
N VAL G 224 22.92 -63.92 -3.91
CA VAL G 224 22.54 -64.59 -5.14
C VAL G 224 23.75 -64.91 -6.02
N SER G 225 24.62 -63.93 -6.28
CA SER G 225 25.74 -64.17 -7.19
C SER G 225 26.78 -65.12 -6.59
N LEU G 226 26.93 -65.11 -5.27
CA LEU G 226 27.87 -66.02 -4.62
C LEU G 226 27.35 -67.46 -4.66
N SER G 227 26.04 -67.63 -4.51
CA SER G 227 25.48 -68.97 -4.61
C SER G 227 25.50 -69.42 -6.09
N ASN G 228 25.25 -68.50 -7.02
CA ASN G 228 25.43 -68.83 -8.42
C ASN G 228 26.84 -69.32 -8.72
N ALA G 229 27.85 -68.68 -8.12
CA ALA G 229 29.23 -69.07 -8.34
C ALA G 229 29.47 -70.48 -7.83
N ALA G 230 28.90 -70.76 -6.66
CA ALA G 230 28.98 -72.10 -6.07
C ALA G 230 28.39 -73.17 -7.00
N VAL G 231 27.24 -72.86 -7.61
CA VAL G 231 26.58 -73.79 -8.51
C VAL G 231 27.49 -74.09 -9.70
N GLU G 232 28.05 -73.04 -10.27
CA GLU G 232 28.91 -73.14 -11.41
C GLU G 232 30.14 -73.98 -11.06
N LEU G 233 30.69 -73.76 -9.86
CA LEU G 233 31.86 -74.51 -9.43
C LEU G 233 31.55 -76.01 -9.31
N ALA G 234 30.36 -76.32 -8.81
CA ALA G 234 29.93 -77.70 -8.62
C ALA G 234 29.63 -78.39 -9.95
N GLN G 235 29.17 -77.62 -10.92
CA GLN G 235 28.95 -78.14 -12.24
C GLN G 235 30.29 -78.49 -12.89
N LYS G 236 31.28 -77.62 -12.73
CA LYS G 236 32.61 -77.90 -13.27
C LYS G 236 33.27 -79.10 -12.59
N LEU G 237 32.89 -79.40 -11.36
CA LEU G 237 33.59 -80.43 -10.61
C LEU G 237 32.80 -81.70 -10.42
N ASN G 238 31.58 -81.71 -10.94
CA ASN G 238 30.65 -82.84 -10.75
C ASN G 238 30.34 -83.12 -9.28
N LEU G 239 30.16 -82.06 -8.51
CA LEU G 239 29.62 -82.20 -7.16
C LEU G 239 28.11 -82.16 -7.23
N GLU G 240 27.44 -82.69 -6.21
CA GLU G 240 26.02 -82.47 -6.09
C GLU G 240 25.81 -81.11 -5.45
N TYR G 241 24.72 -80.45 -5.82
CA TYR G 241 24.42 -79.17 -5.20
C TYR G 241 22.95 -78.95 -4.99
N LYS G 242 22.67 -78.21 -3.95
CA LYS G 242 21.32 -77.76 -3.67
C LYS G 242 21.45 -76.35 -3.13
N ILE G 243 20.72 -75.40 -3.72
CA ILE G 243 20.64 -74.05 -3.18
C ILE G 243 19.27 -73.81 -2.56
N LEU G 244 19.17 -73.69 -1.24
CA LEU G 244 17.84 -73.49 -0.65
C LEU G 244 17.42 -72.01 -0.63
N GLY G 245 16.22 -71.75 -1.13
CA GLY G 245 15.69 -70.39 -1.17
C GLY G 245 14.83 -70.16 0.06
N VAL G 246 14.17 -69.02 0.09
CA VAL G 246 13.47 -68.62 1.30
C VAL G 246 12.34 -69.56 1.64
N LYS G 247 11.53 -69.94 0.65
CA LYS G 247 10.43 -70.88 0.87
C LYS G 247 10.90 -72.13 1.61
N GLU G 248 11.90 -72.81 1.06
CA GLU G 248 12.48 -73.98 1.71
C GLU G 248 12.99 -73.64 3.11
N LEU G 249 13.61 -72.46 3.25
CA LEU G 249 14.21 -72.04 4.52
C LEU G 249 13.14 -71.79 5.58
N GLU G 250 12.03 -71.19 5.16
CA GLU G 250 10.89 -70.98 6.04
C GLU G 250 10.31 -72.32 6.47
N GLU G 251 10.21 -73.25 5.52
CA GLU G 251 9.68 -74.57 5.81
C GLU G 251 10.58 -75.30 6.81
N LEU G 252 11.88 -75.05 6.73
CA LEU G 252 12.81 -75.66 7.67
C LEU G 252 12.88 -74.87 8.97
N LYS G 253 12.14 -73.76 9.02
CA LYS G 253 12.00 -72.93 10.21
C LYS G 253 13.33 -72.35 10.67
N MET G 254 14.17 -71.96 9.71
CA MET G 254 15.45 -71.33 10.04
C MET G 254 15.29 -69.85 10.40
N GLY G 255 14.67 -69.59 11.53
CA GLY G 255 14.37 -68.21 11.90
C GLY G 255 15.55 -67.34 12.27
N ALA G 256 16.61 -67.92 12.82
CA ALA G 256 17.77 -67.09 13.18
C ALA G 256 18.49 -66.59 11.91
N TYR G 257 18.77 -67.53 11.01
CA TYR G 257 19.34 -67.26 9.68
C TYR G 257 18.48 -66.27 8.89
N LEU G 258 17.17 -66.49 8.86
CA LEU G 258 16.31 -65.60 8.10
C LEU G 258 16.22 -64.19 8.70
N SER G 259 16.36 -64.07 10.03
CA SER G 259 16.19 -62.76 10.64
C SER G 259 17.33 -61.83 10.24
N VAL G 260 18.54 -62.38 10.14
CA VAL G 260 19.68 -61.59 9.71
C VAL G 260 19.47 -61.06 8.30
N GLY G 261 18.92 -61.88 7.39
CA GLY G 261 18.80 -61.52 5.99
C GLY G 261 17.63 -60.61 5.62
N LYS G 262 16.68 -60.44 6.54
CA LYS G 262 15.45 -59.69 6.29
C LYS G 262 15.68 -58.31 5.67
N GLY G 263 16.64 -57.58 6.22
CA GLY G 263 16.85 -56.21 5.81
C GLY G 263 17.51 -56.08 4.45
N SER G 264 17.77 -57.20 3.77
CA SER G 264 18.51 -57.13 2.51
C SER G 264 17.62 -57.21 1.25
N MET G 265 18.11 -56.62 0.17
CA MET G 265 17.43 -56.70 -1.12
C MET G 265 17.70 -58.04 -1.83
N TYR G 266 18.67 -58.80 -1.31
CA TYR G 266 19.01 -60.12 -1.86
C TYR G 266 18.36 -61.21 -1.02
N PRO G 267 17.61 -62.10 -1.67
CA PRO G 267 17.03 -63.21 -0.90
C PRO G 267 18.13 -64.07 -0.32
N ASN G 268 17.92 -64.62 0.87
CA ASN G 268 18.82 -65.60 1.43
C ASN G 268 19.02 -66.78 0.50
N LYS G 269 20.25 -67.30 0.47
CA LYS G 269 20.60 -68.51 -0.28
C LYS G 269 21.43 -69.46 0.58
N PHE G 270 20.94 -70.67 0.79
CA PHE G 270 21.69 -71.64 1.57
C PHE G 270 22.40 -72.64 0.65
N ILE G 271 23.73 -72.57 0.64
CA ILE G 271 24.56 -73.42 -0.19
C ILE G 271 24.83 -74.76 0.45
N HIS G 272 24.47 -75.82 -0.27
CA HIS G 272 24.77 -77.17 0.14
C HIS G 272 25.42 -77.89 -1.04
N LEU G 273 26.74 -78.10 -0.95
CA LEU G 273 27.46 -78.89 -1.94
C LEU G 273 27.81 -80.24 -1.35
N THR G 274 27.86 -81.27 -2.19
CA THR G 274 28.24 -82.59 -1.72
C THR G 274 29.21 -83.32 -2.63
N TYR G 275 30.26 -83.82 -2.02
CA TYR G 275 31.15 -84.76 -2.66
C TYR G 275 31.00 -86.13 -2.00
N LYS G 276 30.80 -87.16 -2.80
CA LYS G 276 30.81 -88.53 -2.30
C LYS G 276 31.82 -89.35 -3.06
N SER G 277 32.47 -90.30 -2.38
CA SER G 277 33.49 -91.14 -3.01
C SER G 277 32.84 -92.27 -3.78
N LYS G 278 33.62 -92.92 -4.63
CA LYS G 278 33.07 -93.99 -5.49
C LYS G 278 32.86 -95.26 -4.69
N GLY G 279 33.80 -95.53 -3.77
CA GLY G 279 33.74 -96.71 -2.93
C GLY G 279 33.11 -96.44 -1.58
N ASP G 280 33.07 -97.49 -0.75
CA ASP G 280 32.40 -97.46 0.56
C ASP G 280 32.81 -96.27 1.44
N VAL G 281 31.83 -95.47 1.81
CA VAL G 281 32.07 -94.30 2.64
C VAL G 281 32.40 -94.72 4.08
N LYS G 282 33.55 -94.28 4.58
CA LYS G 282 34.01 -94.66 5.91
C LYS G 282 34.06 -93.45 6.88
N LYS G 283 33.73 -92.27 6.38
CA LYS G 283 33.68 -91.05 7.19
C LYS G 283 32.78 -90.00 6.53
N LYS G 284 31.99 -89.31 7.34
CA LYS G 284 31.13 -88.24 6.83
C LYS G 284 31.44 -86.90 7.48
N ILE G 285 31.70 -85.90 6.67
CA ILE G 285 32.15 -84.62 7.18
C ILE G 285 31.27 -83.47 6.66
N ALA G 286 30.96 -82.55 7.57
CA ALA G 286 30.28 -81.31 7.22
C ALA G 286 31.20 -80.10 7.46
N LEU G 287 31.47 -79.34 6.40
CA LEU G 287 32.19 -78.08 6.54
C LEU G 287 31.22 -76.91 6.39
N VAL G 288 31.25 -76.02 7.38
CA VAL G 288 30.32 -74.90 7.44
C VAL G 288 31.10 -73.57 7.46
N GLY G 289 30.81 -72.67 6.52
CA GLY G 289 31.46 -71.36 6.50
C GLY G 289 30.49 -70.21 6.72
N LYS G 290 30.89 -69.21 7.50
CA LYS G 290 30.06 -68.02 7.68
C LYS G 290 30.04 -67.24 6.36
N GLY G 291 28.85 -66.91 5.88
CA GLY G 291 28.70 -66.31 4.56
C GLY G 291 27.91 -65.02 4.58
N ILE G 292 28.44 -64.00 5.26
CA ILE G 292 27.83 -62.67 5.27
C ILE G 292 28.52 -61.82 4.21
N THR G 293 27.83 -61.54 3.10
CA THR G 293 28.46 -60.87 1.95
C THR G 293 28.78 -59.41 2.26
N PHE G 294 27.95 -58.79 3.12
CA PHE G 294 28.31 -57.50 3.70
C PHE G 294 27.77 -57.34 5.11
N ASP G 295 28.66 -57.00 6.03
CA ASP G 295 28.25 -56.80 7.42
C ASP G 295 28.27 -55.33 7.77
N SER G 296 27.12 -54.68 7.62
CA SER G 296 27.01 -53.27 7.93
C SER G 296 26.92 -53.15 9.44
N GLY G 297 26.46 -54.22 10.08
CA GLY G 297 26.24 -54.23 11.51
C GLY G 297 24.76 -54.21 11.85
N GLY G 298 23.92 -53.90 10.85
CA GLY G 298 22.51 -53.75 11.08
C GLY G 298 22.19 -52.50 11.89
N TYR G 299 21.08 -52.50 12.63
CA TYR G 299 20.74 -51.30 13.40
C TYR G 299 21.82 -50.98 14.43
N ASN G 300 22.58 -51.97 14.90
CA ASN G 300 23.84 -51.69 15.61
C ASN G 300 24.94 -51.36 14.60
N LEU G 301 24.73 -50.30 13.84
CA LEU G 301 25.60 -49.97 12.71
C LEU G 301 27.07 -49.85 13.11
N LYS G 302 27.98 -50.31 12.24
CA LYS G 302 29.40 -50.14 12.52
C LYS G 302 29.79 -48.66 12.34
N ALA G 303 29.64 -47.87 13.40
CA ALA G 303 29.94 -46.44 13.34
C ALA G 303 31.11 -46.08 14.23
N ALA G 304 31.46 -46.97 15.14
CA ALA G 304 32.54 -46.71 16.09
C ALA G 304 33.89 -46.67 15.36
N PRO G 305 34.82 -45.83 15.84
CA PRO G 305 36.14 -45.68 15.19
C PRO G 305 36.98 -46.94 15.32
N GLY G 306 37.29 -47.58 14.18
CA GLY G 306 38.05 -48.83 14.18
C GLY G 306 37.19 -50.03 13.80
N SER G 307 35.95 -49.79 13.42
CA SER G 307 35.04 -50.89 13.14
C SER G 307 35.24 -51.47 11.74
N MET G 308 36.03 -50.78 10.91
CA MET G 308 36.43 -51.30 9.59
C MET G 308 35.26 -51.70 8.69
N ILE G 309 34.23 -50.87 8.62
CA ILE G 309 33.07 -51.20 7.80
C ILE G 309 33.49 -51.36 6.33
N ASP G 310 34.54 -50.67 5.88
CA ASP G 310 34.96 -50.79 4.47
C ASP G 310 35.62 -52.12 4.09
N LEU G 311 35.95 -52.96 5.07
CA LEU G 311 36.51 -54.28 4.80
C LEU G 311 35.45 -55.39 4.87
N MET G 312 34.27 -55.04 5.38
CA MET G 312 33.28 -56.04 5.74
C MET G 312 32.71 -56.81 4.53
N LYS G 313 33.20 -56.54 3.33
CA LYS G 313 33.02 -57.50 2.24
C LYS G 313 33.73 -58.84 2.55
N PHE G 314 34.66 -58.86 3.51
CA PHE G 314 35.43 -60.08 3.82
C PHE G 314 34.69 -60.96 4.84
N ASP G 315 33.46 -60.61 5.13
CA ASP G 315 32.73 -61.36 6.14
C ASP G 315 32.15 -62.68 5.62
N MET G 316 32.52 -63.07 4.40
CA MET G 316 32.15 -64.39 3.88
C MET G 316 33.41 -65.21 3.61
N SER G 317 34.51 -64.83 4.28
CA SER G 317 35.78 -65.52 4.11
C SER G 317 35.66 -66.99 4.47
N GLY G 318 34.79 -67.31 5.41
CA GLY G 318 34.59 -68.69 5.83
C GLY G 318 33.93 -69.50 4.74
N CYS G 319 32.84 -68.95 4.19
CA CYS G 319 32.18 -69.55 3.05
C CYS G 319 33.15 -69.71 1.88
N ALA G 320 33.99 -68.70 1.68
CA ALA G 320 34.97 -68.75 0.61
C ALA G 320 35.99 -69.87 0.86
N ALA G 321 36.45 -70.00 2.10
CA ALA G 321 37.41 -71.05 2.41
C ALA G 321 36.81 -72.40 2.19
N VAL G 322 35.51 -72.54 2.46
CA VAL G 322 34.84 -73.83 2.30
C VAL G 322 34.65 -74.17 0.82
N LEU G 323 34.37 -73.16 -0.01
CA LEU G 323 34.23 -73.39 -1.43
C LEU G 323 35.58 -73.72 -2.05
N GLY G 324 36.62 -73.04 -1.60
CA GLY G 324 37.97 -73.31 -2.08
C GLY G 324 38.31 -74.75 -1.75
N CYS G 325 37.87 -75.20 -0.58
CA CYS G 325 38.11 -76.59 -0.16
C CYS G 325 37.37 -77.57 -1.07
N ALA G 326 36.14 -77.22 -1.47
CA ALA G 326 35.37 -78.00 -2.44
C ALA G 326 36.07 -78.12 -3.80
N TYR G 327 36.82 -77.09 -4.20
CA TYR G 327 37.60 -77.19 -5.42
C TYR G 327 38.70 -78.25 -5.25
N CYS G 328 39.42 -78.17 -4.13
CA CYS G 328 40.56 -79.05 -3.93
C CYS G 328 40.14 -80.49 -3.79
N VAL G 329 39.08 -80.72 -3.04
CA VAL G 329 38.56 -82.07 -2.84
C VAL G 329 37.97 -82.63 -4.13
N GLY G 330 37.14 -81.86 -4.82
CA GLY G 330 36.57 -82.30 -6.08
C GLY G 330 37.63 -82.54 -7.15
N THR G 331 38.79 -81.92 -6.98
CA THR G 331 39.87 -82.07 -7.95
C THR G 331 40.71 -83.30 -7.65
N LEU G 332 41.06 -83.49 -6.38
CA LEU G 332 41.94 -84.59 -5.97
C LEU G 332 41.22 -85.91 -5.76
N LYS G 333 39.89 -85.83 -5.60
CA LYS G 333 39.03 -86.98 -5.35
C LYS G 333 39.55 -87.98 -4.30
N PRO G 334 39.51 -87.61 -3.01
CA PRO G 334 39.86 -88.56 -1.96
C PRO G 334 38.79 -89.66 -1.85
N GLU G 335 39.19 -90.84 -1.40
CA GLU G 335 38.31 -91.99 -1.34
C GLU G 335 37.67 -92.22 0.04
N ASN G 336 36.59 -92.99 0.07
CA ASN G 336 35.96 -93.44 1.31
C ASN G 336 35.51 -92.31 2.22
N VAL G 337 35.11 -91.20 1.61
CA VAL G 337 34.70 -90.05 2.41
C VAL G 337 33.58 -89.27 1.75
N GLU G 338 32.70 -88.71 2.56
CA GLU G 338 31.58 -87.93 2.07
C GLU G 338 31.61 -86.54 2.72
N ILE G 339 31.76 -85.51 1.90
CA ILE G 339 31.86 -84.15 2.41
C ILE G 339 30.67 -83.31 1.99
N HIS G 340 30.04 -82.67 2.96
CA HIS G 340 29.06 -81.65 2.65
C HIS G 340 29.72 -80.30 2.86
N PHE G 341 29.54 -79.40 1.90
CA PHE G 341 30.09 -78.06 1.95
C PHE G 341 28.93 -77.10 2.15
N LEU G 342 28.83 -76.50 3.33
CA LEU G 342 27.63 -75.75 3.68
C LEU G 342 27.92 -74.29 3.93
N SER G 343 26.96 -73.43 3.60
CA SER G 343 27.06 -72.03 3.99
C SER G 343 25.70 -71.35 3.94
N ALA G 344 25.34 -70.66 5.02
CA ALA G 344 24.09 -69.93 5.06
C ALA G 344 24.38 -68.48 4.63
N VAL G 345 24.13 -68.16 3.36
CA VAL G 345 24.57 -66.89 2.82
C VAL G 345 23.50 -65.82 2.92
N CYS G 346 23.89 -64.64 3.40
CA CYS G 346 22.98 -63.50 3.41
C CYS G 346 23.78 -62.23 3.62
N GLU G 347 23.07 -61.10 3.65
CA GLU G 347 23.69 -59.79 3.80
C GLU G 347 23.01 -59.06 4.95
N ASN G 348 23.79 -58.43 5.84
CA ASN G 348 23.30 -57.76 7.09
C ASN G 348 23.15 -56.25 6.97
N MET G 349 21.94 -55.78 6.72
CA MET G 349 21.75 -54.40 6.28
C MET G 349 20.77 -53.60 7.14
N VAL G 350 20.73 -52.30 6.89
CA VAL G 350 19.81 -51.41 7.60
C VAL G 350 18.67 -51.08 6.66
N SER G 351 17.43 -51.19 7.17
CA SER G 351 16.23 -51.12 6.35
C SER G 351 14.97 -51.05 7.21
N LYS G 352 13.86 -50.66 6.60
CA LYS G 352 12.59 -50.80 7.31
C LYS G 352 12.30 -52.25 7.65
N ASN G 353 12.94 -53.16 6.91
CA ASN G 353 12.67 -54.58 7.04
C ASN G 353 13.68 -55.34 7.92
N SER G 354 14.71 -54.66 8.43
CA SER G 354 15.75 -55.32 9.24
C SER G 354 15.24 -55.80 10.59
N TYR G 355 15.90 -56.82 11.13
CA TYR G 355 15.59 -57.26 12.47
C TYR G 355 16.14 -56.23 13.47
N ARG G 356 15.57 -56.17 14.67
CA ARG G 356 15.94 -55.14 15.63
C ARG G 356 16.65 -55.69 16.88
N PRO G 357 17.53 -54.88 17.48
CA PRO G 357 18.05 -55.20 18.80
C PRO G 357 16.89 -55.45 19.75
N GLY G 358 16.89 -56.55 20.48
CA GLY G 358 15.75 -56.88 21.32
C GLY G 358 14.78 -57.90 20.75
N ASP G 359 14.76 -58.06 19.43
CA ASP G 359 13.90 -59.08 18.82
C ASP G 359 14.16 -60.47 19.40
N ILE G 360 13.09 -61.26 19.52
CA ILE G 360 13.26 -62.66 19.89
C ILE G 360 12.89 -63.50 18.69
N ILE G 361 13.81 -64.36 18.29
CA ILE G 361 13.69 -65.16 17.07
C ILE G 361 13.87 -66.63 17.42
N THR G 362 13.23 -67.52 16.68
CA THR G 362 13.33 -68.94 16.98
C THR G 362 14.19 -69.64 15.94
N ALA G 363 15.20 -70.38 16.39
CA ALA G 363 16.05 -71.15 15.49
C ALA G 363 15.35 -72.45 15.04
N SER G 364 15.95 -73.18 14.09
CA SER G 364 15.29 -74.36 13.52
C SER G 364 15.20 -75.52 14.51
N ASN G 365 15.93 -75.45 15.61
CA ASN G 365 15.81 -76.49 16.63
C ASN G 365 14.85 -76.11 17.76
N GLY G 366 14.10 -75.03 17.57
CA GLY G 366 13.13 -74.61 18.57
C GLY G 366 13.62 -73.61 19.62
N LYS G 367 14.94 -73.42 19.72
CA LYS G 367 15.45 -72.47 20.71
C LYS G 367 15.11 -71.02 20.36
N THR G 368 14.54 -70.29 21.32
CA THR G 368 14.32 -68.86 21.14
C THR G 368 15.59 -68.09 21.54
N ILE G 369 15.89 -67.05 20.78
CA ILE G 369 17.11 -66.28 20.96
C ILE G 369 16.77 -64.82 21.11
N GLU G 370 17.19 -64.21 22.22
CA GLU G 370 17.04 -62.78 22.36
C GLU G 370 18.24 -62.11 21.72
N VAL G 371 17.96 -61.24 20.75
CA VAL G 371 18.98 -60.53 20.03
C VAL G 371 19.42 -59.29 20.82
N GLY G 372 20.67 -59.29 21.27
CA GLY G 372 21.19 -58.17 22.04
C GLY G 372 21.90 -57.16 21.15
N ASN G 373 22.35 -57.59 19.99
CA ASN G 373 23.14 -56.75 19.12
C ASN G 373 23.12 -57.29 17.68
N THR G 374 22.56 -56.55 16.75
CA THR G 374 22.39 -57.08 15.41
C THR G 374 23.71 -57.29 14.66
N ASP G 375 24.82 -56.79 15.22
CA ASP G 375 26.13 -56.91 14.57
C ASP G 375 26.88 -58.17 15.05
N ALA G 376 26.17 -59.01 15.80
CA ALA G 376 26.65 -60.35 16.13
C ALA G 376 25.80 -61.32 15.31
N GLU G 377 25.72 -61.06 14.02
CA GLU G 377 24.79 -61.76 13.15
C GLU G 377 25.28 -63.14 12.70
N GLY G 378 26.59 -63.32 12.63
CA GLY G 378 27.17 -64.55 12.11
C GLY G 378 26.77 -65.76 12.92
N ARG G 379 26.86 -65.64 14.24
CA ARG G 379 26.56 -66.76 15.13
C ARG G 379 25.08 -67.16 15.04
N LEU G 380 24.23 -66.24 14.57
CA LEU G 380 22.82 -66.55 14.31
C LEU G 380 22.66 -67.40 13.05
N THR G 381 23.35 -67.02 11.98
CA THR G 381 23.30 -67.77 10.73
C THR G 381 24.00 -69.12 10.93
N LEU G 382 25.09 -69.12 11.70
CA LEU G 382 25.80 -70.36 11.96
C LEU G 382 24.93 -71.32 12.76
N ALA G 383 24.03 -70.79 13.58
CA ALA G 383 23.21 -71.63 14.44
C ALA G 383 22.27 -72.52 13.60
N ASP G 384 21.59 -71.94 12.61
CA ASP G 384 20.71 -72.75 11.74
C ASP G 384 21.52 -73.65 10.82
N ALA G 385 22.65 -73.16 10.33
CA ALA G 385 23.57 -73.95 9.50
C ALA G 385 24.07 -75.18 10.25
N LEU G 386 24.30 -75.06 11.55
CA LEU G 386 24.79 -76.18 12.37
C LEU G 386 23.69 -77.20 12.64
N VAL G 387 22.44 -76.73 12.79
CA VAL G 387 21.33 -77.65 13.02
C VAL G 387 21.07 -78.47 11.75
N TYR G 388 21.15 -77.79 10.62
CA TYR G 388 21.09 -78.44 9.32
C TYR G 388 22.21 -79.46 9.15
N ALA G 389 23.43 -79.06 9.50
CA ALA G 389 24.58 -79.96 9.42
C ALA G 389 24.38 -81.22 10.25
N GLU G 390 23.93 -81.07 11.49
CA GLU G 390 23.88 -82.24 12.35
C GLU G 390 22.75 -83.16 11.89
N LYS G 391 21.77 -82.61 11.18
CA LYS G 391 20.71 -83.43 10.60
C LYS G 391 21.21 -84.32 9.47
N LEU G 392 22.34 -83.96 8.86
CA LEU G 392 22.88 -84.80 7.79
C LEU G 392 23.42 -86.13 8.34
N GLY G 393 23.65 -86.21 9.64
CA GLY G 393 24.20 -87.41 10.25
C GLY G 393 25.65 -87.63 9.87
N VAL G 394 26.49 -86.67 10.25
CA VAL G 394 27.92 -86.74 9.92
C VAL G 394 28.71 -87.19 11.13
N ASP G 395 29.99 -87.48 10.94
CA ASP G 395 30.91 -87.79 12.02
C ASP G 395 31.55 -86.54 12.63
N TYR G 396 31.84 -85.56 11.78
CA TYR G 396 32.47 -84.32 12.19
C TYR G 396 31.82 -83.10 11.56
N ILE G 397 31.51 -82.11 12.39
CA ILE G 397 31.15 -80.78 11.90
C ILE G 397 32.30 -79.83 12.19
N VAL G 398 32.74 -79.09 11.16
CA VAL G 398 33.75 -78.06 11.36
C VAL G 398 33.23 -76.77 10.74
N ASP G 399 33.22 -75.69 11.50
CA ASP G 399 32.82 -74.41 10.94
C ASP G 399 34.02 -73.50 10.91
N ILE G 400 33.99 -72.50 10.03
CA ILE G 400 35.10 -71.58 9.90
C ILE G 400 34.52 -70.19 9.59
N ALA G 401 34.92 -69.19 10.38
CA ALA G 401 34.16 -67.95 10.34
C ALA G 401 34.93 -66.75 10.84
N THR G 402 34.76 -65.61 10.17
CA THR G 402 35.28 -64.33 10.66
C THR G 402 34.31 -63.82 11.74
N LEU G 403 34.27 -64.52 12.87
CA LEU G 403 33.20 -64.38 13.82
C LEU G 403 33.36 -63.19 14.77
N THR G 404 34.55 -63.02 15.33
CA THR G 404 34.77 -62.05 16.40
C THR G 404 36.00 -61.15 16.20
N GLY G 405 35.79 -59.84 16.19
CA GLY G 405 36.88 -58.87 16.17
C GLY G 405 37.87 -59.02 17.34
N ALA G 406 37.43 -59.63 18.43
CA ALA G 406 38.30 -59.86 19.57
C ALA G 406 39.53 -60.72 19.22
N MET G 407 39.44 -61.51 18.15
CA MET G 407 40.55 -62.37 17.73
C MET G 407 41.80 -61.57 17.45
N LEU G 408 41.61 -60.30 17.09
CA LEU G 408 42.73 -59.43 16.83
C LEU G 408 43.47 -59.07 18.11
N TYR G 409 42.77 -59.14 19.25
CA TYR G 409 43.37 -58.83 20.55
C TYR G 409 43.92 -60.05 21.24
N SER G 410 43.53 -61.24 20.78
CA SER G 410 44.07 -62.46 21.39
C SER G 410 45.21 -63.03 20.55
N LEU G 411 44.88 -63.67 19.44
CA LEU G 411 45.94 -64.31 18.65
C LEU G 411 46.58 -63.37 17.61
N GLY G 412 45.90 -62.29 17.27
CA GLY G 412 46.45 -61.39 16.26
C GLY G 412 46.14 -61.75 14.80
N THR G 413 47.05 -61.38 13.90
CA THR G 413 46.81 -61.53 12.47
C THR G 413 47.45 -62.78 11.86
N SER G 414 48.10 -63.61 12.66
CA SER G 414 48.84 -64.76 12.13
C SER G 414 48.23 -66.11 12.42
N TYR G 415 47.81 -66.33 13.67
CA TYR G 415 47.23 -67.62 14.05
C TYR G 415 45.71 -67.52 14.14
N ALA G 416 45.02 -68.53 13.60
CA ALA G 416 43.59 -68.60 13.77
C ALA G 416 43.27 -69.29 15.09
N GLY G 417 42.05 -69.10 15.61
CA GLY G 417 41.65 -69.78 16.82
C GLY G 417 40.73 -70.96 16.56
N VAL G 418 40.96 -72.09 17.22
CA VAL G 418 40.00 -73.19 17.09
C VAL G 418 39.40 -73.60 18.46
N PHE G 419 38.08 -73.75 18.46
CA PHE G 419 37.33 -74.16 19.65
C PHE G 419 36.58 -75.45 19.33
N GLY G 420 36.25 -76.24 20.35
CA GLY G 420 35.54 -77.45 20.10
C GLY G 420 35.00 -78.16 21.32
N ASN G 421 34.20 -79.19 21.06
CA ASN G 421 33.59 -79.99 22.09
C ASN G 421 34.22 -81.38 22.13
N ASN G 422 35.26 -81.60 21.33
CA ASN G 422 35.84 -82.92 21.16
C ASN G 422 37.36 -82.90 20.92
N GLU G 423 38.13 -83.36 21.90
CA GLU G 423 39.58 -83.32 21.85
C GLU G 423 40.15 -84.01 20.62
N GLU G 424 39.60 -85.17 20.26
CA GLU G 424 40.07 -85.92 19.10
C GLU G 424 39.98 -85.08 17.82
N LEU G 425 38.85 -84.41 17.63
CA LEU G 425 38.63 -83.54 16.48
C LEU G 425 39.51 -82.31 16.52
N ILE G 426 39.62 -81.67 17.69
CA ILE G 426 40.51 -80.52 17.83
C ILE G 426 41.94 -80.88 17.43
N ASN G 427 42.36 -82.08 17.81
CA ASN G 427 43.70 -82.53 17.48
C ASN G 427 43.93 -82.82 16.00
N LYS G 428 42.91 -83.35 15.34
CA LYS G 428 43.00 -83.56 13.90
C LYS G 428 43.08 -82.22 13.19
N ILE G 429 42.51 -81.16 13.77
CA ILE G 429 42.63 -79.83 13.18
C ILE G 429 44.04 -79.25 13.39
N LEU G 430 44.60 -79.46 14.58
CA LEU G 430 45.95 -78.97 14.86
C LEU G 430 46.95 -79.72 14.01
N GLN G 431 46.65 -80.99 13.73
CA GLN G 431 47.53 -81.79 12.88
C GLN G 431 47.44 -81.30 11.43
N SER G 432 46.25 -80.86 11.03
CA SER G 432 46.04 -80.27 9.71
C SER G 432 46.76 -78.96 9.58
N SER G 433 46.77 -78.21 10.68
CA SER G 433 47.48 -76.94 10.75
C SER G 433 48.97 -77.13 10.49
N LYS G 434 49.53 -78.17 11.11
CA LYS G 434 50.94 -78.50 10.88
C LYS G 434 51.23 -78.76 9.41
N THR G 435 50.45 -79.63 8.78
CA THR G 435 50.82 -80.11 7.45
C THR G 435 50.47 -79.12 6.34
N SER G 436 49.43 -78.30 6.57
CA SER G 436 49.06 -77.27 5.61
C SER G 436 49.86 -75.99 5.79
N ASN G 437 50.49 -75.86 6.96
CA ASN G 437 51.20 -74.64 7.38
C ASN G 437 50.30 -73.39 7.46
N GLU G 438 49.05 -73.60 7.84
CA GLU G 438 48.13 -72.52 8.17
C GLU G 438 47.98 -72.58 9.66
N PRO G 439 48.61 -71.63 10.37
CA PRO G 439 48.73 -71.62 11.83
C PRO G 439 47.40 -71.47 12.58
N VAL G 440 47.17 -72.38 13.52
CA VAL G 440 45.94 -72.41 14.28
C VAL G 440 46.29 -72.72 15.74
N TRP G 441 45.57 -72.10 16.69
CA TRP G 441 45.84 -72.29 18.13
C TRP G 441 44.60 -72.64 18.92
N TRP G 442 44.70 -73.72 19.70
CA TRP G 442 43.58 -74.17 20.52
C TRP G 442 43.20 -73.16 21.62
N LEU G 443 41.93 -72.76 21.66
CA LEU G 443 41.43 -71.86 22.68
C LEU G 443 40.27 -72.51 23.46
N PRO G 444 40.08 -72.12 24.73
CA PRO G 444 39.09 -72.79 25.57
C PRO G 444 37.64 -72.32 25.36
N ILE G 445 36.70 -73.25 25.46
CA ILE G 445 35.30 -72.89 25.62
C ILE G 445 35.06 -72.95 27.14
N ILE G 446 35.15 -71.79 27.78
CA ILE G 446 35.07 -71.69 29.23
C ILE G 446 33.61 -71.72 29.71
N ASN G 447 33.19 -72.85 30.28
CA ASN G 447 31.77 -73.03 30.61
C ASN G 447 31.27 -72.10 31.73
N GLU G 448 32.18 -71.51 32.48
CA GLU G 448 31.79 -70.57 33.52
C GLU G 448 31.07 -69.35 32.94
N TYR G 449 31.27 -69.07 31.65
CA TYR G 449 30.67 -67.88 31.05
C TYR G 449 29.26 -68.15 30.56
N ARG G 450 28.84 -69.40 30.57
CA ARG G 450 27.54 -69.79 30.02
C ARG G 450 26.36 -69.05 30.62
N ALA G 451 26.35 -68.90 31.94
CA ALA G 451 25.27 -68.20 32.64
C ALA G 451 25.05 -66.77 32.13
N THR G 452 26.08 -66.11 31.61
CA THR G 452 25.90 -64.75 31.13
C THR G 452 25.08 -64.72 29.83
N LEU G 453 24.73 -65.89 29.32
CA LEU G 453 23.89 -66.00 28.13
C LEU G 453 22.46 -66.40 28.46
N ASN G 454 22.14 -66.47 29.75
CA ASN G 454 20.77 -66.69 30.19
C ASN G 454 19.95 -65.45 29.88
N SER G 455 18.81 -65.62 29.24
CA SER G 455 17.93 -64.51 28.93
C SER G 455 16.73 -64.55 29.84
N LYS G 456 16.20 -63.40 30.21
CA LYS G 456 15.03 -63.36 31.08
C LYS G 456 13.79 -63.89 30.34
N TYR G 457 13.75 -63.73 29.03
CA TYR G 457 12.55 -64.02 28.26
C TYR G 457 12.72 -65.16 27.26
N ALA G 458 13.84 -65.18 26.56
CA ALA G 458 14.13 -66.20 25.58
C ALA G 458 14.82 -67.38 26.24
N ASP G 459 15.03 -68.45 25.49
CA ASP G 459 15.83 -69.56 25.99
C ASP G 459 17.25 -69.13 26.21
N ILE G 460 17.71 -68.21 25.34
CA ILE G 460 19.10 -67.85 25.35
C ILE G 460 19.33 -66.44 24.80
N ASN G 461 20.33 -65.78 25.35
CA ASN G 461 20.88 -64.53 24.82
C ASN G 461 21.88 -64.78 23.70
N GLN G 462 21.73 -64.05 22.60
CA GLN G 462 22.73 -63.99 21.52
C GLN G 462 24.11 -63.53 22.01
N ILE G 463 24.13 -62.50 22.85
CA ILE G 463 25.38 -61.98 23.40
C ILE G 463 25.40 -61.97 24.91
N SER G 464 26.59 -61.79 25.45
CA SER G 464 26.80 -61.72 26.88
C SER G 464 26.63 -60.31 27.43
N SER G 465 26.17 -60.23 28.68
CA SER G 465 26.04 -58.97 29.39
C SER G 465 27.39 -58.40 29.85
N SER G 466 28.21 -59.26 30.45
CA SER G 466 29.40 -58.79 31.14
C SER G 466 30.76 -59.19 30.53
N VAL G 467 30.83 -60.37 29.90
CA VAL G 467 32.11 -61.10 29.73
C VAL G 467 33.26 -60.46 28.89
N LYS G 468 32.95 -59.82 27.78
CA LYS G 468 33.97 -59.19 26.91
C LYS G 468 34.90 -60.16 26.16
N ALA G 469 35.04 -61.39 26.64
CA ALA G 469 35.79 -62.41 25.89
C ALA G 469 34.91 -62.99 24.77
N SER G 470 34.64 -62.21 23.74
CA SER G 470 33.64 -62.55 22.72
C SER G 470 33.85 -63.88 22.01
N SER G 471 35.08 -64.16 21.60
CA SER G 471 35.35 -65.36 20.84
C SER G 471 34.92 -66.59 21.65
N ILE G 472 35.18 -66.57 22.94
CA ILE G 472 34.76 -67.66 23.80
C ILE G 472 33.24 -67.67 23.94
N VAL G 473 32.63 -66.50 24.11
CA VAL G 473 31.19 -66.44 24.35
C VAL G 473 30.45 -66.94 23.13
N ALA G 474 30.83 -66.41 21.97
CA ALA G 474 30.32 -66.86 20.69
C ALA G 474 30.40 -68.39 20.55
N SER G 475 31.57 -68.95 20.88
CA SER G 475 31.75 -70.40 20.90
C SER G 475 30.73 -71.10 21.80
N LEU G 476 30.50 -70.55 22.99
CA LEU G 476 29.52 -71.11 23.91
C LEU G 476 28.13 -71.12 23.29
N PHE G 477 27.82 -70.06 22.55
CA PHE G 477 26.53 -69.95 21.88
C PHE G 477 26.38 -71.00 20.75
N LEU G 478 27.41 -71.16 19.93
CA LEU G 478 27.35 -72.11 18.82
C LEU G 478 27.21 -73.51 19.37
N LYS G 479 27.83 -73.77 20.52
CA LYS G 479 27.89 -75.11 21.08
C LYS G 479 26.47 -75.60 21.42
N GLU G 480 25.58 -74.66 21.74
CA GLU G 480 24.19 -74.92 22.05
C GLU G 480 23.40 -75.49 20.89
N PHE G 481 23.99 -75.51 19.70
CA PHE G 481 23.23 -75.90 18.52
C PHE G 481 23.87 -77.14 17.90
N VAL G 482 24.65 -77.85 18.70
CA VAL G 482 25.19 -79.15 18.32
C VAL G 482 24.93 -80.13 19.45
N GLN G 483 23.95 -80.99 19.26
CA GLN G 483 23.47 -81.88 20.31
C GLN G 483 24.47 -82.97 20.65
N ASN G 484 24.95 -83.67 19.62
CA ASN G 484 25.57 -84.97 19.81
C ASN G 484 26.64 -85.35 18.78
N THR G 485 27.23 -84.36 18.12
CA THR G 485 28.26 -84.62 17.10
C THR G 485 29.57 -83.89 17.45
N ALA G 486 30.70 -84.53 17.19
CA ALA G 486 32.00 -83.86 17.32
C ALA G 486 32.04 -82.58 16.47
N TRP G 487 32.45 -81.48 17.09
CA TRP G 487 32.35 -80.18 16.47
C TRP G 487 33.53 -79.27 16.81
N ALA G 488 33.98 -78.54 15.81
CA ALA G 488 35.02 -77.55 15.99
C ALA G 488 34.71 -76.29 15.20
N HIS G 489 35.10 -75.16 15.78
CA HIS G 489 34.82 -73.83 15.24
C HIS G 489 36.15 -73.11 15.06
N ILE G 490 36.40 -72.60 13.86
CA ILE G 490 37.66 -71.95 13.55
C ILE G 490 37.40 -70.47 13.27
N ASP G 491 37.80 -69.60 14.20
CA ASP G 491 37.56 -68.17 14.11
C ASP G 491 38.72 -67.51 13.38
N ILE G 492 38.44 -66.97 12.20
CA ILE G 492 39.48 -66.41 11.34
C ILE G 492 39.33 -64.91 11.14
N ALA G 493 38.62 -64.23 12.04
CA ALA G 493 38.37 -62.80 11.89
C ALA G 493 39.68 -62.03 11.83
N GLY G 494 40.71 -62.50 12.51
CA GLY G 494 41.98 -61.79 12.54
C GLY G 494 42.97 -62.15 11.46
N VAL G 495 42.91 -63.38 10.96
CA VAL G 495 43.91 -63.84 9.99
C VAL G 495 43.48 -63.74 8.53
N SER G 496 42.20 -63.47 8.27
CA SER G 496 41.68 -63.66 6.92
C SER G 496 42.15 -62.58 5.95
N TRP G 497 42.19 -61.33 6.42
CA TRP G 497 42.60 -60.22 5.59
C TRP G 497 44.06 -59.82 5.86
N ASN G 498 44.89 -59.82 4.84
CA ASN G 498 46.25 -59.31 4.98
C ASN G 498 46.27 -57.79 4.89
N PHE G 499 46.33 -57.14 6.04
CA PHE G 499 46.24 -55.68 6.10
C PHE G 499 47.42 -54.95 5.44
N LYS G 500 48.61 -55.53 5.52
CA LYS G 500 49.79 -54.85 4.97
C LYS G 500 49.81 -54.93 3.43
N ALA G 501 49.35 -56.06 2.88
CA ALA G 501 49.32 -56.22 1.43
C ALA G 501 48.00 -55.75 0.80
N ARG G 502 47.00 -55.49 1.65
CA ARG G 502 45.69 -54.98 1.23
C ARG G 502 44.95 -56.01 0.38
N LYS G 503 44.99 -57.26 0.78
CA LYS G 503 44.37 -58.34 0.03
C LYS G 503 44.03 -59.52 0.96
N PRO G 504 43.17 -60.45 0.50
CA PRO G 504 42.87 -61.61 1.34
C PRO G 504 44.01 -62.60 1.33
N LYS G 505 44.03 -63.48 2.34
CA LYS G 505 44.99 -64.57 2.34
C LYS G 505 44.40 -65.86 1.77
N GLY G 506 43.08 -65.87 1.54
CA GLY G 506 42.36 -67.11 1.32
C GLY G 506 42.57 -68.14 2.43
N PHE G 507 42.70 -67.68 3.68
CA PHE G 507 43.08 -68.55 4.81
C PHE G 507 42.06 -69.67 5.05
N GLY G 508 42.56 -70.89 5.23
CA GLY G 508 41.71 -71.99 5.64
C GLY G 508 41.45 -73.04 4.58
N VAL G 509 41.59 -72.67 3.31
CA VAL G 509 41.39 -73.64 2.24
C VAL G 509 42.32 -74.83 2.41
N ARG G 510 43.59 -74.58 2.67
CA ARG G 510 44.53 -75.69 2.73
C ARG G 510 44.38 -76.50 4.02
N LEU G 511 44.12 -75.81 5.13
CA LEU G 511 43.79 -76.45 6.39
C LEU G 511 42.61 -77.44 6.30
N LEU G 512 41.51 -76.99 5.71
CA LEU G 512 40.34 -77.86 5.60
C LEU G 512 40.64 -79.04 4.68
N THR G 513 41.37 -78.79 3.59
CA THR G 513 41.63 -79.86 2.66
C THR G 513 42.55 -80.92 3.26
N GLU G 514 43.65 -80.51 3.90
CA GLU G 514 44.51 -81.48 4.61
C GLU G 514 43.67 -82.30 5.59
N PHE G 515 42.80 -81.61 6.34
CA PHE G 515 41.93 -82.27 7.30
C PHE G 515 41.11 -83.38 6.65
N VAL G 516 40.45 -83.06 5.52
CA VAL G 516 39.64 -84.05 4.81
C VAL G 516 40.52 -85.17 4.22
N LEU G 517 41.61 -84.78 3.59
CA LEU G 517 42.49 -85.74 2.91
C LEU G 517 43.13 -86.72 3.87
N ASN G 518 43.67 -86.21 4.97
CA ASN G 518 44.42 -87.06 5.89
C ASN G 518 43.53 -87.71 6.94
N ASP G 519 42.22 -87.65 6.73
CA ASP G 519 41.26 -88.40 7.54
C ASP G 519 40.71 -89.58 6.73
N SER H 2 -5.44 -54.09 10.37
CA SER H 2 -5.54 -55.26 11.25
C SER H 2 -4.63 -56.44 10.88
N GLU H 3 -4.40 -56.69 9.59
CA GLU H 3 -3.42 -57.71 9.21
C GLU H 3 -2.00 -57.18 9.43
N VAL H 4 -1.16 -57.98 10.09
CA VAL H 4 0.20 -57.60 10.42
C VAL H 4 1.16 -57.99 9.31
N PRO H 5 1.74 -57.00 8.61
CA PRO H 5 2.72 -57.28 7.56
C PRO H 5 3.89 -58.09 8.06
N GLN H 6 4.39 -59.01 7.22
CA GLN H 6 5.54 -59.86 7.55
C GLN H 6 6.56 -59.72 6.44
N VAL H 7 7.82 -60.06 6.74
CA VAL H 7 8.86 -60.03 5.70
C VAL H 7 9.20 -61.46 5.27
N VAL H 8 9.16 -62.37 6.24
CA VAL H 8 9.18 -63.81 5.96
C VAL H 8 8.04 -64.43 6.76
N SER H 9 7.63 -65.63 6.38
CA SER H 9 6.44 -66.24 6.99
C SER H 9 6.66 -66.61 8.46
N LEU H 10 7.89 -66.51 8.94
CA LEU H 10 8.20 -66.85 10.33
C LEU H 10 8.03 -65.66 11.27
N ASP H 11 7.91 -64.46 10.71
CA ASP H 11 7.60 -63.26 11.49
C ASP H 11 6.22 -63.41 12.16
N PRO H 12 6.15 -63.22 13.48
CA PRO H 12 4.88 -63.38 14.20
C PRO H 12 3.83 -62.31 13.84
N THR H 13 2.55 -62.64 13.98
CA THR H 13 1.52 -61.67 13.63
C THR H 13 0.61 -61.27 14.78
N SER H 14 1.00 -61.59 16.00
CA SER H 14 0.29 -61.09 17.17
C SER H 14 1.17 -61.14 18.40
N ILE H 15 0.84 -60.31 19.39
CA ILE H 15 1.49 -60.38 20.69
C ILE H 15 0.88 -61.50 21.50
N PRO H 16 1.69 -62.45 21.94
CA PRO H 16 1.12 -63.42 22.87
C PRO H 16 0.75 -62.73 24.18
N ILE H 17 -0.50 -62.86 24.60
CA ILE H 17 -0.93 -62.27 25.86
C ILE H 17 -1.59 -63.31 26.76
N GLU H 18 -1.13 -63.40 27.99
CA GLU H 18 -1.73 -64.28 28.97
C GLU H 18 -2.68 -63.49 29.85
N TYR H 19 -3.97 -63.80 29.75
CA TYR H 19 -4.99 -63.10 30.54
C TYR H 19 -5.30 -63.82 31.85
N ASN H 20 -5.54 -65.13 31.80
CA ASN H 20 -5.69 -65.86 33.08
C ASN H 20 -4.34 -66.37 33.57
N THR H 21 -3.76 -65.64 34.50
CA THR H 21 -2.46 -65.97 35.06
C THR H 21 -2.65 -66.92 36.25
N PRO H 22 -1.57 -67.60 36.67
CA PRO H 22 -1.69 -68.48 37.85
C PRO H 22 -1.96 -67.69 39.13
N ILE H 23 -1.61 -66.41 39.12
CA ILE H 23 -1.97 -65.53 40.21
C ILE H 23 -3.49 -65.55 40.37
N HIS H 24 -4.22 -65.58 39.26
CA HIS H 24 -5.67 -65.54 39.30
C HIS H 24 -6.30 -66.77 39.93
N ASP H 25 -5.58 -67.89 39.94
CA ASP H 25 -6.10 -69.12 40.50
C ASP H 25 -5.71 -69.25 41.97
N ILE H 26 -5.25 -68.15 42.57
CA ILE H 26 -4.95 -68.18 43.98
C ILE H 26 -6.18 -67.73 44.76
N LYS H 27 -6.71 -68.63 45.57
CA LYS H 27 -7.79 -68.25 46.46
C LYS H 27 -7.20 -67.51 47.66
N VAL H 28 -7.73 -66.33 47.92
CA VAL H 28 -7.19 -65.49 48.99
C VAL H 28 -8.22 -65.29 50.11
N GLN H 29 -7.80 -65.60 51.34
CA GLN H 29 -8.65 -65.42 52.51
C GLN H 29 -8.00 -64.47 53.50
N VAL H 30 -8.78 -63.53 54.01
CA VAL H 30 -8.30 -62.63 55.05
C VAL H 30 -9.03 -62.90 56.36
N TYR H 31 -8.26 -63.23 57.40
CA TYR H 31 -8.82 -63.52 58.72
C TYR H 31 -8.35 -62.51 59.74
N ASP H 32 -9.14 -62.36 60.81
CA ASP H 32 -8.74 -61.43 61.88
C ASP H 32 -7.72 -62.10 62.77
N ILE H 33 -6.67 -61.35 63.07
CA ILE H 33 -5.54 -61.84 63.83
C ILE H 33 -5.93 -62.16 65.29
N LYS H 34 -6.95 -61.48 65.79
CA LYS H 34 -7.60 -61.87 67.04
C LYS H 34 -8.47 -63.10 66.77
N GLY H 35 -8.35 -64.12 67.60
CA GLY H 35 -8.95 -65.40 67.27
C GLY H 35 -7.81 -66.32 66.88
N GLY H 36 -6.62 -65.73 66.79
CA GLY H 36 -5.39 -66.49 66.63
C GLY H 36 -5.16 -67.05 65.24
N CYS H 37 -3.98 -67.64 65.05
CA CYS H 37 -3.58 -68.21 63.78
C CYS H 37 -3.61 -69.72 63.82
N ASN H 38 -4.15 -70.33 62.77
CA ASN H 38 -4.02 -71.77 62.59
C ASN H 38 -2.82 -72.07 61.71
N VAL H 39 -2.10 -73.14 62.01
CA VAL H 39 -0.90 -73.53 61.27
C VAL H 39 -0.97 -75.03 60.96
N GLU H 40 -1.51 -75.40 59.80
CA GLU H 40 -1.76 -76.81 59.50
C GLU H 40 -1.18 -77.26 58.17
N GLU H 41 -0.71 -76.31 57.36
CA GLU H 41 -0.41 -76.66 55.98
C GLU H 41 0.47 -75.61 55.30
N GLY H 42 1.24 -76.04 54.31
CA GLY H 42 2.07 -75.15 53.53
C GLY H 42 3.11 -74.38 54.31
N LEU H 43 3.28 -73.11 53.96
CA LEU H 43 4.27 -72.24 54.60
C LEU H 43 3.57 -71.09 55.32
N THR H 44 4.02 -70.82 56.54
CA THR H 44 3.43 -69.74 57.34
C THR H 44 4.50 -68.72 57.76
N ILE H 45 4.31 -67.48 57.31
CA ILE H 45 5.31 -66.45 57.52
C ILE H 45 4.78 -65.33 58.41
N PHE H 46 5.56 -65.01 59.44
CA PHE H 46 5.26 -63.90 60.32
C PHE H 46 6.06 -62.69 59.88
N LEU H 47 5.36 -61.60 59.59
CA LEU H 47 6.03 -60.34 59.30
C LEU H 47 6.27 -59.60 60.61
N VAL H 48 7.52 -59.56 61.06
CA VAL H 48 7.84 -59.02 62.36
C VAL H 48 8.77 -57.82 62.28
N ASN H 49 8.56 -56.87 63.20
CA ASN H 49 9.49 -55.78 63.40
C ASN H 49 9.86 -55.67 64.88
N ASN H 50 10.73 -54.70 65.18
CA ASN H 50 11.01 -54.35 66.56
C ASN H 50 11.33 -52.87 66.66
N PRO H 51 10.29 -52.04 66.85
CA PRO H 51 10.44 -50.58 66.88
C PRO H 51 11.55 -50.13 67.84
N GLY H 52 12.32 -49.13 67.42
CA GLY H 52 13.42 -48.63 68.21
C GLY H 52 14.66 -49.50 68.17
N LYS H 53 14.55 -50.69 68.75
CA LYS H 53 15.65 -51.66 68.81
C LYS H 53 16.40 -51.85 67.48
N GLU H 54 17.71 -51.58 67.51
CA GLU H 54 18.60 -51.61 66.33
C GLU H 54 18.22 -52.72 65.33
N ASN H 55 18.73 -53.95 65.46
CA ASN H 55 17.99 -55.02 64.81
C ASN H 55 17.76 -55.95 65.97
N GLY H 56 16.75 -55.59 66.74
CA GLY H 56 16.41 -56.32 67.94
C GLY H 56 15.86 -57.69 67.63
N PRO H 57 15.59 -58.48 68.69
CA PRO H 57 15.12 -59.86 68.58
C PRO H 57 13.76 -59.96 67.91
N VAL H 58 13.41 -61.13 67.39
CA VAL H 58 12.05 -61.30 66.89
C VAL H 58 11.22 -61.72 68.08
N LYS H 59 9.98 -61.23 68.10
CA LYS H 59 9.04 -61.54 69.15
C LYS H 59 7.64 -61.69 68.55
N ILE H 60 7.16 -62.92 68.45
CA ILE H 60 5.84 -63.16 67.88
C ILE H 60 4.75 -62.84 68.90
N SER H 61 3.87 -61.93 68.52
CA SER H 61 2.88 -61.41 69.45
C SER H 61 1.48 -61.97 69.22
N SER H 62 1.31 -62.76 68.16
CA SER H 62 0.00 -63.29 67.80
C SER H 62 -0.34 -64.57 68.55
N LYS H 63 -1.63 -64.78 68.76
CA LYS H 63 -2.07 -66.04 69.33
C LYS H 63 -1.98 -67.11 68.28
N VAL H 64 -1.36 -68.23 68.62
CA VAL H 64 -1.24 -69.35 67.72
C VAL H 64 -2.07 -70.52 68.27
N ASN H 65 -3.19 -70.78 67.63
CA ASN H 65 -4.10 -71.84 68.07
C ASN H 65 -3.52 -73.24 67.87
N ASP H 66 -2.31 -73.44 68.36
CA ASP H 66 -1.61 -74.72 68.30
C ASP H 66 -0.54 -74.76 69.39
N LYS H 67 -0.59 -75.79 70.23
CA LYS H 67 0.29 -75.90 71.39
C LYS H 67 1.76 -76.00 70.98
N GLN H 68 2.04 -76.91 70.05
CA GLN H 68 3.40 -77.14 69.59
C GLN H 68 4.04 -75.91 68.94
N VAL H 69 3.35 -75.31 67.98
CA VAL H 69 3.88 -74.14 67.29
C VAL H 69 4.08 -72.99 68.27
N SER H 70 3.14 -72.85 69.22
CA SER H 70 3.25 -71.87 70.29
C SER H 70 4.53 -72.12 71.10
N GLU H 71 4.79 -73.38 71.40
CA GLU H 71 6.01 -73.76 72.13
C GLU H 71 7.25 -73.40 71.31
N PHE H 72 7.24 -73.75 70.03
CA PHE H 72 8.38 -73.47 69.16
C PHE H 72 8.65 -71.96 69.08
N LEU H 73 7.59 -71.16 69.03
CA LEU H 73 7.72 -69.73 68.79
C LEU H 73 7.88 -68.92 70.07
N LYS H 74 8.17 -69.61 71.18
CA LYS H 74 8.49 -68.96 72.45
C LYS H 74 9.63 -67.96 72.26
N ASP H 75 9.64 -66.91 73.08
CA ASP H 75 10.60 -65.82 72.94
C ASP H 75 12.04 -66.27 73.17
N GLU H 76 12.20 -67.27 74.02
CA GLU H 76 13.50 -67.85 74.29
C GLU H 76 14.11 -68.39 73.00
N ASN H 77 13.27 -69.03 72.19
CA ASN H 77 13.71 -69.65 70.95
C ASN H 77 13.91 -68.62 69.85
N MET H 78 13.20 -67.52 69.96
CA MET H 78 13.17 -66.51 68.91
C MET H 78 14.17 -65.37 69.14
N GLU H 79 14.81 -65.40 70.31
CA GLU H 79 15.77 -64.37 70.69
C GLU H 79 17.02 -64.41 69.80
N LYS H 80 17.33 -65.58 69.27
CA LYS H 80 18.54 -65.79 68.47
C LYS H 80 18.46 -65.09 67.12
N PHE H 81 17.23 -64.79 66.69
CA PHE H 81 17.00 -64.15 65.39
C PHE H 81 16.70 -62.66 65.55
N ASN H 82 17.06 -61.87 64.56
CA ASN H 82 16.78 -60.44 64.59
C ASN H 82 15.78 -60.02 63.51
N VAL H 83 15.55 -58.72 63.42
CA VAL H 83 14.51 -58.21 62.53
C VAL H 83 15.06 -57.32 61.41
N LYS H 84 16.31 -57.52 61.01
CA LYS H 84 16.89 -56.74 59.93
C LYS H 84 15.97 -56.77 58.71
N LEU H 85 15.70 -55.60 58.14
CA LEU H 85 14.77 -55.49 57.00
C LEU H 85 15.24 -56.31 55.81
N GLY H 86 14.53 -57.41 55.57
CA GLY H 86 14.82 -58.25 54.41
C GLY H 86 15.28 -59.65 54.76
N THR H 87 15.64 -59.86 56.02
CA THR H 87 16.11 -61.19 56.45
C THR H 87 14.95 -62.14 56.70
N SER H 88 15.21 -63.42 56.47
CA SER H 88 14.18 -64.45 56.63
C SER H 88 14.77 -65.75 57.18
N LYS H 89 13.94 -66.48 57.92
CA LYS H 89 14.31 -67.78 58.46
C LYS H 89 13.19 -68.80 58.29
N HIS H 90 13.57 -70.04 58.01
CA HIS H 90 12.63 -71.16 57.88
C HIS H 90 12.63 -72.04 59.11
N PHE H 91 11.44 -72.42 59.57
CA PHE H 91 11.28 -73.31 60.71
C PHE H 91 10.49 -74.55 60.29
N TYR H 92 10.84 -75.69 60.88
CA TYR H 92 10.15 -76.94 60.62
C TYR H 92 9.76 -77.63 61.92
N MET H 93 8.52 -78.07 62.03
CA MET H 93 8.03 -78.69 63.27
C MET H 93 6.74 -79.52 63.06
N PHE H 94 6.24 -80.11 64.13
CA PHE H 94 5.00 -80.89 64.08
C PHE H 94 3.94 -80.23 64.93
N ASN H 95 2.72 -80.16 64.41
CA ASN H 95 1.66 -79.50 65.18
C ASN H 95 1.03 -80.47 66.18
N ASP H 96 -0.04 -80.02 66.83
CA ASP H 96 -0.76 -80.85 67.78
C ASP H 96 -1.46 -81.99 67.07
N ASN H 97 -1.72 -81.79 65.78
CA ASN H 97 -2.27 -82.83 64.92
C ASN H 97 -1.16 -83.77 64.41
N LYS H 98 0.02 -83.65 65.01
CA LYS H 98 1.18 -84.48 64.71
C LYS H 98 1.57 -84.48 63.23
N ASN H 99 1.12 -83.47 62.50
CA ASN H 99 1.50 -83.29 61.10
C ASN H 99 2.60 -82.22 60.97
N SER H 100 3.45 -82.39 59.96
CA SER H 100 4.57 -81.47 59.75
C SER H 100 4.12 -80.18 59.08
N VAL H 101 4.55 -79.05 59.63
CA VAL H 101 4.23 -77.75 59.04
C VAL H 101 5.48 -76.87 58.92
N ALA H 102 5.48 -75.95 57.96
CA ALA H 102 6.61 -75.06 57.79
C ALA H 102 6.25 -73.64 58.25
N VAL H 103 7.14 -73.07 59.06
CA VAL H 103 6.90 -71.74 59.63
C VAL H 103 8.13 -70.90 59.38
N GLY H 104 8.00 -69.58 59.45
CA GLY H 104 9.14 -68.70 59.28
C GLY H 104 8.80 -67.24 59.51
N TYR H 105 9.78 -66.37 59.29
CA TYR H 105 9.51 -64.94 59.41
C TYR H 105 10.26 -64.13 58.35
N VAL H 106 9.77 -62.92 58.09
CA VAL H 106 10.52 -61.95 57.31
C VAL H 106 10.66 -60.66 58.11
N GLY H 107 11.91 -60.20 58.26
CA GLY H 107 12.22 -59.02 59.05
C GLY H 107 11.76 -57.72 58.43
N CYS H 108 11.03 -56.93 59.21
CA CYS H 108 10.47 -55.67 58.72
C CYS H 108 11.09 -54.44 59.39
N GLY H 109 12.30 -54.61 59.93
CA GLY H 109 13.12 -53.49 60.39
C GLY H 109 12.83 -52.88 61.76
N SER H 110 13.34 -51.67 61.95
CA SER H 110 13.20 -50.92 63.20
C SER H 110 12.12 -49.86 63.11
N VAL H 111 12.09 -49.15 61.98
CA VAL H 111 11.08 -48.13 61.72
C VAL H 111 9.66 -48.71 61.86
N ALA H 112 8.75 -47.94 62.46
CA ALA H 112 7.37 -48.40 62.64
C ALA H 112 6.50 -48.24 61.40
N ASP H 113 6.85 -47.26 60.56
CA ASP H 113 6.11 -47.05 59.31
C ASP H 113 7.00 -47.39 58.10
N LEU H 114 6.74 -48.56 57.51
CA LEU H 114 7.52 -49.04 56.38
C LEU H 114 7.21 -48.25 55.12
N SER H 115 8.24 -47.88 54.37
CA SER H 115 8.01 -47.14 53.13
C SER H 115 7.74 -48.08 51.96
N GLU H 116 7.34 -47.48 50.85
CA GLU H 116 7.12 -48.17 49.58
C GLU H 116 8.31 -49.04 49.17
N ALA H 117 9.54 -48.50 49.26
CA ALA H 117 10.72 -49.28 48.89
C ALA H 117 11.08 -50.28 49.99
N ASP H 118 10.70 -49.96 51.23
CA ASP H 118 10.87 -50.87 52.36
C ASP H 118 10.02 -52.11 52.15
N MET H 119 8.76 -51.88 51.80
CA MET H 119 7.78 -52.96 51.63
C MET H 119 8.15 -53.82 50.44
N LYS H 120 8.75 -53.18 49.45
CA LYS H 120 9.20 -53.87 48.26
C LYS H 120 10.33 -54.85 48.61
N ARG H 121 11.25 -54.44 49.48
CA ARG H 121 12.32 -55.34 49.93
C ARG H 121 11.74 -56.53 50.67
N VAL H 122 10.72 -56.29 51.48
CA VAL H 122 10.07 -57.35 52.23
C VAL H 122 9.37 -58.37 51.32
N VAL H 123 8.64 -57.86 50.33
CA VAL H 123 7.92 -58.71 49.40
C VAL H 123 8.90 -59.61 48.64
N LEU H 124 10.01 -59.02 48.20
CA LEU H 124 11.06 -59.76 47.50
C LEU H 124 11.60 -60.92 48.33
N SER H 125 11.78 -60.70 49.64
CA SER H 125 12.24 -61.75 50.53
C SER H 125 11.20 -62.85 50.63
N LEU H 126 9.95 -62.42 50.73
CA LEU H 126 8.83 -63.35 50.74
C LEU H 126 8.87 -64.23 49.49
N VAL H 127 9.00 -63.59 48.32
CA VAL H 127 8.98 -64.32 47.06
C VAL H 127 10.12 -65.34 46.98
N THR H 128 11.26 -65.02 47.58
CA THR H 128 12.38 -65.96 47.54
C THR H 128 12.04 -67.27 48.28
N MET H 129 11.27 -67.15 49.35
CA MET H 129 10.85 -68.33 50.09
C MET H 129 9.83 -69.17 49.30
N LEU H 130 9.16 -68.55 48.32
CA LEU H 130 8.17 -69.21 47.47
C LEU H 130 8.83 -69.92 46.28
N HIS H 131 9.88 -69.32 45.74
CA HIS H 131 10.63 -69.93 44.66
C HIS H 131 11.39 -71.14 45.19
N ASP H 132 11.55 -72.16 44.34
CA ASP H 132 12.31 -73.36 44.70
C ASP H 132 11.74 -74.07 45.91
N ASN H 133 10.42 -73.97 46.07
CA ASN H 133 9.71 -74.69 47.11
C ASN H 133 8.31 -75.00 46.58
N LYS H 134 7.98 -76.28 46.46
CA LYS H 134 6.64 -76.65 46.02
C LYS H 134 5.66 -76.61 47.21
N LEU H 135 4.86 -75.56 47.22
CA LEU H 135 3.93 -75.28 48.29
C LEU H 135 2.52 -75.11 47.76
N SER H 136 1.56 -75.62 48.51
CA SER H 136 0.16 -75.46 48.15
C SER H 136 -0.37 -74.15 48.70
N LYS H 137 0.21 -73.71 49.81
CA LYS H 137 -0.40 -72.63 50.58
C LYS H 137 0.63 -71.71 51.23
N LEU H 138 0.38 -70.42 51.14
CA LEU H 138 1.16 -69.43 51.89
C LEU H 138 0.28 -68.74 52.94
N THR H 139 0.76 -68.63 54.16
CA THR H 139 0.04 -67.85 55.15
C THR H 139 0.90 -66.70 55.64
N VAL H 140 0.37 -65.50 55.52
CA VAL H 140 1.13 -64.33 55.93
C VAL H 140 0.43 -63.69 57.11
N VAL H 141 1.14 -63.61 58.23
CA VAL H 141 0.61 -63.05 59.46
C VAL H 141 1.23 -61.67 59.68
N PHE H 142 0.40 -60.63 59.63
CA PHE H 142 0.86 -59.26 59.79
C PHE H 142 1.05 -58.82 61.25
N GLU H 143 2.29 -58.82 61.72
CA GLU H 143 2.57 -58.29 63.04
C GLU H 143 3.25 -56.95 62.91
N ILE H 144 2.76 -56.15 61.97
CA ILE H 144 3.23 -54.79 61.77
C ILE H 144 2.02 -53.93 61.42
N ASN H 145 2.24 -52.64 61.27
CA ASN H 145 1.15 -51.73 60.97
C ASN H 145 1.18 -51.28 59.52
N VAL H 146 0.09 -51.53 58.81
CA VAL H 146 -0.04 -51.03 57.45
C VAL H 146 -1.43 -50.46 57.24
N ASP H 147 -1.49 -49.23 56.72
CA ASP H 147 -2.76 -48.67 56.27
C ASP H 147 -3.22 -49.46 55.05
N LYS H 148 -4.52 -49.36 54.74
CA LYS H 148 -5.10 -50.12 53.65
C LYS H 148 -4.37 -49.92 52.32
N ASN H 149 -3.86 -48.72 52.08
CA ASN H 149 -3.09 -48.48 50.86
C ASN H 149 -1.82 -49.34 50.84
N LEU H 150 -1.18 -49.47 52.00
CA LEU H 150 0.04 -50.23 52.04
C LEU H 150 -0.23 -51.73 52.01
N PHE H 151 -1.37 -52.15 52.55
CA PHE H 151 -1.74 -53.55 52.49
C PHE H 151 -2.00 -53.97 51.02
N ARG H 152 -2.71 -53.12 50.30
CA ARG H 152 -2.99 -53.36 48.89
C ARG H 152 -1.67 -53.45 48.10
N PHE H 153 -0.83 -52.43 48.22
CA PHE H 153 0.49 -52.41 47.60
C PHE H 153 1.30 -53.66 47.94
N PHE H 154 1.17 -54.15 49.16
CA PHE H 154 1.82 -55.40 49.53
C PHE H 154 1.35 -56.55 48.60
N LEU H 155 0.05 -56.67 48.39
CA LEU H 155 -0.48 -57.79 47.61
C LEU H 155 -0.16 -57.64 46.13
N GLU H 156 -0.33 -56.42 45.61
CA GLU H 156 0.02 -56.11 44.24
C GLU H 156 1.46 -56.47 43.91
N THR H 157 2.37 -56.10 44.82
CA THR H 157 3.79 -56.30 44.61
C THR H 157 4.10 -57.78 44.76
N LEU H 158 3.45 -58.41 45.73
CA LEU H 158 3.58 -59.85 45.89
C LEU H 158 3.16 -60.58 44.61
N PHE H 159 2.04 -60.18 44.01
CA PHE H 159 1.51 -60.87 42.83
C PHE H 159 2.43 -60.64 41.63
N TYR H 160 2.72 -59.37 41.37
CA TYR H 160 3.60 -58.96 40.30
C TYR H 160 4.96 -59.64 40.35
N GLU H 161 5.60 -59.64 41.51
CA GLU H 161 6.93 -60.21 41.64
C GLU H 161 6.89 -61.73 41.56
N TYR H 162 5.76 -62.31 41.95
CA TYR H 162 5.60 -63.76 41.98
C TYR H 162 5.42 -64.30 40.57
N MET H 163 4.71 -63.55 39.74
CA MET H 163 4.42 -63.99 38.37
C MET H 163 5.66 -64.05 37.49
N THR H 164 5.81 -65.13 36.74
CA THR H 164 6.95 -65.25 35.84
C THR H 164 6.51 -65.30 34.37
N ASP H 165 7.10 -64.43 33.56
CA ASP H 165 6.68 -64.28 32.16
C ASP H 165 7.43 -65.30 31.31
N GLU H 166 6.72 -66.29 30.80
CA GLU H 166 7.34 -67.40 30.06
C GLU H 166 6.85 -67.53 28.61
N ARG H 167 6.18 -66.50 28.11
CA ARG H 167 5.64 -66.53 26.76
C ARG H 167 6.67 -66.81 25.67
N PHE H 168 7.91 -66.42 25.89
CA PHE H 168 8.91 -66.53 24.84
C PHE H 168 9.94 -67.59 25.13
N LYS H 169 9.74 -68.28 26.25
CA LYS H 169 10.49 -69.49 26.55
C LYS H 169 9.95 -70.65 25.71
N SER H 170 10.76 -71.69 25.57
CA SER H 170 10.40 -72.87 24.79
C SER H 170 11.35 -74.02 25.16
N THR H 171 12.65 -73.73 25.08
CA THR H 171 13.77 -74.56 25.55
C THR H 171 14.08 -75.70 24.60
N LYS H 173 12.28 -73.28 29.82
CA LYS H 173 11.25 -73.09 30.85
C LYS H 173 11.61 -73.77 32.18
N ASN H 174 11.28 -73.11 33.29
CA ASN H 174 11.51 -73.68 34.61
C ASN H 174 10.52 -74.83 34.85
N VAL H 175 11.05 -76.04 34.98
CA VAL H 175 10.23 -77.24 35.16
C VAL H 175 9.72 -77.38 36.60
N ASN H 176 10.36 -76.68 37.53
CA ASN H 176 9.96 -76.70 38.95
C ASN H 176 9.07 -75.52 39.35
N MET H 177 8.28 -75.01 38.41
CA MET H 177 7.41 -73.85 38.64
C MET H 177 6.00 -74.25 39.06
N GLU H 178 5.77 -74.39 40.37
CA GLU H 178 4.46 -74.69 40.90
C GLU H 178 3.99 -73.56 41.82
N TYR H 179 3.01 -72.79 41.35
CA TYR H 179 2.41 -71.73 42.16
C TYR H 179 1.50 -72.27 43.25
N ILE H 180 1.50 -71.57 44.39
CA ILE H 180 0.53 -71.89 45.46
C ILE H 180 -0.90 -71.74 44.94
N LYS H 181 -1.84 -72.42 45.60
CA LYS H 181 -3.25 -72.29 45.23
C LYS H 181 -4.02 -71.53 46.31
N HIS H 182 -3.41 -71.36 47.49
CA HIS H 182 -4.09 -70.64 48.57
C HIS H 182 -3.22 -69.59 49.22
N LEU H 183 -3.80 -68.42 49.46
CA LEU H 183 -3.14 -67.38 50.26
C LEU H 183 -3.97 -67.03 51.49
N GLY H 184 -3.39 -67.24 52.66
CA GLY H 184 -4.00 -66.80 53.89
C GLY H 184 -3.31 -65.57 54.46
N VAL H 185 -4.10 -64.57 54.84
CA VAL H 185 -3.58 -63.40 55.53
C VAL H 185 -4.29 -63.17 56.86
N TYR H 186 -3.50 -63.10 57.93
CA TYR H 186 -4.00 -62.71 59.25
C TYR H 186 -3.59 -61.27 59.54
N ILE H 187 -4.56 -60.44 59.90
CA ILE H 187 -4.33 -59.02 60.11
C ILE H 187 -5.37 -58.43 61.08
N ASN H 188 -4.97 -57.39 61.80
CA ASN H 188 -5.87 -56.69 62.71
C ASN H 188 -6.95 -55.95 61.95
N ASN H 189 -8.20 -56.12 62.37
CA ASN H 189 -9.38 -55.52 61.71
C ASN H 189 -9.50 -55.95 60.25
N ALA H 190 -9.57 -57.27 60.06
CA ALA H 190 -9.61 -57.90 58.75
C ALA H 190 -10.71 -57.36 57.84
N ASP H 191 -11.87 -57.07 58.43
CA ASP H 191 -13.04 -56.65 57.65
C ASP H 191 -12.77 -55.41 56.81
N THR H 192 -11.93 -54.51 57.31
CA THR H 192 -11.58 -53.30 56.58
C THR H 192 -10.59 -53.58 55.45
N TYR H 193 -9.76 -54.60 55.62
CA TYR H 193 -8.75 -54.93 54.63
C TYR H 193 -9.23 -55.91 53.57
N LYS H 194 -10.41 -56.48 53.76
CA LYS H 194 -10.91 -57.46 52.82
C LYS H 194 -11.17 -56.83 51.46
N GLU H 195 -11.69 -55.60 51.45
CA GLU H 195 -12.03 -54.92 50.20
C GLU H 195 -10.78 -54.58 49.35
N GLU H 196 -9.61 -54.61 49.99
CA GLU H 196 -8.39 -54.28 49.29
C GLU H 196 -7.90 -55.43 48.44
N VAL H 197 -8.28 -56.64 48.80
CA VAL H 197 -7.76 -57.83 48.09
C VAL H 197 -8.13 -57.84 46.61
N GLU H 198 -9.41 -57.76 46.27
CA GLU H 198 -9.78 -57.87 44.87
C GLU H 198 -9.31 -56.64 44.09
N LYS H 199 -9.16 -55.51 44.78
CA LYS H 199 -8.64 -54.33 44.12
C LYS H 199 -7.15 -54.56 43.80
N ALA H 200 -6.44 -55.16 44.75
CA ALA H 200 -5.06 -55.57 44.53
C ALA H 200 -4.92 -56.45 43.30
N ARG H 201 -5.85 -57.38 43.16
CA ARG H 201 -5.75 -58.37 42.09
C ARG H 201 -5.96 -57.70 40.73
N VAL H 202 -6.89 -56.75 40.68
CA VAL H 202 -7.15 -56.03 39.45
C VAL H 202 -5.97 -55.14 39.09
N TYR H 203 -5.49 -54.40 40.07
CA TYR H 203 -4.33 -53.53 39.92
C TYR H 203 -3.12 -54.34 39.48
N TYR H 204 -2.97 -55.53 40.04
CA TYR H 204 -1.85 -56.36 39.66
C TYR H 204 -1.92 -56.71 38.17
N PHE H 205 -3.10 -57.09 37.68
CA PHE H 205 -3.12 -57.53 36.30
C PHE H 205 -2.98 -56.36 35.34
N GLY H 206 -3.51 -55.20 35.70
CA GLY H 206 -3.36 -54.01 34.88
C GLY H 206 -1.87 -53.73 34.69
N THR H 207 -1.13 -53.94 35.77
CA THR H 207 0.31 -53.76 35.78
C THR H 207 1.06 -54.90 35.06
N TYR H 208 0.60 -56.13 35.26
CA TYR H 208 1.24 -57.25 34.60
C TYR H 208 0.95 -57.21 33.11
N TYR H 209 -0.21 -56.67 32.74
CA TYR H 209 -0.58 -56.56 31.35
C TYR H 209 0.31 -55.52 30.64
N ALA H 210 0.50 -54.35 31.25
CA ALA H 210 1.44 -53.38 30.69
C ALA H 210 2.85 -54.00 30.53
N SER H 211 3.27 -54.75 31.54
CA SER H 211 4.56 -55.42 31.53
C SER H 211 4.68 -56.40 30.36
N GLN H 212 3.60 -57.14 30.08
CA GLN H 212 3.59 -58.07 28.94
C GLN H 212 3.76 -57.36 27.59
N LEU H 213 3.03 -56.26 27.38
CA LEU H 213 3.19 -55.50 26.14
C LEU H 213 4.62 -54.96 26.00
N ILE H 214 5.15 -54.41 27.09
CA ILE H 214 6.45 -53.79 27.08
C ILE H 214 7.55 -54.83 26.82
N ALA H 215 7.55 -55.89 27.61
CA ALA H 215 8.54 -56.96 27.49
C ALA H 215 8.55 -57.61 26.10
N ALA H 216 7.37 -57.68 25.49
CA ALA H 216 7.24 -58.24 24.14
C ALA H 216 8.12 -57.47 23.13
N PRO H 217 9.05 -58.17 22.49
CA PRO H 217 10.03 -57.57 21.58
C PRO H 217 9.38 -56.91 20.37
N SER H 218 10.14 -56.08 19.68
CA SER H 218 9.54 -55.22 18.66
C SER H 218 9.08 -55.99 17.42
N ASN H 219 9.59 -57.21 17.22
CA ASN H 219 9.09 -58.02 16.10
C ASN H 219 7.72 -58.63 16.44
N TYR H 220 7.41 -58.78 17.73
CA TYR H 220 6.06 -59.21 18.13
C TYR H 220 5.13 -58.01 18.35
N CYS H 221 5.63 -57.00 19.05
CA CYS H 221 4.85 -55.82 19.39
C CYS H 221 5.24 -54.66 18.48
N ASN H 222 4.43 -54.47 17.45
CA ASN H 222 4.64 -53.45 16.45
C ASN H 222 3.34 -52.63 16.43
N PRO H 223 3.28 -51.54 15.64
CA PRO H 223 2.06 -50.73 15.69
C PRO H 223 0.77 -51.47 15.32
N VAL H 224 0.83 -52.45 14.43
CA VAL H 224 -0.38 -53.15 14.00
C VAL H 224 -0.82 -54.17 15.06
N SER H 225 0.13 -54.92 15.59
CA SER H 225 -0.22 -55.93 16.57
C SER H 225 -0.63 -55.28 17.90
N LEU H 226 -0.03 -54.13 18.23
CA LEU H 226 -0.33 -53.47 19.49
C LEU H 226 -1.73 -52.88 19.45
N SER H 227 -2.10 -52.31 18.30
CA SER H 227 -3.42 -51.72 18.15
C SER H 227 -4.46 -52.84 18.06
N ASN H 228 -4.08 -53.99 17.51
CA ASN H 228 -4.94 -55.18 17.55
C ASN H 228 -5.18 -55.66 18.97
N ALA H 229 -4.10 -55.70 19.74
CA ALA H 229 -4.18 -56.10 21.14
C ALA H 229 -5.10 -55.16 21.91
N ALA H 230 -5.06 -53.87 21.57
CA ALA H 230 -5.91 -52.89 22.24
C ALA H 230 -7.39 -53.10 21.90
N VAL H 231 -7.68 -53.41 20.65
CA VAL H 231 -9.05 -53.68 20.21
C VAL H 231 -9.64 -54.85 20.99
N GLU H 232 -8.81 -55.88 21.15
CA GLU H 232 -9.24 -57.11 21.80
C GLU H 232 -9.43 -56.90 23.30
N LEU H 233 -8.66 -55.98 23.87
CA LEU H 233 -8.86 -55.61 25.26
C LEU H 233 -10.14 -54.81 25.38
N ALA H 234 -10.39 -53.95 24.39
CA ALA H 234 -11.61 -53.15 24.40
C ALA H 234 -12.84 -54.05 24.34
N GLN H 235 -12.73 -55.10 23.53
CA GLN H 235 -13.85 -55.99 23.28
C GLN H 235 -14.20 -56.78 24.52
N LYS H 236 -13.19 -57.26 25.23
CA LYS H 236 -13.42 -57.98 26.47
C LYS H 236 -14.02 -57.09 27.54
N LEU H 237 -13.67 -55.81 27.53
CA LEU H 237 -14.06 -54.88 28.58
C LEU H 237 -15.32 -54.11 28.24
N ASN H 238 -15.81 -54.37 27.04
CA ASN H 238 -16.86 -53.55 26.43
C ASN H 238 -16.59 -52.05 26.49
N LEU H 239 -15.39 -51.64 26.09
CA LEU H 239 -15.13 -50.22 25.90
C LEU H 239 -15.44 -49.86 24.46
N GLU H 240 -15.88 -48.63 24.23
CA GLU H 240 -15.98 -48.13 22.87
C GLU H 240 -14.56 -48.06 22.34
N TYR H 241 -14.36 -48.38 21.06
CA TYR H 241 -13.01 -48.36 20.51
C TYR H 241 -13.00 -47.94 19.06
N LYS H 242 -11.86 -47.39 18.65
CA LYS H 242 -11.70 -46.81 17.35
C LYS H 242 -10.23 -46.78 17.02
N ILE H 243 -9.85 -47.39 15.90
CA ILE H 243 -8.46 -47.36 15.46
C ILE H 243 -8.32 -46.51 14.22
N LEU H 244 -7.57 -45.42 14.33
CA LEU H 244 -7.34 -44.53 13.19
C LEU H 244 -6.18 -45.05 12.39
N GLY H 245 -6.41 -45.26 11.09
CA GLY H 245 -5.40 -45.72 10.16
C GLY H 245 -4.83 -44.55 9.39
N VAL H 246 -3.95 -44.83 8.43
CA VAL H 246 -3.20 -43.76 7.77
C VAL H 246 -4.08 -42.81 6.94
N LYS H 247 -5.17 -43.30 6.35
CA LYS H 247 -6.01 -42.42 5.53
C LYS H 247 -6.71 -41.40 6.42
N GLU H 248 -7.31 -41.86 7.51
CA GLU H 248 -7.95 -40.95 8.46
C GLU H 248 -6.93 -39.99 9.09
N LEU H 249 -5.74 -40.50 9.44
CA LEU H 249 -4.72 -39.67 10.05
C LEU H 249 -4.28 -38.58 9.07
N GLU H 250 -4.28 -38.90 7.79
CA GLU H 250 -3.94 -37.93 6.77
C GLU H 250 -5.01 -36.85 6.71
N GLU H 251 -6.26 -37.28 6.71
CA GLU H 251 -7.41 -36.40 6.72
C GLU H 251 -7.41 -35.46 7.93
N LEU H 252 -6.96 -35.99 9.06
CA LEU H 252 -6.86 -35.20 10.30
C LEU H 252 -5.60 -34.35 10.32
N LYS H 253 -4.72 -34.57 9.33
CA LYS H 253 -3.54 -33.73 9.10
C LYS H 253 -2.49 -33.87 10.20
N MET H 254 -2.32 -35.10 10.68
CA MET H 254 -1.36 -35.38 11.72
C MET H 254 0.06 -35.55 11.14
N GLY H 255 0.61 -34.46 10.63
CA GLY H 255 1.90 -34.49 9.96
C GLY H 255 3.10 -34.75 10.88
N ALA H 256 3.00 -34.37 12.15
CA ALA H 256 4.14 -34.61 13.02
C ALA H 256 4.22 -36.10 13.29
N TYR H 257 3.08 -36.67 13.70
CA TYR H 257 2.96 -38.11 13.98
C TYR H 257 3.27 -38.98 12.76
N LEU H 258 2.72 -38.65 11.60
CA LEU H 258 2.93 -39.48 10.42
C LEU H 258 4.37 -39.43 9.98
N SER H 259 5.06 -38.33 10.25
CA SER H 259 6.44 -38.21 9.81
C SER H 259 7.34 -39.21 10.50
N VAL H 260 7.14 -39.38 11.80
CA VAL H 260 7.87 -40.37 12.58
C VAL H 260 7.70 -41.78 12.02
N GLY H 261 6.50 -42.11 11.52
CA GLY H 261 6.20 -43.47 11.11
C GLY H 261 6.61 -43.80 9.67
N LYS H 262 7.01 -42.79 8.90
CA LYS H 262 7.30 -42.91 7.49
C LYS H 262 8.28 -44.02 7.13
N GLY H 263 9.35 -44.15 7.92
CA GLY H 263 10.39 -45.11 7.62
C GLY H 263 10.05 -46.55 7.95
N SER H 264 8.83 -46.78 8.44
CA SER H 264 8.50 -48.08 8.99
C SER H 264 7.77 -48.97 8.01
N MET H 265 7.94 -50.28 8.14
CA MET H 265 7.16 -51.22 7.33
C MET H 265 5.75 -51.39 7.89
N TYR H 266 5.54 -50.97 9.13
CA TYR H 266 4.22 -51.02 9.76
C TYR H 266 3.50 -49.69 9.72
N PRO H 267 2.27 -49.69 9.19
CA PRO H 267 1.49 -48.45 9.09
C PRO H 267 1.17 -47.89 10.47
N ASN H 268 1.19 -46.57 10.62
CA ASN H 268 0.75 -45.96 11.87
C ASN H 268 -0.67 -46.41 12.26
N LYS H 269 -0.86 -46.68 13.53
CA LYS H 269 -2.19 -46.97 14.07
C LYS H 269 -2.47 -46.11 15.29
N PHE H 270 -3.51 -45.29 15.23
CA PHE H 270 -3.89 -44.43 16.36
C PHE H 270 -5.01 -45.06 17.19
N ILE H 271 -4.67 -45.44 18.41
CA ILE H 271 -5.59 -46.05 19.35
C ILE H 271 -6.45 -45.04 20.12
N HIS H 272 -7.76 -45.23 20.09
CA HIS H 272 -8.67 -44.41 20.86
C HIS H 272 -9.74 -45.31 21.48
N LEU H 273 -9.54 -45.69 22.74
CA LEU H 273 -10.56 -46.39 23.49
C LEU H 273 -11.39 -45.35 24.26
N THR H 274 -12.55 -45.75 24.79
CA THR H 274 -13.38 -44.87 25.61
C THR H 274 -14.15 -45.63 26.71
N TYR H 275 -14.11 -45.12 27.94
CA TYR H 275 -14.98 -45.59 29.01
C TYR H 275 -15.95 -44.51 29.44
N LYS H 276 -17.23 -44.86 29.55
CA LYS H 276 -18.21 -43.87 29.97
C LYS H 276 -19.11 -44.46 31.04
N SER H 277 -19.17 -43.78 32.18
CA SER H 277 -20.01 -44.21 33.29
C SER H 277 -21.47 -44.13 32.91
N LYS H 278 -22.29 -44.92 33.60
CA LYS H 278 -23.72 -44.98 33.29
C LYS H 278 -24.41 -43.62 33.47
N GLY H 279 -24.26 -43.02 34.64
CA GLY H 279 -25.02 -41.83 34.98
C GLY H 279 -24.49 -40.51 34.44
N ASP H 280 -24.57 -39.48 35.27
CA ASP H 280 -24.13 -38.15 34.86
C ASP H 280 -22.62 -38.06 34.92
N VAL H 281 -22.03 -37.53 33.85
CA VAL H 281 -20.58 -37.36 33.77
C VAL H 281 -20.14 -36.02 34.33
N LYS H 282 -19.26 -36.04 35.31
CA LYS H 282 -18.77 -34.81 35.91
C LYS H 282 -17.36 -34.44 35.42
N LYS H 283 -16.52 -35.45 35.22
CA LYS H 283 -15.15 -35.27 34.78
C LYS H 283 -14.92 -35.99 33.45
N LYS H 284 -14.36 -35.28 32.48
CA LYS H 284 -13.93 -35.89 31.24
C LYS H 284 -12.40 -35.91 31.22
N ILE H 285 -11.80 -37.09 31.02
CA ILE H 285 -10.34 -37.17 31.04
C ILE H 285 -9.71 -37.84 29.81
N ALA H 286 -8.69 -37.22 29.24
CA ALA H 286 -7.89 -37.85 28.19
C ALA H 286 -6.55 -38.30 28.74
N LEU H 287 -6.29 -39.61 28.69
CA LEU H 287 -5.00 -40.17 29.07
C LEU H 287 -4.23 -40.51 27.80
N VAL H 288 -3.03 -39.97 27.68
CA VAL H 288 -2.25 -40.13 26.46
C VAL H 288 -0.93 -40.86 26.71
N GLY H 289 -0.66 -41.92 25.95
CA GLY H 289 0.57 -42.67 26.12
C GLY H 289 1.50 -42.54 24.94
N LYS H 290 2.80 -42.49 25.20
CA LYS H 290 3.76 -42.54 24.12
C LYS H 290 3.79 -43.95 23.55
N GLY H 291 3.58 -44.08 22.25
CA GLY H 291 3.48 -45.38 21.62
C GLY H 291 4.51 -45.66 20.54
N ILE H 292 5.79 -45.64 20.90
CA ILE H 292 6.85 -45.96 19.95
C ILE H 292 7.29 -47.40 20.16
N THR H 293 6.94 -48.28 19.25
CA THR H 293 7.12 -49.72 19.47
C THR H 293 8.58 -50.13 19.35
N PHE H 294 9.33 -49.42 18.50
CA PHE H 294 10.78 -49.48 18.55
C PHE H 294 11.41 -48.13 18.18
N ASP H 295 12.34 -47.64 19.00
CA ASP H 295 13.01 -46.36 18.74
C ASP H 295 14.46 -46.59 18.33
N SER H 296 14.70 -46.60 17.02
CA SER H 296 16.06 -46.79 16.53
C SER H 296 16.84 -45.48 16.64
N GLY H 297 16.10 -44.37 16.72
CA GLY H 297 16.73 -43.06 16.67
C GLY H 297 16.55 -42.40 15.32
N GLY H 298 16.17 -43.18 14.32
CA GLY H 298 16.06 -42.66 12.96
C GLY H 298 17.44 -42.34 12.43
N TYR H 299 17.53 -41.45 11.45
CA TYR H 299 18.83 -41.12 10.86
C TYR H 299 19.77 -40.54 11.91
N ASN H 300 19.18 -40.01 12.99
CA ASN H 300 19.96 -39.73 14.18
C ASN H 300 20.11 -41.00 15.01
N LEU H 301 20.71 -42.02 14.40
CA LEU H 301 20.75 -43.38 14.94
C LEU H 301 21.33 -43.45 16.34
N LYS H 302 20.81 -44.37 17.15
CA LYS H 302 21.35 -44.62 18.50
C LYS H 302 22.64 -45.45 18.43
N ALA H 303 23.74 -44.76 18.10
CA ALA H 303 25.03 -45.42 17.93
C ALA H 303 26.00 -45.06 19.06
N ALA H 304 25.71 -43.97 19.75
CA ALA H 304 26.56 -43.53 20.84
C ALA H 304 26.53 -44.54 21.98
N PRO H 305 27.67 -44.69 22.67
CA PRO H 305 27.75 -45.52 23.88
C PRO H 305 26.76 -45.09 24.96
N GLY H 306 26.06 -46.06 25.54
CA GLY H 306 25.08 -45.77 26.57
C GLY H 306 23.72 -45.36 26.05
N SER H 307 23.46 -45.61 24.77
CA SER H 307 22.19 -45.18 24.17
C SER H 307 21.14 -46.27 24.31
N MET H 308 21.57 -47.46 24.74
CA MET H 308 20.64 -48.53 25.09
C MET H 308 19.65 -48.91 23.98
N ILE H 309 20.15 -49.01 22.76
CA ILE H 309 19.31 -49.33 21.63
C ILE H 309 18.58 -50.68 21.79
N ASP H 310 19.18 -51.62 22.51
CA ASP H 310 18.57 -52.95 22.69
C ASP H 310 17.39 -52.97 23.67
N LEU H 311 17.12 -51.87 24.36
CA LEU H 311 15.99 -51.81 25.29
C LEU H 311 14.86 -50.96 24.73
N MET H 312 15.01 -50.52 23.48
CA MET H 312 14.11 -49.50 22.97
C MET H 312 12.78 -50.09 22.54
N LYS H 313 12.57 -51.38 22.81
CA LYS H 313 11.22 -51.92 22.72
C LYS H 313 10.35 -51.31 23.85
N PHE H 314 11.01 -50.73 24.85
CA PHE H 314 10.30 -50.24 26.02
C PHE H 314 9.70 -48.85 25.77
N ASP H 315 9.84 -48.35 24.56
CA ASP H 315 9.51 -46.95 24.26
C ASP H 315 8.01 -46.77 23.97
N MET H 316 7.24 -47.83 24.17
CA MET H 316 5.79 -47.71 24.21
C MET H 316 5.28 -48.01 25.61
N SER H 317 6.17 -47.91 26.61
CA SER H 317 5.79 -48.04 28.02
C SER H 317 4.62 -47.13 28.42
N GLY H 318 4.56 -45.94 27.84
CA GLY H 318 3.46 -45.02 28.10
C GLY H 318 2.14 -45.57 27.60
N CYS H 319 2.14 -46.02 26.35
CA CYS H 319 0.95 -46.62 25.75
C CYS H 319 0.48 -47.84 26.54
N ALA H 320 1.45 -48.67 26.96
CA ALA H 320 1.14 -49.83 27.77
C ALA H 320 0.47 -49.42 29.07
N ALA H 321 1.03 -48.40 29.71
CA ALA H 321 0.52 -47.88 30.97
C ALA H 321 -0.92 -47.42 30.82
N VAL H 322 -1.20 -46.71 29.73
CA VAL H 322 -2.56 -46.25 29.48
C VAL H 322 -3.53 -47.40 29.21
N LEU H 323 -3.06 -48.47 28.56
CA LEU H 323 -3.91 -49.63 28.26
C LEU H 323 -4.15 -50.44 29.52
N GLY H 324 -3.11 -50.57 30.33
CA GLY H 324 -3.24 -51.19 31.65
C GLY H 324 -4.26 -50.47 32.53
N CYS H 325 -4.35 -49.16 32.34
CA CYS H 325 -5.30 -48.38 33.08
C CYS H 325 -6.72 -48.67 32.57
N ALA H 326 -6.86 -48.75 31.25
CA ALA H 326 -8.15 -49.08 30.64
C ALA H 326 -8.70 -50.39 31.21
N TYR H 327 -7.82 -51.37 31.38
CA TYR H 327 -8.24 -52.62 32.01
C TYR H 327 -8.86 -52.35 33.37
N CYS H 328 -8.10 -51.67 34.23
CA CYS H 328 -8.52 -51.41 35.61
C CYS H 328 -9.83 -50.63 35.69
N VAL H 329 -9.87 -49.52 34.97
CA VAL H 329 -11.06 -48.69 34.85
C VAL H 329 -12.26 -49.47 34.29
N GLY H 330 -12.04 -50.23 33.22
CA GLY H 330 -13.12 -51.01 32.63
C GLY H 330 -13.61 -52.15 33.51
N THR H 331 -12.75 -52.58 34.42
CA THR H 331 -13.07 -53.65 35.36
C THR H 331 -13.78 -53.09 36.58
N LEU H 332 -13.22 -52.03 37.17
CA LEU H 332 -13.76 -51.44 38.39
C LEU H 332 -14.97 -50.55 38.14
N LYS H 333 -15.11 -50.07 36.90
CA LYS H 333 -16.26 -49.27 36.49
C LYS H 333 -16.58 -48.11 37.44
N PRO H 334 -15.70 -47.11 37.49
CA PRO H 334 -16.01 -45.97 38.36
C PRO H 334 -17.21 -45.16 37.85
N GLU H 335 -17.74 -44.26 38.67
CA GLU H 335 -18.92 -43.49 38.32
C GLU H 335 -18.59 -42.05 37.91
N ASN H 336 -19.51 -41.46 37.14
CA ASN H 336 -19.51 -40.04 36.80
C ASN H 336 -18.29 -39.53 36.06
N VAL H 337 -17.70 -40.39 35.24
CA VAL H 337 -16.47 -40.06 34.53
C VAL H 337 -16.44 -40.63 33.11
N GLU H 338 -15.76 -39.92 32.22
CA GLU H 338 -15.60 -40.37 30.84
C GLU H 338 -14.10 -40.34 30.53
N ILE H 339 -13.50 -41.51 30.31
CA ILE H 339 -12.06 -41.56 30.02
C ILE H 339 -11.74 -42.01 28.60
N HIS H 340 -11.01 -41.17 27.89
CA HIS H 340 -10.44 -41.51 26.58
C HIS H 340 -9.00 -41.98 26.75
N PHE H 341 -8.71 -43.18 26.24
CA PHE H 341 -7.37 -43.76 26.28
C PHE H 341 -6.75 -43.65 24.89
N LEU H 342 -5.70 -42.83 24.78
CA LEU H 342 -5.13 -42.48 23.48
C LEU H 342 -3.67 -42.86 23.34
N SER H 343 -3.29 -43.36 22.16
CA SER H 343 -1.88 -43.47 21.80
C SER H 343 -1.66 -43.45 20.29
N ALA H 344 -0.74 -42.58 19.88
CA ALA H 344 -0.31 -42.49 18.50
C ALA H 344 0.81 -43.49 18.31
N VAL H 345 0.48 -44.69 17.86
CA VAL H 345 1.47 -45.76 17.80
C VAL H 345 2.20 -45.77 16.47
N CYS H 346 3.50 -46.01 16.53
CA CYS H 346 4.35 -46.12 15.36
C CYS H 346 5.73 -46.55 15.77
N GLU H 347 6.55 -46.76 14.75
CA GLU H 347 7.91 -47.27 14.86
C GLU H 347 8.88 -46.26 14.20
N ASN H 348 10.03 -46.02 14.81
CA ASN H 348 11.00 -45.02 14.32
C ASN H 348 12.21 -45.72 13.74
N MET H 349 12.27 -45.79 12.42
CA MET H 349 13.27 -46.67 11.76
C MET H 349 14.11 -45.92 10.75
N VAL H 350 15.05 -46.65 10.15
CA VAL H 350 15.95 -46.08 9.16
C VAL H 350 15.65 -46.72 7.82
N SER H 351 15.43 -45.87 6.82
CA SER H 351 14.87 -46.32 5.56
C SER H 351 15.03 -45.23 4.51
N LYS H 352 14.91 -45.61 3.24
CA LYS H 352 14.86 -44.63 2.16
C LYS H 352 13.66 -43.71 2.38
N ASN H 353 12.69 -44.18 3.16
CA ASN H 353 11.44 -43.46 3.35
C ASN H 353 11.36 -42.60 4.62
N SER H 354 12.38 -42.67 5.48
CA SER H 354 12.29 -42.02 6.79
C SER H 354 12.33 -40.50 6.70
N TYR H 355 11.93 -39.84 7.77
CA TYR H 355 12.06 -38.39 7.79
C TYR H 355 13.49 -38.03 8.19
N ARG H 356 13.93 -36.84 7.80
CA ARG H 356 15.33 -36.48 7.96
C ARG H 356 15.51 -35.33 8.95
N PRO H 357 16.66 -35.32 9.63
CA PRO H 357 17.13 -34.12 10.32
C PRO H 357 17.01 -32.92 9.39
N GLY H 358 16.30 -31.87 9.79
CA GLY H 358 16.16 -30.66 8.98
C GLY H 358 14.78 -30.52 8.37
N ASP H 359 14.05 -31.63 8.28
CA ASP H 359 12.72 -31.63 7.70
C ASP H 359 11.82 -30.65 8.45
N ILE H 360 10.99 -29.92 7.73
CA ILE H 360 9.98 -29.10 8.37
C ILE H 360 8.61 -29.72 8.10
N ILE H 361 7.95 -30.10 9.19
CA ILE H 361 6.71 -30.84 9.14
C ILE H 361 5.59 -30.01 9.78
N THR H 362 4.34 -30.30 9.44
CA THR H 362 3.24 -29.48 9.96
C THR H 362 2.32 -30.28 10.87
N ALA H 363 2.16 -29.83 12.10
CA ALA H 363 1.29 -30.50 13.06
C ALA H 363 -0.19 -30.33 12.68
N SER H 364 -1.07 -31.13 13.26
CA SER H 364 -2.50 -31.01 12.94
C SER H 364 -3.16 -29.72 13.46
N ASN H 365 -2.49 -28.98 14.34
CA ASN H 365 -2.98 -27.65 14.71
C ASN H 365 -2.42 -26.55 13.80
N GLY H 366 -1.71 -26.95 12.74
CA GLY H 366 -1.16 -25.99 11.79
C GLY H 366 0.22 -25.45 12.11
N LYS H 367 0.78 -25.80 13.26
CA LYS H 367 2.12 -25.35 13.62
C LYS H 367 3.22 -26.08 12.82
N THR H 368 4.10 -25.33 12.19
CA THR H 368 5.21 -25.95 11.49
C THR H 368 6.38 -26.13 12.44
N ILE H 369 7.03 -27.27 12.33
CA ILE H 369 8.03 -27.73 13.25
C ILE H 369 9.31 -28.04 12.48
N GLU H 370 10.43 -27.46 12.89
CA GLU H 370 11.69 -27.87 12.30
C GLU H 370 12.28 -29.03 13.10
N VAL H 371 12.57 -30.13 12.41
CA VAL H 371 13.16 -31.32 13.04
C VAL H 371 14.67 -31.16 13.21
N GLY H 372 15.12 -31.08 14.46
CA GLY H 372 16.54 -30.94 14.73
C GLY H 372 17.20 -32.29 14.94
N ASN H 373 16.42 -33.27 15.38
CA ASN H 373 16.94 -34.59 15.70
C ASN H 373 15.83 -35.62 15.64
N THR H 374 15.93 -36.57 14.71
CA THR H 374 14.89 -37.59 14.54
C THR H 374 14.71 -38.53 15.74
N ASP H 375 15.61 -38.49 16.70
CA ASP H 375 15.56 -39.36 17.89
C ASP H 375 14.81 -38.65 19.03
N ALA H 376 14.37 -37.43 18.76
CA ALA H 376 13.39 -36.75 19.62
C ALA H 376 12.02 -36.95 18.99
N GLU H 377 11.66 -38.21 18.78
CA GLU H 377 10.48 -38.55 17.99
C GLU H 377 9.20 -38.49 18.82
N GLY H 378 9.30 -38.77 20.12
CA GLY H 378 8.13 -38.92 20.96
C GLY H 378 7.30 -37.64 21.12
N ARG H 379 7.97 -36.51 21.33
CA ARG H 379 7.28 -35.24 21.43
C ARG H 379 6.56 -34.86 20.12
N LEU H 380 7.02 -35.39 18.98
CA LEU H 380 6.31 -35.21 17.72
C LEU H 380 4.99 -36.02 17.68
N THR H 381 5.04 -37.27 18.13
CA THR H 381 3.82 -38.08 18.12
C THR H 381 2.85 -37.58 19.21
N LEU H 382 3.40 -37.18 20.36
CA LEU H 382 2.61 -36.61 21.43
C LEU H 382 1.91 -35.32 21.02
N ALA H 383 2.59 -34.45 20.30
CA ALA H 383 2.02 -33.18 19.92
C ALA H 383 0.71 -33.37 19.12
N ASP H 384 0.72 -34.27 18.14
CA ASP H 384 -0.49 -34.51 17.37
C ASP H 384 -1.54 -35.21 18.22
N ALA H 385 -1.11 -36.08 19.13
CA ALA H 385 -2.06 -36.75 20.01
C ALA H 385 -2.67 -35.76 21.02
N LEU H 386 -1.89 -34.75 21.40
CA LEU H 386 -2.37 -33.77 22.36
C LEU H 386 -3.42 -32.88 21.70
N VAL H 387 -3.21 -32.54 20.43
CA VAL H 387 -4.14 -31.70 19.68
C VAL H 387 -5.47 -32.43 19.51
N TYR H 388 -5.36 -33.73 19.25
CA TYR H 388 -6.50 -34.62 19.19
C TYR H 388 -7.25 -34.64 20.53
N ALA H 389 -6.52 -34.86 21.62
CA ALA H 389 -7.13 -34.93 22.95
C ALA H 389 -7.90 -33.66 23.31
N GLU H 390 -7.30 -32.50 23.04
CA GLU H 390 -7.93 -31.23 23.38
C GLU H 390 -9.20 -31.00 22.54
N LYS H 391 -9.26 -31.58 21.35
CA LYS H 391 -10.46 -31.47 20.51
C LYS H 391 -11.63 -32.26 21.08
N LEU H 392 -11.34 -33.21 21.97
CA LEU H 392 -12.39 -34.08 22.48
C LEU H 392 -13.30 -33.37 23.49
N GLY H 393 -12.81 -32.26 24.04
CA GLY H 393 -13.56 -31.49 25.02
C GLY H 393 -13.46 -32.06 26.43
N VAL H 394 -12.23 -32.18 26.91
CA VAL H 394 -11.97 -32.80 28.21
C VAL H 394 -11.59 -31.78 29.29
N ASP H 395 -11.59 -32.20 30.55
CA ASP H 395 -11.21 -31.32 31.66
C ASP H 395 -9.72 -31.43 31.96
N TYR H 396 -9.19 -32.64 31.81
CA TYR H 396 -7.78 -32.92 32.07
C TYR H 396 -7.16 -33.69 30.92
N ILE H 397 -5.91 -33.37 30.62
CA ILE H 397 -5.11 -34.18 29.72
C ILE H 397 -3.86 -34.60 30.47
N VAL H 398 -3.71 -35.91 30.69
CA VAL H 398 -2.49 -36.44 31.30
C VAL H 398 -1.73 -37.29 30.31
N ASP H 399 -0.52 -36.88 29.92
CA ASP H 399 0.26 -37.77 29.06
C ASP H 399 1.34 -38.46 29.87
N ILE H 400 1.73 -39.63 29.41
CA ILE H 400 2.76 -40.41 30.08
C ILE H 400 3.68 -41.04 29.01
N ALA H 401 4.99 -40.95 29.22
CA ALA H 401 5.95 -41.13 28.15
C ALA H 401 7.38 -41.33 28.65
N THR H 402 8.05 -42.36 28.13
CA THR H 402 9.49 -42.51 28.31
C THR H 402 10.21 -41.48 27.42
N LEU H 403 10.04 -40.21 27.76
CA LEU H 403 10.35 -39.13 26.87
C LEU H 403 11.84 -38.75 26.82
N THR H 404 12.52 -38.72 27.96
CA THR H 404 13.90 -38.19 27.97
C THR H 404 14.90 -38.96 28.83
N GLY H 405 15.98 -39.43 28.22
CA GLY H 405 17.08 -40.04 28.94
C GLY H 405 17.64 -39.18 30.07
N ALA H 406 17.46 -37.87 29.97
CA ALA H 406 17.94 -36.97 31.02
C ALA H 406 17.27 -37.23 32.38
N MET H 407 16.09 -37.86 32.37
CA MET H 407 15.43 -38.22 33.62
C MET H 407 16.36 -39.09 34.46
N LEU H 408 17.19 -39.90 33.82
CA LEU H 408 18.15 -40.76 34.53
C LEU H 408 19.19 -39.95 35.29
N TYR H 409 19.42 -38.71 34.85
CA TYR H 409 20.34 -37.80 35.53
C TYR H 409 19.63 -36.85 36.50
N SER H 410 18.30 -36.80 36.42
CA SER H 410 17.55 -35.89 37.29
C SER H 410 16.98 -36.64 38.49
N LEU H 411 16.04 -37.55 38.26
CA LEU H 411 15.43 -38.26 39.40
C LEU H 411 15.88 -39.71 39.48
N GLY H 412 16.54 -40.20 38.43
CA GLY H 412 17.01 -41.57 38.43
C GLY H 412 15.93 -42.62 38.20
N THR H 413 16.13 -43.78 38.81
CA THR H 413 15.34 -44.95 38.44
C THR H 413 14.12 -45.20 39.35
N SER H 414 14.00 -44.44 40.42
CA SER H 414 12.89 -44.66 41.37
C SER H 414 11.70 -43.74 41.17
N TYR H 415 11.95 -42.44 40.93
CA TYR H 415 10.86 -41.47 40.86
C TYR H 415 10.63 -40.97 39.46
N ALA H 416 9.39 -40.99 39.02
CA ALA H 416 9.05 -40.36 37.75
C ALA H 416 9.04 -38.85 37.95
N GLY H 417 9.08 -38.12 36.84
CA GLY H 417 8.92 -36.67 36.94
C GLY H 417 7.62 -36.23 36.32
N VAL H 418 6.92 -35.32 36.97
CA VAL H 418 5.69 -34.79 36.39
C VAL H 418 5.83 -33.30 36.12
N PHE H 419 5.34 -32.87 34.97
CA PHE H 419 5.36 -31.47 34.55
C PHE H 419 3.92 -31.09 34.25
N GLY H 420 3.55 -29.83 34.38
CA GLY H 420 2.23 -29.45 33.92
C GLY H 420 2.04 -27.97 33.73
N ASN H 421 0.89 -27.59 33.19
CA ASN H 421 0.52 -26.20 33.06
C ASN H 421 -0.53 -25.78 34.10
N ASN H 422 -0.84 -26.66 35.04
CA ASN H 422 -1.95 -26.43 35.96
C ASN H 422 -1.68 -27.04 37.33
N GLU H 423 -1.68 -26.20 38.36
CA GLU H 423 -1.26 -26.62 39.69
C GLU H 423 -2.19 -27.64 40.32
N GLU H 424 -3.49 -27.52 40.09
CA GLU H 424 -4.38 -28.46 40.74
C GLU H 424 -4.30 -29.84 40.10
N LEU H 425 -4.09 -29.88 38.79
CA LEU H 425 -3.89 -31.17 38.12
C LEU H 425 -2.62 -31.83 38.64
N ILE H 426 -1.54 -31.05 38.76
CA ILE H 426 -0.27 -31.56 39.29
C ILE H 426 -0.50 -32.17 40.67
N ASN H 427 -1.19 -31.42 41.52
CA ASN H 427 -1.42 -31.86 42.89
C ASN H 427 -2.20 -33.17 42.95
N LYS H 428 -3.25 -33.27 42.14
CA LYS H 428 -4.02 -34.51 42.03
C LYS H 428 -3.13 -35.68 41.59
N ILE H 429 -2.19 -35.41 40.68
CA ILE H 429 -1.23 -36.44 40.30
C ILE H 429 -0.34 -36.79 41.50
N LEU H 430 0.12 -35.78 42.24
CA LEU H 430 0.98 -36.06 43.38
C LEU H 430 0.19 -36.84 44.42
N GLN H 431 -1.07 -36.45 44.60
CA GLN H 431 -1.96 -37.20 45.47
C GLN H 431 -2.05 -38.66 45.08
N SER H 432 -2.35 -38.93 43.81
CA SER H 432 -2.48 -40.30 43.31
C SER H 432 -1.17 -41.06 43.47
N SER H 433 -0.06 -40.35 43.32
CA SER H 433 1.26 -40.94 43.53
C SER H 433 1.34 -41.52 44.94
N LYS H 434 0.90 -40.74 45.93
CA LYS H 434 0.87 -41.20 47.32
C LYS H 434 0.06 -42.48 47.52
N THR H 435 -1.15 -42.52 46.99
CA THR H 435 -2.06 -43.63 47.23
C THR H 435 -1.77 -44.85 46.34
N SER H 436 -1.19 -44.62 45.16
CA SER H 436 -0.82 -45.73 44.29
C SER H 436 0.56 -46.25 44.64
N ASN H 437 1.27 -45.49 45.45
CA ASN H 437 2.64 -45.79 45.86
C ASN H 437 3.61 -45.95 44.67
N GLU H 438 3.30 -45.25 43.58
CA GLU H 438 4.25 -45.07 42.50
C GLU H 438 4.78 -43.65 42.58
N PRO H 439 6.03 -43.51 43.02
CA PRO H 439 6.62 -42.19 43.33
C PRO H 439 6.81 -41.26 42.11
N VAL H 440 6.40 -40.01 42.32
CA VAL H 440 6.51 -38.98 41.30
C VAL H 440 6.99 -37.68 41.95
N TRP H 441 7.75 -36.89 41.22
CA TRP H 441 8.24 -35.63 41.74
C TRP H 441 7.93 -34.52 40.77
N TRP H 442 7.43 -33.42 41.32
CA TRP H 442 7.05 -32.27 40.54
C TRP H 442 8.29 -31.50 40.06
N LEU H 443 8.40 -31.32 38.74
CA LEU H 443 9.52 -30.62 38.13
C LEU H 443 9.00 -29.42 37.36
N PRO H 444 9.78 -28.33 37.31
CA PRO H 444 9.28 -27.07 36.76
C PRO H 444 9.38 -26.97 35.23
N ILE H 445 8.39 -26.33 34.64
CA ILE H 445 8.46 -25.94 33.25
C ILE H 445 9.03 -24.52 33.20
N ILE H 446 10.32 -24.43 32.92
CA ILE H 446 11.04 -23.16 33.04
C ILE H 446 10.96 -22.34 31.74
N ASN H 447 10.14 -21.29 31.76
CA ASN H 447 9.83 -20.56 30.54
C ASN H 447 11.02 -19.87 29.90
N GLU H 448 12.02 -19.53 30.69
CA GLU H 448 13.17 -18.83 30.14
C GLU H 448 13.81 -19.62 29.00
N TYR H 449 13.71 -20.94 29.03
CA TYR H 449 14.30 -21.78 27.98
C TYR H 449 13.54 -21.74 26.65
N ARG H 450 12.30 -21.23 26.67
CA ARG H 450 11.43 -21.25 25.50
C ARG H 450 12.05 -20.60 24.27
N ALA H 451 12.86 -19.56 24.50
CA ALA H 451 13.52 -18.84 23.42
C ALA H 451 14.42 -19.75 22.60
N THR H 452 14.96 -20.79 23.24
CA THR H 452 15.88 -21.67 22.54
C THR H 452 15.15 -22.63 21.61
N LEU H 453 13.83 -22.52 21.52
CA LEU H 453 13.02 -23.28 20.58
C LEU H 453 12.58 -22.45 19.37
N ASN H 454 12.96 -21.17 19.34
CA ASN H 454 12.67 -20.35 18.17
C ASN H 454 13.39 -20.88 16.92
N SER H 455 12.64 -21.16 15.86
CA SER H 455 13.23 -21.60 14.60
C SER H 455 13.36 -20.41 13.66
N LYS H 456 14.40 -20.39 12.85
CA LYS H 456 14.55 -19.36 11.85
C LYS H 456 13.49 -19.49 10.75
N TYR H 457 13.05 -20.71 10.46
CA TYR H 457 12.18 -20.94 9.31
C TYR H 457 10.78 -21.44 9.67
N ALA H 458 10.70 -22.49 10.49
CA ALA H 458 9.40 -23.00 10.93
C ALA H 458 8.83 -22.16 12.08
N ASP H 459 7.65 -22.53 12.56
CA ASP H 459 7.06 -21.85 13.73
C ASP H 459 7.84 -22.17 14.98
N ILE H 460 8.38 -23.38 15.06
CA ILE H 460 9.05 -23.81 16.27
C ILE H 460 10.04 -24.93 16.00
N ASN H 461 11.11 -24.96 16.79
CA ASN H 461 12.08 -26.05 16.81
C ASN H 461 11.61 -27.20 17.68
N GLN H 462 11.86 -28.41 17.21
CA GLN H 462 11.63 -29.61 18.00
C GLN H 462 12.58 -29.69 19.20
N ILE H 463 13.81 -29.24 19.03
CA ILE H 463 14.82 -29.37 20.10
C ILE H 463 15.58 -28.10 20.39
N SER H 464 16.12 -27.98 21.60
CA SER H 464 16.92 -26.81 21.93
C SER H 464 18.33 -26.93 21.35
N SER H 465 18.81 -25.80 20.87
CA SER H 465 20.20 -25.65 20.45
C SER H 465 21.15 -25.65 21.65
N SER H 466 20.77 -24.97 22.72
CA SER H 466 21.73 -24.69 23.78
C SER H 466 21.44 -25.34 25.14
N VAL H 467 20.17 -25.44 25.52
CA VAL H 467 19.80 -25.98 26.83
C VAL H 467 19.94 -27.51 26.90
N LYS H 468 20.63 -28.01 27.91
CA LYS H 468 20.79 -29.46 28.09
C LYS H 468 19.72 -30.11 28.99
N ALA H 469 18.91 -29.29 29.65
CA ALA H 469 17.82 -29.82 30.46
C ALA H 469 16.69 -30.31 29.55
N SER H 470 16.89 -31.46 28.91
CA SER H 470 15.99 -31.86 27.85
C SER H 470 14.58 -32.23 28.33
N SER H 471 14.43 -32.72 29.55
CA SER H 471 13.10 -33.03 30.11
C SER H 471 12.22 -31.78 30.19
N ILE H 472 12.84 -30.66 30.53
CA ILE H 472 12.13 -29.41 30.63
C ILE H 472 11.85 -28.90 29.21
N VAL H 473 12.85 -28.99 28.34
CA VAL H 473 12.70 -28.52 26.98
C VAL H 473 11.55 -29.24 26.28
N ALA H 474 11.52 -30.57 26.39
CA ALA H 474 10.45 -31.38 25.83
C ALA H 474 9.07 -31.01 26.40
N SER H 475 9.03 -30.72 27.71
CA SER H 475 7.79 -30.26 28.33
C SER H 475 7.34 -28.92 27.74
N LEU H 476 8.29 -28.01 27.56
CA LEU H 476 8.01 -26.75 26.90
C LEU H 476 7.46 -26.95 25.49
N PHE H 477 8.06 -27.88 24.74
CA PHE H 477 7.61 -28.15 23.40
C PHE H 477 6.16 -28.63 23.43
N LEU H 478 5.89 -29.66 24.24
CA LEU H 478 4.53 -30.23 24.36
C LEU H 478 3.48 -29.20 24.76
N LYS H 479 3.85 -28.27 25.64
CA LYS H 479 2.94 -27.25 26.15
C LYS H 479 2.40 -26.33 25.02
N GLU H 480 3.16 -26.19 23.94
CA GLU H 480 2.70 -25.43 22.76
C GLU H 480 1.48 -26.06 22.08
N PHE H 481 1.18 -27.31 22.38
CA PHE H 481 0.10 -27.99 21.67
C PHE H 481 -1.13 -28.21 22.55
N VAL H 482 -1.19 -27.47 23.66
CA VAL H 482 -2.35 -27.48 24.55
C VAL H 482 -2.72 -26.02 24.82
N GLN H 483 -3.83 -25.57 24.25
CA GLN H 483 -4.12 -24.14 24.24
C GLN H 483 -4.85 -23.65 25.47
N ASN H 484 -5.79 -24.47 25.97
CA ASN H 484 -6.66 -23.99 27.04
C ASN H 484 -7.26 -25.11 27.89
N THR H 485 -6.48 -26.14 28.18
CA THR H 485 -6.96 -27.25 29.01
C THR H 485 -5.92 -27.56 30.06
N ALA H 486 -6.38 -27.98 31.24
CA ALA H 486 -5.49 -28.47 32.27
C ALA H 486 -4.72 -29.68 31.75
N TRP H 487 -3.40 -29.57 31.71
CA TRP H 487 -2.56 -30.65 31.16
C TRP H 487 -1.34 -30.91 32.05
N ALA H 488 -0.98 -32.17 32.18
CA ALA H 488 0.23 -32.56 32.87
C ALA H 488 0.93 -33.69 32.10
N HIS H 489 2.24 -33.79 32.32
CA HIS H 489 3.10 -34.68 31.55
C HIS H 489 3.93 -35.48 32.52
N ILE H 490 3.95 -36.79 32.37
CA ILE H 490 4.68 -37.66 33.28
C ILE H 490 5.79 -38.34 32.50
N ASP H 491 7.05 -38.05 32.84
CA ASP H 491 8.16 -38.64 32.10
C ASP H 491 8.63 -39.86 32.85
N ILE H 492 8.46 -41.04 32.26
CA ILE H 492 8.80 -42.26 32.93
C ILE H 492 9.99 -42.94 32.29
N ALA H 493 10.80 -42.18 31.56
CA ALA H 493 11.97 -42.75 30.88
C ALA H 493 12.95 -43.45 31.82
N GLY H 494 13.06 -42.97 33.06
CA GLY H 494 14.03 -43.52 33.98
C GLY H 494 13.47 -44.65 34.83
N VAL H 495 12.15 -44.70 34.97
CA VAL H 495 11.56 -45.64 35.92
C VAL H 495 10.89 -46.83 35.28
N SER H 496 10.65 -46.77 33.97
CA SER H 496 9.80 -47.78 33.35
C SER H 496 10.46 -49.17 33.36
N TRP H 497 11.77 -49.18 33.19
CA TRP H 497 12.47 -50.46 33.08
C TRP H 497 13.30 -50.71 34.33
N ASN H 498 13.09 -51.88 34.91
CA ASN H 498 13.85 -52.32 36.08
C ASN H 498 15.15 -52.95 35.63
N PHE H 499 16.22 -52.16 35.64
CA PHE H 499 17.54 -52.60 35.16
C PHE H 499 18.16 -53.77 35.93
N LYS H 500 18.07 -53.74 37.25
CA LYS H 500 18.56 -54.83 38.08
C LYS H 500 17.83 -56.13 37.75
N ALA H 501 16.51 -56.10 37.73
CA ALA H 501 15.70 -57.30 37.47
C ALA H 501 15.51 -57.64 35.99
N ARG H 502 15.95 -56.74 35.11
CA ARG H 502 15.84 -56.95 33.65
C ARG H 502 14.40 -57.21 33.19
N LYS H 503 13.47 -56.38 33.66
CA LYS H 503 12.07 -56.52 33.27
C LYS H 503 11.33 -55.20 33.49
N PRO H 504 10.19 -55.02 32.80
CA PRO H 504 9.43 -53.77 33.00
C PRO H 504 8.89 -53.67 34.41
N LYS H 505 8.60 -52.45 34.87
CA LYS H 505 7.93 -52.27 36.15
C LYS H 505 6.43 -52.16 35.94
N GLY H 506 6.03 -51.93 34.69
CA GLY H 506 4.67 -51.55 34.36
C GLY H 506 4.30 -50.26 35.09
N PHE H 507 5.26 -49.35 35.22
CA PHE H 507 5.05 -48.12 35.98
C PHE H 507 3.94 -47.30 35.38
N GLY H 508 3.00 -46.89 36.23
CA GLY H 508 1.99 -45.94 35.80
C GLY H 508 0.57 -46.43 35.74
N VAL H 509 0.36 -47.74 35.75
CA VAL H 509 -1.01 -48.23 35.74
C VAL H 509 -1.74 -47.78 37.02
N ARG H 510 -1.17 -48.14 38.16
CA ARG H 510 -1.79 -47.80 39.44
C ARG H 510 -1.87 -46.29 39.66
N LEU H 511 -0.83 -45.56 39.28
CA LEU H 511 -0.86 -44.11 39.40
C LEU H 511 -2.07 -43.58 38.65
N LEU H 512 -2.19 -43.94 37.38
CA LEU H 512 -3.28 -43.46 36.53
C LEU H 512 -4.67 -43.95 36.97
N THR H 513 -4.76 -45.16 37.51
CA THR H 513 -6.10 -45.65 37.89
C THR H 513 -6.60 -44.90 39.12
N GLU H 514 -5.74 -44.80 40.13
CA GLU H 514 -6.02 -44.00 41.30
C GLU H 514 -6.41 -42.57 40.91
N PHE H 515 -5.76 -42.05 39.87
CA PHE H 515 -6.11 -40.70 39.43
C PHE H 515 -7.52 -40.62 38.87
N VAL H 516 -7.89 -41.62 38.08
CA VAL H 516 -9.21 -41.66 37.48
C VAL H 516 -10.27 -41.84 38.55
N LEU H 517 -9.98 -42.69 39.53
CA LEU H 517 -10.97 -43.04 40.54
C LEU H 517 -11.32 -41.84 41.39
N ASN H 518 -10.30 -41.16 41.92
CA ASN H 518 -10.51 -40.05 42.86
C ASN H 518 -10.91 -38.71 42.22
N ASP H 519 -11.10 -38.69 40.89
CA ASP H 519 -11.44 -37.44 40.17
C ASP H 519 -12.93 -37.36 39.83
N SER I 2 9.43 -36.23 -13.19
CA SER I 2 8.60 -35.03 -13.07
C SER I 2 7.58 -35.10 -11.92
N GLU I 3 6.89 -36.24 -11.73
CA GLU I 3 5.99 -36.36 -10.58
C GLU I 3 6.77 -36.71 -9.33
N VAL I 4 6.62 -35.91 -8.27
CA VAL I 4 7.37 -36.15 -7.03
C VAL I 4 6.74 -37.27 -6.21
N PRO I 5 7.52 -38.32 -5.89
CA PRO I 5 6.97 -39.44 -5.09
C PRO I 5 6.71 -39.08 -3.62
N GLN I 6 5.75 -39.77 -3.02
CA GLN I 6 5.32 -39.50 -1.64
C GLN I 6 5.19 -40.79 -0.83
N VAL I 7 5.39 -40.67 0.48
CA VAL I 7 5.13 -41.75 1.42
C VAL I 7 3.75 -41.58 2.04
N VAL I 8 3.45 -40.35 2.43
CA VAL I 8 2.11 -40.00 2.85
C VAL I 8 1.67 -38.80 2.02
N SER I 9 0.37 -38.58 1.92
CA SER I 9 -0.15 -37.46 1.13
C SER I 9 0.22 -36.08 1.71
N LEU I 10 0.59 -36.03 2.99
CA LEU I 10 1.07 -34.78 3.58
C LEU I 10 2.46 -34.38 3.08
N ASP I 11 3.22 -35.35 2.56
CA ASP I 11 4.52 -35.03 1.96
C ASP I 11 4.36 -33.99 0.85
N PRO I 12 5.20 -32.95 0.87
CA PRO I 12 5.09 -31.91 -0.17
C PRO I 12 5.56 -32.43 -1.53
N THR I 13 5.10 -31.77 -2.58
CA THR I 13 5.45 -32.16 -3.94
C THR I 13 6.16 -31.05 -4.71
N SER I 14 6.50 -29.95 -4.03
CA SER I 14 7.20 -28.86 -4.68
C SER I 14 7.94 -27.97 -3.68
N ILE I 15 9.06 -27.42 -4.09
CA ILE I 15 9.69 -26.38 -3.31
C ILE I 15 8.88 -25.10 -3.48
N PRO I 16 8.42 -24.52 -2.36
CA PRO I 16 7.77 -23.22 -2.48
C PRO I 16 8.81 -22.14 -2.83
N ILE I 17 8.52 -21.35 -3.85
CA ILE I 17 9.47 -20.34 -4.28
C ILE I 17 8.81 -18.97 -4.42
N GLU I 18 9.45 -17.97 -3.83
CA GLU I 18 9.00 -16.61 -3.98
C GLU I 18 9.81 -15.89 -5.06
N TYR I 19 9.13 -15.45 -6.11
CA TYR I 19 9.80 -14.76 -7.20
C TYR I 19 9.63 -13.25 -7.04
N ASN I 20 8.38 -12.81 -6.96
CA ASN I 20 8.10 -11.41 -6.71
C ASN I 20 8.22 -11.10 -5.23
N THR I 21 9.43 -10.75 -4.81
CA THR I 21 9.69 -10.47 -3.40
C THR I 21 9.41 -8.99 -3.11
N PRO I 22 9.18 -8.65 -1.82
CA PRO I 22 9.03 -7.25 -1.39
C PRO I 22 10.14 -6.34 -1.90
N ILE I 23 11.36 -6.83 -1.97
CA ILE I 23 12.47 -6.02 -2.42
C ILE I 23 12.23 -5.53 -3.85
N HIS I 24 11.54 -6.34 -4.65
CA HIS I 24 11.28 -5.96 -6.04
C HIS I 24 10.30 -4.76 -6.14
N ASP I 25 9.53 -4.51 -5.09
CA ASP I 25 8.58 -3.40 -5.09
C ASP I 25 9.17 -2.10 -4.53
N ILE I 26 10.46 -2.08 -4.25
CA ILE I 26 11.09 -0.87 -3.77
C ILE I 26 11.50 0.04 -4.94
N LYS I 27 11.07 1.29 -4.89
CA LYS I 27 11.49 2.26 -5.90
C LYS I 27 12.79 2.84 -5.43
N VAL I 28 13.80 2.71 -6.28
CA VAL I 28 15.14 3.16 -5.96
C VAL I 28 15.57 4.30 -6.85
N GLN I 29 15.85 5.44 -6.24
CA GLN I 29 16.37 6.58 -6.98
C GLN I 29 17.69 7.06 -6.42
N VAL I 30 18.59 7.42 -7.32
CA VAL I 30 19.92 7.90 -6.97
C VAL I 30 20.03 9.38 -7.30
N TYR I 31 20.54 10.16 -6.33
CA TYR I 31 20.71 11.59 -6.53
C TYR I 31 22.16 12.00 -6.31
N ASP I 32 22.57 13.09 -6.95
CA ASP I 32 23.91 13.59 -6.74
C ASP I 32 23.96 14.42 -5.46
N ILE I 33 24.93 14.10 -4.62
CA ILE I 33 25.05 14.72 -3.30
C ILE I 33 25.44 16.20 -3.32
N LYS I 34 25.94 16.69 -4.46
CA LYS I 34 26.32 18.12 -4.53
C LYS I 34 25.08 19.00 -4.73
N GLY I 35 23.94 18.37 -5.03
CA GLY I 35 22.69 19.11 -5.16
C GLY I 35 21.91 19.23 -3.84
N GLY I 36 22.46 18.65 -2.78
CA GLY I 36 21.83 18.78 -1.47
C GLY I 36 20.73 17.78 -1.15
N CYS I 37 20.61 17.47 0.14
CA CYS I 37 19.69 16.44 0.63
C CYS I 37 18.35 17.00 1.08
N ASN I 38 17.29 16.64 0.38
CA ASN I 38 15.95 16.93 0.87
C ASN I 38 15.61 15.90 1.93
N VAL I 39 15.13 16.37 3.07
CA VAL I 39 14.71 15.49 4.15
C VAL I 39 13.24 15.77 4.46
N GLU I 40 12.37 14.83 4.10
CA GLU I 40 10.94 15.10 4.18
C GLU I 40 10.10 14.01 4.85
N GLU I 41 10.61 12.77 4.85
CA GLU I 41 9.79 11.63 5.28
C GLU I 41 10.63 10.40 5.58
N GLY I 42 10.06 9.47 6.33
CA GLY I 42 10.74 8.23 6.64
C GLY I 42 12.04 8.45 7.40
N LEU I 43 13.04 7.64 7.08
CA LEU I 43 14.30 7.70 7.81
C LEU I 43 15.46 8.03 6.85
N THR I 44 16.27 9.01 7.24
CA THR I 44 17.44 9.39 6.49
C THR I 44 18.71 9.00 7.26
N ILE I 45 19.60 8.27 6.61
CA ILE I 45 20.81 7.79 7.24
C ILE I 45 22.07 8.32 6.55
N PHE I 46 22.95 8.90 7.34
CA PHE I 46 24.25 9.31 6.83
C PHE I 46 25.29 8.25 7.12
N LEU I 47 26.08 7.92 6.12
CA LEU I 47 27.19 7.01 6.31
C LEU I 47 28.45 7.84 6.45
N VAL I 48 29.11 7.73 7.59
CA VAL I 48 30.13 8.70 7.98
C VAL I 48 31.35 8.03 8.60
N ASN I 49 32.53 8.49 8.22
CA ASN I 49 33.75 8.04 8.87
C ASN I 49 34.54 9.22 9.38
N ASN I 50 35.69 8.94 9.96
CA ASN I 50 36.63 9.97 10.37
C ASN I 50 38.03 9.40 10.22
N PRO I 51 38.71 9.76 9.12
CA PRO I 51 40.04 9.21 8.79
C PRO I 51 41.06 9.50 9.87
N GLY I 52 41.86 8.49 10.22
CA GLY I 52 42.88 8.66 11.24
C GLY I 52 42.35 8.75 12.65
N LYS I 53 41.45 9.70 12.89
CA LYS I 53 40.80 9.81 14.19
C LYS I 53 39.99 8.55 14.51
N GLU I 54 40.63 7.62 15.20
CA GLU I 54 39.96 6.39 15.64
C GLU I 54 38.87 6.75 16.65
N ASN I 55 37.65 6.29 16.38
CA ASN I 55 36.48 6.71 17.16
C ASN I 55 36.28 8.21 17.14
N GLY I 56 36.65 8.83 16.02
CA GLY I 56 36.53 10.27 15.87
C GLY I 56 35.09 10.72 15.90
N PRO I 57 34.86 12.02 16.12
CA PRO I 57 33.49 12.56 16.18
C PRO I 57 32.74 12.45 14.87
N VAL I 58 31.42 12.51 14.93
CA VAL I 58 30.59 12.61 13.75
C VAL I 58 30.59 14.04 13.24
N LYS I 59 30.89 14.22 11.95
CA LYS I 59 30.67 15.49 11.28
C LYS I 59 29.93 15.23 9.98
N ILE I 60 28.76 15.84 9.83
CA ILE I 60 27.97 15.69 8.62
C ILE I 60 28.37 16.77 7.62
N SER I 61 28.93 16.36 6.48
CA SER I 61 29.51 17.31 5.54
C SER I 61 28.58 17.64 4.37
N SER I 62 27.61 16.77 4.09
CA SER I 62 26.61 17.05 3.06
C SER I 62 25.87 18.35 3.29
N LYS I 63 25.36 18.91 2.20
CA LYS I 63 24.52 20.09 2.30
C LYS I 63 23.08 19.66 2.43
N VAL I 64 22.52 19.76 3.63
CA VAL I 64 21.12 19.45 3.85
C VAL I 64 20.23 20.64 3.48
N ASN I 65 19.21 20.40 2.66
CA ASN I 65 18.37 21.48 2.16
C ASN I 65 17.19 21.79 3.05
N ASP I 66 17.45 22.03 4.33
CA ASP I 66 16.41 22.27 5.32
C ASP I 66 17.07 22.91 6.55
N LYS I 67 16.59 24.10 6.92
CA LYS I 67 17.20 24.86 8.01
C LYS I 67 17.20 24.06 9.32
N GLN I 68 16.00 23.66 9.75
CA GLN I 68 15.83 22.99 11.04
C GLN I 68 16.70 21.75 11.16
N VAL I 69 16.75 20.97 10.09
CA VAL I 69 17.51 19.72 10.11
C VAL I 69 19.00 20.01 10.03
N SER I 70 19.38 21.00 9.22
CA SER I 70 20.78 21.45 9.14
C SER I 70 21.26 21.88 10.50
N GLU I 71 20.37 22.56 11.22
CA GLU I 71 20.68 23.09 12.55
C GLU I 71 20.98 21.94 13.50
N PHE I 72 20.11 20.93 13.48
CA PHE I 72 20.26 19.77 14.34
C PHE I 72 21.58 19.05 14.03
N LEU I 73 22.00 19.09 12.78
CA LEU I 73 23.18 18.35 12.35
C LEU I 73 24.49 19.17 12.44
N LYS I 74 24.47 20.30 13.16
CA LYS I 74 25.68 21.09 13.38
C LYS I 74 26.71 20.26 14.13
N ASP I 75 27.97 20.60 13.94
CA ASP I 75 29.07 19.85 14.55
C ASP I 75 28.92 19.78 16.06
N GLU I 76 28.52 20.90 16.66
CA GLU I 76 28.40 21.00 18.12
C GLU I 76 27.43 19.96 18.68
N ASN I 77 26.34 19.71 17.94
CA ASN I 77 25.35 18.72 18.36
C ASN I 77 25.86 17.31 18.15
N MET I 78 26.53 17.09 17.02
CA MET I 78 26.96 15.75 16.64
C MET I 78 28.21 15.29 17.36
N GLU I 79 28.86 16.19 18.08
CA GLU I 79 30.18 15.92 18.66
C GLU I 79 30.13 14.86 19.79
N LYS I 80 28.97 14.69 20.40
CA LYS I 80 28.77 13.67 21.43
C LYS I 80 28.83 12.23 20.85
N PHE I 81 28.74 12.15 19.53
CA PHE I 81 28.66 10.87 18.83
C PHE I 81 29.96 10.57 18.07
N ASN I 82 30.39 9.30 18.08
CA ASN I 82 31.59 8.92 17.32
C ASN I 82 31.28 7.94 16.18
N VAL I 83 32.30 7.64 15.37
CA VAL I 83 32.11 6.90 14.13
C VAL I 83 32.51 5.43 14.20
N LYS I 84 32.61 4.89 15.42
CA LYS I 84 33.00 3.50 15.61
C LYS I 84 32.15 2.57 14.71
N LEU I 85 32.82 1.68 13.97
CA LEU I 85 32.20 0.89 12.89
C LEU I 85 30.97 0.08 13.30
N GLY I 86 29.83 0.36 12.66
CA GLY I 86 28.59 -0.32 12.95
C GLY I 86 27.74 0.36 14.01
N THR I 87 28.26 1.44 14.57
CA THR I 87 27.51 2.22 15.55
C THR I 87 26.45 3.01 14.81
N SER I 88 25.31 3.23 15.46
CA SER I 88 24.26 4.04 14.88
C SER I 88 23.50 4.82 15.93
N LYS I 89 22.87 5.90 15.50
CA LYS I 89 21.96 6.68 16.33
C LYS I 89 20.76 7.10 15.50
N HIS I 90 19.62 7.23 16.17
CA HIS I 90 18.39 7.78 15.63
C HIS I 90 18.19 9.19 16.16
N PHE I 91 17.72 10.09 15.31
CA PHE I 91 17.37 11.45 15.67
C PHE I 91 15.94 11.73 15.28
N TYR I 92 15.22 12.51 16.09
CA TYR I 92 13.85 12.90 15.76
C TYR I 92 13.73 14.42 15.79
N MET I 93 13.05 14.99 14.80
CA MET I 93 12.96 16.44 14.69
C MET I 93 11.88 16.84 13.70
N PHE I 94 11.61 18.14 13.62
CA PHE I 94 10.68 18.68 12.63
C PHE I 94 11.40 19.44 11.54
N ASN I 95 11.05 19.18 10.28
CA ASN I 95 11.64 19.94 9.17
C ASN I 95 10.97 21.29 9.00
N ASP I 96 11.37 22.01 7.94
CA ASP I 96 10.88 23.37 7.71
C ASP I 96 9.37 23.42 7.51
N ASN I 97 8.79 22.29 7.08
CA ASN I 97 7.36 22.20 6.88
C ASN I 97 6.62 21.75 8.13
N LYS I 98 7.32 21.79 9.26
CA LYS I 98 6.76 21.35 10.55
C LYS I 98 6.27 19.89 10.50
N ASN I 99 6.80 19.10 9.57
CA ASN I 99 6.61 17.65 9.54
C ASN I 99 7.70 16.96 10.33
N SER I 100 7.32 16.08 11.25
CA SER I 100 8.30 15.34 12.02
C SER I 100 9.08 14.43 11.07
N VAL I 101 10.31 14.09 11.46
CA VAL I 101 11.21 13.43 10.55
C VAL I 101 12.28 12.70 11.35
N ALA I 102 12.73 11.55 10.84
CA ALA I 102 13.78 10.80 11.51
C ALA I 102 15.07 10.85 10.70
N VAL I 103 16.15 11.19 11.39
CA VAL I 103 17.45 11.27 10.78
C VAL I 103 18.33 10.34 11.58
N GLY I 104 19.48 9.93 11.04
CA GLY I 104 20.41 9.11 11.79
C GLY I 104 21.72 8.93 11.06
N TYR I 105 22.67 8.24 11.68
CA TYR I 105 23.93 7.91 11.01
C TYR I 105 24.33 6.49 11.35
N VAL I 106 25.11 5.86 10.48
CA VAL I 106 25.81 4.63 10.82
C VAL I 106 27.31 4.86 10.66
N GLY I 107 28.08 4.47 11.67
CA GLY I 107 29.51 4.69 11.66
C GLY I 107 30.28 3.68 10.83
N CYS I 108 31.16 4.19 9.98
CA CYS I 108 31.97 3.39 9.09
C CYS I 108 33.46 3.45 9.45
N GLY I 109 33.76 3.92 10.66
CA GLY I 109 35.10 3.79 11.21
C GLY I 109 36.12 4.85 10.84
N SER I 110 37.38 4.44 10.80
CA SER I 110 38.48 5.38 10.61
C SER I 110 39.25 5.12 9.34
N VAL I 111 39.11 3.91 8.79
CA VAL I 111 39.80 3.56 7.55
C VAL I 111 39.02 4.00 6.33
N ALA I 112 39.69 4.65 5.39
CA ALA I 112 39.02 5.29 4.26
C ALA I 112 38.61 4.30 3.16
N ASP I 113 39.00 3.04 3.31
CA ASP I 113 38.61 2.02 2.35
C ASP I 113 38.08 0.78 3.07
N LEU I 114 36.76 0.61 3.05
CA LEU I 114 36.09 -0.49 3.73
C LEU I 114 36.22 -1.81 2.99
N SER I 115 36.47 -2.89 3.73
CA SER I 115 36.46 -4.22 3.13
C SER I 115 35.03 -4.69 2.96
N GLU I 116 34.85 -5.85 2.31
CA GLU I 116 33.51 -6.40 2.16
C GLU I 116 32.99 -6.77 3.55
N ALA I 117 33.91 -7.07 4.46
CA ALA I 117 33.54 -7.40 5.83
C ALA I 117 33.10 -6.14 6.56
N ASP I 118 33.82 -5.05 6.31
CA ASP I 118 33.47 -3.74 6.87
C ASP I 118 32.10 -3.27 6.41
N MET I 119 31.87 -3.34 5.11
CA MET I 119 30.60 -2.89 4.52
C MET I 119 29.42 -3.73 5.01
N LYS I 120 29.68 -5.01 5.26
CA LYS I 120 28.65 -5.91 5.74
C LYS I 120 28.23 -5.53 7.16
N ARG I 121 29.17 -5.07 7.97
CA ARG I 121 28.83 -4.65 9.33
C ARG I 121 28.03 -3.35 9.28
N VAL I 122 28.35 -2.48 8.33
CA VAL I 122 27.59 -1.25 8.12
C VAL I 122 26.14 -1.56 7.75
N VAL I 123 25.95 -2.44 6.77
CA VAL I 123 24.61 -2.77 6.28
C VAL I 123 23.78 -3.48 7.36
N LEU I 124 24.41 -4.42 8.08
CA LEU I 124 23.76 -5.06 9.21
C LEU I 124 23.30 -4.05 10.26
N SER I 125 24.05 -2.97 10.46
CA SER I 125 23.62 -1.96 11.41
C SER I 125 22.41 -1.22 10.89
N LEU I 126 22.43 -0.92 9.59
CA LEU I 126 21.34 -0.24 8.90
C LEU I 126 20.04 -1.03 8.98
N VAL I 127 20.16 -2.33 8.72
CA VAL I 127 19.02 -3.22 8.74
C VAL I 127 18.36 -3.24 10.14
N THR I 128 19.16 -3.23 11.20
CA THR I 128 18.55 -3.22 12.54
C THR I 128 17.80 -1.93 12.80
N MET I 129 18.10 -0.86 12.06
CA MET I 129 17.34 0.38 12.18
C MET I 129 16.03 0.26 11.39
N LEU I 130 16.00 -0.66 10.44
CA LEU I 130 14.81 -0.89 9.63
C LEU I 130 13.87 -1.89 10.28
N HIS I 131 14.43 -2.84 11.02
CA HIS I 131 13.59 -3.84 11.67
C HIS I 131 12.88 -3.19 12.85
N ASP I 132 11.67 -3.67 13.13
CA ASP I 132 10.86 -3.16 14.24
C ASP I 132 10.63 -1.65 14.14
N ASN I 133 10.39 -1.19 12.92
CA ASN I 133 10.06 0.21 12.70
C ASN I 133 9.31 0.31 11.38
N LYS I 134 8.08 0.78 11.44
CA LYS I 134 7.27 0.93 10.25
C LYS I 134 7.65 2.22 9.55
N LEU I 135 8.36 2.05 8.44
CA LEU I 135 8.88 3.13 7.62
C LEU I 135 8.40 2.96 6.17
N SER I 136 7.95 4.04 5.54
CA SER I 136 7.58 3.97 4.15
C SER I 136 8.78 4.20 3.23
N LYS I 137 9.80 4.89 3.74
CA LYS I 137 10.94 5.22 2.90
C LYS I 137 12.23 5.34 3.69
N LEU I 138 13.32 4.80 3.12
CA LEU I 138 14.67 4.99 3.65
C LEU I 138 15.51 5.83 2.67
N THR I 139 16.30 6.76 3.21
CA THR I 139 17.24 7.52 2.38
C THR I 139 18.63 7.30 2.93
N VAL I 140 19.60 7.04 2.06
CA VAL I 140 20.96 6.77 2.49
C VAL I 140 21.89 7.78 1.86
N VAL I 141 22.65 8.48 2.69
CA VAL I 141 23.57 9.51 2.22
C VAL I 141 25.02 9.08 2.41
N PHE I 142 25.70 8.86 1.29
CA PHE I 142 27.10 8.41 1.29
C PHE I 142 28.09 9.56 1.50
N GLU I 143 28.69 9.59 2.69
CA GLU I 143 29.73 10.56 2.98
C GLU I 143 31.03 9.83 3.22
N ILE I 144 31.09 8.63 2.65
CA ILE I 144 32.31 7.86 2.53
C ILE I 144 32.52 7.56 1.05
N ASN I 145 33.75 7.27 0.66
CA ASN I 145 34.07 6.95 -0.72
C ASN I 145 33.90 5.46 -1.00
N VAL I 146 33.20 5.13 -2.10
CA VAL I 146 33.05 3.74 -2.52
C VAL I 146 33.16 3.61 -4.04
N ASP I 147 33.85 2.58 -4.51
CA ASP I 147 33.88 2.39 -5.95
C ASP I 147 32.57 1.74 -6.40
N LYS I 148 32.40 1.63 -7.71
CA LYS I 148 31.17 1.10 -8.28
C LYS I 148 30.84 -0.30 -7.77
N ASN I 149 31.84 -1.17 -7.64
CA ASN I 149 31.59 -2.53 -7.14
C ASN I 149 31.13 -2.52 -5.71
N LEU I 150 31.76 -1.67 -4.89
CA LEU I 150 31.45 -1.64 -3.48
C LEU I 150 30.06 -1.07 -3.26
N PHE I 151 29.68 -0.09 -4.06
CA PHE I 151 28.34 0.48 -3.97
C PHE I 151 27.28 -0.56 -4.33
N ARG I 152 27.57 -1.38 -5.34
CA ARG I 152 26.65 -2.42 -5.76
C ARG I 152 26.49 -3.48 -4.67
N PHE I 153 27.64 -3.86 -4.10
CA PHE I 153 27.67 -4.79 -2.98
C PHE I 153 26.88 -4.25 -1.79
N PHE I 154 26.86 -2.93 -1.62
CA PHE I 154 26.09 -2.33 -0.57
C PHE I 154 24.61 -2.68 -0.76
N LEU I 155 24.10 -2.46 -1.95
CA LEU I 155 22.70 -2.70 -2.27
C LEU I 155 22.31 -4.17 -2.24
N GLU I 156 23.11 -5.01 -2.91
CA GLU I 156 22.93 -6.46 -2.84
C GLU I 156 22.79 -6.91 -1.40
N THR I 157 23.70 -6.45 -0.58
CA THR I 157 23.74 -6.89 0.80
C THR I 157 22.57 -6.33 1.59
N LEU I 158 22.24 -5.07 1.35
CA LEU I 158 21.08 -4.45 1.97
C LEU I 158 19.83 -5.24 1.63
N PHE I 159 19.61 -5.52 0.33
CA PHE I 159 18.43 -6.26 -0.12
C PHE I 159 18.36 -7.63 0.54
N TYR I 160 19.43 -8.40 0.37
CA TYR I 160 19.50 -9.74 0.96
C TYR I 160 19.25 -9.78 2.48
N GLU I 161 19.92 -8.91 3.24
CA GLU I 161 19.77 -8.96 4.70
C GLU I 161 18.40 -8.46 5.17
N TYR I 162 17.83 -7.51 4.44
CA TYR I 162 16.54 -6.93 4.78
C TYR I 162 15.42 -7.94 4.56
N MET I 163 15.55 -8.70 3.47
CA MET I 163 14.57 -9.71 3.10
C MET I 163 14.49 -10.85 4.11
N THR I 164 13.27 -11.21 4.49
CA THR I 164 13.07 -12.27 5.47
C THR I 164 12.27 -13.46 4.89
N ASP I 165 12.83 -14.65 5.04
CA ASP I 165 12.23 -15.84 4.44
C ASP I 165 11.17 -16.45 5.36
N GLU I 166 9.92 -16.43 4.89
CA GLU I 166 8.79 -16.83 5.73
C GLU I 166 7.98 -17.98 5.12
N ARG I 167 8.48 -18.55 4.04
CA ARG I 167 7.78 -19.64 3.33
C ARG I 167 7.30 -20.77 4.23
N PHE I 168 8.02 -21.07 5.32
CA PHE I 168 7.67 -22.21 6.17
C PHE I 168 7.07 -21.80 7.51
N LYS I 169 6.87 -20.49 7.69
CA LYS I 169 6.13 -19.96 8.82
C LYS I 169 4.63 -20.15 8.59
N SER I 170 3.92 -20.58 9.64
CA SER I 170 2.46 -20.73 9.55
C SER I 170 1.76 -19.88 10.61
N THR I 171 1.82 -20.34 11.86
CA THR I 171 1.24 -19.60 12.99
C THR I 171 2.18 -18.56 13.60
N ASP I 172 3.39 -18.39 13.05
CA ASP I 172 4.40 -17.54 13.67
C ASP I 172 5.06 -16.60 12.65
N LYS I 173 4.26 -16.04 11.77
CA LYS I 173 4.76 -14.98 10.90
C LYS I 173 4.90 -13.68 11.72
N ASN I 174 5.87 -12.85 11.37
CA ASN I 174 6.02 -11.55 12.00
C ASN I 174 4.88 -10.64 11.56
N VAL I 175 3.94 -10.38 12.47
CA VAL I 175 2.80 -9.53 12.19
C VAL I 175 3.25 -8.10 11.85
N ASN I 176 4.41 -7.70 12.38
CA ASN I 176 4.96 -6.35 12.21
C ASN I 176 5.92 -6.17 11.02
N MET I 177 6.32 -7.27 10.38
CA MET I 177 7.23 -7.21 9.23
C MET I 177 6.62 -6.39 8.09
N GLU I 178 6.98 -5.11 8.03
CA GLU I 178 6.54 -4.26 6.94
C GLU I 178 7.76 -3.68 6.21
N TYR I 179 7.72 -3.63 4.89
CA TYR I 179 8.87 -3.16 4.11
C TYR I 179 8.71 -1.73 3.60
N ILE I 180 9.83 -1.03 3.45
CA ILE I 180 9.83 0.26 2.78
C ILE I 180 9.40 0.11 1.32
N LYS I 181 8.90 1.18 0.72
CA LYS I 181 8.51 1.14 -0.68
C LYS I 181 9.39 2.06 -1.52
N HIS I 182 10.20 2.87 -0.85
CA HIS I 182 11.06 3.84 -1.53
C HIS I 182 12.42 3.86 -0.90
N LEU I 183 13.45 3.76 -1.74
CA LEU I 183 14.80 3.87 -1.29
C LEU I 183 15.47 5.03 -2.02
N GLY I 184 16.00 5.97 -1.24
CA GLY I 184 16.72 7.09 -1.81
C GLY I 184 18.20 6.98 -1.49
N VAL I 185 19.05 7.22 -2.49
CA VAL I 185 20.50 7.22 -2.31
C VAL I 185 21.11 8.50 -2.85
N TYR I 186 21.83 9.23 -1.99
CA TYR I 186 22.59 10.39 -2.38
C TYR I 186 24.08 10.05 -2.42
N ILE I 187 24.73 10.30 -3.56
CA ILE I 187 26.15 9.97 -3.70
C ILE I 187 26.83 10.93 -4.68
N ASN I 188 28.14 11.13 -4.50
CA ASN I 188 28.93 11.91 -5.44
C ASN I 188 29.02 11.22 -6.81
N ASN I 189 28.94 12.02 -7.88
CA ASN I 189 29.01 11.54 -9.25
C ASN I 189 28.00 10.44 -9.50
N ALA I 190 26.76 10.72 -9.13
CA ALA I 190 25.72 9.73 -9.04
C ALA I 190 25.39 9.07 -10.37
N ASP I 191 25.62 9.79 -11.46
CA ASP I 191 25.26 9.30 -12.80
C ASP I 191 26.00 8.01 -13.14
N THR I 192 27.17 7.84 -12.55
CA THR I 192 28.00 6.71 -12.88
C THR I 192 27.65 5.48 -12.04
N TYR I 193 26.90 5.71 -10.96
CA TYR I 193 26.44 4.61 -10.09
C TYR I 193 25.06 4.08 -10.47
N LYS I 194 24.30 4.84 -11.27
CA LYS I 194 22.90 4.49 -11.45
C LYS I 194 22.70 3.13 -12.12
N GLU I 195 23.66 2.73 -12.96
CA GLU I 195 23.58 1.43 -13.63
C GLU I 195 23.77 0.26 -12.67
N GLU I 196 24.37 0.52 -11.52
CA GLU I 196 24.68 -0.51 -10.55
C GLU I 196 23.44 -0.96 -9.79
N VAL I 197 22.42 -0.11 -9.77
CA VAL I 197 21.23 -0.39 -8.99
C VAL I 197 20.47 -1.61 -9.50
N GLU I 198 20.13 -1.66 -10.78
CA GLU I 198 19.31 -2.77 -11.23
C GLU I 198 20.16 -4.03 -11.36
N LYS I 199 21.45 -3.86 -11.60
CA LYS I 199 22.36 -5.00 -11.51
C LYS I 199 22.33 -5.58 -10.09
N ALA I 200 22.31 -4.71 -9.08
CA ALA I 200 22.21 -5.16 -7.70
C ALA I 200 20.92 -5.94 -7.46
N ARG I 201 19.81 -5.47 -8.02
CA ARG I 201 18.56 -6.15 -7.82
C ARG I 201 18.59 -7.54 -8.46
N VAL I 202 19.33 -7.67 -9.55
CA VAL I 202 19.44 -8.97 -10.20
C VAL I 202 20.36 -9.90 -9.40
N TYR I 203 21.50 -9.39 -8.95
CA TYR I 203 22.41 -10.18 -8.12
C TYR I 203 21.73 -10.57 -6.81
N TYR I 204 20.99 -9.63 -6.23
CA TYR I 204 20.23 -9.91 -5.02
C TYR I 204 19.34 -11.13 -5.23
N PHE I 205 18.52 -11.11 -6.27
CA PHE I 205 17.59 -12.21 -6.40
C PHE I 205 18.24 -13.55 -6.75
N GLY I 206 19.31 -13.54 -7.55
CA GLY I 206 20.01 -14.77 -7.85
C GLY I 206 20.45 -15.41 -6.55
N THR I 207 21.03 -14.59 -5.67
CA THR I 207 21.52 -15.02 -4.38
C THR I 207 20.37 -15.50 -3.49
N TYR I 208 19.25 -14.77 -3.53
CA TYR I 208 18.14 -15.08 -2.67
C TYR I 208 17.43 -16.33 -3.15
N TYR I 209 17.32 -16.49 -4.47
CA TYR I 209 16.79 -17.71 -5.05
C TYR I 209 17.63 -18.90 -4.58
N ALA I 210 18.95 -18.77 -4.69
CA ALA I 210 19.88 -19.77 -4.18
C ALA I 210 19.65 -20.07 -2.70
N SER I 211 19.50 -19.01 -1.90
CA SER I 211 19.22 -19.13 -0.48
C SER I 211 17.93 -19.92 -0.22
N GLN I 212 16.89 -19.61 -0.98
CA GLN I 212 15.60 -20.29 -0.85
C GLN I 212 15.66 -21.80 -1.11
N LEU I 213 16.37 -22.21 -2.14
CA LEU I 213 16.56 -23.64 -2.40
C LEU I 213 17.35 -24.33 -1.31
N ILE I 214 18.40 -23.65 -0.83
CA ILE I 214 19.24 -24.21 0.21
C ILE I 214 18.49 -24.33 1.54
N ALA I 215 17.81 -23.25 1.94
CA ALA I 215 17.13 -23.22 3.22
C ALA I 215 15.96 -24.22 3.27
N ALA I 216 15.40 -24.51 2.09
CA ALA I 216 14.37 -25.51 1.93
C ALA I 216 14.84 -26.87 2.43
N PRO I 217 14.08 -27.47 3.35
CA PRO I 217 14.42 -28.77 3.93
C PRO I 217 14.34 -29.92 2.91
N SER I 218 14.98 -31.02 3.23
CA SER I 218 15.07 -32.12 2.28
C SER I 218 13.73 -32.85 2.02
N ASN I 219 12.73 -32.64 2.86
CA ASN I 219 11.43 -33.20 2.52
C ASN I 219 10.75 -32.34 1.47
N TYR I 220 11.16 -31.07 1.36
CA TYR I 220 10.63 -30.19 0.31
C TYR I 220 11.53 -30.16 -0.90
N CYS I 221 12.83 -30.18 -0.65
CA CYS I 221 13.81 -30.02 -1.71
C CYS I 221 14.51 -31.35 -1.92
N ASN I 222 14.01 -32.10 -2.90
CA ASN I 222 14.54 -33.42 -3.21
C ASN I 222 14.98 -33.46 -4.69
N PRO I 223 15.59 -34.58 -5.13
CA PRO I 223 16.05 -34.56 -6.53
C PRO I 223 14.99 -34.19 -7.58
N VAL I 224 13.76 -34.64 -7.39
CA VAL I 224 12.71 -34.37 -8.37
C VAL I 224 12.20 -32.94 -8.28
N SER I 225 11.97 -32.43 -7.07
CA SER I 225 11.40 -31.09 -6.93
C SER I 225 12.42 -30.00 -7.24
N LEU I 226 13.69 -30.30 -7.01
CA LEU I 226 14.75 -29.39 -7.36
C LEU I 226 14.87 -29.32 -8.88
N SER I 227 14.84 -30.46 -9.57
CA SER I 227 14.96 -30.43 -11.02
C SER I 227 13.70 -29.84 -11.65
N ASN I 228 12.56 -30.06 -11.03
CA ASN I 228 11.32 -29.44 -11.48
C ASN I 228 11.43 -27.93 -11.39
N ALA I 229 12.02 -27.44 -10.30
CA ALA I 229 12.17 -26.00 -10.09
C ALA I 229 13.11 -25.40 -11.13
N ALA I 230 14.15 -26.15 -11.48
CA ALA I 230 15.09 -25.73 -12.51
C ALA I 230 14.41 -25.55 -13.88
N VAL I 231 13.52 -26.49 -14.23
CA VAL I 231 12.79 -26.44 -15.49
C VAL I 231 11.98 -25.15 -15.53
N GLU I 232 11.26 -24.93 -14.43
CA GLU I 232 10.45 -23.75 -14.23
C GLU I 232 11.24 -22.45 -14.37
N LEU I 233 12.42 -22.42 -13.77
CA LEU I 233 13.31 -21.28 -13.92
C LEU I 233 13.70 -21.08 -15.37
N ALA I 234 14.04 -22.19 -16.04
CA ALA I 234 14.48 -22.14 -17.42
C ALA I 234 13.36 -21.62 -18.33
N GLN I 235 12.14 -22.05 -18.04
CA GLN I 235 10.98 -21.68 -18.84
C GLN I 235 10.68 -20.19 -18.73
N LYS I 236 10.97 -19.61 -17.56
CA LYS I 236 10.72 -18.19 -17.35
C LYS I 236 11.81 -17.33 -17.99
N LEU I 237 13.04 -17.83 -18.00
CA LEU I 237 14.15 -17.04 -18.51
C LEU I 237 14.39 -17.33 -19.97
N ASN I 238 13.59 -18.25 -20.50
CA ASN I 238 13.71 -18.69 -21.88
C ASN I 238 15.09 -19.29 -22.12
N LEU I 239 15.45 -20.26 -21.29
CA LEU I 239 16.70 -21.00 -21.46
C LEU I 239 16.37 -22.37 -22.01
N GLU I 240 17.25 -22.94 -22.82
CA GLU I 240 17.08 -24.33 -23.22
C GLU I 240 17.36 -25.18 -21.99
N TYR I 241 16.61 -26.26 -21.83
CA TYR I 241 16.79 -27.14 -20.69
C TYR I 241 16.56 -28.60 -21.06
N LYS I 242 17.07 -29.47 -20.20
CA LYS I 242 17.01 -30.89 -20.37
C LYS I 242 17.25 -31.55 -19.00
N ILE I 243 16.33 -32.41 -18.57
CA ILE I 243 16.55 -33.18 -17.36
C ILE I 243 16.75 -34.64 -17.74
N LEU I 244 17.91 -35.19 -17.40
CA LEU I 244 18.18 -36.57 -17.74
C LEU I 244 17.73 -37.48 -16.60
N GLY I 245 16.92 -38.47 -16.92
CA GLY I 245 16.45 -39.41 -15.92
C GLY I 245 17.30 -40.66 -15.90
N VAL I 246 17.03 -41.51 -14.91
CA VAL I 246 17.82 -42.70 -14.65
C VAL I 246 18.10 -43.53 -15.91
N LYS I 247 17.12 -43.71 -16.78
CA LYS I 247 17.36 -44.55 -17.97
C LYS I 247 18.34 -43.92 -18.98
N GLU I 248 18.26 -42.63 -19.19
CA GLU I 248 19.25 -41.96 -20.02
C GLU I 248 20.58 -41.95 -19.30
N LEU I 249 20.54 -41.89 -17.97
CA LEU I 249 21.78 -41.88 -17.20
C LEU I 249 22.46 -43.24 -17.28
N GLU I 250 21.65 -44.31 -17.27
CA GLU I 250 22.15 -45.68 -17.43
C GLU I 250 22.82 -45.88 -18.79
N GLU I 251 22.22 -45.35 -19.84
CA GLU I 251 22.85 -45.45 -21.16
C GLU I 251 24.17 -44.68 -21.22
N LEU I 252 24.24 -43.57 -20.51
CA LEU I 252 25.48 -42.81 -20.49
C LEU I 252 26.51 -43.43 -19.52
N LYS I 253 26.11 -44.49 -18.83
CA LYS I 253 27.01 -45.27 -17.96
C LYS I 253 27.60 -44.44 -16.80
N MET I 254 26.78 -43.53 -16.29
CA MET I 254 27.14 -42.73 -15.13
C MET I 254 27.00 -43.58 -13.87
N GLY I 255 27.92 -44.54 -13.70
CA GLY I 255 27.84 -45.49 -12.60
C GLY I 255 28.30 -44.96 -11.26
N ALA I 256 29.07 -43.87 -11.27
CA ALA I 256 29.49 -43.25 -10.03
C ALA I 256 28.29 -42.50 -9.46
N TYR I 257 27.73 -41.61 -10.27
CA TYR I 257 26.57 -40.81 -9.87
C TYR I 257 25.34 -41.67 -9.53
N LEU I 258 25.02 -42.67 -10.34
CA LEU I 258 23.85 -43.48 -10.06
C LEU I 258 23.99 -44.25 -8.74
N SER I 259 25.22 -44.68 -8.44
CA SER I 259 25.47 -45.42 -7.21
C SER I 259 25.15 -44.62 -5.94
N VAL I 260 25.54 -43.34 -5.90
CA VAL I 260 25.24 -42.52 -4.73
C VAL I 260 23.72 -42.43 -4.53
N GLY I 261 23.00 -42.46 -5.65
CA GLY I 261 21.56 -42.33 -5.61
C GLY I 261 20.75 -43.59 -5.29
N LYS I 262 21.36 -44.78 -5.46
CA LYS I 262 20.65 -46.07 -5.35
C LYS I 262 19.76 -46.20 -4.11
N GLY I 263 20.25 -45.74 -2.96
CA GLY I 263 19.49 -45.87 -1.74
C GLY I 263 18.33 -44.91 -1.59
N SER I 264 18.08 -44.04 -2.57
CA SER I 264 17.04 -43.02 -2.38
C SER I 264 15.66 -43.40 -2.93
N MET I 265 14.60 -42.91 -2.28
CA MET I 265 13.24 -43.06 -2.80
C MET I 265 12.98 -42.13 -3.97
N TYR I 266 13.84 -41.13 -4.16
CA TYR I 266 13.74 -40.20 -5.27
C TYR I 266 14.74 -40.58 -6.36
N PRO I 267 14.27 -40.68 -7.60
CA PRO I 267 15.16 -40.97 -8.74
C PRO I 267 16.20 -39.87 -8.96
N ASN I 268 17.40 -40.27 -9.38
CA ASN I 268 18.37 -39.30 -9.87
C ASN I 268 17.78 -38.47 -11.01
N LYS I 269 18.16 -37.19 -11.02
CA LYS I 269 17.73 -36.25 -12.04
C LYS I 269 18.91 -35.38 -12.33
N PHE I 270 19.44 -35.48 -13.54
CA PHE I 270 20.59 -34.67 -13.94
C PHE I 270 20.09 -33.43 -14.66
N ILE I 271 20.47 -32.26 -14.14
CA ILE I 271 20.01 -30.99 -14.70
C ILE I 271 21.01 -30.37 -15.66
N HIS I 272 20.52 -30.04 -16.85
CA HIS I 272 21.34 -29.43 -17.88
C HIS I 272 20.59 -28.26 -18.48
N LEU I 273 20.98 -27.06 -18.06
CA LEU I 273 20.44 -25.81 -18.58
C LEU I 273 21.49 -25.14 -19.48
N THR I 274 21.04 -24.51 -20.56
CA THR I 274 21.98 -23.87 -21.47
C THR I 274 21.52 -22.46 -21.81
N TYR I 275 22.44 -21.50 -21.69
CA TYR I 275 22.23 -20.17 -22.23
C TYR I 275 23.17 -19.98 -23.42
N LYS I 276 22.69 -19.38 -24.50
CA LYS I 276 23.55 -19.05 -25.62
C LYS I 276 23.31 -17.63 -26.10
N SER I 277 24.39 -16.86 -26.24
CA SER I 277 24.31 -15.53 -26.83
C SER I 277 23.76 -15.63 -28.24
N LYS I 278 23.01 -14.61 -28.63
CA LYS I 278 22.76 -14.35 -30.04
C LYS I 278 24.00 -13.59 -30.50
N GLY I 279 24.70 -14.14 -31.49
CA GLY I 279 25.97 -13.56 -31.90
C GLY I 279 27.06 -14.63 -31.89
N ASP I 280 28.26 -14.23 -32.31
CA ASP I 280 29.39 -15.15 -32.33
C ASP I 280 29.82 -15.51 -30.91
N VAL I 281 29.94 -16.82 -30.65
CA VAL I 281 30.34 -17.31 -29.33
C VAL I 281 31.86 -17.40 -29.18
N LYS I 282 32.43 -16.54 -28.35
CA LYS I 282 33.88 -16.56 -28.16
C LYS I 282 34.30 -17.54 -27.08
N LYS I 283 33.54 -17.62 -25.99
CA LYS I 283 33.85 -18.52 -24.89
C LYS I 283 32.70 -19.52 -24.65
N LYS I 284 33.05 -20.79 -24.43
CA LYS I 284 32.08 -21.77 -23.95
C LYS I 284 32.46 -22.21 -22.53
N ILE I 285 31.48 -22.21 -21.65
CA ILE I 285 31.73 -22.52 -20.25
C ILE I 285 30.72 -23.53 -19.68
N ALA I 286 31.23 -24.48 -18.91
CA ALA I 286 30.38 -25.37 -18.12
C ALA I 286 30.53 -25.02 -16.64
N LEU I 287 29.42 -24.76 -15.98
CA LEU I 287 29.39 -24.57 -14.52
C LEU I 287 28.70 -25.76 -13.86
N VAL I 288 29.45 -26.52 -13.07
CA VAL I 288 28.94 -27.73 -12.45
C VAL I 288 28.75 -27.55 -10.93
N GLY I 289 27.53 -27.71 -10.45
CA GLY I 289 27.29 -27.67 -9.02
C GLY I 289 26.95 -28.99 -8.36
N LYS I 290 27.57 -29.25 -7.21
CA LYS I 290 27.21 -30.42 -6.39
C LYS I 290 25.76 -30.33 -5.91
N GLY I 291 24.99 -31.37 -6.20
CA GLY I 291 23.56 -31.39 -5.91
C GLY I 291 23.03 -32.53 -5.05
N ILE I 292 23.59 -32.69 -3.85
CA ILE I 292 23.10 -33.68 -2.90
C ILE I 292 22.01 -33.05 -2.04
N THR I 293 20.76 -33.44 -2.23
CA THR I 293 19.66 -32.70 -1.58
C THR I 293 19.58 -33.04 -0.09
N PHE I 294 19.99 -34.27 0.27
CA PHE I 294 20.32 -34.59 1.66
C PHE I 294 21.52 -35.52 1.75
N ASP I 295 22.47 -35.20 2.62
CA ASP I 295 23.61 -36.07 2.83
C ASP I 295 23.58 -36.74 4.20
N SER I 296 23.05 -37.96 4.27
CA SER I 296 22.98 -38.69 5.54
C SER I 296 24.30 -39.36 5.83
N GLY I 297 25.12 -39.49 4.80
CA GLY I 297 26.36 -40.20 4.90
C GLY I 297 26.35 -41.60 4.28
N GLY I 298 25.15 -42.13 4.01
CA GLY I 298 25.03 -43.52 3.59
C GLY I 298 25.43 -44.46 4.74
N TYR I 299 25.93 -45.65 4.43
CA TYR I 299 26.28 -46.58 5.50
C TYR I 299 27.40 -46.05 6.39
N ASN I 300 28.22 -45.15 5.86
CA ASN I 300 29.11 -44.34 6.70
C ASN I 300 28.36 -43.17 7.37
N LEU I 301 27.28 -43.50 8.06
CA LEU I 301 26.34 -42.53 8.61
C LEU I 301 27.02 -41.41 9.43
N LYS I 302 26.53 -40.18 9.28
CA LYS I 302 27.04 -39.06 10.08
C LYS I 302 26.54 -39.20 11.52
N ALA I 303 27.16 -40.09 12.27
CA ALA I 303 26.75 -40.37 13.62
C ALA I 303 27.71 -39.74 14.61
N ALA I 304 28.85 -39.29 14.11
CA ALA I 304 29.90 -38.76 14.96
C ALA I 304 29.53 -37.40 15.53
N PRO I 305 30.09 -37.05 16.71
CA PRO I 305 29.91 -35.73 17.33
C PRO I 305 30.46 -34.59 16.47
N GLY I 306 29.64 -33.60 16.17
CA GLY I 306 30.08 -32.50 15.32
C GLY I 306 29.92 -32.73 13.82
N SER I 307 29.13 -33.73 13.44
CA SER I 307 28.99 -34.08 12.02
C SER I 307 27.94 -33.25 11.29
N MET I 308 27.12 -32.49 12.03
CA MET I 308 26.16 -31.53 11.45
C MET I 308 25.09 -32.14 10.52
N ILE I 309 24.62 -33.35 10.82
CA ILE I 309 23.61 -33.99 10.00
C ILE I 309 22.33 -33.12 9.90
N ASP I 310 22.07 -32.30 10.93
CA ASP I 310 20.83 -31.53 10.98
C ASP I 310 20.83 -30.38 10.00
N LEU I 311 21.98 -30.17 9.34
CA LEU I 311 22.17 -29.10 8.36
C LEU I 311 22.45 -29.62 6.95
N MET I 312 22.38 -30.94 6.75
CA MET I 312 22.89 -31.49 5.51
C MET I 312 21.94 -31.29 4.33
N LYS I 313 20.85 -30.59 4.57
CA LYS I 313 20.06 -30.02 3.49
C LYS I 313 20.87 -28.99 2.68
N PHE I 314 22.01 -28.52 3.20
CA PHE I 314 22.76 -27.48 2.50
C PHE I 314 23.68 -28.06 1.42
N ASP I 315 23.66 -29.38 1.25
CA ASP I 315 24.68 -30.09 0.48
C ASP I 315 24.41 -30.08 -1.03
N MET I 316 23.45 -29.27 -1.41
CA MET I 316 23.05 -29.02 -2.78
C MET I 316 23.36 -27.56 -3.07
N SER I 317 24.05 -26.90 -2.12
CA SER I 317 24.41 -25.48 -2.20
C SER I 317 25.10 -25.12 -3.52
N GLY I 318 25.94 -26.02 -4.01
CA GLY I 318 26.61 -25.78 -5.28
C GLY I 318 25.63 -25.74 -6.45
N CYS I 319 24.64 -26.62 -6.41
CA CYS I 319 23.58 -26.62 -7.42
C CYS I 319 22.80 -25.33 -7.34
N ALA I 320 22.53 -24.90 -6.10
CA ALA I 320 21.81 -23.66 -5.84
C ALA I 320 22.55 -22.47 -6.44
N ALA I 321 23.86 -22.43 -6.21
CA ALA I 321 24.64 -21.35 -6.72
C ALA I 321 24.61 -21.33 -8.25
N VAL I 322 24.70 -22.51 -8.87
CA VAL I 322 24.68 -22.57 -10.33
C VAL I 322 23.34 -22.09 -10.89
N LEU I 323 22.23 -22.48 -10.24
CA LEU I 323 20.90 -22.07 -10.68
C LEU I 323 20.65 -20.57 -10.45
N GLY I 324 21.21 -20.03 -9.38
CA GLY I 324 21.14 -18.59 -9.16
C GLY I 324 21.94 -17.84 -10.22
N CYS I 325 23.06 -18.42 -10.62
CA CYS I 325 23.85 -17.85 -11.71
C CYS I 325 23.05 -17.90 -13.01
N ALA I 326 22.34 -18.99 -13.24
CA ALA I 326 21.48 -19.09 -14.41
C ALA I 326 20.45 -17.97 -14.42
N TYR I 327 19.90 -17.63 -13.25
CA TYR I 327 18.95 -16.52 -13.19
C TYR I 327 19.58 -15.19 -13.61
N CYS I 328 20.83 -14.96 -13.22
CA CYS I 328 21.46 -13.68 -13.51
C CYS I 328 21.89 -13.59 -14.96
N VAL I 329 22.56 -14.64 -15.43
CA VAL I 329 22.99 -14.70 -16.82
C VAL I 329 21.78 -14.65 -17.74
N GLY I 330 20.73 -15.40 -17.39
CA GLY I 330 19.49 -15.43 -18.16
C GLY I 330 18.77 -14.09 -18.18
N THR I 331 18.99 -13.29 -17.15
CA THR I 331 18.37 -11.98 -17.02
C THR I 331 19.23 -10.87 -17.63
N LEU I 332 20.54 -10.91 -17.40
CA LEU I 332 21.46 -9.85 -17.85
C LEU I 332 21.88 -10.01 -19.31
N LYS I 333 21.70 -11.21 -19.84
CA LYS I 333 21.95 -11.53 -21.24
C LYS I 333 23.29 -11.04 -21.78
N PRO I 334 24.38 -11.66 -21.30
CA PRO I 334 25.74 -11.36 -21.77
C PRO I 334 25.97 -11.81 -23.21
N GLU I 335 26.97 -11.23 -23.88
CA GLU I 335 27.24 -11.55 -25.27
C GLU I 335 28.44 -12.49 -25.46
N ASN I 336 28.45 -13.18 -26.59
CA ASN I 336 29.58 -14.02 -27.01
C ASN I 336 29.95 -15.13 -26.04
N VAL I 337 28.96 -15.65 -25.32
CA VAL I 337 29.18 -16.79 -24.44
C VAL I 337 28.11 -17.86 -24.63
N GLU I 338 28.50 -19.11 -24.45
CA GLU I 338 27.57 -20.20 -24.31
C GLU I 338 27.79 -20.86 -22.95
N ILE I 339 26.82 -20.80 -22.06
CA ILE I 339 26.99 -21.36 -20.73
C ILE I 339 26.12 -22.58 -20.50
N HIS I 340 26.75 -23.69 -20.11
CA HIS I 340 25.99 -24.84 -19.63
C HIS I 340 25.97 -24.85 -18.11
N PHE I 341 24.80 -25.10 -17.54
CA PHE I 341 24.58 -25.14 -16.10
C PHE I 341 24.23 -26.57 -15.68
N LEU I 342 25.19 -27.26 -15.07
CA LEU I 342 25.05 -28.70 -14.81
C LEU I 342 24.90 -29.06 -13.33
N SER I 343 24.10 -30.09 -13.04
CA SER I 343 24.02 -30.57 -11.68
C SER I 343 23.56 -32.02 -11.63
N ALA I 344 24.44 -32.91 -11.17
CA ALA I 344 24.05 -34.28 -10.91
C ALA I 344 23.34 -34.35 -9.57
N VAL I 345 22.02 -34.14 -9.60
CA VAL I 345 21.20 -34.09 -8.40
C VAL I 345 20.79 -35.48 -7.91
N CYS I 346 20.99 -35.74 -6.62
CA CYS I 346 20.53 -36.97 -5.97
C CYS I 346 20.59 -36.86 -4.44
N GLU I 347 20.18 -37.92 -3.76
CA GLU I 347 20.10 -37.96 -2.31
C GLU I 347 20.94 -39.15 -1.75
N ASN I 348 21.79 -38.90 -0.75
CA ASN I 348 22.62 -39.95 -0.13
C ASN I 348 21.98 -40.61 1.12
N MET I 349 21.37 -41.78 0.95
CA MET I 349 20.48 -42.37 1.96
C MET I 349 20.85 -43.77 2.40
N VAL I 350 20.30 -44.21 3.53
CA VAL I 350 20.52 -45.54 4.06
C VAL I 350 19.30 -46.42 3.79
N SER I 351 19.54 -47.56 3.15
CA SER I 351 18.48 -48.41 2.65
C SER I 351 19.06 -49.78 2.36
N LYS I 352 18.20 -50.76 2.10
CA LYS I 352 18.65 -52.03 1.58
C LYS I 352 19.22 -51.86 0.17
N ASN I 353 18.83 -50.78 -0.52
CA ASN I 353 19.32 -50.56 -1.87
C ASN I 353 20.58 -49.69 -2.00
N SER I 354 21.13 -49.20 -0.89
CA SER I 354 22.23 -48.24 -0.97
C SER I 354 23.55 -48.85 -1.43
N TYR I 355 24.49 -47.99 -1.82
CA TYR I 355 25.82 -48.47 -2.18
C TYR I 355 26.60 -48.64 -0.88
N ARG I 356 27.50 -49.62 -0.87
CA ARG I 356 28.19 -50.04 0.33
C ARG I 356 29.63 -49.57 0.32
N PRO I 357 30.21 -49.37 1.52
CA PRO I 357 31.66 -49.22 1.68
C PRO I 357 32.35 -50.43 1.07
N GLY I 358 33.38 -50.23 0.26
CA GLY I 358 34.06 -51.34 -0.39
C GLY I 358 33.58 -51.65 -1.81
N ASP I 359 32.40 -51.14 -2.17
CA ASP I 359 31.85 -51.37 -3.51
C ASP I 359 32.78 -50.81 -4.63
N ILE I 360 32.94 -51.56 -5.71
CA ILE I 360 33.69 -51.02 -6.85
C ILE I 360 32.71 -50.67 -7.95
N ILE I 361 32.72 -49.39 -8.34
CA ILE I 361 31.76 -48.89 -9.31
C ILE I 361 32.47 -48.33 -10.53
N THR I 362 31.72 -48.05 -11.59
CA THR I 362 32.32 -47.60 -12.84
C THR I 362 31.80 -46.26 -13.37
N ALA I 363 32.69 -45.27 -13.44
CA ALA I 363 32.37 -43.94 -13.99
C ALA I 363 32.14 -43.99 -15.51
N SER I 364 31.58 -42.92 -16.07
CA SER I 364 31.21 -42.87 -17.48
C SER I 364 32.43 -42.73 -18.43
N ASN I 365 33.61 -42.50 -17.88
CA ASN I 365 34.81 -42.52 -18.69
C ASN I 365 35.52 -43.88 -18.61
N GLY I 366 34.89 -44.84 -17.93
CA GLY I 366 35.43 -46.18 -17.81
C GLY I 366 36.32 -46.46 -16.60
N LYS I 367 36.66 -45.45 -15.80
CA LYS I 367 37.46 -45.71 -14.60
C LYS I 367 36.66 -46.40 -13.49
N THR I 368 37.24 -47.44 -12.93
CA THR I 368 36.67 -48.08 -11.75
C THR I 368 37.14 -47.36 -10.49
N ILE I 369 36.21 -47.21 -9.55
CA ILE I 369 36.45 -46.50 -8.30
C ILE I 369 36.06 -47.37 -7.10
N GLU I 370 37.03 -47.73 -6.27
CA GLU I 370 36.68 -48.45 -5.06
C GLU I 370 36.19 -47.47 -3.98
N VAL I 371 34.96 -47.63 -3.53
CA VAL I 371 34.42 -46.77 -2.50
C VAL I 371 35.02 -47.09 -1.12
N GLY I 372 35.66 -46.12 -0.49
CA GLY I 372 36.21 -46.33 0.84
C GLY I 372 35.30 -45.77 1.93
N ASN I 373 34.40 -44.87 1.53
CA ASN I 373 33.53 -44.20 2.46
C ASN I 373 32.34 -43.59 1.75
N THR I 374 31.15 -44.12 2.01
CA THR I 374 29.95 -43.63 1.33
C THR I 374 29.64 -42.17 1.63
N ASP I 375 30.21 -41.60 2.70
CA ASP I 375 29.96 -40.20 3.02
C ASP I 375 30.86 -39.27 2.20
N ALA I 376 31.71 -39.83 1.33
CA ALA I 376 32.47 -39.02 0.37
C ALA I 376 31.77 -39.09 -1.00
N GLU I 377 30.49 -38.75 -0.99
CA GLU I 377 29.61 -39.00 -2.12
C GLU I 377 29.67 -37.89 -3.18
N GLY I 378 30.03 -36.68 -2.77
CA GLY I 378 30.03 -35.55 -3.68
C GLY I 378 30.98 -35.72 -4.85
N ARG I 379 32.17 -36.23 -4.59
CA ARG I 379 33.17 -36.38 -5.63
C ARG I 379 32.80 -37.48 -6.65
N LEU I 380 31.98 -38.45 -6.20
CA LEU I 380 31.49 -39.48 -7.09
C LEU I 380 30.51 -38.90 -8.08
N THR I 381 29.57 -38.09 -7.59
CA THR I 381 28.58 -37.52 -8.50
C THR I 381 29.24 -36.48 -9.39
N LEU I 382 30.20 -35.74 -8.84
CA LEU I 382 30.88 -34.71 -9.63
C LEU I 382 31.76 -35.33 -10.71
N ALA I 383 32.25 -36.55 -10.46
CA ALA I 383 33.14 -37.20 -11.42
C ALA I 383 32.40 -37.45 -12.73
N ASP I 384 31.19 -37.98 -12.63
CA ASP I 384 30.37 -38.20 -13.82
C ASP I 384 29.92 -36.87 -14.42
N ALA I 385 29.68 -35.87 -13.58
CA ALA I 385 29.20 -34.59 -14.10
C ALA I 385 30.31 -33.89 -14.88
N LEU I 386 31.56 -34.06 -14.45
CA LEU I 386 32.70 -33.47 -15.13
C LEU I 386 32.96 -34.19 -16.45
N VAL I 387 32.76 -35.50 -16.50
CA VAL I 387 32.94 -36.22 -17.76
C VAL I 387 31.93 -35.70 -18.80
N TYR I 388 30.68 -35.56 -18.38
CA TYR I 388 29.62 -34.98 -19.22
C TYR I 388 29.98 -33.57 -19.68
N ALA I 389 30.45 -32.75 -18.74
CA ALA I 389 30.87 -31.38 -19.03
C ALA I 389 31.96 -31.32 -20.10
N GLU I 390 32.98 -32.17 -19.95
CA GLU I 390 34.07 -32.16 -20.91
C GLU I 390 33.57 -32.59 -22.29
N LYS I 391 32.65 -33.55 -22.35
CA LYS I 391 32.06 -33.97 -23.61
C LYS I 391 31.27 -32.86 -24.31
N LEU I 392 30.94 -31.77 -23.60
CA LEU I 392 30.26 -30.64 -24.23
C LEU I 392 31.25 -29.81 -25.06
N GLY I 393 32.53 -30.09 -24.90
CA GLY I 393 33.56 -29.39 -25.65
C GLY I 393 33.63 -27.93 -25.32
N VAL I 394 33.80 -27.62 -24.03
CA VAL I 394 33.82 -26.24 -23.56
C VAL I 394 35.25 -25.75 -23.38
N ASP I 395 35.41 -24.47 -23.09
CA ASP I 395 36.73 -23.87 -22.87
C ASP I 395 37.14 -23.92 -21.40
N TYR I 396 36.16 -23.76 -20.51
CA TYR I 396 36.38 -23.86 -19.08
C TYR I 396 35.29 -24.70 -18.42
N ILE I 397 35.70 -25.56 -17.50
CA ILE I 397 34.78 -26.19 -16.56
C ILE I 397 35.05 -25.65 -15.15
N VAL I 398 34.04 -25.09 -14.51
CA VAL I 398 34.20 -24.61 -13.16
C VAL I 398 33.19 -25.31 -12.29
N ASP I 399 33.65 -26.10 -11.31
CA ASP I 399 32.70 -26.72 -10.41
C ASP I 399 32.72 -26.00 -9.04
N ILE I 400 31.57 -26.04 -8.38
CA ILE I 400 31.39 -25.44 -7.06
C ILE I 400 30.65 -26.44 -6.18
N ALA I 401 31.16 -26.68 -4.98
CA ALA I 401 30.65 -27.79 -4.17
C ALA I 401 30.92 -27.63 -2.68
N THR I 402 29.94 -28.04 -1.86
CA THR I 402 30.14 -28.14 -0.41
C THR I 402 30.81 -29.48 -0.13
N LEU I 403 32.07 -29.60 -0.54
CA LEU I 403 32.69 -30.92 -0.69
C LEU I 403 33.38 -31.45 0.55
N THR I 404 34.05 -30.60 1.33
CA THR I 404 34.86 -31.08 2.45
C THR I 404 34.76 -30.21 3.72
N GLY I 405 34.42 -30.86 4.83
CA GLY I 405 34.36 -30.21 6.12
C GLY I 405 35.72 -29.66 6.52
N ALA I 406 36.77 -30.24 5.94
CA ALA I 406 38.15 -29.79 6.20
C ALA I 406 38.34 -28.31 5.90
N MET I 407 37.48 -27.75 5.07
CA MET I 407 37.59 -26.33 4.74
C MET I 407 37.41 -25.48 5.99
N LEU I 408 36.69 -26.02 6.97
CA LEU I 408 36.46 -25.27 8.20
C LEU I 408 37.74 -25.16 9.02
N TYR I 409 38.71 -26.04 8.74
CA TYR I 409 39.95 -26.05 9.46
C TYR I 409 41.05 -25.34 8.70
N SER I 410 40.83 -25.06 7.43
CA SER I 410 41.86 -24.41 6.64
C SER I 410 41.57 -22.93 6.42
N LEU I 411 40.33 -22.58 6.12
CA LEU I 411 39.99 -21.21 5.76
C LEU I 411 38.83 -20.70 6.59
N GLY I 412 38.15 -21.63 7.25
CA GLY I 412 37.03 -21.28 8.10
C GLY I 412 35.78 -20.87 7.34
N THR I 413 35.05 -19.92 7.93
CA THR I 413 33.70 -19.63 7.49
C THR I 413 33.60 -18.45 6.52
N SER I 414 34.70 -17.72 6.31
CA SER I 414 34.65 -16.54 5.42
C SER I 414 35.19 -16.76 3.99
N TYR I 415 36.23 -17.56 3.81
CA TYR I 415 36.83 -17.71 2.49
C TYR I 415 36.61 -19.08 1.90
N ALA I 416 36.10 -19.12 0.67
CA ALA I 416 36.05 -20.38 -0.06
C ALA I 416 37.44 -20.69 -0.62
N GLY I 417 37.71 -21.95 -0.89
CA GLY I 417 38.98 -22.33 -1.49
C GLY I 417 38.78 -22.62 -2.97
N VAL I 418 39.79 -22.33 -3.77
CA VAL I 418 39.74 -22.69 -5.16
C VAL I 418 40.99 -23.49 -5.52
N PHE I 419 40.74 -24.60 -6.24
CA PHE I 419 41.77 -25.51 -6.76
C PHE I 419 41.56 -25.52 -8.25
N GLY I 420 42.56 -25.94 -9.00
CA GLY I 420 42.37 -26.09 -10.42
C GLY I 420 43.60 -26.62 -11.11
N ASN I 421 43.45 -26.94 -12.40
CA ASN I 421 44.56 -27.48 -13.18
C ASN I 421 45.09 -26.43 -14.15
N ASN I 422 44.72 -25.18 -13.95
CA ASN I 422 44.99 -24.15 -14.95
C ASN I 422 45.09 -22.75 -14.36
N GLU I 423 46.28 -22.16 -14.41
CA GLU I 423 46.55 -20.90 -13.72
C GLU I 423 45.73 -19.73 -14.25
N GLU I 424 45.54 -19.64 -15.57
CA GLU I 424 44.73 -18.58 -16.14
C GLU I 424 43.30 -18.63 -15.59
N LEU I 425 42.67 -19.80 -15.66
CA LEU I 425 41.33 -19.96 -15.17
C LEU I 425 41.28 -19.55 -13.68
N ILE I 426 42.20 -20.11 -12.88
CA ILE I 426 42.25 -19.81 -11.45
C ILE I 426 42.30 -18.30 -11.18
N ASN I 427 43.15 -17.60 -11.92
CA ASN I 427 43.24 -16.15 -11.78
C ASN I 427 41.95 -15.45 -12.19
N LYS I 428 41.28 -16.00 -13.20
CA LYS I 428 40.00 -15.46 -13.60
C LYS I 428 39.01 -15.58 -12.46
N ILE I 429 39.07 -16.70 -11.74
CA ILE I 429 38.20 -16.90 -10.59
C ILE I 429 38.53 -15.90 -9.49
N LEU I 430 39.82 -15.68 -9.24
CA LEU I 430 40.24 -14.78 -8.16
C LEU I 430 39.85 -13.34 -8.47
N GLN I 431 39.91 -13.00 -9.75
CA GLN I 431 39.49 -11.68 -10.21
C GLN I 431 38.00 -11.49 -9.98
N SER I 432 37.22 -12.51 -10.33
CA SER I 432 35.78 -12.49 -10.12
C SER I 432 35.47 -12.43 -8.61
N SER I 433 36.31 -13.05 -7.80
CA SER I 433 36.16 -12.99 -6.36
C SER I 433 36.24 -11.54 -5.88
N LYS I 434 37.20 -10.79 -6.46
CA LYS I 434 37.41 -9.38 -6.15
C LYS I 434 36.22 -8.51 -6.50
N THR I 435 35.76 -8.64 -7.74
CA THR I 435 34.71 -7.75 -8.22
C THR I 435 33.35 -8.12 -7.62
N SER I 436 33.15 -9.38 -7.26
CA SER I 436 31.88 -9.80 -6.63
C SER I 436 31.89 -9.63 -5.11
N ASN I 437 33.09 -9.49 -4.55
CA ASN I 437 33.29 -9.41 -3.11
C ASN I 437 32.83 -10.67 -2.36
N GLU I 438 32.87 -11.81 -3.05
CA GLU I 438 32.75 -13.12 -2.42
C GLU I 438 34.15 -13.71 -2.35
N PRO I 439 34.80 -13.64 -1.18
CA PRO I 439 36.23 -13.96 -1.08
C PRO I 439 36.58 -15.42 -1.32
N VAL I 440 37.72 -15.60 -1.97
CA VAL I 440 38.19 -16.91 -2.40
C VAL I 440 39.72 -16.98 -2.30
N TRP I 441 40.26 -18.06 -1.73
CA TRP I 441 41.70 -18.25 -1.64
C TRP I 441 42.19 -19.44 -2.47
N TRP I 442 43.32 -19.25 -3.13
CA TRP I 442 43.89 -20.28 -3.97
C TRP I 442 44.64 -21.30 -3.09
N LEU I 443 44.25 -22.57 -3.23
CA LEU I 443 44.86 -23.67 -2.50
C LEU I 443 45.45 -24.66 -3.51
N PRO I 444 46.53 -25.36 -3.12
CA PRO I 444 47.30 -26.19 -4.07
C PRO I 444 46.74 -27.59 -4.29
N ILE I 445 46.93 -28.14 -5.48
CA ILE I 445 46.66 -29.55 -5.67
C ILE I 445 48.00 -30.27 -5.56
N ILE I 446 48.19 -31.01 -4.46
CA ILE I 446 49.52 -31.54 -4.17
C ILE I 446 49.68 -32.94 -4.73
N ASN I 447 50.41 -33.04 -5.83
CA ASN I 447 50.45 -34.27 -6.60
C ASN I 447 51.10 -35.39 -5.82
N GLU I 448 51.98 -35.04 -4.89
CA GLU I 448 52.62 -36.01 -4.02
C GLU I 448 51.59 -36.91 -3.30
N TYR I 449 50.38 -36.41 -3.07
CA TYR I 449 49.38 -37.21 -2.34
C TYR I 449 48.68 -38.21 -3.26
N ARG I 450 48.83 -38.05 -4.57
CA ARG I 450 48.12 -38.85 -5.56
C ARG I 450 48.29 -40.35 -5.35
N ALA I 451 49.49 -40.77 -4.95
CA ALA I 451 49.75 -42.18 -4.75
C ALA I 451 48.85 -42.81 -3.69
N THR I 452 48.35 -42.01 -2.74
CA THR I 452 47.53 -42.58 -1.68
C THR I 452 46.17 -42.95 -2.24
N LEU I 453 45.89 -42.56 -3.48
CA LEU I 453 44.64 -42.92 -4.13
C LEU I 453 44.76 -44.17 -5.02
N ASN I 454 45.95 -44.77 -5.03
CA ASN I 454 46.13 -46.06 -5.70
C ASN I 454 45.35 -47.16 -4.99
N SER I 455 44.60 -47.94 -5.77
CA SER I 455 43.82 -49.05 -5.25
C SER I 455 44.37 -50.39 -5.74
N LYS I 456 44.38 -51.37 -4.85
CA LYS I 456 44.80 -52.72 -5.18
C LYS I 456 43.92 -53.41 -6.24
N TYR I 457 42.63 -53.10 -6.28
CA TYR I 457 41.73 -53.81 -7.18
C TYR I 457 41.13 -52.92 -8.27
N ALA I 458 40.66 -51.73 -7.91
CA ALA I 458 40.09 -50.81 -8.90
C ALA I 458 41.18 -49.92 -9.50
N ASP I 459 40.82 -49.07 -10.45
CA ASP I 459 41.78 -48.12 -11.02
C ASP I 459 42.17 -47.09 -9.98
N ILE I 460 41.22 -46.65 -9.15
CA ILE I 460 41.51 -45.57 -8.21
C ILE I 460 40.64 -45.63 -6.94
N ASN I 461 41.20 -45.16 -5.82
CA ASN I 461 40.44 -45.04 -4.59
C ASN I 461 39.67 -43.73 -4.60
N GLN I 462 38.50 -43.77 -3.99
CA GLN I 462 37.71 -42.56 -3.77
C GLN I 462 38.31 -41.70 -2.64
N ILE I 463 38.90 -42.34 -1.63
CA ILE I 463 39.49 -41.58 -0.52
C ILE I 463 40.93 -41.98 -0.25
N SER I 464 41.66 -41.10 0.41
CA SER I 464 43.04 -41.37 0.79
C SER I 464 43.16 -42.38 1.93
N SER I 465 44.24 -43.15 1.88
CA SER I 465 44.54 -44.14 2.91
C SER I 465 45.28 -43.52 4.11
N SER I 466 46.06 -42.47 3.86
CA SER I 466 46.93 -41.91 4.89
C SER I 466 46.83 -40.39 5.08
N VAL I 467 46.31 -39.68 4.09
CA VAL I 467 46.37 -38.22 4.08
C VAL I 467 45.11 -37.57 4.66
N LYS I 468 45.28 -36.63 5.59
CA LYS I 468 44.15 -35.95 6.23
C LYS I 468 43.74 -34.64 5.54
N ALA I 469 44.55 -34.20 4.57
CA ALA I 469 44.22 -33.00 3.79
C ALA I 469 43.11 -33.29 2.77
N SER I 470 41.90 -33.48 3.27
CA SER I 470 40.78 -33.95 2.46
C SER I 470 40.41 -33.09 1.26
N SER I 471 40.42 -31.78 1.44
CA SER I 471 40.12 -30.84 0.36
C SER I 471 41.09 -31.01 -0.79
N ILE I 472 42.34 -31.36 -0.47
CA ILE I 472 43.33 -31.54 -1.50
C ILE I 472 43.14 -32.89 -2.19
N VAL I 473 42.95 -33.95 -1.40
CA VAL I 473 42.71 -35.29 -1.96
C VAL I 473 41.49 -35.31 -2.87
N ALA I 474 40.39 -34.72 -2.40
CA ALA I 474 39.17 -34.62 -3.17
C ALA I 474 39.45 -33.93 -4.51
N SER I 475 40.26 -32.87 -4.48
CA SER I 475 40.61 -32.19 -5.71
C SER I 475 41.50 -33.04 -6.63
N LEU I 476 42.43 -33.81 -6.08
CA LEU I 476 43.18 -34.78 -6.89
C LEU I 476 42.26 -35.81 -7.55
N PHE I 477 41.22 -36.23 -6.81
CA PHE I 477 40.31 -37.22 -7.34
C PHE I 477 39.55 -36.69 -8.55
N LEU I 478 39.00 -35.49 -8.41
CA LEU I 478 38.24 -34.86 -9.48
C LEU I 478 39.12 -34.59 -10.69
N LYS I 479 40.39 -34.25 -10.46
CA LYS I 479 41.31 -33.95 -11.54
C LYS I 479 41.46 -35.13 -12.50
N GLU I 480 41.19 -36.33 -12.00
CA GLU I 480 41.27 -37.54 -12.81
C GLU I 480 40.11 -37.72 -13.79
N PHE I 481 39.13 -36.84 -13.73
CA PHE I 481 37.99 -36.96 -14.63
C PHE I 481 37.87 -35.76 -15.58
N VAL I 482 38.98 -35.00 -15.67
CA VAL I 482 39.10 -33.93 -16.66
C VAL I 482 40.42 -34.16 -17.38
N GLN I 483 40.35 -34.47 -18.66
CA GLN I 483 41.53 -34.97 -19.36
C GLN I 483 42.33 -33.85 -20.00
N ASN I 484 41.64 -32.93 -20.67
CA ASN I 484 42.35 -31.93 -21.45
C ASN I 484 41.64 -30.58 -21.55
N THR I 485 40.90 -30.22 -20.51
CA THR I 485 40.19 -28.95 -20.46
C THR I 485 40.59 -28.19 -19.20
N ALA I 486 40.70 -26.87 -19.32
CA ALA I 486 40.90 -26.00 -18.17
C ALA I 486 39.75 -26.14 -17.18
N TRP I 487 40.08 -26.55 -15.96
CA TRP I 487 39.09 -26.82 -14.92
C TRP I 487 39.49 -26.21 -13.58
N ALA I 488 38.52 -25.64 -12.88
CA ALA I 488 38.72 -25.17 -11.52
C ALA I 488 37.59 -25.63 -10.59
N HIS I 489 37.90 -25.69 -9.29
CA HIS I 489 37.03 -26.32 -8.31
C HIS I 489 36.95 -25.42 -7.11
N ILE I 490 35.74 -25.02 -6.74
CA ILE I 490 35.57 -24.08 -5.63
C ILE I 490 34.90 -24.79 -4.47
N ASP I 491 35.64 -25.05 -3.39
CA ASP I 491 35.07 -25.76 -2.25
C ASP I 491 34.40 -24.78 -1.27
N ILE I 492 33.07 -24.84 -1.18
CA ILE I 492 32.30 -23.88 -0.39
C ILE I 492 31.65 -24.51 0.88
N ALA I 493 32.21 -25.61 1.35
CA ALA I 493 31.62 -26.30 2.49
C ALA I 493 31.69 -25.46 3.77
N GLY I 494 32.69 -24.59 3.87
CA GLY I 494 32.85 -23.76 5.04
C GLY I 494 32.09 -22.45 4.99
N VAL I 495 31.90 -21.90 3.80
CA VAL I 495 31.31 -20.56 3.69
C VAL I 495 29.83 -20.54 3.37
N SER I 496 29.31 -21.65 2.87
CA SER I 496 27.95 -21.66 2.38
C SER I 496 26.93 -21.32 3.47
N TRP I 497 27.07 -21.94 4.64
CA TRP I 497 26.13 -21.69 5.73
C TRP I 497 26.62 -20.61 6.72
N ASN I 498 25.78 -19.61 6.94
CA ASN I 498 26.03 -18.60 7.94
C ASN I 498 25.55 -19.11 9.31
N PHE I 499 26.46 -19.70 10.08
CA PHE I 499 26.13 -20.30 11.37
C PHE I 499 25.58 -19.29 12.39
N LYS I 500 26.11 -18.08 12.39
CA LYS I 500 25.67 -17.06 13.34
C LYS I 500 24.24 -16.55 13.04
N ALA I 501 23.94 -16.29 11.78
CA ALA I 501 22.60 -15.86 11.38
C ALA I 501 21.65 -17.04 11.14
N ARG I 502 22.18 -18.27 11.19
CA ARG I 502 21.37 -19.49 11.07
C ARG I 502 20.62 -19.57 9.74
N LYS I 503 21.30 -19.18 8.66
CA LYS I 503 20.70 -19.18 7.32
C LYS I 503 21.76 -19.31 6.20
N PRO I 504 21.34 -19.65 4.98
CA PRO I 504 22.32 -19.74 3.88
C PRO I 504 22.91 -18.37 3.52
N LYS I 505 24.08 -18.35 2.89
CA LYS I 505 24.62 -17.10 2.34
C LYS I 505 24.28 -16.93 0.87
N GLY I 506 24.00 -18.04 0.20
CA GLY I 506 23.83 -17.99 -1.25
C GLY I 506 25.18 -17.75 -1.93
N PHE I 507 26.24 -18.20 -1.27
CA PHE I 507 27.59 -18.01 -1.76
C PHE I 507 27.82 -18.58 -3.16
N GLY I 508 28.49 -17.81 -4.02
CA GLY I 508 28.86 -18.31 -5.32
C GLY I 508 28.07 -17.71 -6.47
N VAL I 509 26.83 -17.26 -6.23
CA VAL I 509 26.01 -16.77 -7.33
C VAL I 509 26.67 -15.57 -7.97
N ARG I 510 27.09 -14.63 -7.14
CA ARG I 510 27.70 -13.41 -7.65
C ARG I 510 29.07 -13.69 -8.26
N LEU I 511 29.85 -14.54 -7.59
CA LEU I 511 31.18 -14.92 -8.06
C LEU I 511 31.12 -15.53 -9.47
N LEU I 512 30.23 -16.50 -9.65
CA LEU I 512 30.01 -17.16 -10.93
C LEU I 512 29.47 -16.22 -12.01
N THR I 513 28.55 -15.34 -11.64
CA THR I 513 27.99 -14.44 -12.62
C THR I 513 29.08 -13.48 -13.12
N GLU I 514 29.85 -12.92 -12.20
CA GLU I 514 30.91 -12.00 -12.59
C GLU I 514 31.96 -12.73 -13.42
N PHE I 515 32.21 -13.99 -13.11
CA PHE I 515 33.14 -14.78 -13.92
C PHE I 515 32.63 -14.87 -15.35
N VAL I 516 31.34 -15.13 -15.51
CA VAL I 516 30.73 -15.27 -16.82
C VAL I 516 30.67 -13.92 -17.55
N LEU I 517 30.38 -12.85 -16.84
CA LEU I 517 30.25 -11.53 -17.48
C LEU I 517 31.55 -10.91 -17.94
N ASN I 518 32.59 -11.02 -17.13
CA ASN I 518 33.84 -10.33 -17.43
C ASN I 518 34.94 -11.30 -17.81
N ALA J 1 76.69 -22.54 29.72
CA ALA J 1 76.66 -23.94 30.18
C ALA J 1 76.09 -24.08 31.60
N SER J 2 74.84 -24.53 31.68
CA SER J 2 74.22 -24.83 32.98
C SER J 2 74.21 -26.34 33.25
N GLU J 3 74.10 -26.72 34.52
CA GLU J 3 73.95 -28.14 34.83
C GLU J 3 72.52 -28.59 34.51
N VAL J 4 72.41 -29.76 33.91
CA VAL J 4 71.11 -30.36 33.66
C VAL J 4 70.65 -31.06 34.95
N PRO J 5 69.48 -30.67 35.48
CA PRO J 5 68.95 -31.38 36.65
C PRO J 5 68.58 -32.84 36.33
N GLN J 6 68.68 -33.71 37.32
CA GLN J 6 68.34 -35.12 37.18
C GLN J 6 67.42 -35.58 38.29
N VAL J 7 66.56 -36.54 37.99
CA VAL J 7 65.77 -37.19 39.04
C VAL J 7 66.57 -38.36 39.61
N VAL J 8 67.11 -39.18 38.70
CA VAL J 8 68.00 -40.28 39.06
C VAL J 8 69.31 -40.11 38.30
N SER J 9 70.38 -40.73 38.79
CA SER J 9 71.71 -40.49 38.24
C SER J 9 71.85 -41.07 36.83
N LEU J 10 70.89 -41.91 36.44
CA LEU J 10 70.90 -42.48 35.10
C LEU J 10 70.34 -41.50 34.03
N ASP J 11 69.77 -40.38 34.47
CA ASP J 11 69.25 -39.38 33.55
C ASP J 11 70.38 -38.72 32.80
N PRO J 12 70.26 -38.66 31.47
CA PRO J 12 71.32 -38.08 30.65
C PRO J 12 71.50 -36.58 30.90
N THR J 13 72.71 -36.07 30.72
CA THR J 13 72.97 -34.66 31.00
C THR J 13 73.41 -33.88 29.77
N SER J 14 73.30 -34.50 28.61
CA SER J 14 73.64 -33.82 27.38
C SER J 14 73.03 -34.54 26.18
N ILE J 15 72.81 -33.78 25.11
CA ILE J 15 72.38 -34.37 23.85
C ILE J 15 73.60 -34.83 23.06
N PRO J 16 73.67 -36.14 22.75
CA PRO J 16 74.69 -36.64 21.82
C PRO J 16 74.52 -36.01 20.44
N ILE J 17 75.60 -35.44 19.94
CA ILE J 17 75.60 -34.77 18.66
C ILE J 17 76.73 -35.35 17.84
N GLU J 18 76.43 -35.62 16.58
CA GLU J 18 77.40 -36.14 15.66
C GLU J 18 77.78 -35.00 14.71
N TYR J 19 79.03 -34.55 14.78
CA TYR J 19 79.46 -33.47 13.88
C TYR J 19 80.16 -33.99 12.64
N ASN J 20 81.12 -34.89 12.84
CA ASN J 20 81.78 -35.57 11.73
C ASN J 20 81.01 -36.79 11.29
N THR J 21 80.43 -36.74 10.10
CA THR J 21 79.66 -37.87 9.62
C THR J 21 80.37 -38.48 8.44
N PRO J 22 80.09 -39.76 8.16
CA PRO J 22 80.67 -40.43 6.99
C PRO J 22 80.45 -39.62 5.72
N ILE J 23 79.34 -38.90 5.63
CA ILE J 23 79.04 -38.06 4.47
C ILE J 23 80.17 -37.07 4.20
N HIS J 24 80.79 -36.57 5.27
CA HIS J 24 81.85 -35.58 5.09
C HIS J 24 83.13 -36.18 4.53
N ASP J 25 83.20 -37.50 4.46
CA ASP J 25 84.39 -38.17 3.94
C ASP J 25 84.18 -38.72 2.54
N ILE J 26 83.07 -38.34 1.89
CA ILE J 26 82.86 -38.73 0.50
C ILE J 26 83.44 -37.68 -0.44
N LYS J 27 84.28 -38.10 -1.37
CA LYS J 27 84.83 -37.17 -2.34
C LYS J 27 83.92 -37.13 -3.57
N VAL J 28 83.49 -35.93 -3.95
CA VAL J 28 82.50 -35.79 -4.99
C VAL J 28 83.10 -35.21 -6.29
N GLN J 29 83.09 -36.04 -7.33
CA GLN J 29 83.45 -35.55 -8.66
C GLN J 29 82.25 -35.32 -9.55
N VAL J 30 82.29 -34.27 -10.37
CA VAL J 30 81.22 -34.07 -11.37
C VAL J 30 81.81 -34.02 -12.79
N TYR J 31 81.31 -34.90 -13.65
CA TYR J 31 81.81 -35.03 -15.01
C TYR J 31 80.77 -34.66 -16.05
N ASP J 32 81.20 -34.18 -17.21
CA ASP J 32 80.23 -33.89 -18.25
C ASP J 32 79.84 -35.17 -18.96
N ILE J 33 78.55 -35.32 -19.18
CA ILE J 33 78.00 -36.56 -19.69
C ILE J 33 78.25 -36.69 -21.20
N LYS J 34 78.57 -35.59 -21.86
CA LYS J 34 78.79 -35.64 -23.31
C LYS J 34 80.07 -36.40 -23.61
N GLY J 35 80.89 -36.67 -22.60
CA GLY J 35 82.15 -37.37 -22.80
C GLY J 35 82.07 -38.88 -22.67
N GLY J 36 80.91 -39.42 -22.36
CA GLY J 36 80.80 -40.84 -22.10
C GLY J 36 81.18 -41.16 -20.67
N CYS J 37 80.87 -42.38 -20.23
CA CYS J 37 80.97 -42.75 -18.82
C CYS J 37 82.08 -43.74 -18.47
N ASN J 38 82.75 -43.46 -17.36
CA ASN J 38 83.76 -44.37 -16.86
C ASN J 38 83.14 -45.29 -15.80
N VAL J 39 83.07 -46.57 -16.11
CA VAL J 39 82.33 -47.52 -15.27
C VAL J 39 83.19 -48.68 -14.75
N GLU J 40 84.51 -48.50 -14.77
CA GLU J 40 85.46 -49.55 -14.38
C GLU J 40 85.42 -49.88 -12.90
N GLU J 41 84.87 -48.99 -12.08
CA GLU J 41 84.95 -49.18 -10.63
C GLU J 41 83.65 -48.87 -9.91
N GLY J 42 83.18 -49.83 -9.11
CA GLY J 42 82.10 -49.59 -8.18
C GLY J 42 80.68 -49.77 -8.72
N LEU J 43 79.73 -49.16 -8.03
CA LEU J 43 78.32 -49.19 -8.39
C LEU J 43 77.98 -48.03 -9.32
N THR J 44 77.50 -48.35 -10.52
CA THR J 44 77.11 -47.29 -11.45
C THR J 44 75.60 -47.36 -11.67
N ILE J 45 74.90 -46.25 -11.49
CA ILE J 45 73.45 -46.24 -11.63
C ILE J 45 73.03 -45.15 -12.57
N PHE J 46 72.18 -45.50 -13.54
CA PHE J 46 71.64 -44.57 -14.50
C PHE J 46 70.23 -44.09 -14.11
N LEU J 47 70.02 -42.78 -14.12
CA LEU J 47 68.71 -42.22 -13.94
C LEU J 47 68.09 -42.03 -15.32
N VAL J 48 67.08 -42.84 -15.62
CA VAL J 48 66.53 -42.84 -16.97
C VAL J 48 65.03 -42.64 -16.94
N ASN J 49 64.49 -42.11 -18.03
CA ASN J 49 63.05 -42.04 -18.16
C ASN J 49 62.59 -42.44 -19.57
N ASN J 50 61.29 -42.38 -19.81
CA ASN J 50 60.76 -42.68 -21.13
C ASN J 50 59.56 -41.79 -21.41
N PRO J 51 59.82 -40.57 -21.90
CA PRO J 51 58.75 -39.59 -22.10
C PRO J 51 57.69 -40.07 -23.07
N GLY J 52 56.45 -39.68 -22.80
CA GLY J 52 55.32 -40.21 -23.55
C GLY J 52 54.95 -41.59 -23.04
N LYS J 53 55.76 -42.60 -23.40
CA LYS J 53 55.52 -44.01 -23.04
C LYS J 53 55.46 -44.28 -21.53
N GLU J 54 54.25 -44.29 -20.96
CA GLU J 54 54.07 -44.46 -19.52
C GLU J 54 54.47 -45.87 -19.10
N ASN J 55 55.37 -45.97 -18.12
CA ASN J 55 55.93 -47.23 -17.65
C ASN J 55 56.65 -47.97 -18.77
N GLY J 56 57.24 -47.20 -19.70
CA GLY J 56 57.90 -47.78 -20.85
C GLY J 56 59.24 -48.43 -20.56
N PRO J 57 59.80 -49.11 -21.56
CA PRO J 57 61.07 -49.82 -21.40
C PRO J 57 62.25 -48.90 -21.06
N VAL J 58 63.24 -49.45 -20.36
CA VAL J 58 64.48 -48.73 -20.08
C VAL J 58 65.35 -48.77 -21.32
N LYS J 59 65.86 -47.61 -21.71
CA LYS J 59 66.86 -47.53 -22.76
C LYS J 59 67.99 -46.63 -22.28
N ILE J 60 69.22 -47.13 -22.33
CA ILE J 60 70.41 -46.34 -21.93
C ILE J 60 71.17 -45.83 -23.17
N SER J 61 71.43 -44.52 -23.24
CA SER J 61 72.06 -43.97 -24.44
C SER J 61 73.58 -43.82 -24.30
N SER J 62 74.05 -43.56 -23.07
CA SER J 62 75.46 -43.24 -22.80
C SER J 62 76.45 -44.29 -23.28
N LYS J 63 77.59 -43.80 -23.75
CA LYS J 63 78.68 -44.68 -24.13
C LYS J 63 79.51 -44.97 -22.88
N VAL J 64 79.82 -46.24 -22.64
CA VAL J 64 80.62 -46.62 -21.48
C VAL J 64 81.97 -47.25 -21.89
N ASN J 65 82.98 -47.10 -21.04
CA ASN J 65 84.35 -47.48 -21.38
C ASN J 65 84.69 -48.93 -21.06
N ASP J 66 83.70 -49.80 -21.03
CA ASP J 66 83.93 -51.20 -20.69
C ASP J 66 83.05 -52.14 -21.52
N LYS J 67 83.67 -53.11 -22.19
CA LYS J 67 82.96 -53.98 -23.11
C LYS J 67 81.93 -54.86 -22.39
N GLN J 68 82.25 -55.33 -21.18
CA GLN J 68 81.31 -56.18 -20.45
C GLN J 68 80.01 -55.44 -20.10
N VAL J 69 80.14 -54.27 -19.50
CA VAL J 69 79.00 -53.46 -19.10
C VAL J 69 78.17 -53.01 -20.31
N SER J 70 78.86 -52.74 -21.42
CA SER J 70 78.22 -52.30 -22.67
C SER J 70 77.26 -53.35 -23.17
N GLU J 71 77.69 -54.61 -23.12
CA GLU J 71 76.82 -55.68 -23.52
C GLU J 71 75.63 -55.74 -22.57
N PHE J 72 75.85 -55.58 -21.27
CA PHE J 72 74.75 -55.61 -20.31
C PHE J 72 73.74 -54.49 -20.60
N LEU J 73 74.22 -53.36 -21.12
CA LEU J 73 73.39 -52.17 -21.35
C LEU J 73 72.76 -52.07 -22.74
N LYS J 74 72.88 -53.12 -23.57
CA LYS J 74 72.25 -53.08 -24.89
C LYS J 74 70.72 -53.11 -24.76
N ASP J 75 70.02 -52.58 -25.76
CA ASP J 75 68.58 -52.35 -25.67
C ASP J 75 67.80 -53.65 -25.45
N GLU J 76 68.28 -54.75 -26.03
CA GLU J 76 67.58 -56.03 -25.89
C GLU J 76 67.53 -56.47 -24.43
N ASN J 77 68.59 -56.19 -23.69
CA ASN J 77 68.57 -56.57 -22.29
C ASN J 77 67.78 -55.56 -21.45
N MET J 78 67.98 -54.28 -21.73
CA MET J 78 67.41 -53.26 -20.87
C MET J 78 65.89 -53.15 -21.01
N GLU J 79 65.36 -53.63 -22.13
CA GLU J 79 63.95 -53.45 -22.40
C GLU J 79 63.11 -54.39 -21.53
N LYS J 80 63.81 -55.30 -20.85
CA LYS J 80 63.17 -56.21 -19.89
C LYS J 80 62.68 -55.44 -18.66
N PHE J 81 63.21 -54.23 -18.47
CA PHE J 81 62.88 -53.42 -17.31
C PHE J 81 62.11 -52.19 -17.73
N ASN J 82 61.42 -51.55 -16.79
CA ASN J 82 60.65 -50.37 -17.14
C ASN J 82 60.98 -49.18 -16.24
N VAL J 83 60.56 -47.98 -16.66
CA VAL J 83 60.94 -46.72 -16.00
C VAL J 83 59.97 -46.19 -14.93
N LYS J 84 59.01 -47.00 -14.47
CA LYS J 84 58.02 -46.52 -13.50
C LYS J 84 58.72 -45.86 -12.33
N LEU J 85 58.28 -44.66 -11.96
CA LEU J 85 59.00 -43.84 -10.98
C LEU J 85 59.40 -44.62 -9.72
N GLY J 86 60.70 -44.68 -9.45
CA GLY J 86 61.24 -45.40 -8.31
C GLY J 86 61.55 -46.87 -8.54
N THR J 87 61.05 -47.48 -9.62
CA THR J 87 61.42 -48.86 -9.93
C THR J 87 62.94 -48.98 -10.09
N SER J 88 63.51 -50.07 -9.61
CA SER J 88 64.96 -50.18 -9.60
C SER J 88 65.47 -51.60 -9.79
N LYS J 89 66.58 -51.74 -10.50
CA LYS J 89 67.29 -53.01 -10.66
C LYS J 89 68.77 -52.73 -10.62
N HIS J 90 69.56 -53.67 -10.10
CA HIS J 90 71.00 -53.58 -10.27
C HIS J 90 71.63 -54.99 -10.22
N PHE J 91 72.65 -55.19 -11.03
CA PHE J 91 73.32 -56.48 -11.16
C PHE J 91 74.81 -56.37 -10.87
N TYR J 92 75.35 -57.42 -10.24
CA TYR J 92 76.77 -57.58 -10.09
C TYR J 92 77.33 -58.32 -11.30
N MET J 93 78.52 -57.93 -11.73
CA MET J 93 79.15 -58.51 -12.92
C MET J 93 80.64 -58.17 -12.91
N PHE J 94 81.41 -58.89 -13.72
CA PHE J 94 82.84 -58.62 -13.87
C PHE J 94 83.13 -57.68 -15.05
N ASN J 95 83.97 -56.68 -14.84
CA ASN J 95 84.34 -55.77 -15.92
C ASN J 95 85.38 -56.40 -16.83
N ASP J 96 85.96 -55.60 -17.71
CA ASP J 96 86.96 -56.09 -18.64
C ASP J 96 88.21 -56.61 -17.93
N ASN J 97 88.52 -56.00 -16.79
CA ASN J 97 89.69 -56.35 -15.99
C ASN J 97 89.42 -57.48 -15.01
N LYS J 98 88.24 -58.07 -15.12
CA LYS J 98 87.78 -59.13 -14.22
C LYS J 98 87.66 -58.62 -12.78
N ASN J 99 87.52 -57.31 -12.63
CA ASN J 99 87.15 -56.71 -11.34
C ASN J 99 85.63 -56.73 -11.14
N SER J 100 85.19 -56.77 -9.89
CA SER J 100 83.76 -56.82 -9.60
C SER J 100 83.14 -55.44 -9.52
N VAL J 101 82.15 -55.17 -10.38
CA VAL J 101 81.42 -53.90 -10.37
C VAL J 101 79.92 -54.16 -10.32
N ALA J 102 79.12 -53.10 -10.23
CA ALA J 102 77.67 -53.25 -10.25
C ALA J 102 77.04 -52.12 -11.04
N VAL J 103 76.01 -52.49 -11.79
CA VAL J 103 75.37 -51.63 -12.77
C VAL J 103 73.87 -51.71 -12.61
N GLY J 104 73.19 -50.58 -12.71
CA GLY J 104 71.75 -50.60 -12.63
C GLY J 104 71.15 -49.26 -12.97
N TYR J 105 69.91 -49.05 -12.53
CA TYR J 105 69.17 -47.87 -12.89
C TYR J 105 68.06 -47.61 -11.87
N VAL J 106 67.58 -46.37 -11.84
CA VAL J 106 66.35 -46.04 -11.15
C VAL J 106 65.42 -45.38 -12.14
N GLY J 107 64.19 -45.90 -12.26
CA GLY J 107 63.22 -45.30 -13.15
C GLY J 107 62.75 -43.93 -12.70
N CYS J 108 62.70 -42.98 -13.63
CA CYS J 108 62.30 -41.61 -13.31
C CYS J 108 61.00 -41.21 -13.98
N GLY J 109 60.19 -42.21 -14.34
CA GLY J 109 58.87 -41.95 -14.89
C GLY J 109 58.87 -41.59 -16.35
N SER J 110 57.78 -40.97 -16.80
CA SER J 110 57.62 -40.66 -18.20
C SER J 110 57.26 -39.19 -18.37
N VAL J 111 57.62 -38.38 -17.38
CA VAL J 111 57.41 -36.94 -17.47
C VAL J 111 58.72 -36.16 -17.31
N ALA J 112 59.06 -35.38 -18.33
CA ALA J 112 60.35 -34.71 -18.42
C ALA J 112 60.68 -33.85 -17.18
N ASP J 113 59.70 -33.12 -16.68
CA ASP J 113 59.94 -32.28 -15.50
C ASP J 113 59.76 -33.09 -14.22
N LEU J 114 60.79 -33.14 -13.39
CA LEU J 114 60.72 -33.89 -12.13
C LEU J 114 60.39 -32.99 -10.97
N SER J 115 59.37 -33.36 -10.19
CA SER J 115 59.02 -32.58 -9.01
C SER J 115 60.02 -32.84 -7.88
N GLU J 116 60.01 -31.96 -6.89
CA GLU J 116 60.78 -32.17 -5.69
C GLU J 116 60.39 -33.49 -5.03
N ALA J 117 59.11 -33.83 -5.07
CA ALA J 117 58.63 -35.09 -4.51
C ALA J 117 59.11 -36.30 -5.31
N ASP J 118 59.05 -36.18 -6.64
CA ASP J 118 59.52 -37.23 -7.53
C ASP J 118 61.00 -37.52 -7.32
N MET J 119 61.80 -36.47 -7.24
CA MET J 119 63.23 -36.64 -7.02
C MET J 119 63.52 -37.33 -5.68
N LYS J 120 62.67 -37.09 -4.70
CA LYS J 120 62.81 -37.75 -3.41
C LYS J 120 62.58 -39.26 -3.55
N ARG J 121 61.59 -39.65 -4.33
CA ARG J 121 61.34 -41.06 -4.61
C ARG J 121 62.49 -41.74 -5.36
N VAL J 122 63.15 -41.00 -6.25
CA VAL J 122 64.30 -41.56 -6.96
C VAL J 122 65.46 -41.75 -5.99
N VAL J 123 65.70 -40.76 -5.14
CA VAL J 123 66.78 -40.86 -4.19
C VAL J 123 66.56 -42.01 -3.21
N LEU J 124 65.34 -42.14 -2.69
CA LEU J 124 65.04 -43.22 -1.75
C LEU J 124 65.35 -44.57 -2.39
N SER J 125 64.98 -44.71 -3.65
CA SER J 125 65.22 -45.93 -4.39
C SER J 125 66.73 -46.17 -4.51
N LEU J 126 67.47 -45.12 -4.82
CA LEU J 126 68.92 -45.21 -4.83
C LEU J 126 69.47 -45.59 -3.44
N VAL J 127 68.94 -44.95 -2.40
CA VAL J 127 69.43 -45.16 -1.02
C VAL J 127 69.20 -46.59 -0.56
N THR J 128 68.09 -47.18 -0.98
CA THR J 128 67.83 -48.58 -0.71
C THR J 128 68.93 -49.48 -1.28
N MET J 129 69.47 -49.13 -2.45
CA MET J 129 70.58 -49.88 -3.01
C MET J 129 71.86 -49.65 -2.20
N LEU J 130 72.16 -48.39 -1.86
CA LEU J 130 73.34 -48.05 -1.07
C LEU J 130 73.37 -48.70 0.34
N HIS J 131 72.19 -49.00 0.91
CA HIS J 131 72.14 -49.63 2.23
C HIS J 131 72.41 -51.13 2.16
N ASP J 132 72.61 -51.66 0.96
CA ASP J 132 73.04 -53.03 0.79
C ASP J 132 74.32 -53.09 -0.06
N ASN J 133 74.97 -51.93 -0.19
CA ASN J 133 76.18 -51.83 -0.98
C ASN J 133 77.44 -51.82 -0.13
N LYS J 134 78.49 -52.47 -0.62
CA LYS J 134 79.80 -52.43 0.03
C LYS J 134 80.91 -51.98 -0.93
N LEU J 135 80.57 -51.74 -2.20
CA LEU J 135 81.54 -51.18 -3.12
C LEU J 135 81.79 -49.72 -2.74
N SER J 136 83.04 -49.27 -2.83
CA SER J 136 83.43 -47.99 -2.26
C SER J 136 83.07 -46.78 -3.13
N LYS J 137 82.55 -47.04 -4.32
CA LYS J 137 82.27 -45.93 -5.21
C LYS J 137 80.86 -45.99 -5.79
N LEU J 138 80.19 -44.84 -5.77
CA LEU J 138 78.91 -44.69 -6.41
C LEU J 138 79.06 -43.73 -7.57
N THR J 139 78.58 -44.15 -8.74
CA THR J 139 78.48 -43.29 -9.92
C THR J 139 77.02 -43.13 -10.32
N VAL J 140 76.56 -41.89 -10.44
CA VAL J 140 75.20 -41.62 -10.90
C VAL J 140 75.21 -40.90 -12.25
N VAL J 141 74.60 -41.52 -13.25
CA VAL J 141 74.52 -40.95 -14.60
C VAL J 141 73.15 -40.34 -14.89
N PHE J 142 73.10 -39.02 -15.00
CA PHE J 142 71.84 -38.32 -15.28
C PHE J 142 71.47 -38.36 -16.77
N GLU J 143 70.69 -39.35 -17.19
CA GLU J 143 70.09 -39.35 -18.53
C GLU J 143 68.70 -38.72 -18.44
N ILE J 144 68.59 -37.72 -17.58
CA ILE J 144 67.38 -36.91 -17.44
C ILE J 144 67.84 -35.46 -17.23
N ASN J 145 66.89 -34.54 -17.29
CA ASN J 145 67.21 -33.12 -17.19
C ASN J 145 66.85 -32.53 -15.85
N VAL J 146 67.84 -31.96 -15.15
CA VAL J 146 67.52 -31.24 -13.92
C VAL J 146 68.24 -29.90 -13.89
N ASP J 147 67.60 -28.89 -13.29
CA ASP J 147 68.24 -27.58 -13.13
C ASP J 147 69.29 -27.65 -12.01
N LYS J 148 69.90 -26.53 -11.71
CA LYS J 148 70.96 -26.50 -10.71
C LYS J 148 70.41 -26.72 -9.31
N ASN J 149 69.27 -26.12 -9.00
CA ASN J 149 68.69 -26.28 -7.68
C ASN J 149 68.20 -27.71 -7.44
N LEU J 150 67.55 -28.31 -8.43
CA LEU J 150 67.08 -29.68 -8.31
C LEU J 150 68.27 -30.63 -8.15
N PHE J 151 69.39 -30.28 -8.76
CA PHE J 151 70.58 -31.09 -8.63
C PHE J 151 71.17 -30.98 -7.24
N ARG J 152 71.15 -29.78 -6.68
CA ARG J 152 71.65 -29.62 -5.33
C ARG J 152 70.69 -30.31 -4.36
N PHE J 153 69.40 -30.24 -4.66
CA PHE J 153 68.39 -30.99 -3.91
C PHE J 153 68.67 -32.51 -3.97
N PHE J 154 68.99 -33.02 -5.16
CA PHE J 154 69.30 -34.43 -5.29
C PHE J 154 70.41 -34.83 -4.33
N LEU J 155 71.45 -33.99 -4.22
CA LEU J 155 72.60 -34.31 -3.38
C LEU J 155 72.28 -34.19 -1.91
N GLU J 156 71.62 -33.09 -1.52
CA GLU J 156 71.23 -32.83 -0.14
C GLU J 156 70.40 -33.99 0.37
N THR J 157 69.40 -34.36 -0.43
CA THR J 157 68.49 -35.45 -0.11
C THR J 157 69.24 -36.77 -0.02
N LEU J 158 70.09 -37.02 -1.02
CA LEU J 158 70.92 -38.23 -1.04
C LEU J 158 71.76 -38.35 0.22
N PHE J 159 72.48 -37.29 0.55
CA PHE J 159 73.29 -37.27 1.76
C PHE J 159 72.43 -37.51 3.00
N TYR J 160 71.31 -36.79 3.08
CA TYR J 160 70.47 -36.85 4.26
C TYR J 160 69.88 -38.24 4.44
N GLU J 161 69.33 -38.83 3.38
CA GLU J 161 68.65 -40.10 3.52
C GLU J 161 69.62 -41.28 3.69
N TYR J 162 70.83 -41.11 3.15
CA TYR J 162 71.89 -42.10 3.24
C TYR J 162 72.35 -42.24 4.68
N MET J 163 72.62 -41.11 5.31
CA MET J 163 73.07 -41.04 6.70
C MET J 163 72.03 -41.63 7.66
N THR J 164 72.43 -42.59 8.49
CA THR J 164 71.50 -43.10 9.50
C THR J 164 71.97 -42.69 10.90
N ASP J 165 71.00 -42.39 11.74
CA ASP J 165 71.26 -41.89 13.06
C ASP J 165 71.29 -43.04 14.04
N GLU J 166 72.46 -43.36 14.56
CA GLU J 166 72.57 -44.49 15.47
C GLU J 166 73.01 -44.11 16.85
N ARG J 167 72.87 -42.82 17.21
CA ARG J 167 73.27 -42.31 18.52
C ARG J 167 72.68 -43.09 19.70
N PHE J 168 71.46 -43.58 19.56
CA PHE J 168 70.81 -44.21 20.71
C PHE J 168 70.79 -45.73 20.61
N LYS J 169 71.48 -46.27 19.61
CA LYS J 169 71.63 -47.72 19.46
C LYS J 169 72.78 -48.19 20.36
N SER J 170 72.76 -49.45 20.76
CA SER J 170 73.88 -49.98 21.55
C SER J 170 74.59 -51.08 20.78
N ASN J 176 76.54 -55.73 6.52
CA ASN J 176 75.35 -55.29 5.79
C ASN J 176 75.68 -54.32 4.65
N MET J 177 76.19 -53.14 5.02
CA MET J 177 76.68 -52.17 4.04
C MET J 177 77.97 -51.53 4.54
N GLU J 178 78.50 -50.59 3.75
CA GLU J 178 79.64 -49.77 4.13
C GLU J 178 79.51 -48.45 3.39
N TYR J 179 79.77 -47.33 4.06
CA TYR J 179 79.62 -46.04 3.39
C TYR J 179 80.65 -45.87 2.25
N ILE J 180 80.18 -45.43 1.10
CA ILE J 180 81.06 -45.13 -0.03
C ILE J 180 82.07 -44.05 0.32
N LYS J 181 83.19 -44.06 -0.39
CA LYS J 181 84.22 -43.06 -0.22
C LYS J 181 84.24 -42.08 -1.39
N HIS J 182 83.58 -42.48 -2.49
CA HIS J 182 83.54 -41.68 -3.70
C HIS J 182 82.16 -41.61 -4.33
N LEU J 183 81.84 -40.44 -4.85
CA LEU J 183 80.62 -40.24 -5.61
C LEU J 183 80.97 -39.50 -6.91
N GLY J 184 80.74 -40.16 -8.04
CA GLY J 184 80.91 -39.53 -9.33
C GLY J 184 79.55 -39.21 -9.93
N VAL J 185 79.45 -38.05 -10.57
CA VAL J 185 78.21 -37.68 -11.23
C VAL J 185 78.45 -37.32 -12.69
N TYR J 186 77.73 -37.96 -13.60
CA TYR J 186 77.76 -37.55 -15.00
C TYR J 186 76.47 -36.82 -15.34
N ILE J 187 76.59 -35.61 -15.88
CA ILE J 187 75.45 -34.73 -16.08
C ILE J 187 75.86 -33.64 -17.06
N ASN J 188 74.90 -33.14 -17.84
CA ASN J 188 75.21 -32.15 -18.86
C ASN J 188 75.47 -30.80 -18.22
N ASN J 189 76.48 -30.09 -18.73
CA ASN J 189 76.98 -28.81 -18.18
C ASN J 189 77.59 -28.95 -16.80
N ALA J 190 78.40 -30.00 -16.63
CA ALA J 190 79.03 -30.32 -15.35
C ALA J 190 79.74 -29.15 -14.68
N ASP J 191 80.36 -28.28 -15.47
CA ASP J 191 81.08 -27.15 -14.91
C ASP J 191 80.17 -26.21 -14.14
N THR J 192 78.95 -26.01 -14.65
CA THR J 192 77.94 -25.20 -13.99
C THR J 192 77.48 -25.78 -12.65
N TYR J 193 77.40 -27.11 -12.61
CA TYR J 193 76.84 -27.79 -11.45
C TYR J 193 77.84 -27.96 -10.32
N LYS J 194 79.13 -27.88 -10.65
CA LYS J 194 80.18 -28.14 -9.65
C LYS J 194 80.01 -27.28 -8.41
N GLU J 195 79.62 -26.02 -8.62
CA GLU J 195 79.38 -25.07 -7.55
C GLU J 195 78.37 -25.53 -6.49
N GLU J 196 77.44 -26.40 -6.88
CA GLU J 196 76.39 -26.85 -5.97
C GLU J 196 76.84 -27.90 -4.94
N VAL J 197 77.92 -28.61 -5.24
CA VAL J 197 78.34 -29.72 -4.38
C VAL J 197 78.63 -29.32 -2.92
N GLU J 198 79.52 -28.37 -2.70
CA GLU J 198 79.88 -28.04 -1.31
C GLU J 198 78.76 -27.24 -0.61
N LYS J 199 77.90 -26.60 -1.39
CA LYS J 199 76.73 -25.96 -0.82
C LYS J 199 75.76 -27.06 -0.37
N ALA J 200 75.67 -28.12 -1.16
CA ALA J 200 74.79 -29.21 -0.82
C ALA J 200 75.27 -29.88 0.46
N ARG J 201 76.58 -29.96 0.60
CA ARG J 201 77.14 -30.68 1.71
C ARG J 201 76.92 -29.90 3.00
N VAL J 202 76.84 -28.58 2.89
CA VAL J 202 76.58 -27.73 4.05
C VAL J 202 75.09 -27.78 4.40
N TYR J 203 74.25 -27.61 3.38
CA TYR J 203 72.81 -27.67 3.57
C TYR J 203 72.43 -29.01 4.20
N TYR J 204 73.18 -30.04 3.84
CA TYR J 204 72.91 -31.36 4.38
C TYR J 204 73.18 -31.40 5.88
N PHE J 205 74.33 -30.90 6.31
CA PHE J 205 74.59 -31.03 7.74
C PHE J 205 73.68 -30.12 8.56
N GLY J 206 73.33 -28.96 8.00
CA GLY J 206 72.39 -28.08 8.66
C GLY J 206 71.11 -28.83 8.97
N THR J 207 70.62 -29.56 7.98
CA THR J 207 69.41 -30.34 8.08
C THR J 207 69.59 -31.53 9.02
N TYR J 208 70.72 -32.23 8.87
CA TYR J 208 70.97 -33.41 9.68
C TYR J 208 71.18 -33.06 11.15
N TYR J 209 71.79 -31.90 11.40
CA TYR J 209 71.97 -31.37 12.74
C TYR J 209 70.58 -31.09 13.37
N ALA J 210 69.76 -30.34 12.65
CA ALA J 210 68.42 -30.05 13.11
C ALA J 210 67.69 -31.37 13.42
N SER J 211 67.88 -32.34 12.53
CA SER J 211 67.32 -33.66 12.69
C SER J 211 67.72 -34.33 14.00
N GLN J 212 69.02 -34.30 14.32
CA GLN J 212 69.51 -34.90 15.55
C GLN J 212 68.89 -34.27 16.81
N LEU J 213 68.68 -32.96 16.78
CA LEU J 213 68.07 -32.29 17.91
C LEU J 213 66.60 -32.74 18.01
N ILE J 214 65.90 -32.80 16.87
CA ILE J 214 64.48 -33.12 16.91
C ILE J 214 64.29 -34.57 17.32
N ALA J 215 65.06 -35.47 16.72
CA ALA J 215 64.93 -36.91 16.98
C ALA J 215 65.28 -37.26 18.43
N ALA J 216 66.20 -36.50 19.02
CA ALA J 216 66.58 -36.70 20.42
C ALA J 216 65.36 -36.59 21.34
N PRO J 217 65.15 -37.61 22.17
CA PRO J 217 63.97 -37.61 23.04
C PRO J 217 64.07 -36.56 24.15
N SER J 218 62.94 -36.29 24.79
CA SER J 218 62.83 -35.21 25.76
C SER J 218 63.62 -35.45 27.05
N ASN J 219 63.91 -36.70 27.40
CA ASN J 219 64.84 -36.92 28.49
C ASN J 219 66.27 -36.49 28.07
N TYR J 220 66.60 -36.64 26.80
CA TYR J 220 67.92 -36.19 26.33
C TYR J 220 67.94 -34.70 25.96
N CYS J 221 66.92 -34.29 25.21
CA CYS J 221 66.82 -32.92 24.74
C CYS J 221 65.79 -32.14 25.58
N ASN J 222 66.30 -31.40 26.56
CA ASN J 222 65.48 -30.60 27.46
C ASN J 222 65.94 -29.14 27.34
N PRO J 223 65.24 -28.19 28.00
CA PRO J 223 65.63 -26.79 27.82
C PRO J 223 67.09 -26.47 28.13
N VAL J 224 67.64 -27.11 29.16
CA VAL J 224 69.01 -26.90 29.55
C VAL J 224 69.99 -27.53 28.55
N SER J 225 69.82 -28.82 28.26
CA SER J 225 70.72 -29.50 27.33
C SER J 225 70.66 -28.92 25.91
N LEU J 226 69.51 -28.36 25.53
CA LEU J 226 69.33 -27.82 24.18
C LEU J 226 70.04 -26.49 24.07
N SER J 227 69.93 -25.68 25.11
CA SER J 227 70.59 -24.37 25.13
C SER J 227 72.11 -24.58 25.22
N ASN J 228 72.54 -25.61 25.93
CA ASN J 228 73.96 -25.95 25.97
C ASN J 228 74.46 -26.34 24.58
N ALA J 229 73.69 -27.17 23.87
CA ALA J 229 74.03 -27.56 22.50
C ALA J 229 74.17 -26.32 21.60
N ALA J 230 73.24 -25.38 21.69
CA ALA J 230 73.31 -24.17 20.89
C ALA J 230 74.58 -23.37 21.22
N VAL J 231 74.91 -23.30 22.51
CA VAL J 231 76.11 -22.60 22.95
C VAL J 231 77.36 -23.24 22.32
N GLU J 232 77.45 -24.56 22.41
CA GLU J 232 78.59 -25.28 21.87
C GLU J 232 78.67 -25.10 20.33
N LEU J 233 77.53 -25.12 19.66
CA LEU J 233 77.48 -24.83 18.23
C LEU J 233 77.94 -23.39 17.90
N ALA J 234 77.52 -22.43 18.73
CA ALA J 234 77.90 -21.04 18.54
C ALA J 234 79.40 -20.86 18.71
N GLN J 235 79.98 -21.67 19.59
CA GLN J 235 81.39 -21.57 19.86
C GLN J 235 82.20 -22.12 18.70
N LYS J 236 81.74 -23.21 18.12
CA LYS J 236 82.46 -23.80 16.99
C LYS J 236 82.44 -22.90 15.77
N LEU J 237 81.41 -22.07 15.68
CA LEU J 237 81.20 -21.29 14.47
C LEU J 237 81.62 -19.84 14.64
N ASN J 238 82.08 -19.50 15.84
CA ASN J 238 82.44 -18.14 16.19
C ASN J 238 81.27 -17.15 16.14
N LEU J 239 80.09 -17.61 16.53
CA LEU J 239 78.93 -16.72 16.67
C LEU J 239 78.90 -16.14 18.06
N GLU J 240 78.40 -14.92 18.20
CA GLU J 240 78.08 -14.38 19.52
C GLU J 240 76.92 -15.19 20.09
N TYR J 241 76.85 -15.31 21.42
CA TYR J 241 75.74 -16.02 22.03
C TYR J 241 75.43 -15.50 23.42
N LYS J 242 74.23 -15.81 23.85
CA LYS J 242 73.73 -15.38 25.14
C LYS J 242 72.56 -16.29 25.49
N ILE J 243 72.60 -16.92 26.65
CA ILE J 243 71.42 -17.64 27.13
C ILE J 243 70.80 -16.87 28.28
N LEU J 244 69.53 -16.51 28.11
CA LEU J 244 68.80 -15.82 29.15
C LEU J 244 68.16 -16.84 30.08
N GLY J 245 68.48 -16.75 31.36
CA GLY J 245 67.90 -17.64 32.35
C GLY J 245 66.73 -16.98 33.08
N VAL J 246 66.16 -17.68 34.06
CA VAL J 246 64.88 -17.25 34.63
C VAL J 246 64.93 -15.86 35.25
N LYS J 247 66.02 -15.54 35.95
CA LYS J 247 66.11 -14.25 36.63
C LYS J 247 66.12 -13.07 35.66
N GLU J 248 66.83 -13.22 34.55
CA GLU J 248 66.82 -12.21 33.51
C GLU J 248 65.45 -12.15 32.79
N LEU J 249 64.83 -13.31 32.61
CA LEU J 249 63.53 -13.37 31.95
C LEU J 249 62.46 -12.69 32.80
N GLU J 250 62.59 -12.81 34.12
CA GLU J 250 61.70 -12.11 35.04
C GLU J 250 61.93 -10.59 34.98
N GLU J 251 63.18 -10.18 34.83
CA GLU J 251 63.51 -8.77 34.68
C GLU J 251 62.84 -8.23 33.44
N LEU J 252 62.90 -9.00 32.36
CA LEU J 252 62.32 -8.60 31.08
C LEU J 252 60.80 -8.86 31.02
N LYS J 253 60.26 -9.40 32.10
CA LYS J 253 58.82 -9.53 32.31
C LYS J 253 58.11 -10.44 31.29
N MET J 254 58.73 -11.55 30.96
CA MET J 254 58.19 -12.46 29.95
C MET J 254 57.18 -13.46 30.59
N GLY J 255 56.03 -12.94 31.02
CA GLY J 255 55.08 -13.75 31.77
C GLY J 255 54.42 -14.86 30.97
N ALA J 256 54.19 -14.59 29.69
CA ALA J 256 53.55 -15.56 28.84
C ALA J 256 54.46 -16.78 28.70
N TYR J 257 55.72 -16.51 28.43
CA TYR J 257 56.71 -17.58 28.22
C TYR J 257 57.04 -18.30 29.54
N LEU J 258 57.21 -17.56 30.62
CA LEU J 258 57.52 -18.19 31.90
C LEU J 258 56.35 -19.03 32.43
N SER J 259 55.12 -18.63 32.11
CA SER J 259 53.94 -19.40 32.51
C SER J 259 53.93 -20.81 31.90
N VAL J 260 54.21 -20.91 30.60
CA VAL J 260 54.26 -22.23 29.97
C VAL J 260 55.28 -23.14 30.68
N GLY J 261 56.40 -22.58 31.13
CA GLY J 261 57.45 -23.38 31.74
C GLY J 261 57.37 -23.64 33.24
N LYS J 262 56.31 -23.15 33.89
CA LYS J 262 56.23 -23.19 35.35
C LYS J 262 56.25 -24.60 35.91
N GLY J 263 55.56 -25.51 35.24
CA GLY J 263 55.42 -26.87 35.72
C GLY J 263 56.52 -27.83 35.28
N SER J 264 57.60 -27.31 34.74
CA SER J 264 58.71 -28.17 34.32
C SER J 264 59.81 -28.22 35.40
N MET J 265 60.49 -29.35 35.50
CA MET J 265 61.63 -29.49 36.41
C MET J 265 62.85 -28.80 35.85
N TYR J 266 62.79 -28.48 34.57
CA TYR J 266 63.87 -27.82 33.88
C TYR J 266 63.62 -26.31 33.75
N PRO J 267 64.60 -25.48 34.11
CA PRO J 267 64.48 -24.02 34.02
C PRO J 267 64.32 -23.52 32.59
N ASN J 268 63.50 -22.50 32.39
CA ASN J 268 63.39 -21.85 31.10
C ASN J 268 64.77 -21.35 30.62
N LYS J 269 65.05 -21.44 29.33
CA LYS J 269 66.32 -21.02 28.76
C LYS J 269 66.09 -20.36 27.41
N PHE J 270 66.38 -19.08 27.32
CA PHE J 270 66.10 -18.34 26.10
C PHE J 270 67.38 -18.19 25.29
N ILE J 271 67.34 -18.65 24.04
CA ILE J 271 68.53 -18.75 23.19
C ILE J 271 68.64 -17.56 22.25
N HIS J 272 69.83 -16.95 22.23
CA HIS J 272 70.08 -15.78 21.39
C HIS J 272 71.49 -15.83 20.80
N LEU J 273 71.59 -16.36 19.57
CA LEU J 273 72.85 -16.34 18.81
C LEU J 273 72.82 -15.22 17.78
N THR J 274 74.00 -14.77 17.37
CA THR J 274 74.10 -13.68 16.40
C THR J 274 75.24 -13.92 15.43
N TYR J 275 74.93 -13.80 14.15
CA TYR J 275 75.99 -13.71 13.15
C TYR J 275 76.03 -12.28 12.65
N LYS J 276 77.22 -11.69 12.63
CA LYS J 276 77.36 -10.38 12.02
C LYS J 276 78.39 -10.41 10.89
N SER J 277 78.02 -9.86 9.74
CA SER J 277 78.92 -9.83 8.59
C SER J 277 80.11 -8.95 8.90
N LYS J 278 81.24 -9.25 8.27
CA LYS J 278 82.41 -8.40 8.40
C LYS J 278 82.14 -7.06 7.71
N GLY J 279 81.29 -7.09 6.68
CA GLY J 279 81.01 -5.89 5.91
C GLY J 279 80.27 -4.80 6.68
N ASP J 280 79.71 -3.85 5.92
CA ASP J 280 78.70 -2.95 6.48
C ASP J 280 77.38 -3.73 6.58
N VAL J 281 76.57 -3.46 7.60
CA VAL J 281 75.29 -4.16 7.75
C VAL J 281 74.16 -3.47 6.97
N LYS J 282 73.53 -4.21 6.07
CA LYS J 282 72.53 -3.61 5.19
C LYS J 282 71.12 -4.18 5.44
N LYS J 283 71.06 -5.40 5.98
CA LYS J 283 69.81 -6.01 6.40
C LYS J 283 70.01 -6.70 7.75
N LYS J 284 69.09 -6.46 8.68
CA LYS J 284 69.11 -7.08 9.99
C LYS J 284 67.91 -8.01 10.09
N ILE J 285 68.16 -9.28 10.35
CA ILE J 285 67.11 -10.29 10.37
C ILE J 285 67.04 -11.00 11.73
N ALA J 286 65.82 -11.25 12.21
CA ALA J 286 65.61 -12.12 13.36
C ALA J 286 64.86 -13.39 12.96
N LEU J 287 65.43 -14.54 13.28
CA LEU J 287 64.79 -15.84 13.03
C LEU J 287 64.36 -16.47 14.36
N VAL J 288 63.06 -16.72 14.49
CA VAL J 288 62.49 -17.17 15.77
C VAL J 288 61.88 -18.56 15.66
N GLY J 289 62.30 -19.47 16.52
CA GLY J 289 61.85 -20.84 16.41
C GLY J 289 61.18 -21.33 17.68
N LYS J 290 60.05 -22.01 17.53
CA LYS J 290 59.34 -22.61 18.66
C LYS J 290 60.15 -23.73 19.29
N GLY J 291 60.43 -23.59 20.58
CA GLY J 291 61.31 -24.54 21.24
C GLY J 291 60.69 -25.19 22.46
N ILE J 292 59.62 -25.95 22.25
CA ILE J 292 59.03 -26.77 23.31
C ILE J 292 59.68 -28.16 23.29
N THR J 293 60.50 -28.48 24.30
CA THR J 293 61.28 -29.71 24.19
C THR J 293 60.40 -30.94 24.47
N PHE J 294 59.27 -30.74 25.13
CA PHE J 294 58.19 -31.74 25.16
C PHE J 294 56.84 -31.07 25.38
N ASP J 295 55.84 -31.54 24.66
CA ASP J 295 54.53 -30.94 24.77
C ASP J 295 53.51 -31.97 25.23
N SER J 296 53.32 -32.05 26.54
CA SER J 296 52.36 -32.98 27.11
C SER J 296 50.92 -32.48 26.95
N GLY J 297 50.78 -31.19 26.65
CA GLY J 297 49.50 -30.51 26.68
C GLY J 297 49.26 -29.72 27.96
N GLY J 298 49.94 -30.08 29.05
CA GLY J 298 49.69 -29.44 30.33
C GLY J 298 48.39 -29.96 30.89
N TYR J 299 47.65 -29.15 31.64
CA TYR J 299 46.45 -29.67 32.25
C TYR J 299 45.40 -29.99 31.17
N ASN J 300 45.52 -29.35 30.00
CA ASN J 300 44.78 -29.80 28.82
C ASN J 300 45.57 -30.92 28.16
N LEU J 301 45.74 -32.01 28.91
CA LEU J 301 46.60 -33.10 28.52
C LEU J 301 46.21 -33.74 27.17
N LYS J 302 47.23 -34.16 26.41
CA LYS J 302 46.97 -34.79 25.12
C LYS J 302 46.46 -36.24 25.30
N ALA J 303 45.16 -36.37 25.53
CA ALA J 303 44.58 -37.65 25.93
C ALA J 303 43.65 -38.22 24.87
N ALA J 304 43.23 -37.40 23.90
CA ALA J 304 42.32 -37.86 22.86
C ALA J 304 43.03 -38.75 21.83
N PRO J 305 42.25 -39.57 21.11
CA PRO J 305 42.74 -40.35 19.96
C PRO J 305 43.50 -39.52 18.94
N GLY J 306 44.72 -39.96 18.60
CA GLY J 306 45.49 -39.32 17.56
C GLY J 306 46.09 -37.97 17.93
N SER J 307 46.14 -37.66 19.23
CA SER J 307 46.77 -36.42 19.66
C SER J 307 48.31 -36.57 19.70
N MET J 308 48.78 -37.78 19.37
CA MET J 308 50.19 -38.03 19.03
C MET J 308 51.18 -37.66 20.12
N ILE J 309 50.83 -37.89 21.38
CA ILE J 309 51.67 -37.48 22.49
C ILE J 309 53.09 -38.09 22.45
N ASP J 310 53.23 -39.28 21.87
CA ASP J 310 54.53 -39.93 21.81
C ASP J 310 55.49 -39.28 20.80
N LEU J 311 55.00 -38.33 20.02
CA LEU J 311 55.84 -37.64 19.05
C LEU J 311 56.13 -36.21 19.48
N MET J 312 55.65 -35.81 20.67
CA MET J 312 55.71 -34.40 21.05
C MET J 312 57.11 -33.92 21.47
N LYS J 313 58.10 -34.80 21.37
CA LYS J 313 59.50 -34.35 21.35
C LYS J 313 59.81 -33.49 20.12
N PHE J 314 59.01 -33.61 19.04
CA PHE J 314 59.25 -32.88 17.78
C PHE J 314 58.87 -31.38 17.87
N ASP J 315 58.39 -30.94 19.02
CA ASP J 315 57.81 -29.60 19.17
C ASP J 315 58.88 -28.51 19.37
N MET J 316 60.15 -28.89 19.23
CA MET J 316 61.21 -27.89 19.18
C MET J 316 61.81 -27.90 17.77
N SER J 317 61.05 -28.46 16.81
CA SER J 317 61.47 -28.49 15.41
C SER J 317 61.82 -27.11 14.84
N GLY J 318 61.02 -26.11 15.23
CA GLY J 318 61.21 -24.73 14.84
C GLY J 318 62.55 -24.25 15.33
N CYS J 319 62.81 -24.48 16.61
CA CYS J 319 64.12 -24.22 17.19
C CYS J 319 65.24 -24.96 16.48
N ALA J 320 65.04 -26.24 16.22
CA ALA J 320 66.07 -27.02 15.52
C ALA J 320 66.36 -26.44 14.13
N ALA J 321 65.31 -26.00 13.44
CA ALA J 321 65.49 -25.36 12.14
C ALA J 321 66.33 -24.08 12.25
N VAL J 322 66.06 -23.28 13.28
CA VAL J 322 66.77 -22.02 13.42
C VAL J 322 68.23 -22.28 13.74
N LEU J 323 68.52 -23.27 14.58
CA LEU J 323 69.90 -23.64 14.86
C LEU J 323 70.61 -24.25 13.64
N GLY J 324 69.88 -25.06 12.88
CA GLY J 324 70.45 -25.68 11.71
C GLY J 324 70.79 -24.58 10.73
N CYS J 325 69.90 -23.60 10.61
CA CYS J 325 70.17 -22.43 9.79
C CYS J 325 71.42 -21.67 10.28
N ALA J 326 71.62 -21.61 11.60
CA ALA J 326 72.80 -20.93 12.13
C ALA J 326 74.06 -21.65 11.66
N TYR J 327 74.04 -22.98 11.61
CA TYR J 327 75.18 -23.72 11.11
C TYR J 327 75.48 -23.37 9.64
N CYS J 328 74.46 -23.30 8.81
CA CYS J 328 74.65 -22.96 7.39
C CYS J 328 75.12 -21.53 7.19
N VAL J 329 74.51 -20.59 7.90
CA VAL J 329 74.91 -19.20 7.81
C VAL J 329 76.34 -18.99 8.35
N GLY J 330 76.61 -19.59 9.49
CA GLY J 330 77.91 -19.43 10.14
C GLY J 330 79.03 -20.06 9.32
N THR J 331 78.65 -20.97 8.41
CA THR J 331 79.61 -21.71 7.62
C THR J 331 79.84 -21.07 6.25
N LEU J 332 78.78 -20.50 5.68
CA LEU J 332 78.86 -19.95 4.34
C LEU J 332 79.28 -18.48 4.35
N LYS J 333 79.11 -17.85 5.52
CA LYS J 333 79.48 -16.46 5.79
C LYS J 333 79.01 -15.41 4.77
N PRO J 334 77.69 -15.24 4.66
CA PRO J 334 77.11 -14.22 3.78
C PRO J 334 77.54 -12.80 4.19
N GLU J 335 77.45 -11.87 3.25
CA GLU J 335 77.94 -10.51 3.45
C GLU J 335 76.83 -9.52 3.81
N ASN J 336 77.21 -8.43 4.47
CA ASN J 336 76.33 -7.29 4.68
C ASN J 336 75.01 -7.62 5.36
N VAL J 337 75.07 -8.47 6.37
CA VAL J 337 73.85 -8.91 6.99
C VAL J 337 74.11 -9.24 8.47
N GLU J 338 73.16 -8.90 9.32
CA GLU J 338 73.22 -9.26 10.73
C GLU J 338 72.01 -10.11 11.09
N ILE J 339 72.25 -11.30 11.64
CA ILE J 339 71.18 -12.26 11.90
C ILE J 339 71.12 -12.71 13.35
N HIS J 340 69.95 -12.58 13.95
CA HIS J 340 69.73 -13.06 15.30
C HIS J 340 68.92 -14.35 15.27
N PHE J 341 69.46 -15.39 15.90
CA PHE J 341 68.82 -16.69 16.01
C PHE J 341 68.22 -16.83 17.40
N LEU J 342 66.89 -16.84 17.47
CA LEU J 342 66.21 -16.76 18.74
C LEU J 342 65.30 -17.96 18.99
N SER J 343 65.26 -18.42 20.24
CA SER J 343 64.25 -19.39 20.68
C SER J 343 63.96 -19.38 22.19
N ALA J 344 62.70 -19.15 22.55
CA ALA J 344 62.27 -19.29 23.93
C ALA J 344 62.01 -20.78 24.25
N VAL J 345 63.04 -21.46 24.73
CA VAL J 345 62.94 -22.88 25.03
C VAL J 345 62.36 -23.18 26.42
N CYS J 346 61.42 -24.12 26.48
CA CYS J 346 60.90 -24.61 27.75
C CYS J 346 60.19 -25.94 27.54
N GLU J 347 59.48 -26.42 28.56
CA GLU J 347 58.81 -27.72 28.52
C GLU J 347 57.41 -27.61 29.16
N ASN J 348 56.40 -28.14 28.48
CA ASN J 348 55.00 -28.01 28.89
C ASN J 348 54.48 -29.25 29.64
N MET J 349 54.46 -29.17 30.97
CA MET J 349 54.28 -30.36 31.80
C MET J 349 53.13 -30.26 32.77
N VAL J 350 52.79 -31.38 33.39
CA VAL J 350 51.71 -31.44 34.38
C VAL J 350 52.31 -31.54 35.77
N SER J 351 52.02 -30.55 36.58
CA SER J 351 52.64 -30.45 37.90
C SER J 351 51.71 -29.66 38.80
N LYS J 352 52.02 -29.63 40.10
CA LYS J 352 51.34 -28.73 41.03
C LYS J 352 51.68 -27.28 40.67
N ASN J 353 52.79 -27.08 39.95
CA ASN J 353 53.28 -25.75 39.62
C ASN J 353 52.90 -25.25 38.23
N SER J 354 52.13 -26.02 37.48
CA SER J 354 51.80 -25.69 36.09
C SER J 354 50.84 -24.52 35.99
N TYR J 355 50.81 -23.85 34.85
CA TYR J 355 49.81 -22.82 34.68
C TYR J 355 48.49 -23.54 34.42
N ARG J 356 47.37 -22.85 34.57
CA ARG J 356 46.05 -23.49 34.48
C ARG J 356 45.22 -22.93 33.35
N PRO J 357 44.34 -23.77 32.77
CA PRO J 357 43.26 -23.24 31.94
C PRO J 357 42.53 -22.12 32.69
N GLY J 358 42.35 -20.96 32.06
CA GLY J 358 41.72 -19.84 32.71
C GLY J 358 42.68 -18.81 33.28
N ASP J 359 43.95 -19.18 33.48
CA ASP J 359 44.92 -18.24 34.04
C ASP J 359 45.04 -17.00 33.15
N ILE J 360 45.13 -15.83 33.78
CA ILE J 360 45.43 -14.62 33.05
C ILE J 360 46.87 -14.22 33.34
N ILE J 361 47.63 -14.05 32.27
CA ILE J 361 49.06 -13.81 32.36
C ILE J 361 49.40 -12.56 31.55
N THR J 362 50.52 -11.96 31.88
CA THR J 362 50.91 -10.72 31.25
C THR J 362 52.15 -10.91 30.40
N ALA J 363 52.02 -10.62 29.10
CA ALA J 363 53.16 -10.65 28.20
C ALA J 363 54.10 -9.49 28.49
N SER J 364 55.32 -9.58 27.96
CA SER J 364 56.33 -8.56 28.24
C SER J 364 56.09 -7.23 27.52
N ASN J 365 55.11 -7.15 26.63
CA ASN J 365 54.73 -5.84 26.09
C ASN J 365 53.54 -5.26 26.86
N GLY J 366 53.20 -5.89 27.98
CA GLY J 366 52.11 -5.39 28.82
C GLY J 366 50.73 -5.95 28.52
N LYS J 367 50.59 -6.73 27.44
CA LYS J 367 49.28 -7.28 27.09
C LYS J 367 48.89 -8.44 28.01
N THR J 368 47.69 -8.40 28.55
CA THR J 368 47.20 -9.54 29.32
C THR J 368 46.50 -10.54 28.41
N ILE J 369 46.70 -11.82 28.74
CA ILE J 369 46.26 -12.93 27.93
C ILE J 369 45.39 -13.89 28.72
N GLU J 370 44.23 -14.25 28.20
CA GLU J 370 43.43 -15.25 28.91
C GLU J 370 43.72 -16.63 28.34
N VAL J 371 44.31 -17.49 29.15
CA VAL J 371 44.61 -18.84 28.68
C VAL J 371 43.36 -19.72 28.58
N GLY J 372 42.97 -20.05 27.36
CA GLY J 372 41.80 -20.86 27.12
C GLY J 372 42.16 -22.34 27.13
N ASN J 373 43.41 -22.63 26.79
CA ASN J 373 43.87 -24.00 26.62
C ASN J 373 45.38 -24.09 26.78
N THR J 374 45.84 -24.88 27.73
CA THR J 374 47.27 -24.96 28.04
C THR J 374 48.07 -25.66 26.93
N ASP J 375 47.36 -26.36 26.04
CA ASP J 375 47.99 -27.11 24.96
C ASP J 375 48.23 -26.20 23.75
N ALA J 376 47.80 -24.95 23.88
CA ALA J 376 48.14 -23.93 22.89
C ALA J 376 49.34 -23.10 23.37
N GLU J 377 50.37 -23.79 23.83
CA GLU J 377 51.46 -23.16 24.57
C GLU J 377 52.44 -22.41 23.70
N GLY J 378 52.58 -22.88 22.46
CA GLY J 378 53.62 -22.38 21.59
C GLY J 378 53.45 -20.92 21.26
N ARG J 379 52.21 -20.48 21.08
CA ARG J 379 51.97 -19.09 20.72
C ARG J 379 52.27 -18.17 21.91
N LEU J 380 52.17 -18.71 23.13
CA LEU J 380 52.51 -17.94 24.33
C LEU J 380 54.00 -17.66 24.37
N THR J 381 54.80 -18.72 24.22
CA THR J 381 56.26 -18.56 24.21
C THR J 381 56.73 -17.69 23.04
N LEU J 382 56.06 -17.81 21.90
CA LEU J 382 56.42 -17.05 20.72
C LEU J 382 56.13 -15.57 20.88
N ALA J 383 55.04 -15.26 21.59
CA ALA J 383 54.65 -13.88 21.80
C ALA J 383 55.77 -13.09 22.48
N ASP J 384 56.31 -13.66 23.55
CA ASP J 384 57.40 -13.00 24.27
C ASP J 384 58.67 -12.92 23.41
N ALA J 385 58.94 -13.98 22.66
CA ALA J 385 60.09 -14.01 21.75
C ALA J 385 59.95 -13.00 20.61
N LEU J 386 58.73 -12.78 20.13
CA LEU J 386 58.47 -11.81 19.08
C LEU J 386 58.66 -10.37 19.58
N VAL J 387 58.17 -10.10 20.78
CA VAL J 387 58.39 -8.81 21.45
C VAL J 387 59.90 -8.54 21.63
N TYR J 388 60.62 -9.54 22.12
CA TYR J 388 62.07 -9.48 22.21
C TYR J 388 62.75 -9.17 20.86
N ALA J 389 62.35 -9.89 19.81
CA ALA J 389 62.96 -9.72 18.50
C ALA J 389 62.71 -8.33 17.94
N GLU J 390 61.52 -7.78 18.18
CA GLU J 390 61.23 -6.47 17.62
C GLU J 390 62.02 -5.39 18.34
N LYS J 391 62.35 -5.61 19.61
CA LYS J 391 63.19 -4.66 20.33
C LYS J 391 64.61 -4.61 19.75
N LEU J 392 65.00 -5.64 19.00
CA LEU J 392 66.32 -5.68 18.38
C LEU J 392 66.44 -4.71 17.20
N GLY J 393 65.33 -4.12 16.79
CA GLY J 393 65.35 -3.22 15.65
C GLY J 393 65.75 -3.88 14.34
N VAL J 394 65.20 -5.05 14.05
CA VAL J 394 65.57 -5.72 12.81
C VAL J 394 64.68 -5.24 11.67
N ASP J 395 65.01 -5.66 10.45
CA ASP J 395 64.20 -5.29 9.29
C ASP J 395 63.14 -6.35 9.04
N TYR J 396 63.47 -7.60 9.36
CA TYR J 396 62.59 -8.72 9.12
C TYR J 396 62.60 -9.63 10.33
N ILE J 397 61.40 -10.06 10.73
CA ILE J 397 61.23 -11.14 11.71
C ILE J 397 60.52 -12.33 11.07
N VAL J 398 61.16 -13.52 11.09
CA VAL J 398 60.53 -14.74 10.59
C VAL J 398 60.44 -15.78 11.69
N ASP J 399 59.24 -16.23 12.05
CA ASP J 399 59.16 -17.33 13.01
C ASP J 399 58.78 -18.63 12.28
N ILE J 400 59.28 -19.76 12.80
CA ILE J 400 58.96 -21.08 12.27
C ILE J 400 58.62 -22.01 13.45
N ALA J 401 57.49 -22.72 13.35
CA ALA J 401 56.95 -23.42 14.52
C ALA J 401 56.03 -24.59 14.17
N THR J 402 56.08 -25.67 14.97
CA THR J 402 55.08 -26.74 14.91
C THR J 402 53.83 -26.30 15.68
N LEU J 403 53.13 -25.30 15.16
CA LEU J 403 52.17 -24.58 15.97
C LEU J 403 50.77 -25.20 16.01
N THR J 404 50.22 -25.63 14.88
CA THR J 404 48.83 -26.09 14.86
C THR J 404 48.66 -27.40 14.13
N GLY J 405 48.07 -28.38 14.82
CA GLY J 405 47.77 -29.69 14.25
C GLY J 405 46.80 -29.62 13.08
N ALA J 406 46.01 -28.55 13.04
CA ALA J 406 45.08 -28.33 11.94
C ALA J 406 45.75 -28.22 10.55
N MET J 407 47.08 -28.02 10.50
CA MET J 407 47.77 -27.92 9.21
C MET J 407 47.64 -29.25 8.47
N LEU J 408 47.60 -30.33 9.24
CA LEU J 408 47.43 -31.67 8.71
C LEU J 408 46.13 -31.80 7.93
N TYR J 409 45.17 -30.95 8.23
CA TYR J 409 43.87 -31.00 7.58
C TYR J 409 43.73 -29.97 6.48
N SER J 410 44.73 -29.11 6.32
CA SER J 410 44.66 -28.10 5.27
C SER J 410 45.65 -28.42 4.15
N LEU J 411 46.94 -28.22 4.42
CA LEU J 411 47.99 -28.49 3.46
C LEU J 411 48.57 -29.91 3.55
N GLY J 412 48.47 -30.54 4.72
CA GLY J 412 48.92 -31.92 4.85
C GLY J 412 50.34 -32.11 5.35
N THR J 413 51.01 -33.13 4.82
CA THR J 413 52.32 -33.48 5.32
C THR J 413 53.45 -33.04 4.40
N SER J 414 53.09 -32.47 3.24
CA SER J 414 54.13 -32.04 2.29
C SER J 414 54.38 -30.53 2.25
N TYR J 415 53.32 -29.73 2.31
CA TYR J 415 53.45 -28.28 2.20
C TYR J 415 53.26 -27.60 3.54
N ALA J 416 54.20 -26.73 3.91
CA ALA J 416 54.08 -25.86 5.08
C ALA J 416 53.25 -24.62 4.75
N GLY J 417 52.67 -24.01 5.78
CA GLY J 417 52.00 -22.73 5.63
C GLY J 417 52.82 -21.50 6.01
N VAL J 418 52.65 -20.43 5.26
CA VAL J 418 53.30 -19.18 5.60
C VAL J 418 52.22 -18.12 5.75
N PHE J 419 52.19 -17.49 6.92
CA PHE J 419 51.30 -16.37 7.17
C PHE J 419 52.18 -15.15 7.40
N GLY J 420 51.62 -13.95 7.29
CA GLY J 420 52.42 -12.76 7.52
C GLY J 420 51.70 -11.45 7.34
N ASN J 421 52.32 -10.38 7.85
CA ASN J 421 51.74 -9.04 7.78
C ASN J 421 52.33 -8.17 6.67
N ASN J 422 53.16 -8.77 5.82
CA ASN J 422 53.92 -8.04 4.80
C ASN J 422 54.04 -8.84 3.50
N GLU J 423 53.40 -8.36 2.45
CA GLU J 423 53.36 -9.08 1.18
C GLU J 423 54.77 -9.34 0.64
N GLU J 424 55.63 -8.33 0.68
CA GLU J 424 57.00 -8.47 0.20
C GLU J 424 57.74 -9.56 0.97
N LEU J 425 57.66 -9.54 2.29
CA LEU J 425 58.38 -10.55 3.07
C LEU J 425 57.87 -11.96 2.73
N ILE J 426 56.56 -12.11 2.59
CA ILE J 426 55.99 -13.38 2.16
C ILE J 426 56.51 -13.82 0.78
N ASN J 427 56.58 -12.88 -0.15
CA ASN J 427 57.06 -13.23 -1.46
C ASN J 427 58.54 -13.68 -1.41
N LYS J 428 59.34 -13.06 -0.54
CA LYS J 428 60.72 -13.51 -0.35
C LYS J 428 60.79 -14.93 0.24
N ILE J 429 59.92 -15.23 1.20
CA ILE J 429 59.80 -16.59 1.71
C ILE J 429 59.41 -17.57 0.58
N LEU J 430 58.40 -17.21 -0.22
CA LEU J 430 57.95 -18.09 -1.29
C LEU J 430 59.07 -18.37 -2.28
N GLN J 431 59.84 -17.34 -2.61
CA GLN J 431 60.99 -17.49 -3.50
C GLN J 431 62.05 -18.41 -2.89
N SER J 432 62.30 -18.28 -1.59
CA SER J 432 63.23 -19.16 -0.89
C SER J 432 62.74 -20.62 -0.90
N SER J 433 61.43 -20.78 -0.82
CA SER J 433 60.81 -22.09 -0.91
C SER J 433 61.12 -22.73 -2.26
N LYS J 434 61.07 -21.95 -3.35
CA LYS J 434 61.35 -22.51 -4.67
C LYS J 434 62.80 -22.96 -4.85
N THR J 435 63.74 -22.13 -4.43
CA THR J 435 65.13 -22.45 -4.68
C THR J 435 65.66 -23.49 -3.68
N SER J 436 65.10 -23.50 -2.47
CA SER J 436 65.48 -24.52 -1.49
C SER J 436 64.74 -25.84 -1.71
N ASN J 437 63.66 -25.82 -2.50
CA ASN J 437 62.80 -26.98 -2.71
C ASN J 437 62.09 -27.52 -1.45
N GLU J 438 62.02 -26.71 -0.41
CA GLU J 438 61.16 -27.00 0.73
C GLU J 438 59.86 -26.22 0.52
N PRO J 439 58.79 -26.91 0.11
CA PRO J 439 57.49 -26.35 -0.28
C PRO J 439 56.68 -25.69 0.85
N VAL J 440 56.18 -24.50 0.52
CA VAL J 440 55.44 -23.64 1.42
C VAL J 440 54.30 -23.04 0.61
N TRP J 441 53.23 -22.63 1.26
CA TRP J 441 52.09 -22.12 0.53
C TRP J 441 51.49 -21.00 1.36
N TRP J 442 51.21 -19.89 0.69
CA TRP J 442 50.73 -18.71 1.37
C TRP J 442 49.28 -18.92 1.85
N LEU J 443 49.03 -18.66 3.13
CA LEU J 443 47.68 -18.71 3.67
C LEU J 443 47.28 -17.35 4.26
N PRO J 444 45.98 -17.04 4.25
CA PRO J 444 45.53 -15.71 4.66
C PRO J 444 45.43 -15.51 6.17
N ILE J 445 45.72 -14.30 6.64
CA ILE J 445 45.37 -13.91 7.99
C ILE J 445 44.04 -13.16 7.90
N ILE J 446 42.94 -13.88 8.13
CA ILE J 446 41.62 -13.34 7.92
C ILE J 446 41.19 -12.50 9.12
N ASN J 447 41.18 -11.19 8.90
CA ASN J 447 40.89 -10.23 9.97
C ASN J 447 39.51 -10.36 10.60
N GLU J 448 38.54 -10.84 9.82
CA GLU J 448 37.18 -11.05 10.33
C GLU J 448 37.16 -11.99 11.54
N TYR J 449 38.21 -12.78 11.73
CA TYR J 449 38.23 -13.74 12.82
C TYR J 449 38.80 -13.12 14.08
N ARG J 450 39.39 -11.94 13.97
CA ARG J 450 40.08 -11.33 15.09
C ARG J 450 39.18 -11.15 16.32
N ALA J 451 37.89 -10.89 16.09
CA ALA J 451 36.96 -10.60 17.17
C ALA J 451 36.74 -11.81 18.07
N THR J 452 37.14 -12.98 17.60
CA THR J 452 36.93 -14.17 18.39
C THR J 452 37.97 -14.24 19.50
N LEU J 453 38.98 -13.36 19.42
CA LEU J 453 40.03 -13.29 20.43
C LEU J 453 39.75 -12.20 21.46
N ASN J 454 38.61 -11.51 21.35
CA ASN J 454 38.26 -10.54 22.36
C ASN J 454 37.90 -11.26 23.65
N SER J 455 38.70 -11.07 24.68
CA SER J 455 38.45 -11.68 25.98
C SER J 455 37.53 -10.80 26.80
N LYS J 456 36.70 -11.41 27.63
CA LYS J 456 35.83 -10.62 28.48
C LYS J 456 36.65 -9.93 29.58
N TYR J 457 37.73 -10.56 30.01
CA TYR J 457 38.45 -10.05 31.16
C TYR J 457 39.88 -9.58 30.83
N ALA J 458 40.56 -10.29 29.94
CA ALA J 458 41.92 -9.91 29.60
C ALA J 458 41.94 -9.01 28.37
N ASP J 459 43.13 -8.58 27.96
CA ASP J 459 43.27 -7.79 26.75
C ASP J 459 42.93 -8.63 25.56
N ILE J 460 43.29 -9.91 25.65
CA ILE J 460 43.16 -10.80 24.51
C ILE J 460 43.04 -12.27 24.94
N ASN J 461 42.30 -13.05 24.14
CA ASN J 461 42.22 -14.50 24.26
C ASN J 461 43.37 -15.22 23.61
N GLN J 462 43.83 -16.27 24.24
CA GLN J 462 44.86 -17.10 23.65
C GLN J 462 44.28 -17.93 22.48
N ILE J 463 43.06 -18.43 22.66
CA ILE J 463 42.40 -19.22 21.62
C ILE J 463 40.97 -18.74 21.38
N SER J 464 40.37 -19.25 20.30
CA SER J 464 39.01 -18.94 19.93
C SER J 464 38.01 -19.84 20.65
N SER J 465 36.77 -19.39 20.75
CA SER J 465 35.72 -20.22 21.31
C SER J 465 35.34 -21.31 20.32
N SER J 466 34.57 -20.91 19.30
CA SER J 466 34.06 -21.86 18.32
C SER J 466 34.92 -21.91 17.06
N VAL J 467 35.23 -20.75 16.50
CA VAL J 467 35.98 -20.63 15.24
C VAL J 467 37.11 -21.65 15.07
N LYS J 468 36.84 -22.66 14.25
CA LYS J 468 37.87 -23.61 13.88
C LYS J 468 38.84 -22.86 12.97
N ALA J 469 39.69 -23.58 12.25
CA ALA J 469 40.71 -22.91 11.46
C ALA J 469 41.66 -22.19 12.41
N SER J 470 42.21 -22.97 13.34
CA SER J 470 43.09 -22.48 14.37
C SER J 470 44.43 -21.97 13.82
N SER J 471 44.83 -22.45 12.65
CA SER J 471 46.07 -21.95 12.04
C SER J 471 45.95 -20.46 11.73
N ILE J 472 44.79 -20.03 11.28
CA ILE J 472 44.58 -18.62 10.97
C ILE J 472 44.50 -17.84 12.28
N VAL J 473 43.75 -18.38 13.24
CA VAL J 473 43.57 -17.74 14.52
C VAL J 473 44.90 -17.62 15.30
N ALA J 474 45.75 -18.63 15.22
CA ALA J 474 47.02 -18.57 15.94
C ALA J 474 47.87 -17.44 15.37
N SER J 475 47.81 -17.27 14.04
CA SER J 475 48.50 -16.16 13.35
C SER J 475 48.00 -14.81 13.82
N LEU J 476 46.70 -14.69 13.94
CA LEU J 476 46.07 -13.45 14.40
C LEU J 476 46.58 -13.10 15.79
N PHE J 477 46.71 -14.12 16.63
CA PHE J 477 47.27 -13.94 17.97
C PHE J 477 48.71 -13.45 17.88
N LEU J 478 49.57 -14.16 17.16
CA LEU J 478 50.97 -13.76 16.99
C LEU J 478 51.11 -12.32 16.46
N LYS J 479 50.33 -12.00 15.43
CA LYS J 479 50.34 -10.69 14.81
C LYS J 479 50.21 -9.58 15.85
N GLU J 480 49.44 -9.86 16.90
CA GLU J 480 49.24 -8.88 17.97
C GLU J 480 50.51 -8.56 18.75
N PHE J 481 51.58 -9.31 18.51
CA PHE J 481 52.82 -9.07 19.24
C PHE J 481 53.95 -8.55 18.34
N VAL J 482 53.55 -8.03 17.19
CA VAL J 482 54.46 -7.43 16.22
C VAL J 482 53.86 -6.10 15.76
N GLN J 483 54.42 -5.01 16.27
CA GLN J 483 53.79 -3.70 16.15
C GLN J 483 54.06 -3.00 14.83
N ASN J 484 55.32 -2.90 14.42
CA ASN J 484 55.61 -2.33 13.12
C ASN J 484 56.95 -2.81 12.55
N THR J 485 57.09 -4.13 12.45
CA THR J 485 58.15 -4.75 11.69
C THR J 485 57.51 -5.76 10.75
N ALA J 486 58.06 -5.87 9.54
CA ALA J 486 57.67 -6.91 8.60
C ALA J 486 57.93 -8.27 9.23
N TRP J 487 56.90 -9.12 9.23
CA TRP J 487 56.93 -10.35 10.00
C TRP J 487 56.24 -11.47 9.24
N ALA J 488 56.84 -12.65 9.21
CA ALA J 488 56.16 -13.82 8.65
C ALA J 488 56.34 -15.01 9.58
N HIS J 489 55.44 -15.97 9.45
CA HIS J 489 55.30 -17.08 10.38
C HIS J 489 55.13 -18.35 9.58
N ILE J 490 56.03 -19.30 9.74
CA ILE J 490 55.95 -20.56 9.01
C ILE J 490 55.49 -21.68 9.97
N ASP J 491 54.36 -22.31 9.65
CA ASP J 491 53.76 -23.31 10.51
C ASP J 491 54.04 -24.67 9.93
N ILE J 492 54.91 -25.43 10.62
CA ILE J 492 55.46 -26.68 10.10
C ILE J 492 54.97 -27.93 10.83
N ALA J 493 53.87 -27.80 11.59
CA ALA J 493 53.32 -28.91 12.39
C ALA J 493 53.02 -30.12 11.56
N GLY J 494 52.59 -29.89 10.33
CA GLY J 494 52.25 -30.95 9.42
C GLY J 494 53.43 -31.60 8.73
N VAL J 495 54.47 -30.81 8.44
CA VAL J 495 55.54 -31.28 7.57
C VAL J 495 56.81 -31.65 8.32
N SER J 496 56.88 -31.31 9.60
CA SER J 496 58.09 -31.47 10.36
C SER J 496 58.51 -32.92 10.53
N TRP J 497 57.53 -33.78 10.78
CA TRP J 497 57.84 -35.17 11.05
C TRP J 497 57.45 -36.08 9.89
N ASN J 498 58.37 -36.95 9.49
CA ASN J 498 58.11 -37.91 8.44
C ASN J 498 57.44 -39.18 8.99
N PHE J 499 56.12 -39.21 8.98
CA PHE J 499 55.40 -40.30 9.66
C PHE J 499 55.71 -41.67 9.05
N LYS J 500 55.86 -41.74 7.74
CA LYS J 500 56.15 -43.01 7.09
C LYS J 500 57.54 -43.53 7.43
N ALA J 501 58.57 -42.71 7.24
CA ALA J 501 59.95 -43.10 7.57
C ALA J 501 60.30 -43.05 9.08
N ARG J 502 59.34 -42.60 9.89
CA ARG J 502 59.52 -42.55 11.35
C ARG J 502 60.72 -41.71 11.79
N LYS J 503 60.81 -40.47 11.28
CA LYS J 503 61.97 -39.63 11.55
C LYS J 503 61.69 -38.17 11.17
N PRO J 504 62.56 -37.24 11.59
CA PRO J 504 62.36 -35.83 11.21
C PRO J 504 62.73 -35.56 9.76
N LYS J 505 62.30 -34.42 9.23
CA LYS J 505 62.76 -33.98 7.91
C LYS J 505 63.85 -32.92 8.01
N GLY J 506 63.97 -32.30 9.18
CA GLY J 506 64.80 -31.12 9.36
C GLY J 506 64.25 -29.96 8.56
N PHE J 507 62.93 -29.91 8.42
CA PHE J 507 62.28 -28.96 7.53
C PHE J 507 62.54 -27.52 7.99
N GLY J 508 62.92 -26.67 7.06
CA GLY J 508 63.09 -25.27 7.37
C GLY J 508 64.52 -24.78 7.23
N VAL J 509 65.51 -25.64 7.52
CA VAL J 509 66.90 -25.22 7.49
C VAL J 509 67.29 -24.63 6.13
N ARG J 510 67.05 -25.39 5.07
CA ARG J 510 67.43 -24.96 3.73
C ARG J 510 66.57 -23.79 3.31
N LEU J 511 65.31 -23.79 3.75
CA LEU J 511 64.41 -22.70 3.46
C LEU J 511 64.95 -21.39 4.04
N LEU J 512 65.11 -21.33 5.36
CA LEU J 512 65.57 -20.12 6.02
C LEU J 512 66.96 -19.67 5.52
N THR J 513 67.86 -20.61 5.25
CA THR J 513 69.21 -20.26 4.78
C THR J 513 69.18 -19.59 3.42
N GLU J 514 68.39 -20.15 2.51
CA GLU J 514 68.19 -19.54 1.22
C GLU J 514 67.57 -18.16 1.38
N PHE J 515 66.67 -18.01 2.36
CA PHE J 515 66.10 -16.69 2.67
C PHE J 515 67.17 -15.63 3.02
N VAL J 516 68.09 -15.91 3.95
CA VAL J 516 69.06 -14.86 4.34
C VAL J 516 70.15 -14.66 3.26
N LEU J 517 70.53 -15.73 2.56
CA LEU J 517 71.58 -15.71 1.55
C LEU J 517 71.19 -14.93 0.31
N ASN J 518 69.99 -15.19 -0.19
CA ASN J 518 69.51 -14.54 -1.40
C ASN J 518 68.71 -13.27 -1.10
N ASP J 519 69.16 -12.51 -0.10
CA ASP J 519 68.65 -11.17 0.22
C ASP J 519 69.78 -10.16 0.12
N SER K 2 49.58 -16.97 55.12
CA SER K 2 49.16 -15.64 54.69
C SER K 2 50.08 -15.10 53.57
N GLU K 3 51.30 -15.60 53.46
CA GLU K 3 52.14 -15.23 52.32
C GLU K 3 51.88 -16.17 51.13
N VAL K 4 51.49 -15.60 50.00
CA VAL K 4 51.19 -16.42 48.83
C VAL K 4 52.46 -16.93 48.15
N PRO K 5 52.64 -18.25 48.06
CA PRO K 5 53.80 -18.83 47.38
C PRO K 5 53.76 -18.59 45.86
N GLN K 6 54.94 -18.38 45.26
CA GLN K 6 55.07 -18.18 43.82
C GLN K 6 56.01 -19.19 43.19
N VAL K 7 55.80 -19.48 41.91
CA VAL K 7 56.72 -20.34 41.16
C VAL K 7 57.78 -19.47 40.51
N VAL K 8 57.36 -18.27 40.09
CA VAL K 8 58.25 -17.28 39.50
C VAL K 8 57.77 -15.94 40.01
N SER K 9 58.60 -14.91 39.90
CA SER K 9 58.31 -13.65 40.59
C SER K 9 57.14 -12.90 39.94
N LEU K 10 56.80 -13.27 38.71
CA LEU K 10 55.69 -12.66 37.98
C LEU K 10 54.32 -13.22 38.41
N ASP K 11 54.31 -14.23 39.25
CA ASP K 11 53.05 -14.79 39.74
C ASP K 11 52.42 -13.81 40.73
N PRO K 12 51.12 -13.52 40.56
CA PRO K 12 50.42 -12.56 41.44
C PRO K 12 50.26 -13.06 42.89
N THR K 13 50.21 -12.14 43.84
CA THR K 13 50.14 -12.53 45.25
C THR K 13 48.92 -11.94 45.99
N SER K 14 48.01 -11.32 45.25
CA SER K 14 46.70 -10.90 45.79
C SER K 14 45.64 -10.95 44.68
N ILE K 15 44.36 -10.73 45.01
CA ILE K 15 43.27 -11.02 44.09
C ILE K 15 42.70 -9.90 43.16
N PRO K 16 43.07 -8.63 43.38
CA PRO K 16 42.45 -7.30 43.22
C PRO K 16 40.96 -7.26 43.37
N ILE K 17 40.51 -6.27 44.15
CA ILE K 17 39.11 -6.07 44.44
C ILE K 17 38.79 -4.59 44.29
N GLU K 18 37.81 -4.27 43.44
CA GLU K 18 37.24 -2.94 43.41
C GLU K 18 36.21 -2.89 44.53
N TYR K 19 36.38 -1.97 45.49
CA TYR K 19 35.41 -1.79 46.57
C TYR K 19 34.53 -0.60 46.31
N ASN K 20 35.15 0.50 45.88
CA ASN K 20 34.41 1.68 45.45
C ASN K 20 34.20 1.58 43.94
N THR K 21 32.94 1.56 43.53
CA THR K 21 32.59 1.36 42.13
C THR K 21 31.78 2.55 41.67
N PRO K 22 31.73 2.77 40.35
CA PRO K 22 30.98 3.91 39.81
C PRO K 22 29.50 3.86 40.18
N ILE K 23 28.99 2.66 40.45
CA ILE K 23 27.58 2.51 40.82
C ILE K 23 27.30 3.26 42.11
N HIS K 24 28.26 3.22 43.05
CA HIS K 24 28.10 3.85 44.37
C HIS K 24 28.06 5.38 44.28
N ASP K 25 28.55 5.93 43.19
CA ASP K 25 28.50 7.37 43.00
C ASP K 25 27.19 7.82 42.35
N ILE K 26 26.36 6.88 41.93
CA ILE K 26 25.12 7.23 41.23
C ILE K 26 24.08 7.72 42.23
N LYS K 27 23.59 8.95 42.00
CA LYS K 27 22.52 9.50 42.83
C LYS K 27 21.15 9.02 42.30
N VAL K 28 20.37 8.39 43.17
CA VAL K 28 19.09 7.77 42.79
C VAL K 28 17.87 8.41 43.45
N GLN K 29 16.94 8.91 42.65
CA GLN K 29 15.70 9.51 43.15
C GLN K 29 14.46 8.78 42.63
N VAL K 30 13.51 8.56 43.52
CA VAL K 30 12.26 7.95 43.12
C VAL K 30 11.14 8.99 43.10
N TYR K 31 10.49 9.16 41.95
CA TYR K 31 9.38 10.09 41.80
C TYR K 31 8.05 9.38 41.59
N ASP K 32 6.97 10.01 42.03
CA ASP K 32 5.65 9.47 41.71
C ASP K 32 5.21 9.93 40.32
N ILE K 33 4.63 8.99 39.60
CA ILE K 33 4.30 9.17 38.20
C ILE K 33 3.11 10.13 38.04
N LYS K 34 2.28 10.22 39.07
CA LYS K 34 1.25 11.25 39.12
C LYS K 34 1.93 12.61 39.24
N GLY K 35 1.48 13.58 38.45
CA GLY K 35 2.14 14.86 38.41
C GLY K 35 2.91 15.02 37.11
N GLY K 36 2.99 13.92 36.35
CA GLY K 36 3.66 13.92 35.06
C GLY K 36 5.16 13.81 35.18
N CYS K 37 5.82 13.44 34.08
CA CYS K 37 7.26 13.23 34.08
C CYS K 37 8.01 14.40 33.46
N ASN K 38 9.14 14.76 34.07
CA ASN K 38 9.99 15.80 33.51
C ASN K 38 11.12 15.23 32.66
N VAL K 39 11.26 15.77 31.46
CA VAL K 39 12.28 15.32 30.54
C VAL K 39 13.23 16.48 30.20
N GLU K 40 14.29 16.64 30.99
CA GLU K 40 15.15 17.82 30.84
C GLU K 40 16.53 17.48 30.32
N GLU K 41 17.01 16.29 30.61
CA GLU K 41 18.39 15.94 30.29
C GLU K 41 18.56 14.45 30.21
N GLY K 42 19.53 14.01 29.42
CA GLY K 42 19.92 12.61 29.40
C GLY K 42 18.96 11.69 28.67
N LEU K 43 18.76 10.51 29.24
CA LEU K 43 17.96 9.48 28.59
C LEU K 43 16.77 9.13 29.44
N THR K 44 15.60 9.15 28.81
CA THR K 44 14.38 8.71 29.46
C THR K 44 13.81 7.48 28.74
N ILE K 45 13.72 6.39 29.47
CA ILE K 45 13.18 5.14 28.94
C ILE K 45 11.82 4.79 29.58
N PHE K 46 10.84 4.48 28.74
CA PHE K 46 9.57 3.97 29.24
C PHE K 46 9.54 2.45 29.16
N LEU K 47 9.14 1.80 30.25
CA LEU K 47 8.97 0.36 30.28
C LEU K 47 7.52 0.03 29.95
N VAL K 48 7.29 -0.52 28.76
CA VAL K 48 5.93 -0.60 28.25
C VAL K 48 5.55 -2.03 27.87
N ASN K 49 4.33 -2.43 28.20
CA ASN K 49 3.81 -3.69 27.69
C ASN K 49 2.55 -3.44 26.89
N ASN K 50 1.97 -4.53 26.39
CA ASN K 50 0.69 -4.51 25.69
C ASN K 50 0.00 -5.87 25.88
N PRO K 51 -0.85 -5.99 26.91
CA PRO K 51 -1.36 -7.32 27.30
C PRO K 51 -2.53 -7.82 26.46
N LYS K 53 -1.95 -6.89 21.13
CA LYS K 53 -1.48 -7.65 22.30
C LYS K 53 -0.10 -8.26 22.05
N GLU K 54 -0.07 -9.50 21.56
CA GLU K 54 1.20 -10.18 21.32
C GLU K 54 1.97 -9.41 20.24
N ASN K 55 3.14 -8.88 20.62
CA ASN K 55 3.93 -7.97 19.78
C ASN K 55 3.14 -6.74 19.31
N GLY K 56 2.20 -6.31 20.14
CA GLY K 56 1.34 -5.20 19.81
C GLY K 56 2.07 -3.88 19.91
N PRO K 57 1.38 -2.79 19.54
CA PRO K 57 2.03 -1.48 19.46
C PRO K 57 2.43 -0.91 20.81
N VAL K 58 3.45 -0.08 20.81
CA VAL K 58 3.81 0.75 21.95
C VAL K 58 2.79 1.85 22.10
N LYS K 59 2.44 2.12 23.35
CA LYS K 59 1.50 3.18 23.65
C LYS K 59 1.89 3.71 25.01
N ILE K 60 2.13 5.02 25.10
CA ILE K 60 2.62 5.64 26.32
C ILE K 60 1.48 6.27 27.14
N SER K 61 1.27 5.77 28.36
CA SER K 61 0.21 6.28 29.22
C SER K 61 0.56 7.61 29.88
N SER K 62 1.76 7.68 30.43
CA SER K 62 2.14 8.78 31.31
C SER K 62 2.17 10.14 30.62
N LYS K 63 1.81 11.17 31.38
CA LYS K 63 1.86 12.54 30.92
C LYS K 63 3.31 13.03 31.01
N VAL K 64 3.75 13.78 30.01
CA VAL K 64 5.11 14.31 30.04
C VAL K 64 5.12 15.82 29.97
N ASN K 65 5.79 16.44 30.93
CA ASN K 65 5.78 17.89 31.08
C ASN K 65 6.68 18.65 30.07
N ASP K 66 6.66 18.21 28.83
CA ASP K 66 7.43 18.84 27.76
C ASP K 66 6.63 18.67 26.46
N LYS K 67 6.43 19.76 25.72
CA LYS K 67 5.56 19.69 24.55
C LYS K 67 6.24 19.00 23.37
N GLN K 68 7.53 19.26 23.18
CA GLN K 68 8.31 18.60 22.12
C GLN K 68 8.37 17.08 22.29
N VAL K 69 8.65 16.63 23.50
CA VAL K 69 8.75 15.21 23.77
C VAL K 69 7.33 14.58 23.72
N SER K 70 6.33 15.31 24.18
CA SER K 70 4.95 14.82 24.08
C SER K 70 4.56 14.51 22.66
N GLU K 71 4.98 15.37 21.73
CA GLU K 71 4.64 15.18 20.34
C GLU K 71 5.24 13.86 19.84
N PHE K 72 6.48 13.61 20.22
CA PHE K 72 7.14 12.34 19.92
C PHE K 72 6.41 11.15 20.54
N LEU K 73 5.90 11.32 21.75
CA LEU K 73 5.30 10.22 22.50
C LEU K 73 3.83 9.99 22.17
N LYS K 74 3.30 10.70 21.19
CA LYS K 74 1.89 10.55 20.81
C LYS K 74 1.67 9.19 20.13
N ASP K 75 0.47 8.65 20.28
CA ASP K 75 0.13 7.31 19.82
C ASP K 75 0.46 7.04 18.37
N GLU K 76 0.35 8.05 17.51
CA GLU K 76 0.55 7.83 16.08
C GLU K 76 2.01 7.52 15.76
N ASN K 77 2.93 8.14 16.49
CA ASN K 77 4.36 7.86 16.31
C ASN K 77 4.76 6.56 16.99
N MET K 78 4.33 6.37 18.22
CA MET K 78 4.77 5.22 19.01
C MET K 78 4.23 3.88 18.47
N GLU K 79 3.14 3.91 17.72
CA GLU K 79 2.57 2.64 17.29
C GLU K 79 3.40 1.99 16.19
N LYS K 80 4.31 2.75 15.59
CA LYS K 80 5.30 2.19 14.67
C LYS K 80 6.22 1.18 15.36
N PHE K 81 6.23 1.19 16.68
CA PHE K 81 7.09 0.28 17.43
C PHE K 81 6.22 -0.74 18.15
N ASN K 82 6.85 -1.83 18.58
CA ASN K 82 6.13 -2.87 19.28
C ASN K 82 6.82 -3.31 20.56
N VAL K 83 6.09 -4.01 21.41
CA VAL K 83 6.50 -4.27 22.77
C VAL K 83 7.17 -5.60 22.98
N LYS K 84 7.51 -6.31 21.90
CA LYS K 84 8.13 -7.61 22.04
C LYS K 84 9.27 -7.56 23.07
N LEU K 85 9.17 -8.41 24.08
CA LEU K 85 10.12 -8.49 25.18
C LEU K 85 11.57 -8.27 24.75
N GLY K 86 12.18 -7.21 25.29
CA GLY K 86 13.57 -6.90 25.01
C GLY K 86 13.80 -5.96 23.84
N THR K 87 12.79 -5.76 22.99
CA THR K 87 12.91 -4.81 21.89
C THR K 87 13.00 -3.37 22.41
N SER K 88 13.91 -2.58 21.85
CA SER K 88 14.00 -1.19 22.29
C SER K 88 14.30 -0.26 21.12
N LYS K 89 13.92 1.01 21.28
CA LYS K 89 14.29 2.10 20.38
C LYS K 89 14.54 3.32 21.25
N HIS K 90 15.46 4.19 20.84
CA HIS K 90 15.55 5.51 21.46
C HIS K 90 16.04 6.52 20.44
N PHE K 91 15.56 7.75 20.56
CA PHE K 91 15.84 8.81 19.64
C PHE K 91 16.43 10.01 20.38
N TYR K 92 17.30 10.75 19.73
CA TYR K 92 17.71 12.06 20.24
C TYR K 92 16.87 13.17 19.61
N MET K 93 16.50 14.15 20.43
CA MET K 93 15.69 15.28 19.98
C MET K 93 15.96 16.52 20.85
N PHE K 94 15.39 17.66 20.46
CA PHE K 94 15.46 18.87 21.27
C PHE K 94 14.19 19.01 22.09
N ASN K 95 14.31 19.24 23.40
CA ASN K 95 13.13 19.42 24.24
C ASN K 95 12.64 20.87 24.16
N ASP K 96 11.71 21.24 25.04
CA ASP K 96 11.13 22.60 25.08
C ASP K 96 12.23 23.66 25.20
N ASN K 97 13.30 23.31 25.91
CA ASN K 97 14.40 24.24 26.17
C ASN K 97 15.49 24.18 25.11
N LYS K 98 15.21 23.47 24.02
CA LYS K 98 16.19 23.26 22.97
C LYS K 98 17.45 22.60 23.51
N ASN K 99 17.26 21.79 24.55
CA ASN K 99 18.32 20.92 25.06
C ASN K 99 18.21 19.52 24.44
N SER K 100 19.34 18.94 24.07
CA SER K 100 19.32 17.60 23.51
C SER K 100 19.00 16.58 24.61
N VAL K 101 17.95 15.81 24.40
CA VAL K 101 17.58 14.75 25.33
C VAL K 101 17.32 13.49 24.52
N ALA K 102 17.45 12.32 25.13
CA ALA K 102 17.13 11.10 24.38
C ALA K 102 15.95 10.39 25.04
N VAL K 103 15.04 9.91 24.20
CA VAL K 103 13.80 9.31 24.67
C VAL K 103 13.54 7.99 23.96
N GLY K 104 13.09 6.98 24.71
CA GLY K 104 12.73 5.72 24.10
C GLY K 104 12.06 4.75 25.03
N TYR K 105 12.06 3.47 24.64
CA TYR K 105 11.34 2.49 25.43
C TYR K 105 12.01 1.13 25.41
N VAL K 106 11.59 0.27 26.34
CA VAL K 106 11.90 -1.15 26.25
C VAL K 106 10.59 -1.95 26.32
N GLY K 107 10.39 -2.83 25.35
CA GLY K 107 9.20 -3.64 25.32
C GLY K 107 9.25 -4.63 26.47
N CYS K 108 8.09 -4.85 27.09
CA CYS K 108 7.99 -5.77 28.22
C CYS K 108 6.97 -6.86 27.92
N GLY K 109 6.72 -7.05 26.62
CA GLY K 109 5.88 -8.14 26.16
C GLY K 109 4.41 -7.95 26.46
N SER K 110 3.72 -9.04 26.75
CA SER K 110 2.27 -8.98 26.79
C SER K 110 1.70 -9.70 28.00
N VAL K 111 2.57 -10.02 28.95
CA VAL K 111 2.13 -10.60 30.22
C VAL K 111 2.23 -9.54 31.30
N ALA K 112 1.19 -9.43 32.14
CA ALA K 112 1.15 -8.40 33.17
C ALA K 112 2.26 -8.54 34.21
N ASP K 113 2.38 -9.73 34.78
CA ASP K 113 3.39 -9.98 35.81
C ASP K 113 4.66 -10.57 35.19
N LEU K 114 5.70 -9.76 35.07
CA LEU K 114 6.98 -10.19 34.53
C LEU K 114 7.69 -11.17 35.46
N SER K 115 8.28 -12.22 34.89
CA SER K 115 9.14 -13.11 35.68
C SER K 115 10.51 -12.45 35.89
N GLU K 116 11.34 -13.04 36.73
CA GLU K 116 12.69 -12.52 36.93
C GLU K 116 13.52 -12.60 35.63
N ALA K 117 13.27 -13.62 34.81
CA ALA K 117 14.03 -13.78 33.59
C ALA K 117 13.59 -12.75 32.55
N ASP K 118 12.29 -12.48 32.47
CA ASP K 118 11.78 -11.39 31.64
C ASP K 118 12.41 -10.07 32.03
N MET K 119 12.34 -9.75 33.31
CA MET K 119 12.91 -8.52 33.85
C MET K 119 14.40 -8.44 33.56
N LYS K 120 15.07 -9.60 33.58
CA LYS K 120 16.48 -9.62 33.26
C LYS K 120 16.65 -9.19 31.81
N ARG K 121 15.81 -9.73 30.92
CA ARG K 121 15.88 -9.38 29.50
C ARG K 121 15.60 -7.89 29.29
N VAL K 122 14.72 -7.32 30.10
CA VAL K 122 14.39 -5.91 29.99
C VAL K 122 15.62 -5.05 30.35
N VAL K 123 16.30 -5.43 31.42
CA VAL K 123 17.44 -4.69 31.93
C VAL K 123 18.65 -4.78 31.00
N LEU K 124 18.82 -5.93 30.35
CA LEU K 124 19.92 -6.10 29.41
C LEU K 124 19.69 -5.23 28.18
N SER K 125 18.43 -5.10 27.79
CA SER K 125 18.10 -4.22 26.68
C SER K 125 18.42 -2.78 27.08
N LEU K 126 18.06 -2.44 28.32
CA LEU K 126 18.37 -1.13 28.92
C LEU K 126 19.89 -0.85 28.99
N VAL K 127 20.66 -1.83 29.46
CA VAL K 127 22.08 -1.66 29.63
C VAL K 127 22.79 -1.49 28.30
N THR K 128 22.26 -2.12 27.26
CA THR K 128 22.82 -1.98 25.90
C THR K 128 22.81 -0.51 25.48
N MET K 129 21.74 0.19 25.79
CA MET K 129 21.66 1.62 25.50
C MET K 129 22.64 2.43 26.33
N LEU K 130 22.82 2.04 27.59
CA LEU K 130 23.71 2.75 28.49
C LEU K 130 25.18 2.63 28.06
N HIS K 131 25.60 1.43 27.69
CA HIS K 131 26.97 1.25 27.19
C HIS K 131 27.20 1.89 25.82
N ASP K 132 26.17 2.42 25.17
CA ASP K 132 26.30 2.94 23.81
C ASP K 132 26.11 4.44 23.69
N ASN K 133 25.78 5.08 24.81
CA ASN K 133 25.54 6.51 24.81
C ASN K 133 26.32 7.18 25.94
N LYS K 134 26.90 8.37 25.67
CA LYS K 134 27.54 9.16 26.72
C LYS K 134 26.48 9.98 27.45
N LEU K 135 26.08 9.52 28.63
CA LEU K 135 24.95 10.09 29.34
C LEU K 135 25.30 10.52 30.74
N SER K 136 24.66 11.57 31.22
CA SER K 136 24.80 12.02 32.61
C SER K 136 23.70 11.41 33.50
N LYS K 137 22.53 11.24 32.91
CA LYS K 137 21.37 10.82 33.67
C LYS K 137 20.54 9.81 32.89
N LEU K 138 20.09 8.78 33.59
CA LEU K 138 19.08 7.87 33.08
C LEU K 138 17.78 8.06 33.87
N THR K 139 16.67 8.22 33.18
CA THR K 139 15.37 8.23 33.84
C THR K 139 14.60 7.02 33.33
N VAL K 140 14.04 6.25 34.25
CA VAL K 140 13.17 5.13 33.87
C VAL K 140 11.74 5.36 34.35
N VAL K 141 10.79 5.31 33.42
CA VAL K 141 9.37 5.42 33.72
C VAL K 141 8.71 4.03 33.68
N PHE K 142 8.11 3.62 34.79
CA PHE K 142 7.44 2.31 34.88
C PHE K 142 5.98 2.38 34.48
N GLU K 143 5.63 1.83 33.32
CA GLU K 143 4.21 1.72 32.96
C GLU K 143 3.82 0.25 32.97
N ILE K 144 4.48 -0.49 33.85
CA ILE K 144 4.19 -1.89 34.10
C ILE K 144 4.07 -2.12 35.60
N ASN K 145 3.41 -3.19 35.99
CA ASN K 145 3.32 -3.55 37.40
C ASN K 145 4.55 -4.27 37.88
N VAL K 146 4.87 -4.04 39.14
CA VAL K 146 6.10 -4.51 39.73
C VAL K 146 5.92 -4.39 41.24
N ASP K 147 6.14 -5.46 41.98
CA ASP K 147 6.01 -5.34 43.43
C ASP K 147 7.35 -4.86 43.97
N LYS K 148 7.42 -4.66 45.29
CA LYS K 148 8.63 -4.12 45.92
C LYS K 148 9.88 -4.96 45.66
N ASN K 149 9.76 -6.27 45.76
CA ASN K 149 10.89 -7.16 45.53
C ASN K 149 11.35 -7.17 44.07
N LEU K 150 10.41 -7.08 43.15
CA LEU K 150 10.79 -7.09 41.74
C LEU K 150 11.45 -5.76 41.40
N PHE K 151 10.94 -4.68 41.99
CA PHE K 151 11.55 -3.35 41.80
C PHE K 151 12.99 -3.34 42.31
N ARG K 152 13.20 -3.89 43.49
CA ARG K 152 14.54 -3.97 44.04
C ARG K 152 15.42 -4.83 43.14
N PHE K 153 14.83 -5.91 42.64
CA PHE K 153 15.49 -6.80 41.68
C PHE K 153 15.85 -6.05 40.41
N PHE K 154 14.98 -5.13 39.98
CA PHE K 154 15.24 -4.36 38.77
C PHE K 154 16.51 -3.52 38.94
N LEU K 155 16.69 -2.95 40.14
CA LEU K 155 17.82 -2.08 40.41
C LEU K 155 19.13 -2.86 40.56
N GLU K 156 19.10 -3.95 41.31
CA GLU K 156 20.28 -4.79 41.50
C GLU K 156 20.83 -5.30 40.18
N THR K 157 19.94 -5.83 39.36
CA THR K 157 20.28 -6.33 38.02
C THR K 157 20.87 -5.22 37.15
N LEU K 158 20.21 -4.06 37.15
CA LEU K 158 20.71 -2.89 36.43
C LEU K 158 22.12 -2.52 36.85
N PHE K 159 22.35 -2.39 38.16
CA PHE K 159 23.68 -2.05 38.67
C PHE K 159 24.71 -3.11 38.29
N TYR K 160 24.35 -4.36 38.51
CA TYR K 160 25.27 -5.47 38.28
C TYR K 160 25.65 -5.64 36.81
N GLU K 161 24.68 -5.53 35.90
CA GLU K 161 24.94 -5.68 34.46
C GLU K 161 25.60 -4.44 33.85
N TYR K 162 25.44 -3.30 34.52
CA TYR K 162 25.99 -2.03 34.06
C TYR K 162 27.47 -1.95 34.39
N MET K 163 27.82 -2.46 35.56
CA MET K 163 29.19 -2.47 36.05
C MET K 163 30.06 -3.36 35.18
N THR K 164 31.22 -2.87 34.79
CA THR K 164 32.13 -3.63 33.92
C THR K 164 33.44 -3.94 34.66
N ASP K 165 33.73 -5.23 34.80
CA ASP K 165 34.89 -5.69 35.53
C ASP K 165 36.15 -5.51 34.67
N GLU K 166 36.99 -4.55 35.04
CA GLU K 166 38.13 -4.21 34.21
C GLU K 166 39.48 -4.40 34.88
N ARG K 167 39.47 -5.09 36.03
CA ARG K 167 40.69 -5.36 36.80
C ARG K 167 41.83 -6.02 36.05
N PHE K 168 41.52 -6.78 35.00
CA PHE K 168 42.55 -7.56 34.33
C PHE K 168 42.86 -7.02 32.93
N LYS K 169 42.37 -5.83 32.64
CA LYS K 169 42.69 -5.12 31.40
C LYS K 169 43.92 -4.24 31.62
N SER K 170 44.72 -4.07 30.57
CA SER K 170 45.89 -3.22 30.64
C SER K 170 45.63 -1.84 30.04
N GLU K 178 32.80 6.55 30.91
CA GLU K 178 32.13 7.38 31.91
C GLU K 178 30.68 6.91 32.17
N TYR K 179 30.38 6.70 33.45
CA TYR K 179 29.06 6.24 33.89
C TYR K 179 28.12 7.40 34.20
N ILE K 180 26.81 7.11 34.22
CA ILE K 180 25.85 8.10 34.65
C ILE K 180 26.09 8.48 36.11
N LYS K 181 25.64 9.67 36.49
CA LYS K 181 25.77 10.13 37.86
C LYS K 181 24.40 10.23 38.49
N HIS K 182 23.37 10.11 37.67
CA HIS K 182 22.00 10.25 38.15
C HIS K 182 21.09 9.19 37.58
N LEU K 183 20.26 8.60 38.46
CA LEU K 183 19.18 7.70 38.06
C LEU K 183 17.85 8.20 38.60
N GLY K 184 16.89 8.46 37.70
CA GLY K 184 15.55 8.80 38.12
C GLY K 184 14.57 7.67 37.80
N VAL K 185 13.68 7.38 38.74
CA VAL K 185 12.64 6.40 38.50
C VAL K 185 11.27 7.01 38.71
N TYR K 186 10.47 7.06 37.66
CA TYR K 186 9.06 7.38 37.82
C TYR K 186 8.27 6.09 37.94
N ILE K 187 7.43 6.04 38.97
CA ILE K 187 6.61 4.86 39.28
C ILE K 187 5.39 5.26 40.13
N ASN K 188 4.31 4.52 39.98
CA ASN K 188 3.10 4.79 40.75
C ASN K 188 3.24 4.34 42.21
N ASN K 189 2.77 5.17 43.14
CA ASN K 189 2.92 4.95 44.58
C ASN K 189 4.39 4.83 44.96
N ALA K 190 5.14 5.88 44.61
CA ALA K 190 6.60 5.91 44.74
C ALA K 190 7.13 5.80 46.16
N ASP K 191 6.43 6.37 47.13
CA ASP K 191 6.90 6.35 48.51
C ASP K 191 7.16 4.93 49.00
N THR K 192 6.32 3.99 48.59
CA THR K 192 6.45 2.59 49.01
C THR K 192 7.75 1.92 48.49
N TYR K 193 8.35 2.49 47.46
CA TYR K 193 9.53 1.87 46.83
C TYR K 193 10.87 2.48 47.25
N LYS K 194 10.84 3.65 47.88
CA LYS K 194 12.09 4.37 48.14
C LYS K 194 13.04 3.62 49.04
N GLU K 195 12.50 2.78 49.92
CA GLU K 195 13.34 2.05 50.87
C GLU K 195 14.17 0.96 50.19
N GLU K 196 13.71 0.46 49.05
CA GLU K 196 14.40 -0.62 48.36
C GLU K 196 15.68 -0.17 47.73
N VAL K 197 15.78 1.12 47.41
CA VAL K 197 16.93 1.64 46.67
C VAL K 197 18.28 1.36 47.34
N GLU K 198 18.44 1.73 48.60
CA GLU K 198 19.75 1.58 49.21
C GLU K 198 20.02 0.11 49.55
N LYS K 199 18.96 -0.64 49.76
CA LYS K 199 19.09 -2.08 49.95
C LYS K 199 19.62 -2.71 48.66
N ALA K 200 19.03 -2.33 47.53
CA ALA K 200 19.49 -2.79 46.24
C ALA K 200 20.98 -2.50 46.04
N ARG K 201 21.42 -1.31 46.43
CA ARG K 201 22.83 -0.96 46.27
C ARG K 201 23.75 -1.92 47.05
N VAL K 202 23.37 -2.26 48.28
CA VAL K 202 24.09 -3.26 49.07
C VAL K 202 24.05 -4.66 48.44
N TYR K 203 22.88 -5.12 48.01
CA TYR K 203 22.76 -6.41 47.34
C TYR K 203 23.58 -6.43 46.04
N TYR K 204 23.54 -5.33 45.30
CA TYR K 204 24.41 -5.18 44.14
C TYR K 204 25.88 -5.41 44.48
N PHE K 205 26.41 -4.78 45.52
CA PHE K 205 27.85 -4.91 45.70
C PHE K 205 28.19 -6.29 46.20
N GLY K 206 27.33 -6.84 47.07
CA GLY K 206 27.50 -8.21 47.51
C GLY K 206 27.63 -9.20 46.34
N THR K 207 26.79 -9.02 45.33
CA THR K 207 26.76 -9.93 44.19
C THR K 207 27.97 -9.69 43.31
N TYR K 208 28.28 -8.42 43.11
CA TYR K 208 29.48 -8.02 42.36
C TYR K 208 30.77 -8.45 43.05
N TYR K 209 30.79 -8.34 44.38
CA TYR K 209 31.96 -8.78 45.13
C TYR K 209 32.23 -10.25 44.88
N ALA K 210 31.19 -11.07 45.07
CA ALA K 210 31.29 -12.49 44.79
C ALA K 210 31.78 -12.69 43.36
N SER K 211 31.21 -11.93 42.45
CA SER K 211 31.54 -12.03 41.03
C SER K 211 33.03 -11.82 40.79
N GLN K 212 33.59 -10.81 41.45
CA GLN K 212 35.01 -10.52 41.34
C GLN K 212 35.87 -11.70 41.80
N LEU K 213 35.46 -12.38 42.87
CA LEU K 213 36.23 -13.53 43.34
C LEU K 213 36.12 -14.70 42.34
N ILE K 214 34.95 -14.85 41.74
CA ILE K 214 34.75 -15.97 40.84
C ILE K 214 35.54 -15.74 39.55
N ALA K 215 35.34 -14.58 38.93
CA ALA K 215 35.96 -14.31 37.64
C ALA K 215 37.48 -14.26 37.73
N ALA K 216 38.00 -13.88 38.89
CA ALA K 216 39.43 -13.90 39.13
C ALA K 216 39.97 -15.30 38.89
N PRO K 217 40.92 -15.41 37.94
CA PRO K 217 41.56 -16.65 37.52
C PRO K 217 42.27 -17.36 38.66
N SER K 218 42.52 -18.65 38.48
CA SER K 218 43.06 -19.47 39.55
C SER K 218 44.52 -19.13 39.88
N ASN K 219 45.21 -18.39 39.01
CA ASN K 219 46.56 -17.96 39.39
C ASN K 219 46.46 -16.75 40.34
N TYR K 220 45.42 -15.95 40.21
CA TYR K 220 45.21 -14.85 41.18
C TYR K 220 44.46 -15.32 42.42
N CYS K 221 43.46 -16.16 42.20
CA CYS K 221 42.57 -16.57 43.26
C CYS K 221 42.90 -18.00 43.69
N ASN K 222 43.72 -18.12 44.74
CA ASN K 222 44.16 -19.43 45.23
C ASN K 222 43.79 -19.53 46.71
N PRO K 223 43.95 -20.71 47.33
CA PRO K 223 43.48 -20.79 48.72
C PRO K 223 44.07 -19.74 49.66
N VAL K 224 45.33 -19.36 49.48
CA VAL K 224 45.93 -18.35 50.35
C VAL K 224 45.34 -16.97 50.11
N SER K 225 45.34 -16.53 48.86
CA SER K 225 44.87 -15.18 48.54
C SER K 225 43.36 -15.03 48.68
N LEU K 226 42.62 -16.13 48.61
CA LEU K 226 41.19 -16.02 48.83
C LEU K 226 40.92 -15.81 50.33
N SER K 227 41.58 -16.58 51.19
CA SER K 227 41.43 -16.39 52.64
C SER K 227 41.97 -15.02 53.10
N ASN K 228 43.06 -14.55 52.49
CA ASN K 228 43.53 -13.19 52.73
C ASN K 228 42.47 -12.15 52.36
N ALA K 229 41.73 -12.41 51.29
CA ALA K 229 40.66 -11.52 50.85
C ALA K 229 39.53 -11.54 51.85
N ALA K 230 39.20 -12.75 52.33
CA ALA K 230 38.17 -12.93 53.33
C ALA K 230 38.54 -12.15 54.60
N VAL K 231 39.81 -12.22 55.00
CA VAL K 231 40.24 -11.53 56.20
C VAL K 231 40.08 -10.02 56.06
N GLU K 232 40.55 -9.48 54.94
CA GLU K 232 40.45 -8.05 54.70
C GLU K 232 38.98 -7.60 54.67
N LEU K 233 38.10 -8.44 54.14
CA LEU K 233 36.68 -8.14 54.15
C LEU K 233 36.15 -8.06 55.59
N ALA K 234 36.59 -9.00 56.42
CA ALA K 234 36.15 -9.09 57.80
C ALA K 234 36.52 -7.83 58.57
N GLN K 235 37.76 -7.39 58.40
CA GLN K 235 38.28 -6.22 59.09
C GLN K 235 37.49 -4.98 58.71
N LYS K 236 37.14 -4.87 57.44
CA LYS K 236 36.38 -3.72 56.98
C LYS K 236 34.98 -3.70 57.57
N LEU K 237 34.40 -4.87 57.81
CA LEU K 237 33.02 -4.99 58.30
C LEU K 237 32.94 -5.27 59.80
N ASN K 238 34.10 -5.35 60.44
CA ASN K 238 34.19 -5.67 61.87
C ASN K 238 33.55 -6.99 62.23
N LEU K 239 33.77 -7.98 61.38
CA LEU K 239 33.41 -9.36 61.68
C LEU K 239 34.57 -10.05 62.38
N GLU K 240 34.26 -10.96 63.29
CA GLU K 240 35.27 -11.84 63.84
C GLU K 240 35.80 -12.73 62.70
N TYR K 241 37.06 -13.12 62.78
CA TYR K 241 37.61 -13.98 61.75
C TYR K 241 38.72 -14.87 62.29
N LYS K 242 38.87 -16.01 61.63
CA LYS K 242 39.83 -17.04 61.98
C LYS K 242 40.17 -17.83 60.70
N ILE K 243 41.43 -17.82 60.28
CA ILE K 243 41.87 -18.67 59.18
C ILE K 243 42.63 -19.87 59.73
N LEU K 244 42.08 -21.06 59.51
CA LEU K 244 42.71 -22.30 59.95
C LEU K 244 43.66 -22.83 58.88
N GLY K 245 44.91 -23.06 59.28
CA GLY K 245 45.92 -23.60 58.39
C GLY K 245 46.09 -25.10 58.56
N VAL K 246 47.03 -25.66 57.82
CA VAL K 246 47.17 -27.12 57.75
C VAL K 246 47.41 -27.83 59.09
N LYS K 247 48.21 -27.23 59.97
CA LYS K 247 48.51 -27.85 61.27
C LYS K 247 47.24 -27.98 62.09
N GLU K 248 46.50 -26.88 62.22
CA GLU K 248 45.23 -26.90 62.93
C GLU K 248 44.25 -27.90 62.33
N LEU K 249 44.24 -27.98 61.00
CA LEU K 249 43.34 -28.87 60.29
C LEU K 249 43.76 -30.32 60.48
N GLU K 250 45.07 -30.53 60.66
CA GLU K 250 45.57 -31.86 60.97
C GLU K 250 45.13 -32.26 62.38
N GLU K 251 45.19 -31.30 63.31
CA GLU K 251 44.73 -31.52 64.68
C GLU K 251 43.23 -31.84 64.71
N LEU K 252 42.46 -31.21 63.84
CA LEU K 252 41.03 -31.49 63.78
C LEU K 252 40.73 -32.73 62.91
N LYS K 253 41.77 -33.42 62.46
CA LYS K 253 41.61 -34.68 61.71
C LYS K 253 40.73 -34.52 60.47
N MET K 254 40.84 -33.37 59.82
CA MET K 254 40.04 -33.11 58.63
C MET K 254 40.67 -33.80 57.41
N GLY K 255 40.49 -35.11 57.36
CA GLY K 255 41.16 -36.00 56.41
C GLY K 255 40.61 -36.01 55.00
N ALA K 256 39.31 -35.75 54.85
CA ALA K 256 38.73 -35.70 53.53
C ALA K 256 39.17 -34.40 52.87
N TYR K 257 38.97 -33.28 53.56
CA TYR K 257 39.36 -31.96 53.07
C TYR K 257 40.86 -31.88 52.78
N LEU K 258 41.69 -32.38 53.69
CA LEU K 258 43.14 -32.29 53.49
C LEU K 258 43.61 -33.17 52.33
N SER K 259 42.92 -34.27 52.09
CA SER K 259 43.33 -35.18 51.02
C SER K 259 43.16 -34.54 49.65
N VAL K 260 42.07 -33.79 49.47
CA VAL K 260 41.82 -33.12 48.20
C VAL K 260 42.97 -32.14 47.87
N GLY K 261 43.49 -31.45 48.89
CA GLY K 261 44.48 -30.40 48.69
C GLY K 261 45.93 -30.84 48.71
N LYS K 262 46.15 -32.12 48.94
CA LYS K 262 47.49 -32.71 48.95
C LYS K 262 48.32 -32.40 47.69
N GLY K 263 47.67 -32.37 46.53
CA GLY K 263 48.35 -32.11 45.28
C GLY K 263 48.70 -30.65 44.92
N SER K 264 48.19 -29.68 45.67
CA SER K 264 48.41 -28.27 45.35
C SER K 264 49.69 -27.68 45.98
N MET K 265 50.22 -26.63 45.36
CA MET K 265 51.37 -25.89 45.90
C MET K 265 50.91 -24.87 46.94
N TYR K 266 49.59 -24.67 47.01
CA TYR K 266 49.03 -23.77 48.00
C TYR K 266 48.43 -24.57 49.16
N PRO K 267 48.81 -24.21 50.39
CA PRO K 267 48.27 -24.83 51.61
C PRO K 267 46.75 -24.66 51.72
N ASN K 268 46.04 -25.66 52.24
CA ASN K 268 44.62 -25.51 52.54
C ASN K 268 44.39 -24.37 53.52
N LYS K 269 43.33 -23.61 53.31
CA LYS K 269 42.95 -22.57 54.25
C LYS K 269 41.48 -22.70 54.55
N PHE K 270 41.12 -22.79 55.82
CA PHE K 270 39.72 -22.90 56.21
C PHE K 270 39.23 -21.54 56.69
N ILE K 271 38.25 -20.97 55.99
CA ILE K 271 37.72 -19.64 56.34
C ILE K 271 36.55 -19.70 57.34
N HIS K 272 36.65 -18.97 58.44
CA HIS K 272 35.60 -18.91 59.45
C HIS K 272 35.38 -17.45 59.89
N LEU K 273 34.33 -16.84 59.36
CA LEU K 273 33.94 -15.48 59.69
C LEU K 273 32.70 -15.54 60.56
N THR K 274 32.56 -14.62 61.51
CA THR K 274 31.36 -14.60 62.33
C THR K 274 30.73 -13.22 62.42
N TYR K 275 29.43 -13.18 62.18
CA TYR K 275 28.65 -12.01 62.52
C TYR K 275 27.83 -12.30 63.78
N LYS K 276 27.99 -11.46 64.80
CA LYS K 276 27.12 -11.57 65.97
C LYS K 276 26.34 -10.28 66.22
N SER K 277 25.04 -10.40 66.44
CA SER K 277 24.19 -9.23 66.71
C SER K 277 24.43 -8.59 68.08
N LYS K 278 24.16 -7.29 68.18
CA LYS K 278 24.37 -6.58 69.44
C LYS K 278 23.55 -7.18 70.59
N GLY K 279 22.29 -7.52 70.34
CA GLY K 279 21.38 -7.94 71.40
C GLY K 279 21.53 -9.36 71.91
N ASP K 280 20.40 -9.99 72.22
CA ASP K 280 20.40 -11.41 72.57
C ASP K 280 20.27 -12.22 71.30
N VAL K 281 20.99 -13.33 71.23
CA VAL K 281 20.94 -14.15 70.03
C VAL K 281 19.80 -15.18 70.10
N LYS K 282 18.95 -15.16 69.07
CA LYS K 282 17.79 -16.03 69.06
C LYS K 282 17.92 -17.15 68.04
N LYS K 283 18.84 -16.99 67.10
CA LYS K 283 19.01 -18.00 66.05
C LYS K 283 20.46 -18.06 65.55
N LYS K 284 21.01 -19.26 65.53
CA LYS K 284 22.36 -19.50 65.05
C LYS K 284 22.35 -20.22 63.70
N ILE K 285 23.16 -19.73 62.77
CA ILE K 285 23.16 -20.23 61.40
C ILE K 285 24.59 -20.42 60.86
N ALA K 286 24.87 -21.55 60.21
CA ALA K 286 26.13 -21.75 59.51
C ALA K 286 25.92 -21.78 57.99
N LEU K 287 26.65 -20.93 57.29
CA LEU K 287 26.62 -20.92 55.83
C LEU K 287 27.94 -21.50 55.35
N VAL K 288 27.85 -22.56 54.56
CA VAL K 288 29.02 -23.25 54.09
C VAL K 288 29.07 -23.18 52.58
N GLY K 289 30.20 -22.78 52.03
CA GLY K 289 30.35 -22.65 50.59
C GLY K 289 31.49 -23.54 50.12
N LYS K 290 31.26 -24.24 49.00
CA LYS K 290 32.33 -25.01 48.35
C LYS K 290 33.44 -24.05 47.93
N GLY K 291 34.69 -24.40 48.22
CA GLY K 291 35.80 -23.50 47.96
C GLY K 291 36.96 -24.11 47.20
N ILE K 292 36.68 -24.76 46.07
CA ILE K 292 37.74 -25.26 45.23
C ILE K 292 38.18 -24.16 44.27
N THR K 293 39.39 -23.63 44.45
CA THR K 293 39.80 -22.47 43.65
C THR K 293 40.13 -22.85 42.20
N PHE K 294 40.43 -24.12 41.97
CA PHE K 294 40.51 -24.66 40.63
C PHE K 294 40.36 -26.16 40.71
N ASP K 295 39.51 -26.71 39.85
CA ASP K 295 39.23 -28.13 39.87
C ASP K 295 39.67 -28.72 38.55
N SER K 296 40.88 -29.26 38.52
CA SER K 296 41.40 -29.98 37.35
C SER K 296 40.79 -31.36 37.25
N GLY K 297 40.25 -31.83 38.37
CA GLY K 297 39.70 -33.17 38.46
C GLY K 297 40.65 -34.13 39.13
N GLY K 298 41.91 -33.73 39.25
CA GLY K 298 42.90 -34.58 39.86
C GLY K 298 43.18 -35.69 38.88
N TYR K 299 43.63 -36.84 39.38
CA TYR K 299 44.03 -37.94 38.51
C TYR K 299 42.88 -38.40 37.62
N ASN K 300 41.64 -38.18 38.07
CA ASN K 300 40.48 -38.26 37.18
C ASN K 300 40.35 -36.94 36.43
N LEU K 301 41.31 -36.68 35.55
CA LEU K 301 41.44 -35.40 34.88
C LEU K 301 40.23 -35.07 34.03
N LYS K 302 39.83 -33.81 34.01
CA LYS K 302 38.78 -33.35 33.11
C LYS K 302 39.36 -33.32 31.70
N ALA K 303 39.27 -34.45 31.02
CA ALA K 303 39.90 -34.61 29.73
C ALA K 303 38.87 -34.85 28.64
N ALA K 304 37.64 -35.18 29.04
CA ALA K 304 36.55 -35.50 28.12
C ALA K 304 35.94 -34.25 27.50
N PRO K 305 35.49 -34.33 26.24
CA PRO K 305 34.92 -33.11 25.66
C PRO K 305 33.63 -32.75 26.39
N GLY K 306 33.43 -31.46 26.65
CA GLY K 306 32.31 -31.02 27.45
C GLY K 306 32.66 -30.85 28.92
N SER K 307 33.92 -31.13 29.28
CA SER K 307 34.36 -31.11 30.68
C SER K 307 34.50 -29.70 31.25
N MET K 308 34.65 -28.71 30.37
CA MET K 308 34.67 -27.31 30.77
C MET K 308 35.83 -26.94 31.67
N ILE K 309 36.99 -27.57 31.45
CA ILE K 309 38.09 -27.39 32.37
C ILE K 309 38.54 -25.93 32.47
N ASP K 310 38.35 -25.16 31.41
CA ASP K 310 38.82 -23.77 31.43
C ASP K 310 37.89 -22.86 32.23
N LEU K 311 36.76 -23.39 32.68
CA LEU K 311 35.87 -22.61 33.53
C LEU K 311 35.98 -23.02 34.99
N MET K 312 36.89 -23.94 35.31
CA MET K 312 36.91 -24.51 36.67
C MET K 312 37.53 -23.56 37.71
N LYS K 313 37.86 -22.34 37.31
CA LYS K 313 38.10 -21.30 38.31
C LYS K 313 36.80 -20.98 39.07
N PHE K 314 35.64 -21.32 38.49
CA PHE K 314 34.35 -21.00 39.11
C PHE K 314 33.98 -21.95 40.27
N ASP K 315 34.79 -22.97 40.53
CA ASP K 315 34.42 -23.99 41.52
C ASP K 315 34.54 -23.49 42.99
N MET K 316 34.77 -22.20 43.17
CA MET K 316 34.71 -21.58 44.49
C MET K 316 33.55 -20.59 44.55
N SER K 317 32.63 -20.71 43.61
CA SER K 317 31.43 -19.87 43.54
C SER K 317 30.66 -19.83 44.85
N GLY K 318 30.52 -21.00 45.47
CA GLY K 318 29.80 -21.15 46.72
C GLY K 318 30.49 -20.33 47.79
N CYS K 319 31.81 -20.49 47.87
CA CYS K 319 32.60 -19.66 48.77
C CYS K 319 32.32 -18.17 48.51
N ALA K 320 32.36 -17.77 47.25
CA ALA K 320 32.10 -16.38 46.91
C ALA K 320 30.73 -15.92 47.37
N ALA K 321 29.74 -16.80 47.29
CA ALA K 321 28.37 -16.44 47.63
C ALA K 321 28.25 -16.22 49.12
N VAL K 322 28.89 -17.11 49.88
CA VAL K 322 28.92 -17.01 51.32
C VAL K 322 29.67 -15.75 51.78
N LEU K 323 30.72 -15.38 51.05
CA LEU K 323 31.46 -14.18 51.41
C LEU K 323 30.70 -12.92 51.04
N GLY K 324 30.05 -12.92 49.87
CA GLY K 324 29.24 -11.79 49.47
C GLY K 324 28.07 -11.60 50.43
N CYS K 325 27.56 -12.69 50.96
CA CYS K 325 26.50 -12.63 51.94
C CYS K 325 27.03 -12.01 53.23
N ALA K 326 28.22 -12.43 53.63
CA ALA K 326 28.90 -11.77 54.73
C ALA K 326 28.99 -10.25 54.51
N TYR K 327 29.23 -9.82 53.27
CA TYR K 327 29.27 -8.38 53.02
C TYR K 327 27.90 -7.76 53.32
N CYS K 328 26.84 -8.35 52.76
CA CYS K 328 25.50 -7.82 52.96
C CYS K 328 25.08 -7.84 54.44
N VAL K 329 25.22 -8.99 55.08
CA VAL K 329 24.86 -9.12 56.49
C VAL K 329 25.65 -8.13 57.35
N GLY K 330 26.95 -8.03 57.07
CA GLY K 330 27.82 -7.16 57.82
C GLY K 330 27.49 -5.69 57.66
N THR K 331 26.80 -5.37 56.58
CA THR K 331 26.43 -4.00 56.26
C THR K 331 25.04 -3.65 56.79
N LEU K 332 24.11 -4.60 56.67
CA LEU K 332 22.75 -4.32 57.08
C LEU K 332 22.54 -4.57 58.59
N LYS K 333 23.32 -5.48 59.16
CA LYS K 333 23.33 -5.74 60.63
C LYS K 333 22.00 -6.22 61.21
N PRO K 334 21.53 -7.39 60.79
CA PRO K 334 20.30 -7.95 61.37
C PRO K 334 20.49 -8.22 62.85
N GLU K 335 19.40 -8.24 63.61
CA GLU K 335 19.49 -8.44 65.05
C GLU K 335 19.09 -9.85 65.46
N ASN K 336 19.56 -10.27 66.63
CA ASN K 336 19.21 -11.55 67.23
C ASN K 336 19.67 -12.76 66.41
N VAL K 337 20.70 -12.59 65.59
CA VAL K 337 21.29 -13.71 64.88
C VAL K 337 22.78 -13.81 65.09
N GLU K 338 23.25 -15.05 65.06
CA GLU K 338 24.67 -15.33 64.97
C GLU K 338 24.90 -16.15 63.70
N ILE K 339 25.68 -15.59 62.77
CA ILE K 339 25.93 -16.25 61.49
C ILE K 339 27.41 -16.59 61.35
N HIS K 340 27.71 -17.87 61.12
CA HIS K 340 29.08 -18.28 60.80
C HIS K 340 29.22 -18.48 59.30
N PHE K 341 30.23 -17.86 58.73
CA PHE K 341 30.47 -17.97 57.30
C PHE K 341 31.69 -18.86 57.11
N LEU K 342 31.48 -20.03 56.51
CA LEU K 342 32.54 -21.03 56.50
C LEU K 342 32.90 -21.47 55.10
N SER K 343 34.21 -21.65 54.85
CA SER K 343 34.62 -22.31 53.61
C SER K 343 35.93 -23.08 53.68
N ALA K 344 35.85 -24.37 53.40
CA ALA K 344 37.05 -25.21 53.29
C ALA K 344 37.67 -25.04 51.92
N VAL K 345 38.68 -24.18 51.81
CA VAL K 345 39.21 -23.80 50.51
C VAL K 345 40.47 -24.59 50.13
N CYS K 346 40.49 -25.12 48.91
CA CYS K 346 41.68 -25.74 48.40
C CYS K 346 41.69 -25.80 46.88
N GLU K 347 42.72 -26.44 46.34
CA GLU K 347 42.90 -26.58 44.91
C GLU K 347 43.02 -28.09 44.59
N ASN K 348 42.27 -28.57 43.61
CA ASN K 348 42.30 -29.98 43.17
C ASN K 348 43.23 -30.18 41.98
N MET K 349 44.42 -30.76 42.21
CA MET K 349 45.49 -30.71 41.20
C MET K 349 46.17 -32.05 41.00
N VAL K 350 47.05 -32.11 39.99
CA VAL K 350 47.73 -33.35 39.62
C VAL K 350 49.21 -33.24 39.91
N SER K 351 49.72 -34.16 40.72
CA SER K 351 51.06 -34.04 41.27
C SER K 351 51.51 -35.41 41.75
N LYS K 352 52.79 -35.56 42.00
CA LYS K 352 53.25 -36.74 42.70
C LYS K 352 52.58 -36.83 44.10
N ASN K 353 52.07 -35.71 44.62
CA ASN K 353 51.51 -35.73 45.98
C ASN K 353 49.99 -35.86 46.05
N SER K 354 49.34 -36.01 44.91
CA SER K 354 47.88 -35.99 44.88
C SER K 354 47.28 -37.25 45.47
N TYR K 355 46.01 -37.13 45.90
CA TYR K 355 45.29 -38.31 46.32
C TYR K 355 44.87 -39.09 45.05
N ARG K 356 44.71 -40.40 45.20
CA ARG K 356 44.49 -41.29 44.08
C ARG K 356 43.09 -41.90 44.11
N PRO K 357 42.56 -42.21 42.93
CA PRO K 357 41.34 -43.00 42.83
C PRO K 357 41.55 -44.33 43.55
N GLY K 358 40.66 -44.64 44.48
CA GLY K 358 40.82 -45.85 45.25
C GLY K 358 41.29 -45.62 46.67
N ASP K 359 41.91 -44.46 46.95
CA ASP K 359 42.37 -44.12 48.30
C ASP K 359 41.23 -44.24 49.34
N ILE K 360 41.55 -44.75 50.51
CA ILE K 360 40.60 -44.71 51.61
C ILE K 360 41.05 -43.65 52.60
N ILE K 361 40.15 -42.71 52.88
CA ILE K 361 40.51 -41.56 53.69
C ILE K 361 39.53 -41.41 54.87
N THR K 362 40.01 -40.84 55.98
CA THR K 362 39.20 -40.72 57.19
C THR K 362 38.77 -39.29 57.42
N ALA K 363 37.46 -39.05 57.44
CA ALA K 363 36.92 -37.72 57.70
C ALA K 363 36.97 -37.39 59.19
N SER K 364 36.76 -36.12 59.52
CA SER K 364 36.91 -35.64 60.88
C SER K 364 35.94 -36.26 61.91
N ASN K 365 34.84 -36.84 61.44
CA ASN K 365 33.93 -37.54 62.35
C ASN K 365 34.22 -39.04 62.48
N GLY K 366 35.36 -39.50 61.98
CA GLY K 366 35.66 -40.91 62.07
C GLY K 366 35.35 -41.79 60.85
N LYS K 367 34.47 -41.34 59.94
CA LYS K 367 34.03 -42.17 58.81
C LYS K 367 35.11 -42.35 57.73
N THR K 368 35.46 -43.60 57.44
CA THR K 368 36.36 -43.86 56.33
C THR K 368 35.61 -43.76 54.99
N ILE K 369 36.26 -43.11 54.02
CA ILE K 369 35.66 -42.94 52.72
C ILE K 369 36.53 -43.54 51.63
N GLU K 370 35.93 -44.36 50.78
CA GLU K 370 36.63 -44.88 49.61
C GLU K 370 36.46 -43.88 48.45
N VAL K 371 37.56 -43.28 48.01
CA VAL K 371 37.53 -42.40 46.85
C VAL K 371 37.35 -43.19 45.55
N GLY K 372 36.29 -42.92 44.81
CA GLY K 372 36.04 -43.61 43.55
C GLY K 372 36.43 -42.77 42.33
N ASN K 373 36.52 -41.46 42.54
CA ASN K 373 36.77 -40.48 41.49
C ASN K 373 37.26 -39.17 42.12
N THR K 374 38.49 -38.76 41.81
CA THR K 374 39.10 -37.62 42.51
C THR K 374 38.49 -36.32 42.04
N ASP K 375 37.57 -36.41 41.07
CA ASP K 375 36.90 -35.24 40.50
C ASP K 375 35.55 -35.05 41.20
N ALA K 376 35.27 -35.86 42.20
CA ALA K 376 34.12 -35.62 43.06
C ALA K 376 34.63 -35.10 44.40
N GLU K 377 35.44 -34.05 44.30
CA GLU K 377 36.25 -33.54 45.41
C GLU K 377 35.44 -32.62 46.30
N GLY K 378 34.42 -31.99 45.74
CA GLY K 378 33.65 -31.03 46.48
C GLY K 378 32.94 -31.65 47.68
N ARG K 379 32.34 -32.82 47.47
CA ARG K 379 31.61 -33.45 48.56
C ARG K 379 32.57 -33.88 49.70
N LEU K 380 33.85 -34.08 49.39
CA LEU K 380 34.88 -34.38 50.40
C LEU K 380 35.24 -33.18 51.28
N THR K 381 35.47 -32.03 50.65
CA THR K 381 35.76 -30.84 51.43
C THR K 381 34.52 -30.47 52.24
N LEU K 382 33.34 -30.60 51.65
CA LEU K 382 32.11 -30.21 52.34
C LEU K 382 31.77 -31.14 53.50
N ALA K 383 32.20 -32.39 53.45
CA ALA K 383 31.98 -33.30 54.57
C ALA K 383 32.68 -32.75 55.84
N ASP K 384 33.95 -32.40 55.73
CA ASP K 384 34.67 -31.89 56.90
C ASP K 384 34.17 -30.50 57.31
N ALA K 385 33.78 -29.67 56.34
CA ALA K 385 33.17 -28.40 56.69
C ALA K 385 31.81 -28.62 57.40
N LEU K 386 31.07 -29.66 57.01
CA LEU K 386 29.78 -29.91 57.64
C LEU K 386 29.96 -30.42 59.07
N VAL K 387 30.91 -31.31 59.29
CA VAL K 387 31.22 -31.74 60.65
C VAL K 387 31.58 -30.56 61.54
N TYR K 388 32.47 -29.69 61.04
CA TYR K 388 32.86 -28.45 61.70
C TYR K 388 31.66 -27.57 62.00
N ALA K 389 30.79 -27.42 61.00
CA ALA K 389 29.61 -26.59 61.19
C ALA K 389 28.75 -27.13 62.33
N GLU K 390 28.51 -28.44 62.34
CA GLU K 390 27.61 -29.02 63.32
C GLU K 390 28.13 -28.86 64.75
N LYS K 391 29.44 -28.90 64.94
CA LYS K 391 30.03 -28.72 66.27
C LYS K 391 29.86 -27.30 66.81
N LEU K 392 29.48 -26.35 65.96
CA LEU K 392 29.28 -24.97 66.40
C LEU K 392 28.02 -24.79 67.24
N GLY K 393 27.10 -25.75 67.15
CA GLY K 393 25.84 -25.66 67.85
C GLY K 393 24.87 -24.68 67.23
N VAL K 394 24.61 -24.84 65.93
CA VAL K 394 23.73 -23.93 65.22
C VAL K 394 22.33 -24.53 65.01
N ASP K 395 21.40 -23.67 64.63
CA ASP K 395 20.02 -24.08 64.34
C ASP K 395 19.85 -24.54 62.91
N TYR K 396 20.63 -23.96 62.00
CA TYR K 396 20.53 -24.28 60.59
C TYR K 396 21.91 -24.32 59.97
N ILE K 397 22.18 -25.38 59.21
CA ILE K 397 23.33 -25.40 58.32
C ILE K 397 22.85 -25.35 56.87
N VAL K 398 23.31 -24.36 56.13
CA VAL K 398 23.04 -24.31 54.70
C VAL K 398 24.36 -24.32 53.94
N ASP K 399 24.56 -25.31 53.07
CA ASP K 399 25.71 -25.27 52.18
C ASP K 399 25.30 -24.88 50.75
N ILE K 400 26.23 -24.26 50.05
CA ILE K 400 25.99 -23.85 48.69
C ILE K 400 27.25 -24.17 47.90
N ALA K 401 27.08 -24.80 46.73
CA ALA K 401 28.17 -25.49 46.06
C ALA K 401 27.92 -25.70 44.57
N THR K 402 28.99 -25.57 43.77
CA THR K 402 28.96 -25.94 42.35
C THR K 402 29.30 -27.41 42.25
N LEU K 403 28.38 -28.24 42.71
CA LEU K 403 28.72 -29.57 43.17
C LEU K 403 28.63 -30.64 42.09
N THR K 404 27.59 -30.63 41.25
CA THR K 404 27.47 -31.66 40.21
C THR K 404 27.04 -31.14 38.82
N GLY K 405 27.73 -31.62 37.79
CA GLY K 405 27.40 -31.23 36.43
C GLY K 405 26.04 -31.76 36.00
N ALA K 406 25.55 -32.77 36.70
CA ALA K 406 24.27 -33.37 36.37
C ALA K 406 23.13 -32.35 36.48
N MET K 407 23.36 -31.25 37.19
CA MET K 407 22.34 -30.19 37.30
C MET K 407 22.02 -29.54 35.95
N LEU K 408 22.97 -29.54 35.02
CA LEU K 408 22.74 -28.95 33.72
C LEU K 408 21.69 -29.73 32.96
N TYR K 409 21.58 -31.00 33.33
CA TYR K 409 20.70 -31.94 32.67
C TYR K 409 19.35 -32.09 33.36
N SER K 410 19.23 -31.54 34.57
CA SER K 410 17.97 -31.63 35.32
C SER K 410 17.26 -30.27 35.33
N LEU K 411 17.87 -29.26 35.93
CA LEU K 411 17.23 -27.94 36.02
C LEU K 411 17.81 -26.95 35.02
N GLY K 412 19.01 -27.20 34.54
CA GLY K 412 19.59 -26.35 33.52
C GLY K 412 20.38 -25.21 34.12
N THR K 413 20.40 -24.09 33.41
CA THR K 413 21.19 -22.93 33.82
C THR K 413 20.39 -21.85 34.56
N SER K 414 19.12 -22.09 34.79
CA SER K 414 18.28 -21.05 35.40
C SER K 414 17.97 -21.28 36.88
N TYR K 415 17.53 -22.49 37.22
CA TYR K 415 17.13 -22.80 38.58
C TYR K 415 18.20 -23.63 39.26
N ALA K 416 18.62 -23.20 40.44
CA ALA K 416 19.46 -24.05 41.29
C ALA K 416 18.59 -25.13 41.93
N GLY K 417 19.23 -26.21 42.38
CA GLY K 417 18.54 -27.24 43.13
C GLY K 417 18.79 -27.07 44.62
N VAL K 418 17.80 -27.38 45.44
CA VAL K 418 17.97 -27.41 46.88
C VAL K 418 17.54 -28.78 47.41
N PHE K 419 18.40 -29.35 48.24
CA PHE K 419 18.17 -30.65 48.88
C PHE K 419 18.28 -30.42 50.38
N GLY K 420 17.72 -31.30 51.20
CA GLY K 420 17.78 -31.10 52.65
C GLY K 420 17.13 -32.22 53.44
N ASN K 421 17.37 -32.19 54.76
CA ASN K 421 16.84 -33.22 55.66
C ASN K 421 15.69 -32.72 56.51
N ASN K 422 15.30 -31.47 56.30
CA ASN K 422 14.31 -30.78 57.13
C ASN K 422 13.38 -29.95 56.26
N GLU K 423 12.10 -30.32 56.25
CA GLU K 423 11.10 -29.65 55.42
C GLU K 423 11.02 -28.14 55.68
N GLU K 424 11.03 -27.74 56.95
CA GLU K 424 10.88 -26.33 57.28
C GLU K 424 12.05 -25.48 56.76
N LEU K 425 13.28 -25.98 56.95
CA LEU K 425 14.44 -25.29 56.43
C LEU K 425 14.31 -25.12 54.93
N ILE K 426 13.96 -26.19 54.22
CA ILE K 426 13.80 -26.15 52.76
C ILE K 426 12.80 -25.08 52.33
N ASN K 427 11.65 -25.03 53.01
CA ASN K 427 10.62 -24.07 52.68
C ASN K 427 11.08 -22.64 52.96
N LYS K 428 11.90 -22.47 53.98
CA LYS K 428 12.48 -21.16 54.26
C LYS K 428 13.37 -20.72 53.09
N ILE K 429 14.20 -21.62 52.61
CA ILE K 429 15.04 -21.33 51.45
C ILE K 429 14.19 -21.01 50.22
N LEU K 430 13.11 -21.77 50.03
CA LEU K 430 12.24 -21.55 48.88
C LEU K 430 11.56 -20.19 48.99
N GLN K 431 11.23 -19.77 50.20
CA GLN K 431 10.64 -18.45 50.39
C GLN K 431 11.70 -17.36 50.12
N SER K 432 12.93 -17.60 50.54
CA SER K 432 14.03 -16.67 50.24
C SER K 432 14.22 -16.54 48.74
N SER K 433 14.00 -17.65 48.04
CA SER K 433 14.11 -17.65 46.59
C SER K 433 13.07 -16.76 45.95
N LYS K 434 11.85 -16.75 46.49
CA LYS K 434 10.82 -15.87 45.98
C LYS K 434 11.15 -14.39 46.14
N THR K 435 11.72 -14.01 47.28
CA THR K 435 11.90 -12.59 47.55
C THR K 435 13.25 -12.03 47.05
N SER K 436 14.23 -12.91 46.87
CA SER K 436 15.50 -12.49 46.30
C SER K 436 15.45 -12.55 44.78
N ASN K 437 14.48 -13.33 44.28
CA ASN K 437 14.31 -13.61 42.86
C ASN K 437 15.49 -14.39 42.27
N GLU K 438 16.16 -15.17 43.10
CA GLU K 438 17.12 -16.14 42.62
C GLU K 438 16.45 -17.50 42.67
N PRO K 439 16.01 -18.02 41.50
CA PRO K 439 15.08 -19.16 41.48
C PRO K 439 15.75 -20.46 41.85
N VAL K 440 15.08 -21.21 42.71
CA VAL K 440 15.57 -22.46 43.23
C VAL K 440 14.41 -23.45 43.22
N TRP K 441 14.69 -24.74 43.00
CA TRP K 441 13.65 -25.76 42.96
C TRP K 441 14.05 -26.90 43.88
N TRP K 442 13.08 -27.35 44.66
CA TRP K 442 13.31 -28.41 45.62
C TRP K 442 13.43 -29.77 44.93
N LEU K 443 14.52 -30.48 45.20
CA LEU K 443 14.74 -31.80 44.63
C LEU K 443 14.82 -32.86 45.74
N PRO K 444 14.46 -34.11 45.43
CA PRO K 444 14.36 -35.07 46.54
C PRO K 444 15.68 -35.75 46.90
N ILE K 445 15.86 -36.04 48.16
CA ILE K 445 16.89 -36.98 48.54
C ILE K 445 16.23 -38.36 48.60
N ILE K 446 16.56 -39.22 47.64
CA ILE K 446 15.90 -40.52 47.50
C ILE K 446 16.67 -41.61 48.25
N ASN K 447 16.12 -42.07 49.37
CA ASN K 447 16.88 -42.97 50.24
C ASN K 447 17.17 -44.31 49.62
N GLU K 448 16.39 -44.68 48.62
CA GLU K 448 16.59 -45.99 48.03
C GLU K 448 17.90 -46.08 47.27
N TYR K 449 18.50 -44.95 46.92
CA TYR K 449 19.80 -44.97 46.25
C TYR K 449 20.94 -45.06 47.24
N ARG K 450 20.63 -44.88 48.53
CA ARG K 450 21.66 -44.87 49.57
C ARG K 450 22.52 -46.12 49.57
N ALA K 451 21.93 -47.25 49.21
CA ALA K 451 22.64 -48.51 49.25
C ALA K 451 23.73 -48.62 48.19
N THR K 452 23.72 -47.73 47.19
CA THR K 452 24.77 -47.80 46.18
C THR K 452 26.03 -47.13 46.68
N LEU K 453 25.98 -46.57 47.88
CA LEU K 453 27.17 -46.00 48.51
C LEU K 453 27.76 -46.94 49.56
N ASN K 454 27.28 -48.19 49.60
CA ASN K 454 27.84 -49.20 50.48
C ASN K 454 29.18 -49.68 49.98
N SER K 455 30.24 -49.25 50.64
CA SER K 455 31.57 -49.65 50.23
C SER K 455 31.86 -51.06 50.74
N LYS K 456 32.75 -51.73 50.03
CA LYS K 456 33.17 -53.07 50.40
C LYS K 456 34.22 -53.01 51.50
N TYR K 457 35.01 -51.93 51.55
CA TYR K 457 36.11 -51.82 52.52
C TYR K 457 36.03 -50.65 53.51
N ALA K 458 35.57 -49.49 53.06
CA ALA K 458 35.45 -48.35 53.94
C ALA K 458 34.02 -48.28 54.47
N ASP K 459 33.77 -47.36 55.40
CA ASP K 459 32.42 -47.10 55.87
C ASP K 459 31.45 -46.73 54.75
N ILE K 460 31.90 -45.86 53.86
CA ILE K 460 31.05 -45.31 52.83
C ILE K 460 31.83 -45.05 51.52
N ASN K 461 31.15 -45.21 50.39
CA ASN K 461 31.67 -44.80 49.07
C ASN K 461 31.45 -43.32 48.80
N GLN K 462 32.42 -42.70 48.18
CA GLN K 462 32.31 -41.31 47.75
C GLN K 462 31.28 -41.15 46.61
N ILE K 463 31.25 -42.10 45.68
CA ILE K 463 30.36 -41.98 44.54
C ILE K 463 29.58 -43.24 44.32
N SER K 464 28.48 -43.15 43.59
CA SER K 464 27.76 -44.36 43.20
C SER K 464 28.51 -45.04 42.08
N SER K 465 28.47 -46.36 42.05
CA SER K 465 29.15 -47.07 40.98
C SER K 465 28.26 -47.04 39.73
N SER K 466 27.00 -47.40 39.89
CA SER K 466 26.05 -47.35 38.78
C SER K 466 24.72 -46.71 39.19
N VAL K 467 24.63 -45.40 38.92
CA VAL K 467 23.53 -44.51 39.30
C VAL K 467 24.15 -43.11 39.33
N LYS K 468 23.99 -42.20 38.36
CA LYS K 468 22.87 -41.86 37.47
C LYS K 468 22.57 -40.43 37.89
N ALA K 469 21.64 -40.32 38.84
CA ALA K 469 21.31 -39.05 39.45
C ALA K 469 22.40 -38.61 40.43
N SER K 470 23.45 -37.99 39.88
CA SER K 470 24.60 -37.57 40.65
C SER K 470 24.24 -36.59 41.75
N SER K 471 23.33 -35.68 41.43
CA SER K 471 22.96 -34.65 42.37
C SER K 471 22.31 -35.27 43.60
N ILE K 472 21.41 -36.22 43.40
CA ILE K 472 20.78 -36.89 44.52
C ILE K 472 21.79 -37.76 45.27
N VAL K 473 22.69 -38.42 44.55
CA VAL K 473 23.68 -39.26 45.23
C VAL K 473 24.62 -38.42 46.11
N ALA K 474 25.07 -37.29 45.59
CA ALA K 474 25.96 -36.42 46.36
C ALA K 474 25.26 -35.89 47.61
N SER K 475 23.98 -35.54 47.49
CA SER K 475 23.19 -35.12 48.64
C SER K 475 23.09 -36.21 49.69
N LEU K 476 22.94 -37.46 49.25
CA LEU K 476 22.94 -38.60 50.14
C LEU K 476 24.27 -38.71 50.88
N PHE K 477 25.36 -38.51 50.15
CA PHE K 477 26.66 -38.58 50.78
C PHE K 477 26.83 -37.47 51.84
N LEU K 478 26.44 -36.24 51.52
CA LEU K 478 26.64 -35.13 52.44
C LEU K 478 25.75 -35.31 53.68
N LYS K 479 24.63 -36.00 53.52
CA LYS K 479 23.67 -36.16 54.60
C LYS K 479 24.21 -37.06 55.69
N GLU K 480 25.18 -37.90 55.34
CA GLU K 480 25.86 -38.75 56.34
C GLU K 480 26.71 -37.95 57.33
N PHE K 481 26.95 -36.68 57.04
CA PHE K 481 27.87 -35.89 57.82
C PHE K 481 27.16 -34.81 58.64
N VAL K 482 25.83 -34.90 58.71
CA VAL K 482 25.05 -34.06 59.59
C VAL K 482 24.09 -34.95 60.39
N GLN K 483 24.31 -35.06 61.70
CA GLN K 483 23.60 -36.02 62.53
C GLN K 483 22.29 -35.51 63.08
N ASN K 484 22.32 -34.35 63.72
CA ASN K 484 21.15 -33.88 64.45
C ASN K 484 20.84 -32.41 64.25
N THR K 485 20.98 -31.91 63.03
CA THR K 485 20.80 -30.50 62.74
C THR K 485 20.03 -30.33 61.44
N ALA K 486 19.12 -29.36 61.41
CA ALA K 486 18.45 -29.01 60.18
C ALA K 486 19.49 -28.52 59.14
N TRP K 487 19.54 -29.19 58.01
CA TRP K 487 20.55 -28.92 56.97
C TRP K 487 19.95 -28.94 55.59
N ALA K 488 20.35 -27.98 54.78
CA ALA K 488 19.98 -27.93 53.37
C ALA K 488 21.22 -27.71 52.50
N HIS K 489 21.09 -28.05 51.24
CA HIS K 489 22.21 -28.06 50.31
C HIS K 489 21.76 -27.46 49.00
N ILE K 490 22.31 -26.31 48.62
CA ILE K 490 21.91 -25.69 47.36
C ILE K 490 22.99 -25.95 46.30
N ASP K 491 22.63 -26.69 45.25
CA ASP K 491 23.57 -27.04 44.18
C ASP K 491 23.49 -26.03 43.05
N ILE K 492 24.55 -25.25 42.85
CA ILE K 492 24.51 -24.15 41.91
C ILE K 492 25.44 -24.37 40.72
N ALA K 493 25.82 -25.62 40.49
CA ALA K 493 26.73 -25.94 39.39
C ALA K 493 26.16 -25.46 38.06
N GLY K 494 24.85 -25.63 37.88
CA GLY K 494 24.19 -25.23 36.65
C GLY K 494 24.03 -23.72 36.47
N VAL K 495 23.66 -23.03 37.54
CA VAL K 495 23.28 -21.63 37.44
C VAL K 495 24.41 -20.64 37.66
N SER K 496 25.53 -21.09 38.21
CA SER K 496 26.59 -20.16 38.64
C SER K 496 27.19 -19.31 37.51
N TRP K 497 27.63 -19.95 36.43
CA TRP K 497 28.32 -19.26 35.35
C TRP K 497 27.40 -18.90 34.20
N ASN K 498 27.34 -17.62 33.85
CA ASN K 498 26.53 -17.19 32.72
C ASN K 498 27.27 -17.44 31.41
N PHE K 499 26.99 -18.59 30.78
CA PHE K 499 27.72 -19.00 29.59
C PHE K 499 27.53 -18.01 28.47
N LYS K 500 26.29 -17.61 28.21
CA LYS K 500 26.02 -16.69 27.10
C LYS K 500 26.79 -15.38 27.28
N ALA K 501 26.87 -14.89 28.52
CA ALA K 501 27.48 -13.60 28.78
C ALA K 501 28.96 -13.68 29.17
N ARG K 502 29.46 -14.89 29.35
CA ARG K 502 30.87 -15.17 29.62
C ARG K 502 31.37 -14.52 30.91
N LYS K 503 30.60 -14.69 31.98
CA LYS K 503 30.88 -14.05 33.27
C LYS K 503 30.07 -14.71 34.37
N PRO K 504 30.44 -14.50 35.65
CA PRO K 504 29.68 -15.14 36.71
C PRO K 504 28.33 -14.46 36.92
N LYS K 505 27.45 -15.05 37.72
CA LYS K 505 26.20 -14.36 38.10
C LYS K 505 26.23 -13.82 39.53
N GLY K 506 27.10 -14.40 40.38
CA GLY K 506 27.18 -13.98 41.76
C GLY K 506 26.02 -14.62 42.47
N PHE K 507 25.55 -15.71 41.88
CA PHE K 507 24.37 -16.42 42.34
C PHE K 507 24.50 -16.88 43.78
N GLY K 508 23.49 -16.55 44.59
CA GLY K 508 23.46 -17.05 45.95
C GLY K 508 23.57 -15.96 47.00
N VAL K 509 24.21 -14.84 46.65
CA VAL K 509 24.40 -13.77 47.61
C VAL K 509 23.05 -13.25 48.14
N ARG K 510 22.15 -12.87 47.24
CA ARG K 510 20.87 -12.31 47.65
C ARG K 510 19.95 -13.36 48.28
N LEU K 511 20.01 -14.59 47.77
CA LEU K 511 19.23 -15.69 48.34
C LEU K 511 19.64 -15.92 49.80
N LEU K 512 20.94 -16.00 50.05
CA LEU K 512 21.43 -16.27 51.40
C LEU K 512 21.06 -15.12 52.34
N THR K 513 21.16 -13.90 51.85
CA THR K 513 20.94 -12.73 52.68
C THR K 513 19.47 -12.62 53.09
N GLU K 514 18.58 -12.81 52.13
CA GLU K 514 17.15 -12.79 52.41
C GLU K 514 16.77 -13.87 53.42
N PHE K 515 17.44 -15.01 53.31
CA PHE K 515 17.28 -16.09 54.28
C PHE K 515 17.68 -15.62 55.68
N VAL K 516 18.84 -14.99 55.78
CA VAL K 516 19.35 -14.49 57.06
C VAL K 516 18.49 -13.38 57.68
N LEU K 517 18.08 -12.40 56.89
CA LEU K 517 17.35 -11.25 57.43
C LEU K 517 15.89 -11.53 57.77
N ASN K 518 15.27 -12.48 57.07
CA ASN K 518 13.83 -12.73 57.20
C ASN K 518 13.49 -14.09 57.83
N SER L 2 63.01 -47.18 54.72
CA SER L 2 61.83 -47.82 55.28
C SER L 2 60.86 -46.83 55.93
N GLU L 3 61.29 -45.60 56.23
CA GLU L 3 60.32 -44.56 56.58
C GLU L 3 59.44 -44.19 55.38
N VAL L 4 58.13 -44.21 55.56
CA VAL L 4 57.15 -43.87 54.51
C VAL L 4 56.89 -42.37 54.43
N PRO L 5 57.23 -41.73 53.30
CA PRO L 5 57.03 -40.27 53.20
C PRO L 5 55.55 -39.85 53.33
N GLN L 6 55.32 -38.63 53.80
CA GLN L 6 53.97 -38.15 54.05
C GLN L 6 53.72 -36.73 53.54
N VAL L 7 52.60 -36.53 52.86
CA VAL L 7 52.22 -35.19 52.43
C VAL L 7 51.62 -34.44 53.60
N VAL L 8 50.63 -35.08 54.26
CA VAL L 8 50.04 -34.55 55.49
C VAL L 8 50.19 -35.58 56.59
N SER L 9 50.06 -35.13 57.84
CA SER L 9 50.26 -36.00 59.00
C SER L 9 49.19 -37.09 59.14
N LEU L 10 48.07 -36.92 58.44
CA LEU L 10 47.04 -37.95 58.40
C LEU L 10 47.32 -39.08 57.37
N ASP L 11 48.36 -38.92 56.55
CA ASP L 11 48.76 -39.99 55.62
C ASP L 11 49.24 -41.22 56.37
N PRO L 12 48.67 -42.39 56.07
CA PRO L 12 49.03 -43.65 56.73
C PRO L 12 50.45 -44.10 56.41
N THR L 13 51.14 -44.73 57.36
CA THR L 13 52.57 -45.03 57.19
C THR L 13 52.83 -46.53 57.12
N SER L 14 51.77 -47.32 57.12
CA SER L 14 51.93 -48.75 56.93
C SER L 14 50.64 -49.37 56.40
N ILE L 15 50.77 -50.58 55.88
CA ILE L 15 49.61 -51.39 55.55
C ILE L 15 49.15 -52.15 56.78
N PRO L 16 47.88 -51.98 57.17
CA PRO L 16 47.32 -52.85 58.21
C PRO L 16 47.26 -54.28 57.72
N ILE L 17 47.93 -55.20 58.41
CA ILE L 17 47.87 -56.60 58.03
C ILE L 17 47.36 -57.45 59.18
N GLU L 18 46.32 -58.22 58.89
CA GLU L 18 45.80 -59.16 59.86
C GLU L 18 46.37 -60.57 59.63
N TYR L 19 47.12 -61.07 60.60
CA TYR L 19 47.69 -62.41 60.48
C TYR L 19 46.83 -63.47 61.17
N ASN L 20 46.44 -63.23 62.42
CA ASN L 20 45.56 -64.15 63.14
C ASN L 20 44.10 -63.88 62.81
N THR L 21 43.50 -64.77 62.04
CA THR L 21 42.13 -64.60 61.58
C THR L 21 41.20 -65.64 62.22
N PRO L 22 39.89 -65.33 62.29
CA PRO L 22 38.85 -66.23 62.81
C PRO L 22 38.89 -67.64 62.21
N ILE L 23 39.42 -67.73 60.98
CA ILE L 23 39.54 -69.02 60.30
C ILE L 23 40.57 -69.92 61.00
N HIS L 24 41.65 -69.32 61.49
CA HIS L 24 42.66 -70.09 62.21
C HIS L 24 42.16 -70.65 63.55
N ASP L 25 41.04 -70.14 64.05
CA ASP L 25 40.49 -70.63 65.31
C ASP L 25 39.56 -71.80 65.12
N ILE L 26 39.21 -72.08 63.87
CA ILE L 26 38.21 -73.11 63.59
C ILE L 26 38.80 -74.52 63.70
N LYS L 27 38.28 -75.30 64.64
CA LYS L 27 38.64 -76.71 64.76
C LYS L 27 37.93 -77.54 63.68
N VAL L 28 38.70 -78.32 62.93
CA VAL L 28 38.16 -79.05 61.79
C VAL L 28 38.31 -80.56 61.96
N GLN L 29 37.22 -81.31 61.80
CA GLN L 29 37.35 -82.76 61.88
C GLN L 29 36.60 -83.50 60.76
N VAL L 30 37.26 -84.50 60.20
CA VAL L 30 36.70 -85.22 59.07
C VAL L 30 36.29 -86.66 59.44
N TYR L 31 35.03 -86.99 59.15
CA TYR L 31 34.46 -88.29 59.48
C TYR L 31 34.08 -89.06 58.22
N ASP L 32 34.01 -90.37 58.34
CA ASP L 32 33.62 -91.21 57.21
C ASP L 32 32.11 -91.38 57.16
N ILE L 33 31.51 -91.14 56.00
CA ILE L 33 30.05 -91.16 55.87
C ILE L 33 29.45 -92.54 56.14
N LYS L 34 30.29 -93.58 56.11
CA LYS L 34 29.84 -94.95 56.35
C LYS L 34 29.20 -95.12 57.73
N GLY L 35 29.76 -94.44 58.74
CA GLY L 35 29.29 -94.59 60.11
C GLY L 35 28.12 -93.70 60.50
N GLY L 36 27.45 -93.11 59.51
CA GLY L 36 26.29 -92.26 59.76
C GLY L 36 26.67 -90.86 60.23
N CYS L 37 25.72 -89.93 60.15
CA CYS L 37 25.99 -88.55 60.52
C CYS L 37 25.38 -88.17 61.86
N ASN L 38 26.13 -87.43 62.67
CA ASN L 38 25.65 -86.98 63.97
C ASN L 38 25.23 -85.51 63.93
N VAL L 39 23.96 -85.27 64.23
CA VAL L 39 23.41 -83.92 64.25
C VAL L 39 23.13 -83.46 65.69
N GLU L 40 24.18 -83.09 66.40
CA GLU L 40 24.04 -82.72 67.80
C GLU L 40 23.74 -81.23 67.95
N GLU L 41 24.51 -80.41 67.25
CA GLU L 41 24.36 -78.95 67.34
C GLU L 41 24.62 -78.26 66.00
N GLY L 42 24.57 -76.93 66.02
CA GLY L 42 24.94 -76.13 64.87
C GLY L 42 24.15 -76.37 63.60
N LEU L 43 24.77 -76.06 62.47
CA LEU L 43 24.11 -76.18 61.18
C LEU L 43 24.72 -77.32 60.36
N THR L 44 23.86 -78.18 59.81
CA THR L 44 24.27 -79.33 59.02
C THR L 44 23.81 -79.16 57.59
N ILE L 45 24.73 -79.36 56.66
CA ILE L 45 24.46 -79.12 55.25
C ILE L 45 24.83 -80.32 54.40
N PHE L 46 23.88 -80.77 53.58
CA PHE L 46 24.11 -81.90 52.69
C PHE L 46 24.44 -81.40 51.30
N LEU L 47 25.57 -81.84 50.77
CA LEU L 47 25.91 -81.52 49.38
C LEU L 47 25.36 -82.64 48.51
N VAL L 48 24.30 -82.35 47.75
CA VAL L 48 23.65 -83.39 46.94
C VAL L 48 23.49 -82.99 45.47
N ASN L 49 23.52 -84.00 44.60
CA ASN L 49 23.23 -83.83 43.18
C ASN L 49 22.15 -84.82 42.73
N ASN L 50 21.93 -84.91 41.42
CA ASN L 50 20.93 -85.79 40.84
C ASN L 50 21.26 -86.04 39.36
N PRO L 51 22.11 -87.04 39.09
CA PRO L 51 22.39 -87.38 37.69
C PRO L 51 21.10 -87.65 36.92
N GLY L 52 20.88 -86.90 35.84
CA GLY L 52 19.61 -86.92 35.13
C GLY L 52 18.56 -86.03 35.80
N LYS L 53 18.73 -84.71 35.67
CA LYS L 53 17.89 -83.74 36.37
C LYS L 53 17.73 -82.39 35.66
N GLU L 54 16.57 -81.77 35.89
CA GLU L 54 16.16 -80.51 35.26
C GLU L 54 16.44 -79.10 35.91
N ASN L 55 16.98 -78.97 37.12
CA ASN L 55 17.39 -80.05 37.98
C ASN L 55 16.23 -80.60 38.83
N GLY L 56 16.31 -81.89 39.11
CA GLY L 56 15.24 -82.62 39.74
C GLY L 56 15.37 -82.65 41.24
N PRO L 57 14.58 -83.51 41.90
CA PRO L 57 14.44 -83.45 43.35
C PRO L 57 15.69 -83.85 44.13
N VAL L 58 15.80 -83.27 45.31
CA VAL L 58 16.80 -83.66 46.31
C VAL L 58 16.43 -84.99 47.00
N LYS L 59 17.35 -85.95 47.00
CA LYS L 59 17.18 -87.17 47.79
C LYS L 59 18.40 -87.36 48.69
N ILE L 60 18.21 -87.34 50.01
CA ILE L 60 19.36 -87.49 50.91
C ILE L 60 19.64 -88.96 51.21
N SER L 61 20.87 -89.35 50.88
CA SER L 61 21.34 -90.73 50.95
C SER L 61 21.72 -91.19 52.37
N SER L 62 22.66 -90.48 52.99
CA SER L 62 23.26 -90.93 54.25
C SER L 62 22.28 -91.10 55.40
N LYS L 63 22.68 -91.86 56.42
CA LYS L 63 21.84 -92.08 57.59
C LYS L 63 22.13 -91.03 58.67
N VAL L 64 21.07 -90.58 59.33
CA VAL L 64 21.19 -89.58 60.39
C VAL L 64 20.72 -90.18 61.71
N ASN L 65 21.59 -90.16 62.71
CA ASN L 65 21.32 -90.73 64.04
C ASN L 65 20.49 -89.79 64.92
N ASP L 66 19.33 -89.40 64.41
CA ASP L 66 18.40 -88.48 65.09
C ASP L 66 17.04 -88.58 64.39
N LYS L 67 16.06 -89.15 65.08
CA LYS L 67 14.77 -89.44 64.47
C LYS L 67 14.06 -88.17 63.97
N GLN L 68 14.25 -87.06 64.67
CA GLN L 68 13.60 -85.80 64.30
C GLN L 68 14.18 -85.22 63.01
N VAL L 69 15.50 -85.26 62.88
CA VAL L 69 16.15 -84.81 61.65
C VAL L 69 15.82 -85.78 60.51
N SER L 70 15.84 -87.09 60.82
CA SER L 70 15.56 -88.11 59.81
C SER L 70 14.14 -87.98 59.23
N GLU L 71 13.20 -87.53 60.05
CA GLU L 71 11.87 -87.24 59.56
C GLU L 71 11.89 -86.08 58.55
N PHE L 72 12.71 -85.07 58.86
CA PHE L 72 12.89 -83.92 57.97
C PHE L 72 13.48 -84.36 56.63
N LEU L 73 14.45 -85.26 56.68
CA LEU L 73 15.24 -85.65 55.53
C LEU L 73 14.57 -86.67 54.62
N LYS L 74 13.34 -87.05 54.95
CA LYS L 74 12.67 -88.10 54.21
C LYS L 74 12.31 -87.68 52.78
N ASP L 75 12.30 -88.66 51.87
CA ASP L 75 12.13 -88.41 50.44
C ASP L 75 10.89 -87.57 50.12
N GLU L 76 9.81 -87.83 50.85
CA GLU L 76 8.56 -87.11 50.64
C GLU L 76 8.76 -85.60 50.83
N ASN L 77 9.48 -85.24 51.88
CA ASN L 77 9.69 -83.83 52.21
C ASN L 77 10.73 -83.17 51.32
N MET L 78 11.81 -83.89 51.00
CA MET L 78 12.92 -83.30 50.25
C MET L 78 12.61 -83.15 48.75
N GLU L 79 11.64 -83.91 48.26
CA GLU L 79 11.22 -83.83 46.86
C GLU L 79 10.67 -82.44 46.52
N LYS L 80 10.26 -81.70 47.54
CA LYS L 80 9.76 -80.35 47.34
C LYS L 80 10.86 -79.39 46.87
N PHE L 81 12.12 -79.83 46.96
CA PHE L 81 13.27 -79.03 46.54
C PHE L 81 14.07 -79.70 45.43
N ASN L 82 14.82 -78.90 44.67
CA ASN L 82 15.58 -79.41 43.54
C ASN L 82 17.08 -79.13 43.66
N VAL L 83 17.88 -79.83 42.86
CA VAL L 83 19.33 -79.78 43.02
C VAL L 83 20.06 -78.84 42.06
N LYS L 84 19.34 -77.89 41.47
CA LYS L 84 19.93 -76.90 40.57
C LYS L 84 21.14 -76.25 41.24
N LEU L 85 22.26 -76.19 40.52
CA LEU L 85 23.55 -75.80 41.09
C LEU L 85 23.49 -74.47 41.84
N GLY L 86 23.82 -74.51 43.13
CA GLY L 86 23.89 -73.30 43.92
C GLY L 86 22.62 -73.02 44.71
N THR L 87 21.57 -73.79 44.45
CA THR L 87 20.32 -73.59 45.16
C THR L 87 20.44 -74.16 46.57
N SER L 88 19.92 -73.44 47.56
CA SER L 88 19.95 -73.93 48.93
C SER L 88 18.67 -73.62 49.71
N LYS L 89 18.39 -74.49 50.66
CA LYS L 89 17.37 -74.24 51.67
C LYS L 89 17.95 -74.79 52.98
N HIS L 90 17.55 -74.18 54.10
CA HIS L 90 17.90 -74.74 55.38
C HIS L 90 16.82 -74.38 56.38
N PHE L 91 16.52 -75.31 57.28
CA PHE L 91 15.46 -75.12 58.25
C PHE L 91 15.97 -75.24 59.68
N TYR L 92 15.42 -74.41 60.57
CA TYR L 92 15.61 -74.60 62.01
C TYR L 92 14.54 -75.52 62.62
N MET L 93 14.97 -76.37 63.55
CA MET L 93 14.08 -77.31 64.20
C MET L 93 14.68 -77.83 65.50
N PHE L 94 13.94 -78.66 66.21
CA PHE L 94 14.46 -79.30 67.41
C PHE L 94 14.76 -80.78 67.14
N ASN L 95 15.82 -81.28 67.77
CA ASN L 95 16.24 -82.65 67.54
C ASN L 95 15.70 -83.62 68.59
N ASP L 96 16.35 -84.78 68.71
CA ASP L 96 15.89 -85.83 69.60
C ASP L 96 16.04 -85.43 71.08
N ASN L 97 16.73 -84.34 71.34
CA ASN L 97 16.91 -83.90 72.71
C ASN L 97 16.52 -82.44 72.90
N LYS L 98 15.58 -81.99 72.08
CA LYS L 98 15.03 -80.64 72.17
C LYS L 98 16.10 -79.55 72.06
N ASN L 99 17.17 -79.84 71.32
CA ASN L 99 18.15 -78.81 70.98
C ASN L 99 17.76 -78.12 69.68
N SER L 100 17.90 -76.80 69.62
CA SER L 100 17.72 -76.10 68.34
C SER L 100 18.85 -76.45 67.39
N VAL L 101 18.52 -77.12 66.29
CA VAL L 101 19.49 -77.44 65.23
C VAL L 101 18.97 -76.98 63.88
N ALA L 102 19.88 -76.75 62.94
CA ALA L 102 19.48 -76.38 61.60
C ALA L 102 20.01 -77.38 60.58
N VAL L 103 19.18 -77.69 59.60
CA VAL L 103 19.49 -78.69 58.59
C VAL L 103 19.08 -78.15 57.22
N GLY L 104 19.95 -78.35 56.24
CA GLY L 104 19.69 -77.94 54.87
C GLY L 104 20.60 -78.62 53.87
N TYR L 105 20.53 -78.15 52.62
CA TYR L 105 21.31 -78.72 51.53
C TYR L 105 21.79 -77.63 50.59
N VAL L 106 22.83 -77.94 49.82
CA VAL L 106 23.16 -77.12 48.66
C VAL L 106 23.14 -77.99 47.41
N GLY L 107 22.38 -77.56 46.41
CA GLY L 107 22.30 -78.28 45.14
C GLY L 107 23.58 -78.26 44.32
N CYS L 108 24.00 -79.44 43.88
CA CYS L 108 25.25 -79.58 43.14
C CYS L 108 25.04 -79.95 41.67
N GLY L 109 23.91 -79.51 41.11
CA GLY L 109 23.60 -79.74 39.70
C GLY L 109 23.34 -81.18 39.32
N SER L 110 23.59 -81.51 38.06
CA SER L 110 23.25 -82.83 37.55
C SER L 110 24.42 -83.47 36.83
N VAL L 111 25.60 -82.88 36.97
CA VAL L 111 26.81 -83.54 36.50
C VAL L 111 27.48 -84.15 37.72
N ALA L 112 28.09 -85.33 37.54
CA ALA L 112 28.72 -86.02 38.66
C ALA L 112 30.08 -85.42 39.01
N ASP L 113 30.84 -84.98 38.01
CA ASP L 113 32.15 -84.38 38.26
C ASP L 113 32.07 -82.85 38.18
N LEU L 114 32.15 -82.20 39.34
CA LEU L 114 32.08 -80.74 39.42
C LEU L 114 33.36 -80.08 38.97
N SER L 115 33.23 -78.98 38.25
CA SER L 115 34.40 -78.18 37.90
C SER L 115 34.79 -77.27 39.06
N GLU L 116 35.92 -76.61 38.93
CA GLU L 116 36.33 -75.61 39.91
C GLU L 116 35.29 -74.47 40.00
N ALA L 117 34.75 -74.07 38.86
CA ALA L 117 33.78 -72.97 38.84
C ALA L 117 32.47 -73.35 39.52
N ASP L 118 31.99 -74.56 39.26
CA ASP L 118 30.78 -75.08 39.90
C ASP L 118 30.93 -75.20 41.41
N MET L 119 32.12 -75.56 41.86
CA MET L 119 32.38 -75.75 43.27
C MET L 119 32.40 -74.39 43.97
N LYS L 120 32.78 -73.34 43.25
CA LYS L 120 32.77 -72.02 43.86
C LYS L 120 31.32 -71.65 44.13
N ARG L 121 30.44 -71.93 43.16
CA ARG L 121 29.05 -71.54 43.29
C ARG L 121 28.40 -72.30 44.46
N VAL L 122 28.87 -73.51 44.71
CA VAL L 122 28.40 -74.26 45.84
C VAL L 122 28.86 -73.60 47.14
N VAL L 123 30.14 -73.24 47.18
CA VAL L 123 30.71 -72.66 48.38
C VAL L 123 30.10 -71.29 48.72
N LEU L 124 29.84 -70.48 47.70
CA LEU L 124 29.28 -69.16 47.94
C LEU L 124 27.90 -69.30 48.56
N SER L 125 27.16 -70.28 48.08
CA SER L 125 25.81 -70.50 48.56
C SER L 125 25.84 -70.93 50.02
N LEU L 126 26.80 -71.80 50.34
CA LEU L 126 27.06 -72.21 51.71
C LEU L 126 27.41 -71.00 52.58
N VAL L 127 28.28 -70.13 52.06
CA VAL L 127 28.75 -68.97 52.80
C VAL L 127 27.63 -67.96 53.02
N THR L 128 26.68 -67.89 52.09
CA THR L 128 25.50 -67.05 52.26
C THR L 128 24.77 -67.44 53.53
N MET L 129 24.72 -68.73 53.82
CA MET L 129 24.05 -69.20 55.02
C MET L 129 24.87 -68.90 56.28
N LEU L 130 26.18 -69.10 56.23
CA LEU L 130 27.02 -68.80 57.40
C LEU L 130 26.95 -67.32 57.77
N HIS L 131 26.89 -66.44 56.77
CA HIS L 131 26.86 -65.01 57.04
C HIS L 131 25.54 -64.56 57.68
N ASP L 132 24.49 -65.37 57.51
CA ASP L 132 23.17 -65.02 58.02
C ASP L 132 22.88 -65.65 59.39
N ASN L 133 23.71 -66.59 59.82
CA ASN L 133 23.39 -67.37 61.01
C ASN L 133 24.52 -67.37 62.05
N LYS L 134 24.15 -67.13 63.32
CA LYS L 134 25.04 -67.35 64.47
C LYS L 134 25.09 -68.85 64.76
N LEU L 135 26.27 -69.45 64.57
CA LEU L 135 26.43 -70.89 64.65
C LEU L 135 27.74 -71.21 65.33
N SER L 136 27.80 -72.27 66.11
CA SER L 136 29.06 -72.61 66.73
C SER L 136 29.76 -73.64 65.86
N LYS L 137 28.94 -74.43 65.19
CA LYS L 137 29.45 -75.55 64.39
C LYS L 137 28.75 -75.62 63.04
N LEU L 138 29.56 -75.79 61.99
CA LEU L 138 29.05 -76.18 60.68
C LEU L 138 29.47 -77.61 60.42
N THR L 139 28.54 -78.42 59.96
CA THR L 139 28.86 -79.76 59.47
C THR L 139 28.48 -79.89 57.99
N VAL L 140 29.39 -80.43 57.20
CA VAL L 140 29.16 -80.57 55.77
C VAL L 140 29.17 -82.04 55.38
N VAL L 141 28.12 -82.49 54.71
CA VAL L 141 28.04 -83.89 54.33
C VAL L 141 28.13 -84.05 52.81
N PHE L 142 29.18 -84.74 52.36
CA PHE L 142 29.40 -84.91 50.92
C PHE L 142 28.66 -86.12 50.34
N GLU L 143 27.47 -85.87 49.79
CA GLU L 143 26.77 -86.90 49.04
C GLU L 143 27.09 -86.75 47.56
N ILE L 144 28.34 -86.35 47.30
CA ILE L 144 28.88 -86.24 45.96
C ILE L 144 30.31 -86.75 46.01
N ASN L 145 30.92 -86.97 44.85
CA ASN L 145 32.31 -87.42 44.81
C ASN L 145 33.27 -86.29 44.43
N VAL L 146 34.36 -86.17 45.17
CA VAL L 146 35.41 -85.20 44.88
C VAL L 146 36.77 -85.84 45.12
N ASP L 147 37.78 -85.48 44.34
CA ASP L 147 39.11 -86.02 44.58
C ASP L 147 39.84 -85.20 45.67
N LYS L 148 41.06 -85.61 46.04
CA LYS L 148 41.77 -84.97 47.13
C LYS L 148 41.98 -83.47 46.87
N ASN L 149 42.34 -83.13 45.62
CA ASN L 149 42.60 -81.73 45.23
C ASN L 149 41.35 -80.88 45.30
N LEU L 150 40.24 -81.42 44.83
CA LEU L 150 39.00 -80.67 44.82
C LEU L 150 38.52 -80.47 46.25
N PHE L 151 38.69 -81.49 47.08
CA PHE L 151 38.34 -81.37 48.49
C PHE L 151 39.10 -80.22 49.14
N ARG L 152 40.41 -80.16 48.90
CA ARG L 152 41.18 -79.06 49.44
C ARG L 152 40.68 -77.72 48.90
N PHE L 153 40.42 -77.67 47.60
CA PHE L 153 39.92 -76.46 46.96
C PHE L 153 38.65 -75.97 47.64
N PHE L 154 37.80 -76.91 48.05
CA PHE L 154 36.55 -76.60 48.74
C PHE L 154 36.81 -75.91 50.10
N LEU L 155 37.78 -76.41 50.86
CA LEU L 155 38.09 -75.83 52.16
C LEU L 155 38.66 -74.43 52.02
N GLU L 156 39.70 -74.31 51.20
CA GLU L 156 40.32 -73.02 50.89
C GLU L 156 39.29 -71.98 50.50
N THR L 157 38.42 -72.36 49.58
CA THR L 157 37.44 -71.47 48.99
C THR L 157 36.38 -71.13 50.04
N LEU L 158 35.99 -72.13 50.84
CA LEU L 158 35.12 -71.86 51.98
C LEU L 158 35.77 -70.84 52.93
N PHE L 159 37.00 -71.12 53.35
CA PHE L 159 37.73 -70.23 54.26
C PHE L 159 37.85 -68.83 53.69
N TYR L 160 38.39 -68.73 52.48
CA TYR L 160 38.61 -67.45 51.84
C TYR L 160 37.30 -66.65 51.68
N GLU L 161 36.24 -67.30 51.21
CA GLU L 161 34.98 -66.59 50.99
C GLU L 161 34.28 -66.25 52.30
N TYR L 162 34.41 -67.11 53.30
CA TYR L 162 33.85 -66.86 54.62
C TYR L 162 34.45 -65.60 55.27
N MET L 163 35.77 -65.51 55.21
CA MET L 163 36.52 -64.44 55.85
C MET L 163 36.16 -63.04 55.30
N THR L 164 35.95 -62.09 56.20
CA THR L 164 35.61 -60.73 55.80
C THR L 164 36.72 -59.74 56.21
N ASP L 165 37.05 -58.84 55.29
CA ASP L 165 38.15 -57.90 55.48
C ASP L 165 37.61 -56.56 56.00
N GLU L 166 37.81 -56.28 57.29
CA GLU L 166 37.25 -55.06 57.88
C GLU L 166 38.31 -54.07 58.34
N ARG L 167 39.52 -54.16 57.79
CA ARG L 167 40.64 -53.33 58.22
C ARG L 167 40.40 -51.84 58.05
N PHE L 168 39.55 -51.44 57.10
CA PHE L 168 39.34 -50.02 56.83
C PHE L 168 37.95 -49.58 57.24
N LYS L 169 37.25 -50.49 57.91
CA LYS L 169 35.94 -50.18 58.51
C LYS L 169 36.14 -49.56 59.89
N SER L 170 35.53 -48.41 60.15
CA SER L 170 35.75 -47.73 61.43
C SER L 170 35.14 -48.46 62.64
N GLU L 178 31.92 -63.88 65.87
CA GLU L 178 30.64 -64.18 65.23
C GLU L 178 30.76 -65.40 64.32
N TYR L 179 32.00 -65.84 64.12
CA TYR L 179 32.34 -66.95 63.23
C TYR L 179 32.16 -68.31 63.92
N ILE L 180 31.95 -69.36 63.14
CA ILE L 180 31.87 -70.71 63.71
C ILE L 180 33.21 -71.08 64.35
N LYS L 181 33.17 -72.05 65.26
CA LYS L 181 34.36 -72.48 65.99
C LYS L 181 34.74 -73.92 65.63
N HIS L 182 33.79 -74.67 65.08
CA HIS L 182 34.04 -76.03 64.63
C HIS L 182 33.47 -76.29 63.25
N LEU L 183 34.21 -77.09 62.48
CA LEU L 183 33.76 -77.55 61.18
C LEU L 183 33.93 -79.05 61.12
N GLY L 184 32.82 -79.75 60.86
CA GLY L 184 32.84 -81.18 60.66
C GLY L 184 32.59 -81.50 59.20
N VAL L 185 33.34 -82.46 58.66
CA VAL L 185 33.13 -82.90 57.30
C VAL L 185 32.85 -84.40 57.26
N TYR L 186 31.73 -84.77 56.66
CA TYR L 186 31.43 -86.18 56.43
C TYR L 186 31.70 -86.51 54.97
N ILE L 187 32.61 -87.46 54.75
CA ILE L 187 32.96 -87.87 53.41
C ILE L 187 33.47 -89.32 53.38
N ASN L 188 33.19 -90.02 52.29
CA ASN L 188 33.72 -91.36 52.10
C ASN L 188 35.24 -91.36 52.07
N ASN L 189 35.82 -92.40 52.66
CA ASN L 189 37.28 -92.56 52.69
C ASN L 189 37.94 -91.40 53.37
N ALA L 190 37.30 -90.91 54.43
CA ALA L 190 37.72 -89.70 55.13
C ALA L 190 39.22 -89.62 55.43
N ASP L 191 39.82 -90.76 55.80
CA ASP L 191 41.22 -90.79 56.19
C ASP L 191 42.13 -90.31 55.06
N THR L 192 41.68 -90.51 53.82
CA THR L 192 42.38 -89.99 52.66
C THR L 192 42.42 -88.46 52.66
N TYR L 193 41.27 -87.85 52.95
CA TYR L 193 41.13 -86.40 52.83
C TYR L 193 41.66 -85.62 54.03
N LYS L 194 42.12 -86.32 55.06
CA LYS L 194 42.51 -85.65 56.30
C LYS L 194 43.73 -84.75 56.15
N GLU L 195 44.76 -85.23 55.48
CA GLU L 195 45.99 -84.46 55.34
C GLU L 195 45.81 -83.20 54.47
N GLU L 196 44.65 -83.08 53.85
CA GLU L 196 44.37 -81.94 52.99
C GLU L 196 43.91 -80.74 53.82
N VAL L 197 43.42 -81.01 55.02
CA VAL L 197 42.78 -79.96 55.82
C VAL L 197 43.74 -78.82 56.18
N GLU L 198 44.93 -79.13 56.69
CA GLU L 198 45.80 -78.04 57.13
C GLU L 198 46.58 -77.41 55.99
N LYS L 199 46.79 -78.17 54.91
CA LYS L 199 47.35 -77.59 53.71
C LYS L 199 46.40 -76.48 53.18
N ALA L 200 45.10 -76.77 53.21
CA ALA L 200 44.08 -75.80 52.81
C ALA L 200 44.11 -74.56 53.70
N ARG L 201 44.42 -74.75 54.97
CA ARG L 201 44.46 -73.62 55.89
C ARG L 201 45.63 -72.72 55.53
N VAL L 202 46.76 -73.32 55.16
CA VAL L 202 47.89 -72.55 54.69
C VAL L 202 47.56 -71.84 53.36
N TYR L 203 47.01 -72.56 52.40
CA TYR L 203 46.67 -71.99 51.11
C TYR L 203 45.67 -70.85 51.26
N TYR L 204 44.68 -71.03 52.15
CA TYR L 204 43.73 -69.96 52.40
C TYR L 204 44.45 -68.69 52.83
N PHE L 205 45.37 -68.80 53.79
CA PHE L 205 45.94 -67.59 54.33
C PHE L 205 46.86 -66.91 53.32
N GLY L 206 47.62 -67.70 52.57
CA GLY L 206 48.47 -67.15 51.51
C GLY L 206 47.62 -66.32 50.56
N THR L 207 46.48 -66.87 50.19
CA THR L 207 45.59 -66.22 49.27
C THR L 207 45.00 -65.00 49.91
N TYR L 208 44.63 -65.13 51.18
CA TYR L 208 44.02 -64.02 51.90
C TYR L 208 45.04 -62.92 52.17
N TYR L 209 46.27 -63.31 52.41
CA TYR L 209 47.31 -62.33 52.65
C TYR L 209 47.58 -61.54 51.36
N ALA L 210 47.62 -62.23 50.22
CA ALA L 210 47.82 -61.55 48.93
C ALA L 210 46.69 -60.53 48.74
N SER L 211 45.47 -61.00 48.97
CA SER L 211 44.27 -60.22 48.89
C SER L 211 44.31 -58.97 49.78
N GLN L 212 44.87 -59.10 50.98
CA GLN L 212 44.99 -57.95 51.87
C GLN L 212 45.89 -56.87 51.22
N LEU L 213 46.99 -57.33 50.58
CA LEU L 213 47.89 -56.40 49.92
C LEU L 213 47.22 -55.72 48.72
N ILE L 214 46.54 -56.52 47.91
CA ILE L 214 45.83 -56.01 46.74
C ILE L 214 44.72 -55.04 47.11
N ALA L 215 43.88 -55.46 48.04
CA ALA L 215 42.75 -54.65 48.48
C ALA L 215 43.20 -53.36 49.15
N ALA L 216 44.34 -53.39 49.82
CA ALA L 216 44.93 -52.18 50.40
C ALA L 216 45.08 -51.05 49.37
N PRO L 217 44.41 -49.92 49.58
CA PRO L 217 44.50 -48.78 48.65
C PRO L 217 45.90 -48.19 48.59
N SER L 218 46.19 -47.45 47.53
CA SER L 218 47.53 -46.93 47.26
C SER L 218 48.10 -45.93 48.30
N ASN L 219 47.25 -45.22 49.04
CA ASN L 219 47.77 -44.37 50.13
C ASN L 219 48.27 -45.23 51.30
N TYR L 220 47.68 -46.40 51.49
CA TYR L 220 48.18 -47.33 52.49
C TYR L 220 49.32 -48.17 51.94
N CYS L 221 49.10 -48.72 50.76
CA CYS L 221 50.04 -49.65 50.12
C CYS L 221 50.79 -48.91 49.01
N ASN L 222 52.02 -48.52 49.31
CA ASN L 222 52.87 -47.79 48.41
C ASN L 222 54.18 -48.57 48.34
N PRO L 223 55.16 -48.12 47.54
CA PRO L 223 56.36 -48.99 47.49
C PRO L 223 57.12 -49.14 48.82
N VAL L 224 57.22 -48.08 49.60
CA VAL L 224 57.89 -48.20 50.90
C VAL L 224 57.07 -49.15 51.79
N SER L 225 55.82 -48.80 52.05
CA SER L 225 54.97 -49.60 52.92
C SER L 225 54.87 -51.07 52.47
N LEU L 226 54.82 -51.32 51.15
CA LEU L 226 54.67 -52.71 50.68
C LEU L 226 55.93 -53.54 50.89
N SER L 227 57.10 -52.92 50.64
CA SER L 227 58.36 -53.60 50.86
C SER L 227 58.66 -53.76 52.36
N ASN L 228 58.22 -52.81 53.19
CA ASN L 228 58.25 -52.99 54.64
C ASN L 228 57.46 -54.21 55.08
N ALA L 229 56.28 -54.41 54.50
CA ALA L 229 55.45 -55.58 54.80
C ALA L 229 56.15 -56.86 54.38
N ALA L 230 56.84 -56.83 53.25
CA ALA L 230 57.53 -58.04 52.80
C ALA L 230 58.66 -58.41 53.77
N VAL L 231 59.27 -57.41 54.38
CA VAL L 231 60.35 -57.66 55.35
C VAL L 231 59.79 -58.27 56.62
N GLU L 232 58.68 -57.72 57.07
CA GLU L 232 57.97 -58.24 58.22
C GLU L 232 57.66 -59.72 58.00
N LEU L 233 57.19 -60.05 56.81
CA LEU L 233 56.73 -61.40 56.52
C LEU L 233 57.91 -62.36 56.51
N ALA L 234 59.04 -61.87 56.01
CA ALA L 234 60.22 -62.71 55.86
C ALA L 234 60.74 -63.03 57.24
N GLN L 235 60.79 -62.00 58.08
CA GLN L 235 61.23 -62.11 59.46
C GLN L 235 60.39 -63.11 60.24
N LYS L 236 59.09 -63.10 59.99
CA LYS L 236 58.20 -64.04 60.63
C LYS L 236 58.37 -65.45 60.09
N LEU L 237 58.91 -65.59 58.89
CA LEU L 237 59.06 -66.92 58.30
C LEU L 237 60.52 -67.40 58.36
N ASN L 238 61.38 -66.61 59.01
CA ASN L 238 62.83 -66.85 58.97
C ASN L 238 63.30 -67.02 57.52
N LEU L 239 62.81 -66.15 56.65
CA LEU L 239 63.29 -66.07 55.28
C LEU L 239 64.38 -65.02 55.15
N GLU L 240 65.45 -65.33 54.44
CA GLU L 240 66.46 -64.33 54.13
C GLU L 240 65.83 -63.28 53.21
N TYR L 241 66.20 -62.03 53.42
CA TYR L 241 65.58 -60.93 52.71
C TYR L 241 66.55 -59.79 52.45
N LYS L 242 66.34 -59.11 51.34
CA LYS L 242 67.16 -57.99 50.97
C LYS L 242 66.25 -57.03 50.19
N ILE L 243 66.21 -55.78 50.63
CA ILE L 243 65.47 -54.76 49.91
C ILE L 243 66.41 -53.75 49.28
N LEU L 244 66.44 -53.70 47.95
CA LEU L 244 67.33 -52.78 47.27
C LEU L 244 66.66 -51.43 47.08
N GLY L 245 67.40 -50.37 47.39
CA GLY L 245 66.88 -49.02 47.26
C GLY L 245 67.45 -48.31 46.04
N VAL L 246 67.11 -47.05 45.89
CA VAL L 246 67.43 -46.29 44.68
C VAL L 246 68.93 -46.22 44.39
N LYS L 247 69.74 -45.98 45.41
CA LYS L 247 71.17 -45.85 45.21
C LYS L 247 71.77 -47.15 44.66
N GLU L 248 71.39 -48.28 45.25
CA GLU L 248 71.86 -49.56 44.74
C GLU L 248 71.31 -49.83 43.33
N LEU L 249 70.03 -49.53 43.12
CA LEU L 249 69.38 -49.75 41.83
C LEU L 249 70.09 -48.96 40.75
N GLU L 250 70.47 -47.73 41.07
CA GLU L 250 71.22 -46.94 40.12
C GLU L 250 72.51 -47.64 39.76
N GLU L 251 73.28 -48.03 40.79
CA GLU L 251 74.55 -48.73 40.59
C GLU L 251 74.37 -49.98 39.74
N LEU L 252 73.21 -50.62 39.84
CA LEU L 252 72.92 -51.79 39.03
C LEU L 252 72.41 -51.41 37.63
N LYS L 253 72.25 -50.11 37.38
CA LYS L 253 71.81 -49.55 36.09
C LYS L 253 70.41 -50.00 35.69
N MET L 254 69.51 -50.09 36.66
CA MET L 254 68.13 -50.51 36.35
C MET L 254 67.30 -49.31 35.84
N GLY L 255 67.73 -48.74 34.73
CA GLY L 255 67.13 -47.54 34.16
C GLY L 255 65.69 -47.68 33.65
N ALA L 256 65.29 -48.88 33.27
CA ALA L 256 63.93 -49.04 32.82
C ALA L 256 63.02 -48.99 34.03
N TYR L 257 63.37 -49.77 35.05
CA TYR L 257 62.62 -49.81 36.30
C TYR L 257 62.64 -48.41 36.95
N LEU L 258 63.80 -47.77 36.99
CA LEU L 258 63.86 -46.46 37.63
C LEU L 258 63.10 -45.35 36.89
N SER L 259 63.05 -45.41 35.56
CA SER L 259 62.30 -44.39 34.80
C SER L 259 60.80 -44.42 35.11
N VAL L 260 60.26 -45.61 35.35
CA VAL L 260 58.84 -45.73 35.63
C VAL L 260 58.52 -45.03 36.95
N GLY L 261 59.50 -45.05 37.88
CA GLY L 261 59.28 -44.53 39.22
C GLY L 261 59.69 -43.09 39.49
N LYS L 262 60.27 -42.43 38.49
CA LYS L 262 60.82 -41.08 38.66
C LYS L 262 59.77 -40.08 39.16
N GLY L 263 58.54 -40.28 38.71
CA GLY L 263 57.48 -39.33 38.96
C GLY L 263 56.81 -39.51 40.30
N SER L 264 57.24 -40.51 41.06
CA SER L 264 56.58 -40.78 42.35
C SER L 264 57.26 -40.11 43.56
N MET L 265 56.46 -39.72 44.54
CA MET L 265 56.97 -39.24 45.83
C MET L 265 57.56 -40.37 46.67
N TYR L 266 57.30 -41.61 46.27
CA TYR L 266 57.81 -42.81 46.96
C TYR L 266 58.99 -43.40 46.21
N PRO L 267 60.12 -43.59 46.89
CA PRO L 267 61.29 -44.16 46.22
C PRO L 267 61.06 -45.61 45.81
N ASN L 268 61.57 -45.99 44.64
CA ASN L 268 61.56 -47.40 44.23
C ASN L 268 62.17 -48.34 45.27
N LYS L 269 61.55 -49.49 45.43
CA LYS L 269 62.04 -50.53 46.31
C LYS L 269 61.97 -51.87 45.62
N PHE L 270 63.10 -52.56 45.56
CA PHE L 270 63.17 -53.86 44.93
C PHE L 270 63.20 -54.94 46.00
N ILE L 271 62.17 -55.77 46.02
CA ILE L 271 62.03 -56.83 47.02
C ILE L 271 62.71 -58.12 46.59
N HIS L 272 63.55 -58.69 47.46
CA HIS L 272 64.19 -59.99 47.18
C HIS L 272 64.16 -60.91 48.41
N LEU L 273 63.14 -61.74 48.49
CA LEU L 273 63.04 -62.76 49.54
C LEU L 273 63.63 -64.07 49.03
N THR L 274 64.03 -64.96 49.92
CA THR L 274 64.58 -66.22 49.46
C THR L 274 64.42 -67.38 50.46
N TYR L 275 64.06 -68.54 49.93
CA TYR L 275 63.88 -69.78 50.68
C TYR L 275 64.82 -70.84 50.13
N LYS L 276 65.53 -71.54 51.01
CA LYS L 276 66.24 -72.76 50.58
C LYS L 276 65.81 -73.89 51.48
N SER L 277 65.55 -75.05 50.88
CA SER L 277 65.22 -76.25 51.62
C SER L 277 66.41 -76.69 52.45
N LYS L 278 66.14 -77.26 53.63
CA LYS L 278 67.19 -77.95 54.38
C LYS L 278 67.79 -79.00 53.46
N GLY L 279 69.11 -79.17 53.54
CA GLY L 279 69.76 -80.17 52.73
C GLY L 279 69.84 -79.83 51.25
N ASP L 280 69.94 -80.86 50.42
CA ASP L 280 70.38 -80.71 49.05
C ASP L 280 69.36 -80.07 48.13
N VAL L 281 69.83 -79.13 47.31
CA VAL L 281 68.97 -78.40 46.40
C VAL L 281 69.08 -78.93 44.98
N LYS L 282 67.95 -79.28 44.39
CA LYS L 282 67.93 -79.81 43.05
C LYS L 282 67.46 -78.77 42.03
N LYS L 283 66.42 -78.02 42.37
CA LYS L 283 65.94 -76.94 41.51
C LYS L 283 66.08 -75.55 42.16
N LYS L 284 66.52 -74.58 41.35
CA LYS L 284 66.53 -73.19 41.76
C LYS L 284 65.51 -72.43 40.92
N ILE L 285 64.56 -71.78 41.58
CA ILE L 285 63.48 -71.10 40.89
C ILE L 285 63.44 -69.62 41.29
N ALA L 286 63.20 -68.74 40.33
CA ALA L 286 62.94 -67.34 40.66
C ALA L 286 61.50 -66.99 40.29
N LEU L 287 60.74 -66.49 41.26
CA LEU L 287 59.38 -66.04 40.99
C LEU L 287 59.33 -64.51 41.00
N VAL L 288 58.80 -63.95 39.92
CA VAL L 288 58.80 -62.51 39.74
C VAL L 288 57.40 -61.94 39.62
N GLY L 289 57.08 -60.95 40.44
CA GLY L 289 55.77 -60.32 40.36
C GLY L 289 55.80 -58.88 39.93
N LYS L 290 54.86 -58.50 39.07
CA LYS L 290 54.66 -57.08 38.79
C LYS L 290 54.24 -56.37 40.08
N GLY L 291 54.91 -55.27 40.41
CA GLY L 291 54.63 -54.58 41.64
C GLY L 291 54.35 -53.10 41.53
N ILE L 292 53.36 -52.73 40.70
CA ILE L 292 52.99 -51.32 40.57
C ILE L 292 51.91 -50.97 41.59
N THR L 293 52.24 -50.16 42.59
CA THR L 293 51.32 -49.96 43.71
C THR L 293 50.15 -49.06 43.32
N PHE L 294 50.37 -48.19 42.34
CA PHE L 294 49.29 -47.50 41.66
C PHE L 294 49.67 -47.17 40.22
N ASP L 295 48.81 -47.53 39.29
CA ASP L 295 49.10 -47.31 37.88
C ASP L 295 48.19 -46.23 37.31
N SER L 296 48.63 -44.98 37.40
CA SER L 296 47.86 -43.88 36.85
C SER L 296 47.95 -43.89 35.33
N GLY L 297 48.97 -44.57 34.81
CA GLY L 297 49.23 -44.60 33.39
C GLY L 297 50.28 -43.60 33.01
N GLY L 298 50.62 -42.71 33.94
CA GLY L 298 51.62 -41.69 33.71
C GLY L 298 51.09 -40.69 32.69
N TYR L 299 51.98 -40.06 31.94
CA TYR L 299 51.56 -39.03 30.99
C TYR L 299 50.60 -39.56 29.92
N ASN L 300 50.63 -40.86 29.65
CA ASN L 300 49.50 -41.51 28.93
C ASN L 300 48.41 -41.86 29.94
N LEU L 301 47.86 -40.82 30.56
CA LEU L 301 46.89 -40.97 31.62
C LEU L 301 45.71 -41.90 31.26
N LYS L 302 45.27 -42.70 32.23
CA LYS L 302 44.08 -43.52 32.07
C LYS L 302 42.83 -42.64 32.16
N ALA L 303 42.47 -42.03 31.03
CA ALA L 303 41.38 -41.06 30.99
C ALA L 303 40.24 -41.57 30.10
N ALA L 304 40.57 -42.55 29.27
CA ALA L 304 39.62 -43.14 28.33
C ALA L 304 38.54 -43.96 29.05
N PRO L 305 37.38 -44.15 28.40
CA PRO L 305 36.28 -44.91 29.01
C PRO L 305 36.67 -46.36 29.20
N GLY L 306 36.34 -46.92 30.37
CA GLY L 306 36.69 -48.29 30.67
C GLY L 306 38.13 -48.52 31.06
N SER L 307 38.85 -47.47 31.42
CA SER L 307 40.27 -47.67 31.71
C SER L 307 40.46 -48.04 33.17
N MET L 308 39.35 -48.09 33.90
CA MET L 308 39.29 -48.67 35.24
C MET L 308 40.33 -48.10 36.18
N ILE L 309 40.52 -46.79 36.16
CA ILE L 309 41.63 -46.21 36.90
C ILE L 309 41.43 -46.36 38.43
N ASP L 310 40.18 -46.40 38.90
CA ASP L 310 39.95 -46.52 40.34
C ASP L 310 40.24 -47.93 40.86
N LEU L 311 40.58 -48.86 39.97
CA LEU L 311 40.94 -50.21 40.39
C LEU L 311 42.46 -50.44 40.35
N MET L 312 43.22 -49.43 39.92
CA MET L 312 44.64 -49.61 39.62
C MET L 312 45.54 -49.75 40.87
N LYS L 313 44.92 -49.78 42.04
CA LYS L 313 45.58 -50.31 43.22
C LYS L 313 45.86 -51.81 43.07
N PHE L 314 45.22 -52.48 42.11
CA PHE L 314 45.38 -53.94 41.95
C PHE L 314 46.65 -54.26 41.15
N ASP L 315 47.34 -53.23 40.66
CA ASP L 315 48.42 -53.48 39.69
C ASP L 315 49.68 -54.03 40.35
N MET L 316 49.60 -54.35 41.65
CA MET L 316 50.65 -55.12 42.33
C MET L 316 50.16 -56.53 42.73
N SER L 317 49.09 -57.00 42.10
CA SER L 317 48.59 -58.37 42.33
C SER L 317 49.66 -59.45 42.08
N GLY L 318 50.57 -59.18 41.14
CA GLY L 318 51.60 -60.14 40.79
C GLY L 318 52.60 -60.27 41.91
N CYS L 319 53.04 -59.12 42.42
CA CYS L 319 53.87 -59.06 43.62
C CYS L 319 53.16 -59.71 44.83
N ALA L 320 51.86 -59.45 44.98
CA ALA L 320 51.12 -59.96 46.12
C ALA L 320 50.98 -61.47 46.03
N ALA L 321 50.85 -61.99 44.81
CA ALA L 321 50.76 -63.43 44.64
C ALA L 321 52.09 -64.09 45.01
N VAL L 322 53.19 -63.44 44.65
CA VAL L 322 54.51 -63.97 44.96
C VAL L 322 54.77 -63.95 46.48
N LEU L 323 54.45 -62.86 47.15
CA LEU L 323 54.59 -62.81 48.61
C LEU L 323 53.66 -63.83 49.33
N GLY L 324 52.43 -63.96 48.86
CA GLY L 324 51.54 -64.98 49.38
C GLY L 324 52.10 -66.38 49.12
N CYS L 325 52.95 -66.49 48.09
CA CYS L 325 53.55 -67.80 47.82
C CYS L 325 54.70 -68.00 48.80
N ALA L 326 55.44 -66.93 49.08
CA ALA L 326 56.47 -66.97 50.12
C ALA L 326 55.90 -67.51 51.41
N TYR L 327 54.73 -67.01 51.81
CA TYR L 327 54.08 -67.50 53.03
C TYR L 327 53.85 -69.00 52.96
N CYS L 328 53.22 -69.48 51.88
CA CYS L 328 52.88 -70.89 51.79
C CYS L 328 54.14 -71.76 51.76
N VAL L 329 55.14 -71.31 51.04
CA VAL L 329 56.39 -72.07 50.97
C VAL L 329 57.11 -72.02 52.32
N GLY L 330 57.13 -70.84 52.94
CA GLY L 330 57.78 -70.70 54.23
C GLY L 330 57.14 -71.53 55.33
N THR L 331 55.87 -71.89 55.15
CA THR L 331 55.14 -72.67 56.13
C THR L 331 55.20 -74.17 55.87
N LEU L 332 54.82 -74.61 54.67
CA LEU L 332 54.86 -76.03 54.33
C LEU L 332 56.29 -76.56 54.24
N LYS L 333 57.24 -75.68 53.96
CA LYS L 333 58.67 -76.00 53.87
C LYS L 333 59.01 -77.17 52.96
N PRO L 334 58.76 -77.03 51.66
CA PRO L 334 59.05 -78.09 50.69
C PRO L 334 60.53 -78.48 50.70
N GLU L 335 60.85 -79.65 50.13
CA GLU L 335 62.24 -80.11 50.06
C GLU L 335 62.87 -79.87 48.70
N ASN L 336 64.20 -79.87 48.69
CA ASN L 336 65.00 -79.87 47.47
C ASN L 336 64.82 -78.66 46.57
N VAL L 337 64.59 -77.49 47.17
CA VAL L 337 64.34 -76.34 46.35
C VAL L 337 64.86 -75.06 46.96
N GLU L 338 65.48 -74.23 46.14
CA GLU L 338 65.78 -72.86 46.50
C GLU L 338 64.96 -71.93 45.59
N ILE L 339 64.23 -71.02 46.23
CA ILE L 339 63.29 -70.13 45.57
C ILE L 339 63.59 -68.66 45.86
N HIS L 340 63.59 -67.84 44.82
CA HIS L 340 63.76 -66.41 44.97
C HIS L 340 62.46 -65.67 44.66
N PHE L 341 61.96 -64.94 45.66
CA PHE L 341 60.74 -64.15 45.51
C PHE L 341 61.10 -62.70 45.18
N LEU L 342 60.77 -62.26 43.96
CA LEU L 342 61.27 -60.96 43.47
C LEU L 342 60.16 -60.03 43.01
N SER L 343 60.34 -58.74 43.25
CA SER L 343 59.39 -57.75 42.76
C SER L 343 59.99 -56.35 42.74
N ALA L 344 60.07 -55.77 41.54
CA ALA L 344 60.49 -54.39 41.40
C ALA L 344 59.30 -53.54 41.72
N VAL L 345 59.25 -52.97 42.92
CA VAL L 345 58.05 -52.24 43.30
C VAL L 345 58.24 -50.76 43.07
N CYS L 346 57.22 -50.14 42.48
CA CYS L 346 57.18 -48.69 42.33
C CYS L 346 55.77 -48.23 41.98
N GLU L 347 55.64 -46.94 41.67
CA GLU L 347 54.36 -46.30 41.44
C GLU L 347 54.43 -45.48 40.15
N ASN L 348 53.37 -45.51 39.33
CA ASN L 348 53.39 -44.86 38.00
C ASN L 348 52.60 -43.57 37.96
N MET L 349 53.28 -42.42 38.13
CA MET L 349 52.59 -41.18 38.44
C MET L 349 52.84 -40.05 37.46
N VAL L 350 52.05 -39.00 37.61
CA VAL L 350 52.12 -37.85 36.72
C VAL L 350 52.70 -36.68 37.48
N SER L 351 53.78 -36.13 36.96
CA SER L 351 54.58 -35.21 37.74
C SER L 351 55.55 -34.48 36.83
N LYS L 352 56.18 -33.42 37.33
CA LYS L 352 57.23 -32.74 36.59
C LYS L 352 58.42 -33.67 36.45
N ASN L 353 58.51 -34.69 37.30
CA ASN L 353 59.67 -35.59 37.27
C ASN L 353 59.44 -36.92 36.51
N SER L 354 58.26 -37.10 35.93
CA SER L 354 57.90 -38.38 35.31
C SER L 354 58.63 -38.62 33.99
N TYR L 355 58.73 -39.88 33.57
CA TYR L 355 59.24 -40.20 32.24
C TYR L 355 58.12 -39.86 31.24
N ARG L 356 58.53 -39.56 30.00
CA ARG L 356 57.62 -39.08 28.96
C ARG L 356 57.50 -40.09 27.85
N PRO L 357 56.36 -40.09 27.14
CA PRO L 357 56.26 -40.83 25.87
C PRO L 357 57.39 -40.37 24.94
N GLY L 358 58.10 -41.30 24.32
CA GLY L 358 59.22 -40.94 23.49
C GLY L 358 60.58 -41.03 24.14
N ASP L 359 60.64 -41.01 25.47
CA ASP L 359 61.94 -41.15 26.16
C ASP L 359 62.64 -42.44 25.74
N ILE L 360 63.97 -42.38 25.64
CA ILE L 360 64.75 -43.57 25.36
C ILE L 360 65.58 -43.91 26.60
N ILE L 361 65.35 -45.09 27.12
CA ILE L 361 65.92 -45.48 28.40
C ILE L 361 66.75 -46.75 28.24
N THR L 362 67.66 -46.98 29.17
CA THR L 362 68.56 -48.11 29.05
C THR L 362 68.32 -49.11 30.17
N ALA L 363 68.02 -50.35 29.80
CA ALA L 363 67.84 -51.45 30.75
C ALA L 363 69.20 -51.85 31.34
N SER L 364 69.16 -52.66 32.40
CA SER L 364 70.39 -53.05 33.08
C SER L 364 71.27 -53.96 32.21
N ASN L 365 70.70 -54.67 31.25
CA ASN L 365 71.55 -55.48 30.36
C ASN L 365 72.06 -54.72 29.13
N GLY L 366 71.93 -53.40 29.12
CA GLY L 366 72.47 -52.59 28.04
C GLY L 366 71.51 -52.20 26.93
N LYS L 367 70.39 -52.91 26.79
CA LYS L 367 69.45 -52.61 25.71
C LYS L 367 68.75 -51.28 25.93
N THR L 368 68.76 -50.44 24.89
CA THR L 368 68.00 -49.20 24.91
C THR L 368 66.55 -49.45 24.45
N ILE L 369 65.63 -48.75 25.08
CA ILE L 369 64.23 -48.92 24.88
C ILE L 369 63.59 -47.57 24.54
N GLU L 370 62.83 -47.53 23.44
CA GLU L 370 62.02 -46.36 23.15
C GLU L 370 60.63 -46.52 23.76
N VAL L 371 60.27 -45.60 24.64
CA VAL L 371 58.98 -45.61 25.30
C VAL L 371 57.92 -45.04 24.38
N GLY L 372 56.98 -45.88 23.96
CA GLY L 372 55.93 -45.38 23.10
C GLY L 372 54.72 -45.00 23.90
N ASN L 373 54.63 -45.51 25.14
CA ASN L 373 53.45 -45.32 25.97
C ASN L 373 53.76 -45.53 27.46
N THR L 374 53.58 -44.48 28.27
CA THR L 374 53.99 -44.55 29.68
C THR L 374 53.13 -45.51 30.49
N ASP L 375 51.99 -45.91 29.92
CA ASP L 375 51.05 -46.79 30.61
C ASP L 375 51.41 -48.25 30.32
N ALA L 376 52.38 -48.48 29.44
CA ALA L 376 52.85 -49.85 29.24
C ALA L 376 54.03 -50.12 30.17
N GLU L 377 53.85 -49.78 31.45
CA GLU L 377 54.98 -49.63 32.37
C GLU L 377 55.41 -50.93 33.03
N GLY L 378 54.51 -51.90 33.10
CA GLY L 378 54.78 -53.15 33.79
C GLY L 378 55.93 -53.89 33.15
N ARG L 379 55.97 -53.89 31.82
CA ARG L 379 57.00 -54.64 31.10
C ARG L 379 58.36 -53.99 31.25
N LEU L 380 58.38 -52.71 31.58
CA LEU L 380 59.64 -52.01 31.79
C LEU L 380 60.23 -52.44 33.12
N THR L 381 59.38 -52.51 34.15
CA THR L 381 59.88 -52.89 35.47
C THR L 381 60.25 -54.38 35.46
N LEU L 382 59.49 -55.18 34.72
CA LEU L 382 59.74 -56.63 34.64
C LEU L 382 61.03 -56.96 33.92
N ALA L 383 61.36 -56.16 32.90
CA ALA L 383 62.57 -56.35 32.10
C ALA L 383 63.83 -56.23 32.95
N ASP L 384 63.85 -55.28 33.89
CA ASP L 384 65.01 -55.13 34.75
C ASP L 384 65.04 -56.22 35.82
N ALA L 385 63.85 -56.67 36.21
CA ALA L 385 63.76 -57.73 37.21
C ALA L 385 64.13 -59.06 36.58
N LEU L 386 63.87 -59.22 35.28
CA LEU L 386 64.20 -60.46 34.59
C LEU L 386 65.71 -60.58 34.36
N VAL L 387 66.36 -59.46 34.09
CA VAL L 387 67.83 -59.41 34.03
C VAL L 387 68.44 -59.76 35.40
N TYR L 388 67.90 -59.15 36.45
CA TYR L 388 68.29 -59.47 37.81
C TYR L 388 68.10 -60.95 38.14
N ALA L 389 66.97 -61.50 37.73
CA ALA L 389 66.66 -62.87 38.11
C ALA L 389 67.60 -63.84 37.42
N GLU L 390 67.92 -63.60 36.16
CA GLU L 390 68.81 -64.53 35.47
C GLU L 390 70.25 -64.50 36.01
N LYS L 391 70.68 -63.36 36.54
CA LYS L 391 71.98 -63.28 37.19
C LYS L 391 72.10 -64.15 38.45
N LEU L 392 70.97 -64.57 39.02
CA LEU L 392 70.97 -65.45 40.20
C LEU L 392 71.28 -66.91 39.88
N GLY L 393 71.29 -67.26 38.59
CA GLY L 393 71.60 -68.61 38.16
C GLY L 393 70.55 -69.65 38.54
N VAL L 394 69.29 -69.37 38.22
CA VAL L 394 68.21 -70.31 38.49
C VAL L 394 67.98 -71.25 37.31
N ASP L 395 67.12 -72.24 37.52
CA ASP L 395 66.73 -73.18 36.45
C ASP L 395 65.43 -72.74 35.76
N TYR L 396 64.54 -72.13 36.54
CA TYR L 396 63.32 -71.59 35.99
C TYR L 396 63.06 -70.18 36.50
N ILE L 397 62.61 -69.32 35.60
CA ILE L 397 62.06 -68.02 35.97
C ILE L 397 60.59 -67.97 35.59
N VAL L 398 59.74 -67.64 36.55
CA VAL L 398 58.34 -67.47 36.29
C VAL L 398 57.94 -66.09 36.73
N ASP L 399 57.33 -65.31 35.83
CA ASP L 399 56.80 -64.03 36.26
C ASP L 399 55.30 -64.09 36.21
N ILE L 400 54.66 -63.31 37.08
CA ILE L 400 53.22 -63.25 37.15
C ILE L 400 52.86 -61.76 37.25
N ALA L 401 51.89 -61.33 36.44
CA ALA L 401 51.70 -59.89 36.23
C ALA L 401 50.30 -59.55 35.71
N THR L 402 49.74 -58.47 36.23
CA THR L 402 48.56 -57.85 35.64
C THR L 402 49.06 -56.95 34.50
N LEU L 403 49.51 -57.58 33.43
CA LEU L 403 50.27 -56.90 32.39
C LEU L 403 49.44 -56.24 31.27
N THR L 404 48.44 -56.94 30.73
CA THR L 404 47.65 -56.39 29.63
C THR L 404 46.13 -56.56 29.78
N GLY L 405 45.42 -55.47 29.57
CA GLY L 405 43.96 -55.48 29.61
C GLY L 405 43.36 -56.32 28.50
N ALA L 406 44.17 -56.61 27.47
CA ALA L 406 43.70 -57.43 26.37
C ALA L 406 43.27 -58.85 26.81
N MET L 407 43.82 -59.33 27.91
CA MET L 407 43.39 -60.62 28.46
C MET L 407 41.88 -60.65 28.69
N LEU L 408 41.32 -59.50 29.04
CA LEU L 408 39.89 -59.39 29.22
C LEU L 408 39.15 -59.74 27.93
N TYR L 409 39.82 -59.60 26.79
CA TYR L 409 39.19 -59.89 25.52
C TYR L 409 39.61 -61.22 24.94
N SER L 410 40.65 -61.84 25.51
CA SER L 410 41.07 -63.16 25.02
C SER L 410 40.50 -64.31 25.88
N LEU L 411 40.93 -64.43 27.13
CA LEU L 411 40.50 -65.55 27.96
C LEU L 411 39.38 -65.15 28.91
N GLY L 412 39.28 -63.83 29.15
CA GLY L 412 38.26 -63.28 30.01
C GLY L 412 38.67 -63.23 31.47
N THR L 413 37.68 -63.39 32.35
CA THR L 413 37.91 -63.17 33.76
C THR L 413 38.15 -64.45 34.54
N SER L 414 38.07 -65.61 33.90
CA SER L 414 38.25 -66.85 34.63
C SER L 414 39.62 -67.52 34.47
N TYR L 415 40.16 -67.53 33.25
CA TYR L 415 41.43 -68.20 32.95
C TYR L 415 42.55 -67.21 32.76
N ALA L 416 43.70 -67.45 33.40
CA ALA L 416 44.89 -66.64 33.11
C ALA L 416 45.59 -67.19 31.89
N GLY L 417 46.48 -66.40 31.32
CA GLY L 417 47.25 -66.85 30.18
C GLY L 417 48.69 -67.10 30.55
N VAL L 418 49.27 -68.18 30.05
CA VAL L 418 50.68 -68.40 30.26
C VAL L 418 51.42 -68.45 28.91
N PHE L 419 52.56 -67.77 28.88
CA PHE L 419 53.44 -67.70 27.72
C PHE L 419 54.81 -68.14 28.19
N GLY L 420 55.68 -68.57 27.28
CA GLY L 420 57.00 -68.99 27.72
C GLY L 420 57.93 -69.38 26.60
N ASN L 421 59.21 -69.54 26.91
CA ASN L 421 60.21 -69.94 25.93
C ASN L 421 60.57 -71.43 26.02
N ASN L 422 59.88 -72.16 26.88
CA ASN L 422 60.28 -73.54 27.20
C ASN L 422 59.07 -74.45 27.42
N GLU L 423 58.90 -75.44 26.55
CA GLU L 423 57.72 -76.28 26.60
C GLU L 423 57.59 -77.08 27.90
N GLU L 424 58.70 -77.60 28.43
CA GLU L 424 58.63 -78.37 29.66
C GLU L 424 58.14 -77.50 30.82
N LEU L 425 58.62 -76.27 30.89
CA LEU L 425 58.22 -75.37 31.96
C LEU L 425 56.73 -75.04 31.87
N ILE L 426 56.26 -74.79 30.65
CA ILE L 426 54.84 -74.51 30.40
C ILE L 426 53.98 -75.66 30.89
N ASN L 427 54.37 -76.88 30.50
CA ASN L 427 53.64 -78.05 30.89
C ASN L 427 53.57 -78.21 32.40
N LYS L 428 54.66 -77.93 33.09
CA LYS L 428 54.67 -77.98 34.55
C LYS L 428 53.67 -76.99 35.16
N ILE L 429 53.52 -75.82 34.54
CA ILE L 429 52.59 -74.81 35.05
C ILE L 429 51.14 -75.18 34.79
N LEU L 430 50.88 -75.79 33.63
CA LEU L 430 49.53 -76.27 33.32
C LEU L 430 49.16 -77.43 34.26
N GLN L 431 50.12 -78.28 34.59
CA GLN L 431 49.89 -79.35 35.56
C GLN L 431 49.63 -78.77 36.95
N SER L 432 50.37 -77.72 37.29
CA SER L 432 50.16 -77.02 38.56
C SER L 432 48.79 -76.38 38.59
N SER L 433 48.33 -76.00 37.40
CA SER L 433 47.04 -75.36 37.27
C SER L 433 45.93 -76.36 37.58
N LYS L 434 46.13 -77.61 37.17
CA LYS L 434 45.11 -78.65 37.40
C LYS L 434 45.03 -78.94 38.89
N THR L 435 46.15 -79.13 39.55
CA THR L 435 46.09 -79.54 40.95
C THR L 435 45.75 -78.38 41.90
N SER L 436 46.03 -77.13 41.52
CA SER L 436 45.66 -75.99 42.38
C SER L 436 44.23 -75.53 42.12
N ASN L 437 43.64 -76.01 41.02
CA ASN L 437 42.37 -75.50 40.51
C ASN L 437 42.31 -73.97 40.33
N GLU L 438 43.44 -73.38 39.95
CA GLU L 438 43.45 -72.00 39.43
C GLU L 438 43.69 -72.07 37.90
N PRO L 439 42.67 -71.78 37.10
CA PRO L 439 42.76 -72.13 35.66
C PRO L 439 43.69 -71.23 34.82
N VAL L 440 44.55 -71.89 34.05
CA VAL L 440 45.53 -71.26 33.19
C VAL L 440 45.42 -71.86 31.79
N TRP L 441 45.65 -71.04 30.76
CA TRP L 441 45.62 -71.53 29.38
C TRP L 441 46.86 -71.07 28.64
N TRP L 442 47.49 -71.99 27.94
CA TRP L 442 48.68 -71.72 27.18
C TRP L 442 48.37 -70.92 25.89
N LEU L 443 49.03 -69.79 25.75
CA LEU L 443 48.89 -68.92 24.57
C LEU L 443 50.25 -68.79 23.85
N PRO L 444 50.24 -68.56 22.53
CA PRO L 444 51.53 -68.59 21.84
C PRO L 444 52.29 -67.28 21.89
N ILE L 445 53.62 -67.37 21.89
CA ILE L 445 54.48 -66.24 21.62
C ILE L 445 54.81 -66.29 20.13
N ILE L 446 54.18 -65.40 19.36
CA ILE L 446 54.23 -65.45 17.90
C ILE L 446 55.35 -64.55 17.35
N ASN L 447 56.42 -65.18 16.88
CA ASN L 447 57.62 -64.46 16.50
C ASN L 447 57.47 -63.57 15.26
N GLU L 448 56.42 -63.76 14.47
CA GLU L 448 56.24 -62.88 13.32
C GLU L 448 55.93 -61.46 13.76
N TYR L 449 55.54 -61.29 15.02
CA TYR L 449 55.22 -59.95 15.52
C TYR L 449 56.45 -59.22 16.06
N ARG L 450 57.55 -59.95 16.23
CA ARG L 450 58.78 -59.40 16.80
C ARG L 450 59.22 -58.13 16.06
N ALA L 451 59.07 -58.16 14.74
CA ALA L 451 59.55 -57.07 13.88
C ALA L 451 58.89 -55.74 14.20
N THR L 452 57.66 -55.78 14.70
CA THR L 452 56.96 -54.56 15.03
C THR L 452 57.55 -53.89 16.29
N LEU L 453 58.45 -54.59 16.99
CA LEU L 453 59.14 -53.99 18.15
C LEU L 453 60.46 -53.32 17.74
N ASN L 454 60.82 -53.41 16.46
CA ASN L 454 62.04 -52.75 15.96
C ASN L 454 61.87 -51.25 16.02
N SER L 455 62.83 -50.59 16.64
CA SER L 455 62.77 -49.15 16.82
C SER L 455 63.68 -48.48 15.78
N LYS L 456 63.32 -47.27 15.38
CA LYS L 456 64.13 -46.54 14.43
C LYS L 456 65.39 -46.02 15.13
N TYR L 457 65.24 -45.61 16.38
CA TYR L 457 66.32 -44.94 17.11
C TYR L 457 66.95 -45.79 18.23
N ALA L 458 66.15 -46.56 18.95
CA ALA L 458 66.67 -47.38 20.03
C ALA L 458 66.83 -48.85 19.60
N ASP L 459 67.38 -49.64 20.52
CA ASP L 459 67.56 -51.07 20.29
C ASP L 459 66.22 -51.72 20.06
N ILE L 460 65.21 -51.26 20.81
CA ILE L 460 63.88 -51.89 20.75
C ILE L 460 62.74 -50.96 21.18
N ASN L 461 61.58 -51.13 20.56
CA ASN L 461 60.34 -50.53 21.02
C ASN L 461 59.70 -51.21 22.24
N GLN L 462 59.26 -50.39 23.19
CA GLN L 462 58.43 -50.84 24.30
C GLN L 462 57.12 -51.48 23.82
N ILE L 463 56.41 -50.79 22.92
CA ILE L 463 55.13 -51.22 22.39
C ILE L 463 55.13 -51.32 20.88
N SER L 464 54.14 -52.03 20.35
CA SER L 464 53.91 -52.12 18.92
C SER L 464 53.07 -50.93 18.46
N SER L 465 53.37 -50.38 17.29
CA SER L 465 52.50 -49.39 16.68
C SER L 465 51.80 -50.02 15.48
N SER L 466 50.81 -50.88 15.77
CA SER L 466 50.14 -51.73 14.79
C SER L 466 49.38 -52.84 15.51
N VAL L 467 50.05 -53.98 15.67
CA VAL L 467 49.58 -55.12 16.48
C VAL L 467 49.04 -54.64 17.84
N LYS L 468 47.76 -54.76 18.20
CA LYS L 468 46.75 -55.82 17.96
C LYS L 468 46.91 -56.79 19.14
N ALA L 469 47.60 -57.90 18.91
CA ALA L 469 47.78 -58.94 19.93
C ALA L 469 48.72 -58.47 21.04
N SER L 470 48.20 -57.54 21.82
CA SER L 470 48.91 -56.83 22.88
C SER L 470 49.56 -57.73 23.96
N SER L 471 48.85 -58.77 24.40
CA SER L 471 49.42 -59.71 25.37
C SER L 471 50.59 -60.48 24.76
N ILE L 472 50.49 -60.80 23.48
CA ILE L 472 51.55 -61.52 22.79
C ILE L 472 52.75 -60.61 22.60
N VAL L 473 52.50 -59.38 22.18
CA VAL L 473 53.61 -58.45 21.95
C VAL L 473 54.40 -58.18 23.24
N ALA L 474 53.68 -58.06 24.35
CA ALA L 474 54.30 -57.87 25.65
C ALA L 474 55.21 -59.04 25.99
N SER L 475 54.76 -60.25 25.73
CA SER L 475 55.56 -61.43 25.99
C SER L 475 56.82 -61.43 25.13
N LEU L 476 56.70 -60.99 23.88
CA LEU L 476 57.87 -60.86 22.99
C LEU L 476 58.89 -59.89 23.61
N PHE L 477 58.40 -58.76 24.09
CA PHE L 477 59.27 -57.78 24.70
C PHE L 477 60.06 -58.38 25.87
N LEU L 478 59.36 -59.07 26.77
CA LEU L 478 60.02 -59.65 27.95
C LEU L 478 61.00 -60.75 27.57
N LYS L 479 60.67 -61.49 26.50
CA LYS L 479 61.49 -62.61 26.08
C LYS L 479 62.88 -62.10 25.71
N GLU L 480 62.96 -60.86 25.23
CA GLU L 480 64.24 -60.24 24.92
C GLU L 480 65.17 -60.05 26.13
N PHE L 481 64.63 -60.13 27.35
CA PHE L 481 65.42 -59.86 28.55
C PHE L 481 65.76 -61.12 29.34
N VAL L 482 65.50 -62.27 28.73
CA VAL L 482 65.91 -63.58 29.25
C VAL L 482 66.72 -64.30 28.16
N GLN L 483 68.01 -64.45 28.40
CA GLN L 483 68.93 -64.83 27.33
C GLN L 483 69.13 -66.34 27.21
N ASN L 484 68.99 -67.07 28.32
CA ASN L 484 69.45 -68.44 28.40
C ASN L 484 68.87 -69.24 29.56
N THR L 485 67.59 -69.05 29.84
CA THR L 485 66.97 -69.71 30.99
C THR L 485 65.51 -70.03 30.68
N ALA L 486 65.03 -71.19 31.09
CA ALA L 486 63.63 -71.53 30.90
C ALA L 486 62.81 -70.49 31.63
N TRP L 487 61.83 -69.94 30.93
CA TRP L 487 61.06 -68.81 31.45
C TRP L 487 59.59 -68.81 31.01
N ALA L 488 58.72 -68.48 31.95
CA ALA L 488 57.29 -68.46 31.67
C ALA L 488 56.70 -67.20 32.27
N HIS L 489 55.59 -66.78 31.69
CA HIS L 489 54.97 -65.51 31.99
C HIS L 489 53.47 -65.71 32.13
N ILE L 490 52.95 -65.45 33.32
CA ILE L 490 51.53 -65.63 33.56
C ILE L 490 50.86 -64.27 33.62
N ASP L 491 49.95 -64.00 32.67
CA ASP L 491 49.23 -62.74 32.60
C ASP L 491 47.90 -62.87 33.35
N ILE L 492 47.76 -62.11 34.43
CA ILE L 492 46.60 -62.26 35.32
C ILE L 492 45.77 -61.00 35.38
N ALA L 493 45.91 -60.14 34.37
CA ALA L 493 45.17 -58.88 34.36
C ALA L 493 43.65 -59.13 34.31
N GLY L 494 43.25 -60.19 33.64
CA GLY L 494 41.83 -60.52 33.57
C GLY L 494 41.24 -61.15 34.84
N VAL L 495 42.01 -62.01 35.50
CA VAL L 495 41.46 -62.89 36.51
C VAL L 495 41.71 -62.44 37.94
N SER L 496 42.53 -61.40 38.11
CA SER L 496 43.00 -61.02 39.42
C SER L 496 41.94 -60.38 40.30
N TRP L 497 41.17 -59.45 39.74
CA TRP L 497 40.11 -58.80 40.48
C TRP L 497 38.74 -59.42 40.15
N ASN L 498 38.00 -59.83 41.17
CA ASN L 498 36.62 -60.30 41.04
C ASN L 498 35.66 -59.10 40.92
N PHE L 499 35.21 -58.80 39.71
CA PHE L 499 34.40 -57.62 39.47
C PHE L 499 33.00 -57.72 40.06
N LYS L 500 32.40 -58.90 40.04
CA LYS L 500 31.08 -59.08 40.63
C LYS L 500 31.12 -58.88 42.14
N ALA L 501 32.15 -59.40 42.79
CA ALA L 501 32.23 -59.40 44.26
C ALA L 501 32.99 -58.20 44.85
N ARG L 502 33.64 -57.41 44.00
CA ARG L 502 34.31 -56.17 44.39
C ARG L 502 35.46 -56.43 45.36
N LYS L 503 36.22 -57.48 45.10
CA LYS L 503 37.35 -57.84 45.96
C LYS L 503 38.41 -58.61 45.15
N PRO L 504 39.64 -58.69 45.68
CA PRO L 504 40.66 -59.51 45.01
C PRO L 504 40.33 -61.00 45.05
N LYS L 505 40.93 -61.76 44.15
CA LYS L 505 40.89 -63.21 44.24
C LYS L 505 42.16 -63.75 44.86
N GLY L 506 43.17 -62.88 45.01
CA GLY L 506 44.51 -63.31 45.38
C GLY L 506 44.99 -64.42 44.45
N PHE L 507 44.64 -64.29 43.17
CA PHE L 507 44.90 -65.33 42.18
C PHE L 507 46.39 -65.58 42.01
N GLY L 508 46.79 -66.85 41.99
CA GLY L 508 48.15 -67.19 41.67
C GLY L 508 48.97 -67.72 42.83
N VAL L 509 48.55 -67.42 44.07
CA VAL L 509 49.25 -67.93 45.25
C VAL L 509 49.30 -69.46 45.23
N ARG L 510 48.15 -70.08 45.05
CA ARG L 510 48.08 -71.54 45.07
C ARG L 510 48.70 -72.18 43.82
N LEU L 511 48.54 -71.51 42.68
CA LEU L 511 49.17 -71.92 41.44
C LEU L 511 50.71 -71.99 41.58
N LEU L 512 51.30 -70.91 42.09
CA LEU L 512 52.76 -70.89 42.22
C LEU L 512 53.27 -71.87 43.27
N THR L 513 52.46 -72.11 44.31
CA THR L 513 52.89 -72.99 45.38
C THR L 513 52.84 -74.48 44.97
N GLU L 514 51.76 -74.88 44.30
CA GLU L 514 51.74 -76.22 43.72
C GLU L 514 52.90 -76.40 42.76
N PHE L 515 53.28 -75.31 42.08
CA PHE L 515 54.38 -75.38 41.14
C PHE L 515 55.71 -75.70 41.84
N VAL L 516 55.99 -75.08 42.98
CA VAL L 516 57.25 -75.41 43.67
C VAL L 516 57.10 -76.75 44.39
N LEU L 517 55.94 -76.99 45.00
CA LEU L 517 55.74 -78.24 45.72
C LEU L 517 55.82 -79.46 44.79
N ASN L 518 55.10 -79.42 43.67
CA ASN L 518 55.07 -80.56 42.75
C ASN L 518 56.42 -80.80 42.07
N ASP L 519 57.22 -79.76 41.90
CA ASP L 519 58.59 -79.89 41.39
C ASP L 519 59.57 -80.26 42.52
C CO3 M . -39.92 19.38 -27.91
O1 CO3 M . -39.21 19.94 -26.97
O2 CO3 M . -39.72 19.71 -29.18
O3 CO3 M . -40.81 18.49 -27.53
ZN ZN N . -38.70 21.46 -32.50
ZN ZN O . -40.15 23.99 -30.71
N12 4ZN P . -36.97 22.67 -32.35
C13 4ZN P . -35.09 23.16 -30.87
C15 4ZN P . -33.84 25.11 -30.22
C17 4ZN P . -32.71 23.19 -31.09
C06 4ZN P . -37.00 23.85 -27.40
C07 4ZN P . -37.10 22.55 -28.18
P08 4ZN P . -37.70 22.86 -29.84
O09 4ZN P . -38.20 24.36 -29.99
O10 4ZN P . -38.84 21.98 -30.12
C11 4ZN P . -36.41 22.43 -31.05
C14 4ZN P . -35.06 24.46 -30.36
C16 4ZN P . -32.67 24.48 -30.59
C18 4ZN P . -33.91 22.54 -31.24
C19 4ZN P . -35.60 23.95 -26.89
O20 4ZN P . -34.96 25.02 -26.98
O21 4ZN P . -35.07 22.91 -26.40
C12 1PE Q . -25.88 6.01 -59.44
C22 1PE Q . -25.54 6.93 -58.27
OH3 1PE Q . -26.66 7.72 -57.85
C13 1PE Q . -28.47 7.98 -56.25
C23 1PE Q . -26.96 7.67 -56.47
OH4 1PE Q . -29.14 6.85 -55.67
C14 1PE Q . -31.12 5.38 -55.62
C24 1PE Q . -30.55 6.74 -56.05
OH5 1PE Q . -31.28 4.57 -56.75
C22 1PE R . -38.65 7.06 -59.86
OH3 1PE R . -39.00 8.33 -59.28
C13 1PE R . -38.40 10.68 -59.82
C23 1PE R . -39.22 9.39 -60.19
OH4 1PE R . -37.26 10.83 -60.66
C14 1PE R . -34.99 11.74 -61.03
C24 1PE R . -36.31 11.86 -60.24
OH5 1PE R . -34.22 10.67 -60.51
C15 1PE R . -32.37 9.14 -60.98
C25 1PE R . -32.86 10.60 -60.94
OH6 1PE R . -32.80 8.40 -59.83
C26 1PE R . -32.63 6.99 -59.92
C1 GOL S . -39.29 -2.97 -22.15
O1 GOL S . -38.45 -1.95 -21.68
C2 GOL S . -38.52 -4.29 -22.15
O2 GOL S . -37.65 -4.30 -23.25
C3 GOL S . -39.46 -5.49 -22.21
O3 GOL S . -39.24 -6.23 -23.39
S SO4 T . -29.89 14.07 -60.84
O1 SO4 T . -29.69 13.24 -62.04
O2 SO4 T . -28.70 13.98 -59.99
O3 SO4 T . -31.07 13.57 -60.13
O4 SO4 T . -30.08 15.47 -61.19
S SO4 U . -30.99 34.96 -32.77
O1 SO4 U . -30.60 35.95 -31.76
O2 SO4 U . -30.14 33.76 -32.68
O3 SO4 U . -32.38 34.57 -32.56
O4 SO4 U . -30.83 35.55 -34.11
S SO4 V . -3.80 17.72 -63.96
O1 SO4 V . -4.56 17.76 -62.69
O2 SO4 V . -2.44 17.22 -63.72
O3 SO4 V . -4.54 16.86 -64.90
O4 SO4 V . -3.66 19.08 -64.49
S SO4 W . -24.58 28.01 -31.00
O1 SO4 W . -23.95 28.06 -29.67
O2 SO4 W . -24.42 26.65 -31.52
O3 SO4 W . -26.01 28.34 -30.91
O4 SO4 W . -23.90 28.92 -31.92
S SO4 X . -39.61 20.54 -20.32
O1 SO4 X . -39.35 20.26 -18.91
O2 SO4 X . -38.49 20.15 -21.18
O3 SO4 X . -40.73 19.72 -20.81
O4 SO4 X . -39.91 21.98 -20.43
C CO3 Y . -57.40 44.93 -20.92
O1 CO3 Y . -57.48 43.64 -21.20
O2 CO3 Y . -58.28 45.78 -21.33
O3 CO3 Y . -56.41 45.38 -20.22
ZN ZN Z . -57.21 39.82 -21.09
ZN ZN AA . -54.60 40.88 -22.93
N12 4ZN BA . -55.72 39.12 -19.73
C13 4ZN BA . -54.13 39.71 -17.96
C15 4ZN BA . -51.87 39.23 -17.25
C17 4ZN BA . -53.72 38.81 -15.76
C06 4ZN BA . -52.45 42.95 -20.32
C07 4ZN BA . -52.96 41.58 -20.85
P08 4ZN BA . -54.64 41.46 -20.20
O09 4ZN BA . -55.82 41.58 -21.23
O10 4ZN BA . -54.69 42.74 -19.45
C11 4ZN BA . -55.15 40.19 -18.98
C14 4ZN BA . -52.77 39.69 -18.22
C16 4ZN BA . -52.35 38.79 -16.03
C18 4ZN BA . -54.59 39.27 -16.73
C19 4ZN BA . -51.36 43.75 -21.04
O20 4ZN BA . -51.53 44.98 -21.32
O21 4ZN BA . -50.27 43.20 -21.34
C12 1PE CA . -82.50 21.65 -12.27
C22 1PE CA . -81.35 22.22 -13.11
OH3 1PE CA . -80.28 22.60 -12.25
C13 1PE CA . -77.90 22.43 -12.40
C23 1PE CA . -79.17 23.17 -12.90
OH4 1PE CA . -78.17 21.85 -11.13
C14 1PE CA . -77.24 20.42 -9.36
C24 1PE CA . -77.42 20.64 -10.86
OH5 1PE CA . -78.32 19.66 -8.83
C25 1PE CA . -77.98 18.34 -8.39
C12 1PE DA . -81.20 19.14 -15.13
C22 1PE DA . -80.03 18.70 -14.25
OH3 1PE DA . -78.82 18.56 -15.01
C13 1PE DA . -77.27 17.16 -16.28
C23 1PE DA . -78.74 17.43 -15.84
OH4 1PE DA . -77.16 16.67 -17.62
C14 1PE DA . -77.03 18.13 -19.58
C24 1PE DA . -77.95 17.35 -18.62
OH5 1PE DA . -77.59 18.25 -20.86
C25 1PE DA . -78.79 19.02 -20.95
S SO4 EA . -54.64 32.65 -40.70
O1 SO4 EA . -55.13 32.88 -39.35
O2 SO4 EA . -53.70 31.53 -40.66
O3 SO4 EA . -53.98 33.88 -41.19
O4 SO4 EA . -55.75 32.28 -41.58
C CO3 FA . -36.05 46.41 -44.23
O1 CO3 FA . -35.24 46.60 -43.22
O2 CO3 FA . -37.33 46.67 -44.16
O3 CO3 FA . -35.55 45.96 -45.35
ZN ZN GA . -40.48 48.04 -42.51
ZN ZN HA . -39.77 45.37 -40.73
N12 4ZN IA . -40.17 49.34 -40.70
C13 4ZN IA . -38.50 50.11 -39.15
C15 4ZN IA . -38.25 50.06 -36.76
C17 4ZN IA . -38.04 52.16 -37.93
C06 4ZN IA . -35.85 46.64 -39.42
C07 4ZN IA . -36.27 47.85 -40.21
P08 4ZN IA . -38.05 47.74 -40.51
O09 4ZN IA . -38.26 47.16 -41.83
O10 4ZN IA . -38.73 46.81 -39.43
C11 4ZN IA . -38.76 49.41 -40.47
C14 4ZN IA . -38.49 49.40 -37.96
C16 4ZN IA . -38.03 51.44 -36.74
C18 4ZN IA . -38.28 51.50 -39.13
C19 4ZN IA . -35.30 47.05 -38.07
O20 4ZN IA . -34.80 48.21 -37.89
O21 4ZN IA . -35.38 46.21 -37.13
C12 1PE JA . -61.80 60.77 -59.58
C22 1PE JA . -62.81 61.76 -59.02
OH3 1PE JA . -62.77 61.73 -57.58
C13 1PE JA . -63.55 60.90 -55.39
C23 1PE JA . -63.43 60.64 -56.93
OH4 1PE JA . -63.99 62.25 -55.10
C14 1PE JA . -63.73 64.33 -53.71
C24 1PE JA . -63.29 62.87 -53.97
OH5 1PE JA . -63.25 65.21 -54.70
C15 1PE JA . -61.93 67.17 -55.42
C25 1PE JA . -62.25 66.15 -54.30
OH6 1PE JA . -61.58 66.54 -56.65
C26 1PE JA . -61.82 67.32 -57.83
C12 1PE KA . -57.63 68.96 -58.87
C22 1PE KA . -56.79 67.89 -58.16
OH3 1PE KA . -57.12 67.80 -56.76
C13 1PE KA . -56.69 68.42 -54.42
C23 1PE KA . -56.48 68.74 -55.92
OH4 1PE KA . -56.65 69.61 -53.62
C14 1PE KA . -57.54 71.92 -53.72
C24 1PE KA . -57.86 70.41 -53.64
OH5 1PE KA . -58.55 72.62 -54.43
S SO4 LA . -63.38 66.98 -49.79
O1 SO4 LA . -64.03 65.68 -49.92
O2 SO4 LA . -62.00 66.86 -50.23
O3 SO4 LA . -63.40 67.43 -48.40
O4 SO4 LA . -64.07 67.97 -50.63
S SO4 MA . -42.39 49.64 -27.46
O1 SO4 MA . -42.26 49.98 -26.04
O2 SO4 MA . -41.47 48.52 -27.72
O3 SO4 MA . -43.75 49.22 -27.81
O4 SO4 MA . -42.00 50.80 -28.29
S SO4 NA . -37.98 57.06 -30.43
O1 SO4 NA . -38.19 55.76 -29.78
O2 SO4 NA . -36.60 57.56 -30.28
O3 SO4 NA . -38.25 56.87 -31.86
O4 SO4 NA . -38.89 58.08 -29.87
S SO4 OA . -15.31 50.74 -49.29
O1 SO4 OA . -15.44 49.61 -48.35
O2 SO4 OA . -14.75 50.22 -50.55
O3 SO4 OA . -16.62 51.38 -49.57
O4 SO4 OA . -14.39 51.74 -48.75
S SO4 PA . -28.99 43.85 -41.79
O1 SO4 PA . -29.58 42.93 -40.80
O2 SO4 PA . -27.53 43.81 -41.65
O3 SO4 PA . -29.36 43.45 -43.15
O4 SO4 PA . -29.52 45.22 -41.62
C CO3 QA . -18.84 58.83 -23.25
O1 CO3 QA . -17.91 57.99 -22.85
O2 CO3 QA . -18.74 60.12 -23.02
O3 CO3 QA . -19.88 58.38 -23.85
ZN ZN RA . -15.76 54.76 -22.56
ZN ZN SA . -18.44 54.20 -20.71
N12 4ZN TA . -16.70 53.03 -24.04
C13 4ZN TA . -18.14 52.41 -25.77
C15 4ZN TA . -19.51 50.51 -26.26
C17 4ZN TA . -17.73 51.11 -27.76
C02 4ZN TA . -23.18 55.03 -22.58
C03 4ZN TA . -23.32 53.88 -23.59
C04 4ZN TA . -23.51 52.57 -22.85
C05 4ZN TA . -22.17 53.66 -24.59
C06 4ZN TA . -21.38 54.80 -25.22
C07 4ZN TA . -20.25 55.33 -24.34
P08 4ZN TA . -18.88 54.33 -23.72
O09 4ZN TA . -18.03 55.30 -22.99
O10 4ZN TA . -19.25 53.29 -22.59
C11 4ZN TA . -17.71 53.57 -24.89
C14 4ZN TA . -19.18 51.57 -25.44
C16 4ZN TA . -18.79 50.27 -27.42
C18 4ZN TA . -17.41 52.17 -26.93
C19 4ZN TA . -22.23 56.01 -25.63
O20 4ZN TA . -22.81 56.04 -26.74
O21 4ZN TA . -22.36 56.99 -24.85
C12 1PE UA . 15.04 55.65 -22.45
C22 1PE UA . 14.13 55.09 -21.36
OH3 1PE UA . 14.47 53.73 -20.99
C13 1PE UA . 14.58 51.46 -21.95
C23 1PE UA . 13.70 52.70 -21.61
OH4 1PE UA . 14.03 50.71 -23.04
C14 1PE UA . 14.29 50.18 -25.44
C24 1PE UA . 14.99 50.28 -24.06
OH5 1PE UA . 15.17 50.26 -26.54
C25 1PE UA . 14.77 51.14 -27.60
C12 1PE VA . 14.95 54.83 -31.68
C22 1PE VA . 14.46 55.92 -30.71
OH3 1PE VA . 13.24 55.49 -30.07
C13 1PE VA . 11.80 53.55 -30.65
C23 1PE VA . 12.24 55.02 -30.96
OH4 1PE VA . 11.48 52.89 -31.87
C14 1PE VA . 12.32 51.29 -33.54
C24 1PE VA . 12.09 51.58 -32.04
OH5 1PE VA . 13.58 50.66 -33.73
C25 1PE VA . 14.61 51.53 -34.26
S SO4 WA . 12.96 45.68 -26.93
O1 SO4 WA . 12.49 44.85 -25.80
O2 SO4 WA . 13.37 44.78 -28.02
O3 SO4 WA . 11.85 46.51 -27.39
O4 SO4 WA . 14.05 46.57 -26.53
C CO3 XA . -37.02 48.90 0.62
O1 CO3 XA . -37.00 48.27 1.76
O2 CO3 XA . -36.33 50.00 0.45
O3 CO3 XA . -37.71 48.43 -0.36
ZN ZN YA . -34.65 52.84 -1.50
ZN ZN ZA . -33.37 50.10 -2.95
N12 4ZN AB . -35.78 53.18 -3.58
C13 4ZN AB . -37.44 52.57 -5.13
C15 4ZN AB . -37.57 52.15 -7.48
C17 4ZN AB . -38.84 53.97 -6.54
C02 4ZN AB . -38.23 45.52 -5.39
C03 4ZN AB . -36.83 45.94 -4.95
C04 4ZN AB . -36.63 45.61 -3.50
C05 4ZN AB . -36.39 47.37 -5.29
C06 4ZN AB . -37.25 48.64 -5.09
C07 4ZN AB . -37.36 49.24 -3.67
P08 4ZN AB . -36.22 50.63 -3.41
O09 4ZN AB . -34.96 50.42 -4.32
O10 4ZN AB . -35.79 50.67 -2.00
C11 4ZN AB . -36.89 52.29 -3.75
C14 4ZN AB . -37.05 51.84 -6.23
C16 4ZN AB . -38.46 53.21 -7.64
C18 4ZN AB . -38.32 53.64 -5.29
C19 4ZN AB . -38.62 48.62 -5.75
O20 4ZN AB . -39.62 49.03 -5.10
O21 4ZN AB . -38.76 48.23 -6.93
C12 1PE BB . -32.05 82.47 9.85
C22 1PE BB . -30.75 82.69 9.08
OH3 1PE BB . -30.73 81.99 7.82
C13 1PE BB . -28.66 81.26 6.65
C23 1PE BB . -29.68 82.41 6.94
OH4 1PE BB . -27.68 81.15 7.69
C14 1PE BB . -26.05 79.81 8.98
C24 1PE BB . -26.84 79.96 7.65
OH5 1PE BB . -26.67 78.89 9.87
C15 1PE BB . -27.36 78.50 12.21
C25 1PE BB . -26.24 78.94 11.23
OH6 1PE BB . -28.11 79.63 12.70
C12 1PE CB . -38.08 84.94 6.98
C22 1PE CB . -37.15 83.99 6.22
OH3 1PE CB . -37.29 82.65 6.73
C13 1PE CB . -36.66 80.29 6.57
C23 1PE CB . -36.94 81.63 5.83
OH4 1PE CB . -35.87 80.51 7.74
C14 1PE CB . -35.31 79.90 10.03
C24 1PE CB . -36.40 79.91 8.95
OH5 1PE CB . -35.68 80.79 11.06
C15 1PE CB . -36.18 83.02 11.91
C25 1PE CB . -35.89 82.16 10.65
OH6 1PE CB . -37.36 83.79 11.71
S SO4 DB . -13.90 49.83 -2.17
O1 SO4 DB . -12.92 50.38 -1.23
O2 SO4 DB . -13.95 48.36 -2.05
O3 SO4 DB . -15.23 50.35 -1.87
O4 SO4 DB . -13.53 50.21 -3.52
S SO4 EB . -29.89 82.76 2.45
O1 SO4 EB . -30.54 81.67 3.17
O2 SO4 EB . -28.69 82.21 1.80
O3 SO4 EB . -30.82 83.26 1.45
O4 SO4 EB . -29.53 83.84 3.39
S SO4 FB . -38.31 84.73 -12.88
O1 SO4 FB . -37.36 85.85 -12.84
O2 SO4 FB . -37.56 83.45 -12.78
O3 SO4 FB . -39.08 84.78 -14.13
O4 SO4 FB . -39.22 84.85 -11.73
C CO3 GB . -16.22 28.94 -12.77
O1 CO3 GB . -14.96 28.94 -13.10
O2 CO3 GB . -16.59 29.17 -11.54
O3 CO3 GB . -17.12 28.72 -13.68
ZN ZN HB . -18.77 30.30 -8.46
ZN ZN IB . -19.05 32.90 -10.54
N12 4ZN JB . -21.04 29.89 -8.80
C13 4ZN JB . -22.68 29.08 -10.29
C15 4ZN JB . -24.82 29.79 -11.14
C17 4ZN JB . -24.65 27.71 -9.95
C06 4ZN JB . -21.31 30.79 -13.79
C07 4ZN JB . -20.55 29.76 -12.97
P08 4ZN JB . -20.31 30.35 -11.29
O09 4ZN JB . -20.88 31.82 -11.14
O10 4ZN JB . -18.89 30.37 -10.91
C11 4ZN JB . -21.19 29.28 -10.08
C14 4ZN JB . -23.46 30.01 -10.97
C16 4ZN JB . -25.43 28.64 -10.63
C18 4ZN JB . -23.30 27.94 -9.79
C19 4ZN JB . -22.60 30.17 -14.27
O20 4ZN JB . -23.63 30.86 -14.46
O21 4ZN JB . -22.64 28.92 -14.45
OH4 1PE KB . -14.51 14.70 18.41
C14 1PE KB . -15.84 16.20 16.99
C24 1PE KB . -14.86 15.00 17.03
OH5 1PE KB . -16.98 15.83 16.25
C15 1PE KB . -19.31 15.20 16.48
C25 1PE KB . -18.25 16.28 16.76
OH6 1PE KB . -20.22 15.07 17.57
C16 1PE KB . -20.76 14.04 19.69
C26 1PE KB . -20.13 13.85 18.30
OH7 1PE KB . -19.78 13.97 20.71
S SO4 LB . -21.82 22.22 20.94
O1 SO4 LB . -22.17 21.55 22.21
O2 SO4 LB . -20.44 21.91 20.56
O3 SO4 LB . -22.72 21.73 19.91
O4 SO4 LB . -21.96 23.67 21.06
S SO4 MB . -38.99 18.46 16.95
O1 SO4 MB . -37.96 19.50 16.80
O2 SO4 MB . -38.35 17.16 17.21
O3 SO4 MB . -39.75 18.34 15.70
O4 SO4 MB . -39.91 18.80 18.05
C CO3 NB . 29.06 -62.69 15.40
O1 CO3 NB . 28.24 -63.61 15.85
O2 CO3 NB . 29.14 -62.43 14.11
O3 CO3 NB . 29.80 -62.02 16.24
ZN ZN OB . 30.10 -60.61 10.82
ZN ZN PB . 28.72 -58.23 12.59
N12 4ZN QB . 32.02 -59.46 11.07
C13 4ZN QB . 33.83 -58.94 12.56
C15 4ZN QB . 35.06 -56.94 13.03
C17 4ZN QB . 36.24 -58.92 12.40
C06 4ZN QB . 31.41 -58.27 16.11
C07 4ZN QB . 31.74 -59.47 15.25
P08 4ZN QB . 31.17 -59.27 13.56
O09 4ZN QB . 30.62 -57.82 13.29
O10 4ZN QB . 30.08 -60.21 13.24
C11 4ZN QB . 32.51 -59.70 12.39
C14 4ZN QB . 33.84 -57.60 12.92
C16 4ZN QB . 36.26 -57.59 12.77
C18 4ZN QB . 35.03 -59.59 12.28
C19 4ZN QB . 32.68 -57.52 16.38
O20 4ZN QB . 32.66 -56.25 16.45
O21 4ZN QB . 33.75 -58.16 16.54
C22 1PE RB . 37.23 -77.95 -14.10
OH3 1PE RB . 37.78 -77.33 -12.93
C13 1PE RB . 38.95 -75.36 -12.19
C23 1PE RB . 37.70 -75.92 -12.90
OH4 1PE RB . 39.85 -74.73 -13.11
C14 1PE RB . 42.26 -75.20 -13.41
C24 1PE RB . 41.17 -74.45 -12.60
OH5 1PE RB . 42.32 -74.78 -14.75
C25 1PE RB . 42.64 -75.82 -15.69
C14 1PE SB . 69.50 -78.16 -20.48
C24 1PE SB . 69.62 -79.16 -21.63
OH5 1PE SB . 68.20 -78.30 -19.95
C15 1PE SB . 67.23 -78.75 -17.80
C25 1PE SB . 68.00 -77.72 -18.66
OH6 1PE SB . 68.15 -79.44 -16.96
C14 1PE TB . 72.87 -82.20 -19.47
C24 1PE TB . 72.19 -81.24 -20.46
OH5 1PE TB . 71.96 -82.61 -18.47
C15 1PE TB . 71.07 -82.58 -16.20
C25 1PE TB . 72.21 -82.14 -17.15
OH6 1PE TB . 70.31 -81.45 -15.77
S SO4 UB . 38.83 -68.22 -17.48
O1 SO4 UB . 40.03 -67.54 -17.00
O2 SO4 UB . 39.14 -69.57 -17.95
O3 SO4 UB . 37.86 -68.30 -16.37
O4 SO4 UB . 38.23 -67.48 -18.59
S SO4 VB . 14.22 -49.58 2.65
O1 SO4 VB . 13.66 -49.34 3.96
O2 SO4 VB . 15.13 -50.71 2.77
O3 SO4 VB . 14.94 -48.38 2.21
O4 SO4 VB . 13.16 -49.88 1.68
S SO4 WB . 64.69 -64.44 -20.85
O1 SO4 WB . 64.00 -64.72 -19.58
O2 SO4 WB . 66.14 -64.33 -20.65
O3 SO4 WB . 64.40 -65.49 -21.84
O4 SO4 WB . 64.18 -63.16 -21.36
S SO4 XB . 29.31 -61.52 23.01
O1 SO4 XB . 30.16 -62.01 24.09
O2 SO4 XB . 28.30 -62.51 22.66
O3 SO4 XB . 30.14 -61.26 21.80
O4 SO4 XB . 28.67 -60.30 23.54
C CO3 YB . 11.52 -37.19 22.47
O1 CO3 YB . 12.67 -37.04 23.03
O2 CO3 YB . 11.07 -38.39 22.15
O3 CO3 YB . 10.79 -36.14 22.25
ZN ZN ZB . 11.70 -42.32 22.26
ZN ZN AC . 14.15 -41.30 20.37
N12 4ZN BC . 13.09 -43.10 23.81
C13 4ZN BC . 14.59 -42.38 25.48
C15 4ZN BC . 16.91 -42.86 26.01
C17 4ZN BC . 15.21 -43.21 27.66
C06 4ZN BC . 16.28 -39.02 23.76
C07 4ZN BC . 14.79 -39.21 24.04
P08 4ZN BC . 14.08 -40.70 23.27
O09 4ZN BC . 12.89 -40.31 22.50
O10 4ZN BC . 15.14 -41.32 22.27
C11 4ZN BC . 13.53 -41.92 24.51
C14 4ZN BC . 15.93 -42.43 25.10
C16 4ZN BC . 16.55 -43.26 27.28
C18 4ZN BC . 14.24 -42.78 26.76
C19 4ZN BC . 17.09 -39.34 24.99
O20 4ZN BC . 16.72 -38.89 26.10
O21 4ZN BC . 18.12 -40.06 24.92
C12 1PE CC . -8.89 -64.95 28.23
C22 1PE CC . -8.73 -64.34 26.83
OH3 1PE CC . -8.55 -65.33 25.81
C13 1PE CC . -8.70 -64.78 23.40
C23 1PE CC . -7.83 -64.87 24.69
OH4 1PE CC . -9.41 -63.54 23.37
C14 1PE CC . -11.16 -62.63 21.87
C24 1PE CC . -9.66 -63.02 22.03
OH5 1PE CC . -11.39 -61.27 22.17
C25 1PE CC . -12.59 -61.04 22.92
C12 1PE DC . -9.62 -63.16 34.97
C22 1PE DC . -9.10 -61.78 34.58
OH3 1PE DC . -8.48 -61.77 33.28
C13 1PE DC . -8.87 -60.28 31.38
C23 1PE DC . -8.21 -60.47 32.78
OH4 1PE DC . -9.94 -59.33 31.45
C14 1PE DC . -12.24 -59.96 30.84
C24 1PE DC . -10.89 -59.39 30.36
OH5 1PE DC . -13.24 -58.98 30.74
C25 1PE DC . -14.32 -59.14 31.68
C CO3 EC . 32.77 -35.67 -0.86
O1 CO3 EC . 33.58 -35.60 0.15
O2 CO3 EC . 31.56 -35.22 -0.75
O3 CO3 EC . 33.19 -36.19 -1.99
ZN ZN FC . 28.34 -34.11 0.82
ZN ZN GC . 29.05 -36.79 2.62
N12 4ZN HC . 28.60 -33.03 2.70
C13 4ZN HC . 30.28 -32.10 4.18
C15 4ZN HC . 30.72 -32.12 6.56
C17 4ZN HC . 30.55 -30.01 5.39
C07 4ZN HC . 32.50 -34.51 2.92
P08 4ZN HC . 30.71 -34.51 2.79
O09 4ZN HC . 30.37 -35.13 1.48
O10 4ZN HC . 30.08 -35.40 3.91
C11 4ZN HC . 30.01 -32.84 2.86
C14 4ZN HC . 30.48 -32.81 5.37
C16 4ZN HC . 30.75 -30.72 6.57
C18 4ZN HC . 30.31 -30.72 4.20
C12 1PE IC . 6.25 -19.43 -16.25
C22 1PE IC . 6.60 -20.89 -16.47
OH3 1PE IC . 6.38 -21.67 -15.29
C13 1PE IC . 5.75 -21.11 -12.97
C23 1PE IC . 5.30 -21.25 -14.46
OH4 1PE IC . 4.76 -20.38 -12.25
C14 1PE IC . 4.74 -18.25 -10.99
C24 1PE IC . 5.22 -19.72 -11.02
OH5 1PE IC . 5.81 -17.37 -10.73
C15 1PE IC . 6.95 -15.32 -11.41
C25 1PE IC . 5.60 -16.04 -11.19
OH6 1PE IC . 7.37 -15.43 -12.78
C12 1PE JC . 10.31 -10.83 -16.00
C22 1PE JC . 10.96 -12.18 -16.32
OH3 1PE JC . 10.90 -13.04 -15.18
C13 1PE JC . 11.72 -14.92 -13.88
C23 1PE JC . 11.99 -13.93 -15.05
OH4 1PE JC . 12.40 -14.51 -12.69
C14 1PE JC . 12.36 -13.09 -10.68
C24 1PE JC . 11.91 -13.28 -12.13
OH5 1PE JC . 11.56 -12.09 -10.08
C15 1PE JC . 10.50 -9.91 -10.25
C25 1PE JC . 11.77 -10.75 -10.50
S SO4 KC . 5.44 -15.28 -6.32
O1 SO4 KC . 6.86 -15.62 -6.34
O2 SO4 KC . 4.68 -16.46 -5.92
O3 SO4 KC . 5.25 -14.16 -5.39
O4 SO4 KC . 5.03 -14.86 -7.67
S SO4 LC . 6.93 7.70 7.44
O1 SO4 LC . 7.60 7.33 8.69
O2 SO4 LC . 7.39 6.82 6.37
O3 SO4 LC . 5.48 7.55 7.61
O4 SO4 LC . 7.24 9.08 7.08
C CO3 MC . 49.97 -23.30 20.07
O1 CO3 MC . 50.89 -24.11 20.51
O2 CO3 MC . 50.04 -22.02 20.26
O3 CO3 MC . 48.94 -23.75 19.44
ZN ZN NC . 53.17 -27.27 20.83
ZN ZN OC . 50.45 -28.04 22.61
N12 4ZN PC . 52.51 -28.78 19.52
C13 4ZN PC . 50.97 -29.56 17.83
C15 4ZN PC . 49.53 -31.44 17.44
C17 4ZN PC . 51.25 -30.92 15.85
C06 4ZN PC . 47.53 -27.76 19.08
C07 4ZN PC . 48.80 -26.99 18.85
P08 4ZN PC . 50.17 -27.70 19.76
O09 4ZN PC . 50.87 -26.66 20.57
O10 4ZN PC . 49.65 -28.83 20.74
C11 4ZN PC . 51.43 -28.38 18.67
C14 4ZN PC . 49.92 -30.37 18.23
C16 4ZN PC . 50.19 -31.71 16.27
C18 4ZN PC . 51.64 -29.84 16.64
C19 4ZN PC . 47.10 -28.48 17.82
O20 4ZN PC . 47.39 -27.97 16.72
O21 4ZN PC . 46.46 -29.56 17.89
C13 1PE QC . 71.37 -60.16 23.77
OH4 1PE QC . 71.75 -59.98 25.14
C14 1PE QC . 72.76 -57.74 25.19
C24 1PE QC . 71.59 -58.63 25.66
OH5 1PE QC . 72.29 -56.46 24.79
C15 1PE QC . 71.97 -54.90 22.92
C25 1PE QC . 71.96 -56.38 23.40
OH6 1PE QC . 71.26 -54.81 21.68
C16 1PE QC . 69.16 -55.68 20.70
C26 1PE QC . 69.85 -54.90 21.83
OH7 1PE QC . 67.85 -56.01 21.15
C13 1PE RC . 83.65 -30.12 15.07
OH4 1PE RC . 84.11 -30.39 16.39
C14 1PE RC . 83.83 -31.44 18.58
C24 1PE RC . 83.48 -31.50 17.07
OH5 1PE RC . 82.99 -32.26 19.36
C15 1PE RC . 83.32 -30.45 20.97
C25 1PE RC . 82.83 -31.90 20.73
OH6 1PE RC . 82.87 -29.91 22.21
C16 1PE RC . 83.72 -27.60 22.05
C26 1PE RC . 82.51 -28.54 22.20
OH7 1PE RC . 83.27 -26.29 21.66
OH4 1PE SC . 84.69 -25.86 13.34
C14 1PE SC . 82.74 -26.94 12.34
C24 1PE SC . 83.28 -25.68 13.05
OH5 1PE SC . 81.45 -27.20 12.84
C15 1PE SC . 80.67 -29.45 12.17
C25 1PE SC . 80.64 -27.94 11.92
OH6 1PE SC . 80.77 -30.12 10.93
C16 1PE SC . 82.07 -31.54 9.43
C26 1PE SC . 81.81 -31.10 10.88
OH7 1PE SC . 83.47 -31.59 9.18
S SO4 TC . 55.03 -32.18 41.15
O1 SO4 TC . 56.14 -31.85 42.03
O2 SO4 TC . 54.78 -33.62 41.20
O3 SO4 TC . 53.79 -31.51 41.55
O4 SO4 TC . 55.40 -31.76 39.80
S SO4 UC . 81.88 -36.13 16.45
O1 SO4 UC . 81.64 -37.54 16.14
O2 SO4 UC . 83.10 -35.97 17.22
O3 SO4 UC . 81.98 -35.39 15.20
O4 SO4 UC . 80.77 -35.61 17.23
C CO3 VC . 31.71 -33.35 43.82
O1 CO3 VC . 31.65 -33.99 44.94
O2 CO3 VC . 32.43 -32.26 43.74
O3 CO3 VC . 31.05 -33.81 42.79
ZN ZN WC . 34.16 -29.41 41.85
ZN ZN XC . 35.52 -32.07 40.40
N12 4ZN YC . 33.31 -28.98 39.83
C13 4ZN YC . 31.53 -29.52 38.35
C15 4ZN YC . 31.29 -29.95 36.02
C17 4ZN YC . 30.04 -28.15 37.00
C06 4ZN YC . 31.30 -33.55 38.48
C07 4ZN YC . 31.13 -32.63 39.69
P08 4ZN YC . 32.58 -31.56 39.95
O09 4ZN YC . 33.76 -32.03 39.01
O10 4ZN YC . 33.10 -31.68 41.34
C11 4ZN YC . 32.14 -29.81 39.69
C14 4ZN YC . 31.87 -30.27 37.24
C16 4ZN YC . 30.39 -28.90 35.89
C18 4ZN YC . 30.63 -28.47 38.23
C19 4ZN YC . 30.11 -33.43 37.55
C12 1PE ZC . 37.24 -0.02 50.91
C22 1PE ZC . 38.66 0.55 51.01
OH3 1PE ZC . 39.47 0.05 49.94
C13 1PE ZC . 41.24 -1.54 50.32
C23 1PE ZC . 40.83 -0.05 50.26
OH4 1PE ZC . 42.11 -1.74 51.45
C14 1PE ZC . 42.98 -3.29 53.15
C24 1PE ZC . 42.47 -3.12 51.71
OH5 1PE ZC . 41.91 -3.32 54.08
C15 1PE ZC . 41.02 -3.80 56.28
C25 1PE ZC . 42.22 -3.95 55.33
OH6 1PE ZC . 40.44 -2.50 56.15
C12 1PE AD . 30.38 3.41 51.18
C22 1PE AD . 31.20 2.90 50.00
OH3 1PE AD . 31.00 1.49 49.88
C13 1PE AD . 31.65 -0.75 49.30
C23 1PE AD . 32.03 0.75 49.25
OH4 1PE AD . 32.64 -1.48 50.02
C14 1PE AD . 33.42 -2.29 52.25
C24 1PE AD . 32.24 -1.84 51.37
OH5 1PE AD . 33.16 -1.89 53.58
C15 1PE AD . 33.11 -0.07 55.25
C25 1PE AD . 33.03 -0.47 53.76
OH6 1PE AD . 32.70 1.28 55.42
S SO4 BD . 39.03 0.62 45.81
O1 SO4 BD . 39.21 1.67 46.81
O2 SO4 BD . 39.80 -0.57 46.20
O3 SO4 BD . 39.51 1.09 44.51
O4 SO4 BD . 37.61 0.28 45.67
S SO4 CD . 35.35 -28.67 26.39
O1 SO4 CD . 35.01 -29.45 27.57
O2 SO4 CD . 36.66 -29.08 25.89
O3 SO4 CD . 34.36 -28.91 25.33
O4 SO4 CD . 35.40 -27.24 26.77
C CO3 DD . 52.53 -53.19 30.57
O1 CO3 DD . 53.70 -53.64 30.26
O2 CO3 DD . 52.30 -52.77 31.79
O3 CO3 DD . 51.61 -53.15 29.68
ZN ZN ED . 50.17 -51.78 34.86
ZN ZN FD . 49.78 -49.23 32.78
N12 4ZN GD . 47.96 -52.23 34.60
C13 4ZN GD . 46.32 -53.12 33.12
C15 4ZN GD . 44.19 -52.48 32.18
C17 4ZN GD . 44.35 -54.47 33.50
C06 4ZN GD . 47.63 -51.57 29.58
C07 4ZN GD . 48.48 -52.47 30.46
P08 4ZN GD . 48.60 -51.77 32.11
O09 4ZN GD . 47.92 -50.36 32.14
O10 4ZN GD . 50.03 -51.57 32.49
C11 4ZN GD . 47.81 -52.87 33.34
C14 4ZN GD . 45.54 -52.24 32.39
C16 4ZN GD . 43.58 -53.60 32.75
C18 4ZN GD . 45.71 -54.24 33.68
C19 4ZN GD . 46.36 -52.29 29.16
O20 4ZN GD . 45.26 -51.67 28.98
O21 4ZN GD . 46.39 -53.53 28.97
OH4 1PE HD . 53.20 -66.54 12.06
C14 1PE HD . 55.16 -66.44 13.53
C24 1PE HD . 54.25 -67.34 12.66
OH5 1PE HD . 56.29 -67.11 14.05
C15 1PE HD . 55.68 -68.20 16.15
C25 1PE HD . 55.99 -68.38 14.64
OH6 1PE HD . 56.86 -68.40 16.92
OH4 1PE ID . 49.35 -68.13 63.80
C14 1PE ID . 47.73 -67.27 62.19
C24 1PE ID . 48.06 -68.40 63.18
OH5 1PE ID . 48.65 -67.27 61.12
C15 1PE ID . 50.33 -66.23 59.77
C25 1PE ID . 49.52 -66.14 61.08
OH6 1PE ID . 51.62 -65.65 59.98
C16 1PE ID . 53.69 -66.29 61.00
C26 1PE ID . 52.70 -66.55 59.84
OH7 1PE ID . 54.41 -67.47 61.28
S SO4 JD . 47.00 -59.97 64.22
O1 SO4 JD . 46.97 -60.69 65.49
O2 SO4 JD . 48.20 -60.34 63.46
O3 SO4 JD . 47.03 -58.52 64.45
O4 SO4 JD . 45.82 -60.33 63.45
#